data_8EMH
#
_entry.id   8EMH
#
loop_
_entity.id
_entity.type
_entity.pdbx_description
1 polymer 'Protease Lon-related BREX system protein BrxL'
2 polymer 'DNA (64-MER)'
3 polymer 'DNA (63-MER)'
#
loop_
_entity_poly.entity_id
_entity_poly.type
_entity_poly.pdbx_seq_one_letter_code
_entity_poly.pdbx_strand_id
1 'polypeptide(L)'
;MESANDKELDQLLNEHFAGRVVRKDLTKLIKEGANVPVYVLEYLLGMYCASDDPEIIEQGLRNVKTVLAENYVRPDEAEK
VKSLVRERGSYKVIDRVTVKLNERKDKYEASFSNLGIKDAEISAGIVKEYEKLLVGGIWVIATLSYYFEEGQTSSPFGVS
LLKPIQMPNMNMDELFSGRAALSTDQWRESLIRSIGMEPASLKEDVQWHLLARMVPFVENNYNVCELGPRGTGKSHIYKE
CSPNSILVSGGQTTVANLFYNMSSRRIGLVGLWDVVAFDQVAGISFKDKDGVQIMKDYMASGSFARGREQMEASASMVFV
GNINQSVESLVKTSHLLAPFPEAMIDSAFFDRFHAYIPGWEIPKMRPEFFTNRYGLIVDYLAEFFREMRKRSFADSIEKY
FKLGNNLNQRDVIAVRKTVSGLMKLLYPHGQFNKEDVRQCLEYALQVRRRVKEQLKKIGGMEFYDVHFSYIDNDTLEEHF
VSVKEQGGGGLIPEGPAKPGFLYTIGLSNKGMPGLYRLELQVTKGSGKLATSGLWNSSSAKEQVKIAFDYFKANASRISG
GSKVMEHDFHLHVVELQNTGPLSHLALPSLVAFASGLLGRSVQSQMVVLGDMSLGGSVTPVESIAECLQVAFDAGAKKVA
LPMSSAADIPTIPVELFTKFQTSFYADPVDAVFKGLGVD
;
A,B,C,D,E,F,G,H,I,J,K,L
2 'polydeoxyribonucleotide'
;(DA)(DC)(DG)(DC)(DG)(DC)(DT)(DA)(DC)(DA)(DC)(DT)(DA)(DA)(DA)(DA)(DG)(DG)(DG)(DC)
(DC)(DC)(DT)(DT)(DA)(DA)(DT)(DT)(DC)(DG)(DA)(DT)(DC)(DG)(DA)(DC)(DT)(DA)(DA)(DG)
(DA)(DA)(DA)(DG)(DG)(DG)(DC)(DC)(DC)(DT)(DT)(DT)(DA)(DT)(DC)(DG)(DA)(DT)(DC)(DG)
(DA)(DC)(DT)(DG)
;
O
3 'polydeoxyribonucleotide'
;(DC)(DA)(DG)(DT)(DC)(DG)(DA)(DT)(DC)(DG)(DA)(DT)(DA)(DA)(DA)(DG)(DG)(DG)(DG)(DC)
(DC)(DC)(DT)(DT)(DT)(DC)(DT)(DT)(DA)(DG)(DT)(DC)(DG)(DA)(DT)(DC)(DG)(DA)(DA)(DT)
(DT)(DA)(DA)(DG)(DG)(DG)(DC)(DC)(DC)(DT)(DT)(DT)(DA)(DG)(DT)(DG)(DT)(DA)(DG)(DC)
(DG)(DC)(DG)
;
P
#
loop_
_chem_comp.id
_chem_comp.type
_chem_comp.name
_chem_comp.formula
DA DNA linking 2'-DEOXYADENOSINE-5'-MONOPHOSPHATE 'C10 H14 N5 O6 P'
DC DNA linking 2'-DEOXYCYTIDINE-5'-MONOPHOSPHATE 'C9 H14 N3 O7 P'
DG DNA linking 2'-DEOXYGUANOSINE-5'-MONOPHOSPHATE 'C10 H14 N5 O7 P'
DT DNA linking THYMIDINE-5'-MONOPHOSPHATE 'C10 H15 N2 O8 P'
#
# COMPACT_ATOMS: atom_id res chain seq x y z
N GLU A 2 64.32 -30.02 41.27
CA GLU A 2 63.62 -28.87 40.71
C GLU A 2 64.22 -27.58 41.25
N SER A 3 63.96 -27.30 42.53
CA SER A 3 64.59 -26.17 43.20
C SER A 3 66.09 -26.41 43.28
N ALA A 4 66.49 -27.67 43.46
CA ALA A 4 67.89 -28.02 43.31
C ALA A 4 68.37 -27.80 41.89
N ASN A 5 67.58 -28.21 40.90
CA ASN A 5 67.90 -27.89 39.52
C ASN A 5 67.94 -26.38 39.31
N ASP A 6 67.04 -25.66 39.98
CA ASP A 6 67.03 -24.20 39.88
C ASP A 6 68.30 -23.57 40.43
N LYS A 7 68.81 -24.06 41.56
CA LYS A 7 70.04 -23.49 42.11
C LYS A 7 71.25 -23.92 41.27
N GLU A 8 71.17 -25.10 40.65
CA GLU A 8 72.19 -25.47 39.68
C GLU A 8 72.21 -24.50 38.50
N LEU A 9 71.01 -24.16 38.00
CA LEU A 9 70.90 -23.16 36.94
C LEU A 9 71.49 -21.84 37.36
N ASP A 10 71.17 -21.41 38.59
CA ASP A 10 71.68 -20.15 39.10
C ASP A 10 73.20 -20.16 39.19
N GLN A 11 73.77 -21.26 39.66
CA GLN A 11 75.22 -21.39 39.72
C GLN A 11 75.83 -21.35 38.33
N LEU A 12 75.21 -22.02 37.36
CA LEU A 12 75.73 -22.01 36.00
C LEU A 12 75.68 -20.61 35.40
N LEU A 13 74.59 -19.89 35.60
CA LEU A 13 74.47 -18.53 35.07
C LEU A 13 75.48 -17.61 35.73
N ASN A 14 75.53 -17.62 37.07
CA ASN A 14 76.42 -16.71 37.78
C ASN A 14 77.89 -17.03 37.52
N GLU A 15 78.20 -18.30 37.29
CA GLU A 15 79.58 -18.67 36.98
C GLU A 15 79.99 -18.26 35.56
N HIS A 16 79.03 -18.14 34.64
CA HIS A 16 79.34 -17.73 33.28
C HIS A 16 78.79 -16.34 32.98
N PHE A 17 77.49 -16.15 33.13
CA PHE A 17 76.86 -14.88 32.78
C PHE A 17 77.11 -13.84 33.87
N ALA A 18 77.24 -14.27 35.11
CA ALA A 18 77.64 -13.42 36.23
C ALA A 18 76.94 -12.08 36.26
N GLY A 19 77.55 -11.07 35.65
CA GLY A 19 77.06 -9.71 35.70
C GLY A 19 75.87 -9.44 34.81
N ARG A 20 75.37 -10.47 34.14
CA ARG A 20 74.30 -10.32 33.16
C ARG A 20 72.97 -10.92 33.65
N VAL A 21 72.90 -11.35 34.91
CA VAL A 21 71.72 -12.05 35.38
C VAL A 21 71.22 -11.39 36.66
N VAL A 22 69.91 -11.14 36.71
CA VAL A 22 69.29 -10.54 37.88
C VAL A 22 68.02 -11.29 38.23
N ARG A 23 67.61 -11.20 39.49
CA ARG A 23 66.31 -11.70 39.91
C ARG A 23 65.20 -10.84 39.30
N LYS A 24 64.35 -11.46 38.48
CA LYS A 24 63.35 -10.70 37.76
C LYS A 24 62.25 -10.16 38.66
N ASP A 25 62.18 -10.59 39.92
CA ASP A 25 61.23 -10.00 40.85
C ASP A 25 61.65 -8.59 41.26
N LEU A 26 62.95 -8.39 41.46
CA LEU A 26 63.46 -7.13 42.04
C LEU A 26 62.99 -5.92 41.25
N THR A 27 62.96 -6.02 39.91
CA THR A 27 62.58 -4.87 39.10
C THR A 27 61.19 -4.37 39.47
N LYS A 28 60.27 -5.29 39.76
CA LYS A 28 58.91 -4.88 40.09
C LYS A 28 58.88 -4.01 41.34
N LEU A 29 59.85 -4.17 42.23
CA LEU A 29 59.92 -3.33 43.41
C LEU A 29 60.35 -1.90 43.08
N ILE A 30 61.10 -1.71 42.00
CA ILE A 30 61.60 -0.39 41.64
C ILE A 30 60.77 0.23 40.52
N LYS A 31 60.17 -0.61 39.66
CA LYS A 31 59.40 -0.13 38.52
C LYS A 31 58.09 0.51 38.97
N GLU A 32 57.90 0.64 40.29
CA GLU A 32 56.68 1.22 40.83
C GLU A 32 56.66 2.72 40.59
N GLY A 33 56.50 3.13 39.34
CA GLY A 33 56.63 4.51 38.98
C GLY A 33 58.06 4.78 38.58
N ALA A 34 58.30 5.08 37.31
CA ALA A 34 59.67 5.15 36.84
C ALA A 34 59.86 6.23 35.78
N ASN A 35 61.12 6.61 35.57
CA ASN A 35 61.50 7.65 34.62
C ASN A 35 62.70 7.21 33.80
N VAL A 36 63.35 6.13 34.23
CA VAL A 36 64.50 5.55 33.56
C VAL A 36 64.07 4.23 32.93
N PRO A 37 64.58 3.86 31.75
CA PRO A 37 64.16 2.60 31.14
C PRO A 37 64.52 1.38 31.99
N VAL A 38 63.74 0.32 31.80
CA VAL A 38 63.79 -0.85 32.69
C VAL A 38 65.16 -1.51 32.64
N TYR A 39 65.70 -1.72 31.44
CA TYR A 39 66.98 -2.43 31.32
C TYR A 39 68.11 -1.68 32.01
N VAL A 40 68.02 -0.36 32.12
CA VAL A 40 68.98 0.37 32.94
C VAL A 40 68.85 -0.06 34.41
N LEU A 41 67.62 -0.18 34.90
CA LEU A 41 67.40 -0.66 36.26
C LEU A 41 67.97 -2.06 36.44
N GLU A 42 67.78 -2.92 35.45
CA GLU A 42 68.31 -4.28 35.55
C GLU A 42 69.83 -4.28 35.61
N TYR A 43 70.49 -3.46 34.79
CA TYR A 43 71.95 -3.39 34.86
C TYR A 43 72.40 -2.89 36.22
N LEU A 44 71.71 -1.87 36.75
CA LEU A 44 72.08 -1.35 38.07
C LEU A 44 71.90 -2.40 39.14
N LEU A 45 70.80 -3.15 39.09
CA LEU A 45 70.58 -4.21 40.08
C LEU A 45 71.64 -5.29 39.98
N GLY A 46 72.01 -5.66 38.75
CA GLY A 46 73.09 -6.62 38.58
C GLY A 46 74.41 -6.13 39.14
N MET A 47 74.66 -4.83 39.03
CA MET A 47 75.88 -4.27 39.63
C MET A 47 75.82 -4.24 41.15
N TYR A 48 74.67 -3.90 41.72
CA TYR A 48 74.61 -3.60 43.15
C TYR A 48 74.49 -4.84 44.01
N CYS A 49 73.43 -5.64 43.81
CA CYS A 49 73.23 -6.85 44.61
C CYS A 49 74.42 -7.79 44.46
N ALA A 50 74.95 -8.29 45.57
CA ALA A 50 76.20 -9.03 45.49
C ALA A 50 75.97 -10.45 45.00
N SER A 51 75.35 -11.31 45.82
CA SER A 51 74.88 -12.58 45.28
C SER A 51 73.41 -12.85 45.56
N ASP A 52 73.05 -13.06 46.82
CA ASP A 52 71.69 -13.45 47.17
C ASP A 52 71.21 -12.93 48.53
N ASP A 53 72.05 -12.18 49.23
CA ASP A 53 71.80 -11.93 50.64
C ASP A 53 70.61 -10.99 50.83
N PRO A 54 69.63 -11.34 51.68
CA PRO A 54 68.40 -10.54 51.80
C PRO A 54 68.64 -9.08 52.15
N GLU A 55 69.30 -8.82 53.27
CA GLU A 55 69.52 -7.43 53.67
C GLU A 55 70.47 -6.74 52.70
N ILE A 56 71.42 -7.48 52.12
CA ILE A 56 72.27 -6.91 51.08
C ILE A 56 71.42 -6.53 49.87
N ILE A 57 70.46 -7.37 49.50
CA ILE A 57 69.58 -7.05 48.37
C ILE A 57 68.77 -5.79 48.67
N GLU A 58 68.21 -5.70 49.88
CA GLU A 58 67.43 -4.52 50.24
C GLU A 58 68.30 -3.27 50.22
N GLN A 59 69.53 -3.39 50.73
CA GLN A 59 70.45 -2.25 50.72
C GLN A 59 70.78 -1.84 49.29
N GLY A 60 70.96 -2.82 48.40
CA GLY A 60 71.21 -2.49 47.00
C GLY A 60 70.05 -1.78 46.35
N LEU A 61 68.82 -2.21 46.66
CA LEU A 61 67.65 -1.50 46.15
C LEU A 61 67.59 -0.08 46.68
N ARG A 62 67.89 0.12 47.97
CA ARG A 62 67.93 1.48 48.49
C ARG A 62 68.98 2.31 47.78
N ASN A 63 70.15 1.71 47.53
CA ASN A 63 71.24 2.44 46.87
C ASN A 63 70.84 2.84 45.46
N VAL A 64 70.22 1.93 44.71
CA VAL A 64 69.87 2.24 43.33
C VAL A 64 68.75 3.27 43.29
N LYS A 65 67.77 3.18 44.20
CA LYS A 65 66.73 4.19 44.24
C LYS A 65 67.32 5.56 44.58
N THR A 66 68.26 5.60 45.51
CA THR A 66 68.93 6.85 45.84
C THR A 66 69.66 7.42 44.64
N VAL A 67 70.40 6.57 43.92
CA VAL A 67 71.17 7.04 42.78
C VAL A 67 70.24 7.60 41.70
N LEU A 68 69.13 6.91 41.44
CA LEU A 68 68.18 7.43 40.47
C LEU A 68 67.59 8.77 40.91
N ALA A 69 67.05 8.84 42.13
CA ALA A 69 66.32 10.01 42.58
C ALA A 69 67.24 11.18 42.91
N GLU A 70 68.54 10.94 42.99
CA GLU A 70 69.49 11.95 43.44
C GLU A 70 70.19 12.67 42.29
N ASN A 71 70.29 12.04 41.12
CA ASN A 71 71.13 12.57 40.05
C ASN A 71 70.39 12.62 38.72
N TYR A 72 69.07 12.44 38.74
CA TYR A 72 68.29 12.47 37.50
C TYR A 72 67.90 13.90 37.19
N VAL A 73 68.38 14.41 36.06
CA VAL A 73 68.03 15.77 35.61
C VAL A 73 66.80 15.72 34.71
N ARG A 74 65.65 16.04 35.28
CA ARG A 74 64.41 16.09 34.51
C ARG A 74 64.50 17.24 33.52
N PRO A 75 63.83 17.14 32.35
CA PRO A 75 64.06 18.11 31.27
C PRO A 75 63.89 19.56 31.67
N ASP A 76 62.82 19.87 32.39
CA ASP A 76 62.48 21.24 32.73
C ASP A 76 63.61 21.89 33.52
N GLU A 77 64.20 21.14 34.45
CA GLU A 77 65.24 21.65 35.33
C GLU A 77 66.59 21.74 34.62
N ALA A 78 66.60 21.52 33.30
CA ALA A 78 67.86 21.40 32.58
C ALA A 78 68.77 22.59 32.81
N GLU A 79 68.24 23.81 32.60
CA GLU A 79 69.06 25.00 32.80
C GLU A 79 69.73 24.99 34.16
N LYS A 80 68.97 24.62 35.21
CA LYS A 80 69.55 24.48 36.54
C LYS A 80 70.92 23.82 36.48
N VAL A 81 70.98 22.58 36.01
CA VAL A 81 72.22 21.83 36.15
C VAL A 81 73.33 22.53 35.39
N LYS A 82 73.02 23.15 34.25
CA LYS A 82 74.05 23.84 33.51
C LYS A 82 74.69 24.93 34.36
N SER A 83 73.86 25.76 35.00
CA SER A 83 74.41 26.75 35.92
C SER A 83 75.15 26.08 37.05
N LEU A 84 74.61 24.97 37.57
CA LEU A 84 75.27 24.26 38.64
C LEU A 84 76.64 23.78 38.22
N VAL A 85 76.84 23.51 36.93
CA VAL A 85 78.17 23.12 36.47
C VAL A 85 79.12 24.31 36.58
N ARG A 86 78.64 25.49 36.19
CA ARG A 86 79.53 26.66 36.15
C ARG A 86 79.95 27.07 37.56
N GLU A 87 79.00 27.06 38.50
CA GLU A 87 79.30 27.53 39.85
C GLU A 87 80.24 26.58 40.59
N ARG A 88 80.08 25.28 40.40
CA ARG A 88 80.82 24.30 41.18
C ARG A 88 82.00 23.70 40.44
N GLY A 89 82.00 23.74 39.11
CA GLY A 89 83.12 23.25 38.35
C GLY A 89 83.00 21.79 37.93
N SER A 90 82.13 21.04 38.62
CA SER A 90 81.89 19.65 38.28
C SER A 90 80.55 19.22 38.86
N TYR A 91 79.86 18.36 38.13
CA TYR A 91 78.56 17.89 38.58
C TYR A 91 78.25 16.54 37.96
N LYS A 92 77.59 15.68 38.73
CA LYS A 92 77.23 14.34 38.27
C LYS A 92 75.79 14.34 37.77
N VAL A 93 75.56 13.69 36.63
CA VAL A 93 74.23 13.62 36.04
C VAL A 93 74.00 12.23 35.48
N ILE A 94 72.73 11.86 35.38
CA ILE A 94 72.30 10.63 34.71
C ILE A 94 71.63 11.07 33.41
N ASP A 95 72.22 10.70 32.27
CA ASP A 95 71.60 11.15 31.04
C ASP A 95 72.05 10.29 29.87
N ARG A 96 71.18 10.20 28.86
CA ARG A 96 71.54 9.55 27.60
C ARG A 96 72.59 10.37 26.87
N VAL A 97 73.63 9.71 26.40
CA VAL A 97 74.73 10.36 25.71
C VAL A 97 74.92 9.71 24.35
N THR A 98 75.03 10.52 23.32
CA THR A 98 75.40 10.06 21.99
C THR A 98 76.62 10.82 21.48
N VAL A 99 77.67 10.09 21.16
CA VAL A 99 78.94 10.71 20.79
C VAL A 99 79.14 10.57 19.29
N LYS A 100 79.49 11.69 18.65
CA LYS A 100 79.83 11.70 17.24
C LYS A 100 81.15 12.42 17.06
N LEU A 101 81.72 12.30 15.86
CA LEU A 101 82.99 12.94 15.57
C LEU A 101 82.76 14.22 14.79
N ASN A 102 83.03 15.36 15.44
CA ASN A 102 83.07 16.64 14.73
C ASN A 102 84.38 16.63 13.95
N GLU A 103 84.25 16.37 12.65
CA GLU A 103 85.43 16.27 11.79
C GLU A 103 86.10 17.61 11.57
N ARG A 104 85.31 18.69 11.51
CA ARG A 104 85.89 19.99 11.23
C ARG A 104 86.88 20.42 12.30
N LYS A 105 86.54 20.22 13.57
CA LYS A 105 87.48 20.45 14.65
C LYS A 105 88.25 19.20 15.04
N ASP A 106 87.96 18.07 14.39
CA ASP A 106 88.66 16.80 14.63
C ASP A 106 88.63 16.42 16.11
N LYS A 107 87.43 16.34 16.67
CA LYS A 107 87.30 15.91 18.05
C LYS A 107 85.91 15.36 18.28
N TYR A 108 85.77 14.60 19.36
CA TYR A 108 84.52 13.92 19.67
C TYR A 108 83.61 14.85 20.47
N GLU A 109 82.41 15.08 19.94
CA GLU A 109 81.40 15.87 20.61
C GLU A 109 80.27 14.94 21.05
N ALA A 110 79.85 15.08 22.30
CA ALA A 110 78.79 14.27 22.87
C ALA A 110 77.55 15.14 23.06
N SER A 111 76.39 14.56 22.74
CA SER A 111 75.11 15.21 22.91
C SER A 111 74.35 14.51 24.03
N PHE A 112 73.94 15.29 25.03
CA PHE A 112 73.08 14.81 26.10
C PHE A 112 71.64 15.06 25.68
N SER A 113 70.92 13.98 25.38
CA SER A 113 69.59 14.12 24.79
C SER A 113 68.65 14.87 25.72
N ASN A 114 68.73 14.61 27.02
CA ASN A 114 67.82 15.26 27.96
C ASN A 114 68.37 16.60 28.45
N LEU A 115 69.64 16.63 28.85
CA LEU A 115 70.20 17.83 29.47
C LEU A 115 70.26 19.01 28.50
N GLY A 116 70.25 18.76 27.20
CA GLY A 116 70.19 19.84 26.23
C GLY A 116 71.50 20.26 25.61
N ILE A 117 72.63 19.77 26.11
CA ILE A 117 73.91 20.06 25.46
C ILE A 117 73.98 19.30 24.15
N LYS A 118 74.54 19.95 23.13
CA LYS A 118 74.67 19.32 21.82
C LYS A 118 76.12 19.08 21.39
N ASP A 119 77.09 19.73 22.02
CA ASP A 119 78.46 19.60 21.58
C ASP A 119 79.48 19.51 22.72
N ALA A 120 79.17 18.77 23.79
CA ALA A 120 80.12 18.67 24.90
C ALA A 120 81.37 17.94 24.47
N GLU A 121 82.52 18.58 24.63
CA GLU A 121 83.78 17.95 24.26
C GLU A 121 84.02 16.72 25.10
N ILE A 122 84.44 15.62 24.47
CA ILE A 122 84.75 14.39 25.18
C ILE A 122 86.06 13.82 24.65
N SER A 123 86.86 13.27 25.56
CA SER A 123 88.19 12.78 25.19
C SER A 123 88.10 11.49 24.38
N ALA A 124 89.21 11.18 23.69
CA ALA A 124 89.24 9.99 22.84
C ALA A 124 89.21 8.70 23.65
N GLY A 125 89.84 8.69 24.83
CA GLY A 125 89.87 7.47 25.61
C GLY A 125 88.48 7.03 26.06
N ILE A 126 87.67 7.98 26.50
CA ILE A 126 86.33 7.66 26.99
C ILE A 126 85.48 7.07 25.88
N VAL A 127 85.51 7.70 24.69
CA VAL A 127 84.71 7.19 23.58
C VAL A 127 85.25 5.86 23.10
N LYS A 128 86.57 5.66 23.18
CA LYS A 128 87.14 4.40 22.72
C LYS A 128 86.77 3.24 23.65
N GLU A 129 86.75 3.47 24.95
CA GLU A 129 86.56 2.36 25.88
C GLU A 129 85.11 1.87 25.87
N TYR A 130 84.16 2.73 25.49
CA TYR A 130 82.75 2.36 25.40
C TYR A 130 82.28 2.67 23.98
N GLU A 131 82.33 1.64 23.12
CA GLU A 131 81.99 1.83 21.72
C GLU A 131 80.51 2.19 21.52
N LYS A 132 79.62 1.58 22.31
CA LYS A 132 78.19 1.78 22.12
C LYS A 132 77.78 3.25 22.12
N LEU A 133 78.65 4.14 22.58
CA LEU A 133 78.35 5.56 22.53
C LEU A 133 78.09 6.04 21.10
N LEU A 134 78.92 5.60 20.15
CA LEU A 134 78.83 6.15 18.81
C LEU A 134 77.70 5.55 17.98
N VAL A 135 77.05 4.50 18.46
CA VAL A 135 76.00 3.84 17.70
C VAL A 135 74.62 4.41 17.98
N GLY A 136 74.14 4.34 19.21
CA GLY A 136 72.82 4.86 19.52
C GLY A 136 72.77 5.63 20.82
N GLY A 137 73.91 5.74 21.49
CA GLY A 137 73.97 6.45 22.75
C GLY A 137 73.47 5.60 23.90
N ILE A 138 74.04 5.78 25.09
CA ILE A 138 73.69 4.98 26.25
C ILE A 138 73.42 5.89 27.43
N TRP A 139 72.64 5.38 28.38
CA TRP A 139 72.44 6.09 29.63
C TRP A 139 73.70 5.98 30.47
N VAL A 140 74.22 7.12 30.93
CA VAL A 140 75.47 7.11 31.67
C VAL A 140 75.39 8.06 32.87
N ILE A 141 76.24 7.80 33.85
CA ILE A 141 76.58 8.75 34.89
C ILE A 141 77.77 9.54 34.36
N ALA A 142 77.58 10.84 34.15
CA ALA A 142 78.58 11.70 33.56
C ALA A 142 78.94 12.82 34.53
N THR A 143 80.23 13.12 34.61
CA THR A 143 80.72 14.21 35.43
C THR A 143 81.06 15.40 34.54
N LEU A 144 80.08 16.27 34.34
CA LEU A 144 80.28 17.47 33.53
C LEU A 144 81.18 18.45 34.26
N SER A 145 82.10 19.05 33.52
CA SER A 145 83.00 20.07 34.04
C SER A 145 82.95 21.31 33.15
N TYR A 146 83.12 22.47 33.77
CA TYR A 146 83.00 23.75 33.08
C TYR A 146 84.33 24.48 33.15
N TYR A 147 84.85 24.85 31.99
CA TYR A 147 86.03 25.70 31.89
C TYR A 147 85.88 26.58 30.66
N PHE A 148 85.90 27.89 30.85
CA PHE A 148 85.62 28.84 29.78
C PHE A 148 86.84 29.74 29.58
N GLU A 149 87.18 29.99 28.32
CA GLU A 149 88.25 30.92 27.96
C GLU A 149 87.70 31.98 27.03
N GLU A 150 88.19 33.21 27.19
CA GLU A 150 87.80 34.28 26.28
C GLU A 150 88.28 33.96 24.88
N GLY A 151 87.40 34.12 23.89
CA GLY A 151 87.72 33.79 22.52
C GLY A 151 87.68 32.32 22.20
N GLN A 152 87.31 31.48 23.15
CA GLN A 152 87.23 30.04 22.89
C GLN A 152 86.18 29.74 21.84
N THR A 153 86.53 28.83 20.92
CA THR A 153 85.63 28.43 19.85
C THR A 153 84.89 27.13 20.14
N SER A 154 85.33 26.37 21.14
CA SER A 154 84.64 25.15 21.51
C SER A 154 83.70 25.40 22.67
N SER A 155 82.80 24.45 22.90
CA SER A 155 81.88 24.54 24.02
C SER A 155 82.65 24.39 25.33
N PRO A 156 82.38 25.23 26.33
CA PRO A 156 83.10 25.13 27.61
C PRO A 156 82.75 23.87 28.40
N PHE A 157 81.65 23.20 28.09
CA PHE A 157 81.25 22.02 28.83
C PHE A 157 82.05 20.81 28.36
N GLY A 158 82.66 20.11 29.31
CA GLY A 158 83.43 18.92 29.01
C GLY A 158 83.01 17.78 29.90
N VAL A 159 83.20 16.57 29.38
CA VAL A 159 82.86 15.34 30.10
C VAL A 159 84.16 14.74 30.62
N SER A 160 84.31 14.73 31.94
CA SER A 160 85.54 14.26 32.55
C SER A 160 85.52 12.77 32.85
N LEU A 161 84.52 12.30 33.61
CA LEU A 161 84.40 10.89 33.93
C LEU A 161 83.03 10.40 33.49
N LEU A 162 82.97 9.15 33.05
CA LEU A 162 81.74 8.59 32.50
C LEU A 162 81.65 7.12 32.85
N LYS A 163 80.52 6.72 33.41
CA LYS A 163 80.25 5.33 33.75
C LYS A 163 78.97 4.88 33.05
N PRO A 164 79.04 3.88 32.18
CA PRO A 164 77.83 3.41 31.51
C PRO A 164 76.86 2.78 32.49
N ILE A 165 75.56 2.93 32.21
CA ILE A 165 74.53 2.29 33.00
C ILE A 165 73.77 1.25 32.18
N GLN A 166 74.08 1.13 30.90
CA GLN A 166 73.66 -0.01 30.10
C GLN A 166 74.89 -0.85 29.82
N MET A 167 74.70 -2.00 29.22
CA MET A 167 75.84 -2.80 28.82
C MET A 167 76.55 -2.17 27.64
N PRO A 168 77.82 -1.80 27.76
CA PRO A 168 78.50 -1.20 26.61
C PRO A 168 78.80 -2.18 25.49
N ASN A 169 79.37 -3.35 25.81
CA ASN A 169 79.83 -4.28 24.80
C ASN A 169 79.39 -5.70 25.14
N MET A 170 79.34 -6.56 24.13
CA MET A 170 79.03 -7.97 24.32
C MET A 170 80.13 -8.84 23.71
N ASN A 171 80.49 -9.90 24.41
CA ASN A 171 81.41 -10.93 23.90
C ASN A 171 80.57 -12.12 23.47
N MET A 172 80.26 -12.19 22.18
CA MET A 172 79.42 -13.27 21.67
C MET A 172 80.11 -14.62 21.82
N ASP A 173 81.44 -14.66 21.77
CA ASP A 173 82.15 -15.91 22.00
C ASP A 173 81.93 -16.40 23.42
N GLU A 174 81.96 -15.49 24.39
CA GLU A 174 81.70 -15.87 25.77
C GLU A 174 80.28 -16.39 25.94
N LEU A 175 79.32 -15.78 25.25
CA LEU A 175 77.95 -16.28 25.27
C LEU A 175 77.87 -17.68 24.67
N PHE A 176 78.60 -17.92 23.58
CA PHE A 176 78.62 -19.25 22.98
C PHE A 176 79.16 -20.27 23.97
N SER A 177 80.23 -19.93 24.67
CA SER A 177 80.78 -20.82 25.68
C SER A 177 79.76 -21.11 26.78
N GLY A 178 79.10 -20.04 27.26
CA GLY A 178 78.11 -20.21 28.30
C GLY A 178 76.98 -21.12 27.88
N ARG A 179 76.47 -20.92 26.66
CA ARG A 179 75.42 -21.79 26.15
C ARG A 179 75.90 -23.23 26.04
N ALA A 180 77.14 -23.41 25.57
CA ALA A 180 77.70 -24.75 25.50
C ALA A 180 77.77 -25.41 26.86
N ALA A 181 77.93 -24.61 27.92
CA ALA A 181 77.95 -25.15 29.28
C ALA A 181 76.58 -25.60 29.76
N LEU A 182 75.50 -25.30 29.03
CA LEU A 182 74.16 -25.68 29.43
C LEU A 182 73.54 -26.62 28.41
N SER A 183 72.51 -27.36 28.85
CA SER A 183 71.76 -28.22 27.96
C SER A 183 70.73 -27.41 27.18
N THR A 184 70.16 -28.05 26.15
CA THR A 184 69.15 -27.37 25.33
C THR A 184 67.93 -27.01 26.15
N ASP A 185 67.47 -27.93 27.00
CA ASP A 185 66.34 -27.63 27.86
C ASP A 185 66.66 -26.48 28.81
N GLN A 186 67.86 -26.52 29.40
CA GLN A 186 68.28 -25.46 30.30
C GLN A 186 68.28 -24.11 29.60
N TRP A 187 68.83 -24.06 28.39
CA TRP A 187 68.83 -22.82 27.63
C TRP A 187 67.40 -22.38 27.32
N ARG A 188 66.51 -23.34 27.07
CA ARG A 188 65.13 -22.99 26.78
C ARG A 188 64.47 -22.29 27.95
N GLU A 189 64.54 -22.90 29.14
CA GLU A 189 63.82 -22.24 30.23
C GLU A 189 64.56 -20.99 30.68
N SER A 190 65.86 -20.91 30.40
CA SER A 190 66.58 -19.66 30.66
C SER A 190 66.04 -18.54 29.78
N LEU A 191 65.84 -18.82 28.49
CA LEU A 191 65.27 -17.81 27.60
C LEU A 191 63.87 -17.43 28.04
N ILE A 192 63.07 -18.42 28.45
CA ILE A 192 61.71 -18.12 28.90
C ILE A 192 61.75 -17.27 30.17
N ARG A 193 62.72 -17.54 31.04
CA ARG A 193 62.82 -16.81 32.30
C ARG A 193 63.31 -15.38 32.06
N SER A 194 64.08 -15.17 31.01
CA SER A 194 64.67 -13.85 30.77
C SER A 194 63.61 -12.78 30.55
N ILE A 195 62.46 -13.14 29.98
CA ILE A 195 61.41 -12.16 29.74
C ILE A 195 60.42 -12.18 30.90
N GLY A 196 60.82 -12.78 32.00
CA GLY A 196 60.03 -12.72 33.22
C GLY A 196 58.93 -13.75 33.35
N MET A 197 58.94 -14.81 32.53
CA MET A 197 57.95 -15.86 32.64
C MET A 197 58.50 -17.04 33.43
N GLU A 198 57.59 -17.81 34.02
CA GLU A 198 57.99 -18.99 34.78
C GLU A 198 57.82 -20.23 33.92
N PRO A 199 58.91 -20.86 33.51
CA PRO A 199 58.79 -22.04 32.63
C PRO A 199 58.11 -23.23 33.29
N ALA A 200 58.38 -23.46 34.58
CA ALA A 200 57.86 -24.65 35.26
C ALA A 200 56.35 -24.65 35.34
N SER A 201 55.72 -23.48 35.27
CA SER A 201 54.27 -23.38 35.32
C SER A 201 53.62 -23.46 33.95
N LEU A 202 54.40 -23.71 32.90
CA LEU A 202 53.90 -23.76 31.53
C LEU A 202 54.26 -25.09 30.90
N LYS A 203 53.36 -25.60 30.05
CA LYS A 203 53.65 -26.82 29.32
C LYS A 203 54.71 -26.57 28.26
N GLU A 204 55.17 -27.64 27.62
CA GLU A 204 56.19 -27.54 26.59
C GLU A 204 55.70 -26.71 25.40
N ASP A 205 54.45 -26.95 24.98
CA ASP A 205 53.91 -26.26 23.83
C ASP A 205 53.85 -24.76 24.06
N VAL A 206 53.49 -24.35 25.27
CA VAL A 206 53.45 -22.94 25.61
C VAL A 206 54.85 -22.33 25.51
N GLN A 207 55.86 -23.05 25.99
CA GLN A 207 57.23 -22.55 25.88
C GLN A 207 57.65 -22.39 24.42
N TRP A 208 57.29 -23.36 23.57
CA TRP A 208 57.65 -23.25 22.17
C TRP A 208 56.92 -22.08 21.50
N HIS A 209 55.67 -21.83 21.91
CA HIS A 209 54.97 -20.66 21.39
C HIS A 209 55.65 -19.37 21.85
N LEU A 210 56.11 -19.33 23.08
CA LEU A 210 56.83 -18.15 23.55
C LEU A 210 58.12 -17.93 22.76
N LEU A 211 58.84 -19.01 22.45
CA LEU A 211 60.03 -18.87 21.61
C LEU A 211 59.67 -18.39 20.21
N ALA A 212 58.55 -18.88 19.67
CA ALA A 212 58.07 -18.37 18.41
C ALA A 212 57.78 -16.88 18.49
N ARG A 213 57.34 -16.41 19.65
CA ARG A 213 57.19 -14.96 19.83
C ARG A 213 58.51 -14.23 19.75
N MET A 214 59.60 -14.83 20.23
CA MET A 214 60.90 -14.20 20.15
C MET A 214 61.51 -14.26 18.77
N VAL A 215 61.06 -15.19 17.94
CA VAL A 215 61.62 -15.37 16.59
C VAL A 215 61.71 -14.07 15.79
N PRO A 216 60.68 -13.20 15.77
CA PRO A 216 60.81 -11.98 14.95
C PRO A 216 62.01 -11.13 15.29
N PHE A 217 62.50 -11.19 16.53
CA PHE A 217 63.66 -10.39 16.91
C PHE A 217 64.96 -10.93 16.32
N VAL A 218 65.02 -12.23 16.01
CA VAL A 218 66.29 -12.83 15.60
C VAL A 218 66.36 -13.18 14.12
N GLU A 219 65.37 -12.81 13.32
CA GLU A 219 65.39 -13.11 11.90
C GLU A 219 65.16 -11.85 11.09
N ASN A 220 65.93 -11.68 10.02
CA ASN A 220 65.77 -10.53 9.15
C ASN A 220 64.46 -10.61 8.40
N ASN A 221 63.60 -9.61 8.62
CA ASN A 221 62.36 -9.48 7.87
C ASN A 221 61.47 -10.70 8.03
N TYR A 222 61.07 -10.98 9.27
CA TYR A 222 60.26 -12.14 9.60
C TYR A 222 58.87 -11.65 9.98
N ASN A 223 57.94 -11.75 9.05
CA ASN A 223 56.56 -11.34 9.30
C ASN A 223 55.84 -12.43 10.07
N VAL A 224 54.91 -12.05 10.94
CA VAL A 224 54.17 -13.02 11.74
C VAL A 224 52.93 -12.37 12.31
N CYS A 225 51.88 -13.18 12.48
CA CYS A 225 50.66 -12.70 13.11
C CYS A 225 50.24 -13.63 14.24
N GLU A 226 49.92 -13.04 15.38
CA GLU A 226 49.47 -13.78 16.56
C GLU A 226 48.12 -13.23 17.00
N LEU A 227 47.15 -14.11 17.16
CA LEU A 227 45.81 -13.73 17.62
C LEU A 227 45.45 -14.58 18.82
N GLY A 228 44.81 -13.96 19.81
CA GLY A 228 44.42 -14.66 21.00
C GLY A 228 43.44 -13.89 21.86
N PRO A 229 42.96 -14.54 22.92
CA PRO A 229 42.07 -13.85 23.86
C PRO A 229 42.80 -12.74 24.60
N ARG A 230 42.04 -11.77 25.07
CA ARG A 230 42.62 -10.62 25.74
C ARG A 230 43.34 -11.05 27.02
N GLY A 231 44.48 -10.41 27.27
CA GLY A 231 45.20 -10.64 28.51
C GLY A 231 46.06 -11.88 28.55
N THR A 232 46.47 -12.40 27.39
CA THR A 232 47.32 -13.57 27.34
C THR A 232 48.80 -13.22 27.22
N GLY A 233 49.18 -11.97 27.52
CA GLY A 233 50.58 -11.58 27.48
C GLY A 233 51.14 -11.40 26.09
N LYS A 234 50.35 -10.91 25.15
CA LYS A 234 50.80 -10.82 23.76
C LYS A 234 51.74 -9.64 23.55
N SER A 235 51.36 -8.46 24.04
CA SER A 235 52.07 -7.24 23.70
C SER A 235 53.14 -6.84 24.71
N HIS A 236 53.38 -7.66 25.75
CA HIS A 236 54.38 -7.29 26.75
C HIS A 236 55.77 -7.18 26.15
N ILE A 237 56.17 -8.19 25.37
CA ILE A 237 57.55 -8.29 24.94
C ILE A 237 57.90 -7.17 23.96
N TYR A 238 56.95 -6.78 23.11
CA TYR A 238 57.22 -5.74 22.13
C TYR A 238 57.18 -4.34 22.70
N LYS A 239 56.62 -4.15 23.89
CA LYS A 239 56.49 -2.81 24.45
C LYS A 239 57.42 -2.54 25.63
N GLU A 240 57.76 -3.56 26.43
CA GLU A 240 58.69 -3.34 27.53
C GLU A 240 60.05 -3.99 27.35
N CYS A 241 60.11 -5.22 26.85
CA CYS A 241 61.29 -6.04 26.96
C CYS A 241 62.21 -5.97 25.76
N SER A 242 62.28 -4.84 25.06
CA SER A 242 63.27 -4.68 24.01
C SER A 242 63.42 -3.23 23.64
N PRO A 243 64.64 -2.70 23.55
CA PRO A 243 64.83 -1.34 23.03
C PRO A 243 64.87 -1.23 21.52
N ASN A 244 64.64 -2.33 20.80
CA ASN A 244 64.69 -2.34 19.35
C ASN A 244 63.37 -2.75 18.72
N SER A 245 62.26 -2.60 19.44
CA SER A 245 60.94 -2.89 18.89
C SER A 245 59.99 -1.77 19.26
N ILE A 246 59.11 -1.43 18.33
CA ILE A 246 58.12 -0.37 18.54
C ILE A 246 56.74 -0.96 18.36
N LEU A 247 55.85 -0.65 19.29
CA LEU A 247 54.47 -1.13 19.28
C LEU A 247 53.59 0.00 18.79
N VAL A 248 53.31 0.03 17.49
CA VAL A 248 52.54 1.10 16.90
C VAL A 248 51.10 0.95 17.37
N SER A 249 50.71 1.83 18.29
CA SER A 249 49.42 1.72 18.96
C SER A 249 48.29 2.08 18.02
N GLY A 250 47.31 1.19 17.93
CA GLY A 250 46.14 1.41 17.11
C GLY A 250 46.21 0.86 15.71
N GLY A 251 47.41 0.59 15.20
CA GLY A 251 47.53 0.09 13.85
C GLY A 251 47.36 1.19 12.81
N GLN A 252 46.74 2.28 13.22
CA GLN A 252 46.49 3.43 12.34
C GLN A 252 47.81 4.17 12.17
N THR A 253 48.60 3.74 11.19
CA THR A 253 49.83 4.42 10.84
C THR A 253 49.81 4.78 9.36
N THR A 254 50.50 5.86 9.03
CA THR A 254 50.47 6.42 7.68
C THR A 254 51.64 5.87 6.88
N VAL A 255 51.44 5.77 5.56
CA VAL A 255 52.46 5.24 4.68
C VAL A 255 53.73 6.07 4.76
N ALA A 256 53.59 7.40 4.71
CA ALA A 256 54.77 8.26 4.77
C ALA A 256 55.51 8.08 6.08
N ASN A 257 54.77 7.95 7.18
CA ASN A 257 55.41 7.68 8.47
C ASN A 257 56.03 6.31 8.51
N LEU A 258 55.34 5.30 7.97
CA LEU A 258 55.77 3.92 8.16
C LEU A 258 56.96 3.55 7.29
N PHE A 259 56.94 3.94 6.01
CA PHE A 259 57.94 3.45 5.06
C PHE A 259 58.91 4.55 4.65
N TYR A 260 58.44 5.65 4.08
CA TYR A 260 59.34 6.68 3.57
C TYR A 260 58.56 7.95 3.32
N ASN A 261 59.03 9.05 3.90
CA ASN A 261 58.39 10.36 3.71
C ASN A 261 59.11 11.08 2.58
N MET A 262 58.42 11.25 1.46
CA MET A 262 59.03 11.90 0.30
C MET A 262 59.41 13.34 0.60
N SER A 263 58.57 14.06 1.36
CA SER A 263 58.84 15.45 1.66
C SER A 263 60.14 15.65 2.43
N SER A 264 60.40 14.79 3.42
CA SER A 264 61.55 14.97 4.29
C SER A 264 62.74 14.09 3.92
N ARG A 265 62.59 13.19 2.96
CA ARG A 265 63.68 12.30 2.52
C ARG A 265 64.20 11.45 3.67
N ARG A 266 63.33 11.12 4.62
CA ARG A 266 63.70 10.31 5.77
C ARG A 266 62.90 9.02 5.78
N ILE A 267 63.62 7.90 5.92
CA ILE A 267 63.00 6.58 5.91
C ILE A 267 62.02 6.46 7.08
N GLY A 268 61.02 5.61 6.90
CA GLY A 268 59.98 5.44 7.91
C GLY A 268 60.46 4.64 9.10
N LEU A 269 59.50 4.02 9.78
CA LEU A 269 59.82 3.20 10.93
C LEU A 269 60.67 2.00 10.54
N VAL A 270 60.31 1.34 9.43
CA VAL A 270 60.89 0.05 9.10
C VAL A 270 62.40 0.13 8.92
N GLY A 271 62.94 1.30 8.64
CA GLY A 271 64.38 1.43 8.55
C GLY A 271 65.08 1.66 9.86
N LEU A 272 64.34 1.90 10.94
CA LEU A 272 64.94 2.21 12.22
C LEU A 272 64.86 1.08 13.23
N TRP A 273 63.76 0.35 13.27
CA TRP A 273 63.49 -0.61 14.32
C TRP A 273 63.68 -2.03 13.82
N ASP A 274 63.89 -2.96 14.76
CA ASP A 274 64.08 -4.35 14.39
C ASP A 274 62.77 -5.12 14.39
N VAL A 275 61.78 -4.65 15.15
CA VAL A 275 60.45 -5.24 15.16
C VAL A 275 59.42 -4.13 15.21
N VAL A 276 58.47 -4.18 14.28
CA VAL A 276 57.35 -3.25 14.27
C VAL A 276 56.10 -4.07 14.55
N ALA A 277 55.49 -3.85 15.70
CA ALA A 277 54.34 -4.65 16.12
C ALA A 277 53.09 -3.79 16.14
N PHE A 278 52.08 -4.22 15.41
CA PHE A 278 50.80 -3.54 15.37
C PHE A 278 49.92 -4.11 16.49
N ASP A 279 49.55 -3.24 17.42
CA ASP A 279 48.98 -3.64 18.70
C ASP A 279 47.53 -4.09 18.59
N GLN A 280 46.90 -3.82 17.45
CA GLN A 280 45.50 -4.18 17.29
C GLN A 280 45.16 -4.33 15.81
N VAL A 281 44.20 -5.19 15.51
CA VAL A 281 43.83 -5.46 14.12
C VAL A 281 42.38 -5.08 13.89
N ALA A 282 41.65 -4.77 14.95
CA ALA A 282 40.24 -4.43 14.80
C ALA A 282 40.04 -3.11 14.08
N GLY A 283 41.07 -2.26 14.02
CA GLY A 283 40.89 -0.93 13.49
C GLY A 283 41.82 -0.51 12.36
N ILE A 284 42.64 -1.43 11.84
CA ILE A 284 43.64 -1.03 10.85
C ILE A 284 42.96 -0.67 9.53
N SER A 285 42.93 0.63 9.23
CA SER A 285 42.47 1.12 7.94
C SER A 285 43.32 2.32 7.56
N PHE A 286 44.01 2.25 6.43
CA PHE A 286 45.02 3.23 6.06
C PHE A 286 44.36 4.43 5.37
N LYS A 287 44.88 5.61 5.68
CA LYS A 287 44.43 6.82 4.99
C LYS A 287 44.70 6.72 3.49
N ASP A 288 45.89 6.29 3.10
CA ASP A 288 46.20 6.00 1.71
C ASP A 288 45.71 4.60 1.38
N LYS A 289 45.07 4.46 0.21
CA LYS A 289 44.60 3.15 -0.20
C LYS A 289 45.75 2.18 -0.45
N ASP A 290 46.86 2.69 -0.98
CA ASP A 290 47.96 1.83 -1.39
C ASP A 290 48.84 1.36 -0.25
N GLY A 291 48.53 1.76 0.99
CA GLY A 291 49.33 1.30 2.12
C GLY A 291 49.37 -0.22 2.20
N VAL A 292 48.23 -0.86 1.97
CA VAL A 292 48.20 -2.32 1.97
C VAL A 292 49.07 -2.86 0.85
N GLN A 293 49.02 -2.25 -0.33
CA GLN A 293 49.84 -2.72 -1.45
C GLN A 293 51.33 -2.57 -1.15
N ILE A 294 51.72 -1.43 -0.57
CA ILE A 294 53.14 -1.23 -0.28
C ILE A 294 53.60 -2.19 0.80
N MET A 295 52.76 -2.46 1.80
CA MET A 295 53.11 -3.48 2.79
C MET A 295 53.25 -4.85 2.13
N LYS A 296 52.34 -5.19 1.22
CA LYS A 296 52.45 -6.46 0.53
C LYS A 296 53.78 -6.57 -0.20
N ASP A 297 54.16 -5.50 -0.90
CA ASP A 297 55.42 -5.51 -1.64
C ASP A 297 56.61 -5.65 -0.68
N TYR A 298 56.62 -4.86 0.39
CA TYR A 298 57.74 -4.90 1.32
C TYR A 298 57.88 -6.28 1.96
N MET A 299 56.78 -6.82 2.47
CA MET A 299 56.83 -8.14 3.07
C MET A 299 57.24 -9.21 2.07
N ALA A 300 56.80 -9.11 0.81
CA ALA A 300 57.13 -10.13 -0.16
C ALA A 300 58.60 -10.10 -0.55
N SER A 301 59.17 -8.91 -0.77
CA SER A 301 60.52 -8.83 -1.30
C SER A 301 61.56 -8.29 -0.33
N GLY A 302 61.14 -7.57 0.70
CA GLY A 302 62.12 -7.01 1.63
C GLY A 302 62.64 -5.64 1.28
N SER A 303 62.22 -5.08 0.14
CA SER A 303 62.60 -3.73 -0.25
C SER A 303 61.45 -3.11 -1.03
N PHE A 304 61.33 -1.79 -0.93
CA PHE A 304 60.23 -1.09 -1.56
C PHE A 304 60.75 0.14 -2.28
N ALA A 305 60.13 0.46 -3.40
CA ALA A 305 60.51 1.64 -4.18
C ALA A 305 59.51 2.75 -3.88
N ARG A 306 60.02 3.90 -3.46
CA ARG A 306 59.20 4.98 -2.97
C ARG A 306 59.90 6.29 -3.27
N GLY A 307 59.20 7.23 -3.88
CA GLY A 307 59.81 8.49 -4.20
C GLY A 307 60.71 8.39 -5.42
N ARG A 308 62.02 8.43 -5.20
CA ARG A 308 62.98 8.42 -6.29
C ARG A 308 64.00 7.29 -6.16
N GLU A 309 63.81 6.37 -5.23
CA GLU A 309 64.75 5.28 -5.03
C GLU A 309 64.05 4.03 -4.50
N GLN A 310 64.72 2.90 -4.66
CA GLN A 310 64.34 1.66 -4.02
C GLN A 310 65.19 1.47 -2.76
N MET A 311 64.53 1.23 -1.64
CA MET A 311 65.17 1.20 -0.34
C MET A 311 64.90 -0.13 0.34
N GLU A 312 65.92 -0.64 1.04
CA GLU A 312 65.84 -1.90 1.75
C GLU A 312 65.63 -1.65 3.24
N ALA A 313 64.85 -2.51 3.87
CA ALA A 313 64.61 -2.41 5.30
C ALA A 313 64.60 -3.81 5.89
N SER A 314 65.03 -3.92 7.15
CA SER A 314 65.11 -5.20 7.83
C SER A 314 64.12 -5.34 8.97
N ALA A 315 63.09 -4.49 9.02
CA ALA A 315 62.13 -4.57 10.12
C ALA A 315 61.22 -5.78 9.97
N SER A 316 61.06 -6.52 11.06
CA SER A 316 60.14 -7.65 11.08
C SER A 316 58.77 -7.18 11.56
N MET A 317 57.74 -7.48 10.79
CA MET A 317 56.39 -6.98 11.05
C MET A 317 55.61 -8.04 11.82
N VAL A 318 55.09 -7.65 12.99
CA VAL A 318 54.31 -8.53 13.85
C VAL A 318 52.93 -7.92 14.00
N PHE A 319 51.90 -8.75 13.88
CA PHE A 319 50.51 -8.29 13.99
C PHE A 319 49.87 -8.98 15.18
N VAL A 320 49.56 -8.22 16.23
CA VAL A 320 48.95 -8.76 17.43
C VAL A 320 47.47 -8.47 17.40
N GLY A 321 46.65 -9.47 17.68
CA GLY A 321 45.21 -9.30 17.59
C GLY A 321 44.45 -10.04 18.67
N ASN A 322 43.29 -9.50 19.01
CA ASN A 322 42.42 -10.07 20.02
C ASN A 322 41.19 -10.70 19.35
N ILE A 323 40.83 -11.90 19.80
CA ILE A 323 39.64 -12.59 19.32
C ILE A 323 38.62 -12.60 20.45
N ASN A 324 37.37 -12.31 20.12
CA ASN A 324 36.29 -12.30 21.09
C ASN A 324 35.46 -13.57 21.08
N GLN A 325 35.77 -14.53 20.22
CA GLN A 325 35.03 -15.77 20.12
C GLN A 325 35.95 -16.96 20.37
N SER A 326 35.34 -18.15 20.44
CA SER A 326 36.12 -19.37 20.61
C SER A 326 36.75 -19.77 19.28
N VAL A 327 37.79 -20.60 19.37
CA VAL A 327 38.50 -21.04 18.17
C VAL A 327 37.61 -21.91 17.30
N GLU A 328 36.81 -22.78 17.92
CA GLU A 328 35.99 -23.71 17.14
C GLU A 328 34.92 -22.97 16.36
N SER A 329 34.34 -21.92 16.96
CA SER A 329 33.33 -21.13 16.26
C SER A 329 33.90 -20.55 14.96
N LEU A 330 35.11 -20.00 15.03
CA LEU A 330 35.75 -19.47 13.83
C LEU A 330 36.06 -20.58 12.84
N VAL A 331 36.69 -21.66 13.31
CA VAL A 331 37.17 -22.69 12.38
C VAL A 331 36.00 -23.37 11.67
N LYS A 332 34.83 -23.43 12.31
CA LYS A 332 33.68 -24.04 11.67
C LYS A 332 32.91 -23.06 10.81
N THR A 333 32.68 -21.84 11.31
CA THR A 333 31.86 -20.86 10.60
C THR A 333 32.64 -20.04 9.58
N SER A 334 33.92 -19.78 9.82
CA SER A 334 34.68 -18.86 8.99
C SER A 334 36.15 -19.26 8.91
N HIS A 335 37.00 -18.31 8.56
CA HIS A 335 38.44 -18.51 8.62
C HIS A 335 38.98 -17.82 9.88
N LEU A 336 40.14 -18.30 10.34
CA LEU A 336 40.73 -17.73 11.54
C LEU A 336 41.19 -16.30 11.35
N LEU A 337 41.27 -15.81 10.12
CA LEU A 337 41.67 -14.44 9.84
C LEU A 337 40.50 -13.47 9.85
N ALA A 338 39.37 -13.86 10.41
CA ALA A 338 38.17 -13.04 10.47
C ALA A 338 38.38 -11.71 11.21
N PRO A 339 39.06 -11.68 12.36
CA PRO A 339 39.21 -10.40 13.06
C PRO A 339 39.92 -9.31 12.26
N PHE A 340 40.73 -9.68 11.27
CA PHE A 340 41.42 -8.68 10.48
C PHE A 340 40.42 -7.82 9.71
N PRO A 341 40.77 -6.56 9.42
CA PRO A 341 39.87 -5.69 8.67
C PRO A 341 39.63 -6.17 7.25
N GLU A 342 38.44 -5.87 6.74
CA GLU A 342 38.04 -6.33 5.40
C GLU A 342 38.99 -5.80 4.32
N ALA A 343 39.45 -4.55 4.48
CA ALA A 343 40.32 -3.96 3.47
C ALA A 343 41.63 -4.72 3.30
N MET A 344 42.07 -5.44 4.34
CA MET A 344 43.31 -6.20 4.27
C MET A 344 43.09 -7.70 4.34
N ILE A 345 41.86 -8.18 4.13
CA ILE A 345 41.58 -9.58 3.86
C ILE A 345 41.84 -9.88 2.39
N ASP A 346 43.04 -10.37 2.09
CA ASP A 346 43.39 -10.70 0.72
C ASP A 346 44.37 -11.87 0.73
N SER A 347 44.18 -12.82 -0.18
CA SER A 347 45.05 -13.98 -0.23
C SER A 347 46.49 -13.60 -0.53
N ALA A 348 46.68 -12.70 -1.50
CA ALA A 348 48.02 -12.24 -1.83
C ALA A 348 48.68 -11.53 -0.65
N PHE A 349 47.87 -11.03 0.27
CA PHE A 349 48.42 -10.38 1.46
C PHE A 349 48.82 -11.41 2.50
N PHE A 350 47.89 -12.24 2.94
CA PHE A 350 48.19 -13.20 4.00
C PHE A 350 49.17 -14.26 3.55
N ASP A 351 49.41 -14.38 2.24
CA ASP A 351 50.42 -15.32 1.78
C ASP A 351 51.81 -14.96 2.29
N ARG A 352 52.07 -13.69 2.56
CA ARG A 352 53.39 -13.24 3.01
C ARG A 352 53.71 -13.66 4.43
N PHE A 353 52.71 -13.92 5.26
CA PHE A 353 52.93 -14.20 6.67
C PHE A 353 53.74 -15.48 6.83
N HIS A 354 54.81 -15.41 7.60
CA HIS A 354 55.66 -16.58 7.78
C HIS A 354 55.20 -17.44 8.94
N ALA A 355 54.20 -16.99 9.70
CA ALA A 355 53.73 -17.75 10.85
C ALA A 355 52.43 -17.16 11.40
N TYR A 356 51.52 -18.06 11.80
CA TYR A 356 50.32 -17.71 12.54
C TYR A 356 50.46 -18.35 13.91
N ILE A 357 50.78 -17.56 14.92
CA ILE A 357 50.96 -18.10 16.26
C ILE A 357 49.60 -18.39 16.88
N PRO A 358 49.37 -19.59 17.38
CA PRO A 358 48.08 -19.89 18.02
C PRO A 358 48.00 -19.31 19.42
N GLY A 359 47.63 -18.04 19.51
CA GLY A 359 47.61 -17.36 20.81
C GLY A 359 46.63 -17.94 21.81
N TRP A 360 45.61 -18.66 21.36
CA TRP A 360 44.66 -19.26 22.27
C TRP A 360 45.27 -20.38 23.11
N GLU A 361 46.26 -21.09 22.58
CA GLU A 361 46.90 -22.15 23.34
C GLU A 361 47.76 -21.63 24.48
N ILE A 362 47.99 -20.33 24.54
CA ILE A 362 48.70 -19.70 25.66
C ILE A 362 47.73 -19.53 26.81
N PRO A 363 48.06 -20.04 28.01
CA PRO A 363 47.18 -19.83 29.16
C PRO A 363 47.11 -18.35 29.52
N LYS A 364 45.97 -17.94 30.07
CA LYS A 364 45.81 -16.56 30.47
C LYS A 364 46.82 -16.21 31.56
N MET A 365 47.38 -15.00 31.46
CA MET A 365 48.50 -14.64 32.32
C MET A 365 48.04 -14.50 33.77
N ARG A 366 48.79 -15.12 34.67
CA ARG A 366 48.47 -15.14 36.08
C ARG A 366 49.75 -14.90 36.86
N PRO A 367 49.67 -14.29 38.05
CA PRO A 367 50.89 -14.05 38.83
C PRO A 367 51.69 -15.31 39.15
N GLU A 368 51.05 -16.48 39.10
CA GLU A 368 51.80 -17.72 39.27
C GLU A 368 52.76 -17.96 38.11
N PHE A 369 52.52 -17.32 36.97
CA PHE A 369 53.34 -17.52 35.78
C PHE A 369 54.52 -16.57 35.69
N PHE A 370 54.58 -15.55 36.55
CA PHE A 370 55.67 -14.58 36.51
C PHE A 370 56.78 -15.03 37.46
N THR A 371 57.96 -15.24 36.90
CA THR A 371 59.06 -15.80 37.67
C THR A 371 59.56 -14.82 38.72
N ASN A 372 60.27 -15.36 39.71
CA ASN A 372 60.97 -14.59 40.71
C ASN A 372 62.44 -14.97 40.80
N ARG A 373 62.96 -15.69 39.81
CA ARG A 373 64.27 -16.29 39.90
C ARG A 373 65.27 -15.58 38.99
N TYR A 374 66.47 -16.15 38.91
CA TYR A 374 67.56 -15.53 38.16
C TYR A 374 67.31 -15.63 36.66
N GLY A 375 67.41 -14.50 35.97
CA GLY A 375 67.24 -14.46 34.53
C GLY A 375 68.14 -13.43 33.90
N LEU A 376 68.37 -13.58 32.60
CA LEU A 376 69.22 -12.67 31.86
C LEU A 376 68.63 -11.26 31.85
N ILE A 377 69.49 -10.25 32.00
CA ILE A 377 69.02 -8.87 31.94
C ILE A 377 68.56 -8.57 30.52
N VAL A 378 67.43 -7.87 30.40
CA VAL A 378 66.77 -7.77 29.10
C VAL A 378 67.64 -6.99 28.11
N ASP A 379 68.52 -6.13 28.60
CA ASP A 379 69.47 -5.47 27.72
C ASP A 379 70.39 -6.49 27.04
N TYR A 380 70.94 -7.42 27.82
CA TYR A 380 71.79 -8.46 27.25
C TYR A 380 71.02 -9.30 26.25
N LEU A 381 69.79 -9.67 26.57
CA LEU A 381 68.99 -10.49 25.66
C LEU A 381 68.71 -9.74 24.36
N ALA A 382 68.35 -8.47 24.44
CA ALA A 382 68.04 -7.71 23.23
C ALA A 382 69.29 -7.53 22.37
N GLU A 383 70.43 -7.26 22.98
CA GLU A 383 71.65 -7.14 22.18
C GLU A 383 72.05 -8.49 21.59
N PHE A 384 71.76 -9.57 22.30
CA PHE A 384 71.97 -10.91 21.76
C PHE A 384 71.12 -11.13 20.51
N PHE A 385 69.85 -10.75 20.58
CA PHE A 385 68.99 -10.87 19.40
C PHE A 385 69.53 -10.03 18.24
N ARG A 386 69.95 -8.81 18.54
CA ARG A 386 70.43 -7.92 17.48
C ARG A 386 71.71 -8.46 16.84
N GLU A 387 72.61 -9.03 17.65
CA GLU A 387 73.85 -9.55 17.10
C GLU A 387 73.61 -10.85 16.33
N MET A 388 72.57 -11.60 16.69
CA MET A 388 72.30 -12.83 15.97
C MET A 388 71.42 -12.60 14.75
N ARG A 389 70.83 -11.42 14.59
CA ARG A 389 70.17 -11.12 13.31
C ARG A 389 71.13 -11.19 12.13
N LYS A 390 72.43 -11.06 12.37
CA LYS A 390 73.41 -11.00 11.28
C LYS A 390 73.78 -12.37 10.72
N ARG A 391 73.50 -13.44 11.44
CA ARG A 391 73.88 -14.78 11.01
C ARG A 391 72.72 -15.47 10.31
N SER A 392 72.96 -16.68 9.85
CA SER A 392 71.94 -17.47 9.16
C SER A 392 72.11 -18.94 9.47
N PHE A 393 70.99 -19.63 9.68
CA PHE A 393 70.98 -21.06 9.94
C PHE A 393 69.97 -21.79 9.06
N ALA A 394 69.59 -21.21 7.93
CA ALA A 394 68.62 -21.83 7.05
C ALA A 394 69.15 -23.10 6.39
N ASP A 395 70.46 -23.18 6.16
CA ASP A 395 71.04 -24.34 5.49
C ASP A 395 71.06 -25.58 6.36
N SER A 396 70.77 -25.46 7.65
CA SER A 396 70.80 -26.61 8.54
C SER A 396 69.73 -27.63 8.19
N ILE A 397 68.68 -27.21 7.48
CA ILE A 397 67.59 -28.13 7.16
C ILE A 397 68.05 -29.17 6.14
N GLU A 398 68.88 -28.79 5.18
CA GLU A 398 69.28 -29.72 4.13
C GLU A 398 70.19 -30.82 4.67
N LYS A 399 70.85 -30.58 5.80
CA LYS A 399 71.80 -31.56 6.32
C LYS A 399 71.11 -32.86 6.70
N TYR A 400 69.83 -32.81 7.06
CA TYR A 400 69.13 -34.01 7.53
C TYR A 400 67.81 -34.28 6.84
N PHE A 401 67.09 -33.25 6.39
CA PHE A 401 65.73 -33.43 5.91
C PHE A 401 65.53 -32.68 4.60
N LYS A 402 64.50 -33.08 3.86
CA LYS A 402 64.08 -32.39 2.66
C LYS A 402 62.61 -32.05 2.75
N LEU A 403 62.23 -30.90 2.19
CA LEU A 403 60.84 -30.48 2.23
C LEU A 403 60.01 -31.30 1.25
N GLY A 404 58.71 -31.39 1.53
CA GLY A 404 57.83 -32.19 0.70
C GLY A 404 57.45 -31.51 -0.59
N ASN A 405 56.55 -32.16 -1.32
CA ASN A 405 56.09 -31.65 -2.61
C ASN A 405 54.90 -30.70 -2.49
N ASN A 406 54.32 -30.58 -1.31
CA ASN A 406 53.17 -29.70 -1.11
C ASN A 406 53.56 -28.25 -0.88
N LEU A 407 54.85 -27.96 -0.69
CA LEU A 407 55.33 -26.63 -0.35
C LEU A 407 55.72 -25.89 -1.62
N ASN A 408 55.00 -24.81 -1.93
CA ASN A 408 55.45 -23.91 -2.98
C ASN A 408 56.63 -23.08 -2.49
N GLN A 409 57.10 -22.18 -3.35
CA GLN A 409 58.29 -21.40 -3.01
C GLN A 409 58.05 -20.50 -1.79
N ARG A 410 56.85 -19.92 -1.68
CA ARG A 410 56.56 -19.11 -0.50
C ARG A 410 56.65 -19.94 0.78
N ASP A 411 56.09 -21.15 0.76
CA ASP A 411 56.13 -21.99 1.95
C ASP A 411 57.55 -22.43 2.25
N VAL A 412 58.35 -22.69 1.22
CA VAL A 412 59.75 -23.05 1.46
C VAL A 412 60.48 -21.90 2.13
N ILE A 413 60.26 -20.68 1.63
CA ILE A 413 60.92 -19.52 2.22
C ILE A 413 60.49 -19.32 3.67
N ALA A 414 59.19 -19.40 3.93
CA ALA A 414 58.68 -19.18 5.29
C ALA A 414 59.21 -20.23 6.25
N VAL A 415 59.18 -21.49 5.83
CA VAL A 415 59.67 -22.57 6.69
C VAL A 415 61.16 -22.40 6.97
N ARG A 416 61.93 -22.04 5.93
CA ARG A 416 63.36 -21.82 6.12
C ARG A 416 63.61 -20.70 7.12
N LYS A 417 62.88 -19.59 6.99
CA LYS A 417 63.06 -18.48 7.92
C LYS A 417 62.73 -18.89 9.35
N THR A 418 61.60 -19.57 9.53
CA THR A 418 61.20 -19.95 10.88
C THR A 418 62.18 -20.92 11.51
N VAL A 419 62.63 -21.93 10.75
CA VAL A 419 63.53 -22.91 11.33
C VAL A 419 64.87 -22.25 11.63
N SER A 420 65.32 -21.33 10.78
CA SER A 420 66.58 -20.64 11.06
C SER A 420 66.46 -19.80 12.31
N GLY A 421 65.33 -19.12 12.48
CA GLY A 421 65.14 -18.33 13.69
C GLY A 421 65.15 -19.18 14.94
N LEU A 422 64.45 -20.31 14.91
CA LEU A 422 64.43 -21.18 16.08
C LEU A 422 65.80 -21.78 16.35
N MET A 423 66.54 -22.13 15.29
CA MET A 423 67.91 -22.61 15.46
C MET A 423 68.76 -21.57 16.14
N LYS A 424 68.63 -20.31 15.73
CA LYS A 424 69.38 -19.24 16.37
C LYS A 424 69.01 -19.11 17.84
N LEU A 425 67.71 -19.13 18.15
CA LEU A 425 67.28 -18.94 19.53
C LEU A 425 67.77 -20.05 20.45
N LEU A 426 67.67 -21.30 20.00
CA LEU A 426 67.98 -22.40 20.91
C LEU A 426 69.40 -22.92 20.78
N TYR A 427 70.08 -22.67 19.66
CA TYR A 427 71.44 -23.14 19.46
C TYR A 427 72.33 -22.01 18.93
N PRO A 428 72.59 -20.99 19.74
CA PRO A 428 73.44 -19.88 19.29
C PRO A 428 74.85 -20.31 18.91
N HIS A 429 75.42 -21.30 19.60
CA HIS A 429 76.77 -21.72 19.31
C HIS A 429 76.86 -22.59 18.07
N GLY A 430 75.73 -22.92 17.44
CA GLY A 430 75.75 -23.61 16.18
C GLY A 430 75.95 -25.11 16.24
N GLN A 431 75.98 -25.69 17.43
CA GLN A 431 76.14 -27.13 17.58
C GLN A 431 74.78 -27.73 17.94
N PHE A 432 74.31 -28.64 17.09
CA PHE A 432 72.99 -29.24 17.29
C PHE A 432 72.96 -30.57 16.56
N ASN A 433 71.99 -31.41 16.93
CA ASN A 433 71.84 -32.74 16.36
C ASN A 433 70.65 -32.77 15.41
N LYS A 434 70.42 -33.95 14.83
CA LYS A 434 69.35 -34.11 13.85
C LYS A 434 67.97 -33.92 14.48
N GLU A 435 67.78 -34.44 15.69
CA GLU A 435 66.45 -34.40 16.30
C GLU A 435 66.06 -32.99 16.70
N ASP A 436 67.05 -32.14 16.99
CA ASP A 436 66.74 -30.73 17.24
C ASP A 436 66.12 -30.08 16.01
N VAL A 437 66.75 -30.28 14.86
CA VAL A 437 66.19 -29.78 13.61
C VAL A 437 64.84 -30.43 13.35
N ARG A 438 64.69 -31.69 13.76
CA ARG A 438 63.40 -32.36 13.67
C ARG A 438 62.31 -31.56 14.39
N GLN A 439 62.56 -31.23 15.65
CA GLN A 439 61.56 -30.51 16.44
C GLN A 439 61.26 -29.14 15.85
N CYS A 440 62.32 -28.39 15.52
CA CYS A 440 62.12 -27.05 14.99
C CYS A 440 61.37 -27.09 13.67
N LEU A 441 61.71 -28.04 12.80
CA LEU A 441 61.03 -28.18 11.52
C LEU A 441 59.57 -28.55 11.71
N GLU A 442 59.26 -29.42 12.67
CA GLU A 442 57.87 -29.77 12.92
C GLU A 442 57.08 -28.54 13.34
N TYR A 443 57.64 -27.75 14.26
CA TYR A 443 56.93 -26.55 14.70
C TYR A 443 56.76 -25.56 13.57
N ALA A 444 57.80 -25.36 12.76
CA ALA A 444 57.73 -24.43 11.65
C ALA A 444 56.67 -24.86 10.64
N LEU A 445 56.63 -26.15 10.33
CA LEU A 445 55.63 -26.65 9.39
C LEU A 445 54.23 -26.45 9.93
N GLN A 446 54.04 -26.68 11.24
CA GLN A 446 52.73 -26.44 11.84
C GLN A 446 52.32 -24.98 11.68
N VAL A 447 53.20 -24.05 12.06
CA VAL A 447 52.80 -22.65 12.05
C VAL A 447 52.57 -22.15 10.63
N ARG A 448 53.37 -22.61 9.66
CA ARG A 448 53.10 -22.21 8.28
C ARG A 448 51.82 -22.84 7.75
N ARG A 449 51.56 -24.09 8.13
CA ARG A 449 50.36 -24.78 7.65
C ARG A 449 49.11 -24.11 8.16
N ARG A 450 49.18 -23.49 9.33
CA ARG A 450 48.00 -22.77 9.82
C ARG A 450 47.60 -21.65 8.86
N VAL A 451 48.58 -20.84 8.44
CA VAL A 451 48.32 -19.81 7.45
C VAL A 451 47.86 -20.43 6.15
N LYS A 452 48.45 -21.57 5.79
CA LYS A 452 48.08 -22.22 4.54
C LYS A 452 46.61 -22.64 4.55
N GLU A 453 46.14 -23.19 5.67
CA GLU A 453 44.73 -23.55 5.80
C GLU A 453 43.84 -22.32 5.72
N GLN A 454 44.21 -21.24 6.40
CA GLN A 454 43.39 -20.03 6.29
C GLN A 454 43.34 -19.52 4.85
N LEU A 455 44.48 -19.56 4.15
CA LEU A 455 44.51 -19.14 2.76
C LEU A 455 43.64 -20.04 1.90
N LYS A 456 43.64 -21.35 2.17
CA LYS A 456 42.72 -22.24 1.47
C LYS A 456 41.29 -21.78 1.67
N LYS A 457 40.88 -21.59 2.94
CA LYS A 457 39.49 -21.27 3.22
C LYS A 457 39.07 -19.94 2.60
N ILE A 458 40.00 -19.00 2.44
CA ILE A 458 39.62 -17.70 1.89
C ILE A 458 39.70 -17.67 0.38
N GLY A 459 40.70 -18.32 -0.22
CA GLY A 459 40.94 -18.18 -1.64
C GLY A 459 40.56 -19.36 -2.51
N GLY A 460 40.02 -20.43 -1.92
CA GLY A 460 39.51 -21.50 -2.76
C GLY A 460 40.61 -22.30 -3.42
N MET A 461 40.65 -22.22 -4.75
CA MET A 461 41.38 -23.20 -5.56
C MET A 461 42.88 -23.18 -5.29
N GLU A 462 43.48 -22.00 -5.21
CA GLU A 462 44.93 -21.89 -5.38
C GLU A 462 45.73 -22.51 -4.24
N PHE A 463 45.09 -22.82 -3.11
CA PHE A 463 45.83 -23.19 -1.92
C PHE A 463 45.28 -24.46 -1.26
N TYR A 464 44.92 -25.46 -2.06
CA TYR A 464 44.44 -26.71 -1.50
C TYR A 464 45.58 -27.57 -0.94
N ASP A 465 46.79 -27.42 -1.47
CA ASP A 465 47.90 -28.28 -1.06
C ASP A 465 48.38 -27.86 0.33
N VAL A 466 47.63 -28.31 1.33
CA VAL A 466 47.92 -27.97 2.72
C VAL A 466 48.50 -29.14 3.50
N HIS A 467 48.93 -30.21 2.82
CA HIS A 467 49.39 -31.43 3.49
C HIS A 467 50.92 -31.42 3.55
N PHE A 468 51.44 -30.49 4.35
CA PHE A 468 52.88 -30.31 4.46
C PHE A 468 53.53 -31.54 5.08
N SER A 469 54.68 -31.93 4.53
CA SER A 469 55.41 -33.11 4.99
C SER A 469 56.88 -32.94 4.66
N TYR A 470 57.71 -33.74 5.32
CA TYR A 470 59.15 -33.69 5.10
C TYR A 470 59.71 -35.11 5.08
N ILE A 471 60.74 -35.30 4.26
CA ILE A 471 61.34 -36.60 4.00
C ILE A 471 62.70 -36.65 4.68
N ASP A 472 62.90 -37.67 5.51
CA ASP A 472 64.21 -37.90 6.10
C ASP A 472 65.19 -38.31 5.02
N ASN A 473 66.41 -37.78 5.08
CA ASN A 473 67.39 -38.07 4.04
C ASN A 473 68.02 -39.45 4.17
N ASP A 474 67.95 -40.07 5.35
CA ASP A 474 68.57 -41.37 5.53
C ASP A 474 67.60 -42.52 5.28
N THR A 475 66.52 -42.59 6.04
CA THR A 475 65.57 -43.69 5.92
C THR A 475 64.47 -43.42 4.90
N LEU A 476 64.46 -42.23 4.29
CA LEU A 476 63.47 -41.83 3.30
C LEU A 476 62.04 -41.85 3.83
N GLU A 477 61.87 -41.97 5.14
CA GLU A 477 60.53 -41.97 5.71
C GLU A 477 59.97 -40.56 5.68
N GLU A 478 58.75 -40.42 5.16
CA GLU A 478 58.10 -39.12 5.01
C GLU A 478 57.15 -38.90 6.18
N HIS A 479 57.45 -37.92 7.00
CA HIS A 479 56.62 -37.56 8.15
C HIS A 479 55.69 -36.41 7.74
N PHE A 480 54.43 -36.54 8.11
CA PHE A 480 53.42 -35.51 7.85
C PHE A 480 53.11 -34.77 9.14
N VAL A 481 52.96 -33.46 9.05
CA VAL A 481 52.73 -32.60 10.20
C VAL A 481 51.38 -31.92 10.04
N SER A 482 50.54 -32.04 11.04
CA SER A 482 49.20 -31.47 11.05
C SER A 482 49.12 -30.31 12.02
N VAL A 483 47.95 -29.66 12.04
CA VAL A 483 47.69 -28.52 12.90
C VAL A 483 46.94 -29.01 14.13
N LYS A 484 47.26 -28.43 15.29
CA LYS A 484 46.66 -28.86 16.54
C LYS A 484 45.15 -28.61 16.56
N GLU A 485 44.73 -27.44 16.11
CA GLU A 485 43.32 -27.06 16.26
C GLU A 485 42.39 -27.85 15.36
N GLN A 486 42.87 -28.60 14.39
CA GLN A 486 42.00 -29.34 13.49
C GLN A 486 42.42 -30.80 13.39
N LEU A 491 37.74 -40.03 10.48
CA LEU A 491 38.09 -39.70 9.10
C LEU A 491 36.83 -39.36 8.30
N ILE A 492 35.73 -40.05 8.62
CA ILE A 492 34.43 -39.76 8.03
C ILE A 492 33.51 -39.27 9.14
N PRO A 493 33.29 -37.96 9.28
CA PRO A 493 32.43 -37.46 10.35
C PRO A 493 30.97 -37.83 10.13
N GLU A 494 30.25 -37.92 11.25
CA GLU A 494 28.82 -38.20 11.18
C GLU A 494 28.06 -36.96 10.73
N GLY A 495 26.91 -37.17 10.11
CA GLY A 495 26.14 -36.09 9.53
C GLY A 495 26.40 -35.97 8.05
N PRO A 496 25.43 -35.41 7.32
CA PRO A 496 25.58 -35.32 5.85
C PRO A 496 26.61 -34.27 5.47
N ALA A 497 27.56 -34.67 4.63
CA ALA A 497 28.57 -33.75 4.14
C ALA A 497 27.98 -32.84 3.07
N LYS A 498 28.77 -31.86 2.63
CA LYS A 498 28.34 -30.95 1.60
C LYS A 498 28.24 -31.69 0.26
N PRO A 499 27.46 -31.16 -0.68
CA PRO A 499 27.45 -31.75 -2.03
C PRO A 499 28.83 -31.68 -2.66
N GLY A 500 29.17 -32.72 -3.41
CA GLY A 500 30.47 -32.79 -4.05
C GLY A 500 31.58 -33.41 -3.22
N PHE A 501 31.28 -33.84 -1.99
CA PHE A 501 32.26 -34.51 -1.14
C PHE A 501 31.87 -35.98 -1.01
N LEU A 502 32.83 -36.87 -1.24
CA LEU A 502 32.56 -38.29 -1.03
C LEU A 502 33.84 -38.97 -0.56
N TYR A 503 33.69 -40.25 -0.19
CA TYR A 503 34.76 -41.06 0.31
C TYR A 503 34.89 -42.31 -0.55
N THR A 504 36.12 -42.75 -0.79
CA THR A 504 36.38 -43.97 -1.55
C THR A 504 37.55 -44.71 -0.93
N ILE A 505 37.64 -46.00 -1.24
CA ILE A 505 38.74 -46.84 -0.79
C ILE A 505 39.36 -47.51 -2.00
N GLY A 506 40.68 -47.56 -2.04
CA GLY A 506 41.35 -48.17 -3.18
C GLY A 506 42.73 -48.64 -2.83
N LEU A 507 43.23 -49.58 -3.62
CA LEU A 507 44.59 -50.06 -3.46
C LEU A 507 45.55 -49.09 -4.14
N SER A 508 46.50 -48.56 -3.38
CA SER A 508 47.39 -47.54 -3.88
C SER A 508 48.40 -48.15 -4.86
N ASN A 509 49.35 -47.31 -5.27
CA ASN A 509 50.41 -47.75 -6.17
C ASN A 509 51.21 -48.91 -5.59
N LYS A 510 51.28 -49.03 -4.26
CA LYS A 510 51.88 -50.18 -3.62
C LYS A 510 50.89 -51.33 -3.44
N GLY A 511 49.64 -51.15 -3.82
CA GLY A 511 48.63 -52.18 -3.68
C GLY A 511 48.01 -52.30 -2.31
N MET A 512 48.29 -51.37 -1.40
CA MET A 512 47.72 -51.45 -0.06
C MET A 512 46.48 -50.57 0.03
N PRO A 513 45.49 -50.94 0.85
CA PRO A 513 44.23 -50.18 0.88
C PRO A 513 44.43 -48.80 1.49
N GLY A 514 43.67 -47.84 0.96
CA GLY A 514 43.74 -46.48 1.48
C GLY A 514 42.44 -45.74 1.19
N LEU A 515 42.12 -44.81 2.09
CA LEU A 515 40.91 -44.01 2.00
C LEU A 515 41.23 -42.64 1.40
N TYR A 516 40.40 -42.19 0.47
CA TYR A 516 40.56 -40.91 -0.20
C TYR A 516 39.25 -40.16 -0.19
N ARG A 517 39.30 -38.89 0.20
CA ARG A 517 38.15 -38.00 0.11
C ARG A 517 38.20 -37.22 -1.19
N LEU A 518 37.19 -37.40 -2.03
CA LEU A 518 37.09 -36.64 -3.27
C LEU A 518 36.22 -35.41 -3.01
N GLU A 519 36.77 -34.23 -3.32
CA GLU A 519 36.13 -32.96 -3.06
C GLU A 519 35.81 -32.31 -4.40
N LEU A 520 34.55 -31.96 -4.62
CA LEU A 520 34.16 -31.28 -5.85
C LEU A 520 33.70 -29.86 -5.53
N GLN A 521 34.32 -28.89 -6.20
CA GLN A 521 33.87 -27.51 -6.20
C GLN A 521 33.21 -27.21 -7.52
N VAL A 522 31.98 -26.69 -7.46
CA VAL A 522 31.18 -26.40 -8.64
C VAL A 522 31.01 -24.88 -8.72
N THR A 523 31.41 -24.30 -9.84
CA THR A 523 31.28 -22.88 -10.07
C THR A 523 30.61 -22.64 -11.41
N LYS A 524 30.07 -21.45 -11.59
CA LYS A 524 29.50 -21.09 -12.89
C LYS A 524 30.60 -20.86 -13.90
N GLY A 525 30.60 -21.63 -14.97
CA GLY A 525 31.66 -21.53 -15.96
C GLY A 525 31.33 -22.13 -17.31
N SER A 526 32.35 -22.64 -18.00
CA SER A 526 32.20 -23.19 -19.35
C SER A 526 32.48 -24.68 -19.41
N GLY A 527 32.15 -25.42 -18.36
CA GLY A 527 32.30 -26.86 -18.36
C GLY A 527 33.71 -27.37 -18.20
N LYS A 528 34.66 -26.51 -17.88
CA LYS A 528 36.04 -26.94 -17.72
C LYS A 528 36.21 -27.77 -16.46
N LEU A 529 37.19 -28.67 -16.48
CA LEU A 529 37.49 -29.55 -15.38
C LEU A 529 38.92 -29.29 -14.89
N ALA A 530 39.06 -29.08 -13.59
CA ALA A 530 40.36 -28.94 -12.95
C ALA A 530 40.51 -30.04 -11.91
N THR A 531 41.75 -30.40 -11.57
CA THR A 531 41.99 -31.43 -10.58
C THR A 531 43.25 -31.11 -9.79
N SER A 532 43.28 -31.60 -8.55
CA SER A 532 44.40 -31.33 -7.65
C SER A 532 44.49 -32.41 -6.59
N GLY A 533 45.65 -32.47 -5.95
CA GLY A 533 45.88 -33.38 -4.83
C GLY A 533 45.90 -34.84 -5.18
N LEU A 534 45.99 -35.19 -6.46
CA LEU A 534 45.89 -36.58 -6.90
C LEU A 534 47.24 -37.29 -6.87
N TRP A 535 48.24 -36.66 -6.25
CA TRP A 535 49.59 -37.21 -6.14
C TRP A 535 50.20 -37.46 -7.51
N ASN A 536 50.16 -36.42 -8.35
CA ASN A 536 50.85 -36.29 -9.63
C ASN A 536 50.97 -37.59 -10.42
N SER A 537 49.87 -38.30 -10.57
CA SER A 537 49.80 -39.55 -11.34
C SER A 537 48.95 -39.30 -12.57
N SER A 538 49.49 -39.62 -13.74
CA SER A 538 48.76 -39.43 -15.00
C SER A 538 47.54 -40.34 -15.06
N SER A 539 47.64 -41.52 -14.44
CA SER A 539 46.52 -42.46 -14.44
C SER A 539 45.30 -41.86 -13.75
N ALA A 540 45.51 -41.15 -12.64
CA ALA A 540 44.40 -40.51 -11.95
C ALA A 540 43.75 -39.44 -12.82
N LYS A 541 44.56 -38.64 -13.52
CA LYS A 541 44.03 -37.63 -14.41
C LYS A 541 43.22 -38.26 -15.54
N GLU A 542 43.72 -39.36 -16.10
CA GLU A 542 42.98 -40.04 -17.16
C GLU A 542 41.66 -40.61 -16.63
N GLN A 543 41.68 -41.17 -15.42
CA GLN A 543 40.45 -41.67 -14.82
C GLN A 543 39.43 -40.56 -14.65
N VAL A 544 39.87 -39.41 -14.12
CA VAL A 544 38.96 -38.28 -13.90
C VAL A 544 38.43 -37.76 -15.22
N LYS A 545 39.29 -37.68 -16.24
CA LYS A 545 38.84 -37.24 -17.56
C LYS A 545 37.80 -38.20 -18.15
N ILE A 546 38.03 -39.51 -18.01
CA ILE A 546 37.07 -40.49 -18.50
C ILE A 546 35.73 -40.32 -17.79
N ALA A 547 35.77 -40.15 -16.47
CA ALA A 547 34.54 -39.98 -15.71
C ALA A 547 33.80 -38.71 -16.13
N PHE A 548 34.53 -37.61 -16.32
CA PHE A 548 33.88 -36.36 -16.70
C PHE A 548 33.31 -36.44 -18.11
N ASP A 549 34.00 -37.14 -19.01
CA ASP A 549 33.46 -37.33 -20.36
C ASP A 549 32.19 -38.18 -20.33
N TYR A 550 32.17 -39.22 -19.50
CA TYR A 550 30.95 -40.02 -19.34
C TYR A 550 29.83 -39.18 -18.75
N PHE A 551 30.18 -38.25 -17.84
CA PHE A 551 29.19 -37.32 -17.32
C PHE A 551 28.65 -36.42 -18.43
N LYS A 552 29.53 -35.97 -19.32
CA LYS A 552 29.13 -35.18 -20.48
C LYS A 552 28.14 -35.95 -21.34
N ALA A 553 28.44 -37.21 -21.62
CA ALA A 553 27.59 -37.99 -22.51
C ALA A 553 26.22 -38.28 -21.89
N ASN A 554 26.18 -38.57 -20.59
CA ASN A 554 24.96 -39.01 -19.93
C ASN A 554 24.41 -37.97 -18.96
N ALA A 555 24.45 -36.68 -19.33
CA ALA A 555 23.91 -35.65 -18.45
C ALA A 555 22.41 -35.80 -18.28
N SER A 556 21.69 -36.14 -19.36
CA SER A 556 20.23 -36.22 -19.29
C SER A 556 19.77 -37.35 -18.37
N ARG A 557 20.44 -38.50 -18.40
CA ARG A 557 20.02 -39.63 -17.58
C ARG A 557 20.19 -39.36 -16.09
N ILE A 558 21.27 -38.69 -15.69
CA ILE A 558 21.61 -38.53 -14.29
C ILE A 558 21.11 -37.20 -13.73
N SER A 559 21.47 -36.09 -14.36
CA SER A 559 21.08 -34.77 -13.90
C SER A 559 19.62 -34.45 -14.16
N GLY A 560 19.06 -34.94 -15.26
CA GLY A 560 17.65 -34.73 -15.55
C GLY A 560 17.28 -33.31 -15.88
N GLY A 561 18.23 -32.53 -16.39
CA GLY A 561 17.93 -31.17 -16.80
C GLY A 561 19.02 -30.17 -16.51
N SER A 562 20.00 -30.55 -15.69
CA SER A 562 21.12 -29.66 -15.38
C SER A 562 22.14 -29.71 -16.51
N LYS A 563 22.61 -28.54 -16.92
CA LYS A 563 23.57 -28.44 -18.03
C LYS A 563 24.99 -28.42 -17.48
N VAL A 564 25.76 -29.47 -17.80
CA VAL A 564 27.12 -29.56 -17.30
C VAL A 564 28.01 -28.49 -17.93
N MET A 565 27.75 -28.16 -19.20
CA MET A 565 28.53 -27.16 -19.92
C MET A 565 28.52 -25.79 -19.26
N GLU A 566 27.49 -25.45 -18.49
CA GLU A 566 27.39 -24.14 -17.87
C GLU A 566 28.05 -24.08 -16.51
N HIS A 567 28.69 -25.17 -16.06
CA HIS A 567 29.35 -25.22 -14.77
C HIS A 567 30.74 -25.80 -14.91
N ASP A 568 31.72 -25.11 -14.32
CA ASP A 568 33.08 -25.62 -14.20
C ASP A 568 33.21 -26.38 -12.89
N PHE A 569 34.04 -27.42 -12.92
CA PHE A 569 34.20 -28.33 -11.78
C PHE A 569 35.68 -28.43 -11.44
N HIS A 570 35.96 -28.56 -10.14
CA HIS A 570 37.30 -28.87 -9.65
C HIS A 570 37.20 -30.09 -8.75
N LEU A 571 38.01 -31.11 -9.03
CA LEU A 571 38.07 -32.31 -8.21
C LEU A 571 39.42 -32.36 -7.50
N HIS A 572 39.38 -32.52 -6.18
CA HIS A 572 40.57 -32.60 -5.36
C HIS A 572 40.59 -33.92 -4.62
N VAL A 573 41.78 -34.48 -4.46
CA VAL A 573 41.97 -35.75 -3.76
C VAL A 573 42.62 -35.47 -2.42
N VAL A 574 41.97 -35.91 -1.35
CA VAL A 574 42.47 -35.74 0.01
C VAL A 574 42.85 -37.12 0.53
N GLU A 575 44.15 -37.36 0.67
CA GLU A 575 44.61 -38.63 1.20
C GLU A 575 44.69 -38.54 2.72
N LEU A 576 43.83 -39.29 3.40
CA LEU A 576 43.71 -39.20 4.85
C LEU A 576 44.55 -40.24 5.58
N GLN A 577 45.20 -41.16 4.87
CA GLN A 577 45.94 -42.23 5.51
C GLN A 577 47.38 -42.36 5.02
N ASN A 578 47.82 -41.52 4.07
CA ASN A 578 49.17 -41.58 3.54
C ASN A 578 49.51 -42.97 3.01
N THR A 579 48.54 -43.60 2.31
CA THR A 579 48.74 -44.95 1.81
C THR A 579 49.40 -44.97 0.44
N GLY A 580 49.46 -43.84 -0.24
CA GLY A 580 50.03 -43.79 -1.57
C GLY A 580 49.01 -43.38 -2.61
N PRO A 581 49.48 -42.95 -3.79
CA PRO A 581 48.56 -42.52 -4.84
C PRO A 581 47.66 -43.66 -5.30
N LEU A 582 46.41 -43.32 -5.59
CA LEU A 582 45.43 -44.28 -6.07
C LEU A 582 45.30 -44.18 -7.58
N SER A 583 45.09 -45.33 -8.23
CA SER A 583 45.01 -45.38 -9.68
C SER A 583 43.56 -45.31 -10.18
N HIS A 584 42.68 -46.16 -9.66
CA HIS A 584 41.31 -46.24 -10.14
C HIS A 584 40.48 -45.16 -9.45
N LEU A 585 39.98 -44.20 -10.24
CA LEU A 585 39.23 -43.08 -9.70
C LEU A 585 38.03 -42.64 -10.53
N ALA A 586 37.61 -43.42 -11.53
CA ALA A 586 36.54 -42.95 -12.41
C ALA A 586 35.19 -42.91 -11.69
N LEU A 587 34.84 -43.99 -11.01
CA LEU A 587 33.54 -44.04 -10.32
C LEU A 587 33.39 -42.97 -9.24
N PRO A 588 34.35 -42.78 -8.31
CA PRO A 588 34.19 -41.67 -7.37
C PRO A 588 34.13 -40.32 -8.04
N SER A 589 34.88 -40.12 -9.12
CA SER A 589 34.81 -38.86 -9.85
C SER A 589 33.42 -38.62 -10.41
N LEU A 590 32.82 -39.66 -11.01
CA LEU A 590 31.47 -39.52 -11.56
C LEU A 590 30.46 -39.25 -10.46
N VAL A 591 30.57 -39.95 -9.33
CA VAL A 591 29.64 -39.73 -8.24
C VAL A 591 29.76 -38.30 -7.73
N ALA A 592 30.99 -37.80 -7.59
CA ALA A 592 31.20 -36.43 -7.14
C ALA A 592 30.61 -35.43 -8.13
N PHE A 593 30.84 -35.64 -9.42
CA PHE A 593 30.31 -34.74 -10.42
C PHE A 593 28.78 -34.69 -10.36
N ALA A 594 28.15 -35.86 -10.29
CA ALA A 594 26.70 -35.93 -10.25
C ALA A 594 26.15 -35.25 -9.00
N SER A 595 26.77 -35.51 -7.85
CA SER A 595 26.30 -34.92 -6.60
C SER A 595 26.46 -33.40 -6.61
N GLY A 596 27.61 -32.93 -7.11
CA GLY A 596 27.84 -31.49 -7.13
C GLY A 596 26.93 -30.76 -8.10
N LEU A 597 26.70 -31.34 -9.28
CA LEU A 597 25.84 -30.68 -10.26
C LEU A 597 24.39 -30.60 -9.76
N LEU A 598 23.90 -31.67 -9.15
CA LEU A 598 22.52 -31.69 -8.66
C LEU A 598 22.32 -30.91 -7.38
N GLY A 599 23.40 -30.57 -6.68
CA GLY A 599 23.25 -29.93 -5.38
C GLY A 599 22.72 -30.85 -4.31
N ARG A 600 22.66 -32.15 -4.58
CA ARG A 600 22.18 -33.15 -3.62
C ARG A 600 23.38 -33.82 -2.97
N SER A 601 23.47 -33.70 -1.65
CA SER A 601 24.62 -34.21 -0.93
C SER A 601 24.70 -35.72 -1.02
N VAL A 602 25.93 -36.24 -1.09
CA VAL A 602 26.13 -37.66 -0.85
C VAL A 602 25.71 -37.96 0.58
N GLN A 603 24.93 -39.02 0.76
CA GLN A 603 24.34 -39.32 2.06
C GLN A 603 25.42 -39.58 3.09
N SER A 604 25.04 -39.51 4.36
CA SER A 604 25.98 -39.71 5.44
C SER A 604 26.60 -41.10 5.40
N GLN A 605 27.92 -41.15 5.55
CA GLN A 605 28.65 -42.38 5.88
C GLN A 605 28.53 -43.45 4.81
N MET A 606 28.93 -43.13 3.57
CA MET A 606 29.09 -44.13 2.52
C MET A 606 30.48 -44.08 1.91
N VAL A 607 30.90 -45.20 1.34
CA VAL A 607 32.15 -45.30 0.59
C VAL A 607 31.81 -45.80 -0.81
N VAL A 608 32.34 -45.12 -1.82
CA VAL A 608 32.13 -45.50 -3.22
C VAL A 608 33.29 -46.39 -3.64
N LEU A 609 32.96 -47.60 -4.09
CA LEU A 609 33.96 -48.60 -4.43
C LEU A 609 33.90 -48.94 -5.92
N GLY A 610 34.97 -49.55 -6.40
CA GLY A 610 35.05 -50.03 -7.76
C GLY A 610 35.49 -48.94 -8.73
N ASP A 611 35.66 -49.35 -9.98
CA ASP A 611 36.01 -48.44 -11.06
C ASP A 611 35.10 -48.71 -12.25
N MET A 612 34.97 -47.70 -13.11
CA MET A 612 34.14 -47.82 -14.30
C MET A 612 34.99 -47.53 -15.53
N SER A 613 34.67 -48.21 -16.62
CA SER A 613 35.32 -47.98 -17.90
C SER A 613 34.56 -46.91 -18.69
N LEU A 614 35.19 -46.46 -19.77
CA LEU A 614 34.54 -45.47 -20.64
C LEU A 614 33.27 -46.05 -21.27
N GLY A 615 33.18 -47.37 -21.40
CA GLY A 615 31.99 -48.02 -21.90
C GLY A 615 30.93 -48.29 -20.86
N GLY A 616 31.12 -47.82 -19.64
CA GLY A 616 30.16 -48.04 -18.58
C GLY A 616 30.32 -49.33 -17.81
N SER A 617 31.33 -50.14 -18.14
CA SER A 617 31.54 -51.39 -17.44
C SER A 617 32.23 -51.14 -16.10
N VAL A 618 31.61 -51.64 -15.03
CA VAL A 618 32.14 -51.50 -13.68
C VAL A 618 33.03 -52.70 -13.37
N THR A 619 34.06 -52.47 -12.56
CA THR A 619 35.04 -53.50 -12.26
C THR A 619 34.91 -53.98 -10.82
N PRO A 620 35.25 -55.24 -10.55
CA PRO A 620 35.18 -55.73 -9.16
C PRO A 620 36.23 -55.06 -8.29
N VAL A 621 35.92 -54.99 -7.00
CA VAL A 621 36.84 -54.38 -6.04
C VAL A 621 37.80 -55.44 -5.52
N GLU A 622 39.07 -55.31 -5.90
CA GLU A 622 40.09 -56.21 -5.38
C GLU A 622 40.38 -55.87 -3.92
N SER A 623 40.71 -56.91 -3.14
CA SER A 623 40.83 -56.80 -1.69
C SER A 623 39.52 -56.28 -1.09
N ILE A 624 38.42 -56.91 -1.50
CA ILE A 624 37.10 -56.46 -1.09
C ILE A 624 36.92 -56.57 0.42
N ALA A 625 37.37 -57.69 1.01
CA ALA A 625 37.31 -57.82 2.46
C ALA A 625 38.20 -56.78 3.13
N GLU A 626 39.40 -56.55 2.59
CA GLU A 626 40.27 -55.53 3.12
C GLU A 626 39.66 -54.13 2.97
N CYS A 627 39.00 -53.88 1.85
CA CYS A 627 38.34 -52.59 1.65
C CYS A 627 37.23 -52.38 2.67
N LEU A 628 36.43 -53.42 2.91
CA LEU A 628 35.36 -53.30 3.89
C LEU A 628 35.92 -53.14 5.31
N GLN A 629 37.03 -53.81 5.60
CA GLN A 629 37.69 -53.61 6.89
C GLN A 629 38.17 -52.17 7.05
N VAL A 630 38.72 -51.60 5.97
CA VAL A 630 39.15 -50.20 6.01
C VAL A 630 37.95 -49.29 6.24
N ALA A 631 36.84 -49.54 5.55
CA ALA A 631 35.64 -48.73 5.73
C ALA A 631 35.12 -48.83 7.15
N PHE A 632 35.15 -50.03 7.72
CA PHE A 632 34.76 -50.19 9.12
C PHE A 632 35.68 -49.40 10.04
N ASP A 633 36.98 -49.43 9.77
CA ASP A 633 37.91 -48.66 10.58
C ASP A 633 37.82 -47.17 10.27
N ALA A 634 37.48 -46.82 9.03
CA ALA A 634 37.34 -45.43 8.65
C ALA A 634 36.08 -44.77 9.20
N GLY A 635 35.17 -45.54 9.78
CA GLY A 635 33.97 -44.99 10.36
C GLY A 635 32.74 -45.03 9.48
N ALA A 636 32.79 -45.71 8.34
CA ALA A 636 31.65 -45.78 7.45
C ALA A 636 30.60 -46.75 7.99
N LYS A 637 29.34 -46.52 7.62
CA LYS A 637 28.25 -47.39 8.04
C LYS A 637 27.56 -48.12 6.90
N LYS A 638 27.68 -47.65 5.66
CA LYS A 638 27.06 -48.28 4.51
C LYS A 638 27.98 -48.16 3.31
N VAL A 639 28.00 -49.19 2.47
CA VAL A 639 28.87 -49.22 1.29
C VAL A 639 28.02 -49.53 0.06
N ALA A 640 28.30 -48.83 -1.03
CA ALA A 640 27.70 -49.11 -2.33
C ALA A 640 28.70 -49.93 -3.14
N LEU A 641 28.30 -51.14 -3.53
CA LEU A 641 29.23 -52.09 -4.11
C LEU A 641 28.63 -52.71 -5.37
N PRO A 642 29.42 -52.87 -6.44
CA PRO A 642 28.86 -53.42 -7.68
C PRO A 642 28.51 -54.90 -7.54
N MET A 643 27.59 -55.36 -8.40
CA MET A 643 27.25 -56.77 -8.42
C MET A 643 28.41 -57.62 -8.91
N SER A 644 29.37 -57.01 -9.61
CA SER A 644 30.58 -57.73 -10.00
C SER A 644 31.36 -58.21 -8.78
N SER A 645 31.31 -57.45 -7.69
CA SER A 645 31.90 -57.87 -6.42
C SER A 645 30.96 -58.76 -5.61
N ALA A 646 29.76 -59.01 -6.11
CA ALA A 646 28.81 -59.87 -5.40
C ALA A 646 29.36 -61.28 -5.23
N ALA A 647 30.01 -61.81 -6.28
CA ALA A 647 30.64 -63.12 -6.15
C ALA A 647 31.75 -63.12 -5.10
N ASP A 648 32.24 -61.93 -4.74
CA ASP A 648 33.25 -61.80 -3.69
C ASP A 648 32.65 -61.60 -2.31
N ILE A 649 31.32 -61.60 -2.19
CA ILE A 649 30.70 -61.48 -0.87
C ILE A 649 31.09 -62.61 0.07
N PRO A 650 31.08 -63.89 -0.34
CA PRO A 650 31.37 -64.96 0.64
C PRO A 650 32.73 -64.85 1.31
N THR A 651 33.75 -64.35 0.63
CA THR A 651 35.07 -64.25 1.25
C THR A 651 35.14 -63.17 2.31
N ILE A 652 34.15 -62.30 2.39
CA ILE A 652 34.09 -61.26 3.42
C ILE A 652 33.64 -61.90 4.73
N PRO A 653 34.31 -61.60 5.85
CA PRO A 653 33.85 -62.13 7.14
C PRO A 653 32.41 -61.70 7.43
N VAL A 654 31.63 -62.65 7.95
CA VAL A 654 30.21 -62.39 8.18
C VAL A 654 30.02 -61.28 9.20
N GLU A 655 30.75 -61.35 10.32
CA GLU A 655 30.62 -60.32 11.34
C GLU A 655 31.03 -58.96 10.83
N LEU A 656 32.08 -58.90 10.01
CA LEU A 656 32.50 -57.64 9.41
C LEU A 656 31.54 -57.18 8.33
N PHE A 657 31.04 -58.13 7.52
CA PHE A 657 30.14 -57.78 6.42
C PHE A 657 28.83 -57.21 6.94
N THR A 658 28.29 -57.78 8.02
CA THR A 658 27.00 -57.35 8.54
C THR A 658 27.02 -55.93 9.08
N LYS A 659 28.20 -55.35 9.34
CA LYS A 659 28.28 -54.01 9.89
C LYS A 659 27.88 -52.92 8.91
N PHE A 660 27.72 -53.25 7.63
CA PHE A 660 27.42 -52.28 6.59
C PHE A 660 26.03 -52.53 6.04
N GLN A 661 25.22 -51.48 6.02
CA GLN A 661 23.88 -51.52 5.42
C GLN A 661 24.05 -51.49 3.91
N THR A 662 24.53 -52.60 3.36
CA THR A 662 25.12 -52.64 2.02
C THR A 662 24.04 -52.52 0.94
N SER A 663 24.29 -51.64 -0.03
CA SER A 663 23.43 -51.47 -1.20
C SER A 663 24.29 -51.76 -2.44
N PHE A 664 23.73 -52.52 -3.39
CA PHE A 664 24.43 -52.88 -4.62
C PHE A 664 23.84 -52.09 -5.78
N TYR A 665 24.71 -51.54 -6.61
CA TYR A 665 24.27 -50.84 -7.81
C TYR A 665 24.44 -51.74 -9.04
N ALA A 666 24.07 -51.20 -10.20
CA ALA A 666 24.18 -51.93 -11.46
C ALA A 666 25.18 -51.31 -12.42
N ASP A 667 25.01 -50.03 -12.77
CA ASP A 667 25.89 -49.36 -13.71
C ASP A 667 26.33 -48.03 -13.09
N PRO A 668 27.21 -47.25 -13.74
CA PRO A 668 27.56 -45.95 -13.17
C PRO A 668 26.37 -45.06 -12.89
N VAL A 669 25.34 -45.09 -13.72
CA VAL A 669 24.14 -44.31 -13.43
C VAL A 669 23.43 -44.86 -12.19
N ASP A 670 23.31 -46.18 -12.09
CA ASP A 670 22.73 -46.77 -10.89
C ASP A 670 23.62 -46.57 -9.67
N ALA A 671 24.94 -46.56 -9.88
CA ALA A 671 25.85 -46.23 -8.79
C ALA A 671 25.59 -44.81 -8.28
N VAL A 672 25.40 -43.87 -9.20
CA VAL A 672 25.08 -42.49 -8.82
C VAL A 672 23.77 -42.46 -8.04
N PHE A 673 22.75 -43.16 -8.53
CA PHE A 673 21.45 -43.13 -7.87
C PHE A 673 21.52 -43.75 -6.48
N LYS A 674 22.25 -44.86 -6.34
CA LYS A 674 22.41 -45.46 -5.01
C LYS A 674 23.18 -44.55 -4.07
N GLY A 675 24.17 -43.82 -4.60
CA GLY A 675 24.89 -42.88 -3.77
C GLY A 675 24.02 -41.71 -3.32
N LEU A 676 23.22 -41.16 -4.22
CA LEU A 676 22.38 -40.02 -3.88
C LEU A 676 21.15 -40.40 -3.08
N GLY A 677 20.55 -41.55 -3.36
CA GLY A 677 19.35 -41.98 -2.66
C GLY A 677 18.08 -41.88 -3.48
N GLU B 2 70.74 -33.81 -23.00
CA GLU B 2 70.97 -32.40 -23.28
C GLU B 2 71.92 -31.81 -22.25
N SER B 3 72.11 -32.53 -21.13
CA SER B 3 73.08 -32.11 -20.13
C SER B 3 74.48 -32.09 -20.71
N ALA B 4 74.82 -33.08 -21.54
CA ALA B 4 76.07 -33.01 -22.29
C ALA B 4 76.09 -31.80 -23.21
N ASN B 5 75.00 -31.57 -23.94
CA ASN B 5 74.88 -30.37 -24.75
C ASN B 5 74.97 -29.12 -23.88
N ASP B 6 74.43 -29.19 -22.66
CA ASP B 6 74.63 -28.13 -21.70
C ASP B 6 76.10 -27.92 -21.39
N LYS B 7 76.90 -28.98 -21.38
CA LYS B 7 78.32 -28.84 -21.08
C LYS B 7 79.09 -28.26 -22.27
N GLU B 8 78.72 -28.64 -23.50
CA GLU B 8 79.28 -27.93 -24.64
C GLU B 8 78.89 -26.45 -24.63
N LEU B 9 77.66 -26.16 -24.20
CA LEU B 9 77.27 -24.76 -24.02
C LEU B 9 78.16 -24.08 -22.98
N ASP B 10 78.45 -24.78 -21.89
CA ASP B 10 79.29 -24.27 -20.82
C ASP B 10 80.69 -23.93 -21.32
N GLN B 11 81.28 -24.84 -22.09
CA GLN B 11 82.61 -24.59 -22.61
C GLN B 11 82.62 -23.55 -23.72
N LEU B 12 81.54 -23.45 -24.50
CA LEU B 12 81.43 -22.35 -25.46
C LEU B 12 81.39 -21.01 -24.74
N LEU B 13 80.70 -20.96 -23.60
CA LEU B 13 80.80 -19.80 -22.73
C LEU B 13 82.26 -19.55 -22.35
N ASN B 14 82.86 -20.52 -21.64
CA ASN B 14 84.19 -20.36 -21.07
C ASN B 14 85.26 -19.99 -22.09
N GLU B 15 85.10 -20.44 -23.34
CA GLU B 15 86.02 -20.04 -24.39
C GLU B 15 85.98 -18.54 -24.63
N HIS B 16 84.78 -17.96 -24.65
CA HIS B 16 84.60 -16.55 -24.96
C HIS B 16 84.09 -15.80 -23.72
N PHE B 17 83.02 -16.28 -23.10
CA PHE B 17 82.57 -15.68 -21.85
C PHE B 17 83.42 -16.19 -20.70
N ALA B 18 84.25 -15.30 -20.14
CA ALA B 18 85.11 -15.63 -19.02
C ALA B 18 84.25 -15.66 -17.75
N GLY B 19 84.89 -15.50 -16.59
CA GLY B 19 84.22 -15.59 -15.31
C GLY B 19 82.89 -14.87 -15.21
N ARG B 20 82.59 -14.02 -16.20
CA ARG B 20 81.28 -13.37 -16.31
C ARG B 20 80.13 -14.37 -16.44
N VAL B 21 80.42 -15.66 -16.43
CA VAL B 21 79.40 -16.71 -16.32
C VAL B 21 79.53 -17.37 -14.95
N VAL B 22 78.38 -17.59 -14.31
CA VAL B 22 78.34 -18.15 -12.97
C VAL B 22 77.26 -19.20 -12.92
N ARG B 23 77.33 -20.08 -11.92
CA ARG B 23 76.28 -21.07 -11.66
C ARG B 23 75.20 -20.40 -10.84
N LYS B 24 73.96 -20.44 -11.34
CA LYS B 24 72.88 -19.68 -10.72
C LYS B 24 72.56 -20.19 -9.32
N ASP B 25 72.53 -21.52 -9.14
CA ASP B 25 72.10 -22.09 -7.88
C ASP B 25 72.91 -21.57 -6.69
N LEU B 26 74.20 -21.33 -6.90
CA LEU B 26 75.04 -20.86 -5.80
C LEU B 26 74.57 -19.54 -5.24
N THR B 27 74.03 -18.66 -6.09
CA THR B 27 73.48 -17.41 -5.59
C THR B 27 72.31 -17.67 -4.65
N LYS B 28 71.47 -18.66 -4.98
CA LYS B 28 70.37 -19.03 -4.09
C LYS B 28 70.89 -19.50 -2.75
N LEU B 29 72.18 -19.89 -2.68
CA LEU B 29 72.78 -20.31 -1.44
C LEU B 29 73.27 -19.14 -0.60
N ILE B 30 73.53 -17.99 -1.22
CA ILE B 30 74.05 -16.84 -0.50
C ILE B 30 72.94 -15.84 -0.16
N LYS B 31 72.00 -15.65 -1.09
CA LYS B 31 70.98 -14.62 -0.91
C LYS B 31 69.97 -15.09 0.14
N GLU B 32 70.39 -15.04 1.41
CA GLU B 32 69.55 -15.38 2.54
C GLU B 32 69.25 -14.15 3.37
N GLY B 33 69.45 -12.97 2.79
CA GLY B 33 69.39 -11.72 3.53
C GLY B 33 70.65 -10.91 3.34
N ALA B 34 71.47 -11.31 2.37
CA ALA B 34 72.67 -10.56 2.03
C ALA B 34 72.27 -9.16 1.60
N ASN B 35 72.85 -8.15 2.26
CA ASN B 35 72.37 -6.78 2.10
C ASN B 35 72.76 -6.17 0.76
N VAL B 36 73.89 -6.61 0.21
CA VAL B 36 74.32 -6.13 -1.11
C VAL B 36 73.36 -6.67 -2.15
N PRO B 37 73.21 -6.00 -3.30
CA PRO B 37 72.27 -6.49 -4.33
C PRO B 37 72.76 -7.80 -4.94
N VAL B 38 71.87 -8.41 -5.72
CA VAL B 38 72.13 -9.73 -6.26
C VAL B 38 73.34 -9.72 -7.19
N TYR B 39 73.43 -8.72 -8.07
CA TYR B 39 74.52 -8.71 -9.06
C TYR B 39 75.87 -8.56 -8.38
N VAL B 40 75.90 -7.89 -7.23
CA VAL B 40 77.13 -7.81 -6.44
C VAL B 40 77.57 -9.20 -6.01
N LEU B 41 76.62 -9.97 -5.47
CA LEU B 41 76.93 -11.34 -5.05
C LEU B 41 77.39 -12.17 -6.23
N GLU B 42 76.73 -12.03 -7.37
CA GLU B 42 77.11 -12.80 -8.55
C GLU B 42 78.51 -12.47 -9.00
N TYR B 43 78.86 -11.18 -9.06
CA TYR B 43 80.20 -10.81 -9.48
C TYR B 43 81.25 -11.34 -8.51
N LEU B 44 81.00 -11.21 -7.21
CA LEU B 44 81.96 -11.70 -6.23
C LEU B 44 82.14 -13.21 -6.35
N LEU B 45 81.03 -13.94 -6.47
CA LEU B 45 81.10 -15.40 -6.56
C LEU B 45 81.84 -15.81 -7.83
N GLY B 46 81.59 -15.13 -8.94
CA GLY B 46 82.30 -15.45 -10.16
C GLY B 46 83.78 -15.20 -10.07
N MET B 47 84.18 -14.08 -9.45
CA MET B 47 85.60 -13.79 -9.34
C MET B 47 86.28 -14.59 -8.22
N TYR B 48 85.51 -15.28 -7.38
CA TYR B 48 86.05 -16.27 -6.45
C TYR B 48 85.71 -17.71 -6.81
N CYS B 49 85.19 -17.96 -8.02
CA CYS B 49 84.96 -19.32 -8.49
C CYS B 49 86.00 -19.65 -9.55
N ALA B 50 86.97 -20.50 -9.20
CA ALA B 50 88.07 -20.79 -10.09
C ALA B 50 87.75 -21.88 -11.13
N SER B 51 87.47 -23.10 -10.67
CA SER B 51 87.38 -24.25 -11.56
C SER B 51 86.19 -25.15 -11.27
N ASP B 52 85.21 -24.70 -10.49
CA ASP B 52 83.97 -25.42 -10.22
C ASP B 52 84.20 -26.75 -9.49
N ASP B 53 85.30 -26.89 -8.78
CA ASP B 53 85.48 -28.05 -7.92
C ASP B 53 84.60 -27.89 -6.68
N PRO B 54 83.87 -28.93 -6.26
CA PRO B 54 82.95 -28.80 -5.13
C PRO B 54 83.61 -28.24 -3.88
N GLU B 55 84.83 -28.69 -3.60
CA GLU B 55 85.59 -28.12 -2.50
C GLU B 55 85.94 -26.66 -2.78
N ILE B 56 86.28 -26.35 -4.04
CA ILE B 56 86.56 -24.97 -4.40
C ILE B 56 85.30 -24.12 -4.30
N ILE B 57 84.16 -24.70 -4.69
CA ILE B 57 82.89 -23.99 -4.53
C ILE B 57 82.62 -23.66 -3.07
N GLU B 58 82.78 -24.64 -2.18
CA GLU B 58 82.52 -24.38 -0.77
C GLU B 58 83.51 -23.36 -0.22
N GLN B 59 84.78 -23.47 -0.61
CA GLN B 59 85.79 -22.53 -0.15
C GLN B 59 85.47 -21.11 -0.60
N GLY B 60 85.14 -20.92 -1.88
CA GLY B 60 84.80 -19.60 -2.37
C GLY B 60 83.53 -19.06 -1.76
N LEU B 61 82.54 -19.93 -1.52
CA LEU B 61 81.32 -19.52 -0.87
C LEU B 61 81.61 -18.98 0.52
N ARG B 62 82.42 -19.70 1.29
CA ARG B 62 82.79 -19.24 2.62
C ARG B 62 83.59 -17.95 2.55
N ASN B 63 84.47 -17.83 1.55
CA ASN B 63 85.26 -16.61 1.41
C ASN B 63 84.35 -15.41 1.14
N VAL B 64 83.37 -15.57 0.26
CA VAL B 64 82.45 -14.48 -0.06
C VAL B 64 81.63 -14.11 1.18
N LYS B 65 81.11 -15.10 1.89
CA LYS B 65 80.36 -14.80 3.11
C LYS B 65 81.22 -14.11 4.14
N THR B 66 82.48 -14.54 4.27
CA THR B 66 83.40 -13.92 5.22
C THR B 66 83.64 -12.46 4.86
N VAL B 67 83.88 -12.18 3.58
CA VAL B 67 84.12 -10.80 3.16
C VAL B 67 82.89 -9.94 3.41
N LEU B 68 81.71 -10.47 3.07
CA LEU B 68 80.47 -9.70 3.27
C LEU B 68 80.25 -9.40 4.75
N ALA B 69 80.41 -10.40 5.61
CA ALA B 69 80.21 -10.20 7.04
C ALA B 69 81.29 -9.35 7.68
N GLU B 70 82.48 -9.28 7.08
CA GLU B 70 83.56 -8.47 7.63
C GLU B 70 83.41 -7.00 7.25
N ASN B 71 83.33 -6.71 5.96
CA ASN B 71 83.54 -5.36 5.47
C ASN B 71 82.25 -4.57 5.26
N TYR B 72 81.11 -5.13 5.62
CA TYR B 72 79.87 -4.37 5.48
C TYR B 72 79.65 -3.47 6.69
N VAL B 73 78.97 -2.35 6.46
CA VAL B 73 78.67 -1.38 7.51
C VAL B 73 77.16 -1.11 7.46
N ARG B 74 76.50 -1.24 8.60
CA ARG B 74 75.09 -0.90 8.71
C ARG B 74 74.95 0.62 8.70
N PRO B 75 73.80 1.16 8.27
CA PRO B 75 73.62 2.61 8.24
C PRO B 75 73.83 3.26 9.60
N ASP B 76 73.17 2.75 10.63
CA ASP B 76 73.24 3.35 11.95
C ASP B 76 74.64 3.27 12.52
N GLU B 77 75.43 2.29 12.08
CA GLU B 77 76.81 2.18 12.54
C GLU B 77 77.75 3.11 11.81
N ALA B 78 77.24 3.95 10.91
CA ALA B 78 78.10 4.79 10.09
C ALA B 78 79.06 5.60 10.96
N GLU B 79 78.53 6.33 11.95
CA GLU B 79 79.39 7.11 12.81
C GLU B 79 80.50 6.25 13.40
N LYS B 80 80.16 5.05 13.87
CA LYS B 80 81.17 4.16 14.42
C LYS B 80 82.33 3.99 13.47
N VAL B 81 82.05 3.67 12.20
CA VAL B 81 83.14 3.35 11.30
C VAL B 81 84.04 4.57 11.12
N LYS B 82 83.45 5.77 11.13
CA LYS B 82 84.26 6.97 11.02
C LYS B 82 85.30 7.01 12.13
N SER B 83 84.87 6.73 13.36
CA SER B 83 85.81 6.69 14.48
C SER B 83 86.90 5.66 14.22
N LEU B 84 86.53 4.49 13.69
CA LEU B 84 87.53 3.48 13.41
C LEU B 84 88.54 3.98 12.38
N VAL B 85 88.09 4.79 11.42
CA VAL B 85 89.04 5.40 10.50
C VAL B 85 89.94 6.38 11.24
N ARG B 86 89.35 7.16 12.14
CA ARG B 86 90.12 8.17 12.87
C ARG B 86 91.13 7.52 13.82
N GLU B 87 90.72 6.43 14.47
CA GLU B 87 91.61 5.76 15.40
C GLU B 87 92.70 4.97 14.69
N ARG B 88 92.33 4.13 13.73
CA ARG B 88 93.27 3.21 13.10
C ARG B 88 94.02 3.82 11.93
N GLY B 89 93.52 4.90 11.34
CA GLY B 89 94.19 5.52 10.22
C GLY B 89 93.80 4.92 8.88
N SER B 90 93.18 3.74 8.91
CA SER B 90 92.73 3.08 7.70
C SER B 90 91.66 2.05 8.05
N TYR B 91 90.71 1.89 7.14
CA TYR B 91 89.64 0.91 7.35
C TYR B 91 89.03 0.53 6.01
N LYS B 92 88.75 -0.76 5.84
CA LYS B 92 88.14 -1.27 4.62
C LYS B 92 86.62 -1.24 4.76
N VAL B 93 85.93 -0.90 3.69
CA VAL B 93 84.47 -0.78 3.70
C VAL B 93 83.90 -1.16 2.35
N ILE B 94 82.75 -1.82 2.37
CA ILE B 94 81.98 -2.16 1.19
C ILE B 94 80.84 -1.17 1.09
N ASP B 95 80.83 -0.32 0.06
CA ASP B 95 79.79 0.68 -0.04
C ASP B 95 79.68 1.17 -1.47
N ARG B 96 78.58 1.85 -1.76
CA ARG B 96 78.30 2.39 -3.09
C ARG B 96 78.83 3.81 -3.18
N VAL B 97 79.83 4.03 -4.02
CA VAL B 97 80.54 5.30 -4.11
C VAL B 97 80.15 5.99 -5.41
N THR B 98 79.89 7.29 -5.32
CA THR B 98 79.70 8.14 -6.49
C THR B 98 80.70 9.28 -6.46
N VAL B 99 81.34 9.53 -7.59
CA VAL B 99 82.42 10.51 -7.66
C VAL B 99 81.94 11.74 -8.41
N LYS B 100 82.29 12.91 -7.88
CA LYS B 100 81.98 14.19 -8.48
C LYS B 100 83.25 15.00 -8.60
N LEU B 101 83.23 15.99 -9.50
CA LEU B 101 84.37 16.87 -9.68
C LEU B 101 84.07 18.23 -9.05
N ASN B 102 84.87 18.62 -8.07
CA ASN B 102 84.77 19.95 -7.48
C ASN B 102 85.71 20.86 -8.24
N GLU B 103 85.14 21.69 -9.11
CA GLU B 103 85.94 22.63 -9.87
C GLU B 103 86.40 23.79 -9.00
N ARG B 104 85.66 24.11 -7.94
CA ARG B 104 86.07 25.18 -7.04
C ARG B 104 87.38 24.85 -6.35
N LYS B 105 87.55 23.60 -5.90
CA LYS B 105 88.82 23.14 -5.35
C LYS B 105 89.64 22.36 -6.37
N ASP B 106 89.08 22.05 -7.54
CA ASP B 106 89.78 21.32 -8.59
C ASP B 106 90.27 19.97 -8.09
N LYS B 107 89.34 19.11 -7.69
CA LYS B 107 89.70 17.78 -7.23
C LYS B 107 88.48 16.88 -7.22
N TYR B 108 88.74 15.58 -7.11
CA TYR B 108 87.69 14.58 -7.16
C TYR B 108 87.19 14.23 -5.76
N GLU B 109 85.88 14.30 -5.58
CA GLU B 109 85.23 14.09 -4.29
C GLU B 109 84.31 12.89 -4.40
N ALA B 110 84.54 11.89 -3.58
CA ALA B 110 83.73 10.68 -3.54
C ALA B 110 82.71 10.82 -2.41
N SER B 111 81.52 10.27 -2.66
CA SER B 111 80.40 10.29 -1.72
C SER B 111 79.94 8.86 -1.52
N PHE B 112 79.75 8.48 -0.25
CA PHE B 112 79.33 7.14 0.12
C PHE B 112 77.86 7.16 0.47
N SER B 113 77.11 6.16 0.01
CA SER B 113 75.69 6.10 0.31
C SER B 113 75.43 5.83 1.78
N ASN B 114 76.10 4.82 2.33
CA ASN B 114 75.82 4.43 3.72
C ASN B 114 76.51 5.36 4.72
N LEU B 115 77.82 5.54 4.60
CA LEU B 115 78.56 6.34 5.55
C LEU B 115 78.11 7.79 5.57
N GLY B 116 77.52 8.28 4.49
CA GLY B 116 77.09 9.66 4.46
C GLY B 116 78.18 10.67 4.18
N ILE B 117 79.44 10.22 4.08
CA ILE B 117 80.51 11.13 3.71
C ILE B 117 80.28 11.62 2.29
N LYS B 118 80.33 12.92 2.10
CA LYS B 118 80.05 13.51 0.80
C LYS B 118 81.22 14.29 0.22
N ASP B 119 82.39 14.27 0.87
CA ASP B 119 83.51 15.07 0.38
C ASP B 119 84.83 14.31 0.49
N ALA B 120 84.82 12.99 0.36
CA ALA B 120 86.06 12.25 0.55
C ALA B 120 87.02 12.50 -0.62
N GLU B 121 88.24 12.91 -0.31
CA GLU B 121 89.19 13.21 -1.38
C GLU B 121 89.62 11.91 -2.06
N ILE B 122 89.62 11.88 -3.39
CA ILE B 122 90.03 10.70 -4.13
C ILE B 122 90.90 11.14 -5.31
N SER B 123 91.95 10.36 -5.57
CA SER B 123 92.93 10.71 -6.59
C SER B 123 92.35 10.56 -7.99
N ALA B 124 92.94 11.30 -8.93
CA ALA B 124 92.46 11.28 -10.31
C ALA B 124 92.73 9.95 -11.00
N GLY B 125 93.81 9.27 -10.63
CA GLY B 125 94.12 8.00 -11.27
C GLY B 125 93.05 6.95 -11.02
N ILE B 126 92.53 6.90 -9.79
CA ILE B 126 91.53 5.90 -9.46
C ILE B 126 90.28 6.10 -10.29
N VAL B 127 89.80 7.35 -10.39
CA VAL B 127 88.58 7.60 -11.16
C VAL B 127 88.85 7.44 -12.65
N LYS B 128 90.07 7.69 -13.09
CA LYS B 128 90.40 7.44 -14.49
C LYS B 128 90.34 5.95 -14.80
N GLU B 129 90.78 5.10 -13.88
CA GLU B 129 90.76 3.66 -14.12
C GLU B 129 89.33 3.13 -14.23
N TYR B 130 88.44 3.58 -13.35
CA TYR B 130 87.07 3.09 -13.29
C TYR B 130 86.12 4.26 -13.55
N GLU B 131 85.73 4.43 -14.81
CA GLU B 131 84.94 5.61 -15.19
C GLU B 131 83.49 5.51 -14.73
N LYS B 132 83.01 4.29 -14.42
CA LYS B 132 81.65 4.16 -13.91
C LYS B 132 81.42 4.97 -12.65
N LEU B 133 82.47 5.26 -11.89
CA LEU B 133 82.31 6.11 -10.72
C LEU B 133 81.67 7.44 -11.07
N LEU B 134 82.02 8.00 -12.23
CA LEU B 134 81.51 9.31 -12.61
C LEU B 134 80.12 9.24 -13.23
N VAL B 135 79.61 8.04 -13.53
CA VAL B 135 78.33 7.91 -14.20
C VAL B 135 77.17 7.78 -13.22
N GLY B 136 77.15 6.74 -12.40
CA GLY B 136 76.07 6.57 -11.44
C GLY B 136 76.55 6.02 -10.12
N GLY B 137 77.86 5.86 -9.97
CA GLY B 137 78.41 5.30 -8.76
C GLY B 137 78.29 3.78 -8.75
N ILE B 138 79.28 3.11 -8.18
CA ILE B 138 79.31 1.65 -8.18
C ILE B 138 79.57 1.15 -6.77
N TRP B 139 79.14 -0.08 -6.51
CA TRP B 139 79.54 -0.76 -5.29
C TRP B 139 81.04 -1.03 -5.36
N VAL B 140 81.73 -0.85 -4.25
CA VAL B 140 83.19 -0.93 -4.24
C VAL B 140 83.67 -1.29 -2.85
N ILE B 141 84.83 -1.94 -2.80
CA ILE B 141 85.59 -2.08 -1.56
C ILE B 141 86.65 -1.00 -1.55
N ALA B 142 86.72 -0.25 -0.45
CA ALA B 142 87.56 0.92 -0.37
C ALA B 142 88.33 0.92 0.94
N THR B 143 89.55 1.45 0.90
CA THR B 143 90.39 1.60 2.07
C THR B 143 90.42 3.07 2.46
N LEU B 144 89.48 3.48 3.32
CA LEU B 144 89.42 4.86 3.77
C LEU B 144 90.56 5.15 4.72
N SER B 145 91.18 6.32 4.54
CA SER B 145 92.25 6.79 5.40
C SER B 145 91.91 8.17 5.94
N TYR B 146 92.32 8.42 7.17
CA TYR B 146 92.02 9.68 7.86
C TYR B 146 93.32 10.45 8.06
N TYR B 147 93.34 11.69 7.60
CA TYR B 147 94.47 12.59 7.84
C TYR B 147 93.95 14.01 7.95
N PHE B 148 94.20 14.65 9.09
CA PHE B 148 93.64 15.96 9.39
C PHE B 148 94.77 16.92 9.68
N GLU B 149 94.72 18.10 9.07
CA GLU B 149 95.65 19.17 9.34
C GLU B 149 94.89 20.38 9.87
N GLU B 150 95.45 21.02 10.90
CA GLU B 150 94.78 22.14 11.54
C GLU B 150 94.52 23.27 10.53
N GLY B 151 93.29 23.76 10.51
CA GLY B 151 92.92 24.86 9.64
C GLY B 151 92.62 24.48 8.21
N GLN B 152 92.71 23.20 7.85
CA GLN B 152 92.45 22.80 6.48
C GLN B 152 90.96 22.89 6.17
N THR B 153 90.63 22.97 4.88
CA THR B 153 89.25 23.03 4.43
C THR B 153 88.75 21.69 3.90
N SER B 154 89.63 20.85 3.37
CA SER B 154 89.24 19.57 2.83
C SER B 154 88.79 18.63 3.94
N SER B 155 87.80 17.80 3.63
CA SER B 155 87.42 16.76 4.57
C SER B 155 88.58 15.79 4.77
N PRO B 156 88.91 15.44 6.01
CA PRO B 156 90.10 14.62 6.25
C PRO B 156 90.02 13.21 5.68
N PHE B 157 88.83 12.74 5.33
CA PHE B 157 88.67 11.37 4.85
C PHE B 157 89.15 11.26 3.40
N GLY B 158 89.96 10.24 3.12
CA GLY B 158 90.46 10.02 1.79
C GLY B 158 90.27 8.56 1.39
N VAL B 159 90.40 8.32 0.09
CA VAL B 159 90.27 6.99 -0.49
C VAL B 159 91.63 6.61 -1.07
N SER B 160 92.21 5.52 -0.57
CA SER B 160 93.53 5.10 -1.01
C SER B 160 93.47 3.94 -2.00
N LEU B 161 92.81 2.84 -1.63
CA LEU B 161 92.70 1.68 -2.50
C LEU B 161 91.23 1.42 -2.78
N LEU B 162 90.90 1.21 -4.05
CA LEU B 162 89.53 1.15 -4.51
C LEU B 162 89.39 0.03 -5.53
N LYS B 163 88.67 -1.03 -5.15
CA LYS B 163 88.48 -2.18 -6.03
C LYS B 163 86.98 -2.40 -6.26
N PRO B 164 86.51 -2.33 -7.50
CA PRO B 164 85.07 -2.46 -7.74
C PRO B 164 84.56 -3.84 -7.37
N ILE B 165 83.29 -3.89 -7.00
CA ILE B 165 82.61 -5.13 -6.65
C ILE B 165 81.56 -5.51 -7.70
N GLN B 166 81.42 -4.69 -8.73
CA GLN B 166 80.61 -5.04 -9.89
C GLN B 166 81.38 -4.68 -11.14
N MET B 167 81.05 -5.34 -12.26
CA MET B 167 81.82 -5.24 -13.48
C MET B 167 81.89 -3.78 -13.95
N PRO B 168 83.10 -3.22 -14.04
CA PRO B 168 83.21 -1.78 -14.31
C PRO B 168 83.11 -1.40 -15.78
N ASN B 169 83.67 -2.21 -16.69
CA ASN B 169 83.75 -1.84 -18.09
C ASN B 169 83.40 -3.03 -18.95
N MET B 170 82.84 -2.78 -20.13
CA MET B 170 82.26 -3.81 -20.96
C MET B 170 83.00 -3.91 -22.29
N ASN B 171 83.51 -5.09 -22.61
CA ASN B 171 84.12 -5.36 -23.90
C ASN B 171 83.06 -5.96 -24.81
N MET B 172 82.42 -5.12 -25.62
CA MET B 172 81.24 -5.55 -26.35
C MET B 172 81.64 -6.46 -27.51
N ASP B 173 82.85 -6.25 -28.04
CA ASP B 173 83.34 -7.05 -29.18
C ASP B 173 83.51 -8.51 -28.79
N GLU B 174 83.99 -8.75 -27.56
CA GLU B 174 84.11 -10.11 -27.07
C GLU B 174 82.76 -10.80 -27.03
N LEU B 175 81.72 -10.05 -26.63
CA LEU B 175 80.36 -10.57 -26.62
C LEU B 175 79.88 -10.87 -28.03
N PHE B 176 80.17 -9.99 -28.98
CA PHE B 176 79.81 -10.28 -30.37
C PHE B 176 80.45 -11.58 -30.84
N SER B 177 81.73 -11.77 -30.53
CA SER B 177 82.42 -13.00 -30.92
C SER B 177 81.78 -14.21 -30.27
N GLY B 178 81.48 -14.11 -28.96
CA GLY B 178 80.85 -15.21 -28.27
C GLY B 178 79.50 -15.56 -28.84
N ARG B 179 78.67 -14.56 -29.10
CA ARG B 179 77.35 -14.81 -29.68
C ARG B 179 77.48 -15.45 -31.06
N ALA B 180 78.44 -14.98 -31.86
CA ALA B 180 78.70 -15.63 -33.14
C ALA B 180 79.12 -17.08 -32.95
N ALA B 181 79.75 -17.40 -31.83
CA ALA B 181 80.15 -18.78 -31.58
C ALA B 181 79.00 -19.68 -31.16
N LEU B 182 77.82 -19.12 -30.90
CA LEU B 182 76.67 -19.90 -30.45
C LEU B 182 75.54 -19.85 -31.47
N SER B 183 74.77 -20.94 -31.52
CA SER B 183 73.57 -20.98 -32.33
C SER B 183 72.45 -20.17 -31.67
N THR B 184 71.42 -19.89 -32.44
CA THR B 184 70.31 -19.08 -31.93
C THR B 184 69.63 -19.76 -30.76
N ASP B 185 69.39 -21.07 -30.84
CA ASP B 185 68.75 -21.79 -29.75
C ASP B 185 69.61 -21.74 -28.49
N GLN B 186 70.93 -21.94 -28.65
CA GLN B 186 71.82 -21.88 -27.49
C GLN B 186 71.82 -20.49 -26.88
N TRP B 187 71.82 -19.45 -27.72
CA TRP B 187 71.83 -18.09 -27.19
C TRP B 187 70.54 -17.79 -26.44
N ARG B 188 69.40 -18.22 -26.98
CA ARG B 188 68.14 -18.00 -26.28
C ARG B 188 68.10 -18.76 -24.96
N GLU B 189 68.64 -19.98 -24.96
CA GLU B 189 68.72 -20.73 -23.71
C GLU B 189 69.58 -20.00 -22.69
N SER B 190 70.71 -19.43 -23.13
CA SER B 190 71.58 -18.69 -22.22
C SER B 190 70.85 -17.47 -21.65
N LEU B 191 70.14 -16.73 -22.50
CA LEU B 191 69.40 -15.56 -22.04
C LEU B 191 68.33 -15.97 -21.03
N ILE B 192 67.62 -17.06 -21.29
CA ILE B 192 66.61 -17.52 -20.34
C ILE B 192 67.26 -17.94 -19.02
N ARG B 193 68.44 -18.57 -19.11
CA ARG B 193 69.12 -19.04 -17.90
C ARG B 193 69.61 -17.86 -17.05
N SER B 194 70.10 -16.81 -17.69
CA SER B 194 70.76 -15.74 -16.96
C SER B 194 69.80 -15.02 -16.02
N ILE B 195 68.50 -15.06 -16.30
CA ILE B 195 67.53 -14.45 -15.40
C ILE B 195 67.05 -15.50 -14.40
N GLY B 196 67.68 -16.67 -14.42
CA GLY B 196 67.38 -17.70 -13.46
C GLY B 196 66.32 -18.70 -13.86
N MET B 197 66.01 -18.81 -15.14
CA MET B 197 64.96 -19.71 -15.60
C MET B 197 65.56 -20.86 -16.41
N GLU B 198 64.86 -21.99 -16.40
CA GLU B 198 65.35 -23.19 -17.08
C GLU B 198 64.64 -23.38 -18.42
N PRO B 199 65.34 -23.24 -19.55
CA PRO B 199 64.68 -23.43 -20.85
C PRO B 199 64.10 -24.82 -21.04
N ALA B 200 64.76 -25.85 -20.51
CA ALA B 200 64.28 -27.22 -20.70
C ALA B 200 62.93 -27.46 -20.05
N SER B 201 62.57 -26.67 -19.05
CA SER B 201 61.30 -26.84 -18.36
C SER B 201 60.19 -25.96 -18.93
N LEU B 202 60.45 -25.26 -20.03
CA LEU B 202 59.49 -24.31 -20.59
C LEU B 202 59.30 -24.59 -22.08
N LYS B 203 58.08 -24.37 -22.56
CA LYS B 203 57.81 -24.41 -23.98
C LYS B 203 58.49 -23.24 -24.69
N GLU B 204 58.65 -23.37 -26.00
CA GLU B 204 59.32 -22.31 -26.75
C GLU B 204 58.51 -21.02 -26.73
N ASP B 205 57.18 -21.14 -26.72
CA ASP B 205 56.34 -19.95 -26.61
C ASP B 205 56.57 -19.23 -25.29
N VAL B 206 56.76 -19.98 -24.21
CA VAL B 206 57.09 -19.36 -22.94
C VAL B 206 58.44 -18.66 -23.01
N GLN B 207 59.41 -19.26 -23.71
CA GLN B 207 60.69 -18.60 -23.88
C GLN B 207 60.54 -17.29 -24.64
N TRP B 208 59.74 -17.28 -25.70
CA TRP B 208 59.55 -16.03 -26.45
C TRP B 208 58.84 -14.98 -25.61
N HIS B 209 57.89 -15.41 -24.78
CA HIS B 209 57.24 -14.45 -23.89
C HIS B 209 58.21 -13.89 -22.86
N LEU B 210 59.11 -14.73 -22.35
CA LEU B 210 60.11 -14.23 -21.41
C LEU B 210 61.05 -13.23 -22.09
N LEU B 211 61.42 -13.48 -23.35
CA LEU B 211 62.23 -12.52 -24.08
C LEU B 211 61.45 -11.22 -24.30
N ALA B 212 60.15 -11.33 -24.56
CA ALA B 212 59.33 -10.13 -24.65
C ALA B 212 59.34 -9.36 -23.34
N ARG B 213 59.42 -10.07 -22.21
CA ARG B 213 59.58 -9.39 -20.93
C ARG B 213 60.88 -8.61 -20.85
N MET B 214 61.93 -9.11 -21.49
CA MET B 214 63.23 -8.45 -21.44
C MET B 214 63.37 -7.37 -22.49
N VAL B 215 62.46 -7.30 -23.45
CA VAL B 215 62.49 -6.25 -24.48
C VAL B 215 62.58 -4.84 -23.90
N PRO B 216 61.79 -4.46 -22.88
CA PRO B 216 61.83 -3.05 -22.44
C PRO B 216 63.21 -2.57 -22.02
N PHE B 217 64.08 -3.47 -21.61
CA PHE B 217 65.41 -3.07 -21.17
C PHE B 217 66.31 -2.65 -22.32
N VAL B 218 65.94 -2.96 -23.57
CA VAL B 218 66.84 -2.69 -24.69
C VAL B 218 66.28 -1.70 -25.70
N GLU B 219 65.03 -1.27 -25.57
CA GLU B 219 64.42 -0.36 -26.52
C GLU B 219 63.96 0.90 -25.81
N ASN B 220 64.22 2.05 -26.43
CA ASN B 220 63.90 3.33 -25.81
C ASN B 220 62.40 3.60 -25.88
N ASN B 221 61.86 4.15 -24.79
CA ASN B 221 60.49 4.62 -24.73
C ASN B 221 59.50 3.50 -25.03
N TYR B 222 59.88 2.27 -24.70
CA TYR B 222 59.11 1.09 -25.05
C TYR B 222 58.06 0.85 -23.97
N ASN B 223 56.84 1.32 -24.23
CA ASN B 223 55.73 1.14 -23.31
C ASN B 223 55.15 -0.26 -23.50
N VAL B 224 54.90 -0.97 -22.40
CA VAL B 224 54.38 -2.32 -22.50
C VAL B 224 53.59 -2.65 -21.24
N CYS B 225 52.55 -3.47 -21.40
CA CYS B 225 51.78 -3.92 -20.26
C CYS B 225 51.63 -5.44 -20.28
N GLU B 226 51.86 -6.06 -19.12
CA GLU B 226 51.75 -7.50 -18.97
C GLU B 226 50.76 -7.80 -17.85
N LEU B 227 49.71 -8.54 -18.18
CA LEU B 227 48.69 -8.94 -17.22
C LEU B 227 48.69 -10.46 -17.13
N GLY B 228 48.56 -10.99 -15.91
CA GLY B 228 48.56 -12.42 -15.74
C GLY B 228 48.10 -12.86 -14.37
N PRO B 229 47.94 -14.17 -14.20
CA PRO B 229 47.60 -14.70 -12.88
C PRO B 229 48.74 -14.48 -11.89
N ARG B 230 48.38 -14.45 -10.61
CA ARG B 230 49.34 -14.18 -9.56
C ARG B 230 50.43 -15.24 -9.55
N GLY B 231 51.65 -14.80 -9.27
CA GLY B 231 52.75 -15.72 -9.06
C GLY B 231 53.45 -16.21 -10.30
N THR B 232 53.20 -15.61 -11.46
CA THR B 232 53.87 -16.02 -12.69
C THR B 232 55.22 -15.35 -12.89
N GLY B 233 55.82 -14.82 -11.83
CA GLY B 233 57.13 -14.21 -11.93
C GLY B 233 57.20 -12.96 -12.76
N LYS B 234 56.16 -12.13 -12.72
CA LYS B 234 56.17 -10.89 -13.50
C LYS B 234 57.17 -9.88 -12.96
N SER B 235 57.14 -9.66 -11.65
CA SER B 235 57.89 -8.55 -11.06
C SER B 235 59.28 -8.94 -10.58
N HIS B 236 59.72 -10.18 -10.86
CA HIS B 236 61.04 -10.61 -10.40
C HIS B 236 62.15 -9.81 -11.06
N ILE B 237 62.09 -9.68 -12.39
CA ILE B 237 63.24 -9.16 -13.13
C ILE B 237 63.42 -7.67 -12.89
N TYR B 238 62.33 -6.90 -12.88
CA TYR B 238 62.45 -5.46 -12.71
C TYR B 238 62.92 -5.06 -11.32
N LYS B 239 62.78 -5.93 -10.32
CA LYS B 239 63.17 -5.59 -8.96
C LYS B 239 64.47 -6.21 -8.51
N GLU B 240 64.80 -7.42 -8.94
CA GLU B 240 66.02 -8.07 -8.47
C GLU B 240 67.13 -8.12 -9.51
N CYS B 241 66.82 -8.43 -10.76
CA CYS B 241 67.84 -8.76 -11.75
C CYS B 241 68.22 -7.59 -12.64
N SER B 242 68.19 -6.35 -12.14
CA SER B 242 68.65 -5.24 -12.95
C SER B 242 69.01 -4.07 -12.06
N PRO B 243 70.17 -3.44 -12.24
CA PRO B 243 70.54 -2.27 -11.45
C PRO B 243 70.01 -0.95 -11.99
N ASN B 244 69.46 -0.94 -13.20
CA ASN B 244 68.96 0.29 -13.80
C ASN B 244 67.47 0.23 -14.10
N SER B 245 66.69 -0.43 -13.26
CA SER B 245 65.24 -0.43 -13.38
C SER B 245 64.63 -0.31 -11.98
N ILE B 246 63.46 0.28 -11.92
CA ILE B 246 62.77 0.52 -10.65
C ILE B 246 61.36 -0.02 -10.73
N LEU B 247 60.90 -0.60 -9.64
CA LEU B 247 59.56 -1.16 -9.53
C LEU B 247 58.74 -0.31 -8.56
N VAL B 248 58.08 0.71 -9.09
CA VAL B 248 57.32 1.64 -8.27
C VAL B 248 56.14 0.87 -7.68
N SER B 249 56.18 0.64 -6.37
CA SER B 249 55.20 -0.19 -5.70
C SER B 249 53.89 0.57 -5.51
N GLY B 250 52.82 0.01 -6.06
CA GLY B 250 51.51 0.59 -5.94
C GLY B 250 51.08 1.45 -7.10
N GLY B 251 52.00 1.94 -7.91
CA GLY B 251 51.65 2.80 -9.03
C GLY B 251 51.42 4.24 -8.61
N GLN B 252 51.15 4.44 -7.33
CA GLN B 252 50.87 5.77 -6.78
C GLN B 252 52.18 6.53 -6.66
N THR B 253 52.55 7.23 -7.72
CA THR B 253 53.62 8.21 -7.67
C THR B 253 53.09 9.54 -8.16
N THR B 254 53.48 10.61 -7.48
CA THR B 254 53.01 11.95 -7.80
C THR B 254 53.77 12.46 -9.02
N VAL B 255 53.13 13.42 -9.71
CA VAL B 255 53.68 13.90 -10.97
C VAL B 255 55.06 14.50 -10.78
N ALA B 256 55.23 15.34 -9.78
CA ALA B 256 56.54 15.97 -9.56
C ALA B 256 57.60 14.93 -9.23
N ASN B 257 57.19 13.83 -8.60
CA ASN B 257 58.10 12.73 -8.37
C ASN B 257 58.47 12.02 -9.67
N LEU B 258 57.47 11.69 -10.48
CA LEU B 258 57.70 10.84 -11.62
C LEU B 258 58.38 11.58 -12.76
N PHE B 259 57.99 12.83 -13.03
CA PHE B 259 58.41 13.53 -14.24
C PHE B 259 59.39 14.65 -13.93
N TYR B 260 59.02 15.62 -13.11
CA TYR B 260 59.87 16.78 -12.89
C TYR B 260 59.32 17.59 -11.73
N ASN B 261 60.17 17.92 -10.77
CA ASN B 261 59.82 18.75 -9.64
C ASN B 261 60.14 20.20 -9.99
N MET B 262 59.10 21.01 -10.22
CA MET B 262 59.32 22.40 -10.62
C MET B 262 60.11 23.16 -9.57
N SER B 263 59.79 22.98 -8.29
CA SER B 263 60.46 23.71 -7.24
C SER B 263 61.96 23.41 -7.19
N SER B 264 62.32 22.13 -7.13
CA SER B 264 63.73 21.76 -7.02
C SER B 264 64.42 21.66 -8.36
N ARG B 265 63.67 21.74 -9.47
CA ARG B 265 64.24 21.73 -10.81
C ARG B 265 65.08 20.47 -11.05
N ARG B 266 64.60 19.33 -10.56
CA ARG B 266 65.25 18.05 -10.77
C ARG B 266 64.32 17.13 -11.55
N ILE B 267 64.88 16.43 -12.53
CA ILE B 267 64.09 15.53 -13.36
C ILE B 267 63.60 14.36 -12.53
N GLY B 268 62.45 13.82 -12.89
CA GLY B 268 61.83 12.74 -12.15
C GLY B 268 62.52 11.41 -12.35
N LEU B 269 61.75 10.35 -12.17
CA LEU B 269 62.27 9.00 -12.36
C LEU B 269 62.70 8.79 -13.81
N VAL B 270 61.89 9.24 -14.76
CA VAL B 270 62.08 8.89 -16.16
C VAL B 270 63.44 9.31 -16.68
N GLY B 271 64.06 10.32 -16.07
CA GLY B 271 65.40 10.68 -16.47
C GLY B 271 66.50 9.91 -15.81
N LEU B 272 66.17 8.98 -14.91
CA LEU B 272 67.17 8.26 -14.14
C LEU B 272 67.21 6.76 -14.42
N TRP B 273 66.08 6.13 -14.68
CA TRP B 273 66.00 4.69 -14.80
C TRP B 273 65.65 4.29 -16.24
N ASP B 274 66.22 3.16 -16.67
CA ASP B 274 65.93 2.68 -18.01
C ASP B 274 64.56 2.01 -18.08
N VAL B 275 64.08 1.44 -16.98
CA VAL B 275 62.76 0.84 -16.95
C VAL B 275 62.06 1.30 -15.68
N VAL B 276 60.83 1.81 -15.84
CA VAL B 276 59.97 2.15 -14.72
C VAL B 276 58.79 1.21 -14.79
N ALA B 277 58.65 0.33 -13.80
CA ALA B 277 57.61 -0.67 -13.82
C ALA B 277 56.63 -0.40 -12.69
N PHE B 278 55.38 -0.16 -13.05
CA PHE B 278 54.30 0.03 -12.09
C PHE B 278 53.79 -1.34 -11.69
N ASP B 279 54.01 -1.70 -10.43
CA ASP B 279 53.85 -3.05 -9.92
C ASP B 279 52.40 -3.54 -9.86
N GLN B 280 51.45 -2.63 -9.75
CA GLN B 280 50.05 -3.02 -9.66
C GLN B 280 49.24 -2.02 -10.47
N VAL B 281 48.07 -2.47 -10.89
CA VAL B 281 47.19 -1.63 -11.70
C VAL B 281 45.79 -1.65 -11.11
N ALA B 282 45.58 -2.48 -10.10
CA ALA B 282 44.25 -2.59 -9.49
C ALA B 282 43.87 -1.30 -8.76
N GLY B 283 44.84 -0.47 -8.38
CA GLY B 283 44.54 0.67 -7.54
C GLY B 283 45.07 2.01 -7.99
N ILE B 284 45.59 2.12 -9.21
CA ILE B 284 46.23 3.37 -9.62
C ILE B 284 45.20 4.48 -9.74
N SER B 285 45.25 5.44 -8.82
CA SER B 285 44.42 6.64 -8.88
C SER B 285 45.22 7.79 -8.30
N PHE B 286 45.27 8.90 -9.04
CA PHE B 286 46.25 9.96 -8.77
C PHE B 286 45.69 11.03 -7.86
N LYS B 287 46.58 11.64 -7.08
CA LYS B 287 46.26 12.90 -6.42
C LYS B 287 45.98 14.00 -7.43
N ASP B 288 46.79 14.08 -8.48
CA ASP B 288 46.61 15.06 -9.54
C ASP B 288 45.87 14.42 -10.70
N LYS B 289 44.79 15.06 -11.15
CA LYS B 289 43.96 14.50 -12.21
C LYS B 289 44.77 14.24 -13.49
N ASP B 290 45.80 15.05 -13.73
CA ASP B 290 46.47 15.07 -15.02
C ASP B 290 47.60 14.05 -15.16
N GLY B 291 47.86 13.25 -14.12
CA GLY B 291 48.94 12.29 -14.23
C GLY B 291 48.78 11.36 -15.40
N VAL B 292 47.55 10.89 -15.63
CA VAL B 292 47.27 10.08 -16.81
C VAL B 292 47.55 10.87 -18.07
N GLN B 293 47.19 12.16 -18.09
CA GLN B 293 47.40 12.97 -19.27
C GLN B 293 48.88 13.19 -19.55
N ILE B 294 49.68 13.44 -18.51
CA ILE B 294 51.10 13.63 -18.72
C ILE B 294 51.76 12.33 -19.17
N MET B 295 51.33 11.20 -18.62
CA MET B 295 51.81 9.92 -19.15
C MET B 295 51.43 9.76 -20.61
N LYS B 296 50.21 10.15 -20.99
CA LYS B 296 49.80 10.04 -22.37
C LYS B 296 50.73 10.82 -23.27
N ASP B 297 51.02 12.07 -22.91
CA ASP B 297 51.93 12.86 -23.73
C ASP B 297 53.32 12.25 -23.80
N TYR B 298 53.85 11.82 -22.64
CA TYR B 298 55.21 11.29 -22.63
C TYR B 298 55.33 10.05 -23.49
N MET B 299 54.45 9.07 -23.27
CA MET B 299 54.50 7.87 -24.09
C MET B 299 54.24 8.16 -25.55
N ALA B 300 53.43 9.18 -25.86
CA ALA B 300 53.20 9.53 -27.25
C ALA B 300 54.47 10.02 -27.93
N SER B 301 55.17 10.96 -27.30
CA SER B 301 56.28 11.63 -27.98
C SER B 301 57.65 11.41 -27.37
N GLY B 302 57.73 10.94 -26.13
CA GLY B 302 59.03 10.78 -25.53
C GLY B 302 59.61 12.05 -24.92
N SER B 303 58.88 13.15 -24.96
CA SER B 303 59.32 14.40 -24.36
C SER B 303 58.12 15.12 -23.78
N PHE B 304 58.33 15.72 -22.61
CA PHE B 304 57.26 16.41 -21.91
C PHE B 304 57.71 17.81 -21.53
N ALA B 305 56.80 18.77 -21.60
CA ALA B 305 57.07 20.14 -21.19
C ALA B 305 56.50 20.37 -19.81
N ARG B 306 57.34 20.82 -18.89
CA ARG B 306 56.97 20.91 -17.49
C ARG B 306 57.68 22.12 -16.89
N GLY B 307 56.91 23.12 -16.50
CA GLY B 307 57.50 24.34 -16.01
C GLY B 307 57.83 25.30 -17.15
N ARG B 308 59.12 25.60 -17.33
CA ARG B 308 59.55 26.53 -18.36
C ARG B 308 60.30 25.85 -19.50
N GLU B 309 60.36 24.52 -19.54
CA GLU B 309 61.17 23.85 -20.52
C GLU B 309 60.54 22.52 -20.94
N GLN B 310 60.85 22.10 -22.16
CA GLN B 310 60.52 20.77 -22.67
C GLN B 310 61.74 19.88 -22.54
N MET B 311 61.56 18.71 -21.94
CA MET B 311 62.65 17.80 -21.62
C MET B 311 62.37 16.41 -22.16
N GLU B 312 63.42 15.74 -22.61
CA GLU B 312 63.32 14.40 -23.15
C GLU B 312 63.66 13.37 -22.08
N ALA B 313 63.25 12.13 -22.32
CA ALA B 313 63.54 11.04 -21.41
C ALA B 313 63.51 9.73 -22.19
N SER B 314 64.30 8.76 -21.73
CA SER B 314 64.38 7.47 -22.39
C SER B 314 63.87 6.31 -21.56
N ALA B 315 63.09 6.57 -20.52
CA ALA B 315 62.60 5.50 -19.67
C ALA B 315 61.48 4.74 -20.34
N SER B 316 61.55 3.41 -20.28
CA SER B 316 60.48 2.56 -20.79
C SER B 316 59.53 2.22 -19.66
N MET B 317 58.25 2.46 -19.87
CA MET B 317 57.25 2.17 -18.83
C MET B 317 56.64 0.79 -19.05
N VAL B 318 56.65 0.00 -17.99
CA VAL B 318 56.07 -1.35 -17.97
C VAL B 318 54.98 -1.35 -16.92
N PHE B 319 53.83 -1.93 -17.24
CA PHE B 319 52.71 -2.01 -16.31
C PHE B 319 52.43 -3.47 -16.01
N VAL B 320 52.56 -3.87 -14.75
CA VAL B 320 52.36 -5.26 -14.35
C VAL B 320 51.00 -5.38 -13.68
N GLY B 321 50.24 -6.40 -14.06
CA GLY B 321 48.89 -6.54 -13.54
C GLY B 321 48.53 -7.97 -13.20
N ASN B 322 47.71 -8.11 -12.16
CA ASN B 322 47.22 -9.39 -11.68
C ASN B 322 45.77 -9.57 -12.06
N ILE B 323 45.44 -10.75 -12.58
CA ILE B 323 44.08 -11.07 -13.02
C ILE B 323 43.52 -12.14 -12.11
N ASN B 324 42.30 -11.93 -11.61
CA ASN B 324 41.62 -12.92 -10.78
C ASN B 324 40.56 -13.70 -11.54
N GLN B 325 40.19 -13.28 -12.74
CA GLN B 325 39.19 -13.95 -13.55
C GLN B 325 39.86 -14.81 -14.60
N SER B 326 39.07 -15.69 -15.20
CA SER B 326 39.56 -16.49 -16.32
C SER B 326 39.69 -15.62 -17.57
N VAL B 327 40.62 -16.02 -18.45
CA VAL B 327 40.83 -15.25 -19.67
C VAL B 327 39.57 -15.22 -20.53
N GLU B 328 38.88 -16.35 -20.65
CA GLU B 328 37.70 -16.40 -21.49
C GLU B 328 36.57 -15.55 -20.94
N SER B 329 36.43 -15.50 -19.61
CA SER B 329 35.39 -14.67 -19.01
C SER B 329 35.62 -13.20 -19.34
N LEU B 330 36.85 -12.72 -19.16
CA LEU B 330 37.15 -11.33 -19.46
C LEU B 330 36.98 -11.05 -20.94
N VAL B 331 37.41 -11.96 -21.81
CA VAL B 331 37.28 -11.72 -23.24
C VAL B 331 35.81 -11.65 -23.65
N LYS B 332 34.98 -12.60 -23.18
CA LYS B 332 33.60 -12.65 -23.62
C LYS B 332 32.76 -11.52 -23.02
N THR B 333 32.90 -11.28 -21.71
CA THR B 333 32.05 -10.30 -21.05
C THR B 333 32.59 -8.90 -21.07
N SER B 334 33.89 -8.73 -21.33
CA SER B 334 34.50 -7.40 -21.27
C SER B 334 35.69 -7.31 -22.22
N HIS B 335 36.54 -6.31 -22.01
CA HIS B 335 37.81 -6.20 -22.72
C HIS B 335 38.93 -6.51 -21.73
N LEU B 336 40.04 -7.04 -22.28
CA LEU B 336 41.14 -7.51 -21.44
C LEU B 336 41.76 -6.41 -20.59
N LEU B 337 41.54 -5.14 -20.93
CA LEU B 337 42.05 -4.04 -20.12
C LEU B 337 41.13 -3.67 -18.97
N ALA B 338 40.22 -4.56 -18.60
CA ALA B 338 39.30 -4.35 -17.49
C ALA B 338 40.01 -4.09 -16.16
N PRO B 339 41.06 -4.84 -15.81
CA PRO B 339 41.72 -4.61 -14.50
C PRO B 339 42.32 -3.23 -14.34
N PHE B 340 42.61 -2.51 -15.42
CA PHE B 340 43.17 -1.18 -15.28
C PHE B 340 42.15 -0.22 -14.68
N PRO B 341 42.61 0.81 -13.96
CA PRO B 341 41.67 1.69 -13.27
C PRO B 341 40.83 2.51 -14.25
N GLU B 342 39.65 2.91 -13.77
CA GLU B 342 38.69 3.61 -14.62
C GLU B 342 39.27 4.90 -15.17
N ALA B 343 40.00 5.65 -14.34
CA ALA B 343 40.62 6.88 -14.80
C ALA B 343 41.70 6.63 -15.84
N MET B 344 42.15 5.38 -15.99
CA MET B 344 43.11 5.02 -17.02
C MET B 344 42.47 4.36 -18.22
N ILE B 345 41.19 3.99 -18.14
CA ILE B 345 40.51 3.33 -19.25
C ILE B 345 40.14 4.37 -20.30
N ASP B 346 41.01 4.54 -21.29
CA ASP B 346 40.76 5.49 -22.37
C ASP B 346 41.51 5.04 -23.61
N SER B 347 40.89 5.22 -24.77
CA SER B 347 41.52 4.80 -26.03
C SER B 347 42.82 5.56 -26.26
N ALA B 348 42.83 6.87 -25.99
CA ALA B 348 44.03 7.65 -26.24
C ALA B 348 45.20 7.19 -25.36
N PHE B 349 44.90 6.61 -24.20
CA PHE B 349 45.95 6.10 -23.34
C PHE B 349 46.47 4.76 -23.86
N PHE B 350 45.58 3.77 -23.93
CA PHE B 350 46.01 2.41 -24.26
C PHE B 350 46.50 2.30 -25.69
N ASP B 351 46.19 3.28 -26.53
CA ASP B 351 46.71 3.30 -27.89
C ASP B 351 48.23 3.40 -27.93
N ARG B 352 48.85 3.94 -26.89
CA ARG B 352 50.29 4.16 -26.89
C ARG B 352 51.09 2.92 -26.56
N PHE B 353 50.45 1.88 -26.02
CA PHE B 353 51.17 0.68 -25.60
C PHE B 353 51.75 -0.03 -26.81
N HIS B 354 53.04 -0.30 -26.77
CA HIS B 354 53.69 -0.99 -27.88
C HIS B 354 53.53 -2.49 -27.80
N ALA B 355 52.99 -3.01 -26.68
CA ALA B 355 52.86 -4.45 -26.53
C ALA B 355 51.99 -4.79 -25.33
N TYR B 356 51.20 -5.85 -25.50
CA TYR B 356 50.43 -6.48 -24.44
C TYR B 356 50.96 -7.89 -24.27
N ILE B 357 51.80 -8.10 -23.26
CA ILE B 357 52.38 -9.43 -23.05
C ILE B 357 51.30 -10.33 -22.48
N PRO B 358 51.02 -11.46 -23.11
CA PRO B 358 50.00 -12.37 -22.58
C PRO B 358 50.55 -13.21 -21.43
N GLY B 359 50.50 -12.67 -20.22
CA GLY B 359 51.11 -13.32 -19.08
C GLY B 359 50.49 -14.64 -18.68
N TRP B 360 49.24 -14.90 -19.06
CA TRP B 360 48.58 -16.12 -18.61
C TRP B 360 49.12 -17.38 -19.25
N GLU B 361 49.73 -17.30 -20.44
CA GLU B 361 50.43 -18.47 -20.96
C GLU B 361 51.69 -18.81 -20.19
N ILE B 362 52.16 -17.93 -19.31
CA ILE B 362 53.30 -18.25 -18.47
C ILE B 362 52.81 -19.16 -17.34
N PRO B 363 53.35 -20.37 -17.21
CA PRO B 363 52.93 -21.24 -16.10
C PRO B 363 53.34 -20.64 -14.76
N LYS B 364 52.53 -20.92 -13.74
CA LYS B 364 52.86 -20.46 -12.41
C LYS B 364 54.17 -21.09 -11.97
N MET B 365 55.05 -20.26 -11.41
CA MET B 365 56.44 -20.67 -11.22
C MET B 365 56.54 -21.71 -10.11
N ARG B 366 57.31 -22.75 -10.38
CA ARG B 366 57.51 -23.89 -9.51
C ARG B 366 59.01 -24.21 -9.53
N PRO B 367 59.57 -24.65 -8.40
CA PRO B 367 61.04 -24.77 -8.30
C PRO B 367 61.72 -25.55 -9.43
N GLU B 368 60.96 -26.29 -10.25
CA GLU B 368 61.57 -26.94 -11.40
C GLU B 368 62.13 -25.94 -12.40
N PHE B 369 61.42 -24.84 -12.63
CA PHE B 369 61.82 -23.88 -13.65
C PHE B 369 63.07 -23.09 -13.28
N PHE B 370 63.46 -23.08 -12.01
CA PHE B 370 64.67 -22.38 -11.57
C PHE B 370 65.88 -23.22 -11.95
N THR B 371 66.67 -22.72 -12.89
CA THR B 371 67.79 -23.50 -13.41
C THR B 371 68.93 -23.56 -12.41
N ASN B 372 69.77 -24.59 -12.55
CA ASN B 372 70.97 -24.77 -11.75
C ASN B 372 72.22 -24.87 -12.61
N ARG B 373 72.16 -24.47 -13.87
CA ARG B 373 73.28 -24.54 -14.79
C ARG B 373 74.00 -23.20 -14.84
N TYR B 374 74.95 -23.09 -15.76
CA TYR B 374 75.69 -21.85 -15.94
C TYR B 374 74.80 -20.79 -16.59
N GLY B 375 75.17 -19.53 -16.37
CA GLY B 375 74.47 -18.41 -16.96
C GLY B 375 75.28 -17.14 -16.80
N LEU B 376 74.95 -16.15 -17.61
CA LEU B 376 75.64 -14.87 -17.55
C LEU B 376 75.33 -14.16 -16.23
N ILE B 377 76.28 -13.38 -15.74
CA ILE B 377 76.05 -12.58 -14.55
C ILE B 377 74.97 -11.55 -14.84
N VAL B 378 74.06 -11.36 -13.88
CA VAL B 378 72.99 -10.39 -14.04
C VAL B 378 73.54 -9.01 -14.32
N ASP B 379 74.65 -8.65 -13.67
CA ASP B 379 75.32 -7.39 -13.98
C ASP B 379 75.74 -7.34 -15.44
N TYR B 380 76.37 -8.41 -15.92
CA TYR B 380 76.83 -8.44 -17.31
C TYR B 380 75.65 -8.36 -18.27
N LEU B 381 74.57 -9.07 -17.95
CA LEU B 381 73.37 -9.02 -18.78
C LEU B 381 72.79 -7.61 -18.83
N ALA B 382 72.75 -6.93 -17.68
CA ALA B 382 72.19 -5.58 -17.66
C ALA B 382 73.08 -4.61 -18.41
N GLU B 383 74.40 -4.80 -18.34
CA GLU B 383 75.28 -3.96 -19.13
C GLU B 383 75.09 -4.21 -20.62
N PHE B 384 74.88 -5.47 -20.99
CA PHE B 384 74.44 -5.79 -22.35
C PHE B 384 73.21 -4.99 -22.75
N PHE B 385 72.18 -4.99 -21.90
CA PHE B 385 70.95 -4.29 -22.23
C PHE B 385 71.20 -2.80 -22.40
N ARG B 386 71.95 -2.20 -21.48
CA ARG B 386 72.20 -0.77 -21.56
C ARG B 386 73.00 -0.42 -22.80
N GLU B 387 73.99 -1.25 -23.15
CA GLU B 387 74.76 -1.00 -24.36
C GLU B 387 73.89 -1.12 -25.60
N MET B 388 72.99 -2.10 -25.63
CA MET B 388 72.17 -2.30 -26.81
C MET B 388 71.06 -1.27 -26.94
N ARG B 389 70.71 -0.58 -25.86
CA ARG B 389 69.73 0.51 -26.00
C ARG B 389 70.18 1.56 -27.00
N LYS B 390 71.48 1.78 -27.16
CA LYS B 390 71.97 2.83 -28.04
C LYS B 390 71.91 2.47 -29.52
N ARG B 391 71.91 1.18 -29.86
CA ARG B 391 71.91 0.75 -31.25
C ARG B 391 70.46 0.55 -31.71
N SER B 392 70.31 0.28 -33.01
CA SER B 392 69.00 0.16 -33.61
C SER B 392 68.99 -0.94 -34.65
N PHE B 393 67.86 -1.65 -34.73
CA PHE B 393 67.64 -2.69 -35.73
C PHE B 393 66.25 -2.59 -36.35
N ALA B 394 65.61 -1.42 -36.27
CA ALA B 394 64.26 -1.25 -36.79
C ALA B 394 64.21 -1.38 -38.31
N ASP B 395 65.32 -1.14 -39.00
CA ASP B 395 65.35 -1.19 -40.45
C ASP B 395 65.36 -2.62 -41.00
N SER B 396 65.52 -3.61 -40.14
CA SER B 396 65.61 -5.00 -40.61
C SER B 396 64.30 -5.48 -41.23
N ILE B 397 63.17 -4.88 -40.84
CA ILE B 397 61.89 -5.35 -41.34
C ILE B 397 61.75 -5.07 -42.83
N GLU B 398 62.05 -3.84 -43.26
CA GLU B 398 61.83 -3.46 -44.65
C GLU B 398 62.73 -4.24 -45.60
N LYS B 399 63.81 -4.83 -45.08
CA LYS B 399 64.70 -5.61 -45.94
C LYS B 399 64.01 -6.83 -46.52
N TYR B 400 63.17 -7.50 -45.73
CA TYR B 400 62.51 -8.72 -46.17
C TYR B 400 61.00 -8.66 -46.19
N PHE B 401 60.38 -7.69 -45.53
CA PHE B 401 58.92 -7.67 -45.43
C PHE B 401 58.40 -6.24 -45.45
N LYS B 402 57.14 -6.10 -45.84
CA LYS B 402 56.42 -4.84 -45.80
C LYS B 402 55.23 -4.98 -44.87
N LEU B 403 54.93 -3.92 -44.12
CA LEU B 403 53.80 -3.95 -43.23
C LEU B 403 52.49 -3.76 -43.99
N GLY B 404 51.47 -4.51 -43.60
CA GLY B 404 50.22 -4.52 -44.32
C GLY B 404 49.46 -3.21 -44.20
N ASN B 405 48.33 -3.14 -44.91
CA ASN B 405 47.53 -1.93 -44.96
C ASN B 405 46.67 -1.73 -43.72
N ASN B 406 46.61 -2.72 -42.82
CA ASN B 406 45.82 -2.60 -41.61
C ASN B 406 46.57 -1.96 -40.46
N LEU B 407 47.83 -1.59 -40.66
CA LEU B 407 48.65 -0.99 -39.62
C LEU B 407 48.74 0.51 -39.83
N ASN B 408 48.07 1.27 -38.97
CA ASN B 408 48.26 2.71 -38.98
C ASN B 408 49.62 3.06 -38.40
N GLN B 409 49.92 4.36 -38.36
CA GLN B 409 51.28 4.79 -38.01
C GLN B 409 51.71 4.32 -36.64
N ARG B 410 50.82 4.37 -35.64
CA ARG B 410 51.21 3.95 -34.30
C ARG B 410 51.46 2.45 -34.23
N ASP B 411 50.65 1.66 -34.93
CA ASP B 411 50.91 0.21 -34.98
C ASP B 411 52.23 -0.06 -35.69
N VAL B 412 52.52 0.70 -36.74
CA VAL B 412 53.81 0.59 -37.42
C VAL B 412 54.95 0.85 -36.44
N ILE B 413 54.84 1.92 -35.67
CA ILE B 413 55.89 2.27 -34.71
C ILE B 413 56.06 1.16 -33.68
N ALA B 414 54.95 0.66 -33.13
CA ALA B 414 55.02 -0.37 -32.11
C ALA B 414 55.66 -1.64 -32.65
N VAL B 415 55.27 -2.04 -33.86
CA VAL B 415 55.81 -3.27 -34.43
C VAL B 415 57.30 -3.11 -34.72
N ARG B 416 57.70 -1.97 -35.25
CA ARG B 416 59.13 -1.75 -35.49
C ARG B 416 59.91 -1.81 -34.19
N LYS B 417 59.40 -1.18 -33.14
CA LYS B 417 60.11 -1.17 -31.86
C LYS B 417 60.24 -2.59 -31.31
N THR B 418 59.15 -3.36 -31.31
CA THR B 418 59.23 -4.70 -30.74
C THR B 418 60.14 -5.60 -31.55
N VAL B 419 60.09 -5.50 -32.88
CA VAL B 419 60.98 -6.31 -33.71
C VAL B 419 62.42 -5.94 -33.45
N SER B 420 62.71 -4.64 -33.35
CA SER B 420 64.07 -4.21 -33.08
C SER B 420 64.56 -4.75 -31.74
N GLY B 421 63.69 -4.69 -30.73
CA GLY B 421 64.07 -5.22 -29.43
C GLY B 421 64.39 -6.70 -29.47
N LEU B 422 63.50 -7.49 -30.09
CA LEU B 422 63.74 -8.92 -30.13
C LEU B 422 64.99 -9.27 -30.94
N MET B 423 65.24 -8.52 -32.02
CA MET B 423 66.46 -8.75 -32.78
C MET B 423 67.70 -8.42 -31.94
N LYS B 424 67.63 -7.35 -31.15
CA LYS B 424 68.75 -7.01 -30.28
C LYS B 424 69.02 -8.12 -29.26
N LEU B 425 67.97 -8.66 -28.65
CA LEU B 425 68.19 -9.77 -27.72
C LEU B 425 68.78 -10.99 -28.42
N LEU B 426 68.24 -11.38 -29.57
CA LEU B 426 68.61 -12.66 -30.15
C LEU B 426 69.76 -12.58 -31.14
N TYR B 427 69.93 -11.46 -31.84
CA TYR B 427 71.00 -11.33 -32.82
C TYR B 427 71.78 -10.03 -32.61
N PRO B 428 72.50 -9.91 -31.49
CA PRO B 428 73.27 -8.69 -31.24
C PRO B 428 74.36 -8.44 -32.27
N HIS B 429 74.96 -9.49 -32.82
CA HIS B 429 76.09 -9.33 -33.72
C HIS B 429 75.69 -8.77 -35.07
N GLY B 430 74.40 -8.69 -35.37
CA GLY B 430 73.96 -8.06 -36.60
C GLY B 430 73.82 -8.97 -37.80
N GLN B 431 74.06 -10.27 -37.65
CA GLN B 431 73.90 -11.21 -38.75
C GLN B 431 72.60 -11.98 -38.55
N PHE B 432 71.70 -11.87 -39.52
CA PHE B 432 70.40 -12.52 -39.41
C PHE B 432 69.88 -12.84 -40.81
N ASN B 433 68.91 -13.75 -40.87
CA ASN B 433 68.32 -14.19 -42.12
C ASN B 433 66.85 -13.77 -42.18
N LYS B 434 66.19 -14.15 -43.28
CA LYS B 434 64.80 -13.77 -43.48
C LYS B 434 63.88 -14.48 -42.50
N GLU B 435 64.15 -15.76 -42.21
CA GLU B 435 63.29 -16.52 -41.31
C GLU B 435 63.28 -15.93 -39.91
N ASP B 436 64.44 -15.49 -39.43
CA ASP B 436 64.53 -14.93 -38.09
C ASP B 436 63.69 -13.66 -37.96
N VAL B 437 63.84 -12.76 -38.93
CA VAL B 437 63.04 -11.54 -38.95
C VAL B 437 61.56 -11.87 -39.07
N ARG B 438 61.25 -12.92 -39.84
CA ARG B 438 59.85 -13.35 -39.96
C ARG B 438 59.28 -13.76 -38.62
N GLN B 439 60.02 -14.56 -37.85
CA GLN B 439 59.54 -14.99 -36.54
C GLN B 439 59.34 -13.80 -35.60
N CYS B 440 60.35 -12.93 -35.54
CA CYS B 440 60.25 -11.77 -34.66
C CYS B 440 59.07 -10.87 -35.07
N LEU B 441 58.89 -10.69 -36.37
CA LEU B 441 57.80 -9.86 -36.87
C LEU B 441 56.46 -10.47 -36.53
N GLU B 442 56.34 -11.79 -36.63
CA GLU B 442 55.09 -12.44 -36.26
C GLU B 442 54.77 -12.21 -34.79
N TYR B 443 55.78 -12.36 -33.92
CA TYR B 443 55.52 -12.13 -32.50
C TYR B 443 55.12 -10.68 -32.23
N ALA B 444 55.82 -9.73 -32.87
CA ALA B 444 55.50 -8.33 -32.65
C ALA B 444 54.10 -7.99 -33.13
N LEU B 445 53.72 -8.50 -34.30
CA LEU B 445 52.39 -8.23 -34.82
C LEU B 445 51.33 -8.81 -33.90
N GLN B 446 51.57 -10.01 -33.35
CA GLN B 446 50.62 -10.59 -32.42
C GLN B 446 50.44 -9.71 -31.19
N VAL B 447 51.56 -9.30 -30.55
CA VAL B 447 51.43 -8.56 -29.31
C VAL B 447 50.80 -7.20 -29.55
N ARG B 448 51.11 -6.53 -30.66
CA ARG B 448 50.45 -5.26 -30.94
C ARG B 448 48.98 -5.45 -31.27
N ARG B 449 48.66 -6.53 -32.00
CA ARG B 449 47.27 -6.78 -32.38
C ARG B 449 46.40 -6.99 -31.15
N ARG B 450 46.97 -7.56 -30.08
CA ARG B 450 46.14 -7.75 -28.89
C ARG B 450 45.68 -6.41 -28.31
N VAL B 451 46.60 -5.45 -28.21
CA VAL B 451 46.22 -4.10 -27.80
C VAL B 451 45.21 -3.52 -28.78
N LYS B 452 45.41 -3.77 -30.07
CA LYS B 452 44.49 -3.23 -31.06
C LYS B 452 43.08 -3.76 -30.85
N GLU B 453 42.96 -5.06 -30.54
CA GLU B 453 41.65 -5.65 -30.29
C GLU B 453 41.00 -5.07 -29.05
N GLN B 454 41.78 -4.88 -27.98
CA GLN B 454 41.21 -4.24 -26.80
C GLN B 454 40.74 -2.82 -27.10
N LEU B 455 41.53 -2.07 -27.87
CA LEU B 455 41.12 -0.74 -28.29
C LEU B 455 39.84 -0.80 -29.12
N LYS B 456 39.73 -1.79 -29.99
CA LYS B 456 38.48 -1.97 -30.74
C LYS B 456 37.30 -2.10 -29.81
N LYS B 457 37.37 -3.06 -28.87
CA LYS B 457 36.24 -3.30 -27.98
C LYS B 457 35.92 -2.10 -27.12
N ILE B 458 36.91 -1.30 -26.75
CA ILE B 458 36.66 -0.20 -25.82
C ILE B 458 36.29 1.09 -26.56
N GLY B 459 36.64 1.21 -27.84
CA GLY B 459 36.50 2.49 -28.50
C GLY B 459 35.61 2.53 -29.72
N GLY B 460 35.21 1.38 -30.25
CA GLY B 460 34.24 1.42 -31.34
C GLY B 460 34.86 1.78 -32.67
N MET B 461 34.44 2.92 -33.20
CA MET B 461 34.61 3.23 -34.62
C MET B 461 36.06 3.18 -35.06
N GLU B 462 36.97 3.72 -34.23
CA GLU B 462 38.30 4.07 -34.72
C GLU B 462 39.19 2.85 -34.95
N PHE B 463 38.92 1.72 -34.32
CA PHE B 463 39.90 0.64 -34.23
C PHE B 463 39.36 -0.68 -34.77
N TYR B 464 38.69 -0.65 -35.92
CA TYR B 464 38.23 -1.90 -36.53
C TYR B 464 39.26 -2.52 -37.46
N ASP B 465 40.34 -1.79 -37.76
CA ASP B 465 41.41 -2.33 -38.61
C ASP B 465 42.33 -3.19 -37.74
N VAL B 466 41.81 -4.33 -37.32
CA VAL B 466 42.56 -5.26 -36.47
C VAL B 466 43.07 -6.46 -37.23
N HIS B 467 43.04 -6.44 -38.55
CA HIS B 467 43.44 -7.60 -39.35
C HIS B 467 44.91 -7.44 -39.75
N PHE B 468 45.77 -7.65 -38.76
CA PHE B 468 47.19 -7.38 -38.93
C PHE B 468 47.83 -8.44 -39.81
N SER B 469 48.63 -8.01 -40.77
CA SER B 469 49.27 -8.93 -41.72
C SER B 469 50.48 -8.25 -42.35
N TYR B 470 51.34 -9.06 -42.96
CA TYR B 470 52.56 -8.56 -43.56
C TYR B 470 52.78 -9.22 -44.92
N ILE B 471 53.47 -8.49 -45.80
CA ILE B 471 53.66 -8.89 -47.19
C ILE B 471 55.12 -9.25 -47.41
N ASP B 472 55.36 -10.44 -47.96
CA ASP B 472 56.70 -10.85 -48.32
C ASP B 472 57.22 -9.99 -49.46
N ASN B 473 58.54 -9.78 -49.49
CA ASN B 473 59.12 -8.96 -50.56
C ASN B 473 59.49 -9.78 -51.78
N ASP B 474 59.55 -11.11 -51.68
CA ASP B 474 59.94 -11.94 -52.81
C ASP B 474 58.76 -12.61 -53.47
N THR B 475 57.95 -13.35 -52.72
CA THR B 475 56.78 -14.01 -53.28
C THR B 475 55.56 -13.13 -53.31
N LEU B 476 55.60 -11.97 -52.67
CA LEU B 476 54.48 -11.05 -52.51
C LEU B 476 53.30 -11.69 -51.78
N GLU B 477 53.49 -12.87 -51.20
CA GLU B 477 52.44 -13.54 -50.45
C GLU B 477 52.17 -12.81 -49.15
N GLU B 478 50.89 -12.64 -48.82
CA GLU B 478 50.47 -11.93 -47.63
C GLU B 478 50.17 -12.95 -46.53
N HIS B 479 50.86 -12.81 -45.39
CA HIS B 479 50.69 -13.70 -44.25
C HIS B 479 49.94 -12.95 -43.16
N PHE B 480 48.90 -13.58 -42.62
CA PHE B 480 48.08 -13.00 -41.57
C PHE B 480 48.44 -13.64 -40.23
N VAL B 481 48.37 -12.85 -39.16
CA VAL B 481 48.74 -13.32 -37.82
C VAL B 481 47.54 -13.12 -36.91
N SER B 482 47.24 -14.14 -36.11
CA SER B 482 46.09 -14.12 -35.23
C SER B 482 46.53 -14.30 -33.78
N VAL B 483 45.60 -13.99 -32.87
CA VAL B 483 45.82 -14.12 -31.44
C VAL B 483 44.93 -15.23 -30.92
N LYS B 484 45.49 -16.09 -30.06
CA LYS B 484 44.79 -17.32 -29.67
C LYS B 484 43.56 -17.06 -28.82
N GLU B 485 43.52 -15.98 -28.05
CA GLU B 485 42.32 -15.68 -27.29
C GLU B 485 41.12 -15.38 -28.18
N GLN B 486 41.35 -14.91 -29.40
CA GLN B 486 40.30 -14.80 -30.40
C GLN B 486 40.13 -16.16 -31.10
N GLY B 487 39.49 -16.15 -32.25
CA GLY B 487 39.17 -17.39 -32.93
C GLY B 487 40.23 -17.87 -33.89
N GLY B 488 39.89 -17.91 -35.17
CA GLY B 488 40.73 -18.53 -36.18
C GLY B 488 40.07 -19.82 -36.60
N GLY B 489 39.63 -19.88 -37.86
CA GLY B 489 38.71 -20.91 -38.26
C GLY B 489 37.39 -20.74 -37.54
N GLY B 490 36.66 -21.83 -37.30
CA GLY B 490 35.38 -21.73 -36.63
C GLY B 490 34.46 -20.78 -37.34
N LEU B 491 34.37 -20.95 -38.67
CA LEU B 491 33.87 -19.93 -39.58
C LEU B 491 32.49 -19.41 -39.17
N ILE B 492 31.54 -20.32 -38.96
CA ILE B 492 30.24 -19.95 -38.40
C ILE B 492 29.98 -20.78 -37.15
N PRO B 493 30.02 -20.20 -35.96
CA PRO B 493 29.80 -20.98 -34.74
C PRO B 493 28.36 -21.46 -34.64
N GLU B 494 28.19 -22.61 -33.99
CA GLU B 494 26.86 -23.14 -33.74
C GLU B 494 26.16 -22.32 -32.66
N GLY B 495 24.84 -22.16 -32.81
CA GLY B 495 24.07 -21.38 -31.88
C GLY B 495 23.62 -20.06 -32.47
N PRO B 496 22.74 -19.36 -31.77
CA PRO B 496 22.22 -18.09 -32.29
C PRO B 496 23.24 -16.98 -32.18
N ALA B 497 23.50 -16.31 -33.29
CA ALA B 497 24.39 -15.16 -33.29
C ALA B 497 23.67 -13.94 -32.72
N LYS B 498 24.45 -12.92 -32.38
CA LYS B 498 23.86 -11.68 -31.89
C LYS B 498 23.19 -10.95 -33.04
N PRO B 499 22.14 -10.18 -32.76
CA PRO B 499 21.45 -9.45 -33.83
C PRO B 499 22.39 -8.48 -34.53
N GLY B 500 22.21 -8.35 -35.83
CA GLY B 500 23.06 -7.49 -36.64
C GLY B 500 24.29 -8.16 -37.21
N PHE B 501 24.57 -9.40 -36.82
CA PHE B 501 25.70 -10.15 -37.35
C PHE B 501 25.19 -11.26 -38.24
N LEU B 502 25.69 -11.33 -39.47
CA LEU B 502 25.31 -12.42 -40.36
C LEU B 502 26.51 -12.82 -41.20
N TYR B 503 26.33 -13.90 -41.95
CA TYR B 503 27.37 -14.45 -42.81
C TYR B 503 26.85 -14.57 -44.24
N THR B 504 27.70 -14.21 -45.20
CA THR B 504 27.35 -14.33 -46.61
C THR B 504 28.52 -14.95 -47.37
N ILE B 505 28.24 -15.39 -48.59
CA ILE B 505 29.27 -15.92 -49.47
C ILE B 505 29.20 -15.16 -50.79
N GLY B 506 30.35 -14.69 -51.26
CA GLY B 506 30.35 -13.85 -52.45
C GLY B 506 31.54 -14.11 -53.34
N LEU B 507 31.43 -13.59 -54.56
CA LEU B 507 32.51 -13.68 -55.54
C LEU B 507 33.41 -12.47 -55.42
N SER B 508 34.63 -12.69 -54.93
CA SER B 508 35.56 -11.59 -54.70
C SER B 508 36.16 -11.10 -56.01
N ASN B 509 37.14 -10.20 -55.88
CA ASN B 509 37.85 -9.69 -57.05
C ASN B 509 38.60 -10.77 -57.81
N LYS B 510 38.97 -11.86 -57.14
CA LYS B 510 39.67 -12.96 -57.78
C LYS B 510 38.74 -14.04 -58.32
N GLY B 511 37.43 -13.88 -58.15
CA GLY B 511 36.46 -14.78 -58.74
C GLY B 511 36.24 -16.07 -57.98
N MET B 512 36.97 -16.31 -56.90
CA MET B 512 36.77 -17.54 -56.15
C MET B 512 35.85 -17.27 -54.97
N PRO B 513 34.84 -18.13 -54.73
CA PRO B 513 33.87 -17.83 -53.69
C PRO B 513 34.52 -17.74 -52.32
N GLY B 514 34.07 -16.77 -51.53
CA GLY B 514 34.66 -16.53 -50.23
C GLY B 514 33.60 -16.11 -49.23
N LEU B 515 33.83 -16.49 -47.98
CA LEU B 515 32.90 -16.16 -46.91
C LEU B 515 33.23 -14.79 -46.35
N TYR B 516 32.19 -14.05 -45.96
CA TYR B 516 32.33 -12.77 -45.28
C TYR B 516 31.34 -12.71 -44.14
N ARG B 517 31.66 -11.93 -43.12
CA ARG B 517 30.76 -11.67 -42.01
C ARG B 517 30.43 -10.18 -42.00
N LEU B 518 29.13 -9.89 -41.96
CA LEU B 518 28.66 -8.52 -41.89
C LEU B 518 28.23 -8.24 -40.46
N GLU B 519 28.80 -7.18 -39.88
CA GLU B 519 28.54 -6.80 -38.49
C GLU B 519 27.93 -5.41 -38.50
N LEU B 520 26.73 -5.28 -37.95
CA LEU B 520 26.05 -3.99 -37.89
C LEU B 520 25.96 -3.52 -36.44
N GLN B 521 26.47 -2.32 -36.19
CA GLN B 521 26.37 -1.66 -34.90
C GLN B 521 25.33 -0.56 -35.00
N VAL B 522 24.29 -0.65 -34.18
CA VAL B 522 23.17 0.29 -34.21
C VAL B 522 23.19 1.10 -32.93
N THR B 523 23.24 2.43 -33.08
CA THR B 523 23.16 3.32 -31.93
C THR B 523 22.14 4.41 -32.22
N LYS B 524 21.82 5.20 -31.20
CA LYS B 524 20.90 6.31 -31.39
C LYS B 524 21.58 7.40 -32.21
N GLY B 525 20.88 7.88 -33.24
CA GLY B 525 21.45 8.87 -34.13
C GLY B 525 20.46 9.52 -35.06
N SER B 526 20.92 9.90 -36.25
CA SER B 526 20.09 10.59 -37.24
C SER B 526 19.99 9.83 -38.55
N GLY B 527 20.15 8.51 -38.52
CA GLY B 527 20.07 7.71 -39.73
C GLY B 527 21.33 7.67 -40.55
N LYS B 528 22.46 8.11 -40.00
CA LYS B 528 23.70 8.13 -40.75
C LYS B 528 24.27 6.73 -40.89
N LEU B 529 24.81 6.44 -42.08
CA LEU B 529 25.41 5.15 -42.38
C LEU B 529 26.93 5.29 -42.45
N ALA B 530 27.64 4.45 -41.70
CA ALA B 530 29.09 4.44 -41.70
C ALA B 530 29.59 3.06 -42.13
N THR B 531 30.76 3.03 -42.77
CA THR B 531 31.28 1.81 -43.36
C THR B 531 32.70 1.53 -42.86
N SER B 532 33.05 0.25 -42.80
CA SER B 532 34.41 -0.16 -42.49
C SER B 532 34.64 -1.58 -42.97
N GLY B 533 35.90 -1.87 -43.30
CA GLY B 533 36.27 -3.21 -43.73
C GLY B 533 35.96 -3.55 -45.17
N LEU B 534 35.72 -2.55 -46.02
CA LEU B 534 35.32 -2.76 -47.40
C LEU B 534 36.48 -2.79 -48.37
N TRP B 535 37.72 -2.76 -47.86
CA TRP B 535 38.93 -2.69 -48.70
C TRP B 535 38.92 -1.43 -49.57
N ASN B 536 38.17 -0.42 -49.14
CA ASN B 536 38.07 0.88 -49.83
C ASN B 536 37.50 0.70 -51.24
N SER B 537 36.81 -0.41 -51.47
CA SER B 537 36.20 -0.65 -52.78
C SER B 537 35.09 0.33 -53.05
N SER B 538 35.18 1.06 -54.17
CA SER B 538 34.15 2.05 -54.50
C SER B 538 32.84 1.36 -54.87
N SER B 539 32.91 0.28 -55.64
CA SER B 539 31.70 -0.45 -56.00
C SER B 539 31.02 -1.03 -54.77
N ALA B 540 31.80 -1.52 -53.81
CA ALA B 540 31.22 -2.04 -52.57
C ALA B 540 30.52 -0.92 -51.79
N LYS B 541 31.12 0.27 -51.75
CA LYS B 541 30.48 1.38 -51.06
C LYS B 541 29.20 1.81 -51.77
N GLU B 542 29.20 1.77 -53.10
CA GLU B 542 27.96 2.05 -53.84
C GLU B 542 26.90 1.01 -53.53
N GLN B 543 27.30 -0.26 -53.41
CA GLN B 543 26.37 -1.31 -53.03
C GLN B 543 25.78 -1.05 -51.64
N VAL B 544 26.63 -0.64 -50.70
CA VAL B 544 26.16 -0.32 -49.35
C VAL B 544 25.17 0.83 -49.40
N LYS B 545 25.48 1.86 -50.19
CA LYS B 545 24.58 2.99 -50.31
C LYS B 545 23.24 2.58 -50.92
N ILE B 546 23.27 1.73 -51.94
CA ILE B 546 22.04 1.25 -52.56
C ILE B 546 21.21 0.47 -51.55
N ALA B 547 21.86 -0.41 -50.78
CA ALA B 547 21.15 -1.20 -49.79
C ALA B 547 20.53 -0.32 -48.73
N PHE B 548 21.26 0.68 -48.25
CA PHE B 548 20.71 1.55 -47.21
C PHE B 548 19.61 2.45 -47.76
N ASP B 549 19.72 2.86 -49.03
CA ASP B 549 18.63 3.61 -49.64
C ASP B 549 17.36 2.77 -49.74
N TYR B 550 17.50 1.51 -50.15
CA TYR B 550 16.35 0.62 -50.17
C TYR B 550 15.77 0.41 -48.78
N PHE B 551 16.66 0.31 -47.77
CA PHE B 551 16.19 0.17 -46.39
C PHE B 551 15.41 1.40 -45.95
N LYS B 552 15.89 2.59 -46.29
CA LYS B 552 15.17 3.82 -45.94
C LYS B 552 13.82 3.89 -46.65
N ALA B 553 13.80 3.53 -47.94
CA ALA B 553 12.55 3.58 -48.69
C ALA B 553 11.56 2.51 -48.22
N ASN B 554 12.06 1.38 -47.71
CA ASN B 554 11.21 0.27 -47.32
C ASN B 554 11.30 -0.04 -45.83
N ALA B 555 11.54 0.98 -45.00
CA ALA B 555 11.61 0.75 -43.56
C ALA B 555 10.26 0.33 -43.01
N SER B 556 9.17 0.94 -43.49
CA SER B 556 7.84 0.60 -43.00
C SER B 556 7.44 -0.81 -43.38
N ARG B 557 7.77 -1.24 -44.60
CA ARG B 557 7.38 -2.57 -45.05
C ARG B 557 8.11 -3.68 -44.30
N ILE B 558 9.19 -3.36 -43.59
CA ILE B 558 9.98 -4.35 -42.90
C ILE B 558 9.81 -4.29 -41.39
N SER B 559 9.99 -3.11 -40.80
CA SER B 559 9.98 -2.96 -39.35
C SER B 559 8.58 -2.69 -38.79
N GLY B 560 7.68 -2.10 -39.57
CA GLY B 560 6.33 -1.86 -39.11
C GLY B 560 6.21 -0.84 -37.99
N GLY B 561 7.12 0.14 -37.94
CA GLY B 561 7.03 1.18 -36.95
C GLY B 561 8.34 1.68 -36.40
N SER B 562 9.43 0.93 -36.60
CA SER B 562 10.74 1.39 -36.17
C SER B 562 11.22 2.50 -37.09
N LYS B 563 11.81 3.55 -36.52
CA LYS B 563 12.23 4.71 -37.29
C LYS B 563 13.73 4.62 -37.56
N VAL B 564 14.10 4.51 -38.84
CA VAL B 564 15.51 4.50 -39.22
C VAL B 564 16.14 5.88 -39.04
N MET B 565 15.35 6.93 -39.22
CA MET B 565 15.83 8.29 -39.09
C MET B 565 16.35 8.62 -37.68
N GLU B 566 15.99 7.83 -36.68
CA GLU B 566 16.40 8.09 -35.31
C GLU B 566 17.53 7.19 -34.82
N HIS B 567 18.18 6.45 -35.72
CA HIS B 567 19.27 5.56 -35.34
C HIS B 567 20.33 5.50 -36.43
N ASP B 568 21.59 5.56 -36.01
CA ASP B 568 22.73 5.48 -36.91
C ASP B 568 23.29 4.07 -36.92
N PHE B 569 23.75 3.63 -38.08
CA PHE B 569 24.23 2.27 -38.29
C PHE B 569 25.66 2.31 -38.81
N HIS B 570 26.49 1.37 -38.34
CA HIS B 570 27.83 1.15 -38.85
C HIS B 570 27.92 -0.28 -39.35
N LEU B 571 28.35 -0.45 -40.59
CA LEU B 571 28.51 -1.77 -41.18
C LEU B 571 29.99 -2.08 -41.35
N HIS B 572 30.42 -3.20 -40.77
CA HIS B 572 31.79 -3.66 -40.87
C HIS B 572 31.82 -4.99 -41.60
N VAL B 573 32.72 -5.11 -42.57
CA VAL B 573 32.89 -6.30 -43.37
C VAL B 573 34.14 -7.01 -42.89
N VAL B 574 34.00 -8.28 -42.50
CA VAL B 574 35.11 -9.10 -42.04
C VAL B 574 35.30 -10.22 -43.06
N GLU B 575 36.52 -10.35 -43.57
CA GLU B 575 36.80 -11.42 -44.53
C GLU B 575 37.49 -12.57 -43.81
N LEU B 576 36.88 -13.75 -43.86
CA LEU B 576 37.32 -14.89 -43.06
C LEU B 576 38.06 -15.95 -43.86
N GLN B 577 38.12 -15.83 -45.19
CA GLN B 577 38.87 -16.76 -46.01
C GLN B 577 39.97 -16.06 -46.80
N ASN B 578 39.95 -14.72 -46.85
CA ASN B 578 40.98 -13.93 -47.53
C ASN B 578 40.99 -14.20 -49.03
N THR B 579 39.81 -14.11 -49.66
CA THR B 579 39.73 -14.26 -51.11
C THR B 579 39.87 -12.93 -51.84
N GLY B 580 39.56 -11.82 -51.18
CA GLY B 580 39.59 -10.52 -51.82
C GLY B 580 38.33 -9.73 -51.53
N PRO B 581 38.31 -8.45 -51.90
CA PRO B 581 37.13 -7.62 -51.62
C PRO B 581 35.91 -8.12 -52.39
N LEU B 582 34.74 -7.96 -51.77
CA LEU B 582 33.49 -8.42 -52.35
C LEU B 582 32.69 -7.23 -52.89
N SER B 583 32.07 -7.43 -54.04
CA SER B 583 31.17 -6.44 -54.61
C SER B 583 29.70 -6.79 -54.37
N HIS B 584 29.35 -8.08 -54.48
CA HIS B 584 27.97 -8.52 -54.34
C HIS B 584 27.63 -8.63 -52.87
N LEU B 585 27.14 -7.53 -52.29
CA LEU B 585 26.85 -7.50 -50.86
C LEU B 585 25.59 -6.74 -50.49
N ALA B 586 24.79 -6.28 -51.46
CA ALA B 586 23.63 -5.46 -51.14
C ALA B 586 22.62 -6.22 -50.30
N LEU B 587 22.31 -7.46 -50.69
CA LEU B 587 21.34 -8.25 -49.93
C LEU B 587 21.79 -8.58 -48.52
N PRO B 588 23.00 -9.12 -48.28
CA PRO B 588 23.40 -9.36 -46.89
C PRO B 588 23.47 -8.10 -46.06
N SER B 589 23.88 -6.97 -46.66
CA SER B 589 23.89 -5.70 -45.94
C SER B 589 22.48 -5.27 -45.55
N LEU B 590 21.52 -5.42 -46.47
CA LEU B 590 20.14 -5.08 -46.16
C LEU B 590 19.58 -5.96 -45.06
N VAL B 591 19.89 -7.26 -45.12
CA VAL B 591 19.44 -8.18 -44.07
C VAL B 591 20.07 -7.79 -42.73
N ALA B 592 21.34 -7.38 -42.75
CA ALA B 592 22.00 -6.93 -41.53
C ALA B 592 21.32 -5.69 -40.97
N PHE B 593 20.99 -4.74 -41.85
CA PHE B 593 20.27 -3.54 -41.42
C PHE B 593 18.95 -3.92 -40.74
N ALA B 594 18.18 -4.78 -41.38
CA ALA B 594 16.87 -5.16 -40.84
C ALA B 594 17.02 -5.90 -39.52
N SER B 595 17.99 -6.81 -39.44
CA SER B 595 18.20 -7.58 -38.22
C SER B 595 18.63 -6.68 -37.07
N GLY B 596 19.52 -5.74 -37.35
CA GLY B 596 19.96 -4.83 -36.31
C GLY B 596 18.86 -3.91 -35.82
N LEU B 597 18.06 -3.37 -36.76
CA LEU B 597 16.99 -2.46 -36.37
C LEU B 597 15.94 -3.18 -35.52
N LEU B 598 15.52 -4.38 -35.94
CA LEU B 598 14.53 -5.13 -35.19
C LEU B 598 15.13 -5.90 -34.01
N GLY B 599 16.45 -6.01 -33.94
CA GLY B 599 17.07 -6.76 -32.87
C GLY B 599 16.80 -8.24 -32.91
N ARG B 600 16.54 -8.79 -34.09
CA ARG B 600 16.25 -10.21 -34.26
C ARG B 600 17.50 -10.92 -34.75
N SER B 601 17.91 -11.95 -34.02
CA SER B 601 19.07 -12.73 -34.42
C SER B 601 18.81 -13.44 -35.74
N VAL B 602 19.80 -13.37 -36.64
CA VAL B 602 19.73 -14.15 -37.85
C VAL B 602 19.74 -15.63 -37.47
N GLN B 603 19.06 -16.44 -38.28
CA GLN B 603 18.97 -17.87 -37.99
C GLN B 603 20.37 -18.48 -37.91
N SER B 604 20.54 -19.38 -36.94
CA SER B 604 21.84 -19.97 -36.70
C SER B 604 22.32 -20.75 -37.92
N GLN B 605 23.58 -20.55 -38.28
CA GLN B 605 24.21 -21.24 -39.40
C GLN B 605 23.46 -20.99 -40.72
N MET B 606 22.93 -19.78 -40.89
CA MET B 606 22.21 -19.42 -42.10
C MET B 606 23.07 -18.51 -42.97
N VAL B 607 23.15 -18.84 -44.25
CA VAL B 607 23.92 -18.08 -45.22
C VAL B 607 22.96 -17.39 -46.17
N VAL B 608 23.12 -16.08 -46.32
CA VAL B 608 22.30 -15.27 -47.22
C VAL B 608 23.07 -15.05 -48.50
N LEU B 609 22.48 -15.43 -49.63
CA LEU B 609 23.11 -15.28 -50.93
C LEU B 609 22.29 -14.36 -51.82
N GLY B 610 22.78 -14.17 -53.04
CA GLY B 610 22.15 -13.29 -54.01
C GLY B 610 22.56 -11.85 -53.83
N ASP B 611 22.14 -11.03 -54.79
CA ASP B 611 22.38 -9.60 -54.74
C ASP B 611 21.13 -8.88 -55.21
N MET B 612 20.98 -7.63 -54.79
CA MET B 612 19.79 -6.84 -55.12
C MET B 612 20.23 -5.47 -55.61
N SER B 613 19.43 -4.92 -56.53
CA SER B 613 19.67 -3.58 -57.04
C SER B 613 18.73 -2.59 -56.35
N LEU B 614 18.86 -1.32 -56.74
CA LEU B 614 18.06 -0.28 -56.11
C LEU B 614 16.56 -0.48 -56.38
N GLY B 615 16.22 -1.13 -57.49
CA GLY B 615 14.83 -1.36 -57.83
C GLY B 615 14.18 -2.53 -57.12
N GLY B 616 14.90 -3.24 -56.28
CA GLY B 616 14.36 -4.39 -55.59
C GLY B 616 14.42 -5.69 -56.36
N SER B 617 15.18 -5.74 -57.45
CA SER B 617 15.30 -6.95 -58.23
C SER B 617 16.38 -7.86 -57.63
N VAL B 618 16.09 -9.15 -57.60
CA VAL B 618 17.03 -10.14 -57.07
C VAL B 618 17.81 -10.74 -58.22
N THR B 619 19.07 -11.08 -57.97
CA THR B 619 19.94 -11.59 -59.02
C THR B 619 20.34 -13.04 -58.74
N PRO B 620 20.66 -13.81 -59.77
CA PRO B 620 21.09 -15.20 -59.53
C PRO B 620 22.46 -15.24 -58.87
N VAL B 621 22.71 -16.34 -58.15
CA VAL B 621 24.02 -16.54 -57.53
C VAL B 621 24.93 -17.24 -58.52
N GLU B 622 25.97 -16.54 -58.95
CA GLU B 622 26.91 -17.11 -59.90
C GLU B 622 27.84 -18.09 -59.20
N SER B 623 28.15 -19.20 -59.89
CA SER B 623 28.94 -20.29 -59.33
C SER B 623 28.30 -20.79 -58.02
N ILE B 624 26.99 -21.08 -58.11
CA ILE B 624 26.22 -21.40 -56.92
C ILE B 624 26.71 -22.70 -56.27
N ALA B 625 27.13 -23.67 -57.10
CA ALA B 625 27.60 -24.94 -56.56
C ALA B 625 28.84 -24.75 -55.69
N GLU B 626 29.80 -23.96 -56.18
CA GLU B 626 31.00 -23.69 -55.39
C GLU B 626 30.67 -22.90 -54.13
N CYS B 627 29.75 -21.95 -54.23
CA CYS B 627 29.33 -21.18 -53.06
C CYS B 627 28.73 -22.10 -52.00
N LEU B 628 27.89 -23.06 -52.41
CA LEU B 628 27.27 -23.97 -51.45
C LEU B 628 28.29 -24.95 -50.90
N GLN B 629 29.28 -25.36 -51.71
CA GLN B 629 30.36 -26.17 -51.18
C GLN B 629 31.14 -25.41 -50.11
N VAL B 630 31.37 -24.12 -50.34
CA VAL B 630 32.01 -23.28 -49.32
C VAL B 630 31.15 -23.22 -48.07
N ALA B 631 29.84 -23.06 -48.24
CA ALA B 631 28.93 -23.02 -47.10
C ALA B 631 29.00 -24.30 -46.29
N PHE B 632 29.04 -25.44 -46.97
CA PHE B 632 29.25 -26.72 -46.29
C PHE B 632 30.59 -26.73 -45.56
N ASP B 633 31.63 -26.24 -46.21
CA ASP B 633 32.96 -26.22 -45.58
C ASP B 633 32.99 -25.26 -44.40
N ALA B 634 32.31 -24.12 -44.53
CA ALA B 634 32.32 -23.12 -43.47
C ALA B 634 31.40 -23.45 -42.31
N GLY B 635 30.55 -24.48 -42.45
CA GLY B 635 29.69 -24.90 -41.36
C GLY B 635 28.25 -24.47 -41.45
N ALA B 636 27.77 -24.11 -42.64
CA ALA B 636 26.39 -23.65 -42.78
C ALA B 636 25.41 -24.82 -42.74
N LYS B 637 24.21 -24.55 -42.23
CA LYS B 637 23.11 -25.50 -42.26
C LYS B 637 21.85 -24.95 -42.92
N LYS B 638 21.68 -23.64 -42.99
CA LYS B 638 20.54 -23.01 -43.64
C LYS B 638 21.03 -22.07 -44.72
N VAL B 639 20.30 -21.99 -45.83
CA VAL B 639 20.64 -21.10 -46.94
C VAL B 639 19.37 -20.44 -47.44
N ALA B 640 19.46 -19.15 -47.75
CA ALA B 640 18.40 -18.42 -48.42
C ALA B 640 18.84 -18.14 -49.86
N LEU B 641 18.15 -18.76 -50.81
CA LEU B 641 18.54 -18.64 -52.20
C LEU B 641 17.52 -17.83 -52.98
N PRO B 642 17.95 -17.05 -53.96
CA PRO B 642 16.98 -16.34 -54.80
C PRO B 642 16.22 -17.32 -55.68
N MET B 643 14.96 -16.99 -55.97
CA MET B 643 14.18 -17.82 -56.88
C MET B 643 14.79 -17.82 -58.27
N SER B 644 15.52 -16.77 -58.64
CA SER B 644 16.21 -16.72 -59.91
C SER B 644 17.27 -17.82 -60.03
N SER B 645 17.98 -18.11 -58.93
CA SER B 645 18.94 -19.20 -58.91
C SER B 645 18.27 -20.57 -58.89
N ALA B 646 16.93 -20.60 -58.90
CA ALA B 646 16.21 -21.86 -58.83
C ALA B 646 16.55 -22.79 -59.98
N ALA B 647 16.62 -22.25 -61.21
CA ALA B 647 16.98 -23.07 -62.36
C ALA B 647 18.37 -23.68 -62.22
N ASP B 648 19.19 -23.13 -61.33
CA ASP B 648 20.53 -23.64 -61.10
C ASP B 648 20.57 -24.80 -60.11
N ILE B 649 19.42 -25.20 -59.55
CA ILE B 649 19.40 -26.31 -58.60
C ILE B 649 19.92 -27.60 -59.19
N PRO B 650 19.51 -28.04 -60.40
CA PRO B 650 19.98 -29.35 -60.89
C PRO B 650 21.49 -29.47 -61.03
N THR B 651 22.20 -28.37 -61.29
CA THR B 651 23.65 -28.42 -61.43
C THR B 651 24.36 -28.74 -60.11
N ILE B 652 23.66 -28.69 -58.99
CA ILE B 652 24.26 -28.90 -57.68
C ILE B 652 24.29 -30.39 -57.35
N PRO B 653 25.41 -30.91 -56.85
CA PRO B 653 25.45 -32.32 -56.45
C PRO B 653 24.43 -32.64 -55.38
N VAL B 654 23.89 -33.86 -55.44
CA VAL B 654 22.80 -34.25 -54.54
C VAL B 654 23.26 -34.25 -53.09
N GLU B 655 24.39 -34.93 -52.81
CA GLU B 655 24.86 -35.03 -51.43
C GLU B 655 25.21 -33.66 -50.87
N LEU B 656 25.60 -32.73 -51.73
CA LEU B 656 25.86 -31.36 -51.28
C LEU B 656 24.56 -30.64 -50.96
N PHE B 657 23.55 -30.78 -51.83
CA PHE B 657 22.32 -30.02 -51.66
C PHE B 657 21.48 -30.55 -50.51
N THR B 658 21.66 -31.83 -50.15
CA THR B 658 20.92 -32.38 -49.02
C THR B 658 21.34 -31.78 -47.68
N LYS B 659 22.44 -31.03 -47.64
CA LYS B 659 22.97 -30.52 -46.38
C LYS B 659 22.37 -29.18 -45.97
N PHE B 660 21.42 -28.65 -46.73
CA PHE B 660 20.88 -27.32 -46.49
C PHE B 660 19.38 -27.39 -46.19
N GLN B 661 18.96 -26.70 -45.13
CA GLN B 661 17.56 -26.38 -44.91
C GLN B 661 17.23 -25.19 -45.79
N THR B 662 16.97 -25.46 -47.06
CA THR B 662 17.03 -24.44 -48.11
C THR B 662 15.78 -23.57 -48.09
N SER B 663 15.97 -22.28 -48.33
CA SER B 663 14.89 -21.29 -48.40
C SER B 663 15.02 -20.52 -49.69
N PHE B 664 13.90 -20.29 -50.39
CA PHE B 664 13.89 -19.55 -51.65
C PHE B 664 13.03 -18.30 -51.48
N TYR B 665 13.68 -17.15 -51.40
CA TYR B 665 12.97 -15.89 -51.30
C TYR B 665 12.57 -15.39 -52.69
N ALA B 666 11.75 -14.33 -52.70
CA ALA B 666 11.29 -13.71 -53.94
C ALA B 666 11.80 -12.28 -54.11
N ASP B 667 11.55 -11.41 -53.14
CA ASP B 667 12.00 -10.02 -53.21
C ASP B 667 12.80 -9.70 -51.95
N PRO B 668 13.53 -8.57 -51.91
CA PRO B 668 14.40 -8.32 -50.75
C PRO B 668 13.69 -8.34 -49.41
N VAL B 669 12.45 -7.88 -49.34
CA VAL B 669 11.73 -7.92 -48.07
C VAL B 669 11.44 -9.37 -47.66
N ASP B 670 11.08 -10.22 -48.63
CA ASP B 670 10.89 -11.64 -48.34
C ASP B 670 12.21 -12.28 -47.91
N ALA B 671 13.31 -11.89 -48.54
CA ALA B 671 14.61 -12.41 -48.11
C ALA B 671 14.92 -11.99 -46.68
N VAL B 672 14.59 -10.75 -46.32
CA VAL B 672 14.77 -10.28 -44.95
C VAL B 672 13.96 -11.14 -43.99
N PHE B 673 12.69 -11.37 -44.34
CA PHE B 673 11.82 -12.14 -43.45
C PHE B 673 12.32 -13.58 -43.30
N LYS B 674 12.80 -14.17 -44.38
CA LYS B 674 13.35 -15.52 -44.30
C LYS B 674 14.61 -15.55 -43.43
N GLY B 675 15.48 -14.56 -43.58
CA GLY B 675 16.66 -14.51 -42.74
C GLY B 675 16.31 -14.35 -41.27
N LEU B 676 15.30 -13.53 -40.97
CA LEU B 676 14.86 -13.33 -39.60
C LEU B 676 13.96 -14.45 -39.08
N GLY B 677 13.49 -15.33 -39.96
CA GLY B 677 12.62 -16.41 -39.54
C GLY B 677 11.23 -15.95 -39.15
N GLU C 2 52.17 18.02 -62.06
CA GLU C 2 52.28 16.78 -61.30
C GLU C 2 53.74 16.45 -61.01
N SER C 3 54.19 15.31 -61.53
CA SER C 3 55.58 14.88 -61.33
C SER C 3 56.55 15.89 -61.94
N ALA C 4 56.24 16.37 -63.14
CA ALA C 4 57.05 17.42 -63.75
C ALA C 4 57.01 18.69 -62.90
N ASN C 5 55.82 19.04 -62.42
CA ASN C 5 55.67 20.19 -61.53
C ASN C 5 56.44 19.96 -60.23
N ASP C 6 56.37 18.75 -59.69
CA ASP C 6 57.10 18.42 -58.47
C ASP C 6 58.59 18.62 -58.67
N LYS C 7 59.13 18.09 -59.78
CA LYS C 7 60.56 18.21 -60.03
C LYS C 7 60.97 19.66 -60.23
N GLU C 8 60.22 20.40 -61.05
CA GLU C 8 60.58 21.80 -61.31
C GLU C 8 60.50 22.62 -60.03
N LEU C 9 59.54 22.29 -59.16
CA LEU C 9 59.53 22.89 -57.83
C LEU C 9 60.79 22.53 -57.06
N ASP C 10 61.28 21.30 -57.24
CA ASP C 10 62.51 20.90 -56.57
C ASP C 10 63.70 21.74 -57.02
N GLN C 11 63.85 21.96 -58.33
CA GLN C 11 64.96 22.81 -58.77
C GLN C 11 64.75 24.26 -58.37
N LEU C 12 63.49 24.71 -58.33
CA LEU C 12 63.24 26.06 -57.84
C LEU C 12 63.68 26.23 -56.39
N LEU C 13 63.35 25.24 -55.55
CA LEU C 13 63.77 25.29 -54.15
C LEU C 13 65.29 25.23 -54.03
N ASN C 14 65.92 24.36 -54.83
CA ASN C 14 67.38 24.26 -54.79
C ASN C 14 68.04 25.53 -55.28
N GLU C 15 67.39 26.25 -56.20
CA GLU C 15 67.98 27.46 -56.75
C GLU C 15 67.83 28.63 -55.78
N HIS C 16 66.60 29.00 -55.46
CA HIS C 16 66.36 30.18 -54.65
C HIS C 16 66.61 29.95 -53.16
N PHE C 17 66.54 28.71 -52.70
CA PHE C 17 66.79 28.37 -51.30
C PHE C 17 67.93 27.38 -51.18
N ALA C 18 69.02 27.62 -51.90
CA ALA C 18 70.18 26.75 -51.83
C ALA C 18 70.75 26.72 -50.42
N GLY C 19 70.99 25.50 -49.92
CA GLY C 19 71.47 25.32 -48.57
C GLY C 19 70.41 25.43 -47.50
N ARG C 20 69.16 25.63 -47.86
CA ARG C 20 68.06 25.72 -46.92
C ARG C 20 66.97 24.71 -47.17
N VAL C 21 67.20 23.75 -48.07
CA VAL C 21 66.20 22.76 -48.44
C VAL C 21 66.86 21.38 -48.39
N VAL C 22 66.02 20.36 -48.19
CA VAL C 22 66.51 18.99 -48.06
C VAL C 22 65.38 18.02 -48.36
N ARG C 23 65.72 16.86 -48.91
CA ARG C 23 64.74 15.77 -49.00
C ARG C 23 64.36 15.37 -47.59
N LYS C 24 63.12 15.68 -47.19
CA LYS C 24 62.75 15.51 -45.79
C LYS C 24 62.44 14.06 -45.44
N ASP C 25 62.29 13.19 -46.44
CA ASP C 25 62.07 11.78 -46.14
C ASP C 25 63.24 11.18 -45.39
N LEU C 26 64.48 11.42 -45.84
CA LEU C 26 65.64 10.82 -45.21
C LEU C 26 65.73 11.20 -43.74
N THR C 27 65.11 12.31 -43.35
CA THR C 27 65.14 12.73 -41.96
C THR C 27 64.50 11.70 -41.05
N LYS C 28 63.37 11.12 -41.47
CA LYS C 28 62.74 10.11 -40.62
C LYS C 28 63.58 8.84 -40.57
N LEU C 29 64.59 8.74 -41.43
CA LEU C 29 65.55 7.65 -41.35
C LEU C 29 66.53 7.82 -40.20
N ILE C 30 66.56 8.99 -39.56
CA ILE C 30 67.52 9.27 -38.51
C ILE C 30 66.79 9.45 -37.18
N LYS C 31 65.59 10.04 -37.25
CA LYS C 31 64.85 10.52 -36.09
C LYS C 31 64.72 9.49 -34.97
N GLU C 32 64.32 8.27 -35.31
CA GLU C 32 63.98 7.24 -34.33
C GLU C 32 65.07 7.03 -33.29
N GLY C 33 66.31 6.84 -33.75
CA GLY C 33 67.42 6.67 -32.84
C GLY C 33 68.17 7.95 -32.55
N ALA C 34 67.47 8.98 -32.09
CA ALA C 34 68.10 10.26 -31.82
C ALA C 34 67.24 11.06 -30.85
N ASN C 35 67.86 11.58 -29.80
CA ASN C 35 67.18 12.42 -28.83
C ASN C 35 67.23 13.90 -29.21
N VAL C 36 68.01 14.26 -30.21
CA VAL C 36 68.22 15.67 -30.56
C VAL C 36 66.98 16.22 -31.24
N PRO C 37 66.61 17.48 -31.03
CA PRO C 37 65.46 18.05 -31.74
C PRO C 37 65.66 18.01 -33.25
N VAL C 38 64.54 18.01 -33.96
CA VAL C 38 64.54 17.70 -35.40
C VAL C 38 65.32 18.73 -36.19
N TYR C 39 65.12 20.02 -35.87
CA TYR C 39 65.73 21.08 -36.68
C TYR C 39 67.25 21.02 -36.65
N VAL C 40 67.82 20.51 -35.55
CA VAL C 40 69.26 20.32 -35.49
C VAL C 40 69.68 19.26 -36.52
N LEU C 41 68.93 18.17 -36.60
CA LEU C 41 69.20 17.15 -37.61
C LEU C 41 69.08 17.75 -39.01
N GLU C 42 68.07 18.60 -39.21
CA GLU C 42 67.90 19.28 -40.49
C GLU C 42 69.13 20.07 -40.86
N TYR C 43 69.62 20.89 -39.93
CA TYR C 43 70.80 21.72 -40.21
C TYR C 43 72.01 20.85 -40.49
N LEU C 44 72.19 19.78 -39.72
CA LEU C 44 73.36 18.92 -39.92
C LEU C 44 73.31 18.24 -41.28
N LEU C 45 72.15 17.73 -41.67
CA LEU C 45 72.04 17.13 -43.00
C LEU C 45 72.22 18.17 -44.09
N GLY C 46 71.79 19.41 -43.85
CA GLY C 46 72.09 20.48 -44.77
C GLY C 46 73.58 20.70 -44.93
N MET C 47 74.34 20.56 -43.84
CA MET C 47 75.79 20.71 -43.90
C MET C 47 76.49 19.50 -44.49
N TYR C 48 75.98 18.28 -44.26
CA TYR C 48 76.70 17.07 -44.59
C TYR C 48 76.20 16.40 -45.86
N CYS C 49 75.28 17.05 -46.59
CA CYS C 49 74.77 16.52 -47.84
C CYS C 49 75.08 17.51 -48.95
N ALA C 50 75.70 17.02 -50.03
CA ALA C 50 76.11 17.87 -51.14
C ALA C 50 75.13 17.85 -52.31
N SER C 51 74.70 16.67 -52.74
CA SER C 51 73.85 16.57 -53.93
C SER C 51 72.92 15.37 -53.74
N ASP C 52 72.29 14.93 -54.84
CA ASP C 52 71.30 13.86 -54.81
C ASP C 52 71.90 12.50 -55.16
N ASP C 53 73.22 12.35 -55.09
CA ASP C 53 73.82 11.05 -55.30
C ASP C 53 73.44 10.14 -54.14
N PRO C 54 72.83 8.98 -54.42
CA PRO C 54 72.46 8.08 -53.32
C PRO C 54 73.64 7.68 -52.44
N GLU C 55 74.81 7.47 -53.04
CA GLU C 55 76.00 7.20 -52.25
C GLU C 55 76.37 8.38 -51.36
N ILE C 56 76.30 9.59 -51.92
CA ILE C 56 76.57 10.79 -51.14
C ILE C 56 75.57 10.92 -50.00
N ILE C 57 74.28 10.68 -50.30
CA ILE C 57 73.25 10.80 -49.27
C ILE C 57 73.51 9.81 -48.14
N GLU C 58 73.78 8.55 -48.49
CA GLU C 58 73.97 7.52 -47.47
C GLU C 58 75.23 7.78 -46.65
N GLN C 59 76.31 8.22 -47.31
CA GLN C 59 77.54 8.49 -46.59
C GLN C 59 77.39 9.71 -45.67
N GLY C 60 76.63 10.72 -46.12
CA GLY C 60 76.35 11.85 -45.25
C GLY C 60 75.51 11.44 -44.05
N LEU C 61 74.55 10.54 -44.27
CA LEU C 61 73.76 10.02 -43.16
C LEU C 61 74.65 9.28 -42.17
N ARG C 62 75.58 8.47 -42.68
CA ARG C 62 76.54 7.81 -41.81
C ARG C 62 77.36 8.82 -41.02
N ASN C 63 77.83 9.87 -41.69
CA ASN C 63 78.64 10.88 -41.03
C ASN C 63 77.86 11.57 -39.92
N VAL C 64 76.60 11.91 -40.19
CA VAL C 64 75.76 12.57 -39.19
C VAL C 64 75.54 11.65 -38.00
N LYS C 65 75.22 10.38 -38.26
CA LYS C 65 75.01 9.45 -37.16
C LYS C 65 76.28 9.29 -36.33
N THR C 66 77.44 9.22 -36.99
CA THR C 66 78.70 9.10 -36.25
C THR C 66 78.94 10.32 -35.40
N VAL C 67 78.69 11.51 -35.95
CA VAL C 67 78.90 12.75 -35.19
C VAL C 67 78.01 12.76 -33.95
N LEU C 68 76.73 12.46 -34.13
CA LEU C 68 75.79 12.49 -33.02
C LEU C 68 76.14 11.45 -31.97
N ALA C 69 76.51 10.24 -32.40
CA ALA C 69 76.86 9.20 -31.45
C ALA C 69 78.11 9.59 -30.67
N GLU C 70 79.10 10.17 -31.35
CA GLU C 70 80.37 10.49 -30.70
C GLU C 70 80.25 11.66 -29.74
N ASN C 71 79.55 12.73 -30.13
CA ASN C 71 79.66 13.98 -29.39
C ASN C 71 78.39 14.36 -28.63
N TYR C 72 77.43 13.46 -28.47
CA TYR C 72 76.27 13.77 -27.65
C TYR C 72 76.62 13.58 -26.17
N VAL C 73 75.93 14.33 -25.32
CA VAL C 73 76.15 14.27 -23.87
C VAL C 73 74.84 13.82 -23.24
N ARG C 74 74.84 12.59 -22.72
CA ARG C 74 73.72 12.10 -21.93
C ARG C 74 73.67 12.89 -20.64
N PRO C 75 72.48 13.32 -20.20
CA PRO C 75 72.39 14.08 -18.95
C PRO C 75 73.02 13.35 -17.77
N ASP C 76 72.71 12.06 -17.64
CA ASP C 76 73.30 11.27 -16.57
C ASP C 76 74.80 11.15 -16.75
N GLU C 77 75.27 11.19 -18.00
CA GLU C 77 76.69 11.08 -18.31
C GLU C 77 77.37 12.44 -18.15
N ALA C 78 76.58 13.49 -17.86
CA ALA C 78 77.09 14.85 -17.89
C ALA C 78 78.34 15.01 -17.05
N GLU C 79 78.29 14.57 -15.79
CA GLU C 79 79.45 14.70 -14.91
C GLU C 79 80.69 14.07 -15.53
N LYS C 80 80.54 12.88 -16.12
CA LYS C 80 81.66 12.22 -16.77
C LYS C 80 82.37 13.16 -17.73
N VAL C 81 81.60 13.84 -18.57
CA VAL C 81 82.19 14.73 -19.58
C VAL C 81 83.09 15.75 -18.92
N LYS C 82 82.65 16.32 -17.80
CA LYS C 82 83.47 17.32 -17.12
C LYS C 82 84.86 16.77 -16.83
N SER C 83 84.93 15.57 -16.26
CA SER C 83 86.24 14.99 -15.97
C SER C 83 87.05 14.80 -17.25
N LEU C 84 86.38 14.36 -18.31
CA LEU C 84 87.09 14.17 -19.58
C LEU C 84 87.69 15.49 -20.07
N VAL C 85 87.01 16.60 -19.78
CA VAL C 85 87.58 17.90 -20.15
C VAL C 85 88.87 18.14 -19.38
N ARG C 86 88.87 17.83 -18.07
CA ARG C 86 90.01 18.15 -17.23
C ARG C 86 91.24 17.33 -17.62
N GLU C 87 91.05 16.05 -17.88
CA GLU C 87 92.19 15.18 -18.13
C GLU C 87 92.78 15.39 -19.53
N ARG C 88 91.93 15.59 -20.53
CA ARG C 88 92.41 15.76 -21.89
C ARG C 88 92.68 17.21 -22.27
N GLY C 89 92.41 18.15 -21.37
CA GLY C 89 92.66 19.55 -21.64
C GLY C 89 91.53 20.20 -22.42
N SER C 90 90.99 19.49 -23.40
CA SER C 90 89.88 19.99 -24.19
C SER C 90 89.04 18.80 -24.64
N TYR C 91 87.76 19.07 -24.89
CA TYR C 91 86.83 18.02 -25.29
C TYR C 91 85.69 18.61 -26.10
N LYS C 92 85.24 17.87 -27.10
CA LYS C 92 84.21 18.35 -28.01
C LYS C 92 82.86 17.77 -27.62
N VAL C 93 81.85 18.63 -27.55
CA VAL C 93 80.51 18.23 -27.15
C VAL C 93 79.47 18.86 -28.05
N ILE C 94 78.27 18.29 -28.04
CA ILE C 94 77.09 18.85 -28.69
C ILE C 94 76.14 19.26 -27.58
N ASP C 95 75.77 20.54 -27.52
CA ASP C 95 74.87 20.95 -26.46
C ASP C 95 74.22 22.27 -26.81
N ARG C 96 73.12 22.57 -26.11
CA ARG C 96 72.40 23.83 -26.27
C ARG C 96 73.01 24.85 -25.31
N VAL C 97 73.48 25.96 -25.86
CA VAL C 97 74.25 26.94 -25.10
C VAL C 97 73.47 28.25 -25.08
N THR C 98 73.40 28.85 -23.89
CA THR C 98 72.91 30.22 -23.75
C THR C 98 74.05 31.07 -23.20
N VAL C 99 73.95 32.38 -23.32
CA VAL C 99 75.01 33.25 -22.82
C VAL C 99 74.40 34.45 -22.10
N LYS C 100 75.04 34.82 -20.99
CA LYS C 100 74.68 36.00 -20.23
C LYS C 100 75.93 36.80 -19.89
N LEU C 101 75.77 38.11 -19.83
CA LEU C 101 76.89 38.99 -19.51
C LEU C 101 76.96 39.21 -18.00
N ASN C 102 77.93 38.57 -17.36
CA ASN C 102 78.21 38.81 -15.94
C ASN C 102 78.81 40.20 -15.85
N GLU C 103 77.97 41.17 -15.51
CA GLU C 103 78.41 42.55 -15.39
C GLU C 103 79.29 42.77 -14.15
N ARG C 104 79.15 41.94 -13.12
CA ARG C 104 80.06 42.04 -11.99
C ARG C 104 81.50 41.72 -12.38
N LYS C 105 81.71 40.66 -13.17
CA LYS C 105 83.04 40.34 -13.67
C LYS C 105 83.29 40.90 -15.07
N ASP C 106 82.28 41.52 -15.68
CA ASP C 106 82.40 42.08 -17.03
C ASP C 106 82.87 41.02 -18.02
N LYS C 107 82.26 39.84 -17.96
CA LYS C 107 82.67 38.75 -18.82
C LYS C 107 81.45 37.98 -19.28
N TYR C 108 81.59 37.29 -20.41
CA TYR C 108 80.50 36.51 -20.96
C TYR C 108 80.55 35.07 -20.45
N GLU C 109 79.47 34.66 -19.79
CA GLU C 109 79.34 33.31 -19.24
C GLU C 109 78.30 32.56 -20.05
N ALA C 110 78.70 31.41 -20.57
CA ALA C 110 77.81 30.52 -21.30
C ALA C 110 77.33 29.42 -20.37
N SER C 111 76.06 29.07 -20.51
CA SER C 111 75.40 28.02 -19.75
C SER C 111 75.08 26.88 -20.70
N PHE C 112 75.55 25.69 -20.34
CA PHE C 112 75.25 24.46 -21.07
C PHE C 112 74.12 23.75 -20.36
N SER C 113 72.92 23.81 -20.93
CA SER C 113 71.72 23.38 -20.22
C SER C 113 71.79 21.90 -19.85
N ASN C 114 72.18 21.05 -20.81
CA ASN C 114 72.21 19.63 -20.54
C ASN C 114 73.44 19.24 -19.71
N LEU C 115 74.58 19.88 -19.98
CA LEU C 115 75.81 19.49 -19.29
C LEU C 115 75.82 19.92 -17.83
N GLY C 116 75.09 20.97 -17.46
CA GLY C 116 75.07 21.42 -16.10
C GLY C 116 76.00 22.57 -15.79
N ILE C 117 76.88 22.95 -16.70
CA ILE C 117 77.70 24.14 -16.50
C ILE C 117 76.81 25.38 -16.61
N LYS C 118 77.07 26.36 -15.75
CA LYS C 118 76.25 27.56 -15.73
C LYS C 118 77.02 28.83 -16.01
N ASP C 119 78.35 28.84 -15.85
CA ASP C 119 79.10 30.08 -16.03
C ASP C 119 80.42 29.89 -16.79
N ALA C 120 80.46 29.03 -17.81
CA ALA C 120 81.70 28.80 -18.53
C ALA C 120 82.15 30.07 -19.24
N GLU C 121 83.41 30.44 -19.05
CA GLU C 121 83.91 31.67 -19.65
C GLU C 121 84.00 31.52 -21.17
N ILE C 122 83.49 32.50 -21.90
CA ILE C 122 83.62 32.52 -23.36
C ILE C 122 84.07 33.89 -23.82
N SER C 123 84.88 33.92 -24.86
CA SER C 123 85.47 35.17 -25.33
C SER C 123 84.43 36.05 -25.99
N ALA C 124 84.76 37.34 -26.12
CA ALA C 124 83.84 38.29 -26.72
C ALA C 124 83.69 38.07 -28.22
N GLY C 125 84.72 37.54 -28.88
CA GLY C 125 84.63 37.31 -30.31
C GLY C 125 83.57 36.29 -30.66
N ILE C 126 83.52 35.18 -29.92
CA ILE C 126 82.51 34.17 -30.16
C ILE C 126 81.12 34.75 -29.93
N VAL C 127 80.97 35.57 -28.90
CA VAL C 127 79.68 36.21 -28.63
C VAL C 127 79.28 37.11 -29.80
N LYS C 128 80.23 37.89 -30.31
CA LYS C 128 79.90 38.86 -31.36
C LYS C 128 79.59 38.15 -32.68
N GLU C 129 80.21 36.99 -32.92
CA GLU C 129 79.96 36.28 -34.17
C GLU C 129 78.52 35.78 -34.25
N TYR C 130 77.98 35.26 -33.14
CA TYR C 130 76.66 34.63 -33.12
C TYR C 130 75.80 35.31 -32.05
N GLU C 131 75.04 36.33 -32.46
CA GLU C 131 74.19 37.04 -31.51
C GLU C 131 73.00 36.20 -31.07
N LYS C 132 72.65 35.16 -31.84
CA LYS C 132 71.57 34.27 -31.43
C LYS C 132 71.86 33.59 -30.10
N LEU C 133 73.13 33.50 -29.71
CA LEU C 133 73.46 32.95 -28.40
C LEU C 133 72.82 33.76 -27.29
N LEU C 134 72.61 35.05 -27.49
CA LEU C 134 72.13 35.92 -26.42
C LEU C 134 70.62 35.93 -26.31
N VAL C 135 69.89 35.38 -27.28
CA VAL C 135 68.44 35.45 -27.27
C VAL C 135 67.80 34.29 -26.51
N GLY C 136 68.01 33.05 -26.94
CA GLY C 136 67.44 31.92 -26.26
C GLY C 136 68.37 30.73 -26.22
N GLY C 137 69.60 30.92 -26.71
CA GLY C 137 70.55 29.84 -26.75
C GLY C 137 70.31 28.94 -27.93
N ILE C 138 71.37 28.46 -28.57
CA ILE C 138 71.25 27.63 -29.76
C ILE C 138 72.04 26.35 -29.55
N TRP C 139 71.69 25.32 -30.32
CA TRP C 139 72.42 24.07 -30.27
C TRP C 139 73.72 24.20 -31.04
N VAL C 140 74.85 24.02 -30.36
CA VAL C 140 76.15 24.20 -30.97
C VAL C 140 77.05 23.01 -30.67
N ILE C 141 78.05 22.85 -31.52
CA ILE C 141 79.19 21.98 -31.25
C ILE C 141 80.26 22.86 -30.62
N ALA C 142 80.71 22.48 -29.43
CA ALA C 142 81.59 23.31 -28.63
C ALA C 142 82.84 22.53 -28.25
N THR C 143 83.94 23.26 -28.07
CA THR C 143 85.21 22.68 -27.65
C THR C 143 85.55 23.20 -26.27
N LEU C 144 85.07 22.50 -25.25
CA LEU C 144 85.33 22.89 -23.87
C LEU C 144 86.81 22.78 -23.55
N SER C 145 87.31 23.74 -22.78
CA SER C 145 88.69 23.75 -22.30
C SER C 145 88.69 24.01 -20.81
N TYR C 146 89.67 23.42 -20.12
CA TYR C 146 89.76 23.50 -18.67
C TYR C 146 91.11 24.12 -18.31
N TYR C 147 91.10 25.08 -17.40
CA TYR C 147 92.32 25.80 -17.02
C TYR C 147 92.13 26.37 -15.63
N PHE C 148 92.78 25.77 -14.64
CA PHE C 148 92.60 26.14 -13.24
C PHE C 148 93.93 26.56 -12.64
N GLU C 149 93.92 27.72 -11.98
CA GLU C 149 95.03 28.17 -11.16
C GLU C 149 94.55 28.37 -9.74
N GLU C 150 95.36 27.94 -8.78
CA GLU C 150 94.95 27.99 -7.38
C GLU C 150 94.67 29.44 -6.97
N GLY C 151 93.54 29.64 -6.30
CA GLY C 151 93.11 30.95 -5.89
C GLY C 151 92.26 31.70 -6.89
N GLN C 152 92.06 31.16 -8.08
CA GLN C 152 91.23 31.82 -9.08
C GLN C 152 89.77 31.79 -8.65
N THR C 153 88.98 32.72 -9.19
CA THR C 153 87.58 32.85 -8.83
C THR C 153 86.63 32.56 -9.99
N SER C 154 87.10 32.69 -11.23
CA SER C 154 86.24 32.44 -12.37
C SER C 154 86.03 30.96 -12.58
N SER C 155 85.04 30.62 -13.40
CA SER C 155 84.79 29.23 -13.73
C SER C 155 85.97 28.68 -14.53
N PRO C 156 86.52 27.53 -14.14
CA PRO C 156 87.69 26.99 -14.85
C PRO C 156 87.37 26.40 -16.21
N PHE C 157 86.10 26.27 -16.58
CA PHE C 157 85.73 25.76 -17.88
C PHE C 157 85.64 26.89 -18.88
N GLY C 158 86.34 26.74 -20.01
CA GLY C 158 86.30 27.73 -21.05
C GLY C 158 86.01 27.08 -22.40
N VAL C 159 85.42 27.87 -23.28
CA VAL C 159 85.01 27.41 -24.60
C VAL C 159 85.94 28.07 -25.62
N SER C 160 86.65 27.25 -26.39
CA SER C 160 87.59 27.76 -27.39
C SER C 160 86.96 27.87 -28.77
N LEU C 161 86.38 26.77 -29.27
CA LEU C 161 85.75 26.76 -30.58
C LEU C 161 84.27 26.48 -30.41
N LEU C 162 83.46 27.08 -31.28
CA LEU C 162 82.01 26.95 -31.18
C LEU C 162 81.40 27.15 -32.56
N LYS C 163 80.67 26.15 -33.02
CA LYS C 163 79.99 26.24 -34.32
C LYS C 163 78.49 25.98 -34.12
N PRO C 164 77.64 26.89 -34.57
CA PRO C 164 76.19 26.68 -34.41
C PRO C 164 75.70 25.50 -35.24
N ILE C 165 74.61 24.91 -34.76
CA ILE C 165 73.98 23.81 -35.47
C ILE C 165 72.53 24.20 -35.75
N GLN C 166 72.27 25.50 -35.80
CA GLN C 166 71.01 26.05 -36.24
C GLN C 166 71.32 27.14 -37.26
N MET C 167 70.32 27.56 -38.02
CA MET C 167 70.53 28.67 -38.95
C MET C 167 70.91 29.91 -38.16
N PRO C 168 72.14 30.39 -38.28
CA PRO C 168 72.60 31.48 -37.40
C PRO C 168 72.01 32.84 -37.77
N ASN C 169 71.83 33.13 -39.05
CA ASN C 169 71.40 34.44 -39.49
C ASN C 169 70.29 34.30 -40.50
N MET C 170 69.45 35.33 -40.61
CA MET C 170 68.29 35.30 -41.49
C MET C 170 68.44 36.35 -42.58
N ASN C 171 68.25 35.93 -43.83
CA ASN C 171 68.29 36.83 -44.99
C ASN C 171 66.90 36.82 -45.63
N MET C 172 66.01 37.69 -45.14
CA MET C 172 64.65 37.70 -45.70
C MET C 172 64.59 38.40 -47.04
N ASP C 173 65.64 39.14 -47.43
CA ASP C 173 65.67 39.65 -48.80
C ASP C 173 65.72 38.49 -49.80
N GLU C 174 66.56 37.50 -49.52
CA GLU C 174 66.59 36.30 -50.35
C GLU C 174 65.26 35.55 -50.30
N LEU C 175 64.62 35.54 -49.13
CA LEU C 175 63.33 34.86 -49.00
C LEU C 175 62.26 35.56 -49.83
N PHE C 176 62.25 36.90 -49.82
CA PHE C 176 61.34 37.65 -50.67
C PHE C 176 61.60 37.38 -52.14
N SER C 177 62.89 37.31 -52.51
CA SER C 177 63.26 36.98 -53.87
C SER C 177 62.70 35.62 -54.27
N GLY C 178 62.88 34.62 -53.40
CA GLY C 178 62.37 33.29 -53.69
C GLY C 178 60.86 33.26 -53.80
N ARG C 179 60.17 33.91 -52.89
CA ARG C 179 58.71 33.92 -52.93
C ARG C 179 58.21 34.60 -54.20
N ALA C 180 58.81 35.73 -54.57
CA ALA C 180 58.42 36.41 -55.79
C ALA C 180 58.71 35.55 -57.02
N ALA C 181 59.78 34.76 -56.96
CA ALA C 181 60.11 33.86 -58.07
C ALA C 181 59.16 32.67 -58.17
N LEU C 182 58.27 32.47 -57.21
CA LEU C 182 57.35 31.36 -57.20
C LEU C 182 55.90 31.83 -57.25
N SER C 183 55.03 30.96 -57.74
CA SER C 183 53.61 31.25 -57.75
C SER C 183 53.01 31.05 -56.36
N THR C 184 51.80 31.58 -56.17
CA THR C 184 51.11 31.41 -54.90
C THR C 184 50.84 29.94 -54.61
N ASP C 185 50.40 29.19 -55.61
CA ASP C 185 50.17 27.76 -55.43
C ASP C 185 51.47 27.06 -55.06
N GLN C 186 52.55 27.38 -55.75
CA GLN C 186 53.83 26.77 -55.44
C GLN C 186 54.29 27.12 -54.02
N TRP C 187 54.11 28.37 -53.62
CA TRP C 187 54.50 28.77 -52.27
C TRP C 187 53.70 28.04 -51.21
N ARG C 188 52.38 27.95 -51.40
CA ARG C 188 51.54 27.24 -50.43
C ARG C 188 51.93 25.76 -50.37
N GLU C 189 52.17 25.15 -51.52
CA GLU C 189 52.49 23.73 -51.54
C GLU C 189 53.83 23.49 -50.87
N SER C 190 54.79 24.38 -51.09
CA SER C 190 56.10 24.26 -50.46
C SER C 190 56.00 24.45 -48.95
N LEU C 191 55.16 25.38 -48.50
CA LEU C 191 54.95 25.55 -47.07
C LEU C 191 54.37 24.28 -46.47
N ILE C 192 53.40 23.66 -47.15
CA ILE C 192 52.84 22.41 -46.65
C ILE C 192 53.90 21.32 -46.60
N ARG C 193 54.77 21.28 -47.61
CA ARG C 193 55.88 20.34 -47.58
C ARG C 193 56.82 20.62 -46.40
N SER C 194 56.92 21.89 -46.01
CA SER C 194 57.94 22.28 -45.05
C SER C 194 57.67 21.73 -43.66
N ILE C 195 56.47 21.21 -43.42
CA ILE C 195 56.18 20.58 -42.14
C ILE C 195 56.18 19.07 -42.33
N GLY C 196 56.59 18.62 -43.50
CA GLY C 196 56.75 17.19 -43.76
C GLY C 196 55.53 16.49 -44.31
N MET C 197 54.56 17.21 -44.82
CA MET C 197 53.32 16.61 -45.30
C MET C 197 53.32 16.57 -46.82
N GLU C 198 52.56 15.62 -47.38
CA GLU C 198 52.53 15.47 -48.83
C GLU C 198 51.48 16.40 -49.44
N PRO C 199 51.89 17.40 -50.20
CA PRO C 199 50.91 18.36 -50.74
C PRO C 199 49.91 17.74 -51.70
N ALA C 200 50.36 16.82 -52.56
CA ALA C 200 49.46 16.25 -53.56
C ALA C 200 48.38 15.37 -52.94
N SER C 201 48.62 14.84 -51.75
CA SER C 201 47.68 13.92 -51.11
C SER C 201 46.62 14.63 -50.28
N LEU C 202 46.59 15.96 -50.29
CA LEU C 202 45.67 16.71 -49.44
C LEU C 202 44.82 17.64 -50.31
N LYS C 203 43.58 17.86 -49.87
CA LYS C 203 42.69 18.79 -50.56
C LYS C 203 43.09 20.23 -50.24
N GLU C 204 42.56 21.17 -51.03
CA GLU C 204 42.85 22.58 -50.82
C GLU C 204 42.35 23.05 -49.47
N ASP C 205 41.16 22.60 -49.06
CA ASP C 205 40.60 23.01 -47.78
C ASP C 205 41.48 22.54 -46.62
N VAL C 206 42.00 21.32 -46.72
CA VAL C 206 42.88 20.84 -45.67
C VAL C 206 44.18 21.63 -45.66
N GLN C 207 44.66 22.04 -46.84
CA GLN C 207 45.85 22.90 -46.88
C GLN C 207 45.59 24.23 -46.20
N TRP C 208 44.41 24.82 -46.42
CA TRP C 208 44.12 26.10 -45.78
C TRP C 208 43.99 25.93 -44.27
N HIS C 209 43.43 24.82 -43.81
CA HIS C 209 43.38 24.59 -42.37
C HIS C 209 44.78 24.34 -41.79
N LEU C 210 45.66 23.69 -42.57
CA LEU C 210 47.05 23.57 -42.13
C LEU C 210 47.71 24.93 -42.00
N LEU C 211 47.46 25.83 -42.95
CA LEU C 211 48.01 27.18 -42.83
C LEU C 211 47.43 27.90 -41.62
N ALA C 212 46.14 27.70 -41.36
CA ALA C 212 45.55 28.25 -40.14
C ALA C 212 46.24 27.71 -38.90
N ARG C 213 46.72 26.47 -38.95
CA ARG C 213 47.53 25.96 -37.86
C ARG C 213 48.83 26.74 -37.68
N MET C 214 49.45 27.15 -38.79
CA MET C 214 50.70 27.91 -38.72
C MET C 214 50.49 29.35 -38.29
N VAL C 215 49.29 29.90 -38.49
CA VAL C 215 49.02 31.32 -38.22
C VAL C 215 49.48 31.77 -36.83
N PRO C 216 49.21 31.04 -35.74
CA PRO C 216 49.64 31.54 -34.42
C PRO C 216 51.12 31.84 -34.33
N PHE C 217 51.93 31.33 -35.26
CA PHE C 217 53.35 31.61 -35.23
C PHE C 217 53.70 32.96 -35.84
N VAL C 218 52.74 33.68 -36.41
CA VAL C 218 53.04 34.94 -37.08
C VAL C 218 52.26 36.14 -36.54
N GLU C 219 51.23 35.92 -35.73
CA GLU C 219 50.44 37.02 -35.20
C GLU C 219 50.53 37.05 -33.68
N ASN C 220 50.82 38.23 -33.14
CA ASN C 220 50.96 38.40 -31.70
C ASN C 220 49.62 38.21 -31.00
N ASN C 221 49.65 37.51 -29.87
CA ASN C 221 48.50 37.36 -28.98
C ASN C 221 47.33 36.70 -29.69
N TYR C 222 47.63 35.93 -30.72
CA TYR C 222 46.62 35.34 -31.58
C TYR C 222 46.19 34.01 -30.99
N ASN C 223 45.14 34.03 -30.19
CA ASN C 223 44.58 32.81 -29.63
C ASN C 223 43.98 31.98 -30.74
N VAL C 224 43.79 30.68 -30.48
CA VAL C 224 43.09 29.80 -31.41
C VAL C 224 42.75 28.51 -30.69
N CYS C 225 41.59 27.94 -31.00
CA CYS C 225 41.18 26.67 -30.42
C CYS C 225 40.87 25.67 -31.52
N GLU C 226 41.32 24.43 -31.34
CA GLU C 226 41.12 23.36 -32.29
C GLU C 226 40.78 22.08 -31.54
N LEU C 227 39.61 21.51 -31.84
CA LEU C 227 39.23 20.20 -31.34
C LEU C 227 39.06 19.27 -32.53
N GLY C 228 39.51 18.03 -32.40
CA GLY C 228 39.40 17.09 -33.48
C GLY C 228 39.62 15.64 -33.08
N PRO C 229 39.46 14.73 -34.04
CA PRO C 229 39.75 13.32 -33.78
C PRO C 229 41.23 13.09 -33.56
N ARG C 230 41.53 12.05 -32.79
CA ARG C 230 42.91 11.73 -32.48
C ARG C 230 43.64 11.25 -33.74
N GLY C 231 44.94 11.54 -33.78
CA GLY C 231 45.76 11.08 -34.88
C GLY C 231 45.86 12.00 -36.06
N THR C 232 45.36 13.22 -35.96
CA THR C 232 45.46 14.19 -37.05
C THR C 232 46.74 15.02 -36.97
N GLY C 233 47.62 14.71 -36.02
CA GLY C 233 48.87 15.44 -35.90
C GLY C 233 48.73 16.87 -35.46
N LYS C 234 47.80 17.17 -34.55
CA LYS C 234 47.64 18.53 -34.06
C LYS C 234 48.88 18.99 -33.31
N SER C 235 49.45 18.12 -32.48
CA SER C 235 50.53 18.51 -31.58
C SER C 235 51.91 18.37 -32.21
N HIS C 236 52.02 17.80 -33.41
CA HIS C 236 53.33 17.60 -34.02
C HIS C 236 54.02 18.93 -34.27
N ILE C 237 53.31 19.90 -34.83
CA ILE C 237 53.92 21.16 -35.22
C ILE C 237 54.41 21.94 -34.00
N TYR C 238 53.61 21.97 -32.94
CA TYR C 238 53.99 22.74 -31.77
C TYR C 238 55.10 22.07 -30.97
N LYS C 239 55.21 20.75 -30.99
CA LYS C 239 56.17 20.06 -30.15
C LYS C 239 57.50 19.80 -30.84
N GLU C 240 57.52 19.39 -32.10
CA GLU C 240 58.79 19.03 -32.73
C GLU C 240 59.28 20.02 -33.78
N CYS C 241 58.41 20.52 -34.65
CA CYS C 241 58.85 21.31 -35.79
C CYS C 241 58.94 22.80 -35.50
N SER C 242 59.17 23.20 -34.25
CA SER C 242 59.33 24.63 -34.00
C SER C 242 60.11 24.86 -32.73
N PRO C 243 61.28 25.51 -32.80
CA PRO C 243 61.98 25.92 -31.58
C PRO C 243 61.37 27.14 -30.90
N ASN C 244 60.33 27.75 -31.47
CA ASN C 244 59.69 28.92 -30.90
C ASN C 244 58.33 28.60 -30.29
N SER C 245 58.04 27.33 -30.05
CA SER C 245 56.77 26.92 -29.49
C SER C 245 56.99 25.92 -28.37
N ILE C 246 56.06 25.89 -27.42
CA ILE C 246 56.10 24.95 -26.31
C ILE C 246 54.72 24.35 -26.12
N LEU C 247 54.67 23.02 -25.98
CA LEU C 247 53.42 22.30 -25.78
C LEU C 247 53.30 21.97 -24.29
N VAL C 248 52.62 22.85 -23.56
CA VAL C 248 52.37 22.62 -22.14
C VAL C 248 51.47 21.41 -22.03
N SER C 249 51.95 20.37 -21.35
CA SER C 249 51.26 19.09 -21.29
C SER C 249 50.31 19.05 -20.10
N GLY C 250 49.06 18.70 -20.38
CA GLY C 250 48.05 18.59 -19.35
C GLY C 250 47.27 19.84 -19.07
N GLY C 251 47.75 21.00 -19.52
CA GLY C 251 47.05 22.25 -19.28
C GLY C 251 47.22 22.77 -17.87
N GLN C 252 47.59 21.89 -16.95
CA GLN C 252 47.77 22.23 -15.55
C GLN C 252 49.04 23.06 -15.43
N THR C 253 48.88 24.37 -15.27
CA THR C 253 50.01 25.25 -15.02
C THR C 253 49.59 26.36 -14.06
N THR C 254 50.48 26.66 -13.12
CA THR C 254 50.25 27.71 -12.14
C THR C 254 50.54 29.08 -12.77
N VAL C 255 49.81 30.08 -12.30
CA VAL C 255 49.96 31.43 -12.85
C VAL C 255 51.37 31.95 -12.60
N ALA C 256 52.04 31.46 -11.57
CA ALA C 256 53.41 31.90 -11.31
C ALA C 256 54.36 31.42 -12.39
N ASN C 257 54.10 30.24 -12.96
CA ASN C 257 54.97 29.72 -14.00
C ASN C 257 54.56 30.22 -15.38
N LEU C 258 53.26 30.28 -15.64
CA LEU C 258 52.79 30.70 -16.95
C LEU C 258 53.03 32.19 -17.19
N PHE C 259 52.73 33.04 -16.22
CA PHE C 259 52.66 34.48 -16.45
C PHE C 259 53.79 35.22 -15.76
N TYR C 260 53.93 35.11 -14.44
CA TYR C 260 54.87 35.96 -13.72
C TYR C 260 55.09 35.39 -12.33
N ASN C 261 56.35 35.20 -11.95
CA ASN C 261 56.71 34.73 -10.62
C ASN C 261 57.21 35.93 -9.81
N MET C 262 56.40 36.38 -8.85
CA MET C 262 56.76 37.56 -8.06
C MET C 262 58.04 37.33 -7.26
N SER C 263 58.21 36.14 -6.70
CA SER C 263 59.40 35.86 -5.90
C SER C 263 60.68 36.04 -6.69
N SER C 264 60.71 35.53 -7.92
CA SER C 264 61.87 35.68 -8.78
C SER C 264 61.82 36.94 -9.62
N ARG C 265 60.70 37.67 -9.60
CA ARG C 265 60.52 38.87 -10.41
C ARG C 265 60.82 38.58 -11.87
N ARG C 266 60.34 37.44 -12.34
CA ARG C 266 60.61 36.94 -13.68
C ARG C 266 59.30 36.71 -14.41
N ILE C 267 59.28 37.00 -15.71
CA ILE C 267 58.09 36.75 -16.51
C ILE C 267 57.98 35.27 -16.82
N GLY C 268 56.75 34.81 -17.06
CA GLY C 268 56.50 33.39 -17.24
C GLY C 268 56.76 32.93 -18.66
N LEU C 269 56.04 31.88 -19.05
CA LEU C 269 56.17 31.36 -20.41
C LEU C 269 55.74 32.39 -21.44
N VAL C 270 54.69 33.14 -21.15
CA VAL C 270 54.12 34.04 -22.15
C VAL C 270 55.09 35.11 -22.59
N GLY C 271 56.18 35.31 -21.87
CA GLY C 271 57.22 36.20 -22.33
C GLY C 271 58.41 35.53 -22.96
N LEU C 272 58.47 34.21 -22.93
CA LEU C 272 59.61 33.47 -23.43
C LEU C 272 59.38 32.82 -24.78
N TRP C 273 58.19 32.29 -25.04
CA TRP C 273 57.92 31.53 -26.25
C TRP C 273 56.95 32.30 -27.14
N ASP C 274 57.07 32.08 -28.44
CA ASP C 274 56.16 32.71 -29.38
C ASP C 274 54.79 32.05 -29.36
N VAL C 275 54.75 30.72 -29.21
CA VAL C 275 53.50 29.97 -29.22
C VAL C 275 53.46 29.07 -28.00
N VAL C 276 52.39 29.18 -27.23
CA VAL C 276 52.15 28.31 -26.09
C VAL C 276 50.92 27.49 -26.43
N ALA C 277 51.08 26.18 -26.58
CA ALA C 277 50.00 25.30 -26.97
C ALA C 277 49.62 24.41 -25.80
N PHE C 278 48.38 24.51 -25.36
CA PHE C 278 47.85 23.66 -24.30
C PHE C 278 47.29 22.41 -24.96
N ASP C 279 47.96 21.28 -24.73
CA ASP C 279 47.52 20.00 -25.25
C ASP C 279 46.30 19.53 -24.49
N GLN C 280 45.43 18.78 -25.19
CA GLN C 280 44.34 18.01 -24.58
C GLN C 280 43.65 18.81 -23.46
N VAL C 281 43.00 19.89 -23.93
CA VAL C 281 42.44 20.91 -23.07
C VAL C 281 41.46 20.35 -22.04
N ALA C 282 41.02 19.11 -22.23
CA ALA C 282 40.03 18.52 -21.32
C ALA C 282 40.56 18.48 -19.89
N GLY C 283 41.88 18.54 -19.71
CA GLY C 283 42.47 18.52 -18.39
C GLY C 283 42.84 19.87 -17.83
N ILE C 284 42.43 20.98 -18.46
CA ILE C 284 42.80 22.30 -17.97
C ILE C 284 42.04 22.59 -16.68
N SER C 285 42.77 22.96 -15.63
CA SER C 285 42.18 23.41 -14.37
C SER C 285 43.26 24.08 -13.55
N PHE C 286 43.02 25.32 -13.16
CA PHE C 286 44.02 26.11 -12.45
C PHE C 286 43.76 26.07 -10.95
N LYS C 287 44.83 25.87 -10.17
CA LYS C 287 44.69 25.78 -8.73
C LYS C 287 44.11 27.06 -8.14
N ASP C 288 44.62 28.21 -8.56
CA ASP C 288 44.11 29.50 -8.10
C ASP C 288 42.94 29.91 -9.00
N LYS C 289 41.85 30.33 -8.37
CA LYS C 289 40.64 30.64 -9.12
C LYS C 289 40.83 31.86 -10.01
N ASP C 290 41.70 32.79 -9.60
CA ASP C 290 41.97 33.97 -10.42
C ASP C 290 42.76 33.64 -11.68
N GLY C 291 43.25 32.41 -11.81
CA GLY C 291 44.00 32.05 -13.00
C GLY C 291 43.20 32.24 -14.27
N VAL C 292 41.93 31.82 -14.25
CA VAL C 292 41.07 32.03 -15.41
C VAL C 292 40.88 33.53 -15.64
N GLN C 293 40.82 34.32 -14.57
CA GLN C 293 40.70 35.77 -14.71
C GLN C 293 41.93 36.35 -15.41
N ILE C 294 43.12 35.89 -15.02
CA ILE C 294 44.34 36.39 -15.66
C ILE C 294 44.40 35.96 -17.11
N MET C 295 44.00 34.73 -17.40
CA MET C 295 43.96 34.28 -18.79
C MET C 295 43.00 35.14 -19.61
N LYS C 296 41.82 35.43 -19.06
CA LYS C 296 40.86 36.26 -19.77
C LYS C 296 41.43 37.64 -20.03
N ASP C 297 42.07 38.23 -19.02
CA ASP C 297 42.64 39.57 -19.19
C ASP C 297 43.72 39.57 -20.27
N TYR C 298 44.65 38.62 -20.21
CA TYR C 298 45.73 38.58 -21.18
C TYR C 298 45.17 38.36 -22.59
N MET C 299 44.25 37.41 -22.74
CA MET C 299 43.69 37.14 -24.06
C MET C 299 42.90 38.33 -24.60
N ALA C 300 42.21 39.06 -23.74
CA ALA C 300 41.44 40.21 -24.21
C ALA C 300 42.34 41.37 -24.60
N SER C 301 43.35 41.70 -23.80
CA SER C 301 44.10 42.93 -23.99
C SER C 301 45.53 42.73 -24.45
N GLY C 302 46.09 41.52 -24.38
CA GLY C 302 47.48 41.34 -24.71
C GLY C 302 48.44 41.71 -23.61
N SER C 303 47.94 42.07 -22.43
CA SER C 303 48.76 42.36 -21.27
C SER C 303 47.99 42.02 -20.01
N PHE C 304 48.71 41.81 -18.91
CA PHE C 304 48.08 41.43 -17.66
C PHE C 304 48.70 42.20 -16.51
N ALA C 305 47.89 42.47 -15.49
CA ALA C 305 48.35 43.18 -14.31
C ALA C 305 48.45 42.20 -13.15
N ARG C 306 49.65 42.10 -12.57
CA ARG C 306 49.89 41.15 -11.49
C ARG C 306 50.46 41.92 -10.31
N GLY C 307 49.71 41.99 -9.22
CA GLY C 307 50.08 42.83 -8.11
C GLY C 307 49.81 44.30 -8.39
N ARG C 308 50.85 45.08 -8.62
CA ARG C 308 50.74 46.50 -8.93
C ARG C 308 51.25 46.83 -10.33
N GLU C 309 51.93 45.90 -10.98
CA GLU C 309 52.56 46.15 -12.26
C GLU C 309 51.75 45.53 -13.40
N GLN C 310 51.57 46.32 -14.46
CA GLN C 310 51.00 45.83 -15.70
C GLN C 310 52.13 45.48 -16.66
N MET C 311 52.10 44.28 -17.21
CA MET C 311 53.15 43.75 -18.05
C MET C 311 52.57 43.18 -19.32
N GLU C 312 53.25 43.43 -20.44
CA GLU C 312 52.80 43.01 -21.76
C GLU C 312 53.49 41.72 -22.15
N ALA C 313 52.83 40.95 -23.01
CA ALA C 313 53.40 39.72 -23.53
C ALA C 313 52.84 39.45 -24.91
N SER C 314 53.67 38.88 -25.78
CA SER C 314 53.28 38.62 -27.17
C SER C 314 53.10 37.13 -27.48
N ALA C 315 52.85 36.31 -26.48
CA ALA C 315 52.66 34.88 -26.72
C ALA C 315 51.33 34.60 -27.38
N SER C 316 51.34 33.70 -28.36
CA SER C 316 50.11 33.26 -29.00
C SER C 316 49.67 31.95 -28.40
N MET C 317 48.45 31.91 -27.87
CA MET C 317 47.93 30.74 -27.18
C MET C 317 47.11 29.88 -28.13
N VAL C 318 47.42 28.59 -28.14
CA VAL C 318 46.70 27.58 -28.92
C VAL C 318 46.14 26.57 -27.94
N PHE C 319 44.94 26.09 -28.21
CA PHE C 319 44.29 25.09 -27.34
C PHE C 319 43.90 23.91 -28.22
N VAL C 320 44.64 22.79 -28.11
CA VAL C 320 44.31 21.64 -28.94
C VAL C 320 43.64 20.58 -28.08
N GLY C 321 42.64 19.91 -28.64
CA GLY C 321 41.86 18.95 -27.88
C GLY C 321 41.34 17.81 -28.75
N ASN C 322 41.08 16.69 -28.10
CA ASN C 322 40.57 15.51 -28.79
C ASN C 322 39.05 15.47 -28.71
N ILE C 323 38.43 15.05 -29.81
CA ILE C 323 36.97 14.89 -29.88
C ILE C 323 36.66 13.40 -29.85
N ASN C 324 35.86 12.98 -28.88
CA ASN C 324 35.52 11.57 -28.71
C ASN C 324 34.15 11.22 -29.26
N GLN C 325 33.36 12.20 -29.69
CA GLN C 325 32.06 11.98 -30.29
C GLN C 325 32.14 12.23 -31.79
N SER C 326 31.00 12.05 -32.46
CA SER C 326 30.91 12.41 -33.87
C SER C 326 30.83 13.92 -34.00
N VAL C 327 31.05 14.42 -35.22
CA VAL C 327 31.02 15.85 -35.49
C VAL C 327 29.64 16.40 -35.19
N GLU C 328 28.61 15.76 -35.75
CA GLU C 328 27.24 16.25 -35.62
C GLU C 328 26.71 16.08 -34.20
N SER C 329 27.07 14.98 -33.54
CA SER C 329 26.63 14.72 -32.18
C SER C 329 27.14 15.80 -31.24
N LEU C 330 28.35 16.30 -31.50
CA LEU C 330 28.91 17.37 -30.72
C LEU C 330 28.18 18.69 -30.93
N VAL C 331 27.61 18.90 -32.11
CA VAL C 331 26.90 20.13 -32.44
C VAL C 331 25.66 20.24 -31.55
N LYS C 332 25.05 19.10 -31.23
CA LYS C 332 23.86 19.09 -30.38
C LYS C 332 24.22 18.88 -28.92
N THR C 333 25.52 18.89 -28.60
CA THR C 333 26.00 18.85 -27.23
C THR C 333 25.96 20.30 -26.75
N SER C 334 26.62 20.64 -25.63
CA SER C 334 26.63 22.00 -25.11
C SER C 334 26.82 23.04 -26.21
N HIS C 335 27.58 22.72 -27.26
CA HIS C 335 27.74 23.51 -28.48
C HIS C 335 28.81 22.87 -29.37
N LEU C 336 30.09 23.20 -29.18
CA LEU C 336 31.17 22.36 -29.71
C LEU C 336 32.24 22.15 -28.63
N LEU C 337 32.48 23.17 -27.82
CA LEU C 337 33.52 23.16 -26.81
C LEU C 337 33.07 22.60 -25.49
N ALA C 338 32.09 21.70 -25.47
CA ALA C 338 31.80 20.95 -24.27
C ALA C 338 33.04 20.22 -23.78
N PRO C 339 33.90 19.66 -24.68
CA PRO C 339 35.19 19.12 -24.23
C PRO C 339 35.98 20.05 -23.31
N PHE C 340 35.83 21.37 -23.49
CA PHE C 340 36.53 22.33 -22.64
C PHE C 340 36.07 22.15 -21.20
N PRO C 341 36.94 22.38 -20.23
CA PRO C 341 36.56 22.20 -18.82
C PRO C 341 35.45 23.15 -18.41
N GLU C 342 34.61 22.68 -17.48
CA GLU C 342 33.46 23.48 -17.05
C GLU C 342 33.89 24.79 -16.41
N ALA C 343 35.05 24.79 -15.73
CA ALA C 343 35.57 26.03 -15.17
C ALA C 343 35.95 27.04 -16.24
N MET C 344 36.27 26.58 -17.46
CA MET C 344 36.53 27.47 -18.58
C MET C 344 35.32 27.70 -19.47
N ILE C 345 34.17 27.13 -19.13
CA ILE C 345 32.95 27.40 -19.90
C ILE C 345 32.35 28.72 -19.44
N ASP C 346 32.75 29.81 -20.10
CA ASP C 346 32.25 31.14 -19.78
C ASP C 346 32.21 31.93 -21.08
N SER C 347 31.09 32.63 -21.31
CA SER C 347 30.91 33.35 -22.57
C SER C 347 32.02 34.36 -22.80
N ALA C 348 32.38 35.12 -21.76
CA ALA C 348 33.45 36.10 -21.89
C ALA C 348 34.79 35.43 -22.22
N PHE C 349 35.00 34.21 -21.72
CA PHE C 349 36.24 33.50 -22.05
C PHE C 349 36.29 33.12 -23.52
N PHE C 350 35.23 32.50 -24.04
CA PHE C 350 35.26 32.07 -25.43
C PHE C 350 35.18 33.25 -26.38
N ASP C 351 34.69 34.40 -25.92
CA ASP C 351 34.62 35.57 -26.78
C ASP C 351 35.98 36.07 -27.23
N ARG C 352 37.06 35.62 -26.59
CA ARG C 352 38.40 36.08 -26.93
C ARG C 352 39.06 35.25 -28.01
N PHE C 353 38.59 34.04 -28.27
CA PHE C 353 39.22 33.16 -29.25
C PHE C 353 39.14 33.77 -30.64
N HIS C 354 40.30 34.19 -31.17
CA HIS C 354 40.32 34.81 -32.48
C HIS C 354 39.99 33.83 -33.59
N ALA C 355 39.98 32.53 -33.29
CA ALA C 355 39.73 31.54 -34.33
C ALA C 355 39.42 30.18 -33.75
N TYR C 356 38.50 29.48 -34.42
CA TYR C 356 38.28 28.06 -34.25
C TYR C 356 38.83 27.38 -35.50
N ILE C 357 39.57 26.30 -35.31
CA ILE C 357 40.01 25.50 -36.45
C ILE C 357 39.25 24.19 -36.43
N PRO C 358 38.49 23.87 -37.47
CA PRO C 358 37.73 22.62 -37.47
C PRO C 358 38.62 21.42 -37.71
N GLY C 359 39.26 20.93 -36.64
CA GLY C 359 40.19 19.82 -36.74
C GLY C 359 39.57 18.55 -37.28
N TRP C 360 38.25 18.42 -37.24
CA TRP C 360 37.61 17.19 -37.67
C TRP C 360 37.70 16.94 -39.17
N GLU C 361 37.67 17.97 -40.00
CA GLU C 361 37.63 17.71 -41.44
C GLU C 361 38.94 17.12 -41.95
N ILE C 362 40.04 17.35 -41.24
CA ILE C 362 41.35 16.87 -41.69
C ILE C 362 41.38 15.35 -41.61
N PRO C 363 41.80 14.66 -42.68
CA PRO C 363 41.89 13.21 -42.61
C PRO C 363 42.96 12.77 -41.62
N LYS C 364 42.73 11.61 -41.01
CA LYS C 364 43.70 11.07 -40.06
C LYS C 364 45.04 10.85 -40.73
N MET C 365 46.12 11.09 -40.00
CA MET C 365 47.44 10.99 -40.57
C MET C 365 47.75 9.57 -40.98
N ARG C 366 48.20 9.41 -42.22
CA ARG C 366 48.51 8.11 -42.80
C ARG C 366 49.85 8.23 -43.51
N PRO C 367 50.68 7.19 -43.48
CA PRO C 367 52.06 7.32 -43.99
C PRO C 367 52.18 7.86 -45.40
N GLU C 368 51.17 7.67 -46.25
CA GLU C 368 51.25 8.22 -47.59
C GLU C 368 51.00 9.73 -47.61
N PHE C 369 50.55 10.30 -46.48
CA PHE C 369 50.43 11.74 -46.37
C PHE C 369 51.75 12.43 -46.08
N PHE C 370 52.80 11.69 -45.74
CA PHE C 370 54.10 12.26 -45.42
C PHE C 370 54.91 12.38 -46.71
N THR C 371 55.36 13.59 -47.01
CA THR C 371 56.07 13.83 -48.26
C THR C 371 57.46 13.21 -48.23
N ASN C 372 57.98 12.96 -49.43
CA ASN C 372 59.36 12.51 -49.62
C ASN C 372 60.17 13.46 -50.48
N ARG C 373 59.63 14.64 -50.76
CA ARG C 373 60.26 15.59 -51.66
C ARG C 373 60.96 16.69 -50.86
N TYR C 374 61.44 17.70 -51.57
CA TYR C 374 62.20 18.77 -50.95
C TYR C 374 61.28 19.71 -50.19
N GLY C 375 61.78 20.21 -49.06
CA GLY C 375 61.06 21.20 -48.26
C GLY C 375 62.06 22.02 -47.46
N LEU C 376 61.61 23.20 -47.05
CA LEU C 376 62.47 24.10 -46.30
C LEU C 376 62.89 23.46 -44.97
N ILE C 377 64.12 23.75 -44.56
CA ILE C 377 64.59 23.32 -43.24
C ILE C 377 63.66 23.88 -42.18
N VAL C 378 63.30 23.04 -41.21
CA VAL C 378 62.35 23.42 -40.17
C VAL C 378 62.83 24.67 -39.43
N ASP C 379 64.12 24.72 -39.13
CA ASP C 379 64.67 25.89 -38.45
C ASP C 379 64.52 27.15 -39.29
N TYR C 380 64.75 27.03 -40.61
CA TYR C 380 64.56 28.18 -41.49
C TYR C 380 63.11 28.66 -41.46
N LEU C 381 62.16 27.74 -41.49
CA LEU C 381 60.75 28.11 -41.44
C LEU C 381 60.42 28.79 -40.11
N ALA C 382 60.95 28.27 -39.01
CA ALA C 382 60.67 28.86 -37.71
C ALA C 382 61.23 30.27 -37.60
N GLU C 383 62.46 30.47 -38.10
CA GLU C 383 63.03 31.81 -38.10
C GLU C 383 62.22 32.75 -39.00
N PHE C 384 61.74 32.23 -40.13
CA PHE C 384 60.85 33.01 -41.00
C PHE C 384 59.62 33.47 -40.25
N PHE C 385 58.97 32.55 -39.52
CA PHE C 385 57.80 32.91 -38.73
C PHE C 385 58.14 33.97 -37.68
N ARG C 386 59.25 33.77 -36.97
CA ARG C 386 59.61 34.70 -35.91
C ARG C 386 59.84 36.09 -36.46
N GLU C 387 60.52 36.20 -37.61
CA GLU C 387 60.74 37.53 -38.17
C GLU C 387 59.43 38.13 -38.65
N MET C 388 58.59 37.31 -39.30
CA MET C 388 57.32 37.82 -39.81
C MET C 388 56.39 38.28 -38.71
N ARG C 389 56.62 37.84 -37.47
CA ARG C 389 55.82 38.36 -36.37
C ARG C 389 55.92 39.88 -36.23
N LYS C 390 56.97 40.49 -36.75
CA LYS C 390 57.21 41.91 -36.53
C LYS C 390 56.39 42.83 -37.43
N ARG C 391 55.77 42.32 -38.48
CA ARG C 391 55.11 43.17 -39.46
C ARG C 391 53.61 43.21 -39.22
N SER C 392 52.92 43.97 -40.07
CA SER C 392 51.47 44.11 -40.00
C SER C 392 50.88 44.14 -41.40
N PHE C 393 49.79 43.41 -41.59
CA PHE C 393 49.11 43.32 -42.88
C PHE C 393 47.59 43.36 -42.73
N ALA C 394 47.08 43.60 -41.52
CA ALA C 394 45.65 43.63 -41.31
C ALA C 394 44.97 44.80 -42.02
N ASP C 395 45.75 45.79 -42.46
CA ASP C 395 45.22 46.92 -43.21
C ASP C 395 44.92 46.59 -44.67
N SER C 396 45.26 45.38 -45.11
CA SER C 396 45.09 45.04 -46.52
C SER C 396 43.62 45.03 -46.93
N ILE C 397 42.71 44.72 -46.00
CA ILE C 397 41.30 44.63 -46.36
C ILE C 397 40.75 46.00 -46.74
N GLU C 398 41.18 47.06 -46.06
CA GLU C 398 40.65 48.39 -46.34
C GLU C 398 40.99 48.84 -47.76
N LYS C 399 41.98 48.19 -48.39
CA LYS C 399 42.28 48.50 -49.78
C LYS C 399 41.17 48.06 -50.72
N TYR C 400 40.48 46.96 -50.40
CA TYR C 400 39.51 46.38 -51.30
C TYR C 400 38.13 46.16 -50.70
N PHE C 401 38.02 45.88 -49.41
CA PHE C 401 36.74 45.46 -48.84
C PHE C 401 36.50 46.14 -47.50
N LYS C 402 35.22 46.26 -47.15
CA LYS C 402 34.78 46.72 -45.84
C LYS C 402 34.10 45.57 -45.11
N LEU C 403 34.15 45.60 -43.79
CA LEU C 403 33.50 44.57 -43.00
C LEU C 403 32.00 44.82 -42.92
N GLY C 404 31.24 43.78 -42.62
CA GLY C 404 29.80 43.92 -42.45
C GLY C 404 29.44 44.60 -41.14
N ASN C 405 28.13 44.79 -40.97
CA ASN C 405 27.63 45.43 -39.76
C ASN C 405 27.32 44.43 -38.65
N ASN C 406 27.39 43.14 -38.93
CA ASN C 406 27.20 42.11 -37.91
C ASN C 406 28.40 41.98 -36.99
N LEU C 407 29.54 42.55 -37.36
CA LEU C 407 30.80 42.35 -36.66
C LEU C 407 31.01 43.45 -35.63
N ASN C 408 31.04 43.08 -34.36
CA ASN C 408 31.40 44.04 -33.33
C ASN C 408 32.92 44.23 -33.30
N GLN C 409 33.38 45.03 -32.34
CA GLN C 409 34.80 45.36 -32.30
C GLN C 409 35.67 44.12 -32.08
N ARG C 410 35.21 43.19 -31.24
CA ARG C 410 35.98 41.97 -31.03
C ARG C 410 36.06 41.13 -32.29
N ASP C 411 34.93 40.98 -32.98
CA ASP C 411 34.94 40.23 -34.25
C ASP C 411 35.79 40.93 -35.29
N VAL C 412 35.74 42.26 -35.31
CA VAL C 412 36.58 43.02 -36.23
C VAL C 412 38.05 42.76 -35.95
N ILE C 413 38.44 42.80 -34.67
CA ILE C 413 39.84 42.56 -34.31
C ILE C 413 40.24 41.15 -34.70
N ALA C 414 39.39 40.17 -34.41
CA ALA C 414 39.72 38.78 -34.73
C ALA C 414 39.90 38.58 -36.23
N VAL C 415 38.99 39.14 -37.03
CA VAL C 415 39.08 38.92 -38.47
C VAL C 415 40.29 39.64 -39.05
N ARG C 416 40.60 40.83 -38.54
CA ARG C 416 41.81 41.51 -38.99
C ARG C 416 43.05 40.71 -38.65
N LYS C 417 43.12 40.15 -37.43
CA LYS C 417 44.28 39.37 -37.04
C LYS C 417 44.43 38.14 -37.92
N THR C 418 43.34 37.42 -38.17
CA THR C 418 43.45 36.20 -38.99
C THR C 418 43.80 36.54 -40.43
N VAL C 419 43.22 37.61 -40.97
CA VAL C 419 43.57 38.03 -42.33
C VAL C 419 45.04 38.37 -42.41
N SER C 420 45.54 39.11 -41.42
CA SER C 420 46.95 39.48 -41.39
C SER C 420 47.83 38.24 -41.33
N GLY C 421 47.45 37.27 -40.50
CA GLY C 421 48.25 36.06 -40.38
C GLY C 421 48.32 35.28 -41.68
N LEU C 422 47.17 35.05 -42.31
CA LEU C 422 47.17 34.36 -43.60
C LEU C 422 47.96 35.14 -44.64
N MET C 423 47.82 36.46 -44.63
CA MET C 423 48.46 37.30 -45.63
C MET C 423 49.97 37.23 -45.48
N LYS C 424 50.47 37.26 -44.23
CA LYS C 424 51.89 37.11 -43.99
C LYS C 424 52.39 35.74 -44.39
N LEU C 425 51.63 34.69 -44.08
CA LEU C 425 52.06 33.34 -44.45
C LEU C 425 52.19 33.18 -45.95
N LEU C 426 51.18 33.61 -46.70
CA LEU C 426 51.20 33.37 -48.13
C LEU C 426 51.94 34.45 -48.93
N TYR C 427 51.89 35.71 -48.50
CA TYR C 427 52.48 36.81 -49.26
C TYR C 427 53.37 37.68 -48.40
N PRO C 428 54.52 37.15 -47.96
CA PRO C 428 55.46 37.99 -47.20
C PRO C 428 56.00 39.15 -48.01
N HIS C 429 56.12 39.00 -49.33
CA HIS C 429 56.73 40.00 -50.18
C HIS C 429 55.89 41.26 -50.33
N GLY C 430 54.62 41.22 -49.96
CA GLY C 430 53.79 42.41 -50.01
C GLY C 430 53.15 42.72 -51.33
N GLN C 431 53.32 41.87 -52.34
CA GLN C 431 52.69 42.06 -53.64
C GLN C 431 51.54 41.07 -53.77
N PHE C 432 50.33 41.57 -54.00
CA PHE C 432 49.15 40.72 -54.01
C PHE C 432 48.02 41.43 -54.73
N ASN C 433 47.02 40.64 -55.14
CA ASN C 433 45.87 41.13 -55.88
C ASN C 433 44.61 41.07 -55.00
N LYS C 434 43.47 41.37 -55.62
CA LYS C 434 42.22 41.46 -54.89
C LYS C 434 41.66 40.08 -54.54
N GLU C 435 41.84 39.10 -55.43
CA GLU C 435 41.23 37.79 -55.22
C GLU C 435 41.94 37.02 -54.10
N ASP C 436 43.25 37.21 -53.96
CA ASP C 436 43.97 36.58 -52.87
C ASP C 436 43.43 37.05 -51.51
N VAL C 437 43.30 38.37 -51.35
CA VAL C 437 42.71 38.94 -50.15
C VAL C 437 41.29 38.45 -49.99
N ARG C 438 40.58 38.29 -51.11
CA ARG C 438 39.22 37.72 -51.07
C ARG C 438 39.22 36.37 -50.38
N GLN C 439 40.08 35.46 -50.84
CA GLN C 439 40.14 34.12 -50.25
C GLN C 439 40.50 34.18 -48.78
N CYS C 440 41.53 34.95 -48.44
CA CYS C 440 41.97 35.01 -47.04
C CYS C 440 40.87 35.58 -46.15
N LEU C 441 40.20 36.63 -46.61
CA LEU C 441 39.16 37.27 -45.81
C LEU C 441 37.97 36.34 -45.64
N GLU C 442 37.62 35.59 -46.70
CA GLU C 442 36.55 34.61 -46.57
C GLU C 442 36.89 33.57 -45.52
N TYR C 443 38.13 33.07 -45.54
CA TYR C 443 38.54 32.08 -44.55
C TYR C 443 38.47 32.65 -43.15
N ALA C 444 38.99 33.85 -42.95
CA ALA C 444 39.00 34.46 -41.62
C ALA C 444 37.59 34.68 -41.10
N LEU C 445 36.70 35.19 -41.96
CA LEU C 445 35.33 35.40 -41.54
C LEU C 445 34.66 34.09 -41.17
N GLN C 446 34.91 33.03 -41.94
CA GLN C 446 34.26 31.76 -41.66
C GLN C 446 34.73 31.20 -40.30
N VAL C 447 36.04 31.23 -40.07
CA VAL C 447 36.55 30.65 -38.82
C VAL C 447 36.11 31.48 -37.63
N ARG C 448 36.08 32.81 -37.75
CA ARG C 448 35.55 33.61 -36.64
C ARG C 448 34.06 33.34 -36.44
N ARG C 449 33.31 33.16 -37.53
CA ARG C 449 31.89 32.92 -37.43
C ARG C 449 31.60 31.64 -36.67
N ARG C 450 32.46 30.63 -36.81
CA ARG C 450 32.22 29.41 -36.06
C ARG C 450 32.26 29.65 -34.56
N VAL C 451 33.25 30.42 -34.10
CA VAL C 451 33.32 30.79 -32.68
C VAL C 451 32.08 31.61 -32.31
N LYS C 452 31.64 32.47 -33.23
CA LYS C 452 30.47 33.29 -32.94
C LYS C 452 29.24 32.41 -32.74
N GLU C 453 29.05 31.40 -33.59
CA GLU C 453 27.94 30.47 -33.41
C GLU C 453 28.01 29.73 -32.09
N GLN C 454 29.20 29.25 -31.72
CA GLN C 454 29.31 28.53 -30.44
C GLN C 454 29.00 29.44 -29.26
N LEU C 455 29.54 30.66 -29.30
CA LEU C 455 29.31 31.60 -28.21
C LEU C 455 27.85 32.02 -28.15
N LYS C 456 27.19 32.13 -29.30
CA LYS C 456 25.75 32.37 -29.33
C LYS C 456 25.00 31.23 -28.67
N LYS C 457 25.35 29.99 -29.03
CA LYS C 457 24.69 28.83 -28.44
C LYS C 457 24.84 28.83 -26.93
N ILE C 458 25.97 29.28 -26.41
CA ILE C 458 26.14 29.42 -24.97
C ILE C 458 25.31 30.56 -24.40
N GLY C 459 25.38 31.75 -25.01
CA GLY C 459 24.91 32.95 -24.35
C GLY C 459 23.50 33.42 -24.67
N GLY C 460 22.86 32.84 -25.67
CA GLY C 460 21.49 33.25 -25.97
C GLY C 460 21.44 34.39 -26.96
N MET C 461 21.01 35.57 -26.49
CA MET C 461 20.64 36.64 -27.39
C MET C 461 21.78 37.63 -27.65
N GLU C 462 22.65 37.84 -26.65
CA GLU C 462 23.62 38.93 -26.74
C GLU C 462 24.55 38.82 -27.94
N PHE C 463 24.75 37.62 -28.48
CA PHE C 463 25.68 37.40 -29.58
C PHE C 463 24.94 36.96 -30.84
N TYR C 464 23.83 37.63 -31.14
CA TYR C 464 22.94 37.19 -32.21
C TYR C 464 23.53 37.42 -33.58
N ASP C 465 24.30 38.49 -33.77
CA ASP C 465 24.77 38.88 -35.10
C ASP C 465 25.85 37.90 -35.56
N VAL C 466 25.39 36.77 -36.09
CA VAL C 466 26.27 35.73 -36.60
C VAL C 466 26.31 35.69 -38.11
N HIS C 467 25.69 36.65 -38.79
CA HIS C 467 25.66 36.68 -40.26
C HIS C 467 26.77 37.60 -40.75
N PHE C 468 28.00 37.15 -40.54
CA PHE C 468 29.16 37.92 -40.95
C PHE C 468 29.23 38.00 -42.46
N SER C 469 29.65 39.14 -42.99
CA SER C 469 29.70 39.36 -44.42
C SER C 469 30.67 40.49 -44.72
N TYR C 470 31.09 40.58 -45.98
CA TYR C 470 32.03 41.60 -46.41
C TYR C 470 31.53 42.28 -47.67
N ILE C 471 31.78 43.58 -47.77
CA ILE C 471 31.27 44.42 -48.84
C ILE C 471 32.43 44.83 -49.73
N ASP C 472 32.30 44.57 -51.02
CA ASP C 472 33.30 45.01 -51.98
C ASP C 472 33.26 46.53 -52.09
N ASN C 473 34.42 47.13 -52.39
CA ASN C 473 34.47 48.57 -52.58
C ASN C 473 34.16 48.98 -54.01
N ASP C 474 34.26 48.07 -54.97
CA ASP C 474 34.01 48.41 -56.37
C ASP C 474 32.58 48.13 -56.79
N THR C 475 32.14 46.88 -56.69
CA THR C 475 30.78 46.50 -57.07
C THR C 475 29.77 46.74 -55.98
N LEU C 476 30.21 47.04 -54.76
CA LEU C 476 29.36 47.17 -53.58
C LEU C 476 28.54 45.93 -53.29
N GLU C 477 28.90 44.80 -53.90
CA GLU C 477 28.19 43.56 -53.63
C GLU C 477 28.61 42.99 -52.28
N GLU C 478 27.63 42.68 -51.45
CA GLU C 478 27.87 42.16 -50.11
C GLU C 478 27.83 40.64 -50.15
N HIS C 479 28.99 40.01 -49.93
CA HIS C 479 29.11 38.56 -49.95
C HIS C 479 29.04 38.05 -48.51
N PHE C 480 28.16 37.09 -48.28
CA PHE C 480 27.98 36.49 -46.97
C PHE C 480 28.70 35.15 -46.91
N VAL C 481 29.28 34.85 -45.75
CA VAL C 481 30.11 33.66 -45.55
C VAL C 481 29.42 32.76 -44.53
N SER C 482 29.30 31.49 -44.87
CA SER C 482 28.64 30.51 -44.02
C SER C 482 29.66 29.56 -43.39
N VAL C 483 29.20 28.82 -42.39
CA VAL C 483 30.05 27.89 -41.64
C VAL C 483 30.19 26.62 -42.46
N LYS C 484 29.52 26.60 -43.63
CA LYS C 484 29.48 25.46 -44.54
C LYS C 484 29.34 24.12 -43.81
N GLU C 485 30.42 23.65 -43.19
CA GLU C 485 30.41 22.35 -42.48
C GLU C 485 29.18 22.20 -41.59
N GLN C 486 29.02 23.09 -40.62
CA GLN C 486 27.83 23.05 -39.77
C GLN C 486 26.58 23.35 -40.58
N GLY C 487 26.66 24.30 -41.50
CA GLY C 487 25.52 24.66 -42.32
C GLY C 487 25.26 23.70 -43.46
N GLY C 488 24.98 22.45 -43.13
CA GLY C 488 24.72 21.43 -44.14
C GLY C 488 23.36 21.58 -44.79
N ILE C 492 15.37 20.15 -44.08
CA ILE C 492 14.18 19.44 -43.61
C ILE C 492 14.59 18.24 -42.79
N PRO C 493 14.25 18.25 -41.50
CA PRO C 493 14.61 17.12 -40.64
C PRO C 493 13.57 16.02 -40.67
N GLU C 494 12.84 15.86 -39.56
CA GLU C 494 11.80 14.85 -39.46
C GLU C 494 10.87 15.24 -38.31
N GLY C 495 9.59 14.98 -38.52
CA GLY C 495 8.59 15.28 -37.51
C GLY C 495 8.34 16.76 -37.37
N PRO C 496 7.15 17.13 -36.87
CA PRO C 496 6.85 18.55 -36.65
C PRO C 496 7.79 19.17 -35.63
N ALA C 497 8.34 20.32 -35.97
CA ALA C 497 9.09 21.13 -35.02
C ALA C 497 8.14 22.05 -34.25
N LYS C 498 8.68 22.73 -33.25
CA LYS C 498 7.86 23.63 -32.46
C LYS C 498 7.45 24.83 -33.32
N PRO C 499 6.34 25.48 -32.99
CA PRO C 499 5.85 26.57 -33.85
C PRO C 499 6.88 27.68 -34.01
N GLY C 500 7.07 28.11 -35.26
CA GLY C 500 8.10 29.06 -35.61
C GLY C 500 9.14 28.54 -36.57
N PHE C 501 9.18 27.23 -36.81
CA PHE C 501 10.04 26.63 -37.83
C PHE C 501 9.25 26.46 -39.12
N LEU C 502 9.83 26.89 -40.23
CA LEU C 502 9.30 26.43 -41.51
C LEU C 502 10.42 26.50 -42.54
N TYR C 503 10.26 25.71 -43.60
CA TYR C 503 11.22 25.63 -44.67
C TYR C 503 10.58 26.09 -45.98
N THR C 504 11.17 27.09 -46.61
CA THR C 504 10.65 27.65 -47.85
C THR C 504 11.71 27.55 -48.93
N ILE C 505 11.27 27.67 -50.19
CA ILE C 505 12.15 27.58 -51.35
C ILE C 505 11.85 28.73 -52.28
N GLY C 506 12.89 29.39 -52.77
CA GLY C 506 12.69 30.51 -53.67
C GLY C 506 13.95 30.82 -54.47
N LEU C 507 13.77 31.66 -55.48
CA LEU C 507 14.89 32.10 -56.30
C LEU C 507 15.63 33.22 -55.60
N SER C 508 16.92 33.00 -55.34
CA SER C 508 17.74 34.02 -54.70
C SER C 508 18.01 35.17 -55.66
N ASN C 509 18.79 36.15 -55.19
CA ASN C 509 19.17 37.29 -56.02
C ASN C 509 19.89 36.86 -57.28
N LYS C 510 20.55 35.71 -57.26
CA LYS C 510 21.21 35.15 -58.44
C LYS C 510 20.23 34.47 -59.37
N GLY C 511 18.96 34.35 -58.98
CA GLY C 511 17.98 33.63 -59.77
C GLY C 511 18.03 32.13 -59.60
N MET C 512 18.73 31.62 -58.59
CA MET C 512 18.87 30.19 -58.39
C MET C 512 17.90 29.70 -57.33
N PRO C 513 17.27 28.55 -57.52
CA PRO C 513 16.38 28.02 -56.49
C PRO C 513 17.17 27.57 -55.27
N GLY C 514 16.72 27.99 -54.09
CA GLY C 514 17.41 27.66 -52.86
C GLY C 514 16.42 27.50 -51.72
N LEU C 515 16.86 26.77 -50.69
CA LEU C 515 16.06 26.50 -49.50
C LEU C 515 16.49 27.44 -48.38
N TYR C 516 15.51 27.91 -47.61
CA TYR C 516 15.74 28.76 -46.46
C TYR C 516 14.87 28.28 -45.32
N ARG C 517 15.34 28.48 -44.10
CA ARG C 517 14.56 28.21 -42.91
C ARG C 517 14.15 29.52 -42.24
N LEU C 518 12.87 29.64 -41.95
CA LEU C 518 12.34 30.77 -41.20
C LEU C 518 12.13 30.35 -39.75
N GLU C 519 12.52 31.25 -38.85
CA GLU C 519 12.49 31.06 -37.40
C GLU C 519 11.70 32.20 -36.76
N LEU C 520 10.63 31.89 -36.06
CA LEU C 520 9.89 32.93 -35.35
C LEU C 520 9.87 32.64 -33.86
N GLN C 521 10.21 33.65 -33.07
CA GLN C 521 10.08 33.60 -31.63
C GLN C 521 9.10 34.69 -31.18
N VAL C 522 8.10 34.28 -30.40
CA VAL C 522 7.02 35.15 -29.96
C VAL C 522 7.13 35.31 -28.46
N THR C 523 7.09 36.55 -27.99
CA THR C 523 7.06 36.84 -26.57
C THR C 523 5.91 37.79 -26.29
N LYS C 524 5.61 37.98 -25.00
CA LYS C 524 4.60 38.96 -24.62
C LYS C 524 5.12 40.35 -24.91
N GLY C 525 4.32 41.14 -25.62
CA GLY C 525 4.78 42.45 -26.05
C GLY C 525 3.69 43.40 -26.51
N SER C 526 4.00 44.20 -27.52
CA SER C 526 3.09 45.24 -28.01
C SER C 526 3.02 45.28 -29.53
N GLY C 527 3.02 44.13 -30.20
CA GLY C 527 2.90 44.08 -31.64
C GLY C 527 4.13 44.53 -32.41
N LYS C 528 5.28 44.60 -31.76
CA LYS C 528 6.52 44.99 -32.44
C LYS C 528 7.09 43.83 -33.24
N LEU C 529 7.74 44.16 -34.35
CA LEU C 529 8.34 43.17 -35.23
C LEU C 529 9.85 43.40 -35.30
N ALA C 530 10.62 42.33 -35.10
CA ALA C 530 12.07 42.38 -35.21
C ALA C 530 12.53 41.38 -36.27
N THR C 531 13.58 41.74 -37.00
CA THR C 531 14.07 40.93 -38.11
C THR C 531 15.56 40.66 -37.95
N SER C 532 15.98 39.48 -38.39
CA SER C 532 17.39 39.12 -38.33
C SER C 532 17.70 38.10 -39.42
N GLY C 533 18.92 38.21 -39.96
CA GLY C 533 19.36 37.29 -41.00
C GLY C 533 18.84 37.60 -42.39
N LEU C 534 18.27 38.78 -42.60
CA LEU C 534 17.69 39.16 -43.88
C LEU C 534 18.72 39.73 -44.85
N TRP C 535 20.00 39.44 -44.64
CA TRP C 535 21.08 39.93 -45.48
C TRP C 535 21.11 41.46 -45.53
N ASN C 536 20.54 42.09 -44.50
CA ASN C 536 20.46 43.55 -44.40
C ASN C 536 19.71 44.14 -45.59
N SER C 537 19.01 43.29 -46.34
CA SER C 537 18.30 43.72 -47.54
C SER C 537 17.14 44.64 -47.19
N SER C 538 17.05 45.79 -47.86
CA SER C 538 15.89 46.65 -47.70
C SER C 538 14.64 45.99 -48.30
N SER C 539 14.80 45.31 -49.43
CA SER C 539 13.66 44.66 -50.07
C SER C 539 13.07 43.58 -49.19
N ALA C 540 13.92 42.66 -48.68
CA ALA C 540 13.42 41.58 -47.85
C ALA C 540 12.75 42.11 -46.59
N LYS C 541 13.35 43.12 -45.96
CA LYS C 541 12.68 43.79 -44.85
C LYS C 541 11.34 44.35 -45.28
N GLU C 542 11.24 44.83 -46.51
CA GLU C 542 9.98 45.36 -47.00
C GLU C 542 8.92 44.28 -47.12
N GLN C 543 9.28 43.10 -47.65
CA GLN C 543 8.27 42.03 -47.72
C GLN C 543 7.92 41.52 -46.33
N VAL C 544 8.88 41.52 -45.40
CA VAL C 544 8.55 41.12 -44.03
C VAL C 544 7.56 42.10 -43.41
N LYS C 545 7.79 43.40 -43.63
CA LYS C 545 6.85 44.41 -43.14
C LYS C 545 5.48 44.24 -43.81
N ILE C 546 5.48 43.91 -45.09
CA ILE C 546 4.22 43.66 -45.81
C ILE C 546 3.46 42.52 -45.17
N ALA C 547 4.16 41.41 -44.91
CA ALA C 547 3.52 40.25 -44.32
C ALA C 547 3.00 40.55 -42.92
N PHE C 548 3.78 41.27 -42.12
CA PHE C 548 3.34 41.61 -40.77
C PHE C 548 2.12 42.53 -40.81
N ASP C 549 2.11 43.50 -41.72
CA ASP C 549 0.96 44.39 -41.86
C ASP C 549 -0.27 43.62 -42.28
N TYR C 550 -0.14 42.69 -43.24
CA TYR C 550 -1.28 41.91 -43.68
C TYR C 550 -1.78 41.01 -42.56
N PHE C 551 -0.87 40.42 -41.79
CA PHE C 551 -1.26 39.58 -40.66
C PHE C 551 -2.00 40.40 -39.60
N LYS C 552 -1.54 41.62 -39.35
CA LYS C 552 -2.25 42.51 -38.43
C LYS C 552 -3.63 42.86 -38.97
N ALA C 553 -3.74 43.05 -40.29
CA ALA C 553 -5.00 43.45 -40.89
C ALA C 553 -6.05 42.35 -40.79
N ASN C 554 -5.67 41.10 -41.04
CA ASN C 554 -6.59 39.98 -41.04
C ASN C 554 -6.41 39.07 -39.82
N ALA C 555 -6.10 39.66 -38.66
CA ALA C 555 -5.86 38.86 -37.46
C ALA C 555 -7.12 38.12 -37.02
N SER C 556 -8.29 38.75 -37.17
CA SER C 556 -9.53 38.13 -36.73
C SER C 556 -9.85 36.87 -37.53
N ARG C 557 -9.60 36.89 -38.84
CA ARG C 557 -9.93 35.75 -39.68
C ARG C 557 -9.09 34.52 -39.37
N ILE C 558 -7.88 34.70 -38.84
CA ILE C 558 -6.94 33.61 -38.67
C ILE C 558 -6.83 33.18 -37.20
N SER C 559 -6.65 34.15 -36.30
CA SER C 559 -6.43 33.86 -34.89
C SER C 559 -7.72 33.52 -34.15
N GLY C 560 -8.85 34.09 -34.55
CA GLY C 560 -10.11 33.82 -33.88
C GLY C 560 -10.20 34.40 -32.48
N GLY C 561 -9.33 35.35 -32.17
CA GLY C 561 -9.36 35.98 -30.86
C GLY C 561 -8.00 36.32 -30.30
N SER C 562 -6.94 35.70 -30.82
CA SER C 562 -5.59 36.00 -30.37
C SER C 562 -5.17 37.38 -30.83
N LYS C 563 -4.53 38.15 -29.95
CA LYS C 563 -4.26 39.55 -30.19
C LYS C 563 -2.81 39.73 -30.66
N VAL C 564 -2.64 40.29 -31.86
CA VAL C 564 -1.31 40.59 -32.38
C VAL C 564 -0.67 41.72 -31.59
N MET C 565 -1.49 42.71 -31.20
CA MET C 565 -0.99 43.90 -30.53
C MET C 565 -0.48 43.62 -29.11
N GLU C 566 -0.71 42.43 -28.58
CA GLU C 566 -0.25 42.07 -27.24
C GLU C 566 1.00 41.18 -27.25
N HIS C 567 1.58 40.91 -28.42
CA HIS C 567 2.72 40.02 -28.53
C HIS C 567 3.74 40.57 -29.51
N ASP C 568 5.02 40.40 -29.18
CA ASP C 568 6.13 40.80 -30.03
C ASP C 568 6.69 39.59 -30.75
N PHE C 569 7.00 39.78 -32.04
CA PHE C 569 7.46 38.71 -32.92
C PHE C 569 8.87 39.05 -33.39
N HIS C 570 9.75 38.05 -33.43
CA HIS C 570 11.10 38.20 -33.94
C HIS C 570 11.37 37.08 -34.94
N LEU C 571 11.73 37.46 -36.16
CA LEU C 571 11.92 36.51 -37.25
C LEU C 571 13.40 36.44 -37.63
N HIS C 572 13.82 35.25 -38.05
CA HIS C 572 15.20 34.94 -38.36
C HIS C 572 15.24 34.14 -39.66
N VAL C 573 16.14 34.53 -40.56
CA VAL C 573 16.31 33.87 -41.85
C VAL C 573 17.62 33.11 -41.84
N VAL C 574 17.57 31.82 -42.12
CA VAL C 574 18.75 30.96 -42.15
C VAL C 574 18.86 30.34 -43.54
N GLU C 575 19.93 30.64 -44.25
CA GLU C 575 20.13 30.08 -45.58
C GLU C 575 20.93 28.79 -45.49
N LEU C 576 20.31 27.68 -45.89
CA LEU C 576 20.90 26.36 -45.73
C LEU C 576 21.54 25.82 -47.00
N GLN C 577 21.59 26.61 -48.07
CA GLN C 577 22.25 26.19 -49.30
C GLN C 577 23.21 27.23 -49.86
N ASN C 578 23.33 28.39 -49.21
CA ASN C 578 24.27 29.44 -49.61
C ASN C 578 24.03 29.90 -51.04
N THR C 579 22.78 29.85 -51.50
CA THR C 579 22.46 30.27 -52.85
C THR C 579 22.41 31.80 -53.00
N GLY C 580 22.02 32.52 -51.95
CA GLY C 580 21.93 33.96 -52.01
C GLY C 580 20.71 34.50 -51.31
N PRO C 581 20.65 35.83 -51.16
CA PRO C 581 19.50 36.44 -50.47
C PRO C 581 18.19 36.23 -51.22
N LEU C 582 17.11 36.06 -50.46
CA LEU C 582 15.78 35.88 -51.02
C LEU C 582 14.93 37.11 -50.71
N SER C 583 14.17 37.55 -51.72
CA SER C 583 13.22 38.65 -51.55
C SER C 583 11.80 38.14 -51.37
N HIS C 584 11.47 37.02 -52.01
CA HIS C 584 10.12 36.47 -51.96
C HIS C 584 9.92 35.78 -50.62
N LEU C 585 9.49 36.55 -49.62
CA LEU C 585 9.34 36.02 -48.27
C LEU C 585 8.08 36.45 -47.56
N ALA C 586 7.12 37.08 -48.26
CA ALA C 586 5.92 37.57 -47.58
C ALA C 586 5.05 36.44 -47.06
N LEU C 587 4.67 35.51 -47.95
CA LEU C 587 3.82 34.40 -47.52
C LEU C 587 4.47 33.52 -46.47
N PRO C 588 5.74 33.11 -46.60
CA PRO C 588 6.35 32.34 -45.49
C PRO C 588 6.39 33.12 -44.19
N SER C 589 6.60 34.44 -44.25
CA SER C 589 6.56 35.24 -43.02
C SER C 589 5.17 35.22 -42.40
N LEU C 590 4.12 35.32 -43.23
CA LEU C 590 2.76 35.25 -42.72
C LEU C 590 2.48 33.92 -42.05
N VAL C 591 2.88 32.82 -42.71
CA VAL C 591 2.68 31.50 -42.12
C VAL C 591 3.48 31.37 -40.82
N ALA C 592 4.67 31.97 -40.79
CA ALA C 592 5.46 31.99 -39.56
C ALA C 592 4.72 32.67 -38.43
N PHE C 593 4.19 33.87 -38.70
CA PHE C 593 3.46 34.60 -37.67
C PHE C 593 2.26 33.80 -37.19
N ALA C 594 1.54 33.18 -38.13
CA ALA C 594 0.36 32.40 -37.77
C ALA C 594 0.72 31.22 -36.88
N SER C 595 1.77 30.48 -37.24
CA SER C 595 2.17 29.33 -36.45
C SER C 595 2.66 29.76 -35.07
N GLY C 596 3.46 30.82 -35.01
CA GLY C 596 4.02 31.25 -33.74
C GLY C 596 2.96 31.78 -32.79
N LEU C 597 2.05 32.61 -33.30
CA LEU C 597 1.04 33.21 -32.44
C LEU C 597 0.03 32.19 -31.95
N LEU C 598 -0.47 31.34 -32.86
CA LEU C 598 -1.44 30.32 -32.49
C LEU C 598 -0.82 29.16 -31.72
N GLY C 599 0.50 29.06 -31.68
CA GLY C 599 1.14 27.95 -31.00
C GLY C 599 0.94 26.62 -31.67
N ARG C 600 0.67 26.61 -32.97
CA ARG C 600 0.45 25.39 -33.73
C ARG C 600 1.69 25.06 -34.55
N SER C 601 2.18 23.84 -34.40
CA SER C 601 3.28 23.37 -35.24
C SER C 601 2.80 23.18 -36.68
N VAL C 602 3.66 23.58 -37.63
CA VAL C 602 3.31 23.39 -39.03
C VAL C 602 3.37 21.91 -39.36
N GLN C 603 2.67 21.52 -40.43
CA GLN C 603 2.74 20.14 -40.89
C GLN C 603 4.17 19.75 -41.22
N SER C 604 4.54 18.53 -40.85
CA SER C 604 5.90 18.07 -41.07
C SER C 604 6.20 17.92 -42.56
N GLN C 605 7.41 18.27 -42.95
CA GLN C 605 7.90 18.09 -44.31
C GLN C 605 7.01 18.79 -45.34
N MET C 606 6.55 19.99 -45.03
CA MET C 606 5.82 20.81 -46.00
C MET C 606 6.58 22.09 -46.30
N VAL C 607 6.74 22.37 -47.59
CA VAL C 607 7.42 23.57 -48.07
C VAL C 607 6.38 24.47 -48.73
N VAL C 608 6.29 25.71 -48.25
CA VAL C 608 5.33 26.69 -48.76
C VAL C 608 5.99 27.45 -49.89
N LEU C 609 5.29 27.57 -51.01
CA LEU C 609 5.80 28.27 -52.18
C LEU C 609 4.93 29.49 -52.48
N GLY C 610 5.35 30.25 -53.48
CA GLY C 610 4.63 31.44 -53.90
C GLY C 610 4.87 32.61 -52.98
N ASP C 611 4.30 33.75 -53.36
CA ASP C 611 4.41 34.97 -52.58
C ASP C 611 3.10 35.73 -52.66
N MET C 612 3.04 36.85 -51.94
CA MET C 612 1.83 37.68 -51.90
C MET C 612 2.23 39.14 -51.88
N SER C 613 1.31 40.00 -52.29
CA SER C 613 1.47 41.43 -52.17
C SER C 613 0.88 41.92 -50.85
N LEU C 614 0.93 43.24 -50.66
CA LEU C 614 0.39 43.82 -49.43
C LEU C 614 -1.12 43.65 -49.35
N GLY C 615 -1.80 43.68 -50.49
CA GLY C 615 -3.24 43.47 -50.51
C GLY C 615 -3.69 42.03 -50.44
N GLY C 616 -2.74 41.09 -50.45
CA GLY C 616 -3.07 39.68 -50.39
C GLY C 616 -3.16 39.00 -51.74
N SER C 617 -2.73 39.64 -52.82
CA SER C 617 -2.76 39.01 -54.13
C SER C 617 -1.61 38.02 -54.24
N VAL C 618 -1.96 36.77 -54.57
CA VAL C 618 -1.00 35.67 -54.61
C VAL C 618 -0.27 35.69 -55.95
N THR C 619 1.02 35.38 -55.92
CA THR C 619 1.83 35.39 -57.14
C THR C 619 2.20 33.97 -57.53
N PRO C 620 2.27 33.68 -58.83
CA PRO C 620 2.62 32.32 -59.26
C PRO C 620 4.06 31.97 -58.88
N VAL C 621 4.28 30.68 -58.67
CA VAL C 621 5.59 30.19 -58.24
C VAL C 621 6.55 30.21 -59.44
N GLU C 622 7.54 31.10 -59.37
CA GLU C 622 8.59 31.12 -60.38
C GLU C 622 9.48 29.90 -60.22
N SER C 623 9.90 29.34 -61.34
CA SER C 623 10.76 28.14 -61.36
C SER C 623 10.15 27.02 -60.52
N ILE C 624 8.90 26.67 -60.84
CA ILE C 624 8.16 25.72 -60.04
C ILE C 624 8.81 24.33 -60.10
N ALA C 625 9.23 23.90 -61.29
CA ALA C 625 9.83 22.58 -61.43
C ALA C 625 11.15 22.48 -60.67
N GLU C 626 12.00 23.50 -60.80
CA GLU C 626 13.28 23.50 -60.10
C GLU C 626 13.08 23.55 -58.60
N CYS C 627 12.12 24.36 -58.13
CA CYS C 627 11.84 24.43 -56.70
C CYS C 627 11.33 23.09 -56.17
N LEU C 628 10.48 22.41 -56.95
CA LEU C 628 10.01 21.09 -56.55
C LEU C 628 11.16 20.09 -56.50
N GLN C 629 12.07 20.16 -57.46
CA GLN C 629 13.23 19.28 -57.44
C GLN C 629 14.09 19.54 -56.21
N VAL C 630 14.28 20.80 -55.87
CA VAL C 630 15.04 21.14 -54.65
C VAL C 630 14.34 20.60 -53.43
N ALA C 631 13.01 20.72 -53.37
CA ALA C 631 12.24 20.18 -52.26
C ALA C 631 12.42 18.67 -52.15
N PHE C 632 12.40 17.98 -53.29
CA PHE C 632 12.64 16.54 -53.30
C PHE C 632 14.04 16.22 -52.78
N ASP C 633 15.02 17.02 -53.18
CA ASP C 633 16.40 16.77 -52.75
C ASP C 633 16.55 16.93 -51.25
N ALA C 634 15.90 17.95 -50.67
CA ALA C 634 16.04 18.22 -49.25
C ALA C 634 15.17 17.33 -48.37
N GLY C 635 14.26 16.55 -48.96
CA GLY C 635 13.45 15.65 -48.18
C GLY C 635 12.02 16.11 -47.94
N ALA C 636 11.48 16.98 -48.80
CA ALA C 636 10.10 17.42 -48.63
C ALA C 636 9.14 16.32 -49.06
N LYS C 637 8.10 16.10 -48.25
CA LYS C 637 7.02 15.19 -48.59
C LYS C 637 5.72 15.88 -48.93
N LYS C 638 5.49 17.10 -48.44
CA LYS C 638 4.28 17.86 -48.73
C LYS C 638 4.68 19.21 -49.29
N VAL C 639 3.83 19.76 -50.15
CA VAL C 639 4.08 21.06 -50.78
C VAL C 639 2.77 21.84 -50.82
N ALA C 640 2.84 23.14 -50.54
CA ALA C 640 1.70 24.03 -50.62
C ALA C 640 1.93 25.02 -51.76
N LEU C 641 0.94 25.15 -52.65
CA LEU C 641 1.11 25.97 -53.84
C LEU C 641 -0.07 26.93 -54.00
N PRO C 642 0.14 28.07 -54.65
CA PRO C 642 -0.99 28.92 -55.04
C PRO C 642 -1.86 28.21 -56.07
N MET C 643 -3.15 28.58 -56.08
CA MET C 643 -4.06 28.03 -57.08
C MET C 643 -3.66 28.45 -58.49
N SER C 644 -3.27 29.71 -58.69
CA SER C 644 -2.87 30.17 -60.01
C SER C 644 -1.65 29.42 -60.54
N SER C 645 -0.77 28.96 -59.64
CA SER C 645 0.39 28.16 -60.04
C SER C 645 0.00 26.80 -60.60
N ALA C 646 -1.24 26.36 -60.40
CA ALA C 646 -1.66 25.06 -60.93
C ALA C 646 -1.58 25.03 -62.45
N ALA C 647 -1.68 26.20 -63.10
CA ALA C 647 -1.53 26.26 -64.55
C ALA C 647 -0.16 25.80 -65.00
N ASP C 648 0.84 25.87 -64.12
CA ASP C 648 2.18 25.39 -64.43
C ASP C 648 2.40 23.94 -64.02
N ILE C 649 1.38 23.29 -63.45
CA ILE C 649 1.50 21.87 -63.12
C ILE C 649 1.78 21.01 -64.35
N PRO C 650 1.12 21.22 -65.50
CA PRO C 650 1.48 20.41 -66.68
C PRO C 650 2.92 20.53 -67.10
N THR C 651 3.61 21.59 -66.69
CA THR C 651 5.05 21.71 -66.95
C THR C 651 5.89 20.89 -65.99
N ILE C 652 5.29 20.32 -64.94
CA ILE C 652 6.02 19.55 -63.93
C ILE C 652 6.23 18.13 -64.42
N PRO C 653 7.42 17.56 -64.22
CA PRO C 653 7.62 16.14 -64.54
C PRO C 653 6.71 15.25 -63.72
N VAL C 654 6.29 14.13 -64.34
CA VAL C 654 5.36 13.22 -63.67
C VAL C 654 6.02 12.58 -62.44
N GLU C 655 7.23 12.04 -62.62
CA GLU C 655 7.87 11.33 -61.51
C GLU C 655 8.17 12.27 -60.35
N LEU C 656 8.57 13.51 -60.63
CA LEU C 656 8.77 14.49 -59.57
C LEU C 656 7.46 14.81 -58.86
N PHE C 657 6.38 14.95 -59.63
CA PHE C 657 5.11 15.40 -59.05
C PHE C 657 4.49 14.32 -58.18
N THR C 658 4.69 13.05 -58.53
CA THR C 658 4.09 11.97 -57.76
C THR C 658 4.68 11.81 -56.36
N LYS C 659 5.76 12.52 -56.04
CA LYS C 659 6.43 12.34 -54.76
C LYS C 659 5.82 13.18 -53.63
N PHE C 660 4.91 14.10 -53.92
CA PHE C 660 4.42 15.04 -52.93
C PHE C 660 2.91 14.94 -52.73
N GLN C 661 2.47 15.31 -51.54
CA GLN C 661 1.05 15.55 -51.26
C GLN C 661 0.80 17.03 -51.51
N THR C 662 0.30 17.36 -52.70
CA THR C 662 0.27 18.73 -53.18
C THR C 662 -0.99 19.45 -52.71
N SER C 663 -0.81 20.63 -52.13
CA SER C 663 -1.91 21.44 -51.61
C SER C 663 -1.95 22.76 -52.38
N PHE C 664 -3.14 23.13 -52.85
CA PHE C 664 -3.34 24.39 -53.56
C PHE C 664 -4.30 25.26 -52.75
N TYR C 665 -3.80 26.37 -52.22
CA TYR C 665 -4.66 27.32 -51.55
C TYR C 665 -5.18 28.34 -52.56
N ALA C 666 -5.97 29.29 -52.07
CA ALA C 666 -6.52 30.36 -52.91
C ALA C 666 -5.98 31.73 -52.54
N ASP C 667 -6.12 32.13 -51.27
CA ASP C 667 -5.62 33.41 -50.78
C ASP C 667 -4.66 33.15 -49.64
N PRO C 668 -3.90 34.15 -49.16
CA PRO C 668 -2.93 33.89 -48.09
C PRO C 668 -3.54 33.28 -46.84
N VAL C 669 -4.78 33.65 -46.49
CA VAL C 669 -5.43 33.06 -45.33
C VAL C 669 -5.66 31.57 -45.55
N ASP C 670 -6.06 31.18 -46.77
CA ASP C 670 -6.20 29.78 -47.08
C ASP C 670 -4.85 29.07 -47.09
N ALA C 671 -3.79 29.80 -47.47
CA ALA C 671 -2.44 29.25 -47.35
C ALA C 671 -2.11 28.95 -45.90
N VAL C 672 -2.46 29.86 -44.99
CA VAL C 672 -2.30 29.62 -43.56
C VAL C 672 -3.05 28.37 -43.14
N PHE C 673 -4.30 28.25 -43.58
CA PHE C 673 -5.13 27.13 -43.16
C PHE C 673 -4.56 25.80 -43.67
N LYS C 674 -4.07 25.80 -44.92
CA LYS C 674 -3.42 24.60 -45.45
C LYS C 674 -2.16 24.26 -44.66
N GLY C 675 -1.37 25.29 -44.32
CA GLY C 675 -0.13 25.04 -43.61
C GLY C 675 -0.33 24.49 -42.22
N LEU C 676 -1.28 25.07 -41.47
CA LEU C 676 -1.49 24.68 -40.08
C LEU C 676 -2.36 23.44 -39.92
N GLY C 677 -2.98 22.97 -41.00
CA GLY C 677 -3.83 21.79 -40.93
C GLY C 677 -5.06 21.98 -40.06
N ASN D 5 32.88 76.90 -33.27
CA ASN D 5 33.27 77.04 -31.88
C ASN D 5 34.24 75.93 -31.46
N ASP D 6 34.15 74.79 -32.14
CA ASP D 6 35.05 73.68 -31.86
C ASP D 6 36.50 74.10 -32.09
N LYS D 7 36.76 74.79 -33.20
CA LYS D 7 38.09 75.33 -33.46
C LYS D 7 38.47 76.36 -32.41
N GLU D 8 37.51 77.13 -31.93
CA GLU D 8 37.77 78.07 -30.84
C GLU D 8 38.13 77.34 -29.56
N LEU D 9 37.47 76.20 -29.31
CA LEU D 9 37.83 75.38 -28.16
C LEU D 9 39.25 74.86 -28.28
N ASP D 10 39.63 74.39 -29.48
CA ASP D 10 41.00 73.92 -29.68
C ASP D 10 41.99 75.04 -29.46
N GLN D 11 41.66 76.25 -29.95
CA GLN D 11 42.50 77.41 -29.74
C GLN D 11 42.68 77.71 -28.26
N LEU D 12 41.58 77.71 -27.51
CA LEU D 12 41.65 78.02 -26.08
C LEU D 12 42.47 76.97 -25.33
N LEU D 13 42.26 75.69 -25.64
CA LEU D 13 43.03 74.65 -24.97
C LEU D 13 44.52 74.73 -25.32
N ASN D 14 44.83 75.02 -26.58
CA ASN D 14 46.24 75.20 -26.94
C ASN D 14 46.84 76.41 -26.23
N GLU D 15 46.05 77.46 -26.02
CA GLU D 15 46.55 78.64 -25.32
C GLU D 15 46.82 78.34 -23.85
N HIS D 16 45.87 77.71 -23.18
CA HIS D 16 45.94 77.54 -21.72
C HIS D 16 46.50 76.19 -21.30
N PHE D 17 46.34 75.15 -22.12
CA PHE D 17 46.82 73.80 -21.84
C PHE D 17 47.77 73.33 -22.93
N ALA D 18 48.76 74.17 -23.25
CA ALA D 18 49.68 73.87 -24.35
C ALA D 18 50.37 72.53 -24.15
N GLY D 19 50.42 71.73 -25.21
CA GLY D 19 51.06 70.43 -25.13
C GLY D 19 50.24 69.38 -24.41
N ARG D 20 48.96 69.66 -24.12
CA ARG D 20 48.11 68.72 -23.42
C ARG D 20 46.95 68.21 -24.27
N VAL D 21 46.88 68.61 -25.53
CA VAL D 21 45.81 68.22 -26.44
C VAL D 21 46.42 67.44 -27.59
N VAL D 22 45.78 66.31 -27.93
CA VAL D 22 46.43 65.31 -28.77
C VAL D 22 45.59 64.88 -29.98
N ARG D 23 44.41 65.47 -30.16
CA ARG D 23 43.59 65.14 -31.32
C ARG D 23 43.29 63.63 -31.36
N LYS D 24 42.46 63.17 -30.41
CA LYS D 24 42.28 61.75 -30.11
C LYS D 24 42.33 60.82 -31.31
N ASP D 25 41.52 61.08 -32.34
CA ASP D 25 41.32 60.08 -33.39
C ASP D 25 42.64 59.58 -33.99
N LEU D 26 43.63 60.46 -34.09
CA LEU D 26 44.90 60.08 -34.69
C LEU D 26 45.51 58.85 -34.03
N THR D 27 45.46 58.77 -32.69
CA THR D 27 46.12 57.67 -32.01
C THR D 27 45.49 56.33 -32.39
N LYS D 28 44.22 56.35 -32.80
CA LYS D 28 43.57 55.10 -33.22
C LYS D 28 44.27 54.52 -34.44
N LEU D 29 44.78 55.39 -35.31
CA LEU D 29 45.54 54.92 -36.47
C LEU D 29 46.76 54.13 -36.07
N ILE D 30 47.27 54.30 -34.87
CA ILE D 30 48.43 53.57 -34.39
C ILE D 30 48.03 52.33 -33.61
N LYS D 31 46.74 52.18 -33.31
CA LYS D 31 46.28 50.95 -32.65
C LYS D 31 46.27 49.77 -33.61
N GLU D 32 46.84 49.95 -34.80
CA GLU D 32 47.07 48.85 -35.73
C GLU D 32 47.89 47.76 -35.05
N GLY D 33 48.87 48.17 -34.25
CA GLY D 33 49.65 47.23 -33.45
C GLY D 33 50.90 47.85 -32.88
N ALA D 34 51.17 47.57 -31.61
CA ALA D 34 52.35 48.07 -30.92
C ALA D 34 52.55 47.33 -29.62
N ASN D 35 53.53 47.77 -28.81
CA ASN D 35 53.74 47.21 -27.48
C ASN D 35 53.92 48.35 -26.49
N VAL D 36 53.07 49.36 -26.59
CA VAL D 36 53.26 50.61 -25.87
C VAL D 36 51.90 51.10 -25.36
N PRO D 37 51.82 51.65 -24.15
CA PRO D 37 50.54 52.16 -23.66
C PRO D 37 49.97 53.29 -24.51
N VAL D 38 48.65 53.44 -24.48
CA VAL D 38 47.98 54.41 -25.34
C VAL D 38 48.42 55.84 -25.01
N TYR D 39 48.47 56.16 -23.72
CA TYR D 39 48.81 57.52 -23.31
C TYR D 39 50.23 57.89 -23.69
N VAL D 40 51.12 56.90 -23.77
CA VAL D 40 52.47 57.16 -24.26
C VAL D 40 52.42 57.64 -25.72
N LEU D 41 51.63 56.95 -26.54
CA LEU D 41 51.44 57.37 -27.92
C LEU D 41 50.79 58.76 -27.98
N GLU D 42 49.85 59.01 -27.07
CA GLU D 42 49.23 60.32 -27.01
C GLU D 42 50.26 61.42 -26.78
N TYR D 43 51.14 61.23 -25.81
CA TYR D 43 52.16 62.24 -25.52
C TYR D 43 53.13 62.39 -26.69
N LEU D 44 53.48 61.28 -27.32
CA LEU D 44 54.39 61.35 -28.47
C LEU D 44 53.77 62.14 -29.62
N LEU D 45 52.52 61.85 -29.97
CA LEU D 45 51.86 62.61 -31.01
C LEU D 45 51.67 64.06 -30.61
N GLY D 46 51.47 64.33 -29.32
CA GLY D 46 51.41 65.70 -28.85
C GLY D 46 52.70 66.45 -29.09
N MET D 47 53.84 65.82 -28.82
CA MET D 47 55.10 66.49 -29.10
C MET D 47 55.37 66.62 -30.60
N TYR D 48 55.03 65.61 -31.39
CA TYR D 48 55.35 65.58 -32.82
C TYR D 48 54.23 66.16 -33.69
N CYS D 49 53.17 66.69 -33.08
CA CYS D 49 52.05 67.22 -33.87
C CYS D 49 52.49 68.42 -34.70
N ALA D 50 53.32 69.29 -34.14
CA ALA D 50 53.81 70.50 -34.81
C ALA D 50 52.66 71.44 -35.15
N SER D 51 51.84 71.06 -36.14
CA SER D 51 50.72 71.89 -36.54
C SER D 51 49.50 71.04 -36.92
N ASP D 52 48.50 71.66 -37.53
CA ASP D 52 47.29 70.98 -37.92
C ASP D 52 47.25 70.60 -39.41
N ASP D 53 48.33 70.81 -40.15
CA ASP D 53 48.37 70.44 -41.55
C ASP D 53 48.36 68.92 -41.68
N PRO D 54 47.44 68.34 -42.46
CA PRO D 54 47.38 66.88 -42.58
C PRO D 54 48.68 66.24 -43.04
N GLU D 55 49.41 66.92 -43.93
CA GLU D 55 50.69 66.41 -44.39
C GLU D 55 51.70 66.35 -43.25
N ILE D 56 51.77 67.42 -42.46
CA ILE D 56 52.70 67.44 -41.32
C ILE D 56 52.28 66.41 -40.28
N ILE D 57 50.97 66.28 -40.05
CA ILE D 57 50.49 65.27 -39.11
C ILE D 57 50.89 63.88 -39.58
N GLU D 58 50.69 63.58 -40.86
CA GLU D 58 51.04 62.27 -41.39
C GLU D 58 52.54 62.01 -41.28
N GLN D 59 53.35 63.03 -41.60
CA GLN D 59 54.80 62.86 -41.53
C GLN D 59 55.26 62.60 -40.10
N GLY D 60 54.78 63.39 -39.15
CA GLY D 60 55.14 63.16 -37.76
C GLY D 60 54.65 61.82 -37.26
N LEU D 61 53.48 61.38 -37.74
CA LEU D 61 52.96 60.08 -37.38
C LEU D 61 53.87 58.96 -37.87
N ARG D 62 54.37 59.10 -39.10
CA ARG D 62 55.34 58.15 -39.64
C ARG D 62 56.62 58.16 -38.81
N ASN D 63 57.08 59.35 -38.43
CA ASN D 63 58.29 59.43 -37.59
C ASN D 63 58.07 58.72 -36.27
N VAL D 64 56.90 58.89 -35.67
CA VAL D 64 56.60 58.21 -34.41
C VAL D 64 56.62 56.70 -34.59
N LYS D 65 55.99 56.21 -35.66
CA LYS D 65 56.00 54.77 -35.91
C LYS D 65 57.42 54.25 -36.05
N THR D 66 58.25 54.95 -36.83
CA THR D 66 59.62 54.51 -37.03
C THR D 66 60.41 54.54 -35.73
N VAL D 67 60.20 55.58 -34.91
CA VAL D 67 60.93 55.69 -33.65
C VAL D 67 60.56 54.54 -32.73
N LEU D 68 59.27 54.21 -32.63
CA LEU D 68 58.87 53.07 -31.81
C LEU D 68 59.45 51.77 -32.34
N ALA D 69 59.46 51.59 -33.66
CA ALA D 69 59.99 50.36 -34.23
C ALA D 69 61.48 50.23 -33.96
N GLU D 70 62.23 51.34 -34.05
CA GLU D 70 63.68 51.27 -34.01
C GLU D 70 64.24 50.88 -32.65
N ASN D 71 63.63 51.34 -31.56
CA ASN D 71 64.32 51.28 -30.27
C ASN D 71 63.63 50.39 -29.25
N TYR D 72 62.73 49.51 -29.68
CA TYR D 72 61.99 48.70 -28.71
C TYR D 72 62.93 47.70 -28.05
N VAL D 73 62.60 47.32 -26.82
CA VAL D 73 63.52 46.61 -25.94
C VAL D 73 62.91 45.27 -25.53
N ARG D 74 62.18 44.64 -26.46
CA ARG D 74 61.40 43.42 -26.26
C ARG D 74 62.12 42.46 -25.31
N PRO D 75 61.44 42.00 -24.25
CA PRO D 75 62.14 41.43 -23.10
C PRO D 75 63.07 40.27 -23.40
N ASP D 76 62.71 39.40 -24.33
CA ASP D 76 63.52 38.22 -24.62
C ASP D 76 64.89 38.61 -25.14
N GLU D 77 64.99 39.75 -25.84
CA GLU D 77 66.26 40.20 -26.37
C GLU D 77 66.96 41.15 -25.41
N ALA D 78 66.37 41.34 -24.22
CA ALA D 78 66.89 42.31 -23.27
C ALA D 78 68.37 42.07 -22.98
N GLU D 79 68.73 40.83 -22.67
CA GLU D 79 70.12 40.49 -22.43
C GLU D 79 71.00 40.90 -23.60
N LYS D 80 70.57 40.62 -24.83
CA LYS D 80 71.34 41.04 -26.00
C LYS D 80 71.60 42.53 -25.99
N VAL D 81 70.60 43.32 -25.58
CA VAL D 81 70.77 44.77 -25.54
C VAL D 81 71.95 45.14 -24.67
N LYS D 82 72.10 44.44 -23.53
CA LYS D 82 73.24 44.70 -22.66
C LYS D 82 74.55 44.62 -23.43
N SER D 83 74.73 43.57 -24.23
CA SER D 83 75.96 43.44 -24.99
C SER D 83 76.13 44.62 -25.94
N LEU D 84 75.05 45.04 -26.60
CA LEU D 84 75.14 46.19 -27.50
C LEU D 84 75.60 47.42 -26.73
N VAL D 85 75.15 47.58 -25.48
CA VAL D 85 75.64 48.67 -24.66
C VAL D 85 77.11 48.46 -24.35
N ARG D 86 77.50 47.22 -24.02
CA ARG D 86 78.87 46.95 -23.61
C ARG D 86 79.83 47.10 -24.78
N GLU D 87 79.43 46.62 -25.96
CA GLU D 87 80.31 46.73 -27.12
C GLU D 87 80.39 48.16 -27.65
N ARG D 88 79.25 48.83 -27.81
CA ARG D 88 79.21 50.16 -28.41
C ARG D 88 79.45 51.28 -27.41
N GLY D 89 79.44 50.99 -26.12
CA GLY D 89 79.64 52.02 -25.13
C GLY D 89 78.36 52.79 -24.80
N SER D 90 77.49 52.96 -25.78
CA SER D 90 76.24 53.69 -25.58
C SER D 90 75.20 53.20 -26.58
N TYR D 91 73.96 53.13 -26.11
CA TYR D 91 72.87 52.65 -26.94
C TYR D 91 71.56 53.27 -26.47
N LYS D 92 70.71 53.66 -27.41
CA LYS D 92 69.45 54.33 -27.08
C LYS D 92 68.30 53.32 -27.10
N VAL D 93 67.50 53.32 -26.04
CA VAL D 93 66.39 52.38 -25.90
C VAL D 93 65.17 53.08 -25.31
N ILE D 94 64.00 52.56 -25.65
CA ILE D 94 62.73 53.03 -25.08
C ILE D 94 62.33 52.04 -24.00
N ASP D 95 62.15 52.51 -22.77
CA ASP D 95 61.76 51.60 -21.72
C ASP D 95 61.17 52.36 -20.53
N ARG D 96 60.54 51.60 -19.64
CA ARG D 96 59.93 52.14 -18.44
C ARG D 96 60.97 52.17 -17.33
N VAL D 97 61.26 53.37 -16.83
CA VAL D 97 62.32 53.59 -15.86
C VAL D 97 61.70 54.00 -14.54
N THR D 98 62.17 53.39 -13.45
CA THR D 98 61.77 53.77 -12.10
C THR D 98 63.01 54.12 -11.28
N VAL D 99 63.01 55.31 -10.70
CA VAL D 99 64.19 55.84 -10.03
C VAL D 99 63.97 55.80 -8.53
N LYS D 100 64.99 55.36 -7.81
CA LYS D 100 65.00 55.30 -6.36
C LYS D 100 66.25 55.99 -5.83
N LEU D 101 66.17 56.47 -4.60
CA LEU D 101 67.33 57.04 -3.93
C LEU D 101 67.96 56.00 -3.03
N ASN D 102 69.21 55.62 -3.32
CA ASN D 102 69.98 54.72 -2.48
C ASN D 102 70.75 55.59 -1.50
N GLU D 103 70.28 55.61 -0.25
CA GLU D 103 70.92 56.44 0.76
C GLU D 103 72.23 55.83 1.23
N ARG D 104 72.37 54.50 1.15
CA ARG D 104 73.62 53.87 1.50
C ARG D 104 74.77 54.37 0.63
N LYS D 105 74.54 54.47 -0.69
CA LYS D 105 75.51 55.07 -1.59
C LYS D 105 75.20 56.52 -1.89
N ASP D 106 74.06 57.04 -1.41
CA ASP D 106 73.66 58.44 -1.60
C ASP D 106 73.66 58.82 -3.07
N LYS D 107 72.91 58.07 -3.87
CA LYS D 107 72.82 58.37 -5.28
C LYS D 107 71.51 57.84 -5.84
N TYR D 108 71.14 58.36 -7.00
CA TYR D 108 69.91 57.95 -7.66
C TYR D 108 70.18 56.79 -8.61
N GLU D 109 69.44 55.69 -8.42
CA GLU D 109 69.57 54.52 -9.25
C GLU D 109 68.26 54.29 -9.99
N ALA D 110 68.36 54.09 -11.30
CA ALA D 110 67.20 53.82 -12.15
C ALA D 110 67.16 52.33 -12.47
N SER D 111 65.95 51.79 -12.52
CA SER D 111 65.69 50.40 -12.86
C SER D 111 64.84 50.36 -14.11
N PHE D 112 65.25 49.53 -15.07
CA PHE D 112 64.55 49.39 -16.33
C PHE D 112 63.66 48.15 -16.26
N SER D 113 62.38 48.33 -16.62
CA SER D 113 61.42 47.24 -16.47
C SER D 113 61.75 46.07 -17.39
N ASN D 114 61.94 46.33 -18.68
CA ASN D 114 62.14 45.24 -19.62
C ASN D 114 63.56 44.68 -19.56
N LEU D 115 64.56 45.56 -19.42
CA LEU D 115 65.94 45.11 -19.40
C LEU D 115 66.26 44.29 -18.16
N GLY D 116 65.55 44.49 -17.06
CA GLY D 116 65.91 43.85 -15.82
C GLY D 116 67.03 44.51 -15.06
N ILE D 117 67.69 45.50 -15.67
CA ILE D 117 68.70 46.27 -14.95
C ILE D 117 68.03 47.03 -13.83
N LYS D 118 68.56 46.88 -12.62
CA LYS D 118 67.94 47.47 -11.44
C LYS D 118 68.86 48.36 -10.64
N ASP D 119 70.03 48.73 -11.17
CA ASP D 119 70.93 49.60 -10.42
C ASP D 119 71.66 50.62 -11.28
N ALA D 120 71.07 51.07 -12.38
CA ALA D 120 71.80 51.97 -13.28
C ALA D 120 71.95 53.34 -12.66
N GLU D 121 73.18 53.79 -12.47
CA GLU D 121 73.42 55.10 -11.89
C GLU D 121 72.87 56.20 -12.79
N ILE D 122 72.17 57.17 -12.21
CA ILE D 122 71.59 58.26 -12.99
C ILE D 122 71.91 59.59 -12.30
N SER D 123 72.13 60.62 -13.10
CA SER D 123 72.54 61.92 -12.57
C SER D 123 71.40 62.58 -11.80
N ALA D 124 71.78 63.47 -10.87
CA ALA D 124 70.79 64.15 -10.05
C ALA D 124 69.97 65.15 -10.85
N GLY D 125 70.57 65.78 -11.85
CA GLY D 125 69.83 66.76 -12.64
C GLY D 125 68.64 66.14 -13.36
N ILE D 126 68.85 64.95 -13.93
CA ILE D 126 67.77 64.31 -14.70
C ILE D 126 66.60 63.97 -13.78
N VAL D 127 66.87 63.39 -12.61
CA VAL D 127 65.79 63.04 -11.70
C VAL D 127 65.17 64.30 -11.12
N LYS D 128 65.93 65.39 -11.02
CA LYS D 128 65.35 66.66 -10.59
C LYS D 128 64.38 67.19 -11.62
N GLU D 129 64.68 66.99 -12.91
CA GLU D 129 63.82 67.53 -13.96
C GLU D 129 62.47 66.83 -14.01
N TYR D 130 62.47 65.49 -13.93
CA TYR D 130 61.25 64.69 -14.13
C TYR D 130 61.02 63.83 -12.88
N GLU D 131 60.30 64.38 -11.91
CA GLU D 131 60.08 63.65 -10.66
C GLU D 131 59.05 62.56 -10.81
N LYS D 132 58.33 62.50 -11.94
CA LYS D 132 57.44 61.38 -12.18
C LYS D 132 58.19 60.06 -12.25
N LEU D 133 59.50 60.11 -12.51
CA LEU D 133 60.31 58.89 -12.45
C LEU D 133 60.27 58.27 -11.06
N LEU D 134 60.10 59.09 -10.03
CA LEU D 134 60.14 58.62 -8.66
C LEU D 134 58.82 58.06 -8.18
N VAL D 135 57.73 58.26 -8.92
CA VAL D 135 56.42 57.83 -8.47
C VAL D 135 56.08 56.42 -8.91
N GLY D 136 56.01 56.14 -10.20
CA GLY D 136 55.68 54.81 -10.66
C GLY D 136 56.48 54.36 -11.87
N GLY D 137 57.44 55.19 -12.27
CA GLY D 137 58.25 54.87 -13.43
C GLY D 137 57.56 55.28 -14.71
N ILE D 138 58.29 55.90 -15.63
CA ILE D 138 57.70 56.43 -16.84
C ILE D 138 58.45 55.88 -18.05
N TRP D 139 57.78 55.90 -19.20
CA TRP D 139 58.40 55.46 -20.45
C TRP D 139 59.27 56.57 -20.99
N VAL D 140 60.56 56.27 -21.20
CA VAL D 140 61.52 57.26 -21.65
C VAL D 140 62.44 56.66 -22.69
N ILE D 141 63.04 57.55 -23.50
CA ILE D 141 64.16 57.17 -24.36
C ILE D 141 65.43 57.51 -23.58
N ALA D 142 66.27 56.50 -23.37
CA ALA D 142 67.47 56.64 -22.58
C ALA D 142 68.68 56.17 -23.38
N THR D 143 69.76 56.94 -23.28
CA THR D 143 71.04 56.57 -23.88
C THR D 143 71.88 55.87 -22.82
N LEU D 144 71.70 54.57 -22.69
CA LEU D 144 72.49 53.79 -21.75
C LEU D 144 73.97 53.87 -22.11
N SER D 145 74.79 54.14 -21.10
CA SER D 145 76.23 54.21 -21.25
C SER D 145 76.89 53.16 -20.35
N TYR D 146 77.89 52.48 -20.89
CA TYR D 146 78.57 51.40 -20.19
C TYR D 146 79.99 51.85 -19.86
N TYR D 147 80.33 51.82 -18.58
CA TYR D 147 81.67 52.14 -18.12
C TYR D 147 82.01 51.26 -16.94
N PHE D 148 83.03 50.41 -17.09
CA PHE D 148 83.40 49.45 -16.06
C PHE D 148 84.87 49.60 -15.75
N GLU D 149 85.18 49.96 -14.51
CA GLU D 149 86.54 49.93 -14.00
C GLU D 149 86.65 48.83 -12.97
N GLU D 150 87.79 48.13 -12.97
CA GLU D 150 87.94 46.95 -12.13
C GLU D 150 87.77 47.30 -10.66
N GLY D 151 87.04 46.46 -9.94
CA GLY D 151 86.85 46.63 -8.51
C GLY D 151 85.73 47.57 -8.13
N GLN D 152 85.07 48.21 -9.08
CA GLN D 152 83.96 49.09 -8.75
C GLN D 152 82.77 48.29 -8.23
N THR D 153 82.00 48.90 -7.34
CA THR D 153 80.85 48.24 -6.74
C THR D 153 79.53 48.72 -7.33
N SER D 154 79.48 49.95 -7.84
CA SER D 154 78.28 50.43 -8.50
C SER D 154 78.12 49.76 -9.86
N SER D 155 76.89 49.72 -10.35
CA SER D 155 76.64 49.09 -11.63
C SER D 155 77.33 49.87 -12.75
N PRO D 156 77.96 49.18 -13.70
CA PRO D 156 78.64 49.89 -14.79
C PRO D 156 77.71 50.56 -15.78
N PHE D 157 76.40 50.37 -15.65
CA PHE D 157 75.45 51.00 -16.55
C PHE D 157 75.10 52.38 -16.02
N GLY D 158 75.30 53.40 -16.86
CA GLY D 158 74.93 54.75 -16.51
C GLY D 158 74.06 55.36 -17.59
N VAL D 159 73.12 56.18 -17.16
CA VAL D 159 72.16 56.81 -18.06
C VAL D 159 72.63 58.23 -18.32
N SER D 160 73.03 58.49 -19.56
CA SER D 160 73.61 59.78 -19.93
C SER D 160 72.56 60.78 -20.40
N LEU D 161 71.66 60.35 -21.28
CA LEU D 161 70.60 61.20 -21.77
C LEU D 161 69.27 60.52 -21.56
N LEU D 162 68.27 61.29 -21.15
CA LEU D 162 66.95 60.76 -20.85
C LEU D 162 65.90 61.76 -21.29
N LYS D 163 65.00 61.33 -22.16
CA LYS D 163 63.89 62.16 -22.59
C LYS D 163 62.58 61.45 -22.33
N PRO D 164 61.66 62.06 -21.58
CA PRO D 164 60.37 61.40 -21.30
C PRO D 164 59.58 61.18 -22.58
N ILE D 165 58.89 60.04 -22.63
CA ILE D 165 58.01 59.74 -23.76
C ILE D 165 56.55 59.90 -23.40
N GLN D 166 56.20 59.76 -22.14
CA GLN D 166 54.86 60.04 -21.64
C GLN D 166 54.90 61.34 -20.84
N MET D 167 53.79 61.64 -20.16
CA MET D 167 53.72 62.85 -19.36
C MET D 167 54.82 62.85 -18.30
N PRO D 168 55.71 63.84 -18.31
CA PRO D 168 56.78 63.87 -17.32
C PRO D 168 56.45 64.65 -16.06
N ASN D 169 55.54 65.61 -16.16
CA ASN D 169 55.34 66.56 -15.07
C ASN D 169 53.96 67.18 -15.09
N MET D 170 53.42 67.50 -13.91
CA MET D 170 52.15 68.22 -13.79
C MET D 170 52.39 69.60 -13.19
N ASN D 171 51.95 70.64 -13.89
CA ASN D 171 51.94 72.00 -13.37
C ASN D 171 50.52 72.31 -12.93
N MET D 172 50.25 72.11 -11.64
CA MET D 172 48.89 72.26 -11.14
C MET D 172 48.43 73.71 -11.15
N ASP D 173 49.34 74.65 -10.95
CA ASP D 173 48.99 76.07 -10.96
C ASP D 173 48.48 76.47 -12.33
N GLU D 174 49.11 75.96 -13.38
CA GLU D 174 48.67 76.22 -14.75
C GLU D 174 47.28 75.63 -14.98
N LEU D 175 47.00 74.50 -14.34
CA LEU D 175 45.70 73.86 -14.48
C LEU D 175 44.57 74.75 -13.98
N PHE D 176 44.74 75.35 -12.80
CA PHE D 176 43.73 76.25 -12.26
C PHE D 176 43.56 77.47 -13.13
N SER D 177 44.67 78.01 -13.63
CA SER D 177 44.63 79.17 -14.53
C SER D 177 43.82 78.85 -15.78
N GLY D 178 44.10 77.68 -16.37
CA GLY D 178 43.35 77.29 -17.56
C GLY D 178 41.89 77.05 -17.27
N ARG D 179 41.58 76.43 -16.14
CA ARG D 179 40.18 76.19 -15.78
C ARG D 179 39.44 77.52 -15.61
N ALA D 180 40.10 78.49 -14.97
CA ALA D 180 39.51 79.82 -14.87
C ALA D 180 39.36 80.47 -16.24
N ALA D 181 40.29 80.19 -17.15
CA ALA D 181 40.23 80.77 -18.49
C ALA D 181 39.08 80.24 -19.33
N LEU D 182 38.51 79.09 -18.99
CA LEU D 182 37.41 78.50 -19.73
C LEU D 182 36.13 78.54 -18.93
N SER D 183 35.01 78.72 -19.64
CA SER D 183 33.71 78.73 -18.99
C SER D 183 33.31 77.32 -18.58
N THR D 184 32.27 77.24 -17.76
CA THR D 184 31.83 75.95 -17.23
C THR D 184 31.36 75.03 -18.35
N ASP D 185 30.60 75.56 -19.31
CA ASP D 185 30.15 74.74 -20.43
C ASP D 185 31.34 74.28 -21.26
N GLN D 186 32.31 75.18 -21.49
CA GLN D 186 33.52 74.80 -22.21
C GLN D 186 34.29 73.73 -21.46
N TRP D 187 34.36 73.85 -20.13
CA TRP D 187 35.06 72.86 -19.33
C TRP D 187 34.37 71.50 -19.41
N ARG D 188 33.03 71.50 -19.37
CA ARG D 188 32.29 70.26 -19.52
C ARG D 188 32.56 69.62 -20.87
N GLU D 189 32.52 70.42 -21.93
CA GLU D 189 32.77 69.89 -23.26
C GLU D 189 34.19 69.34 -23.37
N SER D 190 35.16 70.02 -22.77
CA SER D 190 36.53 69.55 -22.78
C SER D 190 36.66 68.22 -22.04
N LEU D 191 36.00 68.10 -20.89
CA LEU D 191 36.07 66.85 -20.13
C LEU D 191 35.40 65.71 -20.88
N ILE D 192 34.29 65.99 -21.56
CA ILE D 192 33.64 64.97 -22.37
C ILE D 192 34.54 64.54 -23.52
N ARG D 193 35.18 65.50 -24.18
CA ARG D 193 36.10 65.16 -25.26
C ARG D 193 37.31 64.39 -24.74
N SER D 194 37.68 64.62 -23.47
CA SER D 194 38.87 63.98 -22.92
C SER D 194 38.73 62.47 -22.89
N ILE D 195 37.52 61.95 -22.80
CA ILE D 195 37.28 60.51 -22.85
C ILE D 195 37.15 60.09 -24.31
N GLY D 196 36.84 61.06 -25.16
CA GLY D 196 36.63 60.77 -26.57
C GLY D 196 35.19 60.85 -27.02
N MET D 197 34.30 61.42 -26.22
CA MET D 197 32.91 61.59 -26.59
C MET D 197 32.72 63.01 -27.14
N GLU D 198 31.83 63.14 -28.13
CA GLU D 198 31.61 64.44 -28.73
C GLU D 198 30.38 65.11 -28.12
N PRO D 199 30.57 66.17 -27.33
CA PRO D 199 29.42 66.76 -26.62
C PRO D 199 28.35 67.30 -27.55
N ALA D 200 28.70 67.63 -28.79
CA ALA D 200 27.69 68.07 -29.75
C ALA D 200 26.66 66.98 -30.03
N SER D 201 27.06 65.72 -29.95
CA SER D 201 26.15 64.61 -30.16
C SER D 201 25.52 64.10 -28.87
N LEU D 202 25.75 64.78 -27.76
CA LEU D 202 25.27 64.34 -26.45
C LEU D 202 24.37 65.40 -25.84
N LYS D 203 23.24 64.97 -25.29
CA LYS D 203 22.40 65.87 -24.52
C LYS D 203 23.08 66.22 -23.21
N GLU D 204 22.73 67.39 -22.67
CA GLU D 204 23.43 67.92 -21.50
C GLU D 204 23.27 66.99 -20.31
N ASP D 205 22.08 66.43 -20.10
CA ASP D 205 21.88 65.48 -19.02
C ASP D 205 22.73 64.23 -19.21
N VAL D 206 22.90 63.79 -20.47
CA VAL D 206 23.76 62.64 -20.72
C VAL D 206 25.22 63.00 -20.44
N GLN D 207 25.62 64.24 -20.72
CA GLN D 207 26.95 64.69 -20.34
C GLN D 207 27.12 64.66 -18.82
N TRP D 208 26.07 65.06 -18.10
CA TRP D 208 26.12 64.96 -16.64
C TRP D 208 26.23 63.51 -16.19
N HIS D 209 25.57 62.59 -16.89
CA HIS D 209 25.72 61.17 -16.59
C HIS D 209 27.15 60.70 -16.83
N LEU D 210 27.77 61.17 -17.90
CA LEU D 210 29.17 60.83 -18.16
C LEU D 210 30.08 61.39 -17.07
N LEU D 211 29.80 62.60 -16.60
CA LEU D 211 30.56 63.16 -15.50
C LEU D 211 30.36 62.35 -14.22
N ALA D 212 29.14 61.84 -14.02
CA ALA D 212 28.89 60.95 -12.89
C ALA D 212 29.72 59.68 -13.01
N ARG D 213 29.88 59.16 -14.23
CA ARG D 213 30.81 58.06 -14.44
C ARG D 213 32.23 58.44 -14.01
N MET D 214 32.58 59.71 -14.14
CA MET D 214 33.93 60.19 -13.84
C MET D 214 34.14 60.44 -12.36
N VAL D 215 33.07 60.71 -11.62
CA VAL D 215 33.13 61.06 -10.20
C VAL D 215 33.96 60.10 -9.37
N PRO D 216 33.82 58.77 -9.49
CA PRO D 216 34.53 57.88 -8.55
C PRO D 216 36.03 58.07 -8.55
N PHE D 217 36.61 58.57 -9.65
CA PHE D 217 38.04 58.76 -9.71
C PHE D 217 38.52 59.93 -8.85
N VAL D 218 37.62 60.83 -8.46
CA VAL D 218 38.04 62.02 -7.73
C VAL D 218 37.50 62.09 -6.30
N GLU D 219 36.72 61.11 -5.86
CA GLU D 219 36.20 61.08 -4.50
C GLU D 219 36.64 59.80 -3.81
N ASN D 220 37.16 59.94 -2.60
CA ASN D 220 37.70 58.79 -1.87
C ASN D 220 36.57 57.92 -1.34
N ASN D 221 36.62 56.64 -1.72
CA ASN D 221 35.61 55.66 -1.33
C ASN D 221 34.20 56.14 -1.70
N TYR D 222 33.97 56.30 -3.01
CA TYR D 222 32.67 56.70 -3.52
C TYR D 222 32.06 55.50 -4.25
N ASN D 223 31.25 54.73 -3.53
CA ASN D 223 30.54 53.61 -4.13
C ASN D 223 29.53 54.15 -5.14
N VAL D 224 29.32 53.40 -6.22
CA VAL D 224 28.35 53.77 -7.23
C VAL D 224 28.04 52.54 -8.07
N CYS D 225 26.78 52.42 -8.49
CA CYS D 225 26.37 51.33 -9.36
C CYS D 225 25.62 51.90 -10.56
N GLU D 226 25.85 51.31 -11.72
CA GLU D 226 25.13 51.67 -12.94
C GLU D 226 24.78 50.41 -13.71
N LEU D 227 23.51 50.28 -14.05
CA LEU D 227 22.99 49.15 -14.82
C LEU D 227 22.37 49.69 -16.09
N GLY D 228 22.77 49.15 -17.23
CA GLY D 228 22.30 49.65 -18.50
C GLY D 228 22.46 48.66 -19.64
N PRO D 229 21.86 48.97 -20.77
CA PRO D 229 21.94 48.08 -21.93
C PRO D 229 23.34 48.00 -22.49
N ARG D 230 23.60 46.92 -23.22
CA ARG D 230 24.90 46.72 -23.84
C ARG D 230 25.15 47.77 -24.92
N GLY D 231 26.41 47.92 -25.30
CA GLY D 231 26.77 48.83 -26.36
C GLY D 231 26.75 50.29 -25.97
N THR D 232 26.62 50.59 -24.68
CA THR D 232 26.64 51.97 -24.19
C THR D 232 28.02 52.40 -23.70
N GLY D 233 29.03 51.56 -23.89
CA GLY D 233 30.38 51.91 -23.47
C GLY D 233 30.57 52.08 -21.99
N LYS D 234 29.98 51.20 -21.18
CA LYS D 234 30.08 51.33 -19.73
C LYS D 234 31.51 51.09 -19.25
N SER D 235 32.16 50.05 -19.77
CA SER D 235 33.45 49.63 -19.24
C SER D 235 34.63 50.35 -19.89
N HIS D 236 34.38 51.20 -20.89
CA HIS D 236 35.48 51.77 -21.67
C HIS D 236 36.43 52.58 -20.79
N ILE D 237 35.88 53.45 -19.94
CA ILE D 237 36.72 54.35 -19.15
C ILE D 237 37.58 53.56 -18.18
N TYR D 238 37.00 52.54 -17.55
CA TYR D 238 37.66 51.83 -16.47
C TYR D 238 38.77 50.90 -16.96
N LYS D 239 38.85 50.65 -18.26
CA LYS D 239 39.89 49.80 -18.84
C LYS D 239 40.89 50.57 -19.69
N GLU D 240 40.44 51.63 -20.36
CA GLU D 240 41.28 52.36 -21.30
C GLU D 240 41.59 53.79 -20.89
N CYS D 241 40.66 54.48 -20.24
CA CYS D 241 40.81 55.89 -19.92
C CYS D 241 41.47 56.15 -18.58
N SER D 242 41.97 55.11 -17.90
CA SER D 242 42.59 55.35 -16.61
C SER D 242 43.58 54.24 -16.31
N PRO D 243 44.86 54.56 -16.13
CA PRO D 243 45.83 53.55 -15.72
C PRO D 243 45.76 53.18 -14.24
N ASN D 244 44.95 53.88 -13.44
CA ASN D 244 44.85 53.61 -12.02
C ASN D 244 43.51 53.01 -11.62
N SER D 245 42.78 52.45 -12.58
CA SER D 245 41.51 51.77 -12.31
C SER D 245 41.61 50.33 -12.80
N ILE D 246 40.99 49.42 -12.05
CA ILE D 246 41.07 48.01 -12.37
C ILE D 246 39.66 47.43 -12.45
N LEU D 247 39.43 46.60 -13.48
CA LEU D 247 38.13 46.00 -13.74
C LEU D 247 38.19 44.51 -13.42
N VAL D 248 37.42 44.08 -12.44
CA VAL D 248 37.38 42.68 -12.03
C VAL D 248 36.30 41.99 -12.84
N SER D 249 36.69 41.30 -13.91
CA SER D 249 35.77 40.66 -14.82
C SER D 249 35.23 39.37 -14.22
N GLY D 250 33.97 39.08 -14.52
CA GLY D 250 33.35 37.82 -14.16
C GLY D 250 32.84 37.72 -12.75
N GLY D 251 33.16 38.69 -11.89
CA GLY D 251 32.69 38.65 -10.52
C GLY D 251 33.41 37.64 -9.65
N GLN D 252 34.15 36.72 -10.28
CA GLN D 252 34.87 35.68 -9.55
C GLN D 252 36.06 36.31 -8.86
N THR D 253 35.87 36.69 -7.60
CA THR D 253 36.92 37.23 -6.77
C THR D 253 36.80 36.66 -5.36
N THR D 254 37.91 36.64 -4.65
CA THR D 254 37.96 36.15 -3.28
C THR D 254 38.55 37.21 -2.36
N VAL D 255 38.20 37.11 -1.07
CA VAL D 255 38.66 38.10 -0.11
C VAL D 255 40.18 38.12 -0.04
N ALA D 256 40.84 37.01 -0.35
CA ALA D 256 42.30 37.00 -0.40
C ALA D 256 42.80 37.84 -1.56
N ASN D 257 42.25 37.63 -2.75
CA ASN D 257 42.63 38.45 -3.90
C ASN D 257 42.09 39.86 -3.78
N LEU D 258 40.81 40.00 -3.48
CA LEU D 258 40.16 41.30 -3.53
C LEU D 258 40.56 42.19 -2.35
N PHE D 259 40.59 41.63 -1.14
CA PHE D 259 40.69 42.45 0.07
C PHE D 259 42.01 42.26 0.80
N TYR D 260 42.35 41.04 1.21
CA TYR D 260 43.57 40.83 1.99
C TYR D 260 43.85 39.34 2.08
N ASN D 261 45.05 38.93 1.71
CA ASN D 261 45.49 37.55 1.90
C ASN D 261 46.25 37.47 3.21
N MET D 262 45.58 36.96 4.26
CA MET D 262 46.19 36.90 5.57
C MET D 262 47.41 35.99 5.58
N SER D 263 47.45 35.00 4.69
CA SER D 263 48.61 34.12 4.61
C SER D 263 49.84 34.87 4.11
N SER D 264 49.67 35.76 3.13
CA SER D 264 50.78 36.50 2.56
C SER D 264 50.95 37.89 3.15
N ARG D 265 50.04 38.34 4.01
CA ARG D 265 50.12 39.65 4.64
C ARG D 265 50.22 40.76 3.60
N ARG D 266 49.41 40.66 2.54
CA ARG D 266 49.38 41.66 1.49
C ARG D 266 47.94 42.08 1.23
N ILE D 267 47.71 43.39 1.22
CA ILE D 267 46.36 43.91 1.00
C ILE D 267 45.92 43.62 -0.42
N GLY D 268 44.60 43.52 -0.62
CA GLY D 268 44.04 43.15 -1.91
C GLY D 268 44.00 44.31 -2.87
N LEU D 269 43.07 44.20 -3.82
CA LEU D 269 42.93 45.22 -4.86
C LEU D 269 42.56 46.57 -4.28
N VAL D 270 41.69 46.59 -3.27
CA VAL D 270 41.19 47.84 -2.72
C VAL D 270 42.30 48.70 -2.14
N GLY D 271 43.41 48.08 -1.73
CA GLY D 271 44.53 48.85 -1.22
C GLY D 271 45.53 49.32 -2.26
N LEU D 272 45.30 49.00 -3.54
CA LEU D 272 46.27 49.29 -4.58
C LEU D 272 45.77 50.23 -5.67
N TRP D 273 44.47 50.23 -5.96
CA TRP D 273 43.92 50.99 -7.07
C TRP D 273 42.98 52.08 -6.57
N ASP D 274 42.89 53.15 -7.34
CA ASP D 274 41.96 54.22 -7.03
C ASP D 274 40.52 53.78 -7.20
N VAL D 275 40.22 53.02 -8.26
CA VAL D 275 38.87 52.57 -8.55
C VAL D 275 38.90 51.09 -8.87
N VAL D 276 38.03 50.33 -8.21
CA VAL D 276 37.81 48.93 -8.54
C VAL D 276 36.40 48.81 -9.08
N ALA D 277 36.26 48.23 -10.27
CA ALA D 277 34.98 48.17 -10.97
C ALA D 277 34.63 46.70 -11.22
N PHE D 278 33.59 46.23 -10.55
CA PHE D 278 33.07 44.89 -10.81
C PHE D 278 32.39 44.86 -12.17
N ASP D 279 31.93 43.68 -12.57
CA ASP D 279 31.26 43.50 -13.85
C ASP D 279 30.45 42.22 -13.76
N GLN D 280 29.49 42.07 -14.67
CA GLN D 280 28.69 40.87 -14.82
C GLN D 280 27.89 40.54 -13.56
N VAL D 281 27.73 41.54 -12.68
CA VAL D 281 26.86 41.53 -11.50
C VAL D 281 26.47 40.14 -11.01
N ALA D 282 25.51 39.50 -11.67
CA ALA D 282 24.96 38.21 -11.24
C ALA D 282 26.05 37.16 -11.06
N GLY D 283 27.13 37.27 -11.82
CA GLY D 283 28.23 36.33 -11.72
C GLY D 283 28.91 36.31 -10.37
N ILE D 284 28.81 37.43 -9.65
CA ILE D 284 29.39 37.52 -8.31
C ILE D 284 28.79 36.46 -7.39
N SER D 285 29.66 35.75 -6.68
CA SER D 285 29.19 34.67 -5.81
C SER D 285 29.76 34.75 -4.40
N PHE D 286 31.02 35.18 -4.27
CA PHE D 286 31.72 35.13 -2.99
C PHE D 286 31.57 33.80 -2.28
N LYS D 287 32.17 32.74 -2.86
CA LYS D 287 32.28 31.45 -2.20
C LYS D 287 32.54 31.58 -0.71
N ASP D 288 33.49 32.44 -0.32
CA ASP D 288 33.74 32.70 1.09
C ASP D 288 32.56 33.48 1.67
N LYS D 289 32.04 33.01 2.80
CA LYS D 289 30.85 33.60 3.41
C LYS D 289 31.08 35.05 3.86
N ASP D 290 32.25 35.32 4.43
CA ASP D 290 32.52 36.62 5.05
C ASP D 290 32.59 37.76 4.05
N GLY D 291 32.66 37.47 2.74
CA GLY D 291 32.87 38.54 1.78
C GLY D 291 31.80 39.61 1.82
N VAL D 292 30.54 39.19 1.99
CA VAL D 292 29.43 40.14 1.94
C VAL D 292 29.54 41.16 3.07
N GLN D 293 29.72 40.68 4.30
CA GLN D 293 29.80 41.60 5.43
C GLN D 293 31.07 42.44 5.37
N ILE D 294 32.16 41.88 4.85
CA ILE D 294 33.38 42.67 4.70
C ILE D 294 33.16 43.81 3.71
N MET D 295 32.50 43.52 2.58
CA MET D 295 32.18 44.60 1.64
C MET D 295 31.28 45.64 2.28
N LYS D 296 30.28 45.20 3.04
CA LYS D 296 29.37 46.14 3.68
C LYS D 296 30.12 47.05 4.65
N ASP D 297 31.01 46.46 5.45
CA ASP D 297 31.81 47.26 6.38
C ASP D 297 32.73 48.23 5.64
N TYR D 298 33.37 47.75 4.57
CA TYR D 298 34.26 48.59 3.78
C TYR D 298 33.51 49.80 3.19
N MET D 299 32.35 49.55 2.61
CA MET D 299 31.57 50.63 2.03
C MET D 299 31.00 51.57 3.09
N ALA D 300 30.66 51.05 4.26
CA ALA D 300 30.08 51.90 5.29
C ALA D 300 31.13 52.79 5.96
N SER D 301 32.32 52.24 6.22
CA SER D 301 33.30 52.92 7.05
C SER D 301 34.57 53.34 6.32
N GLY D 302 34.83 52.83 5.12
CA GLY D 302 36.11 53.11 4.51
C GLY D 302 37.24 52.25 5.01
N SER D 303 36.94 51.27 5.85
CA SER D 303 37.94 50.36 6.40
C SER D 303 37.27 49.04 6.70
N PHE D 304 38.08 47.99 6.85
CA PHE D 304 37.57 46.68 7.19
C PHE D 304 38.58 45.95 8.05
N ALA D 305 38.08 44.97 8.80
CA ALA D 305 38.89 44.21 9.74
C ALA D 305 39.19 42.83 9.15
N ARG D 306 40.48 42.54 8.98
CA ARG D 306 40.89 41.20 8.60
C ARG D 306 42.02 40.76 9.50
N GLY D 307 41.92 39.52 9.99
CA GLY D 307 42.79 39.09 11.06
C GLY D 307 42.59 40.01 12.24
N ARG D 308 43.66 40.71 12.63
CA ARG D 308 43.62 41.59 13.79
C ARG D 308 43.79 43.05 13.41
N GLU D 309 43.80 43.37 12.11
CA GLU D 309 44.04 44.72 11.65
C GLU D 309 42.76 45.31 11.06
N GLN D 310 42.43 46.52 11.54
CA GLN D 310 41.43 47.38 10.93
C GLN D 310 42.10 48.26 9.88
N MET D 311 42.24 47.75 8.67
CA MET D 311 42.96 48.47 7.64
C MET D 311 41.97 49.22 6.73
N GLU D 312 42.36 50.42 6.35
CA GLU D 312 41.55 51.31 5.54
C GLU D 312 41.93 51.17 4.07
N ALA D 313 41.01 51.54 3.19
CA ALA D 313 41.28 51.57 1.76
C ALA D 313 40.39 52.62 1.11
N SER D 314 40.98 53.40 0.21
CA SER D 314 40.27 54.50 -0.44
C SER D 314 39.78 54.16 -1.84
N ALA D 315 39.81 52.89 -2.22
CA ALA D 315 39.37 52.50 -3.56
C ALA D 315 37.88 52.72 -3.72
N SER D 316 37.51 53.50 -4.74
CA SER D 316 36.12 53.72 -5.06
C SER D 316 35.55 52.50 -5.76
N MET D 317 34.40 52.04 -5.29
CA MET D 317 33.83 50.78 -5.75
C MET D 317 32.71 51.07 -6.75
N VAL D 318 32.86 50.55 -7.96
CA VAL D 318 31.91 50.76 -9.04
C VAL D 318 31.32 49.40 -9.42
N PHE D 319 30.02 49.38 -9.68
CA PHE D 319 29.32 48.15 -10.06
C PHE D 319 28.66 48.36 -11.41
N VAL D 320 29.28 47.85 -12.47
CA VAL D 320 28.76 47.92 -13.82
C VAL D 320 27.88 46.70 -14.04
N GLY D 321 26.69 46.92 -14.62
CA GLY D 321 25.78 45.81 -14.88
C GLY D 321 25.04 45.98 -16.17
N ASN D 322 24.70 44.85 -16.76
CA ASN D 322 23.90 44.80 -17.99
C ASN D 322 22.45 44.53 -17.63
N ILE D 323 21.55 45.36 -18.14
CA ILE D 323 20.12 45.20 -17.91
C ILE D 323 19.52 44.48 -19.12
N ASN D 324 18.65 43.50 -18.85
CA ASN D 324 18.10 42.65 -19.91
C ASN D 324 16.64 42.95 -20.20
N GLN D 325 15.95 43.68 -19.35
CA GLN D 325 14.53 43.93 -19.48
C GLN D 325 14.25 45.42 -19.57
N SER D 326 13.12 45.75 -20.20
CA SER D 326 12.71 47.15 -20.31
C SER D 326 12.49 47.74 -18.93
N VAL D 327 12.77 49.04 -18.81
CA VAL D 327 12.74 49.70 -17.50
C VAL D 327 11.34 49.63 -16.89
N GLU D 328 10.31 49.92 -17.69
CA GLU D 328 8.95 49.99 -17.16
C GLU D 328 8.50 48.63 -16.63
N SER D 329 8.67 47.57 -17.41
CA SER D 329 8.23 46.25 -16.98
C SER D 329 8.96 45.82 -15.72
N LEU D 330 10.28 46.03 -15.68
CA LEU D 330 11.06 45.58 -14.54
C LEU D 330 10.73 46.38 -13.29
N VAL D 331 10.49 47.69 -13.43
CA VAL D 331 10.15 48.49 -12.26
C VAL D 331 8.75 48.18 -11.77
N LYS D 332 7.81 47.86 -12.66
CA LYS D 332 6.47 47.50 -12.22
C LYS D 332 6.46 46.13 -11.56
N THR D 333 7.27 45.19 -12.06
CA THR D 333 7.29 43.84 -11.52
C THR D 333 8.32 43.64 -10.42
N SER D 334 9.44 44.38 -10.44
CA SER D 334 10.49 44.16 -9.47
C SER D 334 11.25 45.45 -9.17
N HIS D 335 12.43 45.33 -8.59
CA HIS D 335 13.28 46.47 -8.27
C HIS D 335 14.40 46.55 -9.28
N LEU D 336 14.82 47.78 -9.59
CA LEU D 336 15.84 48.02 -10.60
C LEU D 336 17.16 47.33 -10.31
N LEU D 337 17.45 47.03 -9.05
CA LEU D 337 18.69 46.35 -8.67
C LEU D 337 18.54 44.84 -8.69
N ALA D 338 17.62 44.31 -9.48
CA ALA D 338 17.40 42.88 -9.70
C ALA D 338 18.63 42.14 -10.22
N PRO D 339 19.40 42.69 -11.18
CA PRO D 339 20.53 41.91 -11.73
C PRO D 339 21.56 41.47 -10.70
N PHE D 340 21.61 42.10 -9.52
CA PHE D 340 22.50 41.65 -8.48
C PHE D 340 22.11 40.25 -8.01
N PRO D 341 23.06 39.44 -7.55
CA PRO D 341 22.75 38.06 -7.18
C PRO D 341 21.85 37.99 -5.96
N GLU D 342 21.14 36.86 -5.85
CA GLU D 342 20.13 36.70 -4.80
C GLU D 342 20.72 36.82 -3.40
N ALA D 343 21.82 36.12 -3.14
CA ALA D 343 22.48 36.23 -1.84
C ALA D 343 23.04 37.62 -1.59
N MET D 344 23.18 38.43 -2.65
CA MET D 344 23.68 39.78 -2.53
C MET D 344 22.58 40.80 -2.27
N ILE D 345 21.31 40.41 -2.40
CA ILE D 345 20.20 41.35 -2.24
C ILE D 345 19.89 41.55 -0.77
N ASP D 346 20.32 42.68 -0.23
CA ASP D 346 20.06 43.04 1.17
C ASP D 346 19.93 44.55 1.26
N SER D 347 19.05 45.01 2.17
CA SER D 347 18.83 46.44 2.32
C SER D 347 20.10 47.15 2.75
N ALA D 348 20.84 46.58 3.72
CA ALA D 348 22.06 47.22 4.20
C ALA D 348 23.12 47.31 3.11
N PHE D 349 23.03 46.46 2.09
CA PHE D 349 23.99 46.55 1.00
C PHE D 349 23.69 47.73 0.09
N PHE D 350 22.49 47.80 -0.47
CA PHE D 350 22.17 48.88 -1.40
C PHE D 350 22.04 50.21 -0.68
N ASP D 351 21.88 50.20 0.65
CA ASP D 351 21.81 51.46 1.38
C ASP D 351 23.09 52.27 1.27
N ARG D 352 24.24 51.62 1.07
CA ARG D 352 25.52 52.32 1.06
C ARG D 352 25.91 52.79 -0.33
N PHE D 353 25.18 52.42 -1.37
CA PHE D 353 25.44 52.92 -2.72
C PHE D 353 25.19 54.42 -2.76
N HIS D 354 26.22 55.18 -3.10
CA HIS D 354 26.09 56.64 -3.08
C HIS D 354 25.48 57.16 -4.37
N ALA D 355 25.28 56.30 -5.37
CA ALA D 355 24.70 56.74 -6.62
C ALA D 355 24.27 55.55 -7.47
N TYR D 356 23.13 55.69 -8.11
CA TYR D 356 22.68 54.81 -9.19
C TYR D 356 22.67 55.63 -10.46
N ILE D 357 23.49 55.24 -11.42
CA ILE D 357 23.54 55.95 -12.70
C ILE D 357 22.51 55.33 -13.63
N PRO D 358 21.63 56.12 -14.23
CA PRO D 358 20.59 55.54 -15.10
C PRO D 358 21.15 55.07 -16.43
N GLY D 359 21.72 53.86 -16.46
CA GLY D 359 22.36 53.34 -17.64
C GLY D 359 21.49 53.29 -18.88
N TRP D 360 20.16 53.21 -18.71
CA TRP D 360 19.26 53.24 -19.85
C TRP D 360 19.25 54.61 -20.53
N GLU D 361 19.46 55.68 -19.77
CA GLU D 361 19.43 57.02 -20.36
C GLU D 361 20.66 57.30 -21.22
N ILE D 362 21.69 56.48 -21.15
CA ILE D 362 22.85 56.65 -22.02
C ILE D 362 22.57 55.97 -23.35
N PRO D 363 22.56 56.70 -24.46
CA PRO D 363 22.36 56.06 -25.76
C PRO D 363 23.48 55.10 -26.10
N LYS D 364 23.12 54.03 -26.80
CA LYS D 364 24.12 53.03 -27.17
C LYS D 364 25.14 53.63 -28.14
N MET D 365 26.35 53.10 -28.09
CA MET D 365 27.44 53.64 -28.89
C MET D 365 27.22 53.37 -30.37
N ARG D 366 27.26 54.43 -31.18
CA ARG D 366 27.60 54.35 -32.58
C ARG D 366 28.74 55.32 -32.83
N PRO D 367 29.57 55.07 -33.84
CA PRO D 367 30.82 55.83 -33.97
C PRO D 367 30.66 57.35 -34.00
N GLU D 368 29.47 57.87 -34.27
CA GLU D 368 29.32 59.31 -34.39
C GLU D 368 29.44 60.01 -33.03
N PHE D 369 29.49 59.24 -31.93
CA PHE D 369 29.82 59.84 -30.64
C PHE D 369 31.32 60.00 -30.42
N PHE D 370 32.15 59.31 -31.19
CA PHE D 370 33.59 59.38 -31.03
C PHE D 370 34.11 60.67 -31.63
N THR D 371 34.58 61.57 -30.78
CA THR D 371 35.01 62.88 -31.24
C THR D 371 36.27 62.75 -32.07
N ASN D 372 36.44 63.70 -33.00
CA ASN D 372 37.65 63.81 -33.81
C ASN D 372 38.35 65.13 -33.59
N ARG D 373 38.11 65.79 -32.46
CA ARG D 373 38.69 67.08 -32.16
C ARG D 373 39.77 66.94 -31.10
N TYR D 374 40.37 68.06 -30.70
CA TYR D 374 41.45 68.06 -29.72
C TYR D 374 40.89 67.82 -28.32
N GLY D 375 41.54 66.92 -27.59
CA GLY D 375 41.12 66.59 -26.25
C GLY D 375 42.30 66.42 -25.32
N LEU D 376 41.98 66.47 -24.02
CA LEU D 376 43.02 66.43 -23.00
C LEU D 376 43.72 65.08 -22.96
N ILE D 377 45.00 65.08 -22.57
CA ILE D 377 45.75 63.84 -22.44
C ILE D 377 45.09 62.96 -21.40
N VAL D 378 44.94 61.67 -21.71
CA VAL D 378 44.28 60.75 -20.79
C VAL D 378 45.14 60.55 -19.54
N ASP D 379 46.46 60.54 -19.70
CA ASP D 379 47.33 60.44 -18.53
C ASP D 379 47.24 61.70 -17.68
N TYR D 380 47.20 62.87 -18.33
CA TYR D 380 46.97 64.12 -17.60
C TYR D 380 45.68 64.05 -16.83
N LEU D 381 44.62 63.54 -17.45
CA LEU D 381 43.33 63.45 -16.78
C LEU D 381 43.39 62.51 -15.59
N ALA D 382 44.07 61.38 -15.74
CA ALA D 382 44.18 60.41 -14.65
C ALA D 382 44.93 61.00 -13.46
N GLU D 383 46.05 61.67 -13.71
CA GLU D 383 46.80 62.25 -12.60
C GLU D 383 46.03 63.42 -11.98
N PHE D 384 45.28 64.15 -12.81
CA PHE D 384 44.39 65.18 -12.29
C PHE D 384 43.37 64.60 -11.31
N PHE D 385 42.78 63.47 -11.68
CA PHE D 385 41.87 62.77 -10.76
C PHE D 385 42.59 62.36 -9.49
N ARG D 386 43.79 61.80 -9.64
CA ARG D 386 44.53 61.33 -8.47
C ARG D 386 44.77 62.46 -7.49
N GLU D 387 45.17 63.63 -7.99
CA GLU D 387 45.45 64.74 -7.08
C GLU D 387 44.17 65.38 -6.55
N MET D 388 43.08 65.37 -7.33
CA MET D 388 41.81 65.82 -6.80
C MET D 388 41.27 64.91 -5.72
N ARG D 389 41.73 63.65 -5.66
CA ARG D 389 41.26 62.76 -4.60
C ARG D 389 41.59 63.27 -3.21
N LYS D 390 42.56 64.17 -3.06
CA LYS D 390 42.99 64.62 -1.74
C LYS D 390 42.05 65.65 -1.11
N ARG D 391 41.30 66.40 -1.91
CA ARG D 391 40.57 67.55 -1.40
C ARG D 391 39.17 67.16 -0.95
N SER D 392 38.43 68.17 -0.49
CA SER D 392 37.04 68.02 -0.09
C SER D 392 36.26 69.24 -0.52
N PHE D 393 35.08 69.00 -1.10
CA PHE D 393 34.19 70.08 -1.54
C PHE D 393 32.74 69.79 -1.21
N ALA D 394 32.49 68.92 -0.23
CA ALA D 394 31.12 68.63 0.19
C ALA D 394 30.56 69.73 1.09
N ASP D 395 31.40 70.66 1.55
CA ASP D 395 30.95 71.75 2.40
C ASP D 395 30.48 72.97 1.62
N SER D 396 30.54 72.91 0.29
CA SER D 396 30.02 74.01 -0.52
C SER D 396 28.50 74.09 -0.44
N ILE D 397 27.84 73.01 -0.03
CA ILE D 397 26.39 73.01 0.01
C ILE D 397 25.88 73.97 1.08
N GLU D 398 26.56 74.03 2.22
CA GLU D 398 26.03 74.77 3.37
C GLU D 398 25.94 76.26 3.09
N LYS D 399 26.89 76.82 2.34
CA LYS D 399 26.93 78.27 2.16
C LYS D 399 25.73 78.77 1.35
N TYR D 400 25.09 77.89 0.58
CA TYR D 400 23.89 78.26 -0.15
C TYR D 400 22.63 77.52 0.25
N PHE D 401 22.72 76.23 0.61
CA PHE D 401 21.53 75.41 0.78
C PHE D 401 21.65 74.53 2.01
N LYS D 402 20.53 73.92 2.38
CA LYS D 402 20.45 72.97 3.50
C LYS D 402 19.69 71.74 3.04
N LEU D 403 20.14 70.57 3.50
CA LEU D 403 19.47 69.33 3.13
C LEU D 403 18.13 69.20 3.83
N GLY D 404 17.21 68.49 3.19
CA GLY D 404 15.87 68.33 3.73
C GLY D 404 15.81 67.39 4.92
N ASN D 405 14.61 67.28 5.47
CA ASN D 405 14.40 66.45 6.66
C ASN D 405 14.21 64.98 6.33
N ASN D 406 13.96 64.65 5.07
CA ASN D 406 13.75 63.26 4.66
C ASN D 406 15.04 62.48 4.54
N LEU D 407 16.18 63.13 4.69
CA LEU D 407 17.48 62.51 4.45
C LEU D 407 18.08 62.08 5.78
N ASN D 408 18.15 60.78 6.02
CA ASN D 408 18.94 60.30 7.14
C ASN D 408 20.42 60.39 6.82
N GLN D 409 21.26 60.16 7.84
CA GLN D 409 22.67 60.53 7.69
C GLN D 409 23.37 59.74 6.60
N ARG D 410 22.89 58.53 6.28
CA ARG D 410 23.49 57.82 5.16
C ARG D 410 23.25 58.56 3.84
N ASP D 411 22.02 59.02 3.61
CA ASP D 411 21.74 59.78 2.39
C ASP D 411 22.46 61.11 2.41
N VAL D 412 22.62 61.71 3.59
CA VAL D 412 23.40 62.94 3.70
C VAL D 412 24.84 62.69 3.26
N ILE D 413 25.42 61.59 3.72
CA ILE D 413 26.77 61.22 3.31
C ILE D 413 26.83 61.05 1.80
N ALA D 414 25.85 60.33 1.23
CA ALA D 414 25.88 60.05 -0.19
C ALA D 414 25.80 61.33 -1.02
N VAL D 415 24.87 62.23 -0.66
CA VAL D 415 24.69 63.45 -1.43
C VAL D 415 25.89 64.37 -1.25
N ARG D 416 26.45 64.42 -0.04
CA ARG D 416 27.66 65.20 0.17
C ARG D 416 28.79 64.72 -0.71
N LYS D 417 29.01 63.40 -0.75
CA LYS D 417 30.09 62.85 -1.55
C LYS D 417 29.86 63.13 -3.03
N THR D 418 28.62 62.95 -3.51
CA THR D 418 28.36 63.17 -4.92
C THR D 418 28.54 64.63 -5.30
N VAL D 419 28.05 65.55 -4.46
CA VAL D 419 28.22 66.97 -4.75
C VAL D 419 29.69 67.34 -4.75
N SER D 420 30.45 66.81 -3.79
CA SER D 420 31.87 67.11 -3.72
C SER D 420 32.59 66.60 -4.97
N GLY D 421 32.26 65.39 -5.41
CA GLY D 421 32.90 64.85 -6.61
C GLY D 421 32.58 65.67 -7.84
N LEU D 422 31.30 66.05 -8.00
CA LEU D 422 30.92 66.86 -9.14
C LEU D 422 31.61 68.22 -9.11
N MET D 423 31.73 68.82 -7.93
CA MET D 423 32.39 70.12 -7.82
C MET D 423 33.88 70.01 -8.12
N LYS D 424 34.52 68.93 -7.65
CA LYS D 424 35.92 68.70 -8.01
C LYS D 424 36.10 68.57 -9.51
N LEU D 425 35.24 67.79 -10.17
CA LEU D 425 35.34 67.63 -11.62
C LEU D 425 35.11 68.96 -12.33
N LEU D 426 34.17 69.76 -11.86
CA LEU D 426 33.78 70.97 -12.56
C LEU D 426 34.59 72.19 -12.16
N TYR D 427 34.79 72.43 -10.86
CA TYR D 427 35.44 73.65 -10.39
C TYR D 427 36.58 73.33 -9.42
N PRO D 428 37.70 72.79 -9.92
CA PRO D 428 38.87 72.62 -9.06
C PRO D 428 39.40 73.94 -8.53
N HIS D 429 39.21 75.03 -9.28
CA HIS D 429 39.72 76.33 -8.88
C HIS D 429 39.00 76.92 -7.68
N GLY D 430 37.80 76.43 -7.35
CA GLY D 430 37.12 76.88 -6.17
C GLY D 430 36.26 78.12 -6.32
N GLN D 431 36.08 78.64 -7.53
CA GLN D 431 35.17 79.76 -7.76
C GLN D 431 33.87 79.19 -8.34
N PHE D 432 32.75 79.46 -7.66
CA PHE D 432 31.47 78.90 -8.04
C PHE D 432 30.36 79.77 -7.50
N ASN D 433 29.23 79.77 -8.19
CA ASN D 433 28.07 80.57 -7.81
C ASN D 433 26.96 79.65 -7.32
N LYS D 434 25.80 80.25 -7.04
CA LYS D 434 24.69 79.51 -6.46
C LYS D 434 24.12 78.48 -7.45
N GLU D 435 24.04 78.86 -8.73
CA GLU D 435 23.42 77.98 -9.72
C GLU D 435 24.20 76.69 -9.90
N ASP D 436 25.53 76.78 -9.89
CA ASP D 436 26.35 75.58 -10.06
C ASP D 436 26.12 74.59 -8.92
N VAL D 437 26.16 75.09 -7.68
CA VAL D 437 25.92 74.23 -6.52
C VAL D 437 24.50 73.68 -6.56
N ARG D 438 23.55 74.48 -7.03
CA ARG D 438 22.17 74.02 -7.14
C ARG D 438 22.06 72.85 -8.12
N GLN D 439 22.73 72.97 -9.28
CA GLN D 439 22.71 71.89 -10.25
C GLN D 439 23.34 70.63 -9.68
N CYS D 440 24.49 70.78 -9.02
CA CYS D 440 25.15 69.62 -8.43
C CYS D 440 24.25 68.96 -7.39
N LEU D 441 23.60 69.77 -6.56
CA LEU D 441 22.73 69.22 -5.52
C LEU D 441 21.54 68.50 -6.11
N GLU D 442 20.89 69.08 -7.12
CA GLU D 442 19.72 68.41 -7.69
C GLU D 442 20.12 67.09 -8.33
N TYR D 443 21.26 67.06 -9.03
CA TYR D 443 21.68 65.81 -9.65
C TYR D 443 22.03 64.76 -8.60
N ALA D 444 22.73 65.18 -7.54
CA ALA D 444 23.10 64.24 -6.48
C ALA D 444 21.88 63.68 -5.77
N LEU D 445 20.92 64.54 -5.45
CA LEU D 445 19.69 64.06 -4.82
C LEU D 445 18.93 63.13 -5.74
N GLN D 446 18.90 63.42 -7.05
CA GLN D 446 18.24 62.51 -7.98
C GLN D 446 18.88 61.13 -7.98
N VAL D 447 20.20 61.09 -8.10
CA VAL D 447 20.87 59.78 -8.22
C VAL D 447 20.80 59.03 -6.90
N ARG D 448 20.80 59.73 -5.76
CA ARG D 448 20.59 59.05 -4.49
C ARG D 448 19.15 58.59 -4.33
N ARG D 449 18.21 59.38 -4.84
CA ARG D 449 16.80 59.05 -4.66
C ARG D 449 16.41 57.83 -5.47
N ARG D 450 17.09 57.60 -6.60
CA ARG D 450 16.82 56.35 -7.33
C ARG D 450 17.15 55.14 -6.48
N VAL D 451 18.33 55.16 -5.83
CA VAL D 451 18.68 54.09 -4.89
C VAL D 451 17.67 54.02 -3.76
N LYS D 452 17.20 55.19 -3.30
CA LYS D 452 16.26 55.21 -2.19
C LYS D 452 14.94 54.55 -2.58
N GLU D 453 14.45 54.81 -3.80
CA GLU D 453 13.23 54.15 -4.26
C GLU D 453 13.40 52.65 -4.37
N GLN D 454 14.53 52.19 -4.92
CA GLN D 454 14.73 50.74 -5.00
C GLN D 454 14.85 50.12 -3.61
N LEU D 455 15.52 50.82 -2.69
CA LEU D 455 15.64 50.35 -1.31
C LEU D 455 14.27 50.30 -0.65
N LYS D 456 13.41 51.28 -0.94
CA LYS D 456 12.03 51.22 -0.49
C LYS D 456 11.35 49.96 -1.00
N LYS D 457 11.45 49.71 -2.31
CA LYS D 457 10.78 48.57 -2.90
C LYS D 457 11.25 47.25 -2.29
N ILE D 458 12.52 47.17 -1.89
CA ILE D 458 13.03 45.91 -1.35
C ILE D 458 12.78 45.80 0.15
N GLY D 459 12.71 46.92 0.87
CA GLY D 459 12.68 46.86 2.32
C GLY D 459 11.37 47.24 3.00
N GLY D 460 10.40 47.74 2.24
CA GLY D 460 9.09 47.99 2.83
C GLY D 460 9.08 49.23 3.69
N MET D 461 8.89 49.03 4.99
CA MET D 461 8.57 50.15 5.90
C MET D 461 9.78 51.02 6.19
N GLU D 462 10.97 50.42 6.37
CA GLU D 462 12.11 51.15 6.89
C GLU D 462 12.55 52.30 5.99
N PHE D 463 12.15 52.31 4.72
CA PHE D 463 12.65 53.28 3.77
C PHE D 463 11.53 53.99 3.01
N TYR D 464 10.48 54.41 3.73
CA TYR D 464 9.44 55.20 3.07
C TYR D 464 9.94 56.58 2.68
N ASP D 465 10.82 57.18 3.47
CA ASP D 465 11.12 58.61 3.37
C ASP D 465 11.94 58.86 2.11
N VAL D 466 11.26 58.84 0.97
CA VAL D 466 11.89 59.02 -0.33
C VAL D 466 11.66 60.40 -0.91
N HIS D 467 10.93 61.28 -0.23
CA HIS D 467 10.63 62.60 -0.74
C HIS D 467 11.80 63.53 -0.45
N PHE D 468 12.85 63.34 -1.25
CA PHE D 468 14.07 64.13 -1.08
C PHE D 468 13.84 65.56 -1.54
N SER D 469 14.29 66.51 -0.74
CA SER D 469 14.15 67.93 -1.07
C SER D 469 15.27 68.71 -0.38
N TYR D 470 15.55 69.89 -0.91
CA TYR D 470 16.55 70.77 -0.32
C TYR D 470 15.94 72.15 -0.12
N ILE D 471 16.37 72.83 0.94
CA ILE D 471 15.80 74.11 1.33
C ILE D 471 16.84 75.20 1.13
N ASP D 472 16.45 76.27 0.42
CA ASP D 472 17.34 77.40 0.20
C ASP D 472 17.62 78.11 1.51
N ASN D 473 18.82 78.68 1.64
CA ASN D 473 19.14 79.43 2.84
C ASN D 473 18.54 80.82 2.86
N ASP D 474 18.29 81.41 1.68
CA ASP D 474 17.76 82.77 1.62
C ASP D 474 16.24 82.79 1.51
N THR D 475 15.68 82.19 0.46
CA THR D 475 14.24 82.22 0.26
C THR D 475 13.49 81.12 1.01
N LEU D 476 14.21 80.18 1.61
CA LEU D 476 13.66 79.06 2.36
C LEU D 476 12.74 78.18 1.52
N GLU D 477 12.74 78.35 0.20
CA GLU D 477 11.89 77.56 -0.67
C GLU D 477 12.39 76.12 -0.71
N GLU D 478 11.55 75.19 -0.28
CA GLU D 478 11.87 73.77 -0.31
C GLU D 478 11.60 73.24 -1.70
N HIS D 479 12.66 72.84 -2.40
CA HIS D 479 12.57 72.32 -3.76
C HIS D 479 12.67 70.80 -3.71
N PHE D 480 11.71 70.13 -4.34
CA PHE D 480 11.62 68.68 -4.35
C PHE D 480 12.12 68.15 -5.68
N VAL D 481 12.91 67.09 -5.63
CA VAL D 481 13.55 66.51 -6.81
C VAL D 481 13.03 65.09 -7.00
N SER D 482 12.66 64.76 -8.22
CA SER D 482 12.12 63.45 -8.57
C SER D 482 12.90 62.85 -9.73
N VAL D 483 12.66 61.57 -9.98
CA VAL D 483 13.29 60.83 -11.06
C VAL D 483 12.28 60.68 -12.19
N LYS D 484 12.78 60.43 -13.40
CA LYS D 484 11.89 60.28 -14.55
C LYS D 484 11.00 59.06 -14.41
N GLU D 485 11.40 58.08 -13.61
CA GLU D 485 10.60 56.88 -13.41
C GLU D 485 9.80 56.97 -12.12
N ILE D 492 -3.13 53.45 -11.81
CA ILE D 492 -3.61 52.59 -10.74
C ILE D 492 -3.85 51.18 -11.27
N PRO D 493 -3.20 50.19 -10.65
CA PRO D 493 -3.33 48.81 -11.13
C PRO D 493 -4.73 48.26 -10.89
N GLU D 494 -5.12 47.33 -11.76
CA GLU D 494 -6.42 46.69 -11.64
C GLU D 494 -6.32 45.43 -10.79
N GLY D 495 -7.11 45.38 -9.72
CA GLY D 495 -7.06 44.30 -8.77
C GLY D 495 -6.21 44.70 -7.59
N PRO D 496 -6.84 45.11 -6.50
CA PRO D 496 -6.10 45.75 -5.41
C PRO D 496 -5.10 44.82 -4.71
N ALA D 497 -5.61 43.74 -4.11
CA ALA D 497 -4.85 42.88 -3.22
C ALA D 497 -3.92 43.70 -2.31
N LYS D 498 -4.50 44.77 -1.74
CA LYS D 498 -3.70 45.71 -0.95
C LYS D 498 -4.52 46.33 0.17
N PRO D 499 -4.60 45.68 1.33
CA PRO D 499 -5.35 46.26 2.46
C PRO D 499 -4.80 47.61 2.89
N GLY D 500 -5.59 48.67 2.73
CA GLY D 500 -5.25 50.00 3.18
C GLY D 500 -4.46 50.82 2.18
N PHE D 501 -3.96 50.20 1.11
CA PHE D 501 -3.20 50.92 0.10
C PHE D 501 -4.15 51.60 -0.89
N LEU D 502 -4.99 52.49 -0.39
CA LEU D 502 -6.01 53.13 -1.19
C LEU D 502 -5.44 54.28 -2.03
N TYR D 503 -6.33 54.93 -2.77
CA TYR D 503 -5.98 56.06 -3.62
C TYR D 503 -6.94 57.19 -3.35
N THR D 504 -6.43 58.42 -3.42
CA THR D 504 -7.23 59.62 -3.18
C THR D 504 -6.90 60.65 -4.25
N ILE D 505 -7.85 61.53 -4.53
CA ILE D 505 -7.62 62.67 -5.41
C ILE D 505 -8.09 63.93 -4.68
N GLY D 506 -7.16 64.84 -4.46
CA GLY D 506 -7.47 66.02 -3.66
C GLY D 506 -6.77 67.25 -4.19
N LEU D 507 -7.33 68.40 -3.84
CA LEU D 507 -6.76 69.67 -4.26
C LEU D 507 -5.59 70.04 -3.36
N SER D 508 -4.42 70.24 -3.96
CA SER D 508 -3.26 70.65 -3.20
C SER D 508 -3.46 72.07 -2.66
N ASN D 509 -2.48 72.53 -1.89
CA ASN D 509 -2.52 73.90 -1.39
C ASN D 509 -2.48 74.93 -2.51
N LYS D 510 -2.08 74.53 -3.71
CA LYS D 510 -2.06 75.41 -4.88
C LYS D 510 -3.36 75.36 -5.67
N GLY D 511 -4.36 74.59 -5.20
CA GLY D 511 -5.67 74.59 -5.82
C GLY D 511 -5.85 73.69 -7.01
N MET D 512 -4.86 72.85 -7.34
CA MET D 512 -5.07 71.98 -8.49
C MET D 512 -5.05 70.51 -8.06
N PRO D 513 -5.85 69.66 -8.69
CA PRO D 513 -6.07 68.31 -8.14
C PRO D 513 -4.91 67.36 -8.43
N GLY D 514 -4.58 66.54 -7.45
CA GLY D 514 -3.55 65.54 -7.61
C GLY D 514 -3.93 64.25 -6.92
N LEU D 515 -3.39 63.15 -7.43
CA LEU D 515 -3.66 61.83 -6.88
C LEU D 515 -2.57 61.45 -5.89
N TYR D 516 -2.97 60.80 -4.81
CA TYR D 516 -2.07 60.48 -3.70
C TYR D 516 -2.39 59.09 -3.19
N ARG D 517 -1.39 58.42 -2.64
CA ARG D 517 -1.55 57.06 -2.14
C ARG D 517 -1.38 57.04 -0.63
N LEU D 518 -2.38 56.52 0.07
CA LEU D 518 -2.25 56.25 1.50
C LEU D 518 -1.87 54.78 1.68
N GLU D 519 -0.89 54.53 2.53
CA GLU D 519 -0.38 53.19 2.77
C GLU D 519 -0.31 52.99 4.27
N LEU D 520 -1.20 52.15 4.79
CA LEU D 520 -1.31 51.92 6.23
C LEU D 520 -0.78 50.54 6.57
N GLN D 521 0.10 50.48 7.56
CA GLN D 521 0.57 49.24 8.15
C GLN D 521 -0.08 49.09 9.52
N VAL D 522 -0.76 47.97 9.73
CA VAL D 522 -1.41 47.65 10.99
C VAL D 522 -0.63 46.53 11.65
N THR D 523 -0.05 46.81 12.81
CA THR D 523 0.75 45.84 13.54
C THR D 523 0.15 45.65 14.92
N LYS D 524 0.57 44.59 15.60
CA LYS D 524 0.13 44.41 16.99
C LYS D 524 0.87 45.38 17.88
N GLY D 525 0.11 46.10 18.72
CA GLY D 525 0.72 47.11 19.57
C GLY D 525 -0.20 47.67 20.63
N SER D 526 -0.13 48.99 20.85
CA SER D 526 -0.89 49.64 21.91
C SER D 526 -1.83 50.72 21.37
N GLY D 527 -2.02 50.79 20.06
CA GLY D 527 -2.95 51.74 19.48
C GLY D 527 -2.38 53.08 19.09
N LYS D 528 -1.05 53.21 19.02
CA LYS D 528 -0.45 54.48 18.63
C LYS D 528 -0.68 54.75 17.15
N LEU D 529 -0.55 56.00 16.75
CA LEU D 529 -0.72 56.43 15.37
C LEU D 529 0.53 57.15 14.90
N ALA D 530 1.07 56.73 13.76
CA ALA D 530 2.25 57.34 13.17
C ALA D 530 1.93 57.80 11.75
N THR D 531 2.45 58.98 11.39
CA THR D 531 2.19 59.58 10.09
C THR D 531 3.50 59.93 9.41
N SER D 532 3.51 59.79 8.09
CA SER D 532 4.71 60.11 7.31
C SER D 532 4.31 60.40 5.87
N GLY D 533 5.17 61.13 5.17
CA GLY D 533 4.90 61.49 3.80
C GLY D 533 3.91 62.62 3.61
N LEU D 534 3.82 63.53 4.59
CA LEU D 534 2.82 64.59 4.58
C LEU D 534 3.31 65.86 3.89
N TRP D 535 4.50 65.84 3.28
CA TRP D 535 5.08 67.01 2.63
C TRP D 535 5.13 68.18 3.60
N ASN D 536 5.58 67.91 4.83
CA ASN D 536 5.68 68.85 5.96
C ASN D 536 4.51 69.84 5.98
N SER D 537 3.32 69.37 5.64
CA SER D 537 2.15 70.22 5.52
C SER D 537 1.31 70.15 6.78
N SER D 538 0.90 71.32 7.28
CA SER D 538 -0.07 71.38 8.37
C SER D 538 -1.45 71.04 7.79
N SER D 539 -2.46 71.02 8.67
CA SER D 539 -3.84 70.73 8.31
C SER D 539 -3.99 69.31 7.75
N ALA D 540 -2.94 68.50 7.86
CA ALA D 540 -3.04 67.10 7.48
C ALA D 540 -2.86 66.19 8.70
N LYS D 541 -1.90 66.53 9.56
CA LYS D 541 -1.75 65.81 10.82
C LYS D 541 -3.02 65.88 11.65
N GLU D 542 -3.63 67.07 11.73
CA GLU D 542 -4.86 67.21 12.48
C GLU D 542 -6.00 66.43 11.81
N GLN D 543 -6.03 66.38 10.48
CA GLN D 543 -7.07 65.62 9.80
C GLN D 543 -6.95 64.12 10.08
N VAL D 544 -5.72 63.58 10.01
CA VAL D 544 -5.55 62.15 10.28
C VAL D 544 -5.81 61.85 11.74
N LYS D 545 -5.44 62.77 12.64
CA LYS D 545 -5.78 62.61 14.05
C LYS D 545 -7.30 62.58 14.25
N ILE D 546 -8.03 63.45 13.55
CA ILE D 546 -9.48 63.49 13.65
C ILE D 546 -10.07 62.18 13.14
N ALA D 547 -9.56 61.69 12.02
CA ALA D 547 -10.05 60.43 11.47
C ALA D 547 -9.81 59.27 12.43
N PHE D 548 -8.62 59.22 13.03
CA PHE D 548 -8.32 58.14 13.96
C PHE D 548 -9.15 58.25 15.24
N ASP D 549 -9.42 59.47 15.70
CA ASP D 549 -10.29 59.66 16.85
C ASP D 549 -11.71 59.19 16.54
N TYR D 550 -12.22 59.52 15.36
CA TYR D 550 -13.53 59.04 14.95
C TYR D 550 -13.56 57.52 14.87
N PHE D 551 -12.49 56.91 14.35
CA PHE D 551 -12.41 55.46 14.30
C PHE D 551 -12.42 54.85 15.69
N LYS D 552 -11.67 55.44 16.62
CA LYS D 552 -11.67 54.93 17.99
C LYS D 552 -13.04 55.06 18.62
N ALA D 553 -13.73 56.18 18.38
CA ALA D 553 -15.07 56.35 18.91
C ALA D 553 -16.07 55.38 18.27
N ASN D 554 -15.96 55.16 16.96
CA ASN D 554 -16.91 54.33 16.22
C ASN D 554 -16.34 52.96 15.86
N ALA D 555 -15.55 52.36 16.75
CA ALA D 555 -15.00 51.03 16.46
C ALA D 555 -16.09 49.98 16.36
N SER D 556 -17.13 50.10 17.20
CA SER D 556 -18.20 49.11 17.20
C SER D 556 -18.95 49.08 15.88
N ARG D 557 -19.23 50.23 15.30
CA ARG D 557 -20.05 50.29 14.08
C ARG D 557 -19.30 49.81 12.85
N ILE D 558 -17.98 49.90 12.83
CA ILE D 558 -17.19 49.63 11.64
C ILE D 558 -16.47 48.28 11.73
N SER D 559 -15.90 47.96 12.88
CA SER D 559 -15.10 46.76 13.05
C SER D 559 -15.90 45.53 13.42
N GLY D 560 -16.96 45.68 14.21
CA GLY D 560 -17.77 44.54 14.61
C GLY D 560 -17.09 43.61 15.60
N GLY D 561 -16.12 44.12 16.34
CA GLY D 561 -15.49 43.32 17.38
C GLY D 561 -14.00 43.51 17.54
N SER D 562 -13.37 44.16 16.56
CA SER D 562 -11.92 44.37 16.61
C SER D 562 -11.59 45.52 17.56
N LYS D 563 -10.52 45.35 18.33
CA LYS D 563 -10.06 46.39 19.25
C LYS D 563 -8.99 47.23 18.58
N VAL D 564 -9.22 48.54 18.52
CA VAL D 564 -8.23 49.45 17.95
C VAL D 564 -7.01 49.56 18.85
N MET D 565 -7.23 49.54 20.16
CA MET D 565 -6.16 49.78 21.13
C MET D 565 -5.16 48.63 21.21
N GLU D 566 -5.44 47.49 20.59
CA GLU D 566 -4.49 46.39 20.55
C GLU D 566 -3.59 46.41 19.31
N HIS D 567 -3.72 47.42 18.47
CA HIS D 567 -2.99 47.46 17.20
C HIS D 567 -2.49 48.87 16.91
N ASP D 568 -1.22 48.96 16.54
CA ASP D 568 -0.56 50.21 16.18
C ASP D 568 -0.64 50.44 14.68
N PHE D 569 -0.76 51.71 14.30
CA PHE D 569 -1.08 52.12 12.93
C PHE D 569 0.04 53.02 12.43
N HIS D 570 0.51 52.76 11.21
CA HIS D 570 1.59 53.56 10.61
C HIS D 570 1.19 53.89 9.17
N LEU D 571 0.88 55.16 8.92
CA LEU D 571 0.38 55.58 7.62
C LEU D 571 1.39 56.49 6.93
N HIS D 572 1.72 56.15 5.69
CA HIS D 572 2.57 56.98 4.84
C HIS D 572 1.81 57.37 3.58
N VAL D 573 1.95 58.62 3.17
CA VAL D 573 1.26 59.14 1.99
C VAL D 573 2.30 59.47 0.93
N VAL D 574 2.07 58.98 -0.28
CA VAL D 574 3.03 59.05 -1.38
C VAL D 574 2.41 59.88 -2.50
N GLU D 575 3.21 60.78 -3.08
CA GLU D 575 2.77 61.61 -4.18
C GLU D 575 3.35 61.09 -5.50
N LEU D 576 2.50 60.90 -6.49
CA LEU D 576 2.92 60.37 -7.78
C LEU D 576 2.85 61.36 -8.92
N GLN D 577 2.32 62.57 -8.69
CA GLN D 577 2.19 63.54 -9.76
C GLN D 577 2.85 64.89 -9.46
N ASN D 578 3.56 65.01 -8.33
CA ASN D 578 4.23 66.25 -7.96
C ASN D 578 3.28 67.43 -7.95
N THR D 579 2.08 67.23 -7.39
CA THR D 579 1.05 68.26 -7.44
C THR D 579 1.12 69.22 -6.26
N GLY D 580 1.45 68.73 -5.07
CA GLY D 580 1.57 69.58 -3.91
C GLY D 580 1.01 68.94 -2.66
N PRO D 581 1.14 69.62 -1.53
CA PRO D 581 0.62 69.08 -0.27
C PRO D 581 -0.90 69.09 -0.22
N LEU D 582 -1.47 67.98 0.23
CA LEU D 582 -2.92 67.82 0.33
C LEU D 582 -3.36 67.86 1.78
N SER D 583 -4.40 68.64 2.06
CA SER D 583 -4.94 68.76 3.41
C SER D 583 -6.13 67.84 3.64
N HIS D 584 -7.00 67.70 2.64
CA HIS D 584 -8.20 66.89 2.76
C HIS D 584 -7.81 65.43 2.75
N LEU D 585 -7.69 64.83 3.93
CA LEU D 585 -7.28 63.44 4.03
C LEU D 585 -8.03 62.63 5.08
N ALA D 586 -9.04 63.20 5.74
CA ALA D 586 -9.68 62.50 6.86
C ALA D 586 -10.47 61.28 6.37
N LEU D 587 -11.27 61.45 5.32
CA LEU D 587 -12.03 60.32 4.79
C LEU D 587 -11.14 59.20 4.26
N PRO D 588 -10.15 59.46 3.40
CA PRO D 588 -9.25 58.36 3.02
C PRO D 588 -8.51 57.78 4.20
N SER D 589 -8.14 58.60 5.19
CA SER D 589 -7.53 58.05 6.39
C SER D 589 -8.43 57.04 7.07
N LEU D 590 -9.70 57.41 7.28
CA LEU D 590 -10.64 56.51 7.95
C LEU D 590 -10.84 55.23 7.14
N VAL D 591 -10.93 55.36 5.82
CA VAL D 591 -11.04 54.18 4.97
C VAL D 591 -9.83 53.28 5.17
N ALA D 592 -8.64 53.88 5.24
CA ALA D 592 -7.43 53.09 5.45
C ALA D 592 -7.45 52.39 6.81
N PHE D 593 -7.89 53.09 7.86
CA PHE D 593 -7.97 52.47 9.18
C PHE D 593 -8.89 51.27 9.15
N ALA D 594 -10.07 51.43 8.53
CA ALA D 594 -11.04 50.35 8.50
C ALA D 594 -10.54 49.16 7.69
N SER D 595 -9.94 49.43 6.53
CA SER D 595 -9.42 48.36 5.70
C SER D 595 -8.30 47.60 6.41
N GLY D 596 -7.39 48.33 7.05
CA GLY D 596 -6.29 47.68 7.73
C GLY D 596 -6.73 46.87 8.93
N LEU D 597 -7.68 47.41 9.71
CA LEU D 597 -8.10 46.72 10.93
C LEU D 597 -8.77 45.39 10.61
N LEU D 598 -9.73 45.38 9.68
CA LEU D 598 -10.39 44.14 9.31
C LEU D 598 -9.55 43.29 8.35
N GLY D 599 -8.48 43.85 7.79
CA GLY D 599 -7.69 43.11 6.82
C GLY D 599 -8.40 42.88 5.51
N ARG D 600 -9.46 43.63 5.23
CA ARG D 600 -10.24 43.48 4.01
C ARG D 600 -9.76 44.51 3.00
N SER D 601 -9.33 44.05 1.84
CA SER D 601 -8.81 44.95 0.82
C SER D 601 -9.92 45.84 0.29
N VAL D 602 -9.60 47.13 0.14
CA VAL D 602 -10.54 48.04 -0.49
C VAL D 602 -10.67 47.63 -1.96
N GLN D 603 -11.83 47.90 -2.54
CA GLN D 603 -12.14 47.39 -3.87
C GLN D 603 -11.18 47.94 -4.92
N SER D 604 -11.15 47.28 -6.08
CA SER D 604 -10.23 47.68 -7.13
C SER D 604 -10.55 49.08 -7.64
N GLN D 605 -9.51 49.89 -7.80
CA GLN D 605 -9.61 51.21 -8.42
C GLN D 605 -10.55 52.13 -7.64
N MET D 606 -10.39 52.19 -6.33
CA MET D 606 -11.13 53.13 -5.49
C MET D 606 -10.39 54.45 -5.37
N VAL D 607 -11.12 55.54 -5.59
CA VAL D 607 -10.69 56.87 -5.15
C VAL D 607 -11.69 57.36 -4.11
N VAL D 608 -11.20 57.56 -2.89
CA VAL D 608 -12.03 58.02 -1.78
C VAL D 608 -11.90 59.53 -1.69
N LEU D 609 -12.97 60.23 -2.05
CA LEU D 609 -12.94 61.68 -2.19
C LEU D 609 -13.61 62.35 -1.00
N GLY D 610 -13.41 63.66 -0.89
CA GLY D 610 -14.06 64.46 0.12
C GLY D 610 -13.35 64.43 1.45
N ASP D 611 -13.89 65.21 2.38
CA ASP D 611 -13.34 65.34 3.72
C ASP D 611 -14.49 65.21 4.72
N MET D 612 -14.13 64.88 5.95
CA MET D 612 -15.11 64.69 7.01
C MET D 612 -14.69 65.48 8.24
N SER D 613 -15.68 65.84 9.05
CA SER D 613 -15.44 66.41 10.36
C SER D 613 -15.38 65.30 11.41
N LEU D 614 -14.99 65.68 12.63
CA LEU D 614 -14.90 64.71 13.71
C LEU D 614 -16.26 64.12 14.06
N GLY D 615 -17.34 64.87 13.84
CA GLY D 615 -18.67 64.38 14.10
C GLY D 615 -19.25 63.49 13.03
N GLY D 616 -18.49 63.23 11.97
CA GLY D 616 -18.98 62.43 10.87
C GLY D 616 -19.67 63.21 9.77
N SER D 617 -19.58 64.53 9.79
CA SER D 617 -20.19 65.34 8.74
C SER D 617 -19.29 65.35 7.51
N VAL D 618 -19.79 64.79 6.42
CA VAL D 618 -19.06 64.72 5.16
C VAL D 618 -19.17 66.05 4.46
N THR D 619 -18.03 66.57 4.00
CA THR D 619 -18.01 67.83 3.26
C THR D 619 -17.93 67.54 1.76
N PRO D 620 -18.62 68.32 0.94
CA PRO D 620 -18.60 68.06 -0.50
C PRO D 620 -17.20 68.23 -1.07
N VAL D 621 -16.88 67.41 -2.06
CA VAL D 621 -15.57 67.45 -2.68
C VAL D 621 -15.44 68.76 -3.46
N GLU D 622 -14.32 69.45 -3.28
CA GLU D 622 -14.08 70.68 -4.03
C GLU D 622 -13.57 70.35 -5.43
N SER D 623 -14.25 70.91 -6.43
CA SER D 623 -13.91 70.67 -7.84
C SER D 623 -13.96 69.18 -8.17
N ILE D 624 -15.17 68.62 -8.11
CA ILE D 624 -15.34 67.19 -8.32
C ILE D 624 -14.99 66.79 -9.75
N ALA D 625 -15.31 67.66 -10.72
CA ALA D 625 -15.04 67.34 -12.11
C ALA D 625 -13.55 67.17 -12.37
N GLU D 626 -12.73 68.04 -11.79
CA GLU D 626 -11.28 67.93 -11.94
C GLU D 626 -10.77 66.64 -11.32
N CYS D 627 -11.29 66.28 -10.14
CA CYS D 627 -10.93 65.00 -9.54
C CYS D 627 -11.33 63.85 -10.45
N LEU D 628 -12.43 63.99 -11.19
CA LEU D 628 -12.85 62.91 -12.08
C LEU D 628 -11.97 62.82 -13.31
N GLN D 629 -11.52 63.95 -13.86
CA GLN D 629 -10.53 63.87 -14.94
C GLN D 629 -9.24 63.23 -14.43
N VAL D 630 -8.84 63.56 -13.20
CA VAL D 630 -7.65 62.93 -12.62
C VAL D 630 -7.84 61.42 -12.51
N ALA D 631 -9.03 60.99 -12.06
CA ALA D 631 -9.31 59.56 -11.93
C ALA D 631 -9.28 58.87 -13.29
N PHE D 632 -9.90 59.50 -14.30
CA PHE D 632 -9.93 58.89 -15.63
C PHE D 632 -8.53 58.78 -16.22
N ASP D 633 -7.72 59.84 -16.06
CA ASP D 633 -6.39 59.83 -16.64
C ASP D 633 -5.49 58.80 -15.95
N ALA D 634 -5.72 58.56 -14.67
CA ALA D 634 -4.95 57.55 -13.94
C ALA D 634 -5.40 56.13 -14.25
N GLY D 635 -6.50 55.96 -14.97
CA GLY D 635 -7.00 54.64 -15.30
C GLY D 635 -7.99 54.07 -14.30
N ALA D 636 -8.47 54.87 -13.36
CA ALA D 636 -9.46 54.40 -12.42
C ALA D 636 -10.79 54.15 -13.12
N LYS D 637 -11.55 53.18 -12.61
CA LYS D 637 -12.84 52.83 -13.19
C LYS D 637 -14.01 52.95 -12.23
N LYS D 638 -13.77 53.11 -10.93
CA LYS D 638 -14.83 53.22 -9.94
C LYS D 638 -14.53 54.39 -9.01
N VAL D 639 -15.59 55.10 -8.61
CA VAL D 639 -15.45 56.29 -7.78
C VAL D 639 -16.49 56.22 -6.66
N ALA D 640 -16.12 56.69 -5.47
CA ALA D 640 -17.04 56.83 -4.36
C ALA D 640 -17.12 58.30 -3.97
N LEU D 641 -18.34 58.83 -3.89
CA LEU D 641 -18.55 60.25 -3.66
C LEU D 641 -19.53 60.49 -2.50
N PRO D 642 -19.42 61.63 -1.82
CA PRO D 642 -20.39 61.94 -0.77
C PRO D 642 -21.76 62.30 -1.34
N MET D 643 -22.78 62.18 -0.49
CA MET D 643 -24.14 62.56 -0.90
C MET D 643 -24.25 64.04 -1.21
N SER D 644 -23.58 64.90 -0.43
CA SER D 644 -23.68 66.33 -0.64
C SER D 644 -23.16 66.77 -2.01
N SER D 645 -22.14 66.09 -2.54
CA SER D 645 -21.63 66.40 -3.87
C SER D 645 -22.54 65.88 -4.98
N ALA D 646 -23.57 65.11 -4.64
CA ALA D 646 -24.47 64.58 -5.67
C ALA D 646 -25.14 65.69 -6.45
N ALA D 647 -25.54 66.77 -5.77
CA ALA D 647 -26.18 67.88 -6.46
C ALA D 647 -25.25 68.51 -7.49
N ASP D 648 -23.95 68.28 -7.37
CA ASP D 648 -22.96 68.81 -8.31
C ASP D 648 -22.64 67.85 -9.45
N ILE D 649 -23.31 66.69 -9.50
CA ILE D 649 -23.04 65.72 -10.57
C ILE D 649 -23.31 66.27 -11.95
N PRO D 650 -24.44 66.94 -12.24
CA PRO D 650 -24.71 67.36 -13.63
C PRO D 650 -23.64 68.26 -14.22
N THR D 651 -22.92 69.04 -13.41
CA THR D 651 -21.86 69.90 -13.93
C THR D 651 -20.70 69.11 -14.55
N ILE D 652 -20.59 67.83 -14.25
CA ILE D 652 -19.56 66.97 -14.83
C ILE D 652 -19.95 66.63 -16.27
N PRO D 653 -19.00 66.59 -17.20
CA PRO D 653 -19.32 66.07 -18.54
C PRO D 653 -19.82 64.63 -18.47
N VAL D 654 -20.81 64.32 -19.30
CA VAL D 654 -21.40 62.99 -19.29
C VAL D 654 -20.41 61.95 -19.78
N GLU D 655 -19.61 62.30 -20.80
CA GLU D 655 -18.63 61.36 -21.33
C GLU D 655 -17.52 61.08 -20.34
N LEU D 656 -17.44 61.85 -19.26
CA LEU D 656 -16.48 61.56 -18.20
C LEU D 656 -17.10 60.70 -17.11
N PHE D 657 -18.33 61.03 -16.69
CA PHE D 657 -18.98 60.27 -15.63
C PHE D 657 -19.42 58.89 -16.12
N THR D 658 -19.52 58.72 -17.43
CA THR D 658 -19.93 57.44 -18.00
C THR D 658 -18.94 56.32 -17.76
N LYS D 659 -17.70 56.63 -17.40
CA LYS D 659 -16.66 55.61 -17.27
C LYS D 659 -16.49 55.11 -15.84
N PHE D 660 -17.33 55.53 -14.90
CA PHE D 660 -17.17 55.20 -13.49
C PHE D 660 -18.43 54.56 -12.93
N GLN D 661 -18.25 53.57 -12.07
CA GLN D 661 -19.34 52.97 -11.31
C GLN D 661 -19.36 53.64 -9.93
N THR D 662 -20.25 54.60 -9.76
CA THR D 662 -20.20 55.52 -8.63
C THR D 662 -21.02 55.00 -7.46
N SER D 663 -20.43 55.07 -6.26
CA SER D 663 -21.08 54.69 -5.02
C SER D 663 -21.21 55.94 -4.15
N PHE D 664 -22.41 56.49 -4.07
CA PHE D 664 -22.64 57.73 -3.32
C PHE D 664 -22.94 57.39 -1.86
N TYR D 665 -21.94 57.62 -1.00
CA TYR D 665 -22.13 57.39 0.42
C TYR D 665 -22.66 58.66 1.09
N ALA D 666 -23.10 58.51 2.34
CA ALA D 666 -23.61 59.63 3.12
C ALA D 666 -22.95 59.71 4.48
N ASP D 667 -22.55 58.57 5.02
CA ASP D 667 -21.89 58.48 6.31
C ASP D 667 -20.44 58.08 6.10
N PRO D 668 -19.53 58.57 6.94
CA PRO D 668 -18.15 58.03 6.93
C PRO D 668 -18.14 56.53 7.11
N VAL D 669 -19.02 56.00 7.97
CA VAL D 669 -19.19 54.56 8.08
C VAL D 669 -19.74 54.00 6.78
N ASP D 670 -20.71 54.69 6.19
CA ASP D 670 -21.25 54.28 4.90
C ASP D 670 -20.20 54.43 3.80
N ALA D 671 -19.33 55.42 3.93
CA ALA D 671 -18.22 55.59 3.01
C ALA D 671 -17.29 54.38 3.09
N VAL D 672 -17.01 53.93 4.32
CA VAL D 672 -16.21 52.73 4.52
C VAL D 672 -16.87 51.52 3.86
N PHE D 673 -18.18 51.36 4.08
CA PHE D 673 -18.87 50.20 3.55
C PHE D 673 -18.90 50.23 2.02
N LYS D 674 -19.03 51.42 1.44
CA LYS D 674 -18.91 51.55 -0.02
C LYS D 674 -17.51 51.17 -0.49
N GLY D 675 -16.48 51.61 0.25
CA GLY D 675 -15.11 51.32 -0.16
C GLY D 675 -14.77 49.85 -0.11
N LEU D 676 -15.19 49.18 0.96
CA LEU D 676 -14.90 47.75 1.13
C LEU D 676 -15.86 46.84 0.39
N GLY D 677 -17.09 47.27 0.17
CA GLY D 677 -18.09 46.44 -0.47
C GLY D 677 -19.17 45.96 0.49
N ASN E 5 23.76 78.35 31.36
CA ASN E 5 24.41 77.17 31.93
C ASN E 5 25.21 76.42 30.88
N ASP E 6 24.59 76.16 29.72
CA ASP E 6 25.30 75.51 28.63
C ASP E 6 26.48 76.35 28.17
N LYS E 7 26.27 77.66 28.00
CA LYS E 7 27.40 78.54 27.77
C LYS E 7 28.38 78.47 28.94
N GLU E 8 27.86 78.53 30.17
CA GLU E 8 28.72 78.43 31.36
C GLU E 8 29.47 77.12 31.37
N LEU E 9 28.84 76.04 30.90
CA LEU E 9 29.56 74.80 30.69
C LEU E 9 30.70 75.00 29.71
N ASP E 10 30.47 75.76 28.64
CA ASP E 10 31.52 75.97 27.66
C ASP E 10 32.71 76.74 28.24
N GLN E 11 32.44 77.82 29.01
CA GLN E 11 33.57 78.52 29.61
C GLN E 11 34.27 77.69 30.68
N LEU E 12 33.51 76.90 31.45
CA LEU E 12 34.15 76.02 32.42
C LEU E 12 35.07 75.02 31.72
N LEU E 13 34.60 74.41 30.63
CA LEU E 13 35.42 73.48 29.88
C LEU E 13 36.65 74.16 29.30
N ASN E 14 36.47 75.37 28.74
CA ASN E 14 37.61 76.09 28.19
C ASN E 14 38.62 76.44 29.27
N GLU E 15 38.15 76.82 30.45
CA GLU E 15 39.05 77.13 31.56
C GLU E 15 39.83 75.90 32.00
N HIS E 16 39.15 74.76 32.08
CA HIS E 16 39.78 73.56 32.63
C HIS E 16 40.30 72.59 31.57
N PHE E 17 39.83 72.69 30.33
CA PHE E 17 40.15 71.69 29.31
C PHE E 17 40.46 72.36 27.98
N ALA E 18 41.16 73.50 28.01
CA ALA E 18 41.50 74.21 26.79
C ALA E 18 42.36 73.35 25.89
N GLY E 19 41.97 73.22 24.62
CA GLY E 19 42.65 72.32 23.72
C GLY E 19 42.22 70.87 23.85
N ARG E 20 41.32 70.57 24.78
CA ARG E 20 40.79 69.23 24.96
C ARG E 20 39.32 69.14 24.60
N VAL E 21 38.66 70.26 24.35
CA VAL E 21 37.22 70.30 24.14
C VAL E 21 36.93 71.19 22.94
N VAL E 22 35.97 70.75 22.11
CA VAL E 22 35.60 71.48 20.91
C VAL E 22 34.17 71.11 20.55
N ARG E 23 33.43 72.06 20.00
CA ARG E 23 32.05 71.81 19.58
C ARG E 23 32.04 70.88 18.38
N LYS E 24 31.36 69.73 18.53
CA LYS E 24 31.53 68.58 17.66
C LYS E 24 31.01 68.75 16.24
N ASP E 25 30.05 69.66 16.03
CA ASP E 25 29.41 69.80 14.73
C ASP E 25 30.42 69.89 13.59
N LEU E 26 31.42 70.78 13.74
CA LEU E 26 32.38 71.01 12.68
C LEU E 26 33.06 69.73 12.24
N THR E 27 33.21 68.76 13.14
CA THR E 27 33.84 67.50 12.79
C THR E 27 33.15 66.83 11.61
N LYS E 28 31.83 66.66 11.68
CA LYS E 28 31.14 66.00 10.59
C LYS E 28 31.15 66.84 9.32
N LEU E 29 31.53 68.11 9.43
CA LEU E 29 31.74 68.91 8.23
C LEU E 29 32.96 68.44 7.44
N ILE E 30 34.02 68.04 8.12
CA ILE E 30 35.28 67.72 7.45
C ILE E 30 35.33 66.25 7.01
N LYS E 31 34.68 65.37 7.77
CA LYS E 31 34.80 63.93 7.52
C LYS E 31 34.03 63.55 6.27
N GLU E 32 34.58 63.90 5.10
CA GLU E 32 33.93 63.64 3.82
C GLU E 32 34.84 62.80 2.93
N GLY E 33 35.48 61.79 3.50
CA GLY E 33 36.42 60.98 2.75
C GLY E 33 37.85 61.47 2.91
N ALA E 34 38.22 61.82 4.14
CA ALA E 34 39.56 62.29 4.46
C ALA E 34 40.35 61.10 4.98
N ASN E 35 41.56 60.92 4.45
CA ASN E 35 42.35 59.74 4.77
C ASN E 35 42.83 59.75 6.22
N VAL E 36 42.98 60.94 6.80
CA VAL E 36 43.35 61.07 8.21
C VAL E 36 42.18 60.61 9.08
N PRO E 37 42.44 59.99 10.22
CA PRO E 37 41.35 59.58 11.11
C PRO E 37 40.62 60.76 11.73
N VAL E 38 39.58 60.45 12.50
CA VAL E 38 38.65 61.46 13.00
C VAL E 38 39.31 62.33 14.07
N TYR E 39 39.96 61.69 15.04
CA TYR E 39 40.53 62.46 16.16
C TYR E 39 41.64 63.37 15.70
N VAL E 40 42.27 63.05 14.57
CA VAL E 40 43.16 63.99 13.90
C VAL E 40 42.43 65.28 13.60
N LEU E 41 41.27 65.17 12.95
CA LEU E 41 40.48 66.34 12.59
C LEU E 41 40.01 67.08 13.84
N GLU E 42 39.61 66.32 14.87
CA GLU E 42 39.11 66.96 16.08
C GLU E 42 40.20 67.75 16.79
N TYR E 43 41.41 67.21 16.92
CA TYR E 43 42.47 67.96 17.56
C TYR E 43 42.85 69.18 16.72
N LEU E 44 42.88 69.02 15.40
CA LEU E 44 43.09 70.18 14.54
C LEU E 44 42.07 71.28 14.82
N LEU E 45 40.79 70.91 14.88
CA LEU E 45 39.74 71.89 15.11
C LEU E 45 39.87 72.52 16.49
N GLY E 46 40.25 71.72 17.49
CA GLY E 46 40.46 72.21 18.83
C GLY E 46 41.57 73.25 18.87
N MET E 47 42.58 73.07 18.02
CA MET E 47 43.62 74.09 17.90
C MET E 47 43.07 75.38 17.32
N TYR E 48 42.36 75.29 16.20
CA TYR E 48 41.80 76.48 15.53
C TYR E 48 40.33 76.62 15.92
N CYS E 49 40.08 76.96 17.18
CA CYS E 49 38.72 77.18 17.63
C CYS E 49 38.62 78.43 18.51
N ALA E 50 39.77 79.02 18.84
CA ALA E 50 39.82 80.13 19.78
C ALA E 50 39.35 81.42 19.15
N SER E 51 39.51 82.53 19.87
CA SER E 51 39.11 83.86 19.42
C SER E 51 37.60 83.92 19.16
N ASP E 52 36.85 83.67 20.23
CA ASP E 52 35.39 83.62 20.20
C ASP E 52 34.89 82.66 19.13
N ASP E 53 33.73 82.95 18.54
CA ASP E 53 33.17 82.12 17.47
C ASP E 53 32.60 82.98 16.34
N PRO E 54 33.40 83.88 15.74
CA PRO E 54 32.97 84.51 14.49
C PRO E 54 33.33 83.66 13.28
N GLU E 55 33.19 84.22 12.07
CA GLU E 55 33.61 83.53 10.86
C GLU E 55 35.08 83.14 10.91
N ILE E 56 35.83 83.65 11.89
CA ILE E 56 37.19 83.16 12.15
C ILE E 56 37.19 81.65 12.25
N ILE E 57 36.12 81.07 12.79
CA ILE E 57 36.01 79.62 12.84
C ILE E 57 35.99 79.03 11.43
N GLU E 58 35.27 79.67 10.51
CA GLU E 58 35.20 79.16 9.15
C GLU E 58 36.55 79.29 8.44
N GLN E 59 37.24 80.42 8.64
CA GLN E 59 38.54 80.57 8.00
C GLN E 59 39.55 79.58 8.58
N GLY E 60 39.44 79.29 9.87
CA GLY E 60 40.26 78.23 10.46
C GLY E 60 39.91 76.87 9.89
N LEU E 61 38.63 76.63 9.60
CA LEU E 61 38.24 75.39 8.94
C LEU E 61 38.90 75.28 7.57
N ARG E 62 38.90 76.37 6.81
CA ARG E 62 39.59 76.37 5.52
C ARG E 62 41.07 76.11 5.70
N ASN E 63 41.67 76.72 6.73
CA ASN E 63 43.09 76.51 7.00
C ASN E 63 43.38 75.04 7.28
N VAL E 64 42.52 74.41 8.09
CA VAL E 64 42.72 73.00 8.44
C VAL E 64 42.59 72.13 7.20
N LYS E 65 41.58 72.39 6.37
CA LYS E 65 41.42 71.61 5.15
C LYS E 65 42.63 71.75 4.24
N THR E 66 43.12 72.98 4.08
CA THR E 66 44.32 73.20 3.25
C THR E 66 45.52 72.47 3.83
N VAL E 67 45.73 72.58 5.15
CA VAL E 67 46.88 71.96 5.79
C VAL E 67 46.85 70.45 5.59
N LEU E 68 45.68 69.84 5.75
CA LEU E 68 45.55 68.41 5.47
C LEU E 68 45.84 68.12 4.00
N ALA E 69 45.36 68.99 3.10
CA ALA E 69 45.67 68.80 1.69
C ALA E 69 47.05 69.34 1.34
N GLU E 70 47.66 70.11 2.25
CA GLU E 70 48.99 70.67 2.01
C GLU E 70 50.04 69.59 1.84
N ASN E 71 50.03 68.57 2.70
CA ASN E 71 51.13 67.63 2.62
C ASN E 71 50.70 66.24 2.16
N TYR E 72 49.90 65.55 2.98
CA TYR E 72 49.30 64.26 2.69
C TYR E 72 50.13 63.39 1.74
N VAL E 73 51.31 62.95 2.20
CA VAL E 73 52.26 62.20 1.37
C VAL E 73 51.61 61.12 0.51
N ARG E 74 50.52 60.50 0.99
CA ARG E 74 49.76 59.45 0.31
C ARG E 74 50.74 58.40 -0.19
N PRO E 75 51.14 57.47 0.69
CA PRO E 75 52.48 56.85 0.65
C PRO E 75 53.05 56.45 -0.70
N ASP E 76 52.28 56.44 -1.77
CA ASP E 76 52.77 55.91 -3.04
C ASP E 76 53.93 56.72 -3.62
N GLU E 77 54.17 57.93 -3.08
CA GLU E 77 55.32 58.74 -3.47
C GLU E 77 56.41 58.72 -2.40
N ALA E 78 56.49 57.63 -1.62
CA ALA E 78 57.44 57.57 -0.52
C ALA E 78 58.85 57.88 -0.99
N GLU E 79 59.39 57.06 -1.89
CA GLU E 79 60.70 57.37 -2.46
C GLU E 79 60.76 58.82 -2.95
N LYS E 80 59.73 59.25 -3.67
CA LYS E 80 59.70 60.63 -4.17
C LYS E 80 59.93 61.64 -3.06
N VAL E 81 59.18 61.52 -1.95
CA VAL E 81 59.33 62.54 -0.92
C VAL E 81 60.73 62.47 -0.32
N LYS E 82 61.30 61.27 -0.24
CA LYS E 82 62.68 61.15 0.20
C LYS E 82 63.59 62.03 -0.65
N SER E 83 63.43 61.94 -1.97
CA SER E 83 64.24 62.77 -2.87
C SER E 83 64.02 64.24 -2.59
N LEU E 84 62.79 64.64 -2.27
CA LEU E 84 62.54 66.05 -2.02
C LEU E 84 63.32 66.55 -0.80
N VAL E 85 63.63 65.66 0.13
CA VAL E 85 64.46 66.04 1.26
C VAL E 85 65.90 66.28 0.80
N ARG E 86 66.36 65.50 -0.17
CA ARG E 86 67.78 65.47 -0.51
C ARG E 86 68.22 66.77 -1.19
N GLU E 87 67.48 67.25 -2.20
CA GLU E 87 67.89 68.49 -2.85
C GLU E 87 67.55 69.72 -2.02
N ARG E 88 66.44 69.69 -1.27
CA ARG E 88 66.01 70.88 -0.55
C ARG E 88 66.62 71.02 0.82
N GLY E 89 66.99 69.93 1.47
CA GLY E 89 67.63 69.99 2.76
C GLY E 89 66.66 69.88 3.92
N SER E 90 65.39 70.17 3.65
CA SER E 90 64.33 70.04 4.64
C SER E 90 63.00 70.00 3.93
N TYR E 91 62.06 69.25 4.50
CA TYR E 91 60.76 69.09 3.88
C TYR E 91 59.71 68.76 4.93
N LYS E 92 58.54 69.37 4.81
CA LYS E 92 57.46 69.20 5.76
C LYS E 92 56.57 68.04 5.33
N VAL E 93 56.16 67.22 6.30
CA VAL E 93 55.47 65.96 6.06
C VAL E 93 54.39 65.78 7.12
N ILE E 94 53.30 65.14 6.74
CA ILE E 94 52.30 64.67 7.69
C ILE E 94 52.31 63.14 7.65
N ASP E 95 52.49 62.51 8.81
CA ASP E 95 52.53 61.06 8.84
C ASP E 95 52.46 60.57 10.28
N ARG E 96 52.24 59.27 10.43
CA ARG E 96 52.17 58.63 11.73
C ARG E 96 53.59 58.24 12.15
N VAL E 97 54.08 58.84 13.23
CA VAL E 97 55.43 58.63 13.70
C VAL E 97 55.40 57.67 14.87
N THR E 98 56.26 56.66 14.84
CA THR E 98 56.49 55.79 15.98
C THR E 98 57.96 55.75 16.32
N VAL E 99 58.30 56.16 17.54
CA VAL E 99 59.69 56.28 17.95
C VAL E 99 60.08 55.08 18.78
N LYS E 100 61.23 54.49 18.46
CA LYS E 100 61.75 53.33 19.14
C LYS E 100 63.22 53.56 19.46
N LEU E 101 63.73 52.85 20.46
CA LEU E 101 65.11 53.02 20.89
C LEU E 101 65.98 51.90 20.33
N ASN E 102 66.98 52.26 19.53
CA ASN E 102 67.99 51.32 19.08
C ASN E 102 69.11 51.38 20.12
N GLU E 103 69.19 50.32 20.94
CA GLU E 103 70.19 50.29 22.00
C GLU E 103 71.58 50.00 21.45
N ARG E 104 71.67 49.24 20.35
CA ARG E 104 72.97 48.95 19.76
C ARG E 104 73.67 50.22 19.30
N LYS E 105 72.95 51.15 18.71
CA LYS E 105 73.48 52.47 18.36
C LYS E 105 73.17 53.53 19.41
N ASP E 106 72.41 53.18 20.44
CA ASP E 106 72.11 54.08 21.56
C ASP E 106 71.47 55.38 21.07
N LYS E 107 70.39 55.25 20.30
CA LYS E 107 69.73 56.44 19.80
C LYS E 107 68.32 56.12 19.34
N TYR E 108 67.52 57.17 19.18
CA TYR E 108 66.10 57.01 18.89
C TYR E 108 65.84 57.10 17.40
N GLU E 109 65.20 56.06 16.86
CA GLU E 109 64.82 56.00 15.46
C GLU E 109 63.31 56.10 15.36
N ALA E 110 62.83 57.01 14.51
CA ALA E 110 61.42 57.15 14.22
C ALA E 110 61.09 56.41 12.94
N SER E 111 59.94 55.74 12.94
CA SER E 111 59.42 55.02 11.80
C SER E 111 58.15 55.71 11.33
N PHE E 112 58.07 56.00 10.03
CA PHE E 112 56.91 56.62 9.42
C PHE E 112 56.10 55.54 8.72
N SER E 113 54.80 55.46 9.03
CA SER E 113 53.97 54.40 8.49
C SER E 113 53.84 54.51 6.97
N ASN E 114 53.75 55.74 6.46
CA ASN E 114 53.51 55.92 5.04
C ASN E 114 54.82 56.06 4.25
N LEU E 115 55.73 56.91 4.73
CA LEU E 115 56.98 57.14 4.01
C LEU E 115 57.84 55.90 3.91
N GLY E 116 57.61 54.89 4.75
CA GLY E 116 58.42 53.70 4.69
C GLY E 116 59.79 53.84 5.32
N ILE E 117 60.09 54.98 5.95
CA ILE E 117 61.33 55.12 6.70
C ILE E 117 61.16 54.44 8.05
N LYS E 118 62.13 53.60 8.42
CA LYS E 118 62.08 52.92 9.70
C LYS E 118 63.15 53.38 10.68
N ASP E 119 64.12 54.19 10.24
CA ASP E 119 65.20 54.58 11.14
C ASP E 119 65.58 56.05 11.04
N ALA E 120 64.61 56.96 10.99
CA ALA E 120 64.96 58.37 10.94
C ALA E 120 65.42 58.85 12.31
N GLU E 121 66.64 59.38 12.39
CA GLU E 121 67.19 59.78 13.68
C GLU E 121 66.35 60.91 14.28
N ILE E 122 66.04 60.80 15.57
CA ILE E 122 65.28 61.82 16.29
C ILE E 122 65.95 62.08 17.63
N SER E 123 65.97 63.34 18.04
CA SER E 123 66.68 63.74 19.25
C SER E 123 65.93 63.28 20.50
N ALA E 124 66.66 63.25 21.62
CA ALA E 124 66.08 62.78 22.87
C ALA E 124 65.08 63.78 23.45
N GLY E 125 65.34 65.07 23.31
CA GLY E 125 64.43 66.07 23.86
C GLY E 125 63.04 65.98 23.24
N ILE E 126 62.99 65.80 21.92
CA ILE E 126 61.72 65.74 21.22
C ILE E 126 60.88 64.58 21.72
N VAL E 127 61.49 63.40 21.86
CA VAL E 127 60.74 62.24 22.33
C VAL E 127 60.37 62.42 23.81
N LYS E 128 61.22 63.11 24.57
CA LYS E 128 60.90 63.37 25.97
C LYS E 128 59.65 64.23 26.10
N GLU E 129 59.53 65.28 25.27
CA GLU E 129 58.36 66.14 25.36
C GLU E 129 57.08 65.42 24.95
N TYR E 130 57.17 64.47 24.02
CA TYR E 130 55.99 63.83 23.44
C TYR E 130 56.11 62.33 23.69
N GLU E 131 55.57 61.89 24.84
CA GLU E 131 55.77 60.51 25.26
C GLU E 131 54.91 59.53 24.48
N LYS E 132 53.75 59.98 23.97
CA LYS E 132 52.89 59.08 23.22
C LYS E 132 53.57 58.55 21.95
N LEU E 133 54.65 59.20 21.51
CA LEU E 133 55.41 58.65 20.40
C LEU E 133 55.91 57.24 20.69
N LEU E 134 56.30 56.98 21.94
CA LEU E 134 56.85 55.68 22.29
C LEU E 134 55.79 54.62 22.54
N VAL E 135 54.52 55.01 22.68
CA VAL E 135 53.47 54.08 23.03
C VAL E 135 52.80 53.46 21.81
N GLY E 136 52.22 54.26 20.92
CA GLY E 136 51.55 53.70 19.76
C GLY E 136 51.78 54.46 18.47
N GLY E 137 52.53 55.54 18.53
CA GLY E 137 52.76 56.35 17.34
C GLY E 137 51.59 57.27 17.06
N ILE E 138 51.86 58.51 16.70
CA ILE E 138 50.80 59.50 16.54
C ILE E 138 50.97 60.24 15.21
N TRP E 139 49.85 60.76 14.70
CA TRP E 139 49.86 61.54 13.47
C TRP E 139 50.44 62.92 13.74
N VAL E 140 51.54 63.24 13.06
CA VAL E 140 52.33 64.42 13.39
C VAL E 140 52.83 65.06 12.10
N ILE E 141 53.08 66.37 12.17
CA ILE E 141 53.78 67.11 11.13
C ILE E 141 55.26 67.12 11.51
N ALA E 142 56.11 66.73 10.58
CA ALA E 142 57.54 66.61 10.80
C ALA E 142 58.30 67.42 9.76
N THR E 143 59.45 67.96 10.15
CA THR E 143 60.35 68.64 9.21
C THR E 143 61.59 67.76 9.02
N LEU E 144 61.53 66.88 8.03
CA LEU E 144 62.63 65.96 7.77
C LEU E 144 63.81 66.71 7.15
N SER E 145 65.01 66.29 7.52
CA SER E 145 66.24 66.88 6.99
C SER E 145 67.16 65.78 6.48
N TYR E 146 68.01 66.13 5.51
CA TYR E 146 68.96 65.20 4.93
C TYR E 146 70.36 65.70 5.17
N TYR E 147 71.26 64.81 5.58
CA TYR E 147 72.64 65.16 5.83
C TYR E 147 73.45 63.87 5.88
N PHE E 148 74.45 63.74 5.00
CA PHE E 148 75.08 62.46 4.73
C PHE E 148 76.60 62.59 4.75
N GLU E 149 77.27 61.63 5.38
CA GLU E 149 78.69 61.40 5.21
C GLU E 149 78.91 60.01 4.62
N GLU E 150 79.86 59.91 3.68
CA GLU E 150 80.23 58.62 3.15
C GLU E 150 80.86 57.76 4.25
N GLY E 151 80.50 56.47 4.26
CA GLY E 151 80.98 55.56 5.27
C GLY E 151 80.22 55.57 6.57
N GLN E 152 79.26 56.48 6.73
CA GLN E 152 78.48 56.53 7.96
C GLN E 152 77.55 55.32 8.05
N THR E 153 77.20 54.95 9.27
CA THR E 153 76.28 53.84 9.49
C THR E 153 74.87 54.28 9.85
N SER E 154 74.70 55.55 10.21
CA SER E 154 73.38 56.08 10.52
C SER E 154 72.62 56.40 9.25
N SER E 155 71.29 56.32 9.34
CA SER E 155 70.46 56.78 8.24
C SER E 155 70.59 58.29 8.10
N PRO E 156 70.76 58.80 6.89
CA PRO E 156 70.96 60.26 6.72
C PRO E 156 69.75 61.10 7.08
N PHE E 157 68.56 60.52 7.15
CA PHE E 157 67.34 61.29 7.41
C PHE E 157 67.18 61.53 8.90
N GLY E 158 66.84 62.78 9.25
CA GLY E 158 66.58 63.14 10.62
C GLY E 158 65.31 63.95 10.73
N VAL E 159 64.80 64.04 11.96
CA VAL E 159 63.59 64.80 12.25
C VAL E 159 64.00 66.04 13.04
N SER E 160 63.83 67.21 12.45
CA SER E 160 64.27 68.46 13.06
C SER E 160 63.20 69.10 13.93
N LEU E 161 61.97 69.23 13.41
CA LEU E 161 60.89 69.84 14.16
C LEU E 161 59.66 68.94 14.08
N LEU E 162 58.96 68.79 15.20
CA LEU E 162 57.90 67.81 15.31
C LEU E 162 56.71 68.46 16.00
N LYS E 163 55.58 68.53 15.31
CA LYS E 163 54.36 69.16 15.85
C LYS E 163 53.19 68.19 15.76
N PRO E 164 52.70 67.69 16.88
CA PRO E 164 51.67 66.63 16.84
C PRO E 164 50.34 67.15 16.34
N ILE E 165 49.60 66.27 15.66
CA ILE E 165 48.24 66.56 15.23
C ILE E 165 47.30 65.77 16.14
N GLN E 166 47.88 64.98 17.03
CA GLN E 166 47.14 64.29 18.08
C GLN E 166 47.80 64.63 19.40
N MET E 167 47.04 64.52 20.49
CA MET E 167 47.43 65.11 21.77
C MET E 167 48.80 64.62 22.20
N PRO E 168 49.62 65.47 22.81
CA PRO E 168 50.97 65.05 23.18
C PRO E 168 51.01 64.18 24.42
N ASN E 169 50.18 64.48 25.41
CA ASN E 169 50.22 63.77 26.68
C ASN E 169 48.90 63.90 27.44
N MET E 170 48.66 63.01 28.40
CA MET E 170 47.49 63.08 29.25
C MET E 170 47.90 63.33 30.70
N ASN E 171 47.34 64.38 31.29
CA ASN E 171 47.56 64.68 32.71
C ASN E 171 46.23 64.49 33.43
N MET E 172 46.16 63.48 34.30
CA MET E 172 44.93 63.21 35.02
C MET E 172 44.71 64.19 36.18
N ASP E 173 45.77 64.87 36.63
CA ASP E 173 45.62 65.78 37.76
C ASP E 173 44.72 66.97 37.40
N GLU E 174 44.96 67.57 36.24
CA GLU E 174 44.12 68.68 35.81
C GLU E 174 42.71 68.22 35.46
N LEU E 175 42.57 66.98 34.97
CA LEU E 175 41.23 66.44 34.75
C LEU E 175 40.48 66.28 36.07
N PHE E 176 41.16 65.79 37.11
CA PHE E 176 40.53 65.69 38.43
C PHE E 176 40.13 67.05 38.94
N SER E 177 41.01 68.05 38.75
CA SER E 177 40.69 69.41 39.19
C SER E 177 39.45 69.93 38.47
N GLY E 178 39.40 69.74 37.15
CA GLY E 178 38.24 70.18 36.39
C GLY E 178 36.96 69.49 36.80
N ARG E 179 37.04 68.17 37.03
CA ARG E 179 35.86 67.43 37.47
C ARG E 179 35.38 67.92 38.83
N ALA E 180 36.32 68.19 39.74
CA ALA E 180 35.95 68.74 41.04
C ALA E 180 35.30 70.11 40.89
N ALA E 181 35.76 70.91 39.93
CA ALA E 181 35.18 72.22 39.69
C ALA E 181 33.76 72.15 39.11
N LEU E 182 33.35 71.02 38.57
CA LEU E 182 32.01 70.85 38.02
C LEU E 182 31.16 69.95 38.90
N SER E 183 29.84 70.09 38.75
CA SER E 183 28.92 69.25 39.51
C SER E 183 28.74 67.90 38.82
N THR E 184 28.05 67.00 39.52
CA THR E 184 27.76 65.68 38.95
C THR E 184 26.89 65.78 37.72
N ASP E 185 25.81 66.58 37.80
CA ASP E 185 24.93 66.74 36.64
C ASP E 185 25.66 67.41 35.49
N GLN E 186 26.45 68.43 35.79
CA GLN E 186 27.25 69.08 34.75
C GLN E 186 28.22 68.09 34.12
N TRP E 187 28.85 67.25 34.94
CA TRP E 187 29.80 66.27 34.43
C TRP E 187 29.12 65.28 33.49
N ARG E 188 27.96 64.77 33.91
CA ARG E 188 27.22 63.83 33.08
C ARG E 188 26.78 64.47 31.76
N GLU E 189 26.28 65.70 31.83
CA GLU E 189 25.86 66.38 30.60
C GLU E 189 27.06 66.64 29.69
N SER E 190 28.22 66.97 30.27
CA SER E 190 29.42 67.15 29.48
C SER E 190 29.84 65.85 28.80
N LEU E 191 29.73 64.73 29.50
CA LEU E 191 30.03 63.44 28.88
C LEU E 191 29.05 63.14 27.74
N ILE E 192 27.76 63.42 27.95
CA ILE E 192 26.79 63.16 26.89
C ILE E 192 27.05 64.04 25.69
N ARG E 193 27.50 65.28 25.90
CA ARG E 193 27.93 66.09 24.78
C ARG E 193 29.21 65.53 24.16
N SER E 194 30.02 64.84 24.96
CA SER E 194 31.28 64.30 24.46
C SER E 194 31.05 63.06 23.60
N ILE E 195 29.87 62.45 23.67
CA ILE E 195 29.55 61.33 22.80
C ILE E 195 28.81 61.87 21.58
N GLY E 196 28.49 63.16 21.61
CA GLY E 196 27.82 63.81 20.50
C GLY E 196 26.32 63.90 20.59
N MET E 197 25.73 63.68 21.76
CA MET E 197 24.29 63.70 21.93
C MET E 197 23.87 64.82 22.87
N GLU E 198 22.65 65.32 22.68
CA GLU E 198 22.12 66.44 23.43
C GLU E 198 21.57 65.98 24.79
N PRO E 199 22.26 66.29 25.89
CA PRO E 199 21.76 65.84 27.21
C PRO E 199 20.42 66.43 27.58
N ALA E 200 20.17 67.69 27.21
CA ALA E 200 18.93 68.36 27.61
C ALA E 200 17.71 67.78 26.89
N SER E 201 17.90 67.12 25.76
CA SER E 201 16.80 66.55 25.00
C SER E 201 16.48 65.12 25.43
N LEU E 202 17.17 64.59 26.43
CA LEU E 202 16.98 63.21 26.86
C LEU E 202 16.64 63.17 28.34
N LYS E 203 15.87 62.17 28.74
CA LYS E 203 15.58 61.97 30.16
C LYS E 203 16.83 61.49 30.89
N GLU E 204 16.84 61.72 32.21
CA GLU E 204 18.02 61.37 33.00
C GLU E 204 18.25 59.86 33.01
N ASP E 205 17.18 59.08 32.95
CA ASP E 205 17.33 57.62 32.88
C ASP E 205 18.03 57.20 31.59
N VAL E 206 17.70 57.86 30.48
CA VAL E 206 18.40 57.58 29.23
C VAL E 206 19.87 57.98 29.36
N GLN E 207 20.15 59.06 30.11
CA GLN E 207 21.53 59.42 30.38
C GLN E 207 22.24 58.33 31.18
N TRP E 208 21.56 57.74 32.16
CA TRP E 208 22.15 56.64 32.92
C TRP E 208 22.43 55.46 32.02
N HIS E 209 21.53 55.18 31.08
CA HIS E 209 21.79 54.13 30.09
C HIS E 209 23.01 54.45 29.23
N LEU E 210 23.15 55.72 28.83
CA LEU E 210 24.28 56.11 28.00
C LEU E 210 25.61 55.93 28.75
N LEU E 211 25.64 56.30 30.03
CA LEU E 211 26.86 56.07 30.81
C LEU E 211 27.08 54.59 31.12
N ALA E 212 26.00 53.82 31.22
CA ALA E 212 26.15 52.37 31.30
C ALA E 212 26.82 51.83 30.05
N ARG E 213 26.51 52.41 28.89
CA ARG E 213 27.23 52.09 27.67
C ARG E 213 28.71 52.44 27.79
N MET E 214 29.03 53.51 28.52
CA MET E 214 30.41 53.92 28.71
C MET E 214 31.18 53.00 29.66
N VAL E 215 30.48 52.35 30.58
CA VAL E 215 31.09 51.58 31.66
C VAL E 215 32.18 50.61 31.17
N PRO E 216 31.98 49.81 30.12
CA PRO E 216 33.00 48.79 29.79
C PRO E 216 34.38 49.34 29.53
N PHE E 217 34.49 50.60 29.08
CA PHE E 217 35.79 51.14 28.69
C PHE E 217 36.66 51.48 29.88
N VAL E 218 36.12 51.50 31.11
CA VAL E 218 36.84 52.09 32.23
C VAL E 218 37.40 51.08 33.22
N GLU E 219 37.17 49.78 33.02
CA GLU E 219 37.75 48.76 33.88
C GLU E 219 37.78 47.43 33.14
N ASN E 220 38.61 46.51 33.62
CA ASN E 220 38.96 45.32 32.86
C ASN E 220 37.91 44.23 32.97
N ASN E 221 37.70 43.51 31.87
CA ASN E 221 36.91 42.28 31.85
C ASN E 221 35.48 42.52 32.34
N TYR E 222 34.74 43.32 31.58
CA TYR E 222 33.37 43.68 31.91
C TYR E 222 32.46 43.23 30.77
N ASN E 223 31.76 42.13 31.00
CA ASN E 223 30.82 41.62 30.00
C ASN E 223 29.47 42.29 30.17
N VAL E 224 28.92 42.84 29.08
CA VAL E 224 27.63 43.51 29.15
C VAL E 224 26.90 43.30 27.83
N CYS E 225 25.58 43.15 27.91
CA CYS E 225 24.77 42.94 26.72
C CYS E 225 23.66 43.95 26.63
N GLU E 226 23.51 44.57 25.45
CA GLU E 226 22.49 45.56 25.17
C GLU E 226 21.69 45.13 23.95
N LEU E 227 20.38 45.02 24.11
CA LEU E 227 19.48 44.72 23.00
C LEU E 227 18.49 45.86 22.83
N GLY E 228 18.28 46.28 21.60
CA GLY E 228 17.42 47.41 21.35
C GLY E 228 16.90 47.51 19.92
N PRO E 229 15.86 48.32 19.74
CA PRO E 229 15.27 48.50 18.41
C PRO E 229 16.25 49.15 17.44
N ARG E 230 15.87 49.14 16.16
CA ARG E 230 16.59 49.85 15.12
C ARG E 230 16.53 51.36 15.34
N GLY E 231 17.58 52.04 14.91
CA GLY E 231 17.66 53.48 15.02
C GLY E 231 17.96 54.00 16.41
N THR E 232 18.38 53.13 17.33
CA THR E 232 18.70 53.55 18.69
C THR E 232 20.16 53.92 18.88
N GLY E 233 20.98 53.85 17.83
CA GLY E 233 22.36 54.28 17.91
C GLY E 233 23.22 53.53 18.89
N LYS E 234 23.13 52.20 18.91
CA LYS E 234 23.89 51.43 19.89
C LYS E 234 25.36 51.29 19.48
N SER E 235 25.60 50.91 18.22
CA SER E 235 26.95 50.56 17.77
C SER E 235 27.83 51.78 17.53
N HIS E 236 27.29 52.99 17.59
CA HIS E 236 28.06 54.18 17.28
C HIS E 236 29.25 54.34 18.22
N ILE E 237 29.03 54.13 19.52
CA ILE E 237 30.06 54.39 20.51
C ILE E 237 31.25 53.46 20.32
N TYR E 238 30.98 52.17 20.08
CA TYR E 238 32.03 51.17 19.96
C TYR E 238 32.73 51.20 18.62
N LYS E 239 32.19 51.90 17.63
CA LYS E 239 32.78 51.96 16.30
C LYS E 239 33.51 53.27 16.04
N GLU E 240 32.82 54.40 16.19
CA GLU E 240 33.42 55.69 15.87
C GLU E 240 34.05 56.39 17.06
N CYS E 241 33.62 56.07 18.28
CA CYS E 241 33.93 56.89 19.44
C CYS E 241 35.04 56.33 20.32
N SER E 242 35.85 55.39 19.81
CA SER E 242 36.99 54.95 20.61
C SER E 242 38.00 54.25 19.72
N PRO E 243 39.26 54.68 19.71
CA PRO E 243 40.32 53.89 19.07
C PRO E 243 40.72 52.65 19.84
N ASN E 244 40.34 52.54 21.11
CA ASN E 244 40.66 51.39 21.93
C ASN E 244 39.56 50.34 21.89
N SER E 245 38.57 50.52 21.02
CA SER E 245 37.49 49.57 20.86
C SER E 245 37.47 49.04 19.43
N ILE E 246 37.05 47.79 19.28
CA ILE E 246 36.90 47.17 17.97
C ILE E 246 35.53 46.51 17.92
N LEU E 247 34.94 46.48 16.72
CA LEU E 247 33.57 46.02 16.54
C LEU E 247 33.60 44.86 15.54
N VAL E 248 32.99 43.75 15.94
CA VAL E 248 32.89 42.56 15.09
C VAL E 248 31.52 42.58 14.41
N SER E 249 31.52 42.72 13.09
CA SER E 249 30.32 42.68 12.28
C SER E 249 30.23 41.34 11.56
N GLY E 250 29.09 41.10 10.91
CA GLY E 250 28.87 39.87 10.20
C GLY E 250 28.68 38.66 11.07
N GLY E 251 29.17 38.69 12.30
CA GLY E 251 28.96 37.61 13.26
C GLY E 251 29.83 36.39 13.04
N GLN E 252 30.34 36.21 11.84
CA GLN E 252 31.16 35.04 11.53
C GLN E 252 32.63 35.43 11.70
N THR E 253 33.21 34.98 12.80
CA THR E 253 34.63 35.16 13.08
C THR E 253 35.15 33.88 13.75
N THR E 254 36.46 33.67 13.65
CA THR E 254 37.06 32.43 14.12
C THR E 254 37.64 32.61 15.51
N VAL E 255 37.75 31.49 16.23
CA VAL E 255 38.28 31.51 17.59
C VAL E 255 39.72 31.95 17.59
N ALA E 256 40.50 31.53 16.59
CA ALA E 256 41.91 31.88 16.55
C ALA E 256 42.11 33.39 16.44
N ASN E 257 41.30 34.05 15.59
CA ASN E 257 41.48 35.48 15.40
C ASN E 257 41.11 36.27 16.65
N LEU E 258 39.96 35.96 17.25
CA LEU E 258 39.55 36.67 18.45
C LEU E 258 40.53 36.44 19.59
N PHE E 259 40.97 35.19 19.79
CA PHE E 259 41.57 34.79 21.05
C PHE E 259 43.05 34.46 20.91
N TYR E 260 43.41 33.51 20.05
CA TYR E 260 44.82 33.13 19.87
C TYR E 260 44.92 32.20 18.67
N ASN E 261 45.80 32.51 17.74
CA ASN E 261 46.02 31.68 16.57
C ASN E 261 47.16 30.70 16.89
N MET E 262 46.86 29.40 16.83
CA MET E 262 47.90 28.41 17.00
C MET E 262 48.95 28.51 15.92
N SER E 263 48.54 28.78 14.67
CA SER E 263 49.48 28.82 13.56
C SER E 263 50.42 30.02 13.65
N SER E 264 49.89 31.19 14.01
CA SER E 264 50.68 32.42 13.96
C SER E 264 51.52 32.66 15.21
N ARG E 265 51.10 32.14 16.37
CA ARG E 265 51.84 32.23 17.62
C ARG E 265 51.84 33.66 18.19
N ARG E 266 50.74 34.39 18.00
CA ARG E 266 50.53 35.66 18.67
C ARG E 266 49.12 35.72 19.24
N ILE E 267 48.95 36.54 20.27
CA ILE E 267 47.64 36.69 20.91
C ILE E 267 46.69 37.43 19.99
N GLY E 268 45.42 37.05 20.05
CA GLY E 268 44.42 37.54 19.13
C GLY E 268 43.90 38.93 19.48
N LEU E 269 42.65 39.16 19.10
CA LEU E 269 42.03 40.47 19.26
C LEU E 269 41.94 40.88 20.72
N VAL E 270 41.58 39.94 21.60
CA VAL E 270 41.36 40.28 23.01
C VAL E 270 42.59 40.87 23.66
N GLY E 271 43.77 40.62 23.09
CA GLY E 271 44.99 41.21 23.61
C GLY E 271 45.36 42.56 23.05
N LEU E 272 44.64 43.05 22.05
CA LEU E 272 45.01 44.29 21.37
C LEU E 272 44.01 45.42 21.56
N TRP E 273 42.84 45.15 22.13
CA TRP E 273 41.82 46.17 22.34
C TRP E 273 41.27 46.08 23.75
N ASP E 274 40.86 47.23 24.28
CA ASP E 274 40.24 47.27 25.60
C ASP E 274 38.79 46.81 25.56
N VAL E 275 38.09 47.06 24.46
CA VAL E 275 36.68 46.72 24.34
C VAL E 275 36.43 46.07 22.99
N VAL E 276 35.72 44.94 23.00
CA VAL E 276 35.28 44.26 21.79
C VAL E 276 33.76 44.24 21.82
N ALA E 277 33.15 44.68 20.72
CA ALA E 277 31.69 44.77 20.65
C ALA E 277 31.18 43.94 19.49
N PHE E 278 30.32 42.97 19.80
CA PHE E 278 29.77 42.07 18.80
C PHE E 278 28.44 42.63 18.32
N ASP E 279 28.42 43.12 17.08
CA ASP E 279 27.19 43.71 16.53
C ASP E 279 26.33 42.64 15.90
N GLN E 280 25.01 42.84 15.94
CA GLN E 280 24.05 41.92 15.34
C GLN E 280 24.22 40.52 15.92
N VAL E 281 23.90 40.37 17.22
CA VAL E 281 24.17 39.13 17.92
C VAL E 281 23.38 37.97 17.33
N ALA E 282 22.32 38.26 16.57
CA ALA E 282 21.52 37.18 16.00
C ALA E 282 22.34 36.34 15.03
N GLY E 283 23.15 37.00 14.20
CA GLY E 283 23.90 36.29 13.17
C GLY E 283 25.28 35.82 13.59
N ILE E 284 25.67 36.04 14.85
CA ILE E 284 27.01 35.64 15.26
C ILE E 284 27.06 34.12 15.39
N SER E 285 28.13 33.52 14.85
CA SER E 285 28.26 32.08 14.75
C SER E 285 29.73 31.72 14.61
N PHE E 286 30.12 30.57 15.14
CA PHE E 286 31.51 30.14 15.16
C PHE E 286 31.68 28.83 14.40
N LYS E 287 32.70 28.77 13.55
CA LYS E 287 33.02 27.54 12.85
C LYS E 287 33.50 26.45 13.81
N ASP E 288 34.34 26.81 14.77
CA ASP E 288 34.89 25.86 15.74
C ASP E 288 33.95 25.74 16.93
N LYS E 289 33.73 24.51 17.39
CA LYS E 289 32.76 24.27 18.46
C LYS E 289 33.28 24.75 19.80
N ASP E 290 34.60 24.90 19.95
CA ASP E 290 35.16 25.30 21.23
C ASP E 290 34.97 26.78 21.54
N GLY E 291 34.49 27.56 20.57
CA GLY E 291 34.37 28.99 20.79
C GLY E 291 33.44 29.35 21.92
N VAL E 292 32.33 28.61 22.05
CA VAL E 292 31.35 28.96 23.06
C VAL E 292 31.90 28.81 24.47
N GLN E 293 32.50 27.66 24.78
CA GLN E 293 32.94 27.45 26.16
C GLN E 293 34.20 28.24 26.46
N ILE E 294 35.02 28.52 25.45
CA ILE E 294 36.18 29.37 25.68
C ILE E 294 35.73 30.80 25.94
N MET E 295 34.66 31.24 25.28
CA MET E 295 34.07 32.53 25.65
C MET E 295 33.55 32.50 27.08
N LYS E 296 32.89 31.40 27.46
CA LYS E 296 32.39 31.29 28.83
C LYS E 296 33.51 31.42 29.86
N ASP E 297 34.59 30.66 29.67
CA ASP E 297 35.64 30.67 30.70
C ASP E 297 36.43 31.98 30.65
N TYR E 298 36.56 32.59 29.47
CA TYR E 298 37.14 33.94 29.43
C TYR E 298 36.30 34.92 30.23
N MET E 299 34.98 34.87 30.08
CA MET E 299 34.14 35.77 30.86
C MET E 299 34.19 35.47 32.34
N ALA E 300 34.24 34.20 32.72
CA ALA E 300 34.25 33.84 34.14
C ALA E 300 35.60 34.13 34.78
N SER E 301 36.66 34.22 33.99
CA SER E 301 38.01 34.34 34.52
C SER E 301 38.77 35.57 34.06
N GLY E 302 38.48 36.10 32.87
CA GLY E 302 39.33 37.10 32.28
C GLY E 302 40.55 36.54 31.59
N SER E 303 40.72 35.22 31.61
CA SER E 303 41.83 34.53 30.95
C SER E 303 41.32 33.22 30.39
N PHE E 304 41.98 32.75 29.33
CA PHE E 304 41.56 31.51 28.69
C PHE E 304 42.79 30.68 28.35
N ALA E 305 42.65 29.36 28.50
CA ALA E 305 43.74 28.43 28.26
C ALA E 305 43.52 27.71 26.93
N ARG E 306 44.49 27.82 26.03
CA ARG E 306 44.49 27.11 24.76
C ARG E 306 45.85 26.45 24.60
N GLY E 307 45.86 25.21 24.14
CA GLY E 307 47.09 24.44 24.06
C GLY E 307 47.75 24.32 25.42
N ARG E 308 49.02 24.68 25.50
CA ARG E 308 49.77 24.64 26.75
C ARG E 308 49.91 26.01 27.40
N GLU E 309 49.19 27.01 26.92
CA GLU E 309 49.34 28.38 27.37
C GLU E 309 47.99 28.97 27.77
N GLN E 310 47.95 29.58 28.95
CA GLN E 310 46.79 30.30 29.42
C GLN E 310 47.07 31.80 29.34
N MET E 311 46.32 32.50 28.49
CA MET E 311 46.57 33.89 28.20
C MET E 311 45.58 34.77 28.96
N GLU E 312 46.10 35.85 29.53
CA GLU E 312 45.30 36.92 30.10
C GLU E 312 44.79 37.81 29.00
N ALA E 313 43.72 38.55 29.29
CA ALA E 313 43.22 39.57 28.37
C ALA E 313 42.37 40.56 29.15
N SER E 314 42.63 41.84 28.93
CA SER E 314 41.87 42.90 29.58
C SER E 314 40.65 43.31 28.80
N ALA E 315 40.40 42.71 27.65
CA ALA E 315 39.29 43.13 26.80
C ALA E 315 37.95 42.84 27.45
N SER E 316 37.09 43.85 27.48
CA SER E 316 35.72 43.67 27.93
C SER E 316 34.81 43.53 26.73
N MET E 317 33.85 42.60 26.80
CA MET E 317 33.00 42.32 25.65
C MET E 317 31.60 42.87 25.87
N VAL E 318 31.13 43.62 24.87
CA VAL E 318 29.77 44.14 24.82
C VAL E 318 29.07 43.46 23.66
N PHE E 319 27.86 42.97 23.88
CA PHE E 319 27.08 42.33 22.85
C PHE E 319 25.91 43.25 22.47
N VAL E 320 25.97 43.82 21.27
CA VAL E 320 24.94 44.73 20.78
C VAL E 320 24.02 43.92 19.88
N GLY E 321 22.73 43.92 20.20
CA GLY E 321 21.78 43.09 19.50
C GLY E 321 20.49 43.83 19.23
N ASN E 322 19.76 43.36 18.23
CA ASN E 322 18.62 44.08 17.71
C ASN E 322 17.35 43.29 17.95
N ILE E 323 16.33 43.95 18.52
CA ILE E 323 15.03 43.35 18.77
C ILE E 323 14.05 43.93 17.75
N ASN E 324 13.23 43.07 17.16
CA ASN E 324 12.26 43.48 16.16
C ASN E 324 10.83 43.50 16.69
N GLN E 325 10.61 43.11 17.94
CA GLN E 325 9.28 43.03 18.52
C GLN E 325 9.16 43.92 19.74
N SER E 326 7.92 44.16 20.16
CA SER E 326 7.68 44.95 21.36
C SER E 326 8.15 44.20 22.60
N VAL E 327 8.48 44.96 23.64
CA VAL E 327 9.03 44.35 24.85
C VAL E 327 7.97 43.51 25.55
N GLU E 328 6.71 43.97 25.56
CA GLU E 328 5.68 43.29 26.33
C GLU E 328 5.44 41.86 25.84
N SER E 329 5.22 41.71 24.52
CA SER E 329 4.95 40.40 23.97
C SER E 329 6.12 39.46 24.20
N LEU E 330 7.33 39.96 24.02
CA LEU E 330 8.52 39.16 24.25
C LEU E 330 8.62 38.72 25.70
N VAL E 331 8.26 39.61 26.63
CA VAL E 331 8.30 39.25 28.05
C VAL E 331 7.31 38.13 28.36
N LYS E 332 6.06 38.24 27.88
CA LYS E 332 5.14 37.12 28.13
C LYS E 332 5.57 35.83 27.43
N THR E 333 6.07 35.91 26.20
CA THR E 333 6.34 34.69 25.45
C THR E 333 7.77 34.17 25.61
N SER E 334 8.72 35.02 26.00
CA SER E 334 10.11 34.58 26.06
C SER E 334 10.92 35.38 27.08
N HIS E 335 12.25 35.26 26.99
CA HIS E 335 13.17 35.97 27.85
C HIS E 335 13.78 37.12 27.07
N LEU E 336 14.20 38.16 27.81
CA LEU E 336 14.70 39.37 27.18
C LEU E 336 15.95 39.13 26.34
N LEU E 337 16.69 38.06 26.58
CA LEU E 337 17.86 37.73 25.79
C LEU E 337 17.54 36.79 24.62
N ALA E 338 16.30 36.81 24.14
CA ALA E 338 15.85 36.01 23.01
C ALA E 338 16.68 36.18 21.74
N PRO E 339 17.07 37.41 21.36
CA PRO E 339 17.81 37.58 20.09
C PRO E 339 19.11 36.78 20.00
N PHE E 340 19.70 36.38 21.12
CA PHE E 340 20.91 35.58 21.06
C PHE E 340 20.63 34.23 20.39
N PRO E 341 21.60 33.70 19.64
CA PRO E 341 21.36 32.46 18.90
C PRO E 341 21.10 31.28 19.83
N GLU E 342 20.34 30.31 19.32
CA GLU E 342 19.92 29.17 20.13
C GLU E 342 21.12 28.38 20.64
N ALA E 343 22.11 28.16 19.79
CA ALA E 343 23.31 27.44 20.21
C ALA E 343 24.03 28.12 21.36
N MET E 344 23.84 29.43 21.55
CA MET E 344 24.38 30.14 22.68
C MET E 344 23.33 30.61 23.67
N ILE E 345 22.13 30.05 23.63
CA ILE E 345 21.16 30.25 24.70
C ILE E 345 21.50 29.27 25.81
N ASP E 346 22.31 29.71 26.77
CA ASP E 346 22.70 28.87 27.89
C ASP E 346 22.64 29.70 29.16
N SER E 347 22.16 29.07 30.24
CA SER E 347 22.04 29.78 31.51
C SER E 347 23.40 30.25 32.00
N ALA E 348 24.40 29.36 31.98
CA ALA E 348 25.74 29.74 32.42
C ALA E 348 26.36 30.79 31.51
N PHE E 349 26.12 30.69 30.19
CA PHE E 349 26.68 31.67 29.26
C PHE E 349 26.17 33.07 29.56
N PHE E 350 24.88 33.20 29.84
CA PHE E 350 24.34 34.51 30.20
C PHE E 350 24.72 34.90 31.63
N ASP E 351 25.05 33.91 32.47
CA ASP E 351 25.35 34.18 33.87
C ASP E 351 26.55 35.10 34.06
N ARG E 352 27.47 35.15 33.11
CA ARG E 352 28.65 35.99 33.25
C ARG E 352 28.38 37.45 32.94
N PHE E 353 27.23 37.77 32.36
CA PHE E 353 26.90 39.15 32.01
C PHE E 353 26.82 39.99 33.27
N HIS E 354 27.51 41.13 33.26
CA HIS E 354 27.48 42.00 34.42
C HIS E 354 26.38 43.06 34.29
N ALA E 355 25.74 43.15 33.12
CA ALA E 355 24.68 44.13 32.92
C ALA E 355 23.90 43.83 31.65
N TYR E 356 22.59 44.06 31.73
CA TYR E 356 21.70 44.06 30.58
C TYR E 356 21.21 45.50 30.41
N ILE E 357 21.34 46.02 29.19
CA ILE E 357 20.93 47.39 28.91
C ILE E 357 19.61 47.38 28.16
N PRO E 358 18.57 47.98 28.72
CA PRO E 358 17.26 48.01 28.03
C PRO E 358 17.26 49.01 26.88
N GLY E 359 17.71 48.58 25.71
CA GLY E 359 17.81 49.45 24.55
C GLY E 359 16.49 49.97 24.04
N TRP E 360 15.36 49.44 24.52
CA TRP E 360 14.07 49.99 24.15
C TRP E 360 13.82 51.32 24.85
N GLU E 361 14.41 51.51 26.03
CA GLU E 361 14.17 52.73 26.80
C GLU E 361 14.81 53.96 26.16
N ILE E 362 15.80 53.78 25.29
CA ILE E 362 16.40 54.91 24.59
C ILE E 362 15.57 55.18 23.34
N PRO E 363 15.18 56.44 23.09
CA PRO E 363 14.36 56.72 21.91
C PRO E 363 15.18 56.62 20.63
N LYS E 364 14.46 56.43 19.53
CA LYS E 364 15.09 56.41 18.21
C LYS E 364 15.78 57.73 17.94
N MET E 365 17.00 57.67 17.38
CA MET E 365 17.83 58.86 17.26
C MET E 365 17.24 59.83 16.24
N ARG E 366 17.35 61.12 16.55
CA ARG E 366 16.85 62.22 15.74
C ARG E 366 17.88 63.33 15.81
N PRO E 367 17.96 64.17 14.77
CA PRO E 367 18.86 65.34 14.87
C PRO E 367 18.60 66.23 16.09
N GLU E 368 17.39 66.20 16.63
CA GLU E 368 17.14 66.93 17.88
C GLU E 368 17.92 66.34 19.04
N PHE E 369 18.41 65.10 18.90
CA PHE E 369 19.18 64.48 19.96
C PHE E 369 20.68 64.69 19.80
N PHE E 370 21.15 65.07 18.62
CA PHE E 370 22.56 65.32 18.38
C PHE E 370 22.92 66.70 18.92
N THR E 371 23.86 66.76 19.85
CA THR E 371 24.28 68.03 20.39
C THR E 371 25.11 68.80 19.37
N ASN E 372 25.07 70.13 19.48
CA ASN E 372 25.92 71.02 18.72
C ASN E 372 26.74 71.93 19.61
N ARG E 373 26.88 71.59 20.88
CA ARG E 373 27.62 72.37 21.85
C ARG E 373 29.03 71.80 21.97
N TYR E 374 29.79 72.30 22.93
CA TYR E 374 31.18 71.89 23.10
C TYR E 374 31.25 70.53 23.80
N GLY E 375 32.02 69.62 23.23
CA GLY E 375 32.21 68.31 23.81
C GLY E 375 33.67 67.92 23.80
N LEU E 376 34.01 66.97 24.68
CA LEU E 376 35.40 66.54 24.81
C LEU E 376 35.83 65.79 23.56
N ILE E 377 37.09 66.01 23.16
CA ILE E 377 37.63 65.36 21.97
C ILE E 377 37.72 63.86 22.24
N VAL E 378 37.31 63.07 21.23
CA VAL E 378 36.99 61.67 21.49
C VAL E 378 38.23 60.90 21.93
N ASP E 379 39.39 61.21 21.36
CA ASP E 379 40.59 60.47 21.75
C ASP E 379 41.01 60.82 23.18
N TYR E 380 40.79 62.06 23.59
CA TYR E 380 41.03 62.44 24.97
C TYR E 380 40.16 61.64 25.92
N LEU E 381 38.88 61.47 25.56
CA LEU E 381 37.98 60.62 26.32
C LEU E 381 38.47 59.18 26.36
N ALA E 382 38.94 58.67 25.23
CA ALA E 382 39.41 57.29 25.18
C ALA E 382 40.64 57.09 26.06
N GLU E 383 41.58 58.03 26.02
CA GLU E 383 42.75 57.94 26.89
C GLU E 383 42.37 58.06 28.35
N PHE E 384 41.39 58.91 28.66
CA PHE E 384 40.88 59.01 30.02
C PHE E 384 40.36 57.65 30.49
N PHE E 385 39.55 56.99 29.66
CA PHE E 385 39.07 55.66 30.00
C PHE E 385 40.22 54.66 30.16
N ARG E 386 41.19 54.72 29.25
CA ARG E 386 42.29 53.75 29.28
C ARG E 386 43.09 53.89 30.56
N GLU E 387 43.31 55.12 31.04
CA GLU E 387 44.05 55.31 32.27
C GLU E 387 43.20 54.92 33.47
N MET E 388 41.89 55.20 33.41
CA MET E 388 41.01 54.77 34.50
C MET E 388 40.89 53.26 34.61
N ARG E 389 41.18 52.53 33.53
CA ARG E 389 41.11 51.08 33.57
C ARG E 389 42.02 50.46 34.63
N LYS E 390 43.12 51.12 34.97
CA LYS E 390 44.08 50.54 35.91
C LYS E 390 43.66 50.68 37.36
N ARG E 391 42.72 51.56 37.67
CA ARG E 391 42.37 51.88 39.05
C ARG E 391 41.23 50.98 39.53
N SER E 392 40.81 51.20 40.78
CA SER E 392 39.85 50.31 41.43
C SER E 392 38.91 51.10 42.33
N PHE E 393 37.63 50.73 42.30
CA PHE E 393 36.61 51.26 43.19
C PHE E 393 35.67 50.18 43.70
N ALA E 394 36.16 48.95 43.88
CA ALA E 394 35.32 47.88 44.38
C ALA E 394 35.03 48.01 45.87
N ASP E 395 35.89 48.69 46.62
CA ASP E 395 35.76 48.81 48.07
C ASP E 395 34.84 49.94 48.51
N SER E 396 34.31 50.74 47.58
CA SER E 396 33.51 51.89 47.98
C SER E 396 32.11 51.51 48.45
N ILE E 397 31.68 50.29 48.15
CA ILE E 397 30.28 49.93 48.39
C ILE E 397 30.04 49.59 49.87
N GLU E 398 30.93 48.82 50.49
CA GLU E 398 30.68 48.37 51.85
C GLU E 398 30.82 49.51 52.86
N LYS E 399 31.34 50.66 52.43
CA LYS E 399 31.40 51.82 53.31
C LYS E 399 30.01 52.30 53.71
N TYR E 400 29.05 52.23 52.80
CA TYR E 400 27.73 52.81 53.03
C TYR E 400 26.58 51.80 53.06
N PHE E 401 26.69 50.67 52.38
CA PHE E 401 25.57 49.73 52.32
C PHE E 401 26.08 48.30 52.28
N LYS E 402 25.15 47.36 52.47
CA LYS E 402 25.42 45.94 52.40
C LYS E 402 24.43 45.26 51.46
N LEU E 403 24.87 44.18 50.85
CA LEU E 403 24.10 43.52 49.81
C LEU E 403 23.06 42.56 50.38
N GLY E 404 21.97 42.37 49.64
CA GLY E 404 20.93 41.45 50.05
C GLY E 404 21.33 39.99 49.85
N ASN E 405 20.60 39.11 50.54
CA ASN E 405 21.00 37.70 50.60
C ASN E 405 20.79 36.97 49.29
N ASN E 406 19.87 37.42 48.44
CA ASN E 406 19.64 36.79 47.14
C ASN E 406 20.84 36.91 46.20
N LEU E 407 21.79 37.79 46.52
CA LEU E 407 22.93 38.05 45.67
C LEU E 407 24.02 37.01 45.93
N ASN E 408 24.11 36.02 45.04
CA ASN E 408 25.18 35.04 45.15
C ASN E 408 26.53 35.68 44.81
N GLN E 409 27.58 34.87 44.91
CA GLN E 409 28.93 35.40 44.73
C GLN E 409 29.11 36.05 43.36
N ARG E 410 28.51 35.46 42.32
CA ARG E 410 28.66 36.01 40.98
C ARG E 410 27.84 37.28 40.81
N ASP E 411 26.65 37.33 41.41
CA ASP E 411 25.89 38.58 41.43
C ASP E 411 26.65 39.65 42.18
N VAL E 412 27.32 39.27 43.27
CA VAL E 412 28.15 40.20 44.01
C VAL E 412 29.27 40.74 43.12
N ILE E 413 29.92 39.86 42.37
CA ILE E 413 31.00 40.29 41.47
C ILE E 413 30.46 41.25 40.43
N ALA E 414 29.30 40.93 39.85
CA ALA E 414 28.73 41.79 38.82
C ALA E 414 28.41 43.17 39.36
N VAL E 415 27.75 43.23 40.51
CA VAL E 415 27.35 44.52 41.06
C VAL E 415 28.58 45.32 41.48
N ARG E 416 29.59 44.64 42.02
CA ARG E 416 30.83 45.33 42.38
C ARG E 416 31.52 45.93 41.17
N LYS E 417 31.61 45.15 40.09
CA LYS E 417 32.23 45.67 38.87
C LYS E 417 31.45 46.86 38.33
N THR E 418 30.12 46.76 38.29
CA THR E 418 29.32 47.86 37.77
C THR E 418 29.49 49.12 38.61
N VAL E 419 29.44 48.99 39.94
CA VAL E 419 29.55 50.18 40.78
C VAL E 419 30.94 50.78 40.68
N SER E 420 31.98 49.93 40.61
CA SER E 420 33.33 50.46 40.47
C SER E 420 33.49 51.23 39.16
N GLY E 421 32.95 50.67 38.08
CA GLY E 421 33.01 51.37 36.80
C GLY E 421 32.27 52.69 36.83
N LEU E 422 31.11 52.72 37.49
CA LEU E 422 30.33 53.95 37.53
C LEU E 422 31.01 55.02 38.40
N MET E 423 31.63 54.62 39.51
CA MET E 423 32.43 55.58 40.27
C MET E 423 33.59 56.10 39.44
N LYS E 424 34.26 55.22 38.69
CA LYS E 424 35.37 55.68 37.85
C LYS E 424 34.90 56.67 36.80
N LEU E 425 33.78 56.38 36.13
CA LEU E 425 33.25 57.30 35.13
C LEU E 425 32.86 58.64 35.74
N LEU E 426 32.03 58.61 36.78
CA LEU E 426 31.49 59.85 37.32
C LEU E 426 32.48 60.61 38.18
N TYR E 427 33.23 59.92 39.03
CA TYR E 427 34.00 60.56 40.09
C TYR E 427 35.46 60.15 40.05
N PRO E 428 36.21 60.59 39.04
CA PRO E 428 37.64 60.23 38.97
C PRO E 428 38.44 60.73 40.15
N HIS E 429 38.09 61.90 40.70
CA HIS E 429 38.86 62.49 41.80
C HIS E 429 38.66 61.76 43.11
N GLY E 430 37.71 60.83 43.20
CA GLY E 430 37.58 60.01 44.39
C GLY E 430 36.73 60.60 45.49
N GLN E 431 36.13 61.76 45.29
CA GLN E 431 35.27 62.37 46.30
C GLN E 431 33.82 62.12 45.90
N PHE E 432 33.08 61.43 46.77
CA PHE E 432 31.69 61.08 46.50
C PHE E 432 30.97 60.88 47.83
N ASN E 433 29.67 61.16 47.83
CA ASN E 433 28.86 61.11 49.03
C ASN E 433 27.96 59.87 49.01
N LYS E 434 27.09 59.77 50.01
CA LYS E 434 26.27 58.57 50.16
C LYS E 434 25.13 58.54 49.15
N GLU E 435 24.60 59.71 48.79
CA GLU E 435 23.56 59.79 47.76
C GLU E 435 24.08 59.28 46.42
N ASP E 436 25.34 59.62 46.09
CA ASP E 436 25.94 59.13 44.87
C ASP E 436 25.99 57.61 44.84
N VAL E 437 26.41 57.00 45.96
CA VAL E 437 26.47 55.56 46.05
C VAL E 437 25.07 54.97 45.99
N ARG E 438 24.07 55.66 46.55
CA ARG E 438 22.70 55.19 46.44
C ARG E 438 22.25 55.11 44.99
N GLN E 439 22.46 56.19 44.23
CA GLN E 439 22.07 56.17 42.82
C GLN E 439 22.81 55.09 42.06
N CYS E 440 24.13 54.99 42.26
CA CYS E 440 24.93 54.01 41.55
C CYS E 440 24.49 52.59 41.87
N LEU E 441 24.30 52.29 43.16
CA LEU E 441 23.94 50.94 43.56
C LEU E 441 22.53 50.59 43.10
N GLU E 442 21.63 51.58 43.10
CA GLU E 442 20.29 51.34 42.57
C GLU E 442 20.34 50.94 41.11
N TYR E 443 21.10 51.69 40.30
CA TYR E 443 21.16 51.36 38.88
C TYR E 443 21.84 50.03 38.65
N ALA E 444 22.92 49.76 39.40
CA ALA E 444 23.64 48.50 39.25
C ALA E 444 22.76 47.31 39.64
N LEU E 445 22.04 47.43 40.76
CA LEU E 445 21.16 46.36 41.18
C LEU E 445 20.04 46.15 40.17
N GLN E 446 19.51 47.23 39.59
CA GLN E 446 18.47 47.09 38.58
C GLN E 446 18.99 46.35 37.36
N VAL E 447 20.16 46.75 36.85
CA VAL E 447 20.66 46.15 35.63
C VAL E 447 21.06 44.69 35.86
N ARG E 448 21.59 44.36 37.04
CA ARG E 448 21.89 42.96 37.33
C ARG E 448 20.60 42.17 37.58
N ARG E 449 19.59 42.82 38.15
CA ARG E 449 18.29 42.19 38.37
C ARG E 449 17.67 41.77 37.06
N ARG E 450 17.80 42.59 36.02
CA ARG E 450 17.23 42.23 34.73
C ARG E 450 17.85 40.93 34.21
N VAL E 451 19.18 40.81 34.31
CA VAL E 451 19.86 39.58 33.91
C VAL E 451 19.38 38.42 34.77
N LYS E 452 19.21 38.65 36.06
CA LYS E 452 18.80 37.57 36.96
C LYS E 452 17.38 37.11 36.64
N GLU E 453 16.50 38.06 36.29
CA GLU E 453 15.15 37.70 35.86
C GLU E 453 15.17 36.83 34.60
N GLN E 454 15.99 37.21 33.62
CA GLN E 454 16.08 36.41 32.41
C GLN E 454 16.66 35.03 32.70
N LEU E 455 17.65 34.96 33.58
CA LEU E 455 18.20 33.66 33.98
C LEU E 455 17.15 32.82 34.69
N LYS E 456 16.35 33.43 35.56
CA LYS E 456 15.24 32.73 36.18
C LYS E 456 14.32 32.13 35.14
N LYS E 457 13.88 32.95 34.18
CA LYS E 457 12.94 32.47 33.18
C LYS E 457 13.53 31.34 32.34
N ILE E 458 14.79 31.45 31.93
CA ILE E 458 15.39 30.44 31.06
C ILE E 458 15.71 29.16 31.82
N GLY E 459 16.17 29.26 33.06
CA GLY E 459 16.70 28.10 33.75
C GLY E 459 15.79 27.43 34.74
N GLY E 460 14.67 28.06 35.09
CA GLY E 460 13.76 27.40 36.00
C GLY E 460 14.22 27.55 37.44
N MET E 461 14.78 26.48 37.99
CA MET E 461 15.02 26.42 39.42
C MET E 461 16.17 27.32 39.87
N GLU E 462 17.37 27.14 39.31
CA GLU E 462 18.58 27.57 39.98
C GLU E 462 18.73 29.08 40.08
N PHE E 463 17.92 29.86 39.38
CA PHE E 463 18.01 31.32 39.46
C PHE E 463 16.78 31.93 40.12
N TYR E 464 16.21 31.25 41.13
CA TYR E 464 15.05 31.82 41.81
C TYR E 464 15.43 33.01 42.69
N ASP E 465 16.73 33.24 42.90
CA ASP E 465 17.21 34.33 43.74
C ASP E 465 17.12 35.64 42.96
N VAL E 466 15.91 36.17 42.86
CA VAL E 466 15.66 37.40 42.13
C VAL E 466 15.24 38.56 43.02
N HIS E 467 15.27 38.40 44.34
CA HIS E 467 14.93 39.49 45.26
C HIS E 467 16.18 40.29 45.58
N PHE E 468 16.51 41.20 44.66
CA PHE E 468 17.68 42.04 44.80
C PHE E 468 17.36 43.23 45.70
N SER E 469 18.14 43.42 46.76
CA SER E 469 17.92 44.51 47.68
C SER E 469 19.24 44.87 48.37
N TYR E 470 19.25 46.04 48.98
CA TYR E 470 20.43 46.51 49.71
C TYR E 470 19.99 47.13 51.02
N ILE E 471 20.76 46.87 52.08
CA ILE E 471 20.45 47.30 53.43
C ILE E 471 21.43 48.40 53.81
N ASP E 472 20.90 49.50 54.34
CA ASP E 472 21.75 50.62 54.74
C ASP E 472 22.68 50.18 55.87
N ASN E 473 23.93 50.63 55.83
CA ASN E 473 24.86 50.32 56.90
C ASN E 473 24.60 51.15 58.14
N ASP E 474 23.83 52.24 58.03
CA ASP E 474 23.51 53.07 59.18
C ASP E 474 22.12 52.80 59.73
N THR E 475 21.09 52.94 58.90
CA THR E 475 19.71 52.78 59.36
C THR E 475 19.20 51.35 59.24
N LEU E 476 19.97 50.45 58.61
CA LEU E 476 19.61 49.05 58.40
C LEU E 476 18.30 48.88 57.64
N GLU E 477 17.83 49.91 56.94
CA GLU E 477 16.61 49.78 56.15
C GLU E 477 16.92 49.08 54.83
N GLU E 478 16.16 48.03 54.53
CA GLU E 478 16.37 47.24 53.33
C GLU E 478 15.48 47.78 52.22
N HIS E 479 16.10 48.20 51.12
CA HIS E 479 15.39 48.74 49.96
C HIS E 479 15.57 47.77 48.81
N PHE E 480 14.46 47.38 48.19
CA PHE E 480 14.46 46.46 47.06
C PHE E 480 14.42 47.25 45.76
N VAL E 481 15.34 46.94 44.86
CA VAL E 481 15.42 47.61 43.56
C VAL E 481 14.77 46.69 42.53
N SER E 482 13.76 47.20 41.85
CA SER E 482 13.00 46.43 40.87
C SER E 482 13.25 46.98 39.47
N VAL E 483 12.60 46.36 38.49
CA VAL E 483 12.70 46.74 37.09
C VAL E 483 11.36 47.31 36.64
N LYS E 484 11.42 48.23 35.68
CA LYS E 484 10.18 48.82 35.15
C LYS E 484 9.33 47.76 34.46
N GLU E 485 9.95 46.89 33.68
CA GLU E 485 9.22 45.83 32.98
C GLU E 485 8.62 44.84 33.97
N ALA E 497 -6.17 27.94 37.93
CA ALA E 497 -4.97 28.73 37.69
C ALA E 497 -3.79 27.83 37.34
N LYS E 498 -2.91 27.60 38.32
CA LYS E 498 -1.73 26.79 38.14
C LYS E 498 -1.28 26.23 39.49
N PRO E 499 -0.89 24.95 39.56
CA PRO E 499 -0.54 24.35 40.86
C PRO E 499 0.57 25.08 41.60
N GLY E 500 0.43 25.21 42.92
CA GLY E 500 1.44 25.82 43.75
C GLY E 500 1.69 27.29 43.49
N PHE E 501 0.82 27.96 42.75
CA PHE E 501 1.06 29.35 42.36
C PHE E 501 -0.06 30.28 42.82
N LEU E 502 -0.46 30.14 44.08
CA LEU E 502 -1.58 30.88 44.65
C LEU E 502 -1.17 32.30 45.02
N TYR E 503 -2.09 32.99 45.70
CA TYR E 503 -1.92 34.36 46.13
C TYR E 503 -2.12 34.42 47.63
N THR E 504 -1.50 35.39 48.30
CA THR E 504 -1.75 35.63 49.71
C THR E 504 -1.74 37.14 49.98
N ILE E 505 -2.56 37.56 50.94
CA ILE E 505 -2.57 38.94 51.41
C ILE E 505 -2.50 38.95 52.93
N GLY E 506 -1.56 39.72 53.46
CA GLY E 506 -1.40 39.74 54.90
C GLY E 506 -0.58 40.93 55.39
N LEU E 507 -0.71 41.22 56.68
CA LEU E 507 -0.02 42.34 57.28
C LEU E 507 1.47 42.07 57.36
N SER E 508 2.27 42.94 56.76
CA SER E 508 3.71 42.79 56.79
C SER E 508 4.25 43.07 58.19
N ASN E 509 5.58 42.98 58.32
CA ASN E 509 6.22 43.23 59.61
C ASN E 509 6.01 44.65 60.11
N LYS E 510 5.79 45.61 59.22
CA LYS E 510 5.53 46.99 59.59
C LYS E 510 4.04 47.26 59.82
N GLY E 511 3.18 46.25 59.66
CA GLY E 511 1.77 46.41 59.90
C GLY E 511 0.92 46.84 58.72
N MET E 512 1.51 47.09 57.55
CA MET E 512 0.63 47.38 56.42
C MET E 512 0.44 46.12 55.58
N PRO E 513 -0.78 45.83 55.14
CA PRO E 513 -1.01 44.61 54.37
C PRO E 513 -0.32 44.65 53.02
N GLY E 514 0.05 43.48 52.53
CA GLY E 514 0.67 43.35 51.23
C GLY E 514 0.26 42.06 50.57
N LEU E 515 0.41 42.04 49.24
CA LEU E 515 0.10 40.86 48.42
C LEU E 515 1.40 40.16 48.05
N TYR E 516 1.40 38.84 48.14
CA TYR E 516 2.56 38.01 47.84
C TYR E 516 2.16 36.80 47.01
N ARG E 517 3.14 36.31 46.25
CA ARG E 517 3.00 35.22 45.29
C ARG E 517 3.75 34.00 45.77
N LEU E 518 3.10 32.85 45.81
CA LEU E 518 3.74 31.60 46.16
C LEU E 518 4.11 30.82 44.90
N GLU E 519 5.25 30.12 44.96
CA GLU E 519 5.66 29.17 43.93
C GLU E 519 6.18 27.93 44.63
N LEU E 520 5.41 26.85 44.56
CA LEU E 520 5.84 25.56 45.09
C LEU E 520 6.36 24.72 43.94
N GLN E 521 7.60 24.25 44.07
CA GLN E 521 8.17 23.27 43.16
C GLN E 521 8.28 21.94 43.89
N VAL E 522 7.66 20.92 43.31
CA VAL E 522 7.58 19.58 43.90
C VAL E 522 8.31 18.63 42.99
N THR E 523 9.25 17.87 43.55
CA THR E 523 10.02 16.90 42.79
C THR E 523 9.99 15.56 43.50
N LYS E 524 10.42 14.52 42.80
CA LYS E 524 10.58 13.21 43.42
C LYS E 524 11.69 13.29 44.46
N GLY E 525 11.37 12.93 45.71
CA GLY E 525 12.34 13.05 46.78
C GLY E 525 12.00 12.33 48.06
N SER E 526 12.47 12.86 49.18
CA SER E 526 12.32 12.22 50.49
C SER E 526 11.59 13.11 51.49
N GLY E 527 10.65 13.93 51.04
CA GLY E 527 9.87 14.75 51.94
C GLY E 527 10.55 16.02 52.42
N LYS E 528 11.64 16.43 51.78
CA LYS E 528 12.37 17.62 52.21
C LYS E 528 11.58 18.87 51.89
N LEU E 529 11.58 19.82 52.83
CA LEU E 529 10.96 21.12 52.64
C LEU E 529 12.05 22.20 52.63
N ALA E 530 12.03 23.04 51.61
CA ALA E 530 12.94 24.17 51.51
C ALA E 530 12.15 25.45 51.38
N THR E 531 12.66 26.53 51.97
CA THR E 531 12.00 27.83 51.95
C THR E 531 12.91 28.85 51.28
N SER E 532 12.28 29.79 50.58
CA SER E 532 13.02 30.83 49.88
C SER E 532 12.07 31.97 49.59
N GLY E 533 12.61 33.18 49.57
CA GLY E 533 11.82 34.35 49.24
C GLY E 533 11.03 34.87 50.42
N LEU E 534 10.98 34.09 51.50
CA LEU E 534 10.31 34.54 52.71
C LEU E 534 11.27 35.36 53.55
N TRP E 535 12.00 36.28 52.90
CA TRP E 535 13.01 37.11 53.55
C TRP E 535 13.96 36.27 54.40
N ASN E 536 13.99 34.96 54.13
CA ASN E 536 14.59 33.96 55.02
C ASN E 536 14.25 34.26 56.47
N SER E 537 13.00 34.63 56.73
CA SER E 537 12.57 35.00 58.07
C SER E 537 12.41 33.76 58.93
N SER E 538 12.88 33.85 60.18
CA SER E 538 12.73 32.75 61.14
C SER E 538 11.25 32.48 61.40
N SER E 539 10.46 33.55 61.58
CA SER E 539 9.03 33.41 61.79
C SER E 539 8.36 32.80 60.56
N ALA E 540 8.73 33.29 59.38
CA ALA E 540 8.17 32.75 58.15
C ALA E 540 8.55 31.29 57.96
N LYS E 541 9.82 30.95 58.22
CA LYS E 541 10.26 29.57 58.09
C LYS E 541 9.51 28.67 59.07
N GLU E 542 9.32 29.13 60.31
CA GLU E 542 8.61 28.33 61.30
C GLU E 542 7.15 28.14 60.91
N GLN E 543 6.50 29.19 60.38
CA GLN E 543 5.10 29.05 59.96
C GLN E 543 4.97 28.08 58.79
N VAL E 544 5.89 28.17 57.82
CA VAL E 544 5.87 27.23 56.69
C VAL E 544 6.14 25.81 57.18
N LYS E 545 7.01 25.66 58.17
CA LYS E 545 7.28 24.34 58.72
C LYS E 545 6.07 23.79 59.47
N ILE E 546 5.31 24.67 60.15
CA ILE E 546 4.06 24.25 60.78
C ILE E 546 3.09 23.75 59.72
N ALA E 547 2.98 24.50 58.62
CA ALA E 547 2.13 24.08 57.52
C ALA E 547 2.57 22.74 56.95
N PHE E 548 3.87 22.56 56.77
CA PHE E 548 4.40 21.32 56.21
C PHE E 548 4.16 20.14 57.15
N ASP E 549 4.31 20.35 58.46
CA ASP E 549 4.07 19.29 59.43
C ASP E 549 2.60 18.90 59.44
N TYR E 550 1.69 19.89 59.42
CA TYR E 550 0.27 19.57 59.37
C TYR E 550 -0.09 18.85 58.07
N PHE E 551 0.55 19.25 56.96
CA PHE E 551 0.33 18.57 55.70
C PHE E 551 0.79 17.11 55.75
N LYS E 552 1.97 16.88 56.34
CA LYS E 552 2.50 15.53 56.43
C LYS E 552 1.62 14.66 57.32
N ALA E 553 1.18 15.20 58.45
CA ALA E 553 0.32 14.44 59.35
C ALA E 553 -1.05 14.17 58.73
N ASN E 554 -1.57 15.12 57.96
CA ASN E 554 -2.89 14.99 57.36
C ASN E 554 -2.82 14.75 55.85
N ALA E 555 -1.77 14.08 55.37
CA ALA E 555 -1.63 13.82 53.94
C ALA E 555 -2.73 12.90 53.43
N SER E 556 -3.07 11.87 54.21
CA SER E 556 -4.11 10.94 53.79
C SER E 556 -5.46 11.61 53.65
N ARG E 557 -5.80 12.53 54.56
CA ARG E 557 -7.07 13.23 54.49
C ARG E 557 -7.20 14.07 53.23
N ILE E 558 -6.18 14.83 52.87
CA ILE E 558 -6.27 15.82 51.81
C ILE E 558 -5.97 15.22 50.45
N SER E 559 -4.92 14.41 50.35
CA SER E 559 -4.48 13.84 49.08
C SER E 559 -5.17 12.53 48.76
N GLY E 560 -5.64 11.79 49.76
CA GLY E 560 -6.34 10.54 49.51
C GLY E 560 -5.45 9.44 48.97
N GLY E 561 -4.16 9.50 49.26
CA GLY E 561 -3.26 8.46 48.82
C GLY E 561 -1.88 8.93 48.41
N SER E 562 -1.73 10.23 48.13
CA SER E 562 -0.43 10.77 47.77
C SER E 562 0.44 10.90 49.01
N LYS E 563 1.71 10.50 48.88
CA LYS E 563 2.62 10.43 50.02
C LYS E 563 3.55 11.65 50.00
N VAL E 564 3.56 12.39 51.10
CA VAL E 564 4.49 13.53 51.22
C VAL E 564 5.92 13.03 51.29
N MET E 565 6.13 11.87 51.94
CA MET E 565 7.47 11.32 52.13
C MET E 565 8.18 11.00 50.82
N GLU E 566 7.44 10.84 49.72
CA GLU E 566 8.04 10.55 48.43
C GLU E 566 8.31 11.79 47.59
N HIS E 567 7.97 12.98 48.09
CA HIS E 567 8.07 14.20 47.31
C HIS E 567 8.79 15.28 48.11
N ASP E 568 9.74 15.95 47.47
CA ASP E 568 10.45 17.08 48.06
C ASP E 568 9.82 18.39 47.57
N PHE E 569 9.55 19.29 48.51
CA PHE E 569 8.84 20.54 48.25
C PHE E 569 9.79 21.70 48.51
N HIS E 570 9.74 22.72 47.64
CA HIS E 570 10.45 23.96 47.88
C HIS E 570 9.52 25.12 47.54
N LEU E 571 9.34 26.03 48.50
CA LEU E 571 8.44 27.15 48.33
C LEU E 571 9.21 28.46 48.27
N HIS E 572 9.07 29.17 47.16
CA HIS E 572 9.65 30.50 46.99
C HIS E 572 8.51 31.52 46.92
N VAL E 573 8.59 32.55 47.74
CA VAL E 573 7.53 33.55 47.84
C VAL E 573 8.07 34.91 47.42
N VAL E 574 7.37 35.55 46.50
CA VAL E 574 7.76 36.83 45.91
C VAL E 574 6.86 37.90 46.49
N GLU E 575 7.44 39.03 46.89
CA GLU E 575 6.65 40.15 47.37
C GLU E 575 6.28 41.06 46.20
N LEU E 576 4.99 41.36 46.08
CA LEU E 576 4.48 42.10 44.92
C LEU E 576 4.13 43.55 45.21
N GLN E 577 4.06 43.95 46.49
CA GLN E 577 3.79 45.34 46.84
C GLN E 577 4.84 45.97 47.74
N ASN E 578 5.97 45.30 47.97
CA ASN E 578 7.10 45.89 48.68
C ASN E 578 6.71 46.39 50.07
N THR E 579 5.85 45.65 50.76
CA THR E 579 5.42 46.05 52.09
C THR E 579 6.34 45.52 53.19
N GLY E 580 7.02 44.41 52.94
CA GLY E 580 7.87 43.80 53.93
C GLY E 580 7.58 42.32 54.11
N PRO E 581 8.32 41.66 55.00
CA PRO E 581 8.09 40.23 55.22
C PRO E 581 6.73 39.97 55.84
N LEU E 582 6.16 38.81 55.50
CA LEU E 582 4.86 38.41 56.03
C LEU E 582 5.06 37.37 57.12
N SER E 583 4.35 37.55 58.23
CA SER E 583 4.51 36.69 59.40
C SER E 583 3.59 35.48 59.33
N HIS E 584 2.29 35.69 59.23
CA HIS E 584 1.35 34.58 59.17
C HIS E 584 1.37 33.95 57.79
N LEU E 585 1.85 32.71 57.72
CA LEU E 585 2.04 32.04 56.43
C LEU E 585 1.65 30.58 56.41
N ALA E 586 1.14 30.01 57.50
CA ALA E 586 0.94 28.57 57.55
C ALA E 586 -0.20 28.12 56.64
N LEU E 587 -1.34 28.81 56.68
CA LEU E 587 -2.48 28.37 55.89
C LEU E 587 -2.25 28.44 54.39
N PRO E 588 -1.79 29.56 53.80
CA PRO E 588 -1.50 29.55 52.37
C PRO E 588 -0.41 28.57 51.97
N SER E 589 0.59 28.38 52.83
CA SER E 589 1.63 27.40 52.54
C SER E 589 1.07 25.99 52.50
N LEU E 590 0.17 25.67 53.44
CA LEU E 590 -0.48 24.36 53.45
C LEU E 590 -1.33 24.17 52.20
N VAL E 591 -2.06 25.23 51.79
CA VAL E 591 -2.84 25.16 50.56
C VAL E 591 -1.93 24.88 49.37
N ALA E 592 -0.79 25.57 49.31
CA ALA E 592 0.16 25.35 48.22
C ALA E 592 0.70 23.94 48.25
N PHE E 593 0.99 23.42 49.45
CA PHE E 593 1.48 22.04 49.57
C PHE E 593 0.47 21.06 49.00
N ALA E 594 -0.80 21.22 49.39
CA ALA E 594 -1.85 20.33 48.90
C ALA E 594 -2.00 20.43 47.38
N SER E 595 -1.99 21.66 46.86
CA SER E 595 -2.18 21.85 45.43
C SER E 595 -1.02 21.25 44.63
N GLY E 596 0.21 21.48 45.10
CA GLY E 596 1.37 20.94 44.40
C GLY E 596 1.44 19.43 44.46
N LEU E 597 1.21 18.85 45.63
CA LEU E 597 1.25 17.39 45.74
C LEU E 597 0.14 16.76 44.92
N LEU E 598 -1.07 17.33 44.96
CA LEU E 598 -2.17 16.84 44.15
C LEU E 598 -2.05 17.22 42.68
N GLY E 599 -1.35 18.31 42.37
CA GLY E 599 -1.25 18.75 40.99
C GLY E 599 -2.51 19.37 40.44
N ARG E 600 -3.39 19.87 41.31
CA ARG E 600 -4.62 20.51 40.89
C ARG E 600 -4.48 22.02 41.04
N SER E 601 -4.88 22.77 40.01
CA SER E 601 -4.75 24.21 40.04
C SER E 601 -5.74 24.82 41.04
N VAL E 602 -5.25 25.77 41.83
CA VAL E 602 -6.12 26.53 42.70
C VAL E 602 -7.05 27.38 41.83
N GLN E 603 -8.20 27.77 42.39
CA GLN E 603 -9.13 28.63 41.68
C GLN E 603 -8.41 29.89 41.19
N SER E 604 -8.70 30.27 39.95
CA SER E 604 -8.17 31.53 39.44
C SER E 604 -8.66 32.68 40.30
N GLN E 605 -7.75 33.59 40.61
CA GLN E 605 -8.05 34.74 41.46
C GLN E 605 -8.54 34.31 42.85
N MET E 606 -8.04 33.18 43.34
CA MET E 606 -8.25 32.74 44.71
C MET E 606 -7.11 33.22 45.59
N VAL E 607 -7.46 33.87 46.70
CA VAL E 607 -6.48 34.33 47.68
C VAL E 607 -6.78 33.64 49.00
N VAL E 608 -5.79 32.94 49.53
CA VAL E 608 -5.92 32.23 50.79
C VAL E 608 -5.52 33.18 51.91
N LEU E 609 -6.51 33.58 52.72
CA LEU E 609 -6.30 34.51 53.81
C LEU E 609 -6.31 33.79 55.14
N GLY E 610 -5.64 34.39 56.12
CA GLY E 610 -5.61 33.86 57.48
C GLY E 610 -4.42 32.96 57.71
N ASP E 611 -4.30 32.55 58.98
CA ASP E 611 -3.22 31.67 59.42
C ASP E 611 -3.83 30.51 60.18
N MET E 612 -3.10 29.40 60.22
CA MET E 612 -3.55 28.21 60.94
C MET E 612 -2.45 27.71 61.85
N SER E 613 -2.85 27.16 62.99
CA SER E 613 -1.92 26.60 63.96
C SER E 613 -1.72 25.11 63.70
N LEU E 614 -0.67 24.55 64.32
CA LEU E 614 -0.33 23.16 64.08
C LEU E 614 -1.46 22.21 64.50
N GLY E 615 -2.30 22.64 65.43
CA GLY E 615 -3.42 21.82 65.86
C GLY E 615 -4.62 21.84 64.95
N GLY E 616 -4.58 22.63 63.87
CA GLY E 616 -5.68 22.70 62.94
C GLY E 616 -6.67 23.82 63.17
N SER E 617 -6.33 24.79 64.01
CA SER E 617 -7.22 25.92 64.26
C SER E 617 -6.85 27.09 63.34
N VAL E 618 -7.88 27.77 62.85
CA VAL E 618 -7.70 28.91 61.95
C VAL E 618 -7.80 30.20 62.75
N THR E 619 -6.97 31.18 62.39
CA THR E 619 -6.93 32.47 63.05
C THR E 619 -7.60 33.53 62.19
N PRO E 620 -8.19 34.56 62.80
CA PRO E 620 -8.89 35.59 62.02
C PRO E 620 -7.93 36.39 61.16
N VAL E 621 -8.45 36.87 60.02
CA VAL E 621 -7.65 37.71 59.13
C VAL E 621 -7.69 39.14 59.65
N GLU E 622 -6.53 39.66 60.02
CA GLU E 622 -6.46 41.01 60.54
C GLU E 622 -6.62 42.04 59.43
N SER E 623 -7.25 43.17 59.75
CA SER E 623 -7.54 44.24 58.79
C SER E 623 -8.28 43.68 57.58
N ILE E 624 -9.46 43.10 57.85
CA ILE E 624 -10.20 42.40 56.80
C ILE E 624 -10.60 43.36 55.69
N ALA E 625 -11.06 44.57 56.06
CA ALA E 625 -11.46 45.54 55.04
C ALA E 625 -10.28 45.98 54.19
N GLU E 626 -9.14 46.27 54.83
CA GLU E 626 -7.97 46.69 54.08
C GLU E 626 -7.41 45.57 53.22
N CYS E 627 -7.40 44.33 53.74
CA CYS E 627 -6.94 43.20 52.95
C CYS E 627 -7.83 42.97 51.75
N LEU E 628 -9.15 43.09 51.93
CA LEU E 628 -10.06 42.95 50.80
C LEU E 628 -9.89 44.09 49.79
N GLN E 629 -9.60 45.30 50.28
CA GLN E 629 -9.31 46.40 49.36
C GLN E 629 -8.05 46.10 48.55
N VAL E 630 -7.04 45.52 49.20
CA VAL E 630 -5.82 45.11 48.48
C VAL E 630 -6.16 44.07 47.43
N ALA E 631 -7.01 43.10 47.78
CA ALA E 631 -7.41 42.08 46.80
C ALA E 631 -8.13 42.71 45.62
N PHE E 632 -9.03 43.67 45.89
CA PHE E 632 -9.75 44.33 44.81
C PHE E 632 -8.81 45.12 43.92
N ASP E 633 -7.85 45.82 44.51
CA ASP E 633 -6.93 46.64 43.72
C ASP E 633 -6.01 45.76 42.87
N ALA E 634 -5.68 44.57 43.35
CA ALA E 634 -4.85 43.64 42.59
C ALA E 634 -5.62 42.93 41.48
N GLY E 635 -6.95 43.01 41.49
CA GLY E 635 -7.75 42.37 40.46
C GLY E 635 -8.30 41.02 40.81
N ALA E 636 -8.08 40.54 42.04
CA ALA E 636 -8.62 39.25 42.45
C ALA E 636 -10.14 39.34 42.60
N LYS E 637 -10.82 38.23 42.26
CA LYS E 637 -12.27 38.19 42.29
C LYS E 637 -12.85 37.28 43.36
N LYS E 638 -12.07 36.33 43.87
CA LYS E 638 -12.56 35.34 44.82
C LYS E 638 -11.65 35.31 46.04
N VAL E 639 -12.25 35.13 47.21
CA VAL E 639 -11.52 35.15 48.48
C VAL E 639 -12.01 34.00 49.35
N ALA E 640 -11.09 33.42 50.12
CA ALA E 640 -11.40 32.37 51.09
C ALA E 640 -11.28 32.96 52.50
N LEU E 641 -12.32 32.78 53.31
CA LEU E 641 -12.37 33.39 54.62
C LEU E 641 -12.92 32.43 55.66
N PRO E 642 -12.48 32.52 56.91
CA PRO E 642 -13.11 31.71 57.97
C PRO E 642 -14.33 32.40 58.53
N MET E 643 -15.14 31.64 59.27
CA MET E 643 -16.31 32.22 59.92
C MET E 643 -15.91 33.15 61.06
N SER E 644 -14.72 32.95 61.64
CA SER E 644 -14.26 33.80 62.72
C SER E 644 -14.10 35.25 62.28
N SER E 645 -13.58 35.47 61.08
CA SER E 645 -13.55 36.82 60.51
C SER E 645 -14.86 37.21 59.85
N ALA E 646 -15.81 36.27 59.75
CA ALA E 646 -17.12 36.61 59.20
C ALA E 646 -17.85 37.60 60.08
N ALA E 647 -17.56 37.61 61.39
CA ALA E 647 -18.12 38.61 62.27
C ALA E 647 -17.67 40.01 61.87
N ASP E 648 -16.56 40.13 61.15
CA ASP E 648 -16.08 41.39 60.63
C ASP E 648 -16.63 41.72 59.25
N ILE E 649 -17.51 40.88 58.70
CA ILE E 649 -18.13 41.19 57.41
C ILE E 649 -18.89 42.51 57.41
N PRO E 650 -19.80 42.79 58.37
CA PRO E 650 -20.46 44.10 58.35
C PRO E 650 -19.52 45.26 58.60
N THR E 651 -18.36 45.02 59.23
CA THR E 651 -17.36 46.05 59.38
C THR E 651 -16.71 46.45 58.07
N ILE E 652 -16.89 45.66 57.02
CA ILE E 652 -16.37 45.97 55.69
C ILE E 652 -17.41 46.81 54.95
N PRO E 653 -17.01 47.77 54.13
CA PRO E 653 -17.98 48.44 53.25
C PRO E 653 -18.71 47.43 52.39
N VAL E 654 -20.02 47.63 52.23
CA VAL E 654 -20.84 46.67 51.51
C VAL E 654 -20.43 46.61 50.04
N GLU E 655 -20.21 47.77 49.41
CA GLU E 655 -19.87 47.80 47.99
C GLU E 655 -18.54 47.11 47.72
N LEU E 656 -17.59 47.23 48.64
CA LEU E 656 -16.31 46.53 48.48
C LEU E 656 -16.51 45.01 48.51
N PHE E 657 -17.35 44.52 49.44
CA PHE E 657 -17.51 43.09 49.59
C PHE E 657 -18.40 42.50 48.49
N THR E 658 -19.20 43.35 47.84
CA THR E 658 -20.06 42.88 46.76
C THR E 658 -19.28 42.33 45.57
N LYS E 659 -18.04 42.79 45.36
CA LYS E 659 -17.25 42.37 44.21
C LYS E 659 -16.55 41.03 44.43
N PHE E 660 -16.63 40.46 45.63
CA PHE E 660 -15.88 39.26 45.97
C PHE E 660 -16.79 38.06 46.13
N GLN E 661 -16.44 36.98 45.45
CA GLN E 661 -17.16 35.70 45.54
C GLN E 661 -16.54 34.92 46.69
N THR E 662 -17.00 35.18 47.91
CA THR E 662 -16.29 34.75 49.12
C THR E 662 -16.66 33.33 49.51
N SER E 663 -15.64 32.47 49.61
CA SER E 663 -15.79 31.08 50.00
C SER E 663 -15.36 30.94 51.46
N PHE E 664 -16.22 30.34 52.27
CA PHE E 664 -15.91 30.14 53.69
C PHE E 664 -15.51 28.70 53.95
N TYR E 665 -14.68 28.51 54.98
CA TYR E 665 -14.16 27.19 55.33
C TYR E 665 -14.22 26.98 56.83
N ALA E 666 -14.24 25.72 57.25
CA ALA E 666 -14.30 25.38 58.66
C ALA E 666 -12.92 25.07 59.25
N ASP E 667 -12.10 24.31 58.54
CA ASP E 667 -10.75 23.98 59.02
C ASP E 667 -9.80 24.17 57.86
N PRO E 668 -8.48 24.13 58.11
CA PRO E 668 -7.53 24.28 57.00
C PRO E 668 -7.73 23.26 55.88
N VAL E 669 -8.18 22.05 56.21
CA VAL E 669 -8.50 21.07 55.17
C VAL E 669 -9.67 21.57 54.32
N ASP E 670 -10.69 22.14 54.96
CA ASP E 670 -11.81 22.70 54.20
C ASP E 670 -11.36 23.92 53.40
N ALA E 671 -10.42 24.70 53.93
CA ALA E 671 -9.86 25.80 53.17
C ALA E 671 -9.15 25.29 51.92
N VAL E 672 -8.41 24.19 52.06
CA VAL E 672 -7.76 23.57 50.90
C VAL E 672 -8.81 23.14 49.88
N PHE E 673 -9.88 22.50 50.35
CA PHE E 673 -10.90 22.02 49.42
C PHE E 673 -11.62 23.17 48.72
N LYS E 674 -11.85 24.27 49.45
CA LYS E 674 -12.46 25.44 48.82
C LYS E 674 -11.53 26.08 47.80
N GLY E 675 -10.24 26.15 48.11
CA GLY E 675 -9.28 26.69 47.15
C GLY E 675 -9.16 25.83 45.90
N LEU E 676 -9.24 24.51 46.08
CA LEU E 676 -9.17 23.58 44.96
C LEU E 676 -10.44 23.55 44.12
N GLY E 677 -11.55 24.08 44.65
CA GLY E 677 -12.81 24.06 43.93
C GLY E 677 -13.62 22.81 44.18
N GLU F 2 38.14 24.89 69.95
CA GLU F 2 37.77 25.55 68.71
C GLU F 2 38.81 26.59 68.33
N SER F 3 38.59 27.84 68.76
CA SER F 3 39.53 28.91 68.45
C SER F 3 40.91 28.67 69.06
N ALA F 4 40.98 27.98 70.21
CA ALA F 4 42.27 27.64 70.78
C ALA F 4 43.04 26.69 69.88
N ASN F 5 42.37 25.68 69.34
CA ASN F 5 43.02 24.76 68.42
C ASN F 5 43.45 25.47 67.14
N ASP F 6 42.58 26.32 66.61
CA ASP F 6 42.89 27.08 65.41
C ASP F 6 44.12 27.95 65.64
N LYS F 7 44.19 28.57 66.82
CA LYS F 7 45.33 29.39 67.19
C LYS F 7 46.59 28.53 67.30
N GLU F 8 46.46 27.32 67.85
CA GLU F 8 47.61 26.44 67.94
C GLU F 8 48.16 26.11 66.56
N LEU F 9 47.28 25.75 65.63
CA LEU F 9 47.71 25.55 64.24
C LEU F 9 48.32 26.82 63.67
N ASP F 10 47.75 27.98 63.98
CA ASP F 10 48.26 29.23 63.41
C ASP F 10 49.68 29.52 63.87
N GLN F 11 49.94 29.38 65.18
CA GLN F 11 51.30 29.61 65.67
C GLN F 11 52.26 28.53 65.20
N LEU F 12 51.80 27.28 65.06
CA LEU F 12 52.67 26.26 64.49
C LEU F 12 53.04 26.62 63.05
N LEU F 13 52.08 27.10 62.28
CA LEU F 13 52.35 27.57 60.93
C LEU F 13 53.37 28.70 60.95
N ASN F 14 53.11 29.73 61.74
CA ASN F 14 53.97 30.91 61.73
C ASN F 14 55.32 30.61 62.36
N GLU F 15 55.45 29.45 63.00
CA GLU F 15 56.73 28.94 63.46
C GLU F 15 57.47 28.13 62.41
N HIS F 16 56.74 27.44 61.52
CA HIS F 16 57.38 26.64 60.50
C HIS F 16 57.01 27.02 59.07
N PHE F 17 55.84 27.64 58.86
CA PHE F 17 55.43 28.05 57.52
C PHE F 17 55.05 29.53 57.48
N ALA F 18 55.83 30.41 58.10
CA ALA F 18 55.41 31.80 58.28
C ALA F 18 55.31 32.56 56.98
N GLY F 19 56.33 32.47 56.13
CA GLY F 19 56.37 33.27 54.92
C GLY F 19 55.60 32.66 53.77
N ARG F 20 54.78 31.66 54.07
CA ARG F 20 54.09 30.93 53.02
C ARG F 20 52.64 30.65 53.39
N VAL F 21 52.16 31.23 54.49
CA VAL F 21 50.78 31.06 54.91
C VAL F 21 50.04 32.37 54.67
N VAL F 22 48.72 32.29 54.47
CA VAL F 22 47.91 33.47 54.22
C VAL F 22 46.47 33.16 54.59
N ARG F 23 45.72 34.17 55.04
CA ARG F 23 44.32 33.95 55.35
C ARG F 23 43.50 34.03 54.07
N LYS F 24 42.69 32.98 53.83
CA LYS F 24 42.23 32.60 52.49
C LYS F 24 41.12 33.47 51.93
N ASP F 25 40.81 34.60 52.54
CA ASP F 25 39.82 35.49 51.93
C ASP F 25 40.38 36.83 51.51
N LEU F 26 41.62 37.16 51.86
CA LEU F 26 42.22 38.40 51.39
C LEU F 26 42.37 38.41 49.87
N THR F 27 42.88 37.31 49.31
CA THR F 27 43.00 37.21 47.86
C THR F 27 41.63 37.27 47.20
N LYS F 28 40.65 36.56 47.76
CA LYS F 28 39.29 36.64 47.24
C LYS F 28 38.75 38.06 47.33
N LEU F 29 39.26 38.85 48.27
CA LEU F 29 38.90 40.26 48.37
C LEU F 29 39.60 41.10 47.32
N ILE F 30 40.77 40.67 46.84
CA ILE F 30 41.50 41.41 45.82
C ILE F 30 41.33 40.82 44.43
N LYS F 31 41.12 39.51 44.30
CA LYS F 31 41.07 38.83 43.01
C LYS F 31 39.72 39.13 42.34
N GLU F 32 39.59 40.36 41.84
CA GLU F 32 38.44 40.71 41.02
C GLU F 32 38.87 41.10 39.61
N GLY F 33 39.80 42.04 39.52
CA GLY F 33 40.29 42.50 38.23
C GLY F 33 41.80 42.58 38.22
N ALA F 34 42.43 41.63 38.91
CA ALA F 34 43.89 41.61 39.03
C ALA F 34 44.55 41.38 37.68
N ASN F 35 45.82 41.74 37.56
CA ASN F 35 46.57 41.68 36.32
C ASN F 35 47.81 40.81 36.43
N VAL F 36 47.97 40.12 37.56
CA VAL F 36 49.08 39.20 37.77
C VAL F 36 48.49 37.91 38.35
N PRO F 37 49.18 36.77 38.26
CA PRO F 37 48.59 35.52 38.73
C PRO F 37 48.23 35.57 40.20
N VAL F 38 47.37 34.64 40.62
CA VAL F 38 46.81 34.62 41.97
C VAL F 38 47.90 34.41 43.00
N TYR F 39 48.80 33.45 42.74
CA TYR F 39 49.86 33.16 43.71
C TYR F 39 50.77 34.36 43.92
N VAL F 40 50.87 35.26 42.94
CA VAL F 40 51.54 36.53 43.16
C VAL F 40 50.85 37.30 44.28
N LEU F 41 49.52 37.40 44.22
CA LEU F 41 48.78 38.07 45.27
C LEU F 41 48.98 37.37 46.61
N GLU F 42 48.96 36.04 46.60
CA GLU F 42 49.11 35.29 47.84
C GLU F 42 50.47 35.56 48.48
N TYR F 43 51.55 35.52 47.70
CA TYR F 43 52.87 35.77 48.27
C TYR F 43 53.00 37.21 48.73
N LEU F 44 52.44 38.16 47.98
CA LEU F 44 52.49 39.54 48.42
C LEU F 44 51.77 39.73 49.75
N LEU F 45 50.59 39.14 49.88
CA LEU F 45 49.84 39.28 51.14
C LEU F 45 50.57 38.58 52.28
N GLY F 46 51.18 37.43 52.02
CA GLY F 46 51.96 36.77 53.05
C GLY F 46 53.15 37.58 53.50
N MET F 47 53.86 38.21 52.57
CA MET F 47 55.06 38.96 52.90
C MET F 47 54.76 40.32 53.53
N TYR F 48 53.66 40.98 53.14
CA TYR F 48 53.35 42.31 53.64
C TYR F 48 52.48 42.32 54.88
N CYS F 49 52.14 41.15 55.42
CA CYS F 49 51.32 41.06 56.62
C CYS F 49 52.19 40.71 57.82
N ALA F 50 51.92 41.37 58.94
CA ALA F 50 52.64 41.13 60.19
C ALA F 50 51.89 40.25 61.16
N SER F 51 50.62 40.55 61.43
CA SER F 51 49.83 39.76 62.39
C SER F 51 48.36 39.77 62.02
N ASP F 52 47.50 39.36 62.95
CA ASP F 52 46.06 39.29 62.73
C ASP F 52 45.35 40.56 63.16
N ASP F 53 46.07 41.59 63.57
CA ASP F 53 45.44 42.84 63.95
C ASP F 53 44.78 43.47 62.73
N PRO F 54 43.46 43.76 62.78
CA PRO F 54 42.72 44.11 61.56
C PRO F 54 43.29 45.29 60.77
N GLU F 55 43.70 46.37 61.45
CA GLU F 55 44.19 47.53 60.72
C GLU F 55 45.53 47.23 60.03
N ILE F 56 46.35 46.38 60.64
CA ILE F 56 47.59 45.95 60.01
C ILE F 56 47.24 45.27 58.69
N ILE F 57 46.24 44.41 58.72
CA ILE F 57 45.79 43.72 57.51
C ILE F 57 45.30 44.73 56.47
N GLU F 58 44.50 45.71 56.90
CA GLU F 58 43.93 46.66 55.96
C GLU F 58 45.03 47.48 55.27
N GLN F 59 46.00 47.97 56.04
CA GLN F 59 47.10 48.71 55.44
C GLN F 59 47.99 47.80 54.61
N GLY F 60 48.07 46.51 54.96
CA GLY F 60 48.79 45.59 54.11
C GLY F 60 48.15 45.45 52.74
N LEU F 61 46.82 45.31 52.71
CA LEU F 61 46.11 45.28 51.43
C LEU F 61 46.31 46.57 50.65
N ARG F 62 46.25 47.71 51.34
CA ARG F 62 46.47 48.99 50.67
C ARG F 62 47.86 49.04 50.06
N ASN F 63 48.87 48.62 50.80
CA ASN F 63 50.25 48.65 50.30
C ASN F 63 50.43 47.70 49.13
N VAL F 64 49.84 46.51 49.21
CA VAL F 64 49.94 45.57 48.10
C VAL F 64 49.32 46.15 46.84
N LYS F 65 48.13 46.74 46.98
CA LYS F 65 47.47 47.34 45.82
C LYS F 65 48.30 48.47 45.25
N THR F 66 48.87 49.32 46.12
CA THR F 66 49.68 50.44 45.65
C THR F 66 50.91 49.95 44.91
N VAL F 67 51.60 48.96 45.46
CA VAL F 67 52.81 48.44 44.83
C VAL F 67 52.48 47.82 43.48
N LEU F 68 51.40 47.04 43.42
CA LEU F 68 51.06 46.39 42.15
C LEU F 68 50.59 47.40 41.12
N ALA F 69 49.95 48.48 41.55
CA ALA F 69 49.38 49.42 40.58
C ALA F 69 50.45 50.33 39.97
N GLU F 70 51.45 50.74 40.74
CA GLU F 70 52.40 51.74 40.30
C GLU F 70 53.47 51.21 39.35
N ASN F 71 53.63 49.89 39.27
CA ASN F 71 54.80 49.37 38.57
C ASN F 71 54.46 48.37 37.47
N TYR F 72 53.17 48.12 37.23
CA TYR F 72 52.81 47.29 36.08
C TYR F 72 53.19 48.00 34.79
N VAL F 73 53.54 47.23 33.76
CA VAL F 73 54.16 47.80 32.57
C VAL F 73 53.22 47.84 31.37
N ARG F 74 52.08 47.13 31.43
CA ARG F 74 51.10 47.16 30.35
C ARG F 74 51.74 46.84 29.00
N PRO F 75 51.95 45.55 28.69
CA PRO F 75 52.91 45.12 27.66
C PRO F 75 53.12 46.06 26.48
N ASP F 76 52.02 46.57 25.90
CA ASP F 76 52.12 47.48 24.77
C ASP F 76 52.89 48.76 25.12
N GLU F 77 52.82 49.17 26.39
CA GLU F 77 53.50 50.39 26.84
C GLU F 77 54.97 50.09 27.13
N ALA F 78 55.34 48.82 27.06
CA ALA F 78 56.67 48.38 27.52
C ALA F 78 57.78 49.20 26.89
N GLU F 79 57.69 49.46 25.58
CA GLU F 79 58.70 50.23 24.89
C GLU F 79 58.98 51.55 25.59
N LYS F 80 57.94 52.31 25.90
CA LYS F 80 58.12 53.57 26.62
C LYS F 80 58.94 53.37 27.88
N VAL F 81 58.59 52.36 28.67
CA VAL F 81 59.30 52.13 29.93
C VAL F 81 60.78 51.93 29.66
N LYS F 82 61.12 51.22 28.58
CA LYS F 82 62.52 51.00 28.26
C LYS F 82 63.24 52.32 28.06
N SER F 83 62.62 53.26 27.33
CA SER F 83 63.20 54.59 27.20
C SER F 83 63.32 55.26 28.55
N LEU F 84 62.31 55.10 29.40
CA LEU F 84 62.38 55.66 30.76
C LEU F 84 63.61 55.14 31.49
N VAL F 85 64.02 53.91 31.20
CA VAL F 85 65.20 53.35 31.85
C VAL F 85 66.43 54.13 31.44
N ARG F 86 66.49 54.55 30.18
CA ARG F 86 67.62 55.35 29.69
C ARG F 86 67.68 56.69 30.41
N GLU F 87 66.57 57.44 30.40
CA GLU F 87 66.59 58.80 30.92
C GLU F 87 66.81 58.84 32.43
N ARG F 88 66.05 58.06 33.18
CA ARG F 88 66.13 58.07 34.63
C ARG F 88 67.38 57.38 35.17
N GLY F 89 68.07 56.59 34.36
CA GLY F 89 69.23 55.87 34.82
C GLY F 89 68.89 54.52 35.42
N SER F 90 67.75 54.45 36.09
CA SER F 90 67.26 53.20 36.67
C SER F 90 65.76 53.29 36.84
N TYR F 91 65.09 52.14 36.80
CA TYR F 91 63.64 52.13 36.88
C TYR F 91 63.14 50.81 37.43
N LYS F 92 62.11 50.88 38.28
CA LYS F 92 61.50 49.69 38.87
C LYS F 92 60.38 49.19 37.97
N VAL F 93 60.32 47.88 37.77
CA VAL F 93 59.27 47.26 36.98
C VAL F 93 58.83 45.96 37.62
N ILE F 94 57.60 45.56 37.32
CA ILE F 94 57.05 44.26 37.70
C ILE F 94 57.05 43.42 36.45
N ASP F 95 57.74 42.28 36.47
CA ASP F 95 57.77 41.45 35.26
C ASP F 95 58.18 40.03 35.62
N ARG F 96 57.87 39.11 34.70
CA ARG F 96 58.30 37.73 34.82
C ARG F 96 59.68 37.57 34.18
N VAL F 97 60.65 37.14 34.97
CA VAL F 97 62.03 37.04 34.54
C VAL F 97 62.40 35.57 34.42
N THR F 98 63.06 35.21 33.32
CA THR F 98 63.70 33.92 33.18
C THR F 98 65.19 34.14 32.92
N VAL F 99 66.02 33.22 33.37
CA VAL F 99 67.46 33.40 33.26
C VAL F 99 68.06 32.22 32.51
N LYS F 100 68.95 32.52 31.57
CA LYS F 100 69.67 31.50 30.81
C LYS F 100 71.15 31.82 30.78
N LEU F 101 71.96 30.78 30.68
CA LEU F 101 73.41 30.94 30.64
C LEU F 101 73.88 31.01 29.19
N ASN F 102 74.51 32.13 28.82
CA ASN F 102 75.15 32.25 27.51
C ASN F 102 76.61 31.88 27.69
N GLU F 103 76.95 30.66 27.26
CA GLU F 103 78.31 30.17 27.42
C GLU F 103 79.27 30.82 26.44
N ARG F 104 78.79 31.21 25.25
CA ARG F 104 79.64 31.91 24.31
C ARG F 104 80.15 33.22 24.88
N LYS F 105 79.35 33.87 25.73
CA LYS F 105 79.78 35.03 26.49
C LYS F 105 80.04 34.70 27.95
N ASP F 106 79.63 33.52 28.41
CA ASP F 106 79.77 33.10 29.79
C ASP F 106 79.16 34.12 30.74
N LYS F 107 77.90 34.47 30.48
CA LYS F 107 77.21 35.41 31.33
C LYS F 107 75.76 35.00 31.46
N TYR F 108 75.14 35.42 32.55
CA TYR F 108 73.73 35.14 32.79
C TYR F 108 72.87 36.23 32.17
N GLU F 109 72.00 35.82 31.26
CA GLU F 109 71.12 36.74 30.55
C GLU F 109 69.70 36.48 31.04
N ALA F 110 69.08 37.52 31.59
CA ALA F 110 67.69 37.48 32.00
C ALA F 110 66.83 38.07 30.89
N SER F 111 65.79 37.33 30.53
CA SER F 111 64.78 37.79 29.60
C SER F 111 63.54 38.14 30.41
N PHE F 112 63.02 39.34 30.17
CA PHE F 112 61.77 39.80 30.76
C PHE F 112 60.65 39.40 29.81
N SER F 113 59.81 38.46 30.24
CA SER F 113 58.80 37.90 29.34
C SER F 113 57.84 38.97 28.87
N ASN F 114 57.49 39.92 29.75
CA ASN F 114 56.46 40.88 29.40
C ASN F 114 57.05 42.17 28.85
N LEU F 115 58.27 42.53 29.27
CA LEU F 115 58.86 43.79 28.83
C LEU F 115 59.45 43.69 27.42
N GLY F 116 59.71 42.49 26.92
CA GLY F 116 60.25 42.33 25.59
C GLY F 116 61.75 42.22 25.50
N ILE F 117 62.48 42.51 26.58
CA ILE F 117 63.93 42.33 26.57
C ILE F 117 64.25 40.85 26.72
N LYS F 118 65.24 40.38 25.95
CA LYS F 118 65.61 38.97 25.98
C LYS F 118 67.05 38.72 26.41
N ASP F 119 67.88 39.75 26.54
CA ASP F 119 69.28 39.53 26.87
C ASP F 119 69.83 40.51 27.89
N ALA F 120 69.08 40.84 28.94
CA ALA F 120 69.60 41.77 29.93
C ALA F 120 70.64 41.09 30.81
N GLU F 121 71.79 41.72 30.98
CA GLU F 121 72.82 41.14 31.83
C GLU F 121 72.34 41.09 33.28
N ILE F 122 72.59 39.97 33.96
CA ILE F 122 72.26 39.85 35.38
C ILE F 122 73.44 39.23 36.10
N SER F 123 73.65 39.68 37.34
CA SER F 123 74.80 39.22 38.12
C SER F 123 74.63 37.77 38.56
N ALA F 124 75.76 37.13 38.87
CA ALA F 124 75.73 35.73 39.28
C ALA F 124 75.23 35.56 40.70
N GLY F 125 75.51 36.53 41.58
CA GLY F 125 75.06 36.41 42.95
C GLY F 125 73.55 36.35 43.06
N ILE F 126 72.86 37.17 42.28
CA ILE F 126 71.40 37.19 42.33
C ILE F 126 70.83 35.85 41.87
N VAL F 127 71.36 35.31 40.78
CA VAL F 127 70.81 34.06 40.26
C VAL F 127 71.14 32.90 41.20
N LYS F 128 72.28 32.98 41.90
CA LYS F 128 72.55 31.98 42.94
C LYS F 128 71.57 32.10 44.09
N GLU F 129 71.19 33.33 44.44
CA GLU F 129 70.32 33.53 45.60
C GLU F 129 68.91 33.01 45.34
N TYR F 130 68.36 33.28 44.15
CA TYR F 130 67.00 32.89 43.81
C TYR F 130 67.08 31.86 42.67
N GLU F 131 66.98 30.58 43.04
CA GLU F 131 67.19 29.52 42.07
C GLU F 131 66.09 29.47 41.00
N LYS F 132 64.82 29.66 41.39
CA LYS F 132 63.73 29.37 40.48
C LYS F 132 63.76 30.23 39.22
N LEU F 133 64.62 31.24 39.18
CA LEU F 133 64.82 32.00 37.96
C LEU F 133 65.21 31.11 36.80
N LEU F 134 66.02 30.07 37.06
CA LEU F 134 66.57 29.23 36.02
C LEU F 134 65.63 28.13 35.56
N VAL F 135 64.55 27.85 36.29
CA VAL F 135 63.66 26.75 35.96
C VAL F 135 62.49 27.19 35.09
N GLY F 136 61.64 28.09 35.56
CA GLY F 136 60.48 28.49 34.78
C GLY F 136 60.27 29.99 34.76
N GLY F 137 61.14 30.73 35.43
CA GLY F 137 60.98 32.17 35.50
C GLY F 137 59.96 32.57 36.54
N ILE F 138 60.24 33.62 37.30
CA ILE F 138 59.38 34.03 38.40
C ILE F 138 58.99 35.49 38.24
N TRP F 139 57.84 35.84 38.82
CA TRP F 139 57.40 37.23 38.85
C TRP F 139 58.22 38.00 39.88
N VAL F 140 58.82 39.10 39.46
CA VAL F 140 59.74 39.84 40.31
C VAL F 140 59.55 41.34 40.12
N ILE F 141 59.93 42.09 41.15
CA ILE F 141 60.12 43.53 41.04
C ILE F 141 61.63 43.76 40.85
N ALA F 142 61.96 44.40 39.73
CA ALA F 142 63.35 44.52 39.28
C ALA F 142 63.69 45.97 39.04
N THR F 143 64.90 46.36 39.44
CA THR F 143 65.40 47.70 39.19
C THR F 143 66.34 47.65 38.00
N LEU F 144 65.82 47.89 36.81
CA LEU F 144 66.62 47.91 35.60
C LEU F 144 67.55 49.12 35.61
N SER F 145 68.82 48.86 35.29
CA SER F 145 69.83 49.89 35.15
C SER F 145 70.42 49.84 33.76
N TYR F 146 70.44 50.98 33.08
CA TYR F 146 70.84 51.06 31.68
C TYR F 146 72.18 51.79 31.61
N TYR F 147 73.14 51.19 30.93
CA TYR F 147 74.47 51.77 30.80
C TYR F 147 75.06 51.31 29.47
N PHE F 148 75.44 52.25 28.62
CA PHE F 148 75.90 51.96 27.27
C PHE F 148 77.34 52.39 27.12
N GLU F 149 78.14 51.56 26.45
CA GLU F 149 79.47 51.91 26.01
C GLU F 149 79.60 51.63 24.52
N GLU F 150 80.10 52.62 23.78
CA GLU F 150 80.22 52.48 22.34
C GLU F 150 81.16 51.33 22.00
N GLY F 151 80.73 50.48 21.06
CA GLY F 151 81.51 49.34 20.64
C GLY F 151 81.35 48.10 21.49
N GLN F 152 80.61 48.18 22.58
CA GLN F 152 80.39 47.00 23.42
C GLN F 152 79.45 46.03 22.71
N THR F 153 79.50 44.77 23.12
CA THR F 153 78.66 43.73 22.53
C THR F 153 77.54 43.26 23.45
N SER F 154 77.69 43.43 24.75
CA SER F 154 76.65 43.06 25.69
C SER F 154 75.50 44.05 25.64
N SER F 155 74.30 43.58 25.96
CA SER F 155 73.15 44.46 25.97
C SER F 155 73.30 45.47 27.10
N PRO F 156 72.99 46.75 26.85
CA PRO F 156 73.19 47.77 27.88
C PRO F 156 72.32 47.61 29.11
N PHE F 157 71.21 46.89 29.02
CA PHE F 157 70.26 46.79 30.11
C PHE F 157 70.72 45.74 31.12
N GLY F 158 70.78 46.12 32.39
CA GLY F 158 71.18 45.22 33.44
C GLY F 158 70.20 45.27 34.60
N VAL F 159 70.24 44.22 35.41
CA VAL F 159 69.40 44.09 36.59
C VAL F 159 70.25 44.39 37.80
N SER F 160 69.88 45.42 38.57
CA SER F 160 70.63 45.81 39.75
C SER F 160 70.06 45.20 41.03
N LEU F 161 68.80 45.45 41.32
CA LEU F 161 68.13 44.88 42.48
C LEU F 161 66.97 44.03 42.01
N LEU F 162 66.75 42.89 42.66
CA LEU F 162 65.75 41.94 42.23
C LEU F 162 65.08 41.34 43.44
N LYS F 163 63.78 41.55 43.59
CA LYS F 163 63.03 40.96 44.68
C LYS F 163 61.94 40.05 44.12
N PRO F 164 61.91 38.78 44.49
CA PRO F 164 60.85 37.89 44.00
C PRO F 164 59.50 38.32 44.53
N ILE F 165 58.46 38.07 43.75
CA ILE F 165 57.09 38.33 44.16
C ILE F 165 56.32 37.02 44.37
N GLN F 166 56.94 35.89 44.05
CA GLN F 166 56.35 34.58 44.31
C GLN F 166 57.41 33.71 44.94
N MET F 167 56.97 32.58 45.50
CA MET F 167 57.86 31.66 46.20
C MET F 167 59.06 31.33 45.34
N PRO F 168 60.25 31.77 45.73
CA PRO F 168 61.44 31.64 44.87
C PRO F 168 62.21 30.34 44.97
N ASN F 169 61.91 29.49 45.96
CA ASN F 169 62.59 28.20 46.08
C ASN F 169 61.92 27.31 47.11
N MET F 170 62.18 26.01 47.05
CA MET F 170 61.64 25.05 48.00
C MET F 170 62.74 24.49 48.89
N ASN F 171 62.49 24.50 50.20
CA ASN F 171 63.35 23.83 51.17
C ASN F 171 62.51 22.72 51.80
N MET F 172 62.71 21.49 51.32
CA MET F 172 61.87 20.38 51.76
C MET F 172 62.13 20.00 53.22
N ASP F 173 63.34 20.21 53.71
CA ASP F 173 63.64 19.85 55.10
C ASP F 173 62.80 20.66 56.06
N GLU F 174 62.64 21.95 55.79
CA GLU F 174 61.79 22.79 56.63
C GLU F 174 60.35 22.31 56.62
N LEU F 175 59.86 21.91 55.44
CA LEU F 175 58.52 21.38 55.32
C LEU F 175 58.35 20.08 56.13
N PHE F 176 59.33 19.19 56.03
CA PHE F 176 59.28 17.94 56.78
C PHE F 176 59.23 18.23 58.28
N SER F 177 60.08 19.15 58.75
CA SER F 177 60.09 19.49 60.17
C SER F 177 58.76 20.08 60.60
N GLY F 178 58.21 20.99 59.79
CA GLY F 178 56.95 21.61 60.11
C GLY F 178 55.81 20.62 60.19
N ARG F 179 55.75 19.70 59.22
CA ARG F 179 54.72 18.67 59.25
C ARG F 179 54.90 17.76 60.45
N ALA F 180 56.15 17.40 60.75
CA ALA F 180 56.41 16.58 61.94
C ALA F 180 56.00 17.30 63.21
N ALA F 181 55.97 18.63 63.18
CA ALA F 181 55.51 19.40 64.33
C ALA F 181 54.00 19.42 64.48
N LEU F 182 53.27 18.82 63.55
CA LEU F 182 51.81 18.79 63.61
C LEU F 182 51.30 17.36 63.55
N SER F 183 50.13 17.14 64.14
CA SER F 183 49.48 15.83 64.06
C SER F 183 48.83 15.65 62.70
N THR F 184 48.48 14.40 62.40
CA THR F 184 47.92 14.07 61.08
C THR F 184 46.57 14.75 60.88
N ASP F 185 45.75 14.84 61.93
CA ASP F 185 44.47 15.52 61.81
C ASP F 185 44.67 17.00 61.54
N GLN F 186 45.59 17.63 62.27
CA GLN F 186 45.92 19.02 62.00
C GLN F 186 46.44 19.21 60.58
N TRP F 187 47.28 18.28 60.13
CA TRP F 187 47.83 18.38 58.78
C TRP F 187 46.74 18.28 57.72
N ARG F 188 45.82 17.32 57.85
CA ARG F 188 44.77 17.19 56.85
C ARG F 188 43.84 18.40 56.90
N GLU F 189 43.58 18.94 58.10
CA GLU F 189 42.76 20.14 58.18
C GLU F 189 43.42 21.32 57.49
N SER F 190 44.73 21.48 57.68
CA SER F 190 45.45 22.56 57.00
C SER F 190 45.44 22.36 55.49
N LEU F 191 45.62 21.11 55.04
CA LEU F 191 45.62 20.85 53.61
C LEU F 191 44.25 21.13 52.99
N ILE F 192 43.18 20.81 53.72
CA ILE F 192 41.84 21.14 53.25
C ILE F 192 41.65 22.66 53.23
N ARG F 193 42.25 23.34 54.21
CA ARG F 193 42.23 24.81 54.19
C ARG F 193 42.96 25.37 52.99
N SER F 194 43.96 24.64 52.49
CA SER F 194 44.79 25.16 51.42
C SER F 194 43.99 25.41 50.14
N ILE F 195 43.01 24.57 49.85
CA ILE F 195 42.13 24.81 48.71
C ILE F 195 41.29 26.03 49.04
N GLY F 196 40.96 26.17 50.32
CA GLY F 196 40.02 27.17 50.78
C GLY F 196 38.79 26.60 51.44
N MET F 197 38.73 25.29 51.65
CA MET F 197 37.61 24.64 52.30
C MET F 197 37.80 24.68 53.82
N GLU F 198 36.68 24.63 54.54
CA GLU F 198 36.74 24.60 56.00
C GLU F 198 36.67 23.16 56.49
N PRO F 199 37.78 22.61 56.99
CA PRO F 199 37.77 21.20 57.41
C PRO F 199 36.80 20.92 58.56
N ALA F 200 36.64 21.87 59.48
CA ALA F 200 35.76 21.64 60.63
C ALA F 200 34.30 21.55 60.24
N SER F 201 33.93 22.07 59.06
CA SER F 201 32.56 22.04 58.60
C SER F 201 32.26 20.87 57.65
N LEU F 202 33.17 19.91 57.55
CA LEU F 202 32.99 18.76 56.67
C LEU F 202 33.18 17.48 57.46
N LYS F 203 32.53 16.41 57.00
CA LYS F 203 32.71 15.10 57.62
C LYS F 203 34.09 14.53 57.29
N GLU F 204 34.52 13.55 58.08
CA GLU F 204 35.84 12.96 57.89
C GLU F 204 35.96 12.27 56.53
N ASP F 205 34.93 11.51 56.15
CA ASP F 205 34.97 10.83 54.86
C ASP F 205 35.00 11.82 53.70
N VAL F 206 34.30 12.94 53.84
CA VAL F 206 34.38 13.98 52.82
C VAL F 206 35.78 14.55 52.75
N GLN F 207 36.44 14.70 53.90
CA GLN F 207 37.84 15.14 53.89
C GLN F 207 38.72 14.15 53.15
N TRP F 208 38.52 12.86 53.38
CA TRP F 208 39.33 11.87 52.68
C TRP F 208 39.04 11.86 51.19
N HIS F 209 37.79 12.11 50.80
CA HIS F 209 37.48 12.25 49.38
C HIS F 209 38.18 13.45 48.78
N LEU F 210 38.23 14.57 49.52
CA LEU F 210 38.95 15.73 49.03
C LEU F 210 40.44 15.43 48.88
N LEU F 211 41.01 14.66 49.81
CA LEU F 211 42.41 14.26 49.67
C LEU F 211 42.61 13.37 48.45
N ALA F 212 41.69 12.43 48.22
CA ALA F 212 41.74 11.66 46.98
C ALA F 212 41.73 12.57 45.77
N ARG F 213 40.99 13.68 45.86
CA ARG F 213 40.99 14.66 44.78
C ARG F 213 42.37 15.26 44.56
N MET F 214 43.13 15.47 45.64
CA MET F 214 44.52 15.89 45.53
C MET F 214 45.42 14.84 44.91
N VAL F 215 45.14 13.56 45.14
CA VAL F 215 46.05 12.48 44.79
C VAL F 215 46.61 12.55 43.36
N PRO F 216 45.82 12.85 42.32
CA PRO F 216 46.41 12.89 40.97
C PRO F 216 47.61 13.80 40.85
N PHE F 217 47.67 14.88 41.63
CA PHE F 217 48.82 15.79 41.56
C PHE F 217 50.08 15.17 42.13
N VAL F 218 49.97 14.17 42.98
CA VAL F 218 51.13 13.72 43.76
C VAL F 218 51.70 12.39 43.28
N GLU F 219 51.00 11.65 42.43
CA GLU F 219 51.47 10.36 41.95
C GLU F 219 51.57 10.35 40.44
N ASN F 220 52.68 9.82 39.92
CA ASN F 220 52.90 9.76 38.49
C ASN F 220 51.87 8.88 37.82
N ASN F 221 51.31 9.37 36.72
CA ASN F 221 50.45 8.58 35.85
C ASN F 221 49.31 7.91 36.63
N TYR F 222 48.48 8.73 37.24
CA TYR F 222 47.39 8.28 38.09
C TYR F 222 46.08 8.64 37.38
N ASN F 223 45.43 7.65 36.79
CA ASN F 223 44.15 7.87 36.14
C ASN F 223 43.02 7.68 37.15
N VAL F 224 42.11 8.64 37.22
CA VAL F 224 41.04 8.61 38.20
C VAL F 224 39.80 9.25 37.62
N CYS F 225 38.64 8.69 37.96
CA CYS F 225 37.38 9.22 37.48
C CYS F 225 36.47 9.60 38.64
N GLU F 226 35.87 10.78 38.55
CA GLU F 226 34.97 11.29 39.57
C GLU F 226 33.69 11.79 38.89
N LEU F 227 32.55 11.23 39.29
CA LEU F 227 31.25 11.68 38.80
C LEU F 227 30.42 12.12 40.00
N GLY F 228 29.75 13.27 39.86
CA GLY F 228 28.97 13.81 40.94
C GLY F 228 28.01 14.89 40.51
N PRO F 229 27.15 15.33 41.42
CA PRO F 229 26.17 16.36 41.09
C PRO F 229 26.82 17.72 40.86
N ARG F 230 26.07 18.59 40.18
CA ARG F 230 26.56 19.92 39.88
C ARG F 230 26.72 20.75 41.14
N GLY F 231 27.64 21.71 41.10
CA GLY F 231 27.84 22.60 42.22
C GLY F 231 28.56 22.00 43.39
N THR F 232 29.19 20.83 43.23
CA THR F 232 29.93 20.18 44.29
C THR F 232 31.40 20.58 44.31
N GLY F 233 31.78 21.62 43.56
CA GLY F 233 33.15 22.07 43.56
C GLY F 233 34.15 21.11 42.97
N LYS F 234 33.83 20.49 41.83
CA LYS F 234 34.74 19.53 41.23
C LYS F 234 35.86 20.23 40.46
N SER F 235 35.48 20.99 39.43
CA SER F 235 36.46 21.57 38.52
C SER F 235 37.26 22.71 39.13
N HIS F 236 36.89 23.18 40.33
CA HIS F 236 37.59 24.31 40.93
C HIS F 236 39.05 23.99 41.19
N ILE F 237 39.32 22.79 41.74
CA ILE F 237 40.69 22.47 42.13
C ILE F 237 41.57 22.29 40.90
N TYR F 238 41.00 21.82 39.80
CA TYR F 238 41.80 21.60 38.59
C TYR F 238 41.88 22.82 37.70
N LYS F 239 41.25 23.93 38.07
CA LYS F 239 41.29 25.14 37.28
C LYS F 239 41.92 26.33 38.00
N GLU F 240 41.76 26.42 39.32
CA GLU F 240 42.27 27.56 40.05
C GLU F 240 43.44 27.24 40.98
N CYS F 241 43.33 26.18 41.78
CA CYS F 241 44.24 25.92 42.87
C CYS F 241 45.51 25.19 42.46
N SER F 242 45.90 25.28 41.19
CA SER F 242 47.14 24.63 40.77
C SER F 242 47.62 25.23 39.46
N PRO F 243 48.83 25.79 39.42
CA PRO F 243 49.36 26.31 38.15
C PRO F 243 49.97 25.25 37.24
N ASN F 244 50.08 24.00 37.69
CA ASN F 244 50.65 22.94 36.87
C ASN F 244 49.64 21.86 36.51
N SER F 245 48.36 22.23 36.39
CA SER F 245 47.33 21.33 35.93
C SER F 245 46.41 22.06 34.96
N ILE F 246 45.87 21.34 34.00
CA ILE F 246 45.01 21.92 32.97
C ILE F 246 43.65 21.26 33.03
N LEU F 247 42.61 22.06 32.82
CA LEU F 247 41.24 21.57 32.73
C LEU F 247 40.79 21.66 31.29
N VAL F 248 40.85 20.55 30.57
CA VAL F 248 40.39 20.48 29.20
C VAL F 248 38.87 20.62 29.21
N SER F 249 38.39 21.74 28.70
CA SER F 249 36.99 22.09 28.63
C SER F 249 36.38 21.63 27.31
N GLY F 250 35.07 21.47 27.32
CA GLY F 250 34.32 21.19 26.11
C GLY F 250 34.49 19.79 25.56
N GLY F 251 35.54 19.07 25.96
CA GLY F 251 35.75 17.73 25.45
C GLY F 251 36.43 17.74 24.09
N GLN F 252 36.81 18.92 23.61
CA GLN F 252 37.41 19.05 22.29
C GLN F 252 38.84 18.54 22.43
N THR F 253 39.00 17.24 22.27
CA THR F 253 40.30 16.57 22.41
C THR F 253 40.54 15.68 21.21
N THR F 254 41.69 15.88 20.57
CA THR F 254 42.15 15.01 19.50
C THR F 254 43.56 14.53 19.82
N VAL F 255 43.88 13.33 19.34
CA VAL F 255 45.20 12.76 19.58
C VAL F 255 46.27 13.68 19.01
N ALA F 256 45.91 14.53 18.06
CA ALA F 256 46.88 15.47 17.50
C ALA F 256 47.39 16.44 18.55
N ASN F 257 46.47 17.10 19.26
CA ASN F 257 46.89 18.13 20.21
C ASN F 257 46.98 17.57 21.63
N LEU F 258 46.37 16.42 21.87
CA LEU F 258 46.45 15.83 23.21
C LEU F 258 47.70 14.99 23.38
N PHE F 259 48.05 14.18 22.38
CA PHE F 259 49.16 13.24 22.51
C PHE F 259 50.35 13.65 21.63
N TYR F 260 50.16 13.76 20.32
CA TYR F 260 51.29 14.01 19.43
C TYR F 260 50.77 14.51 18.09
N ASN F 261 51.16 15.73 17.72
CA ASN F 261 50.80 16.30 16.43
C ASN F 261 51.90 15.97 15.44
N MET F 262 51.61 15.06 14.50
CA MET F 262 52.64 14.56 13.61
C MET F 262 53.16 15.64 12.68
N SER F 263 52.32 16.62 12.33
CA SER F 263 52.77 17.68 11.44
C SER F 263 53.85 18.55 12.08
N SER F 264 53.60 19.04 13.30
CA SER F 264 54.55 19.90 13.98
C SER F 264 55.53 19.14 14.86
N ARG F 265 55.34 17.83 15.01
CA ARG F 265 56.29 16.97 15.71
C ARG F 265 56.49 17.39 17.17
N ARG F 266 55.44 17.92 17.77
CA ARG F 266 55.49 18.30 19.18
C ARG F 266 54.51 17.47 19.98
N ILE F 267 54.93 17.05 21.17
CA ILE F 267 54.10 16.23 22.03
C ILE F 267 52.91 17.04 22.52
N GLY F 268 51.80 16.36 22.79
CA GLY F 268 50.56 17.02 23.13
C GLY F 268 50.53 17.56 24.55
N LEU F 269 49.31 17.66 25.09
CA LEU F 269 49.12 18.20 26.43
C LEU F 269 49.79 17.33 27.48
N VAL F 270 49.72 16.01 27.30
CA VAL F 270 50.14 15.08 28.34
C VAL F 270 51.64 15.16 28.62
N GLY F 271 52.37 15.98 27.88
CA GLY F 271 53.80 16.05 28.08
C GLY F 271 54.30 17.01 29.13
N LEU F 272 53.65 18.17 29.30
CA LEU F 272 54.13 19.16 30.25
C LEU F 272 53.18 19.46 31.41
N TRP F 273 52.02 18.82 31.47
CA TRP F 273 51.09 19.03 32.57
C TRP F 273 51.12 17.86 33.52
N ASP F 274 51.07 18.17 34.82
CA ASP F 274 51.04 17.12 35.83
C ASP F 274 49.66 16.50 35.95
N VAL F 275 48.61 17.26 35.69
CA VAL F 275 47.25 16.74 35.74
C VAL F 275 46.48 17.28 34.54
N VAL F 276 45.82 16.40 33.82
CA VAL F 276 44.93 16.77 32.74
C VAL F 276 43.53 16.33 33.15
N ALA F 277 42.63 17.29 33.34
CA ALA F 277 41.29 17.00 33.82
C ALA F 277 40.29 17.23 32.71
N PHE F 278 39.63 16.15 32.27
CA PHE F 278 38.64 16.20 31.20
C PHE F 278 37.30 16.55 31.84
N ASP F 279 36.80 17.75 31.55
CA ASP F 279 35.45 18.03 32.06
C ASP F 279 34.41 17.51 31.07
N GLN F 280 33.15 17.51 31.50
CA GLN F 280 32.04 17.16 30.63
C GLN F 280 32.31 15.82 29.92
N VAL F 281 32.40 14.76 30.72
CA VAL F 281 32.76 13.45 30.18
C VAL F 281 31.74 13.01 29.13
N ALA F 282 30.49 13.46 29.27
CA ALA F 282 29.52 13.20 28.21
C ALA F 282 29.94 13.90 26.92
N GLY F 283 30.53 15.09 27.04
CA GLY F 283 30.89 15.87 25.87
C GLY F 283 32.19 15.47 25.20
N ILE F 284 33.01 14.63 25.83
CA ILE F 284 34.30 14.31 25.23
C ILE F 284 34.06 13.30 24.11
N SER F 285 34.61 13.58 22.94
CA SER F 285 34.48 12.71 21.78
C SER F 285 35.68 12.91 20.89
N PHE F 286 36.07 11.85 20.17
CA PHE F 286 37.30 11.86 19.39
C PHE F 286 36.96 11.90 17.91
N LYS F 287 37.44 12.93 17.22
CA LYS F 287 37.27 13.01 15.78
C LYS F 287 37.97 11.85 15.08
N ASP F 288 39.19 11.54 15.50
CA ASP F 288 39.91 10.36 15.02
C ASP F 288 39.45 9.14 15.83
N LYS F 289 39.48 7.97 15.19
CA LYS F 289 39.04 6.77 15.88
C LYS F 289 40.04 6.33 16.95
N ASP F 290 41.33 6.57 16.72
CA ASP F 290 42.39 6.05 17.57
C ASP F 290 42.33 6.57 19.00
N GLY F 291 41.52 7.58 19.27
CA GLY F 291 41.55 8.22 20.59
C GLY F 291 41.38 7.22 21.72
N VAL F 292 40.37 6.36 21.61
CA VAL F 292 40.15 5.38 22.67
C VAL F 292 41.29 4.39 22.75
N GLN F 293 41.78 3.92 21.60
CA GLN F 293 42.86 2.94 21.61
C GLN F 293 44.15 3.53 22.17
N ILE F 294 44.52 4.72 21.71
CA ILE F 294 45.75 5.34 22.18
C ILE F 294 45.63 5.66 23.66
N MET F 295 44.46 6.14 24.10
CA MET F 295 44.27 6.42 25.51
C MET F 295 44.35 5.15 26.35
N LYS F 296 43.80 4.04 25.85
CA LYS F 296 43.90 2.78 26.56
C LYS F 296 45.36 2.38 26.72
N ASP F 297 46.14 2.47 25.64
CA ASP F 297 47.54 2.08 25.73
C ASP F 297 48.33 3.01 26.65
N TYR F 298 48.05 4.32 26.58
CA TYR F 298 48.72 5.27 27.47
C TYR F 298 48.41 4.96 28.93
N MET F 299 47.14 4.84 29.27
CA MET F 299 46.78 4.57 30.66
C MET F 299 47.28 3.21 31.13
N ALA F 300 47.40 2.24 30.22
CA ALA F 300 47.88 0.93 30.62
C ALA F 300 49.39 0.93 30.88
N SER F 301 50.16 1.59 30.02
CA SER F 301 51.61 1.50 30.11
C SER F 301 52.31 2.80 30.45
N GLY F 302 51.70 3.94 30.20
CA GLY F 302 52.35 5.21 30.48
C GLY F 302 53.23 5.74 29.37
N SER F 303 53.43 4.96 28.31
CA SER F 303 54.20 5.40 27.16
C SER F 303 53.52 4.92 25.91
N PHE F 304 53.43 5.81 24.92
CA PHE F 304 52.69 5.49 23.70
C PHE F 304 53.56 5.76 22.49
N ALA F 305 53.42 4.92 21.47
CA ALA F 305 54.23 5.00 20.27
C ALA F 305 53.41 5.61 19.14
N ARG F 306 53.93 6.68 18.56
CA ARG F 306 53.24 7.38 17.48
C ARG F 306 54.28 8.11 16.67
N GLY F 307 54.01 8.35 15.39
CA GLY F 307 55.00 8.96 14.54
C GLY F 307 56.17 8.02 14.31
N ARG F 308 57.37 8.42 14.75
CA ARG F 308 58.55 7.59 14.61
C ARG F 308 59.19 7.22 15.95
N GLU F 309 58.49 7.40 17.05
CA GLU F 309 59.05 7.18 18.37
C GLU F 309 57.99 6.78 19.38
N GLN F 310 58.43 6.13 20.46
CA GLN F 310 57.65 5.99 21.68
C GLN F 310 57.95 7.18 22.58
N MET F 311 56.91 7.80 23.10
CA MET F 311 57.05 8.91 24.02
C MET F 311 56.54 8.52 25.39
N GLU F 312 57.23 8.99 26.42
CA GLU F 312 56.82 8.83 27.81
C GLU F 312 56.18 10.12 28.29
N ALA F 313 55.03 9.99 28.94
CA ALA F 313 54.35 11.14 29.50
C ALA F 313 53.92 10.80 30.92
N SER F 314 54.20 11.71 31.85
CA SER F 314 53.90 11.50 33.26
C SER F 314 52.61 12.19 33.69
N ALA F 315 51.84 12.73 32.77
CA ALA F 315 50.58 13.39 33.12
C ALA F 315 49.60 12.39 33.71
N SER F 316 48.97 12.78 34.81
CA SER F 316 47.90 11.99 35.39
C SER F 316 46.57 12.50 34.86
N MET F 317 45.71 11.58 34.43
CA MET F 317 44.48 11.94 33.75
C MET F 317 43.29 11.75 34.70
N VAL F 318 42.50 12.81 34.84
CA VAL F 318 41.32 12.83 35.69
C VAL F 318 40.12 13.06 34.79
N PHE F 319 39.05 12.31 35.01
CA PHE F 319 37.81 12.44 34.25
C PHE F 319 36.71 12.89 35.19
N VAL F 320 36.29 14.15 35.07
CA VAL F 320 35.28 14.71 35.96
C VAL F 320 33.96 14.82 35.20
N GLY F 321 32.89 14.33 35.81
CA GLY F 321 31.61 14.27 35.14
C GLY F 321 30.45 14.55 36.07
N ASN F 322 29.32 14.89 35.47
CA ASN F 322 28.11 15.25 36.20
C ASN F 322 27.08 14.14 36.07
N ILE F 323 26.51 13.72 37.20
CA ILE F 323 25.45 12.73 37.23
C ILE F 323 24.14 13.46 37.52
N ASN F 324 23.11 13.18 36.71
CA ASN F 324 21.85 13.89 36.82
C ASN F 324 20.73 13.05 37.41
N GLN F 325 20.86 11.72 37.41
CA GLN F 325 19.88 10.84 38.02
C GLN F 325 20.31 10.48 39.43
N SER F 326 19.39 9.87 40.17
CA SER F 326 19.72 9.41 41.51
C SER F 326 20.67 8.22 41.43
N VAL F 327 21.54 8.11 42.45
CA VAL F 327 22.53 7.04 42.47
C VAL F 327 21.84 5.67 42.54
N GLU F 328 20.70 5.61 43.24
CA GLU F 328 19.95 4.36 43.31
C GLU F 328 19.43 3.95 41.94
N SER F 329 18.91 4.91 41.17
CA SER F 329 18.41 4.60 39.84
C SER F 329 19.53 4.04 38.97
N LEU F 330 20.72 4.63 39.06
CA LEU F 330 21.86 4.09 38.34
C LEU F 330 22.19 2.68 38.79
N VAL F 331 22.32 2.47 40.10
CA VAL F 331 22.89 1.22 40.61
C VAL F 331 21.94 0.06 40.42
N LYS F 332 20.63 0.31 40.35
CA LYS F 332 19.72 -0.79 40.01
C LYS F 332 19.43 -0.90 38.51
N THR F 333 19.32 0.23 37.80
CA THR F 333 18.95 0.16 36.39
C THR F 333 20.13 0.09 35.43
N SER F 334 21.31 0.55 35.85
CA SER F 334 22.45 0.65 34.94
C SER F 334 23.77 0.50 35.69
N HIS F 335 24.85 0.92 35.06
CA HIS F 335 26.15 0.99 35.69
C HIS F 335 26.50 2.45 35.95
N LEU F 336 27.26 2.68 37.02
CA LEU F 336 27.60 4.03 37.45
C LEU F 336 28.39 4.82 36.41
N LEU F 337 29.01 4.15 35.45
CA LEU F 337 29.80 4.82 34.43
C LEU F 337 28.97 5.27 33.24
N ALA F 338 27.66 5.44 33.42
CA ALA F 338 26.73 5.82 32.37
C ALA F 338 27.08 7.14 31.66
N PRO F 339 27.49 8.20 32.37
CA PRO F 339 27.74 9.49 31.68
C PRO F 339 28.79 9.42 30.59
N PHE F 340 29.72 8.47 30.64
CA PHE F 340 30.72 8.36 29.60
C PHE F 340 30.06 8.01 28.26
N PRO F 341 30.59 8.51 27.15
CA PRO F 341 29.98 8.24 25.85
C PRO F 341 30.10 6.77 25.49
N GLU F 342 29.20 6.34 24.59
CA GLU F 342 29.14 4.92 24.21
C GLU F 342 30.44 4.46 23.57
N ALA F 343 31.15 5.36 22.89
CA ALA F 343 32.40 4.99 22.23
C ALA F 343 33.45 4.50 23.21
N MET F 344 33.41 4.94 24.47
CA MET F 344 34.40 4.54 25.46
C MET F 344 33.81 3.71 26.59
N ILE F 345 32.63 3.12 26.40
CA ILE F 345 32.10 2.18 27.37
C ILE F 345 32.67 0.80 27.07
N ASP F 346 33.85 0.50 27.61
CA ASP F 346 34.51 -0.77 27.36
C ASP F 346 35.10 -1.29 28.65
N SER F 347 35.25 -2.61 28.74
CA SER F 347 35.86 -3.21 29.92
C SER F 347 37.33 -2.82 30.04
N ALA F 348 38.07 -2.87 28.92
CA ALA F 348 39.49 -2.56 28.95
C ALA F 348 39.75 -1.11 29.34
N PHE F 349 38.96 -0.18 28.78
CA PHE F 349 39.18 1.23 29.07
C PHE F 349 38.92 1.55 30.53
N PHE F 350 37.83 1.02 31.09
CA PHE F 350 37.52 1.32 32.49
C PHE F 350 38.41 0.54 33.43
N ASP F 351 39.00 -0.57 32.99
CA ASP F 351 39.90 -1.32 33.84
C ASP F 351 41.16 -0.54 34.18
N ARG F 352 41.50 0.48 33.40
CA ARG F 352 42.70 1.28 33.64
C ARG F 352 42.54 2.22 34.83
N PHE F 353 41.32 2.65 35.14
CA PHE F 353 41.09 3.67 36.15
C PHE F 353 41.61 3.20 37.50
N HIS F 354 42.52 3.97 38.10
CA HIS F 354 43.09 3.58 39.38
C HIS F 354 42.17 3.94 40.53
N ALA F 355 41.10 4.69 40.29
CA ALA F 355 40.21 5.10 41.36
C ALA F 355 38.93 5.70 40.82
N TYR F 356 37.84 5.44 41.54
CA TYR F 356 36.56 6.12 41.36
C TYR F 356 36.36 6.99 42.59
N ILE F 357 35.86 8.20 42.39
CA ILE F 357 35.54 9.09 43.51
C ILE F 357 34.03 9.26 43.60
N PRO F 358 33.43 9.02 44.76
CA PRO F 358 31.98 9.18 44.88
C PRO F 358 31.56 10.63 45.00
N GLY F 359 31.41 11.31 43.85
CA GLY F 359 31.04 12.71 43.85
C GLY F 359 29.70 13.02 44.47
N TRP F 360 28.81 12.03 44.57
CA TRP F 360 27.52 12.24 45.23
C TRP F 360 27.66 12.38 46.74
N GLU F 361 28.70 11.81 47.33
CA GLU F 361 28.92 11.95 48.76
C GLU F 361 29.45 13.32 49.15
N ILE F 362 29.78 14.16 48.17
CA ILE F 362 30.27 15.50 48.46
C ILE F 362 29.07 16.44 48.60
N PRO F 363 28.92 17.11 49.74
CA PRO F 363 27.83 18.09 49.86
C PRO F 363 28.01 19.25 48.91
N LYS F 364 26.90 19.80 48.45
CA LYS F 364 26.96 20.93 47.51
C LYS F 364 27.65 22.12 48.16
N MET F 365 28.42 22.84 47.34
CA MET F 365 29.23 23.93 47.86
C MET F 365 28.36 25.05 48.43
N ARG F 366 28.59 25.37 49.69
CA ARG F 366 27.90 26.45 50.38
C ARG F 366 28.94 27.36 50.99
N PRO F 367 28.60 28.65 51.21
CA PRO F 367 29.61 29.60 51.69
C PRO F 367 30.23 29.24 53.03
N GLU F 368 29.53 28.48 53.87
CA GLU F 368 30.09 28.14 55.17
C GLU F 368 31.28 27.20 55.05
N PHE F 369 31.40 26.47 53.94
CA PHE F 369 32.53 25.57 53.77
C PHE F 369 33.81 26.28 53.35
N PHE F 370 33.73 27.52 52.86
CA PHE F 370 34.90 28.27 52.44
C PHE F 370 35.60 28.82 53.68
N THR F 371 36.80 28.31 53.96
CA THR F 371 37.49 28.68 55.18
C THR F 371 37.90 30.15 55.15
N ASN F 372 38.04 30.73 56.34
CA ASN F 372 38.55 32.08 56.49
C ASN F 372 39.72 32.13 57.49
N ARG F 373 40.32 30.99 57.78
CA ARG F 373 41.50 30.93 58.62
C ARG F 373 42.75 30.85 57.74
N TYR F 374 43.88 30.59 58.38
CA TYR F 374 45.15 30.54 57.67
C TYR F 374 45.26 29.26 56.84
N GLY F 375 45.88 29.39 55.66
CA GLY F 375 46.10 28.26 54.78
C GLY F 375 47.33 28.49 53.94
N LEU F 376 47.82 27.39 53.36
CA LEU F 376 49.04 27.44 52.58
C LEU F 376 48.82 28.18 51.27
N ILE F 377 49.79 29.03 50.90
CA ILE F 377 49.71 29.72 49.61
C ILE F 377 49.74 28.69 48.49
N VAL F 378 48.96 28.95 47.44
CA VAL F 378 48.71 27.93 46.43
C VAL F 378 50.00 27.51 45.72
N ASP F 379 50.91 28.46 45.51
CA ASP F 379 52.15 28.12 44.83
C ASP F 379 53.00 27.16 45.66
N TYR F 380 53.06 27.37 46.96
CA TYR F 380 53.82 26.47 47.82
C TYR F 380 53.25 25.06 47.78
N LEU F 381 51.92 24.94 47.83
CA LEU F 381 51.29 23.64 47.76
C LEU F 381 51.58 22.96 46.42
N ALA F 382 51.48 23.70 45.33
CA ALA F 382 51.75 23.10 44.02
C ALA F 382 53.19 22.63 43.90
N GLU F 383 54.13 23.45 44.39
CA GLU F 383 55.52 23.03 44.36
C GLU F 383 55.76 21.82 45.26
N PHE F 384 55.04 21.75 46.39
CA PHE F 384 55.10 20.56 47.23
C PHE F 384 54.64 19.32 46.48
N PHE F 385 53.54 19.43 45.74
CA PHE F 385 53.07 18.30 44.96
C PHE F 385 54.09 17.89 43.91
N ARG F 386 54.65 18.86 43.19
CA ARG F 386 55.59 18.54 42.13
C ARG F 386 56.86 17.92 42.70
N GLU F 387 57.27 18.33 43.90
CA GLU F 387 58.41 17.69 44.54
C GLU F 387 58.08 16.28 45.00
N MET F 388 56.87 16.09 45.55
CA MET F 388 56.47 14.77 46.02
C MET F 388 56.35 13.77 44.89
N ARG F 389 56.07 14.23 43.66
CA ARG F 389 55.92 13.29 42.55
C ARG F 389 57.16 12.44 42.32
N LYS F 390 58.32 12.89 42.78
CA LYS F 390 59.56 12.14 42.53
C LYS F 390 59.74 10.94 43.44
N ARG F 391 58.92 10.78 44.46
CA ARG F 391 59.09 9.73 45.45
C ARG F 391 58.09 8.60 45.22
N SER F 392 58.16 7.59 46.10
CA SER F 392 57.27 6.44 46.03
C SER F 392 57.01 5.91 47.43
N PHE F 393 55.75 5.55 47.70
CA PHE F 393 55.36 5.01 49.00
C PHE F 393 54.50 3.76 48.86
N ALA F 394 54.65 3.01 47.76
CA ALA F 394 53.85 1.82 47.56
C ALA F 394 54.25 0.69 48.50
N ASP F 395 55.52 0.61 48.89
CA ASP F 395 56.02 -0.48 49.71
C ASP F 395 55.49 -0.45 51.15
N SER F 396 54.81 0.63 51.55
CA SER F 396 54.35 0.74 52.92
C SER F 396 53.35 -0.34 53.28
N ILE F 397 52.66 -0.90 52.29
CA ILE F 397 51.71 -1.99 52.56
C ILE F 397 52.44 -3.22 53.07
N GLU F 398 53.54 -3.59 52.41
CA GLU F 398 54.16 -4.89 52.67
C GLU F 398 54.71 -5.00 54.08
N LYS F 399 54.98 -3.87 54.73
CA LYS F 399 55.42 -3.93 56.12
C LYS F 399 54.31 -4.41 57.05
N TYR F 400 53.07 -3.99 56.81
CA TYR F 400 51.98 -4.27 57.73
C TYR F 400 50.94 -5.23 57.21
N PHE F 401 50.68 -5.27 55.90
CA PHE F 401 49.55 -6.03 55.37
C PHE F 401 49.93 -6.74 54.09
N LYS F 402 49.06 -7.67 53.68
CA LYS F 402 49.09 -8.26 52.36
C LYS F 402 47.70 -8.12 51.74
N LEU F 403 47.65 -8.08 50.42
CA LEU F 403 46.38 -7.91 49.73
C LEU F 403 45.68 -9.25 49.58
N GLY F 404 44.38 -9.19 49.29
CA GLY F 404 43.60 -10.40 49.08
C GLY F 404 43.88 -11.05 47.75
N ASN F 405 43.25 -12.21 47.55
CA ASN F 405 43.48 -12.99 46.33
C ASN F 405 42.48 -12.66 45.23
N ASN F 406 41.50 -11.81 45.51
CA ASN F 406 40.58 -11.34 44.47
C ASN F 406 41.19 -10.30 43.56
N LEU F 407 42.39 -9.81 43.89
CA LEU F 407 43.02 -8.72 43.15
C LEU F 407 44.01 -9.29 42.13
N ASN F 408 43.70 -9.10 40.85
CA ASN F 408 44.67 -9.41 39.81
C ASN F 408 45.76 -8.34 39.78
N GLN F 409 46.64 -8.45 38.79
CA GLN F 409 47.80 -7.56 38.75
C GLN F 409 47.40 -6.10 38.64
N ARG F 410 46.40 -5.77 37.81
CA ARG F 410 46.06 -4.37 37.60
C ARG F 410 45.40 -3.76 38.82
N ASP F 411 44.58 -4.54 39.53
CA ASP F 411 44.03 -4.06 40.79
C ASP F 411 45.13 -3.79 41.79
N VAL F 412 46.13 -4.66 41.84
CA VAL F 412 47.27 -4.44 42.73
C VAL F 412 47.99 -3.15 42.39
N ILE F 413 48.22 -2.91 41.09
CA ILE F 413 48.87 -1.68 40.65
C ILE F 413 48.06 -0.46 41.08
N ALA F 414 46.76 -0.48 40.83
CA ALA F 414 45.92 0.67 41.17
C ALA F 414 45.92 0.92 42.66
N VAL F 415 45.78 -0.14 43.46
CA VAL F 415 45.73 0.03 44.91
C VAL F 415 47.04 0.58 45.44
N ARG F 416 48.17 0.06 44.94
CA ARG F 416 49.45 0.56 45.40
C ARG F 416 49.66 2.01 45.00
N LYS F 417 49.28 2.39 43.79
CA LYS F 417 49.41 3.80 43.41
C LYS F 417 48.56 4.69 44.29
N THR F 418 47.31 4.29 44.55
CA THR F 418 46.43 5.13 45.37
C THR F 418 46.94 5.25 46.80
N VAL F 419 47.40 4.14 47.39
CA VAL F 419 47.87 4.20 48.76
C VAL F 419 49.15 5.02 48.85
N SER F 420 50.02 4.92 47.83
CA SER F 420 51.21 5.75 47.82
C SER F 420 50.87 7.22 47.73
N GLY F 421 49.87 7.57 46.91
CA GLY F 421 49.43 8.94 46.84
C GLY F 421 48.90 9.47 48.16
N LEU F 422 48.03 8.68 48.81
CA LEU F 422 47.52 9.10 50.12
C LEU F 422 48.63 9.21 51.14
N MET F 423 49.58 8.27 51.12
CA MET F 423 50.66 8.28 52.09
C MET F 423 51.55 9.51 51.89
N LYS F 424 51.81 9.88 50.64
CA LYS F 424 52.54 11.10 50.37
C LYS F 424 51.80 12.32 50.87
N LEU F 425 50.49 12.41 50.61
CA LEU F 425 49.73 13.57 51.06
C LEU F 425 49.70 13.68 52.58
N LEU F 426 49.62 12.54 53.27
CA LEU F 426 49.42 12.59 54.71
C LEU F 426 50.71 12.51 55.52
N TYR F 427 51.72 11.78 55.05
CA TYR F 427 52.96 11.60 55.80
C TYR F 427 54.19 11.81 54.92
N PRO F 428 54.45 13.05 54.48
CA PRO F 428 55.66 13.31 53.70
C PRO F 428 56.95 13.01 54.45
N HIS F 429 56.96 13.18 55.77
CA HIS F 429 58.19 12.98 56.54
C HIS F 429 58.58 11.52 56.66
N GLY F 430 57.71 10.59 56.27
CA GLY F 430 58.06 9.18 56.30
C GLY F 430 57.86 8.49 57.63
N GLN F 431 57.24 9.14 58.60
CA GLN F 431 56.98 8.54 59.91
C GLN F 431 55.49 8.21 59.99
N PHE F 432 55.17 6.93 60.23
CA PHE F 432 53.79 6.49 60.24
C PHE F 432 53.71 5.18 61.01
N ASN F 433 52.48 4.82 61.38
CA ASN F 433 52.22 3.60 62.15
C ASN F 433 51.39 2.63 61.32
N LYS F 434 51.04 1.50 61.93
CA LYS F 434 50.27 0.48 61.22
C LYS F 434 48.86 0.97 60.92
N GLU F 435 48.27 1.75 61.83
CA GLU F 435 46.91 2.23 61.61
C GLU F 435 46.84 3.20 60.44
N ASP F 436 47.92 3.97 60.23
CA ASP F 436 47.95 4.88 59.09
C ASP F 436 47.83 4.13 57.78
N VAL F 437 48.69 3.12 57.59
CA VAL F 437 48.62 2.30 56.38
C VAL F 437 47.29 1.58 56.33
N ARG F 438 46.75 1.19 57.48
CA ARG F 438 45.45 0.54 57.52
C ARG F 438 44.36 1.41 56.89
N GLN F 439 44.27 2.66 57.34
CA GLN F 439 43.19 3.53 56.84
C GLN F 439 43.42 3.91 55.39
N CYS F 440 44.68 4.22 55.02
CA CYS F 440 44.95 4.53 53.62
C CYS F 440 44.61 3.33 52.73
N LEU F 441 44.96 2.13 53.16
CA LEU F 441 44.73 0.93 52.37
C LEU F 441 43.25 0.64 52.23
N GLU F 442 42.48 0.80 53.31
CA GLU F 442 41.05 0.54 53.21
C GLU F 442 40.39 1.54 52.26
N TYR F 443 40.80 2.81 52.31
CA TYR F 443 40.24 3.77 51.39
C TYR F 443 40.59 3.44 49.94
N ALA F 444 41.85 3.06 49.71
CA ALA F 444 42.27 2.71 48.35
C ALA F 444 41.49 1.50 47.83
N LEU F 445 41.32 0.49 48.69
CA LEU F 445 40.58 -0.70 48.26
C LEU F 445 39.13 -0.35 47.96
N GLN F 446 38.52 0.51 48.78
CA GLN F 446 37.13 0.89 48.52
C GLN F 446 37.00 1.60 47.17
N VAL F 447 37.88 2.58 46.92
CA VAL F 447 37.74 3.36 45.69
C VAL F 447 38.05 2.51 44.47
N ARG F 448 38.99 1.56 44.58
CA ARG F 448 39.23 0.67 43.45
C ARG F 448 38.08 -0.32 43.27
N ARG F 449 37.52 -0.81 44.37
CA ARG F 449 36.47 -1.82 44.27
C ARG F 449 35.21 -1.25 43.64
N ARG F 450 34.97 0.06 43.81
CA ARG F 450 33.83 0.64 43.09
C ARG F 450 33.99 0.48 41.59
N VAL F 451 35.18 0.79 41.08
CA VAL F 451 35.47 0.56 39.67
C VAL F 451 35.32 -0.91 39.33
N LYS F 452 35.76 -1.79 40.23
CA LYS F 452 35.69 -3.22 39.97
C LYS F 452 34.24 -3.68 39.83
N GLU F 453 33.35 -3.18 40.68
CA GLU F 453 31.93 -3.49 40.56
C GLU F 453 31.35 -2.98 39.26
N GLN F 454 31.71 -1.75 38.86
CA GLN F 454 31.20 -1.24 37.60
C GLN F 454 31.69 -2.10 36.43
N LEU F 455 32.95 -2.53 36.48
CA LEU F 455 33.46 -3.45 35.46
C LEU F 455 32.70 -4.76 35.46
N LYS F 456 32.41 -5.30 36.66
CA LYS F 456 31.60 -6.50 36.74
C LYS F 456 30.28 -6.32 36.00
N LYS F 457 29.55 -5.25 36.32
CA LYS F 457 28.26 -5.02 35.68
C LYS F 457 28.39 -4.85 34.18
N ILE F 458 29.41 -4.13 33.71
CA ILE F 458 29.49 -3.78 32.30
C ILE F 458 30.08 -4.90 31.46
N GLY F 459 30.85 -5.80 32.06
CA GLY F 459 31.54 -6.78 31.25
C GLY F 459 31.21 -8.23 31.52
N GLY F 460 30.44 -8.51 32.56
CA GLY F 460 30.07 -9.89 32.80
C GLY F 460 31.20 -10.69 33.45
N MET F 461 31.42 -11.89 32.91
CA MET F 461 32.08 -12.96 33.66
C MET F 461 33.50 -12.63 34.07
N GLU F 462 34.23 -11.87 33.25
CA GLU F 462 35.67 -11.74 33.45
C GLU F 462 36.05 -10.90 34.67
N PHE F 463 35.11 -10.16 35.26
CA PHE F 463 35.40 -9.39 36.47
C PHE F 463 34.45 -9.73 37.62
N TYR F 464 34.26 -11.02 37.90
CA TYR F 464 33.45 -11.39 39.05
C TYR F 464 34.23 -11.39 40.36
N ASP F 465 35.56 -11.39 40.30
CA ASP F 465 36.36 -11.38 41.52
C ASP F 465 36.35 -9.97 42.11
N VAL F 466 35.23 -9.64 42.75
CA VAL F 466 35.01 -8.30 43.29
C VAL F 466 35.04 -8.26 44.81
N HIS F 467 35.36 -9.37 45.48
CA HIS F 467 35.38 -9.42 46.94
C HIS F 467 36.77 -9.00 47.43
N PHE F 468 37.00 -7.70 47.42
CA PHE F 468 38.28 -7.14 47.82
C PHE F 468 38.51 -7.35 49.31
N SER F 469 39.71 -7.77 49.68
CA SER F 469 40.03 -8.05 51.07
C SER F 469 41.53 -7.89 51.28
N TYR F 470 41.91 -7.76 52.55
CA TYR F 470 43.31 -7.65 52.91
C TYR F 470 43.56 -8.36 54.24
N ILE F 471 44.74 -8.97 54.37
CA ILE F 471 45.07 -9.80 55.51
C ILE F 471 46.28 -9.20 56.23
N ASP F 472 46.14 -8.98 57.53
CA ASP F 472 47.24 -8.45 58.31
C ASP F 472 48.40 -9.43 58.33
N ASN F 473 49.64 -8.90 58.35
CA ASN F 473 50.81 -9.76 58.32
C ASN F 473 51.02 -10.51 59.63
N ASP F 474 50.57 -9.96 60.76
CA ASP F 474 50.79 -10.60 62.04
C ASP F 474 49.60 -11.47 62.47
N THR F 475 48.42 -10.87 62.60
CA THR F 475 47.25 -11.59 63.09
C THR F 475 46.59 -12.45 62.02
N LEU F 476 46.97 -12.28 60.76
CA LEU F 476 46.40 -13.00 59.62
C LEU F 476 44.89 -12.86 59.53
N GLU F 477 44.31 -11.86 60.18
CA GLU F 477 42.88 -11.61 60.08
C GLU F 477 42.57 -10.99 58.72
N GLU F 478 41.52 -11.48 58.08
CA GLU F 478 41.14 -11.02 56.75
C GLU F 478 39.98 -10.05 56.88
N HIS F 479 40.21 -8.80 56.47
CA HIS F 479 39.19 -7.75 56.49
C HIS F 479 38.68 -7.54 55.08
N PHE F 480 37.36 -7.48 54.94
CA PHE F 480 36.70 -7.27 53.66
C PHE F 480 36.11 -5.86 53.63
N VAL F 481 36.34 -5.15 52.54
CA VAL F 481 35.87 -3.78 52.39
C VAL F 481 34.85 -3.74 51.25
N SER F 482 33.64 -3.31 51.58
CA SER F 482 32.56 -3.19 50.59
C SER F 482 32.52 -1.79 50.01
N VAL F 483 31.46 -1.47 49.27
CA VAL F 483 31.26 -0.15 48.70
C VAL F 483 30.02 0.47 49.31
N LYS F 484 30.09 1.77 49.63
CA LYS F 484 29.04 2.49 50.33
C LYS F 484 27.66 2.25 49.71
N GLU F 485 27.58 2.25 48.38
CA GLU F 485 26.31 2.04 47.69
C GLU F 485 25.76 0.65 47.98
N GLN F 486 26.63 -0.35 48.03
CA GLN F 486 26.21 -1.72 48.32
C GLN F 486 26.74 -2.25 49.63
N GLY F 487 27.19 -1.39 50.54
CA GLY F 487 27.67 -1.83 51.84
C GLY F 487 28.32 -0.71 52.63
N LYS F 498 15.44 -12.80 40.49
CA LYS F 498 15.76 -13.03 39.08
C LYS F 498 16.10 -14.51 38.84
N PRO F 499 15.79 -14.99 37.64
CA PRO F 499 16.01 -16.41 37.34
C PRO F 499 17.49 -16.78 37.42
N GLY F 500 17.76 -18.01 37.88
CA GLY F 500 19.11 -18.52 37.97
C GLY F 500 19.88 -18.07 39.20
N PHE F 501 19.27 -17.26 40.06
CA PHE F 501 19.92 -16.74 41.24
C PHE F 501 19.32 -17.41 42.47
N LEU F 502 20.16 -17.87 43.39
CA LEU F 502 19.64 -18.56 44.56
C LEU F 502 20.57 -18.36 45.75
N TYR F 503 20.02 -18.61 46.93
CA TYR F 503 20.75 -18.59 48.18
C TYR F 503 20.81 -20.00 48.74
N THR F 504 21.96 -20.38 49.29
CA THR F 504 22.14 -21.71 49.86
C THR F 504 22.94 -21.61 51.14
N ILE F 505 22.85 -22.64 51.96
CA ILE F 505 23.64 -22.76 53.18
C ILE F 505 24.41 -24.07 53.12
N GLY F 506 25.70 -24.00 53.40
CA GLY F 506 26.51 -25.20 53.28
C GLY F 506 27.62 -25.24 54.30
N LEU F 507 28.11 -26.45 54.54
CA LEU F 507 29.19 -26.66 55.51
C LEU F 507 30.51 -26.27 54.88
N SER F 508 31.24 -25.39 55.55
CA SER F 508 32.53 -24.94 55.04
C SER F 508 33.60 -26.00 55.31
N ASN F 509 34.76 -25.81 54.67
CA ASN F 509 35.90 -26.69 54.92
C ASN F 509 36.38 -26.59 56.36
N LYS F 510 36.04 -25.52 57.07
CA LYS F 510 36.42 -25.34 58.46
C LYS F 510 35.34 -25.76 59.44
N GLY F 511 34.23 -26.33 58.94
CA GLY F 511 33.23 -26.92 59.81
C GLY F 511 32.09 -26.03 60.25
N MET F 512 32.08 -24.75 59.85
CA MET F 512 30.93 -23.97 60.28
C MET F 512 29.99 -23.76 59.09
N PRO F 513 28.67 -23.73 59.33
CA PRO F 513 27.75 -23.43 58.22
C PRO F 513 27.94 -22.01 57.72
N GLY F 514 27.78 -21.83 56.42
CA GLY F 514 27.96 -20.53 55.81
C GLY F 514 26.92 -20.31 54.73
N LEU F 515 26.58 -19.04 54.52
CA LEU F 515 25.61 -18.63 53.53
C LEU F 515 26.32 -18.26 52.23
N TYR F 516 25.88 -18.85 51.13
CA TYR F 516 26.46 -18.60 49.82
C TYR F 516 25.35 -18.24 48.85
N ARG F 517 25.71 -17.56 47.77
CA ARG F 517 24.77 -17.15 46.74
C ARG F 517 25.28 -17.62 45.39
N LEU F 518 24.46 -18.42 44.71
CA LEU F 518 24.81 -18.94 43.40
C LEU F 518 24.14 -18.10 42.32
N GLU F 519 24.96 -17.56 41.41
CA GLU F 519 24.50 -16.66 40.36
C GLU F 519 24.83 -17.28 39.02
N LEU F 520 23.81 -17.66 38.27
CA LEU F 520 24.00 -18.28 36.96
C LEU F 520 23.63 -17.30 35.86
N GLN F 521 24.50 -17.20 34.86
CA GLN F 521 24.26 -16.40 33.67
C GLN F 521 24.07 -17.34 32.49
N VAL F 522 22.98 -17.15 31.76
CA VAL F 522 22.62 -18.00 30.63
C VAL F 522 22.79 -17.20 29.35
N THR F 523 23.54 -17.76 28.40
CA THR F 523 23.78 -17.10 27.12
C THR F 523 23.50 -18.09 26.00
N LYS F 524 23.25 -17.56 24.81
CA LYS F 524 23.09 -18.42 23.64
C LYS F 524 24.45 -18.98 23.21
N GLY F 525 24.59 -20.30 23.31
CA GLY F 525 25.88 -20.92 23.05
C GLY F 525 25.82 -22.36 22.62
N SER F 526 26.81 -23.15 23.02
CA SER F 526 26.95 -24.54 22.58
C SER F 526 27.04 -25.51 23.75
N GLY F 527 26.23 -25.32 24.79
CA GLY F 527 26.22 -26.24 25.91
C GLY F 527 27.44 -26.20 26.79
N LYS F 528 28.15 -25.09 26.84
CA LYS F 528 29.38 -25.00 27.62
C LYS F 528 29.08 -24.51 29.03
N LEU F 529 29.95 -24.87 29.97
CA LEU F 529 29.86 -24.42 31.35
C LEU F 529 31.13 -23.67 31.72
N ALA F 530 30.99 -22.65 32.55
CA ALA F 530 32.13 -21.92 33.09
C ALA F 530 31.88 -21.58 34.55
N THR F 531 32.95 -21.44 35.33
CA THR F 531 32.86 -21.28 36.77
C THR F 531 33.62 -20.04 37.21
N SER F 532 33.15 -19.44 38.30
CA SER F 532 33.80 -18.27 38.87
C SER F 532 33.47 -18.15 40.35
N GLY F 533 34.48 -17.75 41.13
CA GLY F 533 34.30 -17.60 42.55
C GLY F 533 34.17 -18.89 43.33
N LEU F 534 34.63 -20.01 42.77
CA LEU F 534 34.58 -21.30 43.43
C LEU F 534 35.82 -21.57 44.27
N TRP F 535 36.72 -20.59 44.37
CA TRP F 535 38.00 -20.74 45.08
C TRP F 535 38.82 -21.90 44.53
N ASN F 536 38.63 -22.19 43.24
CA ASN F 536 39.38 -23.21 42.51
C ASN F 536 39.26 -24.59 43.14
N SER F 537 38.24 -24.82 43.97
CA SER F 537 38.09 -26.11 44.64
C SER F 537 37.74 -27.19 43.64
N SER F 538 38.53 -28.27 43.64
CA SER F 538 38.26 -29.38 42.73
C SER F 538 36.92 -30.03 43.05
N SER F 539 36.60 -30.19 44.34
CA SER F 539 35.34 -30.80 44.72
C SER F 539 34.15 -29.98 44.25
N ALA F 540 34.21 -28.65 44.41
CA ALA F 540 33.11 -27.80 43.98
C ALA F 540 32.92 -27.85 42.48
N LYS F 541 34.02 -27.81 41.71
CA LYS F 541 33.91 -27.88 40.26
C LYS F 541 33.37 -29.24 39.82
N GLU F 542 33.78 -30.31 40.51
CA GLU F 542 33.22 -31.63 40.21
C GLU F 542 31.73 -31.67 40.50
N GLN F 543 31.29 -31.03 41.60
CA GLN F 543 29.86 -30.96 41.90
C GLN F 543 29.12 -30.23 40.80
N VAL F 544 29.71 -29.12 40.31
CA VAL F 544 29.09 -28.36 39.22
C VAL F 544 29.00 -29.20 37.95
N LYS F 545 30.06 -29.93 37.62
CA LYS F 545 30.04 -30.78 36.44
C LYS F 545 29.01 -31.89 36.57
N ILE F 546 28.89 -32.48 37.75
CA ILE F 546 27.88 -33.52 37.98
C ILE F 546 26.48 -32.95 37.79
N ALA F 547 26.23 -31.76 38.35
CA ALA F 547 24.93 -31.13 38.19
C ALA F 547 24.63 -30.82 36.72
N PHE F 548 25.64 -30.33 35.99
CA PHE F 548 25.43 -30.03 34.57
C PHE F 548 25.15 -31.30 33.78
N ASP F 549 25.87 -32.39 34.07
CA ASP F 549 25.64 -33.64 33.37
C ASP F 549 24.24 -34.18 33.64
N TYR F 550 23.80 -34.13 34.91
CA TYR F 550 22.45 -34.57 35.21
C TYR F 550 21.40 -33.65 34.56
N PHE F 551 21.71 -32.36 34.47
CA PHE F 551 20.82 -31.43 33.79
C PHE F 551 20.68 -31.78 32.31
N LYS F 552 21.80 -32.13 31.67
CA LYS F 552 21.75 -32.55 30.28
C LYS F 552 20.97 -33.85 30.12
N ALA F 553 21.18 -34.79 31.05
CA ALA F 553 20.52 -36.09 30.96
C ALA F 553 19.01 -35.97 31.18
N ASN F 554 18.58 -35.04 32.03
CA ASN F 554 17.17 -34.88 32.36
C ASN F 554 16.61 -33.55 31.90
N ALA F 555 17.11 -33.01 30.78
CA ALA F 555 16.59 -31.74 30.27
C ALA F 555 15.12 -31.85 29.89
N SER F 556 14.74 -32.95 29.23
CA SER F 556 13.35 -33.12 28.84
C SER F 556 12.41 -33.23 30.04
N ARG F 557 12.85 -33.94 31.09
CA ARG F 557 12.01 -34.12 32.26
C ARG F 557 11.84 -32.84 33.06
N ILE F 558 12.81 -31.94 33.00
CA ILE F 558 12.80 -30.74 33.82
C ILE F 558 12.28 -29.53 33.07
N SER F 559 12.94 -29.15 31.98
CA SER F 559 12.59 -27.95 31.23
C SER F 559 11.48 -28.18 30.22
N GLY F 560 11.09 -29.43 29.96
CA GLY F 560 9.98 -29.72 29.09
C GLY F 560 10.21 -29.41 27.63
N GLY F 561 11.47 -29.34 27.21
CA GLY F 561 11.79 -29.10 25.81
C GLY F 561 12.93 -28.15 25.57
N SER F 562 13.29 -27.36 26.58
CA SER F 562 14.39 -26.42 26.44
C SER F 562 15.70 -27.19 26.28
N LYS F 563 16.51 -26.78 25.30
CA LYS F 563 17.70 -27.53 24.92
C LYS F 563 18.91 -26.98 25.66
N VAL F 564 19.55 -27.82 26.47
CA VAL F 564 20.74 -27.41 27.21
C VAL F 564 21.90 -27.14 26.25
N MET F 565 22.07 -28.02 25.26
CA MET F 565 23.21 -27.95 24.36
C MET F 565 23.23 -26.68 23.51
N GLU F 566 22.11 -25.96 23.41
CA GLU F 566 22.05 -24.73 22.64
C GLU F 566 22.34 -23.49 23.47
N HIS F 567 22.68 -23.64 24.75
CA HIS F 567 22.94 -22.51 25.62
C HIS F 567 24.16 -22.77 26.50
N ASP F 568 24.91 -21.71 26.79
CA ASP F 568 26.08 -21.77 27.64
C ASP F 568 25.77 -21.15 29.00
N PHE F 569 26.42 -21.69 30.04
CA PHE F 569 26.14 -21.33 31.43
C PHE F 569 27.42 -20.81 32.07
N HIS F 570 27.30 -19.79 32.90
CA HIS F 570 28.41 -19.28 33.70
C HIS F 570 27.94 -19.13 35.13
N LEU F 571 28.48 -19.93 36.03
CA LEU F 571 28.03 -19.94 37.42
C LEU F 571 29.08 -19.32 38.34
N HIS F 572 28.64 -18.41 39.20
CA HIS F 572 29.50 -17.76 40.19
C HIS F 572 29.02 -18.04 41.60
N VAL F 573 29.97 -18.13 42.52
CA VAL F 573 29.69 -18.37 43.93
C VAL F 573 30.10 -17.13 44.71
N VAL F 574 29.14 -16.57 45.47
CA VAL F 574 29.36 -15.37 46.27
C VAL F 574 29.28 -15.76 47.73
N GLU F 575 30.37 -15.52 48.46
CA GLU F 575 30.39 -15.83 49.89
C GLU F 575 30.01 -14.59 50.69
N LEU F 576 28.84 -14.63 51.33
CA LEU F 576 28.31 -13.48 52.04
C LEU F 576 28.72 -13.43 53.51
N GLN F 577 29.42 -14.45 54.01
CA GLN F 577 29.75 -14.51 55.43
C GLN F 577 31.23 -14.79 55.70
N ASN F 578 32.06 -14.93 54.66
CA ASN F 578 33.49 -15.16 54.81
C ASN F 578 33.78 -16.45 55.57
N THR F 579 32.85 -17.41 55.50
CA THR F 579 32.98 -18.62 56.30
C THR F 579 33.99 -19.61 55.74
N GLY F 580 34.24 -19.59 54.43
CA GLY F 580 35.14 -20.52 53.80
C GLY F 580 34.52 -21.21 52.61
N PRO F 581 35.32 -21.97 51.87
CA PRO F 581 34.81 -22.63 50.66
C PRO F 581 33.78 -23.71 50.99
N LEU F 582 32.87 -23.93 50.05
CA LEU F 582 31.82 -24.94 50.19
C LEU F 582 32.05 -26.06 49.18
N SER F 583 31.77 -27.29 49.59
CA SER F 583 31.91 -28.45 48.73
C SER F 583 30.58 -28.94 48.18
N HIS F 584 29.57 -29.06 49.04
CA HIS F 584 28.28 -29.63 48.65
C HIS F 584 27.48 -28.59 47.89
N LEU F 585 27.52 -28.65 46.56
CA LEU F 585 26.86 -27.66 45.73
C LEU F 585 26.17 -28.21 44.50
N ALA F 586 26.10 -29.54 44.32
CA ALA F 586 25.52 -30.09 43.09
C ALA F 586 24.05 -29.72 42.97
N LEU F 587 23.28 -29.96 44.02
CA LEU F 587 21.83 -29.68 43.95
C LEU F 587 21.52 -28.21 43.75
N PRO F 588 22.08 -27.27 44.50
CA PRO F 588 21.81 -25.85 44.20
C PRO F 588 22.27 -25.44 42.81
N SER F 589 23.40 -25.99 42.33
CA SER F 589 23.83 -25.67 40.97
C SER F 589 22.82 -26.18 39.94
N LEU F 590 22.25 -27.36 40.17
CA LEU F 590 21.21 -27.87 39.29
C LEU F 590 19.97 -26.99 39.33
N VAL F 591 19.59 -26.53 40.53
CA VAL F 591 18.45 -25.62 40.65
C VAL F 591 18.71 -24.35 39.86
N ALA F 592 19.92 -23.80 39.97
CA ALA F 592 20.26 -22.60 39.21
C ALA F 592 20.21 -22.87 37.70
N PHE F 593 20.70 -24.04 37.29
CA PHE F 593 20.67 -24.40 35.87
C PHE F 593 19.24 -24.43 35.36
N ALA F 594 18.35 -25.07 36.11
CA ALA F 594 16.95 -25.18 35.68
C ALA F 594 16.27 -23.81 35.66
N SER F 595 16.49 -23.01 36.70
CA SER F 595 15.86 -21.70 36.77
C SER F 595 16.33 -20.80 35.65
N GLY F 596 17.64 -20.79 35.38
CA GLY F 596 18.16 -19.95 34.32
C GLY F 596 17.71 -20.41 32.93
N LEU F 597 17.76 -21.73 32.70
CA LEU F 597 17.35 -22.24 31.39
C LEU F 597 15.87 -22.01 31.14
N LEU F 598 15.03 -22.19 32.17
CA LEU F 598 13.60 -21.93 32.05
C LEU F 598 13.25 -20.46 32.20
N GLY F 599 14.16 -19.64 32.71
CA GLY F 599 13.85 -18.24 32.92
C GLY F 599 12.84 -17.99 34.01
N ARG F 600 12.63 -18.95 34.90
CA ARG F 600 11.69 -18.83 36.00
C ARG F 600 12.44 -18.52 37.28
N SER F 601 12.10 -17.41 37.91
CA SER F 601 12.76 -17.03 39.15
C SER F 601 12.40 -18.00 40.27
N VAL F 602 13.42 -18.47 40.99
CA VAL F 602 13.17 -19.21 42.21
C VAL F 602 12.45 -18.28 43.19
N GLN F 603 11.46 -18.83 43.90
CA GLN F 603 10.61 -18.01 44.75
C GLN F 603 11.43 -17.29 45.80
N SER F 604 10.97 -16.09 46.18
CA SER F 604 11.68 -15.30 47.17
C SER F 604 11.70 -16.01 48.52
N GLN F 605 12.84 -15.89 49.20
CA GLN F 605 12.99 -16.31 50.59
C GLN F 605 12.94 -17.82 50.76
N MET F 606 13.60 -18.56 49.88
CA MET F 606 13.94 -19.96 50.16
C MET F 606 15.44 -20.19 50.03
N VAL F 607 15.93 -21.15 50.81
CA VAL F 607 17.33 -21.56 50.81
C VAL F 607 17.38 -23.02 50.38
N VAL F 608 18.17 -23.30 49.34
CA VAL F 608 18.28 -24.64 48.78
C VAL F 608 19.39 -25.38 49.52
N LEU F 609 19.06 -26.52 50.10
CA LEU F 609 20.00 -27.30 50.89
C LEU F 609 20.16 -28.70 50.32
N GLY F 610 21.19 -29.40 50.79
CA GLY F 610 21.44 -30.77 50.40
C GLY F 610 22.33 -30.87 49.18
N ASP F 611 22.88 -32.07 49.00
CA ASP F 611 23.75 -32.37 47.87
C ASP F 611 23.22 -33.59 47.15
N MET F 612 23.57 -33.71 45.87
CA MET F 612 23.07 -34.77 45.02
C MET F 612 24.20 -35.38 44.23
N SER F 613 24.02 -36.65 43.87
CA SER F 613 24.95 -37.36 43.01
C SER F 613 24.42 -37.41 41.58
N LEU F 614 25.29 -37.84 40.66
CA LEU F 614 24.89 -37.91 39.25
C LEU F 614 23.77 -38.92 39.04
N GLY F 615 23.58 -39.86 39.97
CA GLY F 615 22.51 -40.83 39.87
C GLY F 615 21.15 -40.34 40.28
N GLY F 616 21.04 -39.09 40.73
CA GLY F 616 19.77 -38.55 41.17
C GLY F 616 19.43 -38.82 42.63
N SER F 617 20.41 -39.19 43.44
CA SER F 617 20.16 -39.43 44.86
C SER F 617 20.40 -38.16 45.66
N VAL F 618 19.43 -37.82 46.50
CA VAL F 618 19.51 -36.65 47.37
C VAL F 618 20.11 -37.08 48.71
N THR F 619 20.93 -36.21 49.29
CA THR F 619 21.55 -36.58 50.56
C THR F 619 20.96 -35.76 51.69
N PRO F 620 20.91 -36.32 52.91
CA PRO F 620 20.40 -35.55 54.05
C PRO F 620 21.32 -34.40 54.40
N VAL F 621 20.73 -33.34 54.94
CA VAL F 621 21.50 -32.16 55.33
C VAL F 621 22.05 -32.36 56.74
N GLU F 622 23.38 -32.29 56.87
CA GLU F 622 24.01 -32.41 58.17
C GLU F 622 23.88 -31.11 58.94
N SER F 623 23.69 -31.22 60.26
CA SER F 623 23.50 -30.07 61.14
C SER F 623 22.34 -29.21 60.66
N ILE F 624 21.15 -29.84 60.58
CA ILE F 624 19.99 -29.16 60.02
C ILE F 624 19.51 -28.03 60.91
N ALA F 625 19.63 -28.20 62.23
CA ALA F 625 19.21 -27.14 63.15
C ALA F 625 20.06 -25.89 62.96
N GLU F 626 21.37 -26.06 62.80
CA GLU F 626 22.25 -24.92 62.52
C GLU F 626 21.92 -24.29 61.19
N CYS F 627 21.62 -25.10 60.17
CA CYS F 627 21.24 -24.56 58.87
C CYS F 627 19.98 -23.72 58.97
N LEU F 628 18.97 -24.20 59.69
CA LEU F 628 17.74 -23.45 59.85
C LEU F 628 17.96 -22.18 60.66
N GLN F 629 18.83 -22.25 61.68
CA GLN F 629 19.15 -21.05 62.45
C GLN F 629 19.83 -20.01 61.59
N VAL F 630 20.74 -20.45 60.71
CA VAL F 630 21.38 -19.53 59.78
C VAL F 630 20.35 -18.93 58.82
N ALA F 631 19.43 -19.76 58.32
CA ALA F 631 18.42 -19.28 57.40
C ALA F 631 17.54 -18.22 58.07
N PHE F 632 17.16 -18.45 59.33
CA PHE F 632 16.46 -17.42 60.09
C PHE F 632 17.32 -16.17 60.23
N ASP F 633 18.62 -16.35 60.49
CA ASP F 633 19.54 -15.22 60.52
C ASP F 633 19.70 -14.63 59.12
N ALA F 634 19.64 -15.47 58.09
CA ALA F 634 19.71 -15.00 56.71
C ALA F 634 18.44 -14.28 56.27
N GLY F 635 17.36 -14.36 57.05
CA GLY F 635 16.13 -13.66 56.72
C GLY F 635 15.17 -14.42 55.83
N ALA F 636 15.50 -15.64 55.42
CA ALA F 636 14.61 -16.41 54.57
C ALA F 636 13.37 -16.83 55.35
N LYS F 637 12.25 -16.97 54.64
CA LYS F 637 11.00 -17.40 55.25
C LYS F 637 10.59 -18.82 54.87
N LYS F 638 11.18 -19.39 53.82
CA LYS F 638 10.89 -20.76 53.40
C LYS F 638 12.21 -21.50 53.23
N VAL F 639 12.17 -22.83 53.35
CA VAL F 639 13.35 -23.67 53.19
C VAL F 639 12.95 -24.91 52.40
N ALA F 640 13.81 -25.32 51.47
CA ALA F 640 13.61 -26.53 50.69
C ALA F 640 14.56 -27.60 51.22
N LEU F 641 14.00 -28.77 51.59
CA LEU F 641 14.80 -29.76 52.28
C LEU F 641 14.66 -31.12 51.62
N PRO F 642 15.70 -31.96 51.68
CA PRO F 642 15.55 -33.34 51.21
C PRO F 642 14.68 -34.16 52.15
N MET F 643 14.03 -35.17 51.59
CA MET F 643 13.15 -36.02 52.40
C MET F 643 13.91 -36.77 53.49
N SER F 644 15.12 -37.25 53.17
CA SER F 644 15.90 -38.00 54.15
C SER F 644 16.23 -37.17 55.38
N SER F 645 16.29 -35.85 55.26
CA SER F 645 16.55 -34.98 56.39
C SER F 645 15.39 -34.91 57.38
N ALA F 646 14.23 -35.45 57.02
CA ALA F 646 13.06 -35.37 57.89
C ALA F 646 13.30 -36.04 59.23
N ALA F 647 14.15 -37.08 59.26
CA ALA F 647 14.45 -37.75 60.53
C ALA F 647 15.12 -36.81 61.51
N ASP F 648 15.70 -35.72 61.02
CA ASP F 648 16.35 -34.74 61.88
C ASP F 648 15.42 -33.59 62.25
N ILE F 649 14.15 -33.63 61.86
CA ILE F 649 13.22 -32.56 62.21
C ILE F 649 13.06 -32.40 63.72
N PRO F 650 12.85 -33.46 64.50
CA PRO F 650 12.68 -33.25 65.96
C PRO F 650 13.88 -32.61 66.64
N THR F 651 15.09 -32.85 66.14
CA THR F 651 16.27 -32.19 66.69
C THR F 651 16.25 -30.68 66.49
N ILE F 652 15.45 -30.18 65.55
CA ILE F 652 15.26 -28.75 65.35
C ILE F 652 14.25 -28.25 66.38
N PRO F 653 14.51 -27.12 67.04
CA PRO F 653 13.50 -26.56 67.95
C PRO F 653 12.21 -26.27 67.22
N VAL F 654 11.09 -26.51 67.90
CA VAL F 654 9.78 -26.27 67.29
C VAL F 654 9.59 -24.80 66.97
N GLU F 655 9.99 -23.93 67.90
CA GLU F 655 9.85 -22.49 67.67
C GLU F 655 10.63 -22.04 66.45
N LEU F 656 11.87 -22.48 66.30
CA LEU F 656 12.68 -22.12 65.14
C LEU F 656 12.11 -22.71 63.86
N PHE F 657 11.63 -23.95 63.92
CA PHE F 657 11.14 -24.62 62.72
C PHE F 657 9.86 -23.97 62.21
N THR F 658 8.95 -23.61 63.12
CA THR F 658 7.63 -23.10 62.72
C THR F 658 7.70 -21.76 61.99
N LYS F 659 8.77 -20.99 62.18
CA LYS F 659 8.92 -19.73 61.44
C LYS F 659 9.13 -19.94 59.95
N PHE F 660 9.38 -21.17 59.52
CA PHE F 660 9.71 -21.47 58.13
C PHE F 660 8.55 -22.18 57.45
N GLN F 661 8.23 -21.75 56.24
CA GLN F 661 7.27 -22.46 55.38
C GLN F 661 8.05 -23.57 54.68
N THR F 662 8.07 -24.75 55.31
CA THR F 662 9.01 -25.81 54.96
C THR F 662 8.64 -26.45 53.61
N SER F 663 9.66 -26.74 52.81
CA SER F 663 9.51 -27.43 51.53
C SER F 663 10.35 -28.69 51.55
N PHE F 664 9.77 -29.79 51.09
CA PHE F 664 10.50 -31.05 51.00
C PHE F 664 10.44 -31.61 49.58
N TYR F 665 11.50 -32.31 49.19
CA TYR F 665 11.62 -32.88 47.86
C TYR F 665 12.26 -34.26 47.94
N ALA F 666 12.04 -35.08 46.92
CA ALA F 666 12.51 -36.46 46.91
C ALA F 666 13.67 -36.69 45.97
N ASP F 667 13.63 -36.12 44.77
CA ASP F 667 14.71 -36.28 43.80
C ASP F 667 15.08 -34.90 43.28
N PRO F 668 16.23 -34.78 42.60
CA PRO F 668 16.64 -33.45 42.12
C PRO F 668 15.59 -32.77 41.24
N VAL F 669 14.82 -33.53 40.48
CA VAL F 669 13.73 -32.94 39.71
C VAL F 669 12.68 -32.35 40.64
N ASP F 670 12.36 -33.06 41.72
CA ASP F 670 11.41 -32.52 42.69
C ASP F 670 11.97 -31.27 43.37
N ALA F 671 13.27 -31.27 43.66
CA ALA F 671 13.89 -30.08 44.23
C ALA F 671 13.80 -28.89 43.27
N VAL F 672 14.02 -29.16 41.98
CA VAL F 672 13.89 -28.10 40.97
C VAL F 672 12.47 -27.56 40.95
N PHE F 673 11.48 -28.46 40.96
CA PHE F 673 10.09 -28.02 40.93
C PHE F 673 9.73 -27.20 42.16
N LYS F 674 10.19 -27.63 43.34
CA LYS F 674 9.90 -26.89 44.56
C LYS F 674 10.58 -25.53 44.56
N GLY F 675 11.78 -25.45 44.00
CA GLY F 675 12.44 -24.15 43.86
C GLY F 675 11.70 -23.23 42.91
N LEU F 676 11.23 -23.78 41.79
CA LEU F 676 10.57 -22.99 40.76
C LEU F 676 9.09 -22.76 41.02
N GLY F 677 8.50 -23.45 41.99
CA GLY F 677 7.09 -23.30 42.28
C GLY F 677 6.18 -23.81 41.18
N ALA G 4 -24.99 -80.97 -27.67
CA ALA G 4 -25.51 -82.21 -27.11
C ALA G 4 -26.16 -81.97 -25.76
N ASN G 5 -25.40 -81.40 -24.82
CA ASN G 5 -25.92 -81.09 -23.50
C ASN G 5 -27.05 -80.08 -23.57
N ASP G 6 -26.93 -79.10 -24.47
CA ASP G 6 -27.98 -78.10 -24.62
C ASP G 6 -29.29 -78.74 -25.06
N LYS G 7 -29.22 -79.72 -25.95
CA LYS G 7 -30.43 -80.41 -26.39
C LYS G 7 -31.08 -81.18 -25.25
N GLU G 8 -30.27 -81.81 -24.40
CA GLU G 8 -30.81 -82.50 -23.23
C GLU G 8 -31.47 -81.51 -22.28
N LEU G 9 -30.85 -80.35 -22.07
CA LEU G 9 -31.45 -79.32 -21.25
C LEU G 9 -32.78 -78.84 -21.83
N ASP G 10 -32.82 -78.67 -23.16
CA ASP G 10 -34.05 -78.28 -23.83
C ASP G 10 -35.14 -79.31 -23.60
N GLN G 11 -34.79 -80.60 -23.74
CA GLN G 11 -35.75 -81.66 -23.50
C GLN G 11 -36.28 -81.62 -22.07
N LEU G 12 -35.38 -81.45 -21.10
CA LEU G 12 -35.80 -81.42 -19.70
C LEU G 12 -36.73 -80.24 -19.43
N LEU G 13 -36.37 -79.05 -19.93
CA LEU G 13 -37.22 -77.88 -19.72
C LEU G 13 -38.57 -78.04 -20.40
N ASN G 14 -38.57 -78.65 -21.59
CA ASN G 14 -39.84 -78.88 -22.29
C ASN G 14 -40.73 -79.85 -21.51
N GLU G 15 -40.16 -80.90 -20.93
CA GLU G 15 -40.98 -81.90 -20.26
C GLU G 15 -41.31 -81.49 -18.83
N HIS G 16 -40.67 -80.42 -18.34
CA HIS G 16 -41.07 -79.86 -17.05
C HIS G 16 -41.82 -78.54 -17.17
N PHE G 17 -41.56 -77.76 -18.21
CA PHE G 17 -42.16 -76.45 -18.37
C PHE G 17 -42.69 -76.27 -19.79
N ALA G 18 -43.47 -77.23 -20.28
CA ALA G 18 -44.09 -77.12 -21.59
C ALA G 18 -44.97 -75.88 -21.65
N GLY G 19 -44.83 -75.10 -22.71
CA GLY G 19 -45.54 -73.83 -22.79
C GLY G 19 -45.01 -72.76 -21.86
N ARG G 20 -43.88 -72.99 -21.22
CA ARG G 20 -43.29 -72.05 -20.29
C ARG G 20 -41.85 -71.70 -20.66
N VAL G 21 -41.28 -72.32 -21.69
CA VAL G 21 -39.88 -72.12 -22.07
C VAL G 21 -39.87 -71.75 -23.55
N VAL G 22 -39.16 -70.67 -23.89
CA VAL G 22 -39.06 -70.19 -25.26
C VAL G 22 -37.60 -70.03 -25.64
N ARG G 23 -37.29 -70.10 -26.93
CA ARG G 23 -35.97 -69.73 -27.39
C ARG G 23 -35.83 -68.21 -27.34
N LYS G 24 -34.59 -67.74 -27.20
CA LYS G 24 -34.32 -66.34 -26.88
C LYS G 24 -34.05 -65.50 -28.13
N ASP G 25 -33.40 -66.08 -29.15
CA ASP G 25 -33.06 -65.29 -30.33
C ASP G 25 -34.29 -64.77 -31.05
N LEU G 26 -35.33 -65.59 -31.18
CA LEU G 26 -36.53 -65.18 -31.91
C LEU G 26 -37.18 -63.97 -31.26
N THR G 27 -37.06 -63.84 -29.93
CA THR G 27 -37.64 -62.70 -29.25
C THR G 27 -37.03 -61.40 -29.75
N LYS G 28 -35.70 -61.36 -29.91
CA LYS G 28 -35.07 -60.17 -30.47
C LYS G 28 -35.36 -60.07 -31.97
N LEU G 29 -35.44 -61.21 -32.66
CA LEU G 29 -35.76 -61.20 -34.08
C LEU G 29 -37.14 -60.64 -34.38
N ILE G 30 -38.04 -60.61 -33.39
CA ILE G 30 -39.36 -60.05 -33.58
C ILE G 30 -39.54 -58.73 -32.84
N LYS G 31 -38.64 -58.42 -31.90
CA LYS G 31 -38.86 -57.30 -31.00
C LYS G 31 -38.59 -55.95 -31.67
N GLU G 32 -38.06 -55.96 -32.90
CA GLU G 32 -37.68 -54.72 -33.58
C GLU G 32 -38.82 -53.71 -33.59
N GLY G 33 -40.00 -54.15 -34.02
CA GLY G 33 -41.19 -53.35 -33.85
C GLY G 33 -42.27 -54.14 -33.16
N ALA G 34 -42.61 -53.75 -31.93
CA ALA G 34 -43.66 -54.42 -31.17
C ALA G 34 -44.14 -53.56 -30.02
N ASN G 35 -45.40 -53.15 -30.07
CA ASN G 35 -46.02 -52.45 -28.95
C ASN G 35 -46.19 -53.38 -27.75
N VAL G 36 -46.42 -54.66 -28.01
CA VAL G 36 -46.69 -55.65 -26.97
C VAL G 36 -45.48 -55.74 -26.04
N PRO G 37 -45.69 -55.92 -24.74
CA PRO G 37 -44.55 -56.17 -23.85
C PRO G 37 -43.82 -57.44 -24.24
N VAL G 38 -42.54 -57.50 -23.87
CA VAL G 38 -41.66 -58.57 -24.36
C VAL G 38 -42.16 -59.94 -23.90
N TYR G 39 -42.58 -60.04 -22.64
CA TYR G 39 -42.94 -61.34 -22.09
C TYR G 39 -44.20 -61.91 -22.72
N VAL G 40 -45.18 -61.05 -23.00
CA VAL G 40 -46.40 -61.51 -23.67
C VAL G 40 -46.07 -62.02 -25.06
N LEU G 41 -45.20 -61.29 -25.77
CA LEU G 41 -44.76 -61.72 -27.09
C LEU G 41 -44.05 -63.06 -27.03
N GLU G 42 -43.20 -63.23 -26.02
CA GLU G 42 -42.51 -64.50 -25.84
C GLU G 42 -43.48 -65.64 -25.57
N TYR G 43 -44.49 -65.40 -24.73
CA TYR G 43 -45.48 -66.43 -24.44
C TYR G 43 -46.23 -66.80 -25.71
N LEU G 44 -46.64 -65.81 -26.50
CA LEU G 44 -47.34 -66.10 -27.74
C LEU G 44 -46.47 -66.91 -28.69
N LEU G 45 -45.21 -66.51 -28.85
CA LEU G 45 -44.32 -67.24 -29.76
C LEU G 45 -44.11 -68.67 -29.28
N GLY G 46 -43.91 -68.86 -27.97
CA GLY G 46 -43.75 -70.20 -27.43
C GLY G 46 -44.98 -71.06 -27.58
N MET G 47 -46.16 -70.45 -27.47
CA MET G 47 -47.39 -71.18 -27.74
C MET G 47 -47.45 -71.60 -29.20
N TYR G 48 -46.96 -70.74 -30.10
CA TYR G 48 -46.87 -71.09 -31.51
C TYR G 48 -45.56 -71.77 -31.88
N CYS G 49 -44.74 -72.12 -30.89
CA CYS G 49 -43.44 -72.74 -31.14
C CYS G 49 -43.49 -74.26 -30.99
N ALA G 50 -44.61 -74.86 -31.42
CA ALA G 50 -44.80 -76.30 -31.30
C ALA G 50 -43.65 -77.08 -31.94
N SER G 51 -43.17 -76.61 -33.08
CA SER G 51 -42.05 -77.25 -33.77
C SER G 51 -41.03 -76.19 -34.16
N ASP G 52 -39.76 -76.57 -34.12
CA ASP G 52 -38.66 -75.67 -34.43
C ASP G 52 -38.16 -75.81 -35.85
N ASP G 53 -38.99 -76.28 -36.78
CA ASP G 53 -38.61 -76.29 -38.19
C ASP G 53 -38.48 -74.85 -38.68
N PRO G 54 -37.42 -74.53 -39.46
CA PRO G 54 -37.23 -73.15 -39.91
C PRO G 54 -38.43 -72.57 -40.63
N GLU G 55 -39.08 -73.38 -41.47
CA GLU G 55 -40.30 -72.95 -42.13
C GLU G 55 -41.42 -72.74 -41.13
N ILE G 56 -41.56 -73.68 -40.18
CA ILE G 56 -42.60 -73.56 -39.15
C ILE G 56 -42.33 -72.34 -38.28
N ILE G 57 -41.06 -72.14 -37.91
CA ILE G 57 -40.71 -70.99 -37.09
C ILE G 57 -41.03 -69.69 -37.82
N GLU G 58 -40.65 -69.60 -39.10
CA GLU G 58 -40.90 -68.38 -39.86
C GLU G 58 -42.40 -68.13 -40.03
N GLN G 59 -43.17 -69.19 -40.29
CA GLN G 59 -44.61 -69.02 -40.46
C GLN G 59 -45.28 -68.62 -39.16
N GLY G 60 -44.83 -69.19 -38.03
CA GLY G 60 -45.36 -68.77 -36.75
C GLY G 60 -45.03 -67.32 -36.44
N LEU G 61 -43.83 -66.89 -36.80
CA LEU G 61 -43.46 -65.48 -36.63
C LEU G 61 -44.34 -64.58 -37.48
N ARG G 62 -44.61 -64.99 -38.72
CA ARG G 62 -45.49 -64.22 -39.59
C ARG G 62 -46.90 -64.15 -39.01
N ASN G 63 -47.37 -65.26 -38.45
CA ASN G 63 -48.69 -65.27 -37.82
C ASN G 63 -48.72 -64.32 -36.62
N VAL G 64 -47.63 -64.30 -35.85
CA VAL G 64 -47.55 -63.38 -34.71
C VAL G 64 -47.63 -61.94 -35.18
N LYS G 65 -46.87 -61.59 -36.24
CA LYS G 65 -46.96 -60.22 -36.75
C LYS G 65 -48.37 -59.91 -37.24
N THR G 66 -49.00 -60.84 -37.94
CA THR G 66 -50.35 -60.60 -38.45
C THR G 66 -51.33 -60.36 -37.31
N VAL G 67 -51.26 -61.19 -36.28
CA VAL G 67 -52.18 -61.06 -35.14
C VAL G 67 -51.96 -59.73 -34.43
N LEU G 68 -50.70 -59.38 -34.18
CA LEU G 68 -50.42 -58.13 -33.49
C LEU G 68 -50.83 -56.93 -34.34
N ALA G 69 -50.73 -57.03 -35.66
CA ALA G 69 -51.09 -55.94 -36.54
C ALA G 69 -52.59 -55.81 -36.76
N GLU G 70 -53.36 -56.88 -36.55
CA GLU G 70 -54.79 -56.84 -36.81
C GLU G 70 -55.59 -56.61 -35.52
N ASN G 71 -55.17 -57.19 -34.39
CA ASN G 71 -55.95 -57.08 -33.17
C ASN G 71 -55.59 -55.88 -32.31
N TYR G 72 -54.36 -55.38 -32.36
CA TYR G 72 -53.97 -54.35 -31.41
C TYR G 72 -54.67 -53.04 -31.72
N VAL G 73 -54.84 -52.23 -30.68
CA VAL G 73 -55.52 -50.95 -30.78
C VAL G 73 -54.62 -49.87 -30.21
N ARG G 74 -54.43 -48.78 -30.95
CA ARG G 74 -53.76 -47.61 -30.42
C ARG G 74 -54.73 -46.87 -29.50
N PRO G 75 -54.24 -46.16 -28.49
CA PRO G 75 -55.15 -45.52 -27.53
C PRO G 75 -56.18 -44.61 -28.18
N ASP G 76 -55.72 -43.73 -29.08
CA ASP G 76 -56.60 -42.74 -29.68
C ASP G 76 -57.71 -43.38 -30.50
N GLU G 77 -57.43 -44.51 -31.14
CA GLU G 77 -58.42 -45.17 -31.97
C GLU G 77 -59.28 -46.11 -31.14
N ALA G 78 -59.03 -46.17 -29.83
CA ALA G 78 -59.76 -47.07 -28.96
C ALA G 78 -61.26 -46.88 -29.11
N GLU G 79 -61.71 -45.62 -29.08
CA GLU G 79 -63.13 -45.34 -29.23
C GLU G 79 -63.69 -45.93 -30.52
N LYS G 80 -62.91 -45.85 -31.61
CA LYS G 80 -63.32 -46.46 -32.87
C LYS G 80 -63.72 -47.92 -32.67
N VAL G 81 -62.88 -48.67 -31.95
CA VAL G 81 -63.18 -50.08 -31.72
C VAL G 81 -64.55 -50.25 -31.08
N LYS G 82 -64.89 -49.37 -30.13
CA LYS G 82 -66.20 -49.45 -29.50
C LYS G 82 -67.31 -49.44 -30.53
N SER G 83 -67.22 -48.53 -31.51
CA SER G 83 -68.23 -48.50 -32.56
C SER G 83 -68.28 -49.83 -33.30
N LEU G 84 -67.11 -50.39 -33.63
CA LEU G 84 -67.08 -51.69 -34.28
C LEU G 84 -67.76 -52.74 -33.40
N VAL G 85 -67.56 -52.66 -32.09
CA VAL G 85 -68.26 -53.58 -31.19
C VAL G 85 -69.76 -53.35 -31.28
N ARG G 86 -70.18 -52.08 -31.32
CA ARG G 86 -71.60 -51.77 -31.42
C ARG G 86 -72.14 -52.09 -32.81
N GLU G 87 -71.38 -51.71 -33.85
CA GLU G 87 -71.85 -51.91 -35.21
C GLU G 87 -71.85 -53.38 -35.60
N ARG G 88 -70.75 -54.09 -35.35
CA ARG G 88 -70.63 -55.49 -35.77
C ARG G 88 -71.22 -56.46 -34.75
N GLY G 89 -71.59 -55.99 -33.57
CA GLY G 89 -72.13 -56.88 -32.55
C GLY G 89 -71.05 -57.56 -31.74
N SER G 90 -69.93 -57.90 -32.38
CA SER G 90 -68.81 -58.53 -31.69
C SER G 90 -67.53 -58.17 -32.42
N TYR G 91 -66.42 -58.23 -31.68
CA TYR G 91 -65.12 -57.85 -32.22
C TYR G 91 -64.02 -58.47 -31.37
N LYS G 92 -62.98 -58.98 -32.04
CA LYS G 92 -61.87 -59.61 -31.36
C LYS G 92 -60.70 -58.65 -31.25
N VAL G 93 -60.11 -58.53 -30.06
CA VAL G 93 -59.03 -57.60 -29.80
C VAL G 93 -57.99 -58.25 -28.90
N ILE G 94 -56.82 -57.61 -28.83
CA ILE G 94 -55.77 -57.93 -27.87
C ILE G 94 -55.63 -56.76 -26.92
N ASP G 95 -55.63 -57.03 -25.61
CA ASP G 95 -55.48 -55.95 -24.64
C ASP G 95 -55.22 -56.53 -23.26
N ARG G 96 -54.75 -55.67 -22.36
CA ARG G 96 -54.52 -56.04 -20.97
C ARG G 96 -55.81 -55.83 -20.17
N VAL G 97 -56.32 -56.91 -19.60
CA VAL G 97 -57.60 -56.91 -18.90
C VAL G 97 -57.37 -57.14 -17.42
N THR G 98 -58.04 -56.35 -16.59
CA THR G 98 -58.09 -56.56 -15.15
C THR G 98 -59.53 -56.85 -14.75
N VAL G 99 -59.71 -57.58 -13.66
CA VAL G 99 -61.05 -57.96 -13.22
C VAL G 99 -61.24 -57.55 -11.76
N LYS G 100 -62.40 -56.97 -11.47
CA LYS G 100 -62.78 -56.60 -10.13
C LYS G 100 -64.20 -57.08 -9.86
N LEU G 101 -64.41 -57.68 -8.69
CA LEU G 101 -65.73 -58.17 -8.32
C LEU G 101 -66.56 -57.04 -7.72
N ASN G 102 -67.55 -56.57 -8.47
CA ASN G 102 -68.51 -55.59 -7.95
C ASN G 102 -69.50 -56.37 -7.10
N GLU G 103 -69.39 -56.19 -5.78
CA GLU G 103 -70.26 -56.91 -4.85
C GLU G 103 -71.66 -56.33 -4.83
N ARG G 104 -71.80 -55.03 -5.08
CA ARG G 104 -73.12 -54.41 -5.03
C ARG G 104 -74.05 -54.96 -6.09
N LYS G 105 -73.51 -55.38 -7.23
CA LYS G 105 -74.28 -56.11 -8.24
C LYS G 105 -73.89 -57.57 -8.33
N ASP G 106 -72.94 -58.03 -7.52
CA ASP G 106 -72.56 -59.43 -7.44
C ASP G 106 -72.12 -59.98 -8.80
N LYS G 107 -71.19 -59.28 -9.44
CA LYS G 107 -70.72 -59.74 -10.74
C LYS G 107 -69.30 -59.22 -10.98
N TYR G 108 -68.61 -59.89 -11.90
CA TYR G 108 -67.24 -59.53 -12.23
C TYR G 108 -67.21 -58.53 -13.38
N GLU G 109 -66.59 -57.38 -13.13
CA GLU G 109 -66.47 -56.32 -14.10
C GLU G 109 -65.01 -56.22 -14.52
N ALA G 110 -64.76 -56.27 -15.83
CA ALA G 110 -63.42 -56.21 -16.37
C ALA G 110 -63.16 -54.81 -16.90
N SER G 111 -61.93 -54.34 -16.67
CA SER G 111 -61.44 -53.06 -17.15
C SER G 111 -60.34 -53.30 -18.17
N PHE G 112 -60.45 -52.62 -19.30
CA PHE G 112 -59.48 -52.73 -20.40
C PHE G 112 -58.46 -51.60 -20.24
N SER G 113 -57.19 -51.96 -20.29
CA SER G 113 -56.13 -50.98 -20.06
C SER G 113 -56.14 -49.89 -21.14
N ASN G 114 -56.32 -50.28 -22.39
CA ASN G 114 -56.19 -49.30 -23.47
C ASN G 114 -57.54 -48.87 -24.02
N LEU G 115 -58.52 -49.78 -24.05
CA LEU G 115 -59.82 -49.46 -24.64
C LEU G 115 -60.57 -48.39 -23.86
N GLY G 116 -60.31 -48.27 -22.56
CA GLY G 116 -61.04 -47.31 -21.75
C GLY G 116 -62.33 -47.84 -21.15
N ILE G 117 -62.76 -49.04 -21.52
CA ILE G 117 -63.92 -49.64 -20.89
C ILE G 117 -63.52 -50.15 -19.51
N LYS G 118 -64.27 -49.74 -18.49
CA LYS G 118 -63.89 -49.99 -17.11
C LYS G 118 -64.77 -51.00 -16.40
N ASP G 119 -65.94 -51.34 -16.95
CA ASP G 119 -66.89 -52.18 -16.22
C ASP G 119 -67.56 -53.23 -17.09
N ALA G 120 -66.89 -53.76 -18.11
CA ALA G 120 -67.54 -54.72 -18.99
C ALA G 120 -67.84 -56.01 -18.24
N GLU G 121 -69.04 -56.55 -18.44
CA GLU G 121 -69.44 -57.76 -17.73
C GLU G 121 -68.59 -58.94 -18.18
N ILE G 122 -68.16 -59.77 -17.22
CA ILE G 122 -67.46 -61.01 -17.53
C ILE G 122 -68.01 -62.11 -16.62
N SER G 123 -68.19 -63.30 -17.21
CA SER G 123 -68.75 -64.42 -16.47
C SER G 123 -67.76 -64.92 -15.43
N ALA G 124 -68.30 -65.46 -14.33
CA ALA G 124 -67.47 -66.01 -13.28
C ALA G 124 -66.67 -67.22 -13.76
N GLY G 125 -67.18 -67.92 -14.78
CA GLY G 125 -66.47 -69.09 -15.29
C GLY G 125 -65.11 -68.73 -15.86
N ILE G 126 -65.05 -67.66 -16.66
CA ILE G 126 -63.78 -67.27 -17.28
C ILE G 126 -62.79 -66.82 -16.22
N VAL G 127 -63.23 -66.00 -15.27
CA VAL G 127 -62.31 -65.49 -14.25
C VAL G 127 -61.83 -66.62 -13.34
N LYS G 128 -62.69 -67.62 -13.09
CA LYS G 128 -62.21 -68.82 -12.42
C LYS G 128 -61.18 -69.55 -13.26
N GLU G 129 -61.39 -69.61 -14.57
CA GLU G 129 -60.43 -70.28 -15.44
C GLU G 129 -59.10 -69.56 -15.47
N TYR G 130 -59.11 -68.22 -15.43
CA TYR G 130 -57.90 -67.41 -15.46
C TYR G 130 -57.96 -66.39 -14.32
N GLU G 131 -57.48 -66.81 -13.14
CA GLU G 131 -57.54 -65.94 -11.98
C GLU G 131 -56.49 -64.85 -12.01
N LYS G 132 -55.49 -64.98 -12.90
CA LYS G 132 -54.47 -63.93 -13.00
C LYS G 132 -55.02 -62.66 -13.62
N LEU G 133 -56.16 -62.74 -14.31
CA LEU G 133 -56.88 -61.53 -14.69
C LEU G 133 -57.25 -60.70 -13.47
N LEU G 134 -57.41 -61.35 -12.33
CA LEU G 134 -57.93 -60.73 -11.12
C LEU G 134 -56.84 -60.17 -10.22
N VAL G 135 -55.57 -60.42 -10.53
CA VAL G 135 -54.47 -59.99 -9.68
C VAL G 135 -53.88 -58.65 -10.10
N GLY G 136 -53.34 -58.54 -11.31
CA GLY G 136 -52.76 -57.30 -11.76
C GLY G 136 -53.06 -56.98 -13.20
N GLY G 137 -53.95 -57.77 -13.81
CA GLY G 137 -54.28 -57.58 -15.20
C GLY G 137 -53.32 -58.30 -16.12
N ILE G 138 -53.84 -59.07 -17.07
CA ILE G 138 -53.01 -59.86 -17.96
C ILE G 138 -53.42 -59.57 -19.40
N TRP G 139 -52.47 -59.74 -20.31
CA TRP G 139 -52.74 -59.48 -21.72
C TRP G 139 -53.44 -60.67 -22.34
N VAL G 140 -54.64 -60.44 -22.87
CA VAL G 140 -55.47 -61.52 -23.41
C VAL G 140 -56.05 -61.10 -24.75
N ILE G 141 -56.42 -62.09 -25.55
CA ILE G 141 -57.30 -61.87 -26.70
C ILE G 141 -58.73 -62.05 -26.19
N ALA G 142 -59.59 -61.12 -26.54
CA ALA G 142 -60.95 -61.07 -26.03
C ALA G 142 -61.93 -60.85 -27.17
N THR G 143 -63.10 -61.46 -27.05
CA THR G 143 -64.19 -61.28 -28.01
C THR G 143 -65.24 -60.39 -27.38
N LEU G 144 -65.07 -59.07 -27.52
CA LEU G 144 -66.03 -58.12 -26.98
C LEU G 144 -67.35 -58.23 -27.72
N SER G 145 -68.44 -58.19 -26.96
CA SER G 145 -69.78 -58.21 -27.50
C SER G 145 -70.58 -57.03 -26.95
N TYR G 146 -71.38 -56.42 -27.82
CA TYR G 146 -72.21 -55.29 -27.44
C TYR G 146 -73.65 -55.75 -27.35
N TYR G 147 -74.29 -55.49 -26.21
CA TYR G 147 -75.67 -55.92 -25.98
C TYR G 147 -76.31 -54.94 -25.00
N PHE G 148 -77.25 -54.14 -25.51
CA PHE G 148 -77.83 -53.05 -24.74
C PHE G 148 -79.35 -53.14 -24.77
N GLU G 149 -79.97 -52.91 -23.62
CA GLU G 149 -81.41 -52.72 -23.52
C GLU G 149 -81.71 -51.37 -22.90
N GLU G 150 -82.82 -50.77 -23.31
CA GLU G 150 -83.18 -49.45 -22.81
C GLU G 150 -83.42 -49.50 -21.31
N GLY G 151 -82.82 -48.56 -20.58
CA GLY G 151 -82.98 -48.49 -19.15
C GLY G 151 -82.12 -49.42 -18.34
N GLN G 152 -81.29 -50.24 -18.99
CA GLN G 152 -80.41 -51.14 -18.25
C GLN G 152 -79.31 -50.36 -17.56
N THR G 153 -78.81 -50.91 -16.45
CA THR G 153 -77.76 -50.26 -15.68
C THR G 153 -76.41 -50.95 -15.81
N SER G 154 -76.39 -52.23 -16.17
CA SER G 154 -75.13 -52.93 -16.39
C SER G 154 -74.48 -52.43 -17.67
N SER G 155 -73.16 -52.55 -17.72
CA SER G 155 -72.43 -52.12 -18.91
C SER G 155 -72.80 -53.03 -20.09
N PRO G 156 -73.15 -52.45 -21.24
CA PRO G 156 -73.55 -53.29 -22.39
C PRO G 156 -72.42 -54.09 -22.98
N PHE G 157 -71.17 -53.77 -22.67
CA PHE G 157 -70.03 -54.50 -23.22
C PHE G 157 -69.83 -55.80 -22.46
N GLY G 158 -69.84 -56.91 -23.21
CA GLY G 158 -69.61 -58.21 -22.62
C GLY G 158 -68.57 -58.98 -23.42
N VAL G 159 -67.83 -59.82 -22.72
CA VAL G 159 -66.77 -60.62 -23.31
C VAL G 159 -67.22 -62.07 -23.30
N SER G 160 -67.24 -62.69 -24.48
CA SER G 160 -67.69 -64.07 -24.62
C SER G 160 -66.54 -65.07 -24.61
N LEU G 161 -65.45 -64.76 -25.29
CA LEU G 161 -64.29 -65.65 -25.35
C LEU G 161 -63.07 -64.87 -24.89
N LEU G 162 -62.24 -65.50 -24.06
CA LEU G 162 -61.03 -64.89 -23.55
C LEU G 162 -59.92 -65.94 -23.54
N LYS G 163 -58.75 -65.57 -24.05
CA LYS G 163 -57.60 -66.46 -24.08
C LYS G 163 -56.35 -65.68 -23.67
N PRO G 164 -55.70 -66.05 -22.57
CA PRO G 164 -54.51 -65.31 -22.13
C PRO G 164 -53.37 -65.40 -23.12
N ILE G 165 -52.59 -64.33 -23.20
CA ILE G 165 -51.41 -64.29 -24.07
C ILE G 165 -50.19 -64.11 -23.19
N GLN G 166 -50.37 -64.22 -21.88
CA GLN G 166 -49.26 -64.35 -20.96
C GLN G 166 -49.62 -65.44 -19.95
N MET G 167 -48.61 -65.92 -19.23
CA MET G 167 -48.73 -67.16 -18.48
C MET G 167 -49.92 -67.12 -17.53
N PRO G 168 -50.97 -67.90 -17.78
CA PRO G 168 -52.10 -67.96 -16.85
C PRO G 168 -52.02 -69.10 -15.86
N ASN G 169 -52.31 -68.81 -14.60
CA ASN G 169 -52.70 -69.84 -13.64
C ASN G 169 -51.65 -70.91 -13.39
N MET G 170 -50.49 -70.53 -12.88
CA MET G 170 -49.53 -71.52 -12.42
C MET G 170 -49.48 -71.47 -10.89
N ASN G 171 -49.23 -72.63 -10.28
CA ASN G 171 -49.10 -72.70 -8.83
C ASN G 171 -47.75 -73.25 -8.39
N MET G 172 -46.68 -72.96 -9.12
CA MET G 172 -45.37 -73.55 -8.88
C MET G 172 -45.48 -75.06 -9.00
N ASP G 173 -45.63 -75.73 -7.85
CA ASP G 173 -45.91 -77.16 -7.78
C ASP G 173 -45.03 -77.98 -8.71
N GLU G 174 -45.41 -78.04 -9.99
CA GLU G 174 -44.60 -78.73 -10.99
C GLU G 174 -43.24 -78.07 -11.13
N LEU G 175 -43.15 -76.80 -10.75
CA LEU G 175 -41.88 -76.09 -10.73
C LEU G 175 -40.90 -76.77 -9.77
N PHE G 176 -41.37 -77.10 -8.57
CA PHE G 176 -40.49 -77.74 -7.58
C PHE G 176 -40.01 -79.10 -8.07
N SER G 177 -40.92 -79.89 -8.65
CA SER G 177 -40.55 -81.20 -9.17
C SER G 177 -39.56 -81.08 -10.33
N GLY G 178 -39.80 -80.11 -11.22
CA GLY G 178 -38.88 -79.90 -12.33
C GLY G 178 -37.50 -79.49 -11.87
N ARG G 179 -37.43 -78.59 -10.88
CA ARG G 179 -36.14 -78.23 -10.31
C ARG G 179 -35.45 -79.42 -9.67
N ALA G 180 -36.20 -80.21 -8.90
CA ALA G 180 -35.61 -81.37 -8.24
C ALA G 180 -35.09 -82.39 -9.25
N ALA G 181 -35.77 -82.53 -10.39
CA ALA G 181 -35.35 -83.48 -11.40
C ALA G 181 -34.14 -83.03 -12.20
N LEU G 182 -33.72 -81.77 -12.04
CA LEU G 182 -32.52 -81.26 -12.69
C LEU G 182 -31.45 -80.99 -11.65
N SER G 183 -30.19 -81.11 -12.07
CA SER G 183 -29.09 -80.91 -11.14
C SER G 183 -28.94 -79.43 -10.81
N THR G 184 -28.20 -79.15 -9.73
CA THR G 184 -27.96 -77.78 -9.31
C THR G 184 -27.25 -76.99 -10.39
N ASP G 185 -26.25 -77.59 -11.03
CA ASP G 185 -25.59 -76.93 -12.16
C ASP G 185 -26.58 -76.68 -13.28
N GLN G 186 -27.44 -77.66 -13.56
CA GLN G 186 -28.46 -77.49 -14.59
C GLN G 186 -29.40 -76.34 -14.26
N TRP G 187 -29.86 -76.26 -13.01
CA TRP G 187 -30.74 -75.16 -12.62
C TRP G 187 -30.04 -73.81 -12.74
N ARG G 188 -28.79 -73.73 -12.27
CA ARG G 188 -28.05 -72.47 -12.34
C ARG G 188 -27.90 -72.01 -13.78
N GLU G 189 -27.51 -72.93 -14.67
CA GLU G 189 -27.27 -72.56 -16.05
C GLU G 189 -28.58 -72.25 -16.78
N SER G 190 -29.66 -72.96 -16.43
CA SER G 190 -30.96 -72.63 -16.98
C SER G 190 -31.39 -71.23 -16.57
N LEU G 191 -31.19 -70.88 -15.30
CA LEU G 191 -31.45 -69.52 -14.84
C LEU G 191 -30.57 -68.53 -15.59
N ILE G 192 -29.35 -68.95 -15.95
CA ILE G 192 -28.48 -68.08 -16.74
C ILE G 192 -29.10 -67.81 -18.11
N ARG G 193 -29.65 -68.84 -18.77
CA ARG G 193 -30.40 -68.56 -20.00
C ARG G 193 -31.62 -67.69 -19.73
N SER G 194 -32.20 -67.81 -18.54
CA SER G 194 -33.46 -67.12 -18.26
C SER G 194 -33.32 -65.60 -18.40
N ILE G 195 -32.16 -65.05 -18.06
CA ILE G 195 -31.91 -63.63 -18.21
C ILE G 195 -31.48 -63.35 -19.64
N GLY G 196 -31.02 -64.39 -20.34
CA GLY G 196 -30.48 -64.23 -21.67
C GLY G 196 -28.98 -64.28 -21.76
N MET G 197 -28.30 -64.87 -20.79
CA MET G 197 -26.85 -65.01 -20.78
C MET G 197 -26.47 -66.47 -21.04
N GLU G 198 -25.28 -66.65 -21.59
CA GLU G 198 -24.79 -67.99 -21.91
C GLU G 198 -23.92 -68.52 -20.78
N PRO G 199 -24.39 -69.53 -20.05
CA PRO G 199 -23.56 -70.07 -18.95
C PRO G 199 -22.26 -70.70 -19.43
N ALA G 200 -22.25 -71.28 -20.63
CA ALA G 200 -21.04 -71.89 -21.15
C ALA G 200 -19.95 -70.87 -21.40
N SER G 201 -20.30 -69.66 -21.83
CA SER G 201 -19.34 -68.62 -22.13
C SER G 201 -18.89 -67.85 -20.90
N LEU G 202 -19.42 -68.17 -19.73
CA LEU G 202 -19.10 -67.46 -18.49
C LEU G 202 -18.55 -68.44 -17.46
N LYS G 203 -17.52 -68.02 -16.74
CA LYS G 203 -16.96 -68.84 -15.67
C LYS G 203 -17.86 -68.82 -14.44
N GLU G 204 -17.62 -69.77 -13.54
CA GLU G 204 -18.59 -70.09 -12.49
C GLU G 204 -18.78 -68.93 -11.50
N ASP G 205 -17.69 -68.26 -11.13
CA ASP G 205 -17.82 -67.15 -10.19
C ASP G 205 -18.64 -66.02 -10.80
N VAL G 206 -18.49 -65.79 -12.11
CA VAL G 206 -19.36 -64.84 -12.80
C VAL G 206 -20.81 -65.33 -12.79
N GLN G 207 -21.01 -66.64 -12.86
CA GLN G 207 -22.36 -67.18 -12.72
C GLN G 207 -22.94 -66.86 -11.34
N TRP G 208 -22.12 -66.99 -10.30
CA TRP G 208 -22.59 -66.65 -8.96
C TRP G 208 -22.87 -65.16 -8.84
N HIS G 209 -22.07 -64.33 -9.52
CA HIS G 209 -22.35 -62.90 -9.55
C HIS G 209 -23.68 -62.61 -10.25
N LEU G 210 -23.94 -63.31 -11.35
CA LEU G 210 -25.22 -63.17 -12.03
C LEU G 210 -26.37 -63.55 -11.11
N LEU G 211 -26.23 -64.66 -10.40
CA LEU G 211 -27.27 -65.07 -9.45
C LEU G 211 -27.46 -64.03 -8.35
N ALA G 212 -26.35 -63.46 -7.85
CA ALA G 212 -26.45 -62.40 -6.87
C ALA G 212 -27.19 -61.19 -7.43
N ARG G 213 -27.10 -60.97 -8.74
CA ARG G 213 -27.89 -59.91 -9.36
C ARG G 213 -29.38 -60.21 -9.28
N MET G 214 -29.77 -61.49 -9.36
CA MET G 214 -31.18 -61.86 -9.25
C MET G 214 -31.65 -61.96 -7.80
N VAL G 215 -30.74 -62.05 -6.84
CA VAL G 215 -31.11 -62.18 -5.43
C VAL G 215 -32.10 -61.11 -4.96
N PRO G 216 -31.94 -59.83 -5.29
CA PRO G 216 -32.86 -58.81 -4.75
C PRO G 216 -34.33 -59.08 -5.06
N PHE G 217 -34.62 -59.77 -6.16
CA PHE G 217 -36.01 -60.01 -6.53
C PHE G 217 -36.70 -61.03 -5.64
N VAL G 218 -35.95 -61.81 -4.85
CA VAL G 218 -36.56 -62.82 -4.00
C VAL G 218 -36.45 -62.48 -2.51
N GLU G 219 -35.70 -61.45 -2.15
CA GLU G 219 -35.50 -61.08 -0.76
C GLU G 219 -36.13 -59.72 -0.50
N ASN G 220 -36.85 -59.61 0.62
CA ASN G 220 -37.54 -58.37 0.96
C ASN G 220 -36.58 -57.43 1.68
N ASN G 221 -36.56 -56.18 1.22
CA ASN G 221 -35.65 -55.15 1.74
C ASN G 221 -34.20 -55.59 1.61
N TYR G 222 -33.76 -55.74 0.37
CA TYR G 222 -32.39 -56.16 0.05
C TYR G 222 -31.63 -54.95 -0.48
N ASN G 223 -30.74 -54.42 0.35
CA ASN G 223 -29.84 -53.36 -0.09
C ASN G 223 -28.55 -53.99 -0.59
N VAL G 224 -28.19 -53.67 -1.83
CA VAL G 224 -27.00 -54.26 -2.45
C VAL G 224 -26.37 -53.24 -3.39
N CYS G 225 -25.04 -53.27 -3.47
CA CYS G 225 -24.28 -52.37 -4.32
C CYS G 225 -23.54 -53.16 -5.38
N GLU G 226 -23.33 -52.52 -6.53
CA GLU G 226 -22.70 -53.15 -7.69
C GLU G 226 -22.03 -52.05 -8.51
N LEU G 227 -20.71 -51.95 -8.41
CA LEU G 227 -19.96 -50.96 -9.17
C LEU G 227 -19.00 -51.70 -10.11
N GLY G 228 -18.98 -51.28 -11.36
CA GLY G 228 -18.15 -51.93 -12.35
C GLY G 228 -17.99 -51.13 -13.63
N PRO G 229 -17.09 -51.58 -14.50
CA PRO G 229 -16.87 -50.88 -15.77
C PRO G 229 -18.10 -50.94 -16.66
N ARG G 230 -18.22 -49.92 -17.51
CA ARG G 230 -19.33 -49.83 -18.44
C ARG G 230 -19.29 -50.98 -19.45
N GLY G 231 -20.47 -51.39 -19.90
CA GLY G 231 -20.57 -52.42 -20.91
C GLY G 231 -20.62 -53.84 -20.40
N THR G 232 -20.82 -54.03 -19.10
CA THR G 232 -20.89 -55.36 -18.51
C THR G 232 -22.32 -55.82 -18.25
N GLY G 233 -23.31 -55.11 -18.78
CA GLY G 233 -24.70 -55.49 -18.59
C GLY G 233 -25.20 -55.39 -17.16
N LYS G 234 -24.81 -54.33 -16.44
CA LYS G 234 -25.15 -54.23 -15.03
C LYS G 234 -26.65 -54.02 -14.83
N SER G 235 -27.23 -53.07 -15.55
CA SER G 235 -28.59 -52.64 -15.27
C SER G 235 -29.62 -53.25 -16.21
N HIS G 236 -29.22 -54.10 -17.15
CA HIS G 236 -30.17 -54.65 -18.12
C HIS G 236 -31.23 -55.49 -17.43
N ILE G 237 -30.84 -56.23 -16.39
CA ILE G 237 -31.81 -57.05 -15.66
C ILE G 237 -32.87 -56.18 -14.99
N TYR G 238 -32.47 -55.05 -14.43
CA TYR G 238 -33.41 -54.17 -13.75
C TYR G 238 -34.21 -53.30 -14.70
N LYS G 239 -33.82 -53.25 -15.97
CA LYS G 239 -34.52 -52.45 -16.97
C LYS G 239 -35.45 -53.26 -17.85
N GLU G 240 -35.11 -54.52 -18.14
CA GLU G 240 -35.89 -55.32 -19.07
C GLU G 240 -36.40 -56.63 -18.50
N CYS G 241 -35.68 -57.21 -17.54
CA CYS G 241 -35.90 -58.60 -17.15
C CYS G 241 -36.94 -58.78 -16.06
N SER G 242 -37.73 -57.75 -15.73
CA SER G 242 -38.78 -57.93 -14.75
C SER G 242 -39.81 -56.82 -14.85
N PRO G 243 -41.10 -57.13 -14.76
CA PRO G 243 -42.11 -56.07 -14.63
C PRO G 243 -42.26 -55.52 -13.22
N ASN G 244 -41.43 -55.97 -12.27
CA ASN G 244 -41.54 -55.56 -10.88
C ASN G 244 -40.33 -54.75 -10.42
N SER G 245 -39.56 -54.20 -11.36
CA SER G 245 -38.37 -53.43 -11.04
C SER G 245 -38.41 -52.08 -11.76
N ILE G 246 -37.78 -51.09 -11.14
CA ILE G 246 -37.72 -49.74 -11.71
C ILE G 246 -36.31 -49.18 -11.49
N LEU G 247 -35.86 -48.37 -12.44
CA LEU G 247 -34.55 -47.73 -12.40
C LEU G 247 -34.73 -46.23 -12.32
N VAL G 248 -34.08 -45.60 -11.34
CA VAL G 248 -34.07 -44.15 -11.20
C VAL G 248 -32.69 -43.67 -11.61
N SER G 249 -32.53 -43.32 -12.89
CA SER G 249 -31.25 -42.93 -13.44
C SER G 249 -31.12 -41.42 -13.52
N GLY G 250 -29.88 -40.95 -13.46
CA GLY G 250 -29.58 -39.53 -13.55
C GLY G 250 -29.36 -38.82 -12.23
N GLY G 251 -29.84 -39.38 -11.12
CA GLY G 251 -29.59 -38.79 -9.83
C GLY G 251 -30.60 -37.75 -9.39
N GLN G 252 -31.50 -37.35 -10.29
CA GLN G 252 -32.55 -36.40 -9.95
C GLN G 252 -33.61 -37.16 -9.13
N THR G 253 -33.41 -37.19 -7.81
CA THR G 253 -34.27 -37.91 -6.90
C THR G 253 -34.74 -36.99 -5.79
N THR G 254 -36.01 -37.14 -5.42
CA THR G 254 -36.60 -36.39 -4.33
C THR G 254 -37.18 -37.36 -3.30
N VAL G 255 -37.07 -36.97 -2.03
CA VAL G 255 -37.57 -37.82 -0.95
C VAL G 255 -39.07 -38.06 -1.12
N ALA G 256 -39.78 -37.08 -1.67
CA ALA G 256 -41.21 -37.27 -1.91
C ALA G 256 -41.47 -38.33 -2.95
N ASN G 257 -40.69 -38.34 -4.03
CA ASN G 257 -40.90 -39.31 -5.10
C ASN G 257 -40.57 -40.72 -4.64
N LEU G 258 -39.45 -40.89 -3.94
CA LEU G 258 -39.00 -42.23 -3.56
C LEU G 258 -39.79 -42.78 -2.38
N PHE G 259 -40.12 -41.96 -1.39
CA PHE G 259 -40.67 -42.46 -0.13
C PHE G 259 -42.12 -42.05 0.07
N TYR G 260 -42.44 -40.77 0.08
CA TYR G 260 -43.79 -40.34 0.44
C TYR G 260 -44.06 -38.94 -0.05
N ASN G 261 -45.07 -38.80 -0.90
CA ASN G 261 -45.53 -37.49 -1.36
C ASN G 261 -46.49 -36.93 -0.31
N MET G 262 -45.99 -36.08 0.57
CA MET G 262 -46.81 -35.57 1.67
C MET G 262 -47.95 -34.70 1.15
N SER G 263 -47.80 -34.09 -0.02
CA SER G 263 -48.88 -33.30 -0.59
C SER G 263 -50.07 -34.18 -0.96
N SER G 264 -49.82 -35.29 -1.66
CA SER G 264 -50.88 -36.20 -2.04
C SER G 264 -50.99 -37.41 -1.12
N ARG G 265 -50.37 -37.34 0.07
CA ARG G 265 -50.43 -38.40 1.10
C ARG G 265 -50.21 -39.79 0.50
N ARG G 266 -49.42 -39.85 -0.56
CA ARG G 266 -49.32 -41.02 -1.42
C ARG G 266 -47.92 -41.59 -1.34
N ILE G 267 -47.81 -42.88 -1.03
CA ILE G 267 -46.51 -43.48 -0.70
C ILE G 267 -45.66 -43.54 -1.96
N GLY G 268 -44.34 -43.54 -1.77
CA GLY G 268 -43.40 -43.46 -2.87
C GLY G 268 -43.15 -44.81 -3.53
N LEU G 269 -42.04 -44.86 -4.27
CA LEU G 269 -41.71 -46.05 -5.05
C LEU G 269 -41.47 -47.26 -4.16
N VAL G 270 -41.04 -47.04 -2.92
CA VAL G 270 -40.70 -48.14 -2.03
C VAL G 270 -41.88 -49.04 -1.75
N GLY G 271 -43.10 -48.50 -1.81
CA GLY G 271 -44.29 -49.33 -1.66
C GLY G 271 -44.86 -49.89 -2.92
N LEU G 272 -44.22 -49.65 -4.07
CA LEU G 272 -44.77 -50.03 -5.37
C LEU G 272 -43.92 -51.01 -6.15
N TRP G 273 -42.60 -50.84 -6.17
CA TRP G 273 -41.73 -51.67 -6.97
C TRP G 273 -40.91 -52.60 -6.08
N ASP G 274 -40.86 -53.87 -6.45
CA ASP G 274 -40.12 -54.84 -5.66
C ASP G 274 -38.63 -54.53 -5.63
N VAL G 275 -38.07 -54.09 -6.76
CA VAL G 275 -36.67 -53.71 -6.85
C VAL G 275 -36.58 -52.29 -7.39
N VAL G 276 -35.90 -51.42 -6.66
CA VAL G 276 -35.58 -50.08 -7.11
C VAL G 276 -34.08 -49.99 -7.24
N ALA G 277 -33.61 -49.62 -8.43
CA ALA G 277 -32.18 -49.54 -8.72
C ALA G 277 -31.81 -48.10 -9.02
N PHE G 278 -30.58 -47.72 -8.68
CA PHE G 278 -30.07 -46.39 -8.93
C PHE G 278 -28.87 -46.51 -9.84
N ASP G 279 -29.05 -46.16 -11.11
CA ASP G 279 -27.95 -46.10 -12.06
C ASP G 279 -27.23 -44.76 -11.92
N GLN G 280 -25.93 -44.77 -12.14
CA GLN G 280 -25.09 -43.57 -12.05
C GLN G 280 -25.25 -42.91 -10.68
N VAL G 281 -24.87 -43.68 -9.66
CA VAL G 281 -25.09 -43.26 -8.27
C VAL G 281 -24.35 -41.97 -7.96
N ALA G 282 -23.23 -41.73 -8.65
CA ALA G 282 -22.41 -40.55 -8.39
C ALA G 282 -23.20 -39.26 -8.53
N GLY G 283 -24.22 -39.24 -9.39
CA GLY G 283 -24.99 -38.04 -9.62
C GLY G 283 -26.18 -37.83 -8.72
N ILE G 284 -26.42 -38.74 -7.77
CA ILE G 284 -27.63 -38.62 -6.94
C ILE G 284 -27.41 -37.53 -5.91
N SER G 285 -28.34 -36.58 -5.87
CA SER G 285 -28.32 -35.48 -4.91
C SER G 285 -29.73 -35.22 -4.43
N PHE G 286 -29.90 -35.08 -3.12
CA PHE G 286 -31.21 -34.86 -2.52
C PHE G 286 -31.36 -33.40 -2.12
N LYS G 287 -32.41 -32.75 -2.63
CA LYS G 287 -32.72 -31.40 -2.19
C LYS G 287 -33.06 -31.35 -0.71
N ASP G 288 -33.83 -32.31 -0.22
CA ASP G 288 -34.11 -32.44 1.19
C ASP G 288 -32.96 -33.16 1.88
N LYS G 289 -32.41 -32.53 2.92
CA LYS G 289 -31.24 -33.11 3.59
C LYS G 289 -31.56 -34.43 4.26
N ASP G 290 -32.80 -34.62 4.69
CA ASP G 290 -33.18 -35.83 5.42
C ASP G 290 -33.30 -37.05 4.52
N GLY G 291 -33.13 -36.88 3.21
CA GLY G 291 -33.24 -38.02 2.31
C GLY G 291 -32.26 -39.13 2.66
N VAL G 292 -31.01 -38.76 2.94
CA VAL G 292 -30.00 -39.76 3.29
C VAL G 292 -30.38 -40.46 4.60
N GLN G 293 -30.83 -39.70 5.59
CA GLN G 293 -31.21 -40.31 6.87
C GLN G 293 -32.43 -41.22 6.70
N ILE G 294 -33.38 -40.82 5.86
CA ILE G 294 -34.55 -41.67 5.62
C ILE G 294 -34.15 -42.94 4.89
N MET G 295 -33.21 -42.84 3.95
CA MET G 295 -32.67 -44.04 3.32
C MET G 295 -32.01 -44.94 4.36
N LYS G 296 -31.26 -44.33 5.28
CA LYS G 296 -30.59 -45.11 6.32
C LYS G 296 -31.61 -45.87 7.18
N ASP G 297 -32.65 -45.17 7.62
CA ASP G 297 -33.67 -45.82 8.46
C ASP G 297 -34.41 -46.90 7.69
N TYR G 298 -34.77 -46.63 6.44
CA TYR G 298 -35.47 -47.62 5.63
C TYR G 298 -34.62 -48.85 5.41
N MET G 299 -33.33 -48.67 5.12
CA MET G 299 -32.43 -49.79 5.01
C MET G 299 -32.28 -50.54 6.32
N ALA G 300 -32.36 -49.82 7.45
CA ALA G 300 -32.24 -50.47 8.74
C ALA G 300 -33.44 -51.36 9.05
N SER G 301 -34.65 -50.89 8.77
CA SER G 301 -35.84 -51.62 9.17
C SER G 301 -36.77 -52.01 8.04
N GLY G 302 -36.74 -51.31 6.90
CA GLY G 302 -37.79 -51.47 5.93
C GLY G 302 -39.04 -50.70 6.28
N SER G 303 -39.08 -50.10 7.47
CA SER G 303 -40.16 -49.23 7.89
C SER G 303 -39.55 -47.88 8.26
N PHE G 304 -40.10 -46.84 7.66
CA PHE G 304 -39.54 -45.50 7.76
C PHE G 304 -40.63 -44.52 8.18
N ALA G 305 -40.27 -43.61 9.08
CA ALA G 305 -41.21 -42.66 9.65
C ALA G 305 -41.21 -41.37 8.83
N ARG G 306 -42.32 -41.12 8.14
CA ARG G 306 -42.48 -39.90 7.36
C ARG G 306 -43.76 -39.23 7.82
N GLY G 307 -43.69 -37.95 8.15
CA GLY G 307 -44.80 -37.31 8.79
C GLY G 307 -45.13 -37.99 10.10
N ARG G 308 -46.41 -38.27 10.34
CA ARG G 308 -46.84 -38.87 11.60
C ARG G 308 -47.10 -40.37 11.50
N GLU G 309 -46.63 -41.02 10.45
CA GLU G 309 -46.81 -42.45 10.28
C GLU G 309 -45.51 -43.12 9.87
N GLN G 310 -45.29 -44.32 10.37
CA GLN G 310 -44.26 -45.22 9.88
C GLN G 310 -44.87 -46.09 8.79
N MET G 311 -44.17 -46.21 7.66
CA MET G 311 -44.62 -47.02 6.55
C MET G 311 -43.63 -48.15 6.31
N GLU G 312 -44.16 -49.36 6.18
CA GLU G 312 -43.35 -50.55 5.92
C GLU G 312 -43.27 -50.79 4.42
N ALA G 313 -42.06 -51.00 3.94
CA ALA G 313 -41.85 -51.25 2.52
C ALA G 313 -40.84 -52.38 2.36
N SER G 314 -41.14 -53.31 1.47
CA SER G 314 -40.27 -54.45 1.20
C SER G 314 -39.44 -54.28 -0.06
N ALA G 315 -39.39 -53.09 -0.62
CA ALA G 315 -38.61 -52.86 -1.84
C ALA G 315 -37.13 -53.09 -1.60
N SER G 316 -36.51 -53.86 -2.48
CA SER G 316 -35.08 -54.09 -2.41
C SER G 316 -34.35 -53.04 -3.24
N MET G 317 -33.34 -52.41 -2.65
CA MET G 317 -32.69 -51.26 -3.27
C MET G 317 -31.28 -51.64 -3.72
N VAL G 318 -30.94 -51.26 -4.95
CA VAL G 318 -29.68 -51.60 -5.58
C VAL G 318 -29.00 -50.31 -6.02
N PHE G 319 -27.68 -50.25 -5.85
CA PHE G 319 -26.88 -49.10 -6.26
C PHE G 319 -25.91 -49.55 -7.34
N VAL G 320 -26.22 -49.24 -8.60
CA VAL G 320 -25.40 -49.66 -9.74
C VAL G 320 -24.56 -48.47 -10.18
N GLY G 321 -23.26 -48.68 -10.33
CA GLY G 321 -22.36 -47.58 -10.64
C GLY G 321 -21.29 -47.97 -11.64
N ASN G 322 -20.78 -46.95 -12.32
CA ASN G 322 -19.74 -47.08 -13.33
C ASN G 322 -18.39 -46.72 -12.73
N ILE G 323 -17.39 -47.57 -12.95
CA ILE G 323 -16.05 -47.38 -12.41
C ILE G 323 -15.12 -46.96 -13.54
N ASN G 324 -14.46 -45.83 -13.37
CA ASN G 324 -13.57 -45.27 -14.38
C ASN G 324 -12.08 -45.50 -14.08
N GLN G 325 -11.75 -46.09 -12.94
CA GLN G 325 -10.37 -46.27 -12.52
C GLN G 325 -10.07 -47.75 -12.30
N SER G 326 -8.79 -48.11 -12.43
CA SER G 326 -8.37 -49.47 -12.21
C SER G 326 -8.60 -49.89 -10.76
N VAL G 327 -8.90 -51.17 -10.58
CA VAL G 327 -9.33 -51.67 -9.28
C VAL G 327 -8.21 -51.53 -8.25
N GLU G 328 -7.00 -51.92 -8.61
CA GLU G 328 -5.91 -51.94 -7.63
C GLU G 328 -5.52 -50.53 -7.21
N SER G 329 -5.53 -49.57 -8.15
CA SER G 329 -5.24 -48.19 -7.81
C SER G 329 -6.29 -47.63 -6.85
N LEU G 330 -7.56 -47.91 -7.11
CA LEU G 330 -8.62 -47.46 -6.21
C LEU G 330 -8.47 -48.09 -4.83
N VAL G 331 -8.11 -49.38 -4.78
CA VAL G 331 -7.89 -50.05 -3.50
C VAL G 331 -6.74 -49.38 -2.75
N LYS G 332 -5.65 -49.08 -3.44
CA LYS G 332 -4.47 -48.52 -2.79
C LYS G 332 -4.70 -47.10 -2.31
N THR G 333 -5.40 -46.28 -3.09
CA THR G 333 -5.52 -44.87 -2.78
C THR G 333 -6.88 -44.44 -2.25
N SER G 334 -7.89 -45.30 -2.35
CA SER G 334 -9.23 -44.93 -1.89
C SER G 334 -10.01 -46.16 -1.43
N HIS G 335 -11.32 -46.01 -1.26
CA HIS G 335 -12.18 -47.14 -0.96
C HIS G 335 -13.03 -47.44 -2.20
N LEU G 336 -13.45 -48.70 -2.31
CA LEU G 336 -14.18 -49.14 -3.49
C LEU G 336 -15.52 -48.45 -3.65
N LEU G 337 -16.04 -47.80 -2.61
CA LEU G 337 -17.27 -47.04 -2.68
C LEU G 337 -17.04 -45.58 -3.01
N ALA G 338 -15.85 -45.22 -3.48
CA ALA G 338 -15.44 -43.86 -3.83
C ALA G 338 -16.39 -43.18 -4.82
N PRO G 339 -16.86 -43.86 -5.88
CA PRO G 339 -17.74 -43.18 -6.84
C PRO G 339 -19.03 -42.66 -6.23
N PHE G 340 -19.44 -43.13 -5.06
CA PHE G 340 -20.65 -42.62 -4.44
C PHE G 340 -20.47 -41.16 -4.05
N PRO G 341 -21.54 -40.37 -4.07
CA PRO G 341 -21.41 -38.93 -3.76
C PRO G 341 -20.96 -38.71 -2.32
N GLU G 342 -20.24 -37.59 -2.13
CA GLU G 342 -19.71 -37.27 -0.81
C GLU G 342 -20.80 -37.14 0.23
N ALA G 343 -21.97 -36.62 -0.17
CA ALA G 343 -23.10 -36.53 0.74
C ALA G 343 -23.57 -37.89 1.24
N MET G 344 -23.21 -38.96 0.53
CA MET G 344 -23.57 -40.31 0.94
C MET G 344 -22.39 -41.17 1.38
N ILE G 345 -21.18 -40.62 1.38
CA ILE G 345 -20.02 -41.38 1.84
C ILE G 345 -19.98 -41.34 3.36
N ASP G 346 -20.61 -42.33 3.99
CA ASP G 346 -20.66 -42.42 5.44
C ASP G 346 -20.57 -43.88 5.83
N SER G 347 -19.88 -44.15 6.95
CA SER G 347 -19.75 -45.53 7.41
C SER G 347 -21.10 -46.13 7.78
N ALA G 348 -21.94 -45.36 8.46
CA ALA G 348 -23.27 -45.86 8.82
C ALA G 348 -24.12 -46.15 7.58
N PHE G 349 -24.08 -45.28 6.59
CA PHE G 349 -24.86 -45.48 5.38
C PHE G 349 -24.42 -46.73 4.63
N PHE G 350 -23.11 -46.95 4.51
CA PHE G 350 -22.62 -48.11 3.79
C PHE G 350 -22.71 -49.37 4.63
N ASP G 351 -22.90 -49.23 5.93
CA ASP G 351 -23.09 -50.39 6.80
C ASP G 351 -24.34 -51.18 6.46
N ARG G 352 -25.28 -50.59 5.73
CA ARG G 352 -26.55 -51.22 5.41
C ARG G 352 -26.51 -52.00 4.10
N PHE G 353 -25.41 -51.93 3.35
CA PHE G 353 -25.29 -52.66 2.10
C PHE G 353 -25.00 -54.13 2.41
N HIS G 354 -25.89 -55.01 1.95
CA HIS G 354 -25.74 -56.43 2.27
C HIS G 354 -24.65 -57.09 1.43
N ALA G 355 -24.41 -56.58 0.23
CA ALA G 355 -23.42 -57.20 -0.64
C ALA G 355 -22.84 -56.15 -1.59
N TYR G 356 -21.65 -56.44 -2.10
CA TYR G 356 -20.96 -55.64 -3.10
C TYR G 356 -20.54 -56.57 -4.23
N ILE G 357 -21.19 -56.41 -5.39
CA ILE G 357 -20.90 -57.28 -6.53
C ILE G 357 -19.67 -56.75 -7.26
N PRO G 358 -18.67 -57.59 -7.50
CA PRO G 358 -17.45 -57.11 -8.18
C PRO G 358 -17.69 -56.89 -9.66
N GLY G 359 -18.17 -55.70 -10.03
CA GLY G 359 -18.44 -55.39 -11.42
C GLY G 359 -17.23 -55.49 -12.32
N TRP G 360 -16.01 -55.41 -11.77
CA TRP G 360 -14.81 -55.58 -12.57
C TRP G 360 -14.63 -57.02 -13.04
N GLU G 361 -14.99 -57.99 -12.19
CA GLU G 361 -14.89 -59.40 -12.55
C GLU G 361 -15.84 -59.78 -13.67
N ILE G 362 -16.89 -58.98 -13.90
CA ILE G 362 -17.85 -59.24 -14.95
C ILE G 362 -17.23 -58.83 -16.27
N PRO G 363 -17.12 -59.73 -17.25
CA PRO G 363 -16.59 -59.33 -18.56
C PRO G 363 -17.56 -58.41 -19.29
N LYS G 364 -17.01 -57.59 -20.18
CA LYS G 364 -17.83 -56.68 -20.95
C LYS G 364 -18.76 -57.45 -21.88
N MET G 365 -19.90 -56.86 -22.20
CA MET G 365 -20.93 -57.57 -22.95
C MET G 365 -20.47 -57.84 -24.38
N ARG G 366 -20.68 -59.06 -24.83
CA ARG G 366 -20.38 -59.51 -26.17
C ARG G 366 -21.57 -60.30 -26.68
N PRO G 367 -21.90 -60.21 -27.97
CA PRO G 367 -22.92 -61.12 -28.52
C PRO G 367 -22.59 -62.58 -28.35
N GLU G 368 -21.32 -62.92 -28.13
CA GLU G 368 -20.94 -64.29 -27.81
C GLU G 368 -21.53 -64.72 -26.47
N PHE G 369 -21.70 -63.79 -25.53
CA PHE G 369 -22.22 -64.12 -24.22
C PHE G 369 -23.74 -64.25 -24.19
N PHE G 370 -24.44 -63.81 -25.23
CA PHE G 370 -25.89 -63.92 -25.31
C PHE G 370 -26.25 -65.35 -25.67
N THR G 371 -27.03 -66.00 -24.80
CA THR G 371 -27.51 -67.34 -25.11
C THR G 371 -28.61 -67.28 -26.16
N ASN G 372 -28.70 -68.34 -26.95
CA ASN G 372 -29.71 -68.45 -28.00
C ASN G 372 -30.49 -69.76 -27.91
N ARG G 373 -30.53 -70.38 -26.74
CA ARG G 373 -31.27 -71.61 -26.50
C ARG G 373 -32.57 -71.29 -25.77
N TYR G 374 -33.29 -72.34 -25.37
CA TYR G 374 -34.52 -72.15 -24.63
C TYR G 374 -34.24 -71.72 -23.20
N GLY G 375 -35.22 -71.03 -22.60
CA GLY G 375 -35.13 -70.64 -21.21
C GLY G 375 -36.52 -70.29 -20.69
N LEU G 376 -36.60 -70.10 -19.38
CA LEU G 376 -37.87 -69.76 -18.77
C LEU G 376 -38.36 -68.40 -19.27
N ILE G 377 -39.68 -68.27 -19.39
CA ILE G 377 -40.27 -66.99 -19.77
C ILE G 377 -39.95 -65.96 -18.71
N VAL G 378 -39.55 -64.75 -19.14
CA VAL G 378 -39.09 -63.73 -18.20
C VAL G 378 -40.20 -63.36 -17.22
N ASP G 379 -41.44 -63.32 -17.68
CA ASP G 379 -42.55 -63.07 -16.77
C ASP G 379 -42.71 -64.21 -15.77
N TYR G 380 -42.54 -65.45 -16.22
CA TYR G 380 -42.57 -66.58 -15.32
C TYR G 380 -41.48 -66.47 -14.27
N LEU G 381 -40.28 -66.07 -14.68
CA LEU G 381 -39.19 -65.93 -13.73
C LEU G 381 -39.48 -64.83 -12.72
N ALA G 382 -40.05 -63.72 -13.18
CA ALA G 382 -40.37 -62.62 -12.28
C ALA G 382 -41.44 -63.02 -11.26
N GLU G 383 -42.50 -63.70 -11.70
CA GLU G 383 -43.51 -64.13 -10.74
C GLU G 383 -42.97 -65.21 -9.81
N PHE G 384 -42.03 -66.02 -10.30
CA PHE G 384 -41.35 -66.98 -9.42
C PHE G 384 -40.60 -66.25 -8.32
N PHE G 385 -39.89 -65.18 -8.68
CA PHE G 385 -39.22 -64.36 -7.68
C PHE G 385 -40.22 -63.77 -6.69
N ARG G 386 -41.34 -63.25 -7.21
CA ARG G 386 -42.34 -62.62 -6.35
C ARG G 386 -42.92 -63.63 -5.35
N GLU G 387 -43.23 -64.83 -5.81
CA GLU G 387 -43.79 -65.83 -4.91
C GLU G 387 -42.75 -66.35 -3.93
N MET G 388 -41.48 -66.37 -4.33
CA MET G 388 -40.45 -66.74 -3.37
C MET G 388 -40.19 -65.64 -2.34
N ARG G 389 -40.57 -64.40 -2.62
CA ARG G 389 -40.40 -63.35 -1.64
C ARG G 389 -41.15 -63.62 -0.33
N LYS G 390 -42.16 -64.49 -0.36
CA LYS G 390 -42.97 -64.76 0.82
C LYS G 390 -42.33 -65.75 1.79
N ARG G 391 -41.38 -66.55 1.35
CA ARG G 391 -40.82 -67.63 2.17
C ARG G 391 -39.56 -67.18 2.87
N SER G 392 -39.06 -68.03 3.76
CA SER G 392 -37.89 -67.73 4.57
C SER G 392 -36.92 -68.91 4.53
N PHE G 393 -35.63 -68.60 4.40
CA PHE G 393 -34.57 -69.61 4.43
C PHE G 393 -33.34 -69.13 5.20
N ALA G 394 -33.53 -68.23 6.17
CA ALA G 394 -32.40 -67.71 6.92
C ALA G 394 -31.81 -68.73 7.87
N ASP G 395 -32.52 -69.82 8.15
CA ASP G 395 -32.04 -70.84 9.06
C ASP G 395 -31.26 -71.96 8.36
N SER G 396 -31.14 -71.90 7.03
CA SER G 396 -30.38 -72.92 6.31
C SER G 396 -28.91 -72.91 6.71
N ILE G 397 -28.42 -71.80 7.25
CA ILE G 397 -27.06 -71.75 7.77
C ILE G 397 -26.93 -72.56 9.05
N GLU G 398 -27.93 -72.48 9.93
CA GLU G 398 -27.78 -73.00 11.29
C GLU G 398 -27.58 -74.52 11.30
N LYS G 399 -28.30 -75.25 10.45
CA LYS G 399 -28.21 -76.71 10.50
C LYS G 399 -26.83 -77.21 10.09
N TYR G 400 -26.06 -76.41 9.36
CA TYR G 400 -24.77 -76.86 8.86
C TYR G 400 -23.58 -76.08 9.41
N PHE G 401 -23.65 -74.76 9.50
CA PHE G 401 -22.49 -73.96 9.86
C PHE G 401 -22.87 -72.88 10.87
N LYS G 402 -21.87 -72.42 11.61
CA LYS G 402 -22.04 -71.37 12.60
C LYS G 402 -21.16 -70.17 12.22
N LEU G 403 -21.72 -68.98 12.34
CA LEU G 403 -21.04 -67.78 11.89
C LEU G 403 -19.79 -67.50 12.74
N GLY G 404 -18.76 -66.96 12.09
CA GLY G 404 -17.54 -66.63 12.79
C GLY G 404 -17.74 -65.51 13.78
N ASN G 405 -16.77 -65.40 14.70
CA ASN G 405 -16.85 -64.43 15.78
C ASN G 405 -16.80 -62.98 15.29
N ASN G 406 -16.10 -62.72 14.19
CA ASN G 406 -15.95 -61.37 13.66
C ASN G 406 -17.26 -60.78 13.14
N LEU G 407 -18.30 -61.58 13.01
CA LEU G 407 -19.56 -61.15 12.43
C LEU G 407 -20.45 -60.56 13.53
N ASN G 408 -20.66 -59.24 13.48
CA ASN G 408 -21.61 -58.62 14.39
C ASN G 408 -23.04 -58.95 13.96
N GLN G 409 -24.00 -58.62 14.82
CA GLN G 409 -25.38 -59.00 14.58
C GLN G 409 -25.90 -58.45 13.25
N ARG G 410 -25.46 -57.25 12.86
CA ARG G 410 -25.90 -56.73 11.56
C ARG G 410 -25.25 -57.47 10.41
N ASP G 411 -23.98 -57.85 10.56
CA ASP G 411 -23.35 -58.71 9.56
C ASP G 411 -24.06 -60.06 9.51
N VAL G 412 -24.48 -60.57 10.67
CA VAL G 412 -25.27 -61.78 10.72
C VAL G 412 -26.53 -61.62 9.89
N ILE G 413 -27.23 -60.50 10.08
CA ILE G 413 -28.47 -60.25 9.36
C ILE G 413 -28.22 -60.19 7.86
N ALA G 414 -27.16 -59.48 7.47
CA ALA G 414 -26.86 -59.33 6.04
C ALA G 414 -26.53 -60.69 5.41
N VAL G 415 -25.68 -61.47 6.06
CA VAL G 415 -25.25 -62.74 5.47
C VAL G 415 -26.42 -63.73 5.43
N ARG G 416 -27.29 -63.69 6.44
CA ARG G 416 -28.44 -64.59 6.40
C ARG G 416 -29.45 -64.17 5.35
N LYS G 417 -29.61 -62.86 5.13
CA LYS G 417 -30.44 -62.40 4.02
C LYS G 417 -29.88 -62.91 2.69
N THR G 418 -28.57 -62.79 2.51
CA THR G 418 -27.94 -63.24 1.27
C THR G 418 -28.10 -64.75 1.08
N VAL G 419 -27.89 -65.54 2.14
CA VAL G 419 -27.99 -66.99 2.00
C VAL G 419 -29.43 -67.39 1.73
N SER G 420 -30.38 -66.69 2.33
CA SER G 420 -31.78 -66.95 2.05
C SER G 420 -32.09 -66.66 0.58
N GLY G 421 -31.54 -65.56 0.06
CA GLY G 421 -31.74 -65.26 -1.35
C GLY G 421 -31.15 -66.33 -2.26
N LEU G 422 -29.95 -66.79 -1.94
CA LEU G 422 -29.32 -67.82 -2.76
C LEU G 422 -30.11 -69.13 -2.72
N MET G 423 -30.61 -69.51 -1.53
CA MET G 423 -31.45 -70.70 -1.44
C MET G 423 -32.74 -70.53 -2.24
N LYS G 424 -33.35 -69.35 -2.17
CA LYS G 424 -34.56 -69.12 -2.94
C LYS G 424 -34.31 -69.25 -4.43
N LEU G 425 -33.19 -68.70 -4.92
CA LEU G 425 -32.88 -68.80 -6.34
C LEU G 425 -32.54 -70.23 -6.75
N LEU G 426 -31.80 -70.95 -5.90
CA LEU G 426 -31.29 -72.25 -6.28
C LEU G 426 -32.19 -73.40 -5.86
N TYR G 427 -32.74 -73.36 -4.65
CA TYR G 427 -33.54 -74.47 -4.12
C TYR G 427 -34.87 -73.98 -3.58
N PRO G 428 -35.78 -73.54 -4.46
CA PRO G 428 -37.15 -73.24 -4.01
C PRO G 428 -37.88 -74.47 -3.50
N HIS G 429 -37.50 -75.65 -3.97
CA HIS G 429 -38.13 -76.90 -3.57
C HIS G 429 -37.84 -77.27 -2.11
N GLY G 430 -36.84 -76.64 -1.50
CA GLY G 430 -36.64 -76.77 -0.07
C GLY G 430 -35.69 -77.86 0.39
N GLN G 431 -35.20 -78.71 -0.51
CA GLN G 431 -34.22 -79.72 -0.12
C GLN G 431 -32.85 -79.31 -0.65
N PHE G 432 -31.83 -79.45 0.19
CA PHE G 432 -30.48 -79.00 -0.15
C PHE G 432 -29.50 -79.74 0.74
N ASN G 433 -28.26 -79.84 0.27
CA ASN G 433 -27.21 -80.56 0.98
C ASN G 433 -26.27 -79.57 1.67
N LYS G 434 -25.32 -80.10 2.42
CA LYS G 434 -24.39 -79.25 3.15
C LYS G 434 -23.39 -78.58 2.21
N GLU G 435 -23.07 -79.23 1.09
CA GLU G 435 -22.11 -78.66 0.15
C GLU G 435 -22.67 -77.42 -0.55
N ASP G 436 -23.93 -77.46 -0.96
CA ASP G 436 -24.55 -76.30 -1.58
C ASP G 436 -24.62 -75.13 -0.59
N VAL G 437 -25.02 -75.41 0.65
CA VAL G 437 -25.05 -74.38 1.68
C VAL G 437 -23.65 -73.84 1.91
N ARG G 438 -22.65 -74.71 1.86
CA ARG G 438 -21.26 -74.27 2.01
C ARG G 438 -20.86 -73.29 0.92
N GLN G 439 -21.17 -73.64 -0.34
CA GLN G 439 -20.80 -72.77 -1.46
C GLN G 439 -21.50 -71.42 -1.37
N CYS G 440 -22.82 -71.44 -1.14
CA CYS G 440 -23.58 -70.20 -1.05
C CYS G 440 -23.14 -69.37 0.14
N LEU G 441 -22.83 -70.02 1.27
CA LEU G 441 -22.40 -69.31 2.46
C LEU G 441 -21.04 -68.67 2.24
N GLU G 442 -20.15 -69.37 1.54
CA GLU G 442 -18.86 -68.78 1.19
C GLU G 442 -19.04 -67.54 0.31
N TYR G 443 -19.93 -67.64 -0.68
CA TYR G 443 -20.18 -66.48 -1.53
C TYR G 443 -20.76 -65.33 -0.72
N ALA G 444 -21.70 -65.62 0.18
CA ALA G 444 -22.32 -64.59 1.01
C ALA G 444 -21.29 -63.93 1.92
N LEU G 445 -20.45 -64.73 2.56
CA LEU G 445 -19.43 -64.17 3.44
C LEU G 445 -18.45 -63.32 2.64
N GLN G 446 -18.10 -63.75 1.43
CA GLN G 446 -17.20 -62.96 0.60
C GLN G 446 -17.82 -61.61 0.23
N VAL G 447 -19.07 -61.62 -0.22
CA VAL G 447 -19.69 -60.38 -0.67
C VAL G 447 -19.93 -59.44 0.51
N ARG G 448 -20.26 -59.97 1.68
CA ARG G 448 -20.41 -59.11 2.86
C ARG G 448 -19.06 -58.61 3.35
N ARG G 449 -18.01 -59.44 3.22
CA ARG G 449 -16.70 -59.06 3.70
C ARG G 449 -16.08 -57.97 2.84
N ARG G 450 -16.42 -57.95 1.55
CA ARG G 450 -15.99 -56.84 0.71
C ARG G 450 -16.53 -55.51 1.23
N VAL G 451 -17.84 -55.47 1.53
CA VAL G 451 -18.44 -54.27 2.10
C VAL G 451 -17.81 -53.96 3.45
N LYS G 452 -17.51 -55.00 4.23
CA LYS G 452 -16.91 -54.78 5.54
C LYS G 452 -15.52 -54.18 5.43
N GLU G 453 -14.73 -54.61 4.43
CA GLU G 453 -13.42 -54.03 4.20
C GLU G 453 -13.53 -52.57 3.78
N GLN G 454 -14.48 -52.26 2.91
CA GLN G 454 -14.70 -50.86 2.56
C GLN G 454 -15.08 -50.03 3.79
N LEU G 455 -15.97 -50.58 4.63
CA LEU G 455 -16.35 -49.91 5.87
C LEU G 455 -15.16 -49.71 6.79
N LYS G 456 -14.29 -50.72 6.86
CA LYS G 456 -13.05 -50.59 7.63
C LYS G 456 -12.22 -49.42 7.14
N LYS G 457 -11.97 -49.35 5.83
CA LYS G 457 -11.12 -48.28 5.33
C LYS G 457 -11.78 -46.92 5.49
N ILE G 458 -13.11 -46.88 5.54
CA ILE G 458 -13.82 -45.61 5.70
C ILE G 458 -13.88 -45.17 7.17
N GLY G 459 -13.95 -46.13 8.10
CA GLY G 459 -14.19 -45.79 9.48
C GLY G 459 -13.06 -45.99 10.47
N GLY G 460 -11.95 -46.57 10.03
CA GLY G 460 -10.81 -46.72 10.92
C GLY G 460 -10.94 -47.96 11.79
N MET G 461 -11.01 -47.73 13.11
CA MET G 461 -11.05 -48.85 14.05
C MET G 461 -12.47 -49.36 14.27
N GLU G 462 -13.47 -48.68 13.71
CA GLU G 462 -14.86 -49.06 13.95
C GLU G 462 -15.20 -50.42 13.35
N PHE G 463 -14.61 -50.77 12.20
CA PHE G 463 -14.94 -52.01 11.50
C PHE G 463 -13.73 -52.93 11.41
N TYR G 464 -12.99 -53.07 12.52
CA TYR G 464 -11.78 -53.88 12.51
C TYR G 464 -12.07 -55.36 12.23
N ASP G 465 -13.25 -55.83 12.63
CA ASP G 465 -13.60 -57.25 12.46
C ASP G 465 -13.95 -57.51 11.00
N VAL G 466 -12.90 -57.78 10.22
CA VAL G 466 -13.05 -58.12 8.80
C VAL G 466 -12.71 -59.55 8.49
N HIS G 467 -12.15 -60.30 9.44
CA HIS G 467 -11.79 -61.70 9.21
C HIS G 467 -13.06 -62.56 9.25
N PHE G 468 -13.72 -62.63 8.10
CA PHE G 468 -14.99 -63.34 8.01
C PHE G 468 -14.74 -64.83 7.80
N SER G 469 -15.41 -65.65 8.62
CA SER G 469 -15.20 -67.09 8.60
C SER G 469 -16.48 -67.79 9.02
N TYR G 470 -16.55 -69.08 8.73
CA TYR G 470 -17.65 -69.93 9.15
C TYR G 470 -17.11 -71.24 9.69
N ILE G 471 -17.77 -71.75 10.72
CA ILE G 471 -17.34 -72.95 11.43
C ILE G 471 -18.26 -74.09 11.02
N ASP G 472 -17.67 -75.19 10.54
CA ASP G 472 -18.45 -76.39 10.28
C ASP G 472 -18.94 -76.97 11.61
N ASN G 473 -20.25 -77.18 11.73
CA ASN G 473 -20.80 -77.62 12.99
C ASN G 473 -20.43 -79.06 13.33
N ASP G 474 -19.93 -79.81 12.36
CA ASP G 474 -19.56 -81.21 12.60
C ASP G 474 -18.09 -81.37 12.98
N THR G 475 -17.17 -80.92 12.12
CA THR G 475 -15.75 -81.08 12.38
C THR G 475 -15.16 -79.93 13.18
N LEU G 476 -15.96 -78.90 13.49
CA LEU G 476 -15.55 -77.72 14.24
C LEU G 476 -14.42 -76.95 13.56
N GLU G 477 -14.11 -77.29 12.31
CA GLU G 477 -13.08 -76.56 11.58
C GLU G 477 -13.61 -75.22 11.10
N GLU G 478 -12.85 -74.16 11.34
CA GLU G 478 -13.22 -72.82 10.91
C GLU G 478 -12.55 -72.53 9.58
N HIS G 479 -13.35 -72.16 8.58
CA HIS G 479 -12.86 -71.81 7.26
C HIS G 479 -13.03 -70.30 7.08
N PHE G 480 -11.93 -69.63 6.75
CA PHE G 480 -11.94 -68.20 6.48
C PHE G 480 -12.01 -67.97 4.97
N VAL G 481 -12.93 -67.11 4.55
CA VAL G 481 -13.13 -66.79 3.15
C VAL G 481 -12.64 -65.37 2.92
N SER G 482 -11.76 -65.20 1.93
CA SER G 482 -11.20 -63.91 1.60
C SER G 482 -11.85 -63.36 0.33
N VAL G 483 -11.33 -62.23 -0.13
CA VAL G 483 -11.78 -61.60 -1.36
C VAL G 483 -10.60 -61.50 -2.31
N LYS G 484 -10.89 -61.54 -3.61
CA LYS G 484 -9.82 -61.54 -4.61
C LYS G 484 -9.07 -60.21 -4.64
N GLU G 485 -9.77 -59.09 -4.48
CA GLU G 485 -9.12 -57.79 -4.60
C GLU G 485 -8.08 -57.58 -3.50
N GLN G 486 -8.36 -58.05 -2.29
CA GLN G 486 -7.39 -57.98 -1.21
C GLN G 486 -6.47 -59.19 -1.24
N GLY G 487 -5.35 -59.11 -0.54
CA GLY G 487 -4.40 -60.20 -0.49
C GLY G 487 -4.40 -60.92 0.84
N LEU G 491 0.95 -53.10 0.85
CA LEU G 491 2.00 -54.03 0.44
C LEU G 491 3.33 -53.32 0.26
N ILE G 492 3.74 -52.56 1.30
CA ILE G 492 5.01 -51.86 1.33
C ILE G 492 5.09 -50.89 0.15
N PRO G 493 4.33 -49.81 0.14
CA PRO G 493 4.39 -48.84 -0.96
C PRO G 493 5.56 -47.89 -0.76
N GLU G 494 5.67 -46.92 -1.68
CA GLU G 494 6.68 -45.89 -1.60
C GLU G 494 6.18 -44.72 -0.76
N GLY G 495 6.99 -44.30 0.19
CA GLY G 495 6.62 -43.25 1.12
C GLY G 495 6.48 -43.77 2.54
N PRO G 496 6.89 -42.97 3.52
CA PRO G 496 6.83 -43.41 4.91
C PRO G 496 5.39 -43.54 5.39
N ALA G 497 5.13 -44.58 6.16
CA ALA G 497 3.79 -44.80 6.71
C ALA G 497 3.55 -43.89 7.91
N LYS G 498 2.37 -44.01 8.49
CA LYS G 498 2.03 -43.23 9.67
C LYS G 498 2.71 -43.84 10.90
N PRO G 499 2.86 -43.07 11.98
CA PRO G 499 3.45 -43.63 13.20
C PRO G 499 2.67 -44.84 13.70
N GLY G 500 3.40 -45.86 14.13
CA GLY G 500 2.81 -47.11 14.54
C GLY G 500 2.48 -48.07 13.43
N PHE G 501 2.71 -47.68 12.17
CA PHE G 501 2.42 -48.52 11.02
C PHE G 501 3.73 -49.17 10.55
N LEU G 502 3.65 -50.44 10.14
CA LEU G 502 4.82 -51.14 9.66
C LEU G 502 4.39 -52.36 8.86
N TYR G 503 5.37 -53.02 8.26
CA TYR G 503 5.15 -54.24 7.50
C TYR G 503 6.11 -55.33 7.96
N THR G 504 5.62 -56.57 8.03
CA THR G 504 6.44 -57.69 8.45
C THR G 504 6.21 -58.87 7.54
N ILE G 505 7.19 -59.78 7.52
CA ILE G 505 7.06 -61.07 6.86
C ILE G 505 7.34 -62.15 7.90
N GLY G 506 6.43 -63.11 7.99
CA GLY G 506 6.57 -64.14 9.01
C GLY G 506 6.01 -65.46 8.55
N LEU G 507 6.45 -66.52 9.22
CA LEU G 507 6.02 -67.87 8.88
C LEU G 507 4.65 -68.12 9.46
N SER G 508 3.67 -68.36 8.59
CA SER G 508 2.32 -68.63 9.04
C SER G 508 2.24 -70.05 9.63
N ASN G 509 1.06 -70.39 10.13
CA ASN G 509 0.83 -71.72 10.67
C ASN G 509 0.83 -72.79 9.59
N LYS G 510 0.77 -72.40 8.31
CA LYS G 510 0.80 -73.35 7.21
C LYS G 510 2.22 -73.58 6.68
N GLY G 511 3.23 -72.95 7.27
CA GLY G 511 4.60 -73.13 6.82
C GLY G 511 5.00 -72.25 5.66
N MET G 512 4.08 -71.47 5.10
CA MET G 512 4.41 -70.57 4.01
C MET G 512 4.58 -69.16 4.54
N PRO G 513 5.73 -68.52 4.33
CA PRO G 513 5.92 -67.15 4.80
C PRO G 513 4.95 -66.20 4.12
N GLY G 514 4.49 -65.21 4.86
CA GLY G 514 3.52 -64.26 4.35
C GLY G 514 3.83 -62.85 4.81
N LEU G 515 3.38 -61.89 4.02
CA LEU G 515 3.52 -60.48 4.32
C LEU G 515 2.26 -59.95 4.98
N TYR G 516 2.43 -59.25 6.09
CA TYR G 516 1.31 -58.67 6.82
C TYR G 516 1.66 -57.22 7.18
N ARG G 517 0.64 -56.42 7.44
CA ARG G 517 0.82 -55.03 7.84
C ARG G 517 0.29 -54.86 9.26
N LEU G 518 1.00 -54.06 10.05
CA LEU G 518 0.65 -53.80 11.43
C LEU G 518 0.34 -52.33 11.58
N GLU G 519 -0.78 -52.00 12.22
CA GLU G 519 -1.23 -50.63 12.35
C GLU G 519 -1.58 -50.35 13.81
N LEU G 520 -0.96 -49.34 14.40
CA LEU G 520 -1.18 -48.99 15.79
C LEU G 520 -1.76 -47.60 15.92
N GLN G 521 -2.83 -47.48 16.71
CA GLN G 521 -3.42 -46.20 17.08
C GLN G 521 -3.15 -45.94 18.55
N VAL G 522 -2.49 -44.81 18.83
CA VAL G 522 -2.09 -44.44 20.19
C VAL G 522 -2.91 -43.24 20.62
N THR G 523 -3.59 -43.36 21.75
CA THR G 523 -4.42 -42.29 22.29
C THR G 523 -4.08 -42.06 23.75
N LYS G 524 -4.63 -40.98 24.31
CA LYS G 524 -4.51 -40.75 25.74
C LYS G 524 -5.29 -41.81 26.50
N GLY G 525 -4.64 -42.46 27.46
CA GLY G 525 -5.30 -43.50 28.23
C GLY G 525 -4.55 -43.96 29.45
N SER G 526 -4.74 -45.23 29.82
CA SER G 526 -4.16 -45.81 31.03
C SER G 526 -3.21 -46.96 30.72
N GLY G 527 -2.47 -46.89 29.62
CA GLY G 527 -1.57 -47.95 29.26
C GLY G 527 -2.23 -49.21 28.74
N LYS G 528 -3.51 -49.15 28.41
CA LYS G 528 -4.25 -50.31 27.94
C LYS G 528 -3.74 -50.75 26.58
N LEU G 529 -3.75 -52.05 26.34
CA LEU G 529 -3.43 -52.63 25.05
C LEU G 529 -4.65 -53.36 24.51
N ALA G 530 -5.03 -53.05 23.27
CA ALA G 530 -6.11 -53.74 22.58
C ALA G 530 -5.54 -54.39 21.33
N THR G 531 -5.98 -55.62 21.05
CA THR G 531 -5.47 -56.37 19.92
C THR G 531 -6.61 -56.74 18.99
N SER G 532 -6.39 -56.55 17.70
CA SER G 532 -7.40 -56.86 16.70
C SER G 532 -6.71 -57.32 15.42
N GLY G 533 -7.44 -58.10 14.62
CA GLY G 533 -6.87 -58.67 13.41
C GLY G 533 -5.78 -59.70 13.64
N LEU G 534 -5.68 -60.25 14.84
CA LEU G 534 -4.66 -61.24 15.17
C LEU G 534 -5.08 -62.63 14.73
N TRP G 535 -6.15 -62.70 13.94
CA TRP G 535 -6.77 -63.97 13.52
C TRP G 535 -7.22 -64.79 14.72
N ASN G 536 -7.48 -64.12 15.85
CA ASN G 536 -7.88 -64.78 17.09
C ASN G 536 -6.78 -65.73 17.59
N SER G 537 -5.56 -65.54 17.10
CA SER G 537 -4.44 -66.39 17.49
C SER G 537 -4.02 -66.12 18.94
N SER G 538 -4.08 -67.14 19.78
CA SER G 538 -3.67 -67.02 21.18
C SER G 538 -2.17 -66.78 21.27
N SER G 539 -1.40 -67.46 20.43
CA SER G 539 0.05 -67.30 20.42
C SER G 539 0.44 -65.88 20.05
N ALA G 540 -0.24 -65.31 19.05
CA ALA G 540 0.03 -63.91 18.68
C ALA G 540 -0.33 -62.97 19.81
N LYS G 541 -1.44 -63.23 20.51
CA LYS G 541 -1.81 -62.40 21.64
C LYS G 541 -0.76 -62.46 22.74
N GLU G 542 -0.24 -63.66 23.02
CA GLU G 542 0.82 -63.79 24.01
C GLU G 542 2.07 -63.04 23.57
N GLN G 543 2.42 -63.14 22.29
CA GLN G 543 3.61 -62.45 21.80
C GLN G 543 3.47 -60.94 21.92
N VAL G 544 2.31 -60.40 21.54
CA VAL G 544 2.13 -58.95 21.58
C VAL G 544 2.08 -58.46 23.03
N LYS G 545 1.48 -59.26 23.92
CA LYS G 545 1.49 -58.89 25.34
C LYS G 545 2.90 -58.91 25.90
N ILE G 546 3.70 -59.91 25.51
CA ILE G 546 5.09 -60.00 25.96
C ILE G 546 5.88 -58.78 25.49
N ALA G 547 5.70 -58.41 24.23
CA ALA G 547 6.41 -57.26 23.69
C ALA G 547 5.96 -55.97 24.36
N PHE G 548 4.66 -55.84 24.65
CA PHE G 548 4.18 -54.65 25.34
C PHE G 548 4.73 -54.58 26.76
N ASP G 549 4.85 -55.73 27.44
CA ASP G 549 5.45 -55.75 28.76
C ASP G 549 6.93 -55.35 28.69
N TYR G 550 7.65 -55.84 27.68
CA TYR G 550 9.03 -55.43 27.51
C TYR G 550 9.14 -53.93 27.25
N PHE G 551 8.23 -53.39 26.44
CA PHE G 551 8.21 -51.95 26.17
C PHE G 551 7.95 -51.16 27.44
N LYS G 552 7.00 -51.61 28.25
CA LYS G 552 6.68 -50.92 29.49
C LYS G 552 7.87 -50.96 30.46
N ALA G 553 8.53 -52.11 30.55
CA ALA G 553 9.72 -52.21 31.39
C ALA G 553 10.88 -51.42 30.82
N ASN G 554 11.02 -51.39 29.50
CA ASN G 554 12.11 -50.67 28.82
C ASN G 554 11.67 -49.32 28.30
N ALA G 555 10.77 -48.63 28.99
CA ALA G 555 10.28 -47.34 28.52
C ALA G 555 11.39 -46.32 28.45
N SER G 556 12.25 -46.26 29.48
CA SER G 556 13.33 -45.29 29.49
C SER G 556 14.34 -45.55 28.38
N ARG G 557 14.63 -46.82 28.09
CA ARG G 557 15.62 -47.15 27.08
C ARG G 557 15.16 -46.83 25.67
N ILE G 558 13.86 -46.90 25.41
CA ILE G 558 13.33 -46.78 24.06
C ILE G 558 12.71 -45.42 23.80
N SER G 559 11.79 -44.99 24.67
CA SER G 559 11.11 -43.71 24.50
C SER G 559 11.96 -42.53 24.93
N GLY G 560 12.82 -42.70 25.92
CA GLY G 560 13.69 -41.62 26.36
C GLY G 560 12.95 -40.48 27.05
N GLY G 561 11.81 -40.78 27.68
CA GLY G 561 11.08 -39.76 28.41
C GLY G 561 9.58 -39.87 28.31
N SER G 562 9.08 -40.61 27.33
CA SER G 562 7.64 -40.77 27.15
C SER G 562 7.13 -41.88 28.08
N LYS G 563 5.98 -41.64 28.70
CA LYS G 563 5.40 -42.60 29.64
C LYS G 563 4.44 -43.52 28.90
N VAL G 564 4.67 -44.84 29.02
CA VAL G 564 3.82 -45.81 28.33
C VAL G 564 2.44 -45.87 28.98
N MET G 565 2.39 -45.81 30.32
CA MET G 565 1.12 -45.91 31.04
C MET G 565 0.19 -44.74 30.78
N GLU G 566 0.69 -43.66 30.20
CA GLU G 566 -0.15 -42.50 29.89
C GLU G 566 -0.78 -42.58 28.51
N HIS G 567 -0.52 -43.64 27.76
CA HIS G 567 -1.06 -43.81 26.42
C HIS G 567 -1.62 -45.22 26.26
N ASP G 568 -2.82 -45.30 25.69
CA ASP G 568 -3.45 -46.56 25.32
C ASP G 568 -3.17 -46.87 23.86
N PHE G 569 -3.02 -48.16 23.56
CA PHE G 569 -2.63 -48.63 22.24
C PHE G 569 -3.72 -49.54 21.70
N HIS G 570 -4.03 -49.40 20.42
CA HIS G 570 -4.90 -50.33 19.70
C HIS G 570 -4.11 -50.84 18.50
N LEU G 571 -3.77 -52.13 18.51
CA LEU G 571 -2.88 -52.73 17.54
C LEU G 571 -3.67 -53.69 16.66
N HIS G 572 -3.70 -53.41 15.36
CA HIS G 572 -4.50 -54.17 14.41
C HIS G 572 -3.60 -54.75 13.32
N VAL G 573 -3.75 -56.05 13.06
CA VAL G 573 -2.95 -56.76 12.08
C VAL G 573 -3.84 -57.07 10.88
N VAL G 574 -3.37 -56.69 9.69
CA VAL G 574 -4.08 -56.95 8.45
C VAL G 574 -3.20 -57.84 7.58
N GLU G 575 -3.75 -58.98 7.15
CA GLU G 575 -3.02 -59.89 6.28
C GLU G 575 -3.03 -59.34 4.85
N LEU G 576 -1.89 -59.43 4.18
CA LEU G 576 -1.74 -58.87 2.83
C LEU G 576 -1.45 -59.91 1.77
N GLN G 577 -1.35 -61.19 2.13
CA GLN G 577 -1.05 -62.23 1.17
C GLN G 577 -1.89 -63.50 1.36
N ASN G 578 -2.99 -63.43 2.10
CA ASN G 578 -3.92 -64.54 2.37
C ASN G 578 -3.21 -65.89 2.53
N THR G 579 -2.08 -65.87 3.25
CA THR G 579 -1.33 -67.10 3.47
C THR G 579 -1.67 -67.74 4.82
N GLY G 580 -2.33 -67.02 5.71
CA GLY G 580 -2.71 -67.56 7.00
C GLY G 580 -2.27 -66.69 8.16
N PRO G 581 -2.70 -67.06 9.37
CA PRO G 581 -2.34 -66.27 10.55
C PRO G 581 -0.85 -66.37 10.86
N LEU G 582 -0.33 -65.30 11.45
CA LEU G 582 1.06 -65.25 11.89
C LEU G 582 1.14 -65.35 13.41
N SER G 583 2.11 -66.13 13.90
CA SER G 583 2.28 -66.34 15.32
C SER G 583 3.31 -65.38 15.91
N HIS G 584 4.46 -65.24 15.26
CA HIS G 584 5.54 -64.36 15.74
C HIS G 584 5.22 -62.93 15.35
N LEU G 585 4.84 -62.13 16.36
CA LEU G 585 4.57 -60.72 16.14
C LEU G 585 5.09 -59.82 17.26
N ALA G 586 5.85 -60.35 18.22
CA ALA G 586 6.30 -59.54 19.35
C ALA G 586 7.21 -58.40 18.89
N LEU G 587 8.25 -58.72 18.14
CA LEU G 587 9.20 -57.68 17.71
C LEU G 587 8.56 -56.61 16.84
N PRO G 588 7.79 -56.95 15.79
CA PRO G 588 7.09 -55.87 15.05
C PRO G 588 6.11 -55.09 15.92
N SER G 589 5.47 -55.75 16.88
CA SER G 589 4.57 -55.03 17.78
C SER G 589 5.34 -54.03 18.63
N LEU G 590 6.52 -54.40 19.11
CA LEU G 590 7.36 -53.47 19.85
C LEU G 590 7.80 -52.30 18.99
N VAL G 591 8.15 -52.60 17.73
CA VAL G 591 8.53 -51.52 16.80
C VAL G 591 7.36 -50.55 16.61
N ALA G 592 6.16 -51.09 16.42
CA ALA G 592 4.98 -50.24 16.27
C ALA G 592 4.71 -49.43 17.52
N PHE G 593 4.86 -50.05 18.69
CA PHE G 593 4.64 -49.35 19.96
C PHE G 593 5.58 -48.17 20.07
N ALA G 594 6.87 -48.39 19.80
CA ALA G 594 7.85 -47.32 19.91
C ALA G 594 7.59 -46.22 18.89
N SER G 595 7.28 -46.60 17.65
CA SER G 595 7.04 -45.61 16.61
C SER G 595 5.83 -44.74 16.94
N GLY G 596 4.74 -45.37 17.39
CA GLY G 596 3.55 -44.62 17.73
C GLY G 596 3.74 -43.72 18.94
N LEU G 597 4.36 -44.26 20.00
CA LEU G 597 4.51 -43.47 21.22
C LEU G 597 5.46 -42.29 21.00
N LEU G 598 6.56 -42.53 20.30
CA LEU G 598 7.51 -41.45 20.00
C LEU G 598 6.98 -40.47 18.97
N GLY G 599 5.98 -40.86 18.18
CA GLY G 599 5.48 -39.99 17.14
C GLY G 599 6.37 -39.90 15.93
N ARG G 600 7.28 -40.86 15.75
CA ARG G 600 8.18 -40.88 14.61
C ARG G 600 7.86 -42.10 13.75
N SER G 601 7.63 -41.87 12.47
CA SER G 601 7.23 -42.93 11.56
C SER G 601 8.38 -43.89 11.29
N VAL G 602 8.05 -45.17 11.12
CA VAL G 602 9.05 -46.14 10.72
C VAL G 602 9.56 -45.78 9.33
N GLN G 603 10.83 -46.10 9.07
CA GLN G 603 11.44 -45.80 7.79
C GLN G 603 10.65 -46.45 6.67
N SER G 604 10.51 -45.72 5.55
CA SER G 604 9.71 -46.19 4.43
C SER G 604 10.29 -47.48 3.86
N GLN G 605 9.40 -48.41 3.50
CA GLN G 605 9.78 -49.70 2.93
C GLN G 605 10.65 -50.51 3.88
N MET G 606 10.39 -50.38 5.19
CA MET G 606 11.08 -51.19 6.20
C MET G 606 10.36 -52.51 6.40
N VAL G 607 11.13 -53.57 6.61
CA VAL G 607 10.61 -54.90 6.88
C VAL G 607 11.18 -55.38 8.21
N VAL G 608 10.31 -55.77 9.12
CA VAL G 608 10.68 -56.27 10.43
C VAL G 608 10.52 -57.78 10.44
N LEU G 609 11.62 -58.49 10.62
CA LEU G 609 11.63 -59.95 10.56
C LEU G 609 11.97 -60.55 11.92
N GLY G 610 11.61 -61.80 12.10
CA GLY G 610 11.91 -62.53 13.31
C GLY G 610 10.97 -62.19 14.45
N ASP G 611 11.35 -62.67 15.63
CA ASP G 611 10.57 -62.45 16.85
C ASP G 611 11.52 -62.18 18.00
N MET G 612 10.93 -61.91 19.16
CA MET G 612 11.70 -61.62 20.37
C MET G 612 11.05 -62.29 21.57
N SER G 613 11.87 -62.62 22.56
CA SER G 613 11.38 -63.22 23.80
C SER G 613 11.31 -62.16 24.90
N LEU G 614 10.60 -62.50 25.98
CA LEU G 614 10.48 -61.57 27.10
C LEU G 614 11.83 -61.35 27.79
N GLY G 615 12.77 -62.28 27.62
CA GLY G 615 14.08 -62.14 28.19
C GLY G 615 15.03 -61.27 27.38
N GLY G 616 14.56 -60.68 26.29
CA GLY G 616 15.40 -59.85 25.45
C GLY G 616 16.15 -60.60 24.37
N SER G 617 15.94 -61.91 24.24
CA SER G 617 16.63 -62.68 23.21
C SER G 617 15.80 -62.70 21.93
N VAL G 618 16.46 -62.42 20.81
CA VAL G 618 15.84 -62.42 19.50
C VAL G 618 16.07 -63.78 18.85
N THR G 619 15.07 -64.26 18.11
CA THR G 619 15.25 -65.54 17.46
C THR G 619 15.57 -65.34 15.97
N PRO G 620 16.38 -66.22 15.38
CA PRO G 620 16.69 -66.09 13.96
C PRO G 620 15.45 -66.28 13.11
N VAL G 621 15.42 -65.59 11.97
CA VAL G 621 14.26 -65.64 11.09
C VAL G 621 14.30 -66.94 10.29
N GLU G 622 13.28 -67.77 10.47
CA GLU G 622 13.19 -69.00 9.71
C GLU G 622 12.92 -68.69 8.24
N SER G 623 13.53 -69.48 7.35
CA SER G 623 13.37 -69.32 5.90
C SER G 623 13.66 -67.88 5.48
N ILE G 624 14.88 -67.43 5.78
CA ILE G 624 15.24 -66.04 5.51
C ILE G 624 15.26 -65.77 4.00
N ALA G 625 15.69 -66.76 3.22
CA ALA G 625 15.74 -66.57 1.77
C ALA G 625 14.35 -66.34 1.19
N GLU G 626 13.38 -67.15 1.61
CA GLU G 626 12.01 -66.98 1.10
C GLU G 626 11.40 -65.68 1.61
N CYS G 627 11.71 -65.29 2.85
CA CYS G 627 11.23 -64.01 3.35
C CYS G 627 11.79 -62.85 2.54
N LEU G 628 13.07 -62.92 2.18
CA LEU G 628 13.65 -61.88 1.34
C LEU G 628 13.03 -61.89 -0.06
N GLN G 629 12.74 -63.08 -0.59
CA GLN G 629 12.05 -63.17 -1.88
C GLN G 629 10.68 -62.49 -1.81
N VAL G 630 9.95 -62.73 -0.72
CA VAL G 630 8.64 -62.11 -0.55
C VAL G 630 8.78 -60.60 -0.46
N ALA G 631 9.78 -60.12 0.30
CA ALA G 631 10.00 -58.69 0.42
C ALA G 631 10.32 -58.06 -0.94
N PHE G 632 11.16 -58.74 -1.73
CA PHE G 632 11.47 -58.24 -3.07
C PHE G 632 10.23 -58.22 -3.95
N ASP G 633 9.39 -59.26 -3.83
CA ASP G 633 8.13 -59.28 -4.58
C ASP G 633 7.17 -58.22 -4.07
N ALA G 634 7.26 -57.86 -2.79
CA ALA G 634 6.37 -56.87 -2.20
C ALA G 634 6.83 -55.44 -2.45
N GLY G 635 7.95 -55.24 -3.14
CA GLY G 635 8.43 -53.91 -3.42
C GLY G 635 9.24 -53.26 -2.33
N ALA G 636 9.60 -54.01 -1.29
CA ALA G 636 10.43 -53.48 -0.23
C ALA G 636 11.87 -53.31 -0.71
N LYS G 637 12.59 -52.40 -0.07
CA LYS G 637 13.97 -52.11 -0.44
C LYS G 637 14.99 -52.38 0.65
N LYS G 638 14.56 -52.62 1.89
CA LYS G 638 15.48 -52.92 2.99
C LYS G 638 14.82 -53.87 3.97
N VAL G 639 15.65 -54.62 4.69
CA VAL G 639 15.20 -55.64 5.62
C VAL G 639 16.03 -55.56 6.89
N ALA G 640 15.40 -55.80 8.03
CA ALA G 640 16.07 -55.82 9.32
C ALA G 640 16.36 -57.27 9.69
N LEU G 641 17.61 -57.57 10.06
CA LEU G 641 18.00 -58.95 10.30
C LEU G 641 18.73 -59.10 11.63
N PRO G 642 18.45 -60.16 12.38
CA PRO G 642 19.14 -60.36 13.67
C PRO G 642 20.56 -60.85 13.46
N MET G 643 21.37 -60.75 14.52
CA MET G 643 22.74 -61.22 14.46
C MET G 643 22.81 -62.73 14.24
N SER G 644 21.89 -63.48 14.87
CA SER G 644 21.85 -64.93 14.68
C SER G 644 21.56 -65.30 13.23
N SER G 645 20.83 -64.46 12.50
CA SER G 645 20.61 -64.69 11.08
C SER G 645 21.85 -64.43 10.24
N ALA G 646 22.88 -63.80 10.81
CA ALA G 646 24.12 -63.62 10.07
C ALA G 646 24.66 -64.95 9.57
N ALA G 647 24.56 -66.00 10.40
CA ALA G 647 25.06 -67.31 10.00
C ALA G 647 24.36 -67.83 8.75
N ASP G 648 23.10 -67.44 8.53
CA ASP G 648 22.40 -67.90 7.34
C ASP G 648 22.43 -66.90 6.20
N ILE G 649 23.26 -65.85 6.32
CA ILE G 649 23.42 -64.91 5.20
C ILE G 649 23.93 -65.59 3.94
N PRO G 650 24.98 -66.43 3.97
CA PRO G 650 25.43 -67.04 2.70
C PRO G 650 24.42 -68.00 2.10
N THR G 651 23.47 -68.51 2.88
CA THR G 651 22.42 -69.36 2.32
C THR G 651 21.48 -68.58 1.40
N ILE G 652 21.34 -67.28 1.60
CA ILE G 652 20.51 -66.42 0.76
C ILE G 652 21.14 -66.33 -0.62
N PRO G 653 20.34 -66.38 -1.69
CA PRO G 653 20.89 -66.06 -3.02
C PRO G 653 21.46 -64.65 -3.03
N VAL G 654 22.64 -64.50 -3.62
CA VAL G 654 23.35 -63.22 -3.56
C VAL G 654 22.60 -62.17 -4.37
N GLU G 655 22.09 -62.54 -5.55
CA GLU G 655 21.38 -61.58 -6.39
C GLU G 655 20.15 -61.03 -5.69
N LEU G 656 19.41 -61.87 -4.97
CA LEU G 656 18.26 -61.40 -4.20
C LEU G 656 18.70 -60.45 -3.10
N PHE G 657 19.82 -60.74 -2.43
CA PHE G 657 20.27 -59.92 -1.32
C PHE G 657 20.84 -58.59 -1.80
N THR G 658 21.25 -58.53 -3.07
CA THR G 658 21.83 -57.30 -3.61
C THR G 658 20.84 -56.13 -3.61
N LYS G 659 19.54 -56.39 -3.60
CA LYS G 659 18.56 -55.32 -3.72
C LYS G 659 18.05 -54.81 -2.38
N PHE G 660 18.63 -55.26 -1.27
CA PHE G 660 18.18 -54.85 0.05
C PHE G 660 19.22 -54.00 0.75
N GLN G 661 18.77 -52.91 1.36
CA GLN G 661 19.62 -52.05 2.17
C GLN G 661 19.50 -52.53 3.62
N THR G 662 20.10 -53.69 3.90
CA THR G 662 19.83 -54.44 5.13
C THR G 662 20.28 -53.64 6.35
N SER G 663 19.31 -53.23 7.18
CA SER G 663 19.57 -52.53 8.42
C SER G 663 20.18 -53.44 9.48
N PHE G 664 19.91 -54.74 9.44
CA PHE G 664 20.51 -55.72 10.34
C PHE G 664 20.35 -55.33 11.80
N TYR G 665 19.12 -55.42 12.31
CA TYR G 665 18.81 -54.96 13.67
C TYR G 665 19.54 -55.78 14.73
N ALA G 666 19.29 -55.45 16.00
CA ALA G 666 20.01 -56.01 17.13
C ALA G 666 19.08 -56.14 18.33
N ASP G 667 19.64 -56.20 19.53
CA ASP G 667 18.94 -56.24 20.81
C ASP G 667 17.71 -55.34 20.72
N PRO G 668 16.49 -55.89 20.91
CA PRO G 668 15.26 -55.22 20.48
C PRO G 668 15.20 -53.71 20.68
N VAL G 669 15.86 -53.18 21.71
CA VAL G 669 16.00 -51.73 21.80
C VAL G 669 16.80 -51.19 20.62
N ASP G 670 17.90 -51.86 20.28
CA ASP G 670 18.66 -51.46 19.11
C ASP G 670 17.90 -51.76 17.82
N ALA G 671 17.02 -52.77 17.85
CA ALA G 671 16.14 -53.00 16.71
C ALA G 671 15.20 -51.81 16.49
N VAL G 672 14.64 -51.29 17.58
CA VAL G 672 13.82 -50.09 17.50
C VAL G 672 14.65 -48.92 16.96
N PHE G 673 15.88 -48.77 17.45
CA PHE G 673 16.70 -47.65 17.04
C PHE G 673 17.05 -47.73 15.55
N LYS G 674 17.33 -48.95 15.07
CA LYS G 674 17.57 -49.13 13.64
C LYS G 674 16.33 -48.84 12.81
N GLY G 675 15.17 -49.30 13.28
CA GLY G 675 13.93 -49.07 12.54
C GLY G 675 13.56 -47.61 12.46
N LEU G 676 13.71 -46.88 13.57
CA LEU G 676 13.32 -45.48 13.64
C LEU G 676 14.44 -44.53 13.23
N GLY G 677 15.63 -45.03 12.94
CA GLY G 677 16.75 -44.18 12.57
C GLY G 677 17.26 -43.33 13.72
N SER H 3 -38.51 -26.96 -66.46
CA SER H 3 -39.94 -26.65 -66.43
C SER H 3 -40.73 -27.70 -67.21
N ALA H 4 -40.21 -28.10 -68.36
CA ALA H 4 -40.86 -29.10 -69.20
C ALA H 4 -40.98 -30.45 -68.52
N ASN H 5 -39.96 -30.87 -67.76
CA ASN H 5 -40.04 -32.10 -67.00
C ASN H 5 -41.12 -32.06 -65.94
N ASP H 6 -41.36 -30.91 -65.32
CA ASP H 6 -42.45 -30.80 -64.38
C ASP H 6 -43.81 -31.00 -65.05
N LYS H 7 -43.91 -30.80 -66.37
CA LYS H 7 -45.18 -31.05 -67.04
C LYS H 7 -45.46 -32.55 -67.18
N GLU H 8 -44.46 -33.35 -67.54
CA GLU H 8 -44.65 -34.79 -67.52
C GLU H 8 -44.84 -35.28 -66.09
N LEU H 9 -44.23 -34.59 -65.13
CA LEU H 9 -44.49 -34.87 -63.72
C LEU H 9 -45.96 -34.64 -63.40
N ASP H 10 -46.52 -33.53 -63.90
CA ASP H 10 -47.93 -33.20 -63.68
C ASP H 10 -48.86 -34.22 -64.32
N GLN H 11 -48.53 -34.67 -65.53
CA GLN H 11 -49.37 -35.70 -66.14
C GLN H 11 -49.22 -37.04 -65.44
N LEU H 12 -48.06 -37.34 -64.85
CA LEU H 12 -47.97 -38.50 -63.97
C LEU H 12 -48.85 -38.35 -62.74
N LEU H 13 -48.86 -37.14 -62.15
CA LEU H 13 -49.76 -36.88 -61.04
C LEU H 13 -51.22 -37.03 -61.45
N ASN H 14 -51.51 -36.70 -62.71
CA ASN H 14 -52.85 -36.95 -63.24
C ASN H 14 -53.10 -38.46 -63.36
N GLU H 15 -52.08 -39.22 -63.77
CA GLU H 15 -52.21 -40.67 -63.84
C GLU H 15 -52.44 -41.28 -62.47
N HIS H 16 -51.58 -40.96 -61.50
CA HIS H 16 -51.77 -41.38 -60.13
C HIS H 16 -51.52 -40.18 -59.23
N PHE H 17 -52.24 -40.08 -58.12
CA PHE H 17 -52.33 -38.88 -57.28
C PHE H 17 -53.22 -37.84 -57.95
N ALA H 18 -54.20 -38.32 -58.73
CA ALA H 18 -55.01 -37.43 -59.57
C ALA H 18 -55.71 -36.37 -58.73
N GLY H 19 -56.67 -36.78 -57.91
CA GLY H 19 -57.48 -35.82 -57.18
C GLY H 19 -56.86 -35.35 -55.87
N ARG H 20 -55.53 -35.33 -55.81
CA ARG H 20 -54.85 -34.90 -54.58
C ARG H 20 -53.63 -34.04 -54.89
N VAL H 21 -53.64 -33.36 -56.02
CA VAL H 21 -52.53 -32.51 -56.43
C VAL H 21 -53.04 -31.09 -56.66
N VAL H 22 -52.29 -30.12 -56.14
CA VAL H 22 -52.70 -28.72 -56.19
C VAL H 22 -51.47 -27.86 -56.47
N ARG H 23 -51.70 -26.64 -56.92
CA ARG H 23 -50.63 -25.66 -57.03
C ARG H 23 -50.25 -25.16 -55.64
N LYS H 24 -48.94 -25.01 -55.41
CA LYS H 24 -48.46 -24.69 -54.08
C LYS H 24 -48.31 -23.20 -53.87
N ASP H 25 -48.76 -22.40 -54.83
CA ASP H 25 -48.68 -20.95 -54.69
C ASP H 25 -50.06 -20.35 -54.45
N LEU H 26 -51.11 -21.09 -54.86
CA LEU H 26 -52.47 -20.65 -54.57
C LEU H 26 -52.75 -20.66 -53.07
N THR H 27 -52.18 -21.62 -52.35
CA THR H 27 -52.36 -21.67 -50.90
C THR H 27 -51.85 -20.40 -50.25
N LYS H 28 -50.79 -19.81 -50.81
CA LYS H 28 -50.33 -18.52 -50.29
C LYS H 28 -51.26 -17.39 -50.73
N LEU H 29 -51.92 -17.56 -51.87
CA LEU H 29 -52.90 -16.56 -52.31
C LEU H 29 -54.17 -16.61 -51.49
N ILE H 30 -54.40 -17.68 -50.74
CA ILE H 30 -55.62 -17.83 -49.95
C ILE H 30 -55.33 -17.81 -48.45
N LYS H 31 -54.06 -17.90 -48.05
CA LYS H 31 -53.68 -17.97 -46.65
C LYS H 31 -54.08 -16.71 -45.88
N GLU H 32 -53.94 -15.54 -46.51
CA GLU H 32 -54.27 -14.29 -45.85
C GLU H 32 -55.70 -14.29 -45.33
N GLY H 33 -55.87 -13.97 -44.04
CA GLY H 33 -57.18 -13.96 -43.42
C GLY H 33 -57.91 -15.29 -43.49
N ALA H 34 -57.19 -16.39 -43.25
CA ALA H 34 -57.76 -17.73 -43.29
C ALA H 34 -57.61 -18.35 -41.91
N ASN H 35 -58.72 -18.39 -41.16
CA ASN H 35 -58.67 -18.95 -39.81
C ASN H 35 -58.38 -20.44 -39.83
N VAL H 36 -58.97 -21.15 -40.78
CA VAL H 36 -58.85 -22.61 -40.86
C VAL H 36 -57.41 -22.95 -41.24
N PRO H 37 -56.85 -24.07 -40.78
CA PRO H 37 -55.46 -24.39 -41.10
C PRO H 37 -55.23 -24.60 -42.59
N VAL H 38 -53.95 -24.81 -42.92
CA VAL H 38 -53.52 -24.80 -44.31
C VAL H 38 -54.09 -25.99 -45.07
N TYR H 39 -54.00 -27.18 -44.48
CA TYR H 39 -54.37 -28.39 -45.22
C TYR H 39 -55.85 -28.40 -45.58
N VAL H 40 -56.70 -27.78 -44.76
CA VAL H 40 -58.10 -27.66 -45.13
C VAL H 40 -58.26 -26.76 -46.35
N LEU H 41 -57.56 -25.62 -46.37
CA LEU H 41 -57.55 -24.76 -47.54
C LEU H 41 -57.12 -25.53 -48.77
N GLU H 42 -56.10 -26.37 -48.61
CA GLU H 42 -55.53 -27.08 -49.75
C GLU H 42 -56.48 -28.17 -50.25
N TYR H 43 -57.18 -28.85 -49.35
CA TYR H 43 -58.19 -29.81 -49.78
C TYR H 43 -59.34 -29.10 -50.49
N LEU H 44 -59.74 -27.94 -49.98
CA LEU H 44 -60.77 -27.14 -50.65
C LEU H 44 -60.36 -26.78 -52.06
N LEU H 45 -59.09 -26.36 -52.22
CA LEU H 45 -58.58 -26.11 -53.57
C LEU H 45 -58.55 -27.40 -54.38
N GLY H 46 -58.30 -28.53 -53.72
CA GLY H 46 -58.33 -29.82 -54.39
C GLY H 46 -59.68 -30.15 -54.99
N MET H 47 -60.76 -29.76 -54.30
CA MET H 47 -62.07 -29.89 -54.92
C MET H 47 -62.27 -28.96 -56.11
N TYR H 48 -62.25 -27.64 -55.88
CA TYR H 48 -62.73 -26.68 -56.88
C TYR H 48 -61.58 -26.20 -57.77
N CYS H 49 -60.81 -27.16 -58.29
CA CYS H 49 -59.78 -26.85 -59.28
C CYS H 49 -59.73 -27.93 -60.35
N ALA H 50 -60.91 -28.36 -60.81
CA ALA H 50 -61.01 -29.44 -61.79
C ALA H 50 -60.20 -29.14 -63.05
N SER H 51 -60.37 -27.95 -63.60
CA SER H 51 -59.68 -27.52 -64.81
C SER H 51 -58.44 -26.75 -64.40
N ASP H 52 -57.63 -26.22 -65.34
CA ASP H 52 -56.48 -25.41 -64.97
C ASP H 52 -56.52 -24.03 -65.62
N ASP H 53 -57.68 -23.57 -66.05
CA ASP H 53 -57.78 -22.25 -66.66
C ASP H 53 -57.72 -21.18 -65.58
N PRO H 54 -56.88 -20.15 -65.74
CA PRO H 54 -56.74 -19.13 -64.67
C PRO H 54 -58.06 -18.48 -64.28
N GLU H 55 -58.95 -18.28 -65.25
CA GLU H 55 -60.26 -17.70 -64.96
C GLU H 55 -61.06 -18.63 -64.03
N ILE H 56 -61.11 -19.91 -64.36
CA ILE H 56 -61.84 -20.90 -63.57
C ILE H 56 -61.15 -21.07 -62.22
N ILE H 57 -59.81 -20.99 -62.22
CA ILE H 57 -59.06 -21.07 -60.97
C ILE H 57 -59.45 -19.92 -60.04
N GLU H 58 -59.52 -18.70 -60.58
CA GLU H 58 -59.91 -17.55 -59.78
C GLU H 58 -61.36 -17.68 -59.31
N GLN H 59 -62.23 -18.20 -60.16
CA GLN H 59 -63.62 -18.43 -59.76
C GLN H 59 -63.69 -19.38 -58.58
N GLY H 60 -62.97 -20.50 -58.65
CA GLY H 60 -62.97 -21.44 -57.55
C GLY H 60 -62.37 -20.87 -56.28
N LEU H 61 -61.30 -20.07 -56.43
CA LEU H 61 -60.69 -19.43 -55.28
C LEU H 61 -61.67 -18.47 -54.60
N ARG H 62 -62.39 -17.68 -55.39
CA ARG H 62 -63.40 -16.80 -54.83
C ARG H 62 -64.51 -17.59 -54.17
N ASN H 63 -64.89 -18.72 -54.76
CA ASN H 63 -65.92 -19.56 -54.15
C ASN H 63 -65.46 -20.09 -52.80
N VAL H 64 -64.19 -20.51 -52.70
CA VAL H 64 -63.67 -20.99 -51.43
C VAL H 64 -63.65 -19.87 -50.40
N LYS H 65 -63.20 -18.67 -50.81
CA LYS H 65 -63.23 -17.53 -49.90
C LYS H 65 -64.64 -17.25 -49.42
N THR H 66 -65.61 -17.32 -50.33
CA THR H 66 -67.00 -17.04 -49.96
C THR H 66 -67.52 -18.09 -48.98
N VAL H 67 -67.19 -19.36 -49.22
CA VAL H 67 -67.63 -20.42 -48.32
C VAL H 67 -67.05 -20.20 -46.92
N LEU H 68 -65.76 -19.88 -46.84
CA LEU H 68 -65.14 -19.63 -45.54
C LEU H 68 -65.73 -18.40 -44.87
N ALA H 69 -66.04 -17.37 -45.65
CA ALA H 69 -66.67 -16.18 -45.09
C ALA H 69 -68.07 -16.46 -44.56
N GLU H 70 -68.85 -17.31 -45.24
CA GLU H 70 -70.21 -17.59 -44.81
C GLU H 70 -70.27 -18.54 -43.64
N ASN H 71 -69.71 -19.75 -43.79
CA ASN H 71 -70.02 -20.83 -42.88
C ASN H 71 -68.99 -21.04 -41.77
N TYR H 72 -68.00 -20.17 -41.64
CA TYR H 72 -67.10 -20.25 -40.51
C TYR H 72 -67.67 -19.49 -39.32
N VAL H 73 -67.34 -19.97 -38.12
CA VAL H 73 -67.90 -19.41 -36.90
C VAL H 73 -66.80 -18.85 -36.01
N ARG H 74 -66.85 -17.56 -35.74
CA ARG H 74 -66.01 -16.97 -34.72
C ARG H 74 -66.46 -17.51 -33.38
N PRO H 75 -65.53 -17.88 -32.48
CA PRO H 75 -65.93 -18.44 -31.19
C PRO H 75 -66.88 -17.54 -30.42
N ASP H 76 -66.64 -16.22 -30.49
CA ASP H 76 -67.50 -15.27 -29.79
C ASP H 76 -68.92 -15.32 -30.33
N GLU H 77 -69.09 -15.68 -31.60
CA GLU H 77 -70.42 -15.75 -32.20
C GLU H 77 -71.08 -17.09 -31.92
N ALA H 78 -70.40 -17.95 -31.15
CA ALA H 78 -70.87 -19.33 -30.97
C ALA H 78 -72.32 -19.36 -30.50
N GLU H 79 -72.63 -18.65 -29.41
CA GLU H 79 -74.00 -18.61 -28.93
C GLU H 79 -74.95 -18.09 -30.01
N LYS H 80 -74.53 -17.04 -30.71
CA LYS H 80 -75.32 -16.55 -31.84
C LYS H 80 -75.72 -17.69 -32.77
N VAL H 81 -74.74 -18.52 -33.16
CA VAL H 81 -75.03 -19.59 -34.09
C VAL H 81 -76.10 -20.51 -33.50
N LYS H 82 -75.97 -20.84 -32.22
CA LYS H 82 -76.97 -21.67 -31.57
C LYS H 82 -78.36 -21.09 -31.77
N SER H 83 -78.50 -19.78 -31.51
CA SER H 83 -79.80 -19.15 -31.71
C SER H 83 -80.27 -19.28 -33.14
N LEU H 84 -79.36 -19.06 -34.10
CA LEU H 84 -79.74 -19.19 -35.50
C LEU H 84 -80.15 -20.63 -35.82
N VAL H 85 -79.55 -21.60 -35.13
CA VAL H 85 -80.00 -22.98 -35.30
C VAL H 85 -81.42 -23.14 -34.78
N ARG H 86 -81.71 -22.54 -33.63
CA ARG H 86 -83.05 -22.66 -33.06
C ARG H 86 -84.06 -21.86 -33.88
N GLU H 87 -83.68 -20.69 -34.35
CA GLU H 87 -84.61 -19.83 -35.06
C GLU H 87 -84.96 -20.37 -36.45
N ARG H 88 -83.97 -20.84 -37.20
CA ARG H 88 -84.19 -21.25 -38.57
C ARG H 88 -84.47 -22.74 -38.73
N GLY H 89 -84.32 -23.52 -37.66
CA GLY H 89 -84.53 -24.96 -37.76
C GLY H 89 -83.28 -25.70 -38.20
N SER H 90 -82.45 -25.05 -39.01
CA SER H 90 -81.20 -25.64 -39.48
C SER H 90 -80.23 -24.54 -39.84
N TYR H 91 -78.93 -24.86 -39.75
CA TYR H 91 -77.90 -23.89 -40.07
C TYR H 91 -76.61 -24.62 -40.43
N LYS H 92 -75.87 -24.05 -41.39
CA LYS H 92 -74.66 -24.68 -41.90
C LYS H 92 -73.44 -24.06 -41.25
N VAL H 93 -72.49 -24.92 -40.85
CA VAL H 93 -71.34 -24.51 -40.04
C VAL H 93 -70.08 -25.23 -40.51
N ILE H 94 -68.97 -24.49 -40.55
CA ILE H 94 -67.63 -25.05 -40.71
C ILE H 94 -67.09 -25.25 -39.29
N ASP H 95 -66.78 -26.49 -38.92
CA ASP H 95 -66.25 -26.70 -37.59
C ASP H 95 -65.62 -28.09 -37.52
N ARG H 96 -64.75 -28.28 -36.53
CA ARG H 96 -64.07 -29.55 -36.32
C ARG H 96 -64.88 -30.42 -35.37
N VAL H 97 -65.26 -31.61 -35.83
CA VAL H 97 -66.17 -32.48 -35.10
C VAL H 97 -65.40 -33.68 -34.58
N THR H 98 -65.67 -34.06 -33.34
CA THR H 98 -65.26 -35.33 -32.78
C THR H 98 -66.50 -36.14 -32.43
N VAL H 99 -66.42 -37.47 -32.52
CA VAL H 99 -67.58 -38.31 -32.27
C VAL H 99 -67.24 -39.32 -31.18
N LYS H 100 -68.17 -39.48 -30.25
CA LYS H 100 -68.01 -40.43 -29.15
C LYS H 100 -69.30 -41.21 -28.96
N LEU H 101 -69.16 -42.49 -28.66
CA LEU H 101 -70.32 -43.35 -28.45
C LEU H 101 -70.77 -43.28 -27.00
N ASN H 102 -71.89 -42.61 -26.74
CA ASN H 102 -72.50 -42.61 -25.42
C ASN H 102 -73.25 -43.93 -25.29
N GLU H 103 -72.64 -44.85 -24.54
CA GLU H 103 -73.23 -46.18 -24.38
C GLU H 103 -74.48 -46.14 -23.51
N ARG H 104 -74.56 -45.20 -22.57
CA ARG H 104 -75.75 -45.12 -21.72
C ARG H 104 -76.99 -44.82 -22.54
N LYS H 105 -76.91 -43.90 -23.50
CA LYS H 105 -77.98 -43.65 -24.44
C LYS H 105 -77.82 -44.46 -25.72
N ASP H 106 -76.75 -45.24 -25.83
CA ASP H 106 -76.51 -46.10 -26.99
C ASP H 106 -76.61 -45.31 -28.29
N LYS H 107 -75.91 -44.18 -28.33
CA LYS H 107 -76.02 -43.33 -29.50
C LYS H 107 -74.75 -42.50 -29.66
N TYR H 108 -74.53 -42.02 -30.87
CA TYR H 108 -73.31 -41.30 -31.21
C TYR H 108 -73.50 -39.80 -31.03
N GLU H 109 -72.65 -39.22 -30.19
CA GLU H 109 -72.70 -37.81 -29.86
C GLU H 109 -71.48 -37.12 -30.44
N ALA H 110 -71.72 -36.08 -31.23
CA ALA H 110 -70.66 -35.28 -31.81
C ALA H 110 -70.45 -34.04 -30.95
N SER H 111 -69.18 -33.73 -30.70
CA SER H 111 -68.76 -32.51 -30.02
C SER H 111 -68.10 -31.61 -31.05
N PHE H 112 -68.56 -30.37 -31.11
CA PHE H 112 -67.99 -29.36 -31.99
C PHE H 112 -66.95 -28.57 -31.19
N SER H 113 -65.74 -28.51 -31.71
CA SER H 113 -64.65 -27.85 -30.98
C SER H 113 -64.93 -26.36 -30.83
N ASN H 114 -65.45 -25.73 -31.88
CA ASN H 114 -65.61 -24.28 -31.86
C ASN H 114 -66.95 -23.86 -31.27
N LEU H 115 -68.03 -24.55 -31.64
CA LEU H 115 -69.36 -24.16 -31.17
C LEU H 115 -69.56 -24.40 -29.68
N GLY H 116 -68.94 -25.42 -29.13
CA GLY H 116 -69.15 -25.73 -27.72
C GLY H 116 -70.19 -26.79 -27.44
N ILE H 117 -70.99 -27.18 -28.43
CA ILE H 117 -71.88 -28.32 -28.25
C ILE H 117 -71.04 -29.58 -28.09
N LYS H 118 -71.35 -30.36 -27.05
CA LYS H 118 -70.58 -31.54 -26.73
C LYS H 118 -71.32 -32.84 -26.99
N ASP H 119 -72.63 -32.80 -27.23
CA ASP H 119 -73.41 -34.03 -27.30
C ASP H 119 -74.46 -34.02 -28.41
N ALA H 120 -74.20 -33.35 -29.54
CA ALA H 120 -75.20 -33.32 -30.60
C ALA H 120 -75.39 -34.71 -31.19
N GLU H 121 -76.64 -35.14 -31.33
CA GLU H 121 -76.91 -36.48 -31.81
C GLU H 121 -76.53 -36.60 -33.29
N ILE H 122 -75.98 -37.75 -33.67
CA ILE H 122 -75.77 -38.07 -35.09
C ILE H 122 -76.25 -39.49 -35.34
N SER H 123 -76.54 -39.80 -36.60
CA SER H 123 -76.99 -41.13 -36.97
C SER H 123 -75.82 -42.09 -37.09
N ALA H 124 -76.12 -43.38 -36.98
CA ALA H 124 -75.07 -44.40 -37.09
C ALA H 124 -74.50 -44.46 -38.51
N GLY H 125 -75.32 -44.18 -39.52
CA GLY H 125 -74.83 -44.21 -40.88
C GLY H 125 -73.72 -43.20 -41.11
N ILE H 126 -73.89 -41.98 -40.59
CA ILE H 126 -72.90 -40.93 -40.80
C ILE H 126 -71.58 -41.30 -40.15
N VAL H 127 -71.62 -41.80 -38.91
CA VAL H 127 -70.38 -42.14 -38.21
C VAL H 127 -69.72 -43.33 -38.87
N LYS H 128 -70.52 -44.24 -39.45
CA LYS H 128 -69.93 -45.38 -40.16
C LYS H 128 -69.22 -44.93 -41.44
N GLU H 129 -69.90 -44.14 -42.27
CA GLU H 129 -69.37 -43.88 -43.61
C GLU H 129 -68.26 -42.82 -43.61
N TYR H 130 -67.98 -42.19 -42.46
CA TYR H 130 -66.69 -41.53 -42.22
C TYR H 130 -66.11 -42.01 -40.88
N GLU H 131 -65.08 -42.85 -40.96
CA GLU H 131 -64.49 -43.42 -39.76
C GLU H 131 -63.56 -42.43 -39.05
N LYS H 132 -62.97 -41.50 -39.79
CA LYS H 132 -61.98 -40.58 -39.20
C LYS H 132 -62.55 -39.76 -38.06
N LEU H 133 -63.88 -39.63 -37.99
CA LEU H 133 -64.50 -38.89 -36.90
C LEU H 133 -64.19 -39.52 -35.55
N LEU H 134 -63.95 -40.83 -35.50
CA LEU H 134 -63.77 -41.49 -34.22
C LEU H 134 -62.34 -41.46 -33.71
N VAL H 135 -61.39 -40.99 -34.51
CA VAL H 135 -59.99 -41.00 -34.11
C VAL H 135 -59.53 -39.68 -33.52
N GLY H 136 -59.63 -38.58 -34.25
CA GLY H 136 -59.20 -37.30 -33.72
C GLY H 136 -60.13 -36.15 -34.08
N GLY H 137 -61.19 -36.45 -34.82
CA GLY H 137 -62.11 -35.41 -35.23
C GLY H 137 -61.57 -34.63 -36.42
N ILE H 138 -62.43 -34.27 -37.36
CA ILE H 138 -61.98 -33.62 -38.58
C ILE H 138 -62.81 -32.37 -38.82
N TRP H 139 -62.23 -31.45 -39.58
CA TRP H 139 -62.97 -30.27 -40.02
C TRP H 139 -64.02 -30.67 -41.04
N VAL H 140 -65.24 -30.19 -40.87
CA VAL H 140 -66.37 -30.59 -41.70
C VAL H 140 -67.30 -29.40 -41.91
N ILE H 141 -68.16 -29.54 -42.91
CA ILE H 141 -69.35 -28.71 -43.06
C ILE H 141 -70.51 -29.53 -42.51
N ALA H 142 -71.36 -28.90 -41.71
CA ALA H 142 -72.44 -29.58 -41.04
C ALA H 142 -73.71 -28.75 -41.10
N THR H 143 -74.84 -29.42 -41.31
CA THR H 143 -76.15 -28.78 -41.26
C THR H 143 -76.78 -29.14 -39.92
N LEU H 144 -76.46 -28.36 -38.89
CA LEU H 144 -77.01 -28.60 -37.57
C LEU H 144 -78.51 -28.29 -37.58
N SER H 145 -79.28 -29.15 -36.93
CA SER H 145 -80.72 -28.98 -36.82
C SER H 145 -81.13 -29.03 -35.35
N TYR H 146 -82.18 -28.28 -35.02
CA TYR H 146 -82.64 -28.13 -33.64
C TYR H 146 -84.06 -28.66 -33.53
N TYR H 147 -84.27 -29.57 -32.59
CA TYR H 147 -85.59 -30.15 -32.34
C TYR H 147 -85.73 -30.33 -30.84
N PHE H 148 -86.71 -29.66 -30.25
CA PHE H 148 -86.96 -29.74 -28.82
C PHE H 148 -88.40 -30.18 -28.57
N GLU H 149 -88.57 -31.15 -27.67
CA GLU H 149 -89.88 -31.51 -27.16
C GLU H 149 -89.83 -31.49 -25.63
N GLU H 150 -90.98 -31.26 -25.01
CA GLU H 150 -91.03 -31.10 -23.56
C GLU H 150 -90.54 -32.34 -22.85
N GLY H 151 -89.69 -32.16 -21.85
CA GLY H 151 -89.19 -33.24 -21.04
C GLY H 151 -88.08 -34.07 -21.66
N GLN H 152 -87.64 -33.73 -22.86
CA GLN H 152 -86.59 -34.49 -23.52
C GLN H 152 -85.26 -34.34 -22.77
N THR H 153 -84.48 -35.41 -22.74
CA THR H 153 -83.18 -35.41 -22.09
C THR H 153 -82.02 -35.43 -23.06
N SER H 154 -82.20 -35.98 -24.25
CA SER H 154 -81.16 -35.94 -25.27
C SER H 154 -80.92 -34.51 -25.72
N SER H 155 -79.70 -34.24 -26.13
CA SER H 155 -79.36 -32.89 -26.58
C SER H 155 -80.19 -32.52 -27.80
N PRO H 156 -80.87 -31.37 -27.77
CA PRO H 156 -81.75 -31.01 -28.89
C PRO H 156 -81.04 -30.83 -30.21
N PHE H 157 -79.75 -30.53 -30.21
CA PHE H 157 -79.01 -30.30 -31.44
C PHE H 157 -78.71 -31.63 -32.12
N GLY H 158 -78.95 -31.68 -33.43
CA GLY H 158 -78.67 -32.87 -34.21
C GLY H 158 -78.00 -32.51 -35.52
N VAL H 159 -77.28 -33.48 -36.05
CA VAL H 159 -76.55 -33.33 -37.30
C VAL H 159 -77.26 -34.14 -38.36
N SER H 160 -77.80 -33.47 -39.38
CA SER H 160 -78.53 -34.14 -40.44
C SER H 160 -77.68 -34.32 -41.70
N LEU H 161 -76.89 -33.32 -42.05
CA LEU H 161 -76.02 -33.39 -43.22
C LEU H 161 -74.59 -33.11 -42.77
N LEU H 162 -73.65 -33.90 -43.27
CA LEU H 162 -72.26 -33.79 -42.85
C LEU H 162 -71.35 -34.10 -44.02
N LYS H 163 -70.39 -33.21 -44.29
CA LYS H 163 -69.43 -33.43 -45.36
C LYS H 163 -68.02 -33.08 -44.89
N PRO H 164 -67.11 -34.03 -44.81
CA PRO H 164 -65.73 -33.71 -44.45
C PRO H 164 -65.11 -32.75 -45.45
N ILE H 165 -64.26 -31.87 -44.93
CA ILE H 165 -63.60 -30.86 -45.75
C ILE H 165 -62.11 -31.11 -45.89
N GLN H 166 -61.59 -32.18 -45.30
CA GLN H 166 -60.24 -32.66 -45.55
C GLN H 166 -60.30 -34.09 -46.09
N MET H 167 -59.14 -34.71 -46.26
CA MET H 167 -59.09 -36.07 -46.79
C MET H 167 -59.80 -37.04 -45.86
N PRO H 168 -60.81 -37.74 -46.35
CA PRO H 168 -61.54 -38.69 -45.50
C PRO H 168 -60.96 -40.10 -45.49
N ASN H 169 -60.17 -40.47 -46.50
CA ASN H 169 -59.68 -41.84 -46.53
C ASN H 169 -58.35 -41.91 -47.29
N MET H 170 -57.76 -43.10 -47.31
CA MET H 170 -56.57 -43.40 -48.10
C MET H 170 -56.83 -44.55 -49.07
N ASN H 171 -56.34 -44.41 -50.29
CA ASN H 171 -56.11 -45.53 -51.20
C ASN H 171 -54.59 -45.61 -51.40
N MET H 172 -53.91 -46.28 -50.48
CA MET H 172 -52.45 -46.30 -50.50
C MET H 172 -51.91 -47.20 -51.59
N ASP H 173 -52.75 -48.06 -52.17
CA ASP H 173 -52.33 -48.85 -53.32
C ASP H 173 -52.07 -47.95 -54.52
N GLU H 174 -52.94 -46.96 -54.74
CA GLU H 174 -52.68 -45.98 -55.78
C GLU H 174 -51.42 -45.18 -55.47
N LEU H 175 -51.15 -44.95 -54.19
CA LEU H 175 -49.90 -44.32 -53.77
C LEU H 175 -48.70 -45.15 -54.23
N PHE H 176 -48.74 -46.45 -53.97
CA PHE H 176 -47.65 -47.33 -54.38
C PHE H 176 -47.48 -47.33 -55.90
N SER H 177 -48.61 -47.39 -56.62
CA SER H 177 -48.54 -47.39 -58.08
C SER H 177 -47.93 -46.09 -58.60
N GLY H 178 -48.34 -44.96 -58.02
CA GLY H 178 -47.78 -43.69 -58.44
C GLY H 178 -46.30 -43.57 -58.16
N ARG H 179 -45.88 -44.03 -56.98
CA ARG H 179 -44.45 -43.99 -56.67
C ARG H 179 -43.66 -44.88 -57.63
N ALA H 180 -44.20 -46.07 -57.94
CA ALA H 180 -43.55 -46.93 -58.92
C ALA H 180 -43.52 -46.28 -60.30
N ALA H 181 -44.45 -45.36 -60.57
CA ALA H 181 -44.52 -44.70 -61.87
C ALA H 181 -43.52 -43.58 -62.03
N LEU H 182 -42.77 -43.22 -60.98
CA LEU H 182 -41.78 -42.15 -61.07
C LEU H 182 -40.39 -42.66 -60.70
N SER H 183 -39.40 -41.81 -60.93
CA SER H 183 -38.03 -42.13 -60.55
C SER H 183 -37.74 -41.65 -59.13
N THR H 184 -36.62 -42.11 -58.58
CA THR H 184 -36.24 -41.71 -57.24
C THR H 184 -36.02 -40.20 -57.14
N ASP H 185 -35.31 -39.63 -58.11
CA ASP H 185 -35.11 -38.19 -58.13
C ASP H 185 -36.45 -37.47 -58.27
N GLN H 186 -37.32 -37.98 -59.16
CA GLN H 186 -38.64 -37.39 -59.32
C GLN H 186 -39.45 -37.49 -58.04
N TRP H 187 -39.37 -38.63 -57.35
CA TRP H 187 -40.10 -38.78 -56.11
C TRP H 187 -39.59 -37.80 -55.05
N ARG H 188 -38.28 -37.65 -54.94
CA ARG H 188 -37.71 -36.73 -53.95
C ARG H 188 -38.09 -35.29 -54.25
N GLU H 189 -38.01 -34.89 -55.53
CA GLU H 189 -38.38 -33.52 -55.87
C GLU H 189 -39.87 -33.29 -55.66
N SER H 190 -40.69 -34.30 -55.88
CA SER H 190 -42.12 -34.17 -55.61
C SER H 190 -42.37 -34.00 -54.11
N LEU H 191 -41.66 -34.76 -53.28
CA LEU H 191 -41.79 -34.58 -51.84
C LEU H 191 -41.37 -33.18 -51.42
N ILE H 192 -40.27 -32.68 -51.97
CA ILE H 192 -39.82 -31.33 -51.64
C ILE H 192 -40.82 -30.30 -52.14
N ARG H 193 -41.46 -30.57 -53.28
CA ARG H 193 -42.51 -29.70 -53.77
C ARG H 193 -43.71 -29.68 -52.83
N SER H 194 -44.03 -30.83 -52.23
CA SER H 194 -45.21 -30.92 -51.37
C SER H 194 -45.12 -30.02 -50.15
N ILE H 195 -43.91 -29.86 -49.60
CA ILE H 195 -43.72 -28.95 -48.47
C ILE H 195 -43.63 -27.53 -49.01
N GLY H 196 -43.66 -27.39 -50.33
CA GLY H 196 -43.59 -26.09 -50.96
C GLY H 196 -42.20 -25.60 -51.29
N MET H 197 -41.18 -26.44 -51.14
CA MET H 197 -39.79 -26.03 -51.31
C MET H 197 -39.31 -26.43 -52.69
N GLU H 198 -38.57 -25.52 -53.34
CA GLU H 198 -38.19 -25.76 -54.72
C GLU H 198 -36.92 -26.58 -54.81
N PRO H 199 -36.99 -27.81 -55.33
CA PRO H 199 -35.78 -28.64 -55.42
C PRO H 199 -34.70 -28.03 -56.31
N ALA H 200 -35.09 -27.35 -57.38
CA ALA H 200 -34.11 -26.77 -58.29
C ALA H 200 -33.31 -25.66 -57.64
N SER H 201 -33.85 -25.04 -56.59
CA SER H 201 -33.17 -23.95 -55.90
C SER H 201 -32.27 -24.42 -54.77
N LEU H 202 -32.20 -25.72 -54.52
CA LEU H 202 -31.48 -26.27 -53.37
C LEU H 202 -30.55 -27.37 -53.85
N LYS H 203 -29.43 -27.56 -53.13
CA LYS H 203 -28.52 -28.65 -53.46
C LYS H 203 -29.02 -29.96 -52.88
N GLU H 204 -28.45 -31.06 -53.37
CA GLU H 204 -28.95 -32.39 -53.04
C GLU H 204 -28.75 -32.72 -51.56
N ASP H 205 -27.63 -32.29 -50.99
CA ASP H 205 -27.41 -32.50 -49.56
C ASP H 205 -28.46 -31.78 -48.73
N VAL H 206 -28.84 -30.57 -49.16
CA VAL H 206 -29.91 -29.86 -48.47
C VAL H 206 -31.23 -30.60 -48.65
N GLN H 207 -31.45 -31.21 -49.81
CA GLN H 207 -32.64 -32.03 -49.99
C GLN H 207 -32.66 -33.19 -49.00
N TRP H 208 -31.52 -33.85 -48.81
CA TRP H 208 -31.47 -34.95 -47.85
C TRP H 208 -31.67 -34.44 -46.43
N HIS H 209 -31.21 -33.22 -46.15
CA HIS H 209 -31.51 -32.61 -44.85
C HIS H 209 -33.00 -32.38 -44.67
N LEU H 210 -33.67 -31.90 -45.72
CA LEU H 210 -35.12 -31.70 -45.65
C LEU H 210 -35.83 -33.02 -45.42
N LEU H 211 -35.40 -34.08 -46.10
CA LEU H 211 -36.01 -35.39 -45.87
C LEU H 211 -35.76 -35.88 -44.45
N ALA H 212 -34.56 -35.65 -43.93
CA ALA H 212 -34.29 -35.99 -42.54
C ALA H 212 -35.22 -35.24 -41.60
N ARG H 213 -35.59 -34.01 -41.97
CA ARG H 213 -36.61 -33.29 -41.21
C ARG H 213 -37.95 -34.03 -41.22
N MET H 214 -38.33 -34.58 -42.37
CA MET H 214 -39.63 -35.25 -42.48
C MET H 214 -39.63 -36.64 -41.85
N VAL H 215 -38.48 -37.27 -41.67
CA VAL H 215 -38.41 -38.66 -41.23
C VAL H 215 -39.20 -38.91 -39.94
N PRO H 216 -39.10 -38.07 -38.89
CA PRO H 216 -39.83 -38.37 -37.66
C PRO H 216 -41.32 -38.57 -37.84
N PHE H 217 -41.90 -38.06 -38.94
CA PHE H 217 -43.31 -38.28 -39.20
C PHE H 217 -43.62 -39.74 -39.58
N VAL H 218 -42.61 -40.54 -39.92
CA VAL H 218 -42.87 -41.90 -40.37
C VAL H 218 -42.23 -42.96 -39.49
N GLU H 219 -41.33 -42.60 -38.59
CA GLU H 219 -40.64 -43.56 -37.74
C GLU H 219 -41.09 -43.37 -36.30
N ASN H 220 -41.48 -44.46 -35.66
CA ASN H 220 -42.00 -44.40 -34.30
C ASN H 220 -40.89 -44.11 -33.31
N ASN H 221 -41.15 -43.17 -32.41
CA ASN H 221 -40.24 -42.82 -31.33
C ASN H 221 -38.86 -42.43 -31.86
N TYR H 222 -38.85 -41.57 -32.87
CA TYR H 222 -37.63 -41.12 -33.52
C TYR H 222 -37.21 -39.79 -32.88
N ASN H 223 -36.53 -39.88 -31.74
CA ASN H 223 -36.02 -38.68 -31.09
C ASN H 223 -34.97 -38.02 -31.97
N VAL H 224 -35.10 -36.71 -32.19
CA VAL H 224 -34.21 -36.00 -33.10
C VAL H 224 -34.11 -34.54 -32.68
N CYS H 225 -32.93 -33.94 -32.90
CA CYS H 225 -32.74 -32.53 -32.63
C CYS H 225 -32.09 -31.86 -33.83
N GLU H 226 -32.51 -30.62 -34.07
CA GLU H 226 -32.01 -29.80 -35.18
C GLU H 226 -31.73 -28.40 -34.65
N LEU H 227 -30.48 -27.97 -34.71
CA LEU H 227 -30.11 -26.61 -34.35
C LEU H 227 -29.57 -25.91 -35.60
N GLY H 228 -30.01 -24.67 -35.80
CA GLY H 228 -29.62 -23.95 -36.99
C GLY H 228 -29.81 -22.45 -36.89
N PRO H 229 -29.52 -21.74 -37.97
CA PRO H 229 -29.72 -20.29 -37.98
C PRO H 229 -31.19 -19.94 -37.93
N ARG H 230 -31.46 -18.71 -37.52
CA ARG H 230 -32.83 -18.21 -37.48
C ARG H 230 -33.42 -18.16 -38.88
N GLY H 231 -34.71 -18.48 -38.98
CA GLY H 231 -35.42 -18.36 -40.24
C GLY H 231 -35.14 -19.43 -41.27
N THR H 232 -34.64 -20.59 -40.86
CA THR H 232 -34.35 -21.68 -41.78
C THR H 232 -35.57 -22.56 -42.05
N GLY H 233 -36.78 -22.05 -41.80
CA GLY H 233 -37.98 -22.81 -42.10
C GLY H 233 -38.14 -24.08 -41.29
N LYS H 234 -37.45 -24.18 -40.16
CA LYS H 234 -37.45 -25.41 -39.39
C LYS H 234 -38.79 -25.67 -38.71
N SER H 235 -39.47 -24.61 -38.27
CA SER H 235 -40.71 -24.76 -37.54
C SER H 235 -41.94 -24.81 -38.43
N HIS H 236 -41.78 -24.57 -39.73
CA HIS H 236 -42.94 -24.54 -40.64
C HIS H 236 -43.67 -25.87 -40.66
N ILE H 237 -42.93 -26.97 -40.82
CA ILE H 237 -43.56 -28.27 -41.03
C ILE H 237 -44.35 -28.71 -39.80
N TYR H 238 -43.79 -28.56 -38.60
CA TYR H 238 -44.46 -29.05 -37.42
C TYR H 238 -45.65 -28.20 -37.00
N LYS H 239 -45.74 -26.97 -37.50
CA LYS H 239 -46.81 -26.07 -37.07
C LYS H 239 -47.93 -25.90 -38.09
N GLU H 240 -47.60 -25.71 -39.37
CA GLU H 240 -48.63 -25.42 -40.35
C GLU H 240 -48.95 -26.57 -41.29
N CYS H 241 -47.99 -27.47 -41.55
CA CYS H 241 -48.15 -28.45 -42.61
C CYS H 241 -48.33 -29.88 -42.12
N SER H 242 -49.02 -30.08 -40.99
CA SER H 242 -49.34 -31.44 -40.59
C SER H 242 -50.42 -31.42 -39.53
N PRO H 243 -51.53 -32.14 -39.73
CA PRO H 243 -52.55 -32.25 -38.67
C PRO H 243 -52.21 -33.28 -37.60
N ASN H 244 -51.11 -34.01 -37.74
CA ASN H 244 -50.73 -35.03 -36.77
C ASN H 244 -49.45 -34.66 -36.01
N SER H 245 -49.07 -33.39 -36.01
CA SER H 245 -47.91 -32.92 -35.28
C SER H 245 -48.28 -31.71 -34.47
N ILE H 246 -47.62 -31.55 -33.32
CA ILE H 246 -47.86 -30.42 -32.44
C ILE H 246 -46.52 -29.78 -32.09
N LEU H 247 -46.48 -28.46 -32.13
CA LEU H 247 -45.28 -27.69 -31.82
C LEU H 247 -45.51 -26.99 -30.48
N VAL H 248 -45.07 -27.63 -29.41
CA VAL H 248 -45.24 -27.10 -28.06
C VAL H 248 -44.44 -25.81 -27.96
N SER H 249 -45.07 -24.75 -27.48
CA SER H 249 -44.48 -23.43 -27.45
C SER H 249 -43.84 -23.16 -26.10
N GLY H 250 -42.60 -22.67 -26.15
CA GLY H 250 -41.89 -22.27 -24.95
C GLY H 250 -41.10 -23.36 -24.27
N GLY H 251 -41.39 -24.62 -24.56
CA GLY H 251 -40.64 -25.72 -23.98
C GLY H 251 -41.05 -26.09 -22.57
N GLN H 252 -41.33 -25.06 -21.75
CA GLN H 252 -41.68 -25.28 -20.35
C GLN H 252 -43.10 -25.84 -20.29
N THR H 253 -43.22 -27.15 -20.38
CA THR H 253 -44.49 -27.84 -20.21
C THR H 253 -44.39 -28.79 -19.03
N THR H 254 -45.53 -29.10 -18.43
CA THR H 254 -45.58 -29.90 -17.23
C THR H 254 -45.74 -31.38 -17.58
N VAL H 255 -45.25 -32.22 -16.66
CA VAL H 255 -45.26 -33.66 -16.90
C VAL H 255 -46.69 -34.19 -16.98
N ALA H 256 -47.60 -33.62 -16.19
CA ALA H 256 -48.99 -34.08 -16.21
C ALA H 256 -49.62 -33.85 -17.57
N ASN H 257 -49.33 -32.71 -18.21
CA ASN H 257 -49.88 -32.46 -19.53
C ASN H 257 -49.17 -33.28 -20.60
N LEU H 258 -47.84 -33.39 -20.50
CA LEU H 258 -47.09 -34.03 -21.57
C LEU H 258 -47.23 -35.55 -21.55
N PHE H 259 -47.12 -36.16 -20.37
CA PHE H 259 -47.04 -37.62 -20.28
C PHE H 259 -48.33 -38.24 -19.75
N TYR H 260 -48.76 -37.87 -18.54
CA TYR H 260 -49.83 -38.62 -17.89
C TYR H 260 -50.36 -37.81 -16.71
N ASN H 261 -51.67 -37.60 -16.67
CA ASN H 261 -52.31 -36.87 -15.58
C ASN H 261 -52.97 -37.87 -14.64
N MET H 262 -52.50 -37.93 -13.40
CA MET H 262 -53.07 -38.89 -12.45
C MET H 262 -54.48 -38.50 -12.02
N SER H 263 -54.71 -37.21 -11.77
CA SER H 263 -56.01 -36.75 -11.28
C SER H 263 -57.13 -37.05 -12.27
N SER H 264 -56.95 -36.64 -13.52
CA SER H 264 -57.96 -36.85 -14.56
C SER H 264 -57.89 -38.24 -15.17
N ARG H 265 -56.84 -39.01 -14.86
CA ARG H 265 -56.66 -40.34 -15.43
C ARG H 265 -56.63 -40.26 -16.96
N ARG H 266 -55.63 -39.57 -17.48
CA ARG H 266 -55.53 -39.30 -18.91
C ARG H 266 -54.09 -39.39 -19.38
N ILE H 267 -53.92 -39.80 -20.64
CA ILE H 267 -52.59 -39.82 -21.24
C ILE H 267 -52.27 -38.43 -21.77
N GLY H 268 -50.99 -38.09 -21.79
CA GLY H 268 -50.54 -36.77 -22.17
C GLY H 268 -50.57 -36.53 -23.66
N LEU H 269 -49.72 -35.59 -24.08
CA LEU H 269 -49.62 -35.28 -25.51
C LEU H 269 -49.11 -36.48 -26.30
N VAL H 270 -48.13 -37.19 -25.76
CA VAL H 270 -47.43 -38.23 -26.51
C VAL H 270 -48.37 -39.33 -26.98
N GLY H 271 -49.49 -39.54 -26.31
CA GLY H 271 -50.44 -40.54 -26.76
C GLY H 271 -51.39 -40.10 -27.85
N LEU H 272 -51.37 -38.82 -28.21
CA LEU H 272 -52.30 -38.28 -29.19
C LEU H 272 -51.65 -37.82 -30.48
N TRP H 273 -50.35 -37.57 -30.48
CA TRP H 273 -49.68 -36.89 -31.58
C TRP H 273 -48.54 -37.75 -32.11
N ASP H 274 -48.39 -37.74 -33.44
CA ASP H 274 -47.27 -38.45 -34.04
C ASP H 274 -45.95 -37.75 -33.79
N VAL H 275 -45.91 -36.43 -33.94
CA VAL H 275 -44.68 -35.66 -33.77
C VAL H 275 -44.92 -34.61 -32.71
N VAL H 276 -44.03 -34.56 -31.72
CA VAL H 276 -44.07 -33.54 -30.67
C VAL H 276 -42.78 -32.74 -30.78
N ALA H 277 -42.88 -31.49 -31.24
CA ALA H 277 -41.72 -30.68 -31.51
C ALA H 277 -41.61 -29.57 -30.47
N PHE H 278 -40.44 -29.43 -29.88
CA PHE H 278 -40.18 -28.41 -28.88
C PHE H 278 -39.38 -27.29 -29.53
N ASP H 279 -39.95 -26.08 -29.54
CA ASP H 279 -39.31 -24.92 -30.13
C ASP H 279 -38.49 -24.17 -29.10
N GLN H 280 -37.41 -23.55 -29.56
CA GLN H 280 -36.52 -22.76 -28.71
C GLN H 280 -36.04 -23.59 -27.52
N VAL H 281 -35.27 -24.61 -27.85
CA VAL H 281 -34.74 -25.54 -26.84
C VAL H 281 -33.99 -24.78 -25.75
N ALA H 282 -33.36 -23.65 -26.10
CA ALA H 282 -32.67 -22.85 -25.09
C ALA H 282 -33.64 -22.32 -24.05
N GLY H 283 -34.92 -22.18 -24.40
CA GLY H 283 -35.92 -21.78 -23.44
C GLY H 283 -36.54 -22.91 -22.65
N ILE H 284 -36.18 -24.16 -22.96
CA ILE H 284 -36.75 -25.29 -22.24
C ILE H 284 -36.17 -25.35 -20.84
N SER H 285 -37.05 -25.48 -19.84
CA SER H 285 -36.64 -25.73 -18.47
C SER H 285 -37.82 -26.38 -17.75
N PHE H 286 -37.55 -27.46 -17.03
CA PHE H 286 -38.60 -28.20 -16.36
C PHE H 286 -38.58 -27.90 -14.87
N LYS H 287 -39.72 -27.44 -14.35
CA LYS H 287 -39.81 -27.07 -12.94
C LYS H 287 -39.53 -28.27 -12.03
N ASP H 288 -40.11 -29.42 -12.35
CA ASP H 288 -39.89 -30.63 -11.57
C ASP H 288 -38.80 -31.47 -12.23
N LYS H 289 -37.81 -31.89 -11.43
CA LYS H 289 -36.63 -32.53 -11.99
C LYS H 289 -36.96 -33.89 -12.60
N ASP H 290 -38.09 -34.49 -12.20
CA ASP H 290 -38.50 -35.75 -12.82
C ASP H 290 -38.84 -35.60 -14.29
N GLY H 291 -39.17 -34.39 -14.75
CA GLY H 291 -39.46 -34.20 -16.16
C GLY H 291 -38.31 -34.60 -17.04
N VAL H 292 -37.09 -34.21 -16.67
CA VAL H 292 -35.92 -34.61 -17.44
C VAL H 292 -35.75 -36.12 -17.39
N GLN H 293 -35.92 -36.73 -16.22
CA GLN H 293 -35.69 -38.17 -16.11
C GLN H 293 -36.82 -38.95 -16.78
N ILE H 294 -38.05 -38.45 -16.72
CA ILE H 294 -39.14 -39.15 -17.40
C ILE H 294 -38.98 -39.02 -18.91
N MET H 295 -38.48 -37.87 -19.38
CA MET H 295 -38.16 -37.75 -20.80
C MET H 295 -37.07 -38.72 -21.20
N LYS H 296 -36.04 -38.86 -20.35
CA LYS H 296 -34.97 -39.82 -20.64
C LYS H 296 -35.53 -41.23 -20.75
N ASP H 297 -36.41 -41.61 -19.80
CA ASP H 297 -37.00 -42.93 -19.81
C ASP H 297 -37.82 -43.15 -21.08
N TYR H 298 -38.67 -42.19 -21.43
CA TYR H 298 -39.49 -42.34 -22.63
C TYR H 298 -38.63 -42.46 -23.88
N MET H 299 -37.62 -41.61 -24.01
CA MET H 299 -36.75 -41.67 -25.18
C MET H 299 -35.98 -42.98 -25.27
N ALA H 300 -35.44 -43.46 -24.16
CA ALA H 300 -34.61 -44.66 -24.22
C ALA H 300 -35.44 -45.92 -24.43
N SER H 301 -36.60 -46.02 -23.77
CA SER H 301 -37.34 -47.27 -23.74
C SER H 301 -38.61 -47.26 -24.57
N GLY H 302 -39.16 -46.09 -24.92
CA GLY H 302 -40.43 -46.05 -25.60
C GLY H 302 -41.63 -46.20 -24.70
N SER H 303 -41.41 -46.34 -23.40
CA SER H 303 -42.49 -46.43 -22.43
C SER H 303 -42.05 -45.77 -21.13
N PHE H 304 -43.02 -45.37 -20.32
CA PHE H 304 -42.73 -44.68 -19.07
C PHE H 304 -43.67 -45.18 -17.99
N ALA H 305 -43.13 -45.36 -16.79
CA ALA H 305 -43.90 -45.82 -15.65
C ALA H 305 -44.16 -44.65 -14.73
N ARG H 306 -45.44 -44.39 -14.43
CA ARG H 306 -45.81 -43.28 -13.58
C ARG H 306 -46.89 -43.75 -12.63
N GLY H 307 -46.75 -43.43 -11.35
CA GLY H 307 -47.59 -44.06 -10.34
C GLY H 307 -47.20 -45.52 -10.20
N ARG H 308 -48.05 -46.41 -10.68
CA ARG H 308 -47.74 -47.84 -10.70
C ARG H 308 -47.75 -48.41 -12.11
N GLU H 309 -48.41 -47.73 -13.05
CA GLU H 309 -48.66 -48.27 -14.37
C GLU H 309 -47.60 -47.80 -15.36
N GLN H 310 -47.27 -48.68 -16.31
CA GLN H 310 -46.39 -48.37 -17.43
C GLN H 310 -47.23 -48.10 -18.67
N MET H 311 -47.08 -46.93 -19.25
CA MET H 311 -47.78 -46.54 -20.46
C MET H 311 -46.78 -46.41 -21.60
N GLU H 312 -47.17 -46.90 -22.78
CA GLU H 312 -46.34 -46.82 -23.97
C GLU H 312 -46.95 -45.85 -24.97
N ALA H 313 -46.12 -44.96 -25.50
CA ALA H 313 -46.56 -43.99 -26.50
C ALA H 313 -45.55 -43.98 -27.64
N SER H 314 -46.05 -43.72 -28.85
CA SER H 314 -45.23 -43.76 -30.05
C SER H 314 -44.90 -42.39 -30.60
N ALA H 315 -45.02 -41.33 -29.81
CA ALA H 315 -44.75 -39.99 -30.31
C ALA H 315 -43.26 -39.76 -30.50
N SER H 316 -42.90 -39.29 -31.69
CA SER H 316 -41.52 -38.95 -31.98
C SER H 316 -41.23 -37.52 -31.53
N MET H 317 -40.19 -37.36 -30.71
CA MET H 317 -39.89 -36.07 -30.10
C MET H 317 -38.81 -35.36 -30.91
N VAL H 318 -39.07 -34.11 -31.27
CA VAL H 318 -38.16 -33.30 -32.05
C VAL H 318 -37.81 -32.07 -31.23
N PHE H 319 -36.58 -31.59 -31.36
CA PHE H 319 -36.12 -30.41 -30.64
C PHE H 319 -35.48 -29.45 -31.62
N VAL H 320 -36.13 -28.32 -31.89
CA VAL H 320 -35.61 -27.33 -32.84
C VAL H 320 -35.02 -26.17 -32.07
N GLY H 321 -33.88 -25.68 -32.51
CA GLY H 321 -33.18 -24.62 -31.79
C GLY H 321 -32.41 -23.69 -32.70
N ASN H 322 -32.10 -22.51 -32.16
CA ASN H 322 -31.45 -21.44 -32.91
C ASN H 322 -29.97 -21.39 -32.56
N ILE H 323 -29.15 -21.01 -33.53
CA ILE H 323 -27.70 -20.90 -33.37
C ILE H 323 -27.30 -19.45 -33.59
N ASN H 324 -26.45 -18.93 -32.70
CA ASN H 324 -25.97 -17.55 -32.80
C ASN H 324 -24.49 -17.45 -33.12
N GLN H 325 -23.77 -18.56 -33.13
CA GLN H 325 -22.34 -18.56 -33.41
C GLN H 325 -22.05 -19.25 -34.74
N SER H 326 -20.86 -19.01 -35.26
CA SER H 326 -20.40 -19.75 -36.43
C SER H 326 -20.17 -21.21 -36.07
N VAL H 327 -20.30 -22.07 -37.07
CA VAL H 327 -20.18 -23.51 -36.82
C VAL H 327 -18.77 -23.87 -36.36
N GLU H 328 -17.75 -23.30 -37.02
CA GLU H 328 -16.37 -23.67 -36.70
C GLU H 328 -15.98 -23.21 -35.30
N SER H 329 -16.45 -22.03 -34.87
CA SER H 329 -16.16 -21.56 -33.53
C SER H 329 -16.77 -22.49 -32.49
N LEU H 330 -18.02 -22.90 -32.71
CA LEU H 330 -18.66 -23.82 -31.78
C LEU H 330 -17.96 -25.17 -31.78
N VAL H 331 -17.45 -25.61 -32.93
CA VAL H 331 -16.68 -26.85 -33.00
C VAL H 331 -15.40 -26.73 -32.18
N LYS H 332 -14.65 -25.65 -32.37
CA LYS H 332 -13.34 -25.54 -31.75
C LYS H 332 -13.41 -25.29 -30.26
N THR H 333 -14.29 -24.39 -29.81
CA THR H 333 -14.31 -24.00 -28.42
C THR H 333 -15.26 -24.82 -27.56
N SER H 334 -16.22 -25.51 -28.17
CA SER H 334 -17.23 -26.24 -27.41
C SER H 334 -17.75 -27.44 -28.19
N HIS H 335 -18.90 -27.95 -27.77
CA HIS H 335 -19.64 -28.95 -28.53
C HIS H 335 -20.82 -28.27 -29.21
N LEU H 336 -21.27 -28.84 -30.31
CA LEU H 336 -22.35 -28.22 -31.08
C LEU H 336 -23.66 -28.13 -30.30
N LEU H 337 -23.81 -28.90 -29.23
CA LEU H 337 -25.08 -28.98 -28.51
C LEU H 337 -25.07 -28.12 -27.25
N ALA H 338 -24.20 -27.12 -27.19
CA ALA H 338 -24.10 -26.13 -26.12
C ALA H 338 -25.40 -25.36 -25.88
N PRO H 339 -26.09 -24.86 -26.91
CA PRO H 339 -27.29 -24.04 -26.64
C PRO H 339 -28.42 -24.80 -25.97
N PHE H 340 -28.34 -26.12 -25.86
CA PHE H 340 -29.28 -26.84 -25.02
C PHE H 340 -29.08 -26.44 -23.56
N PRO H 341 -30.16 -26.39 -22.78
CA PRO H 341 -30.05 -25.83 -21.42
C PRO H 341 -29.12 -26.63 -20.53
N GLU H 342 -28.45 -25.92 -19.63
CA GLU H 342 -27.42 -26.52 -18.78
C GLU H 342 -27.99 -27.64 -17.93
N ALA H 343 -29.21 -27.46 -17.40
CA ALA H 343 -29.81 -28.48 -16.55
C ALA H 343 -30.00 -29.82 -17.27
N MET H 344 -30.19 -29.79 -18.59
CA MET H 344 -30.36 -31.02 -19.36
C MET H 344 -29.11 -31.44 -20.13
N ILE H 345 -27.98 -30.77 -19.95
CA ILE H 345 -26.75 -31.18 -20.62
C ILE H 345 -26.17 -32.38 -19.87
N ASP H 346 -26.54 -33.58 -20.32
CA ASP H 346 -26.06 -34.82 -19.73
C ASP H 346 -25.94 -35.86 -20.82
N SER H 347 -24.81 -36.57 -20.84
CA SER H 347 -24.60 -37.59 -21.88
C SER H 347 -25.69 -38.64 -21.85
N ALA H 348 -26.14 -39.02 -20.65
CA ALA H 348 -27.21 -40.00 -20.52
C ALA H 348 -28.50 -39.50 -21.17
N PHE H 349 -28.63 -38.19 -21.36
CA PHE H 349 -29.80 -37.66 -22.04
C PHE H 349 -29.57 -37.58 -23.55
N PHE H 350 -28.42 -37.05 -23.96
CA PHE H 350 -28.21 -36.78 -25.38
C PHE H 350 -27.97 -38.06 -26.18
N ASP H 351 -27.40 -39.09 -25.56
CA ASP H 351 -27.17 -40.33 -26.30
C ASP H 351 -28.46 -40.96 -26.79
N ARG H 352 -29.60 -40.60 -26.20
CA ARG H 352 -30.91 -41.02 -26.69
C ARG H 352 -31.25 -40.44 -28.06
N PHE H 353 -30.70 -39.28 -28.40
CA PHE H 353 -31.05 -38.61 -29.64
C PHE H 353 -30.56 -39.43 -30.83
N HIS H 354 -31.48 -39.76 -31.73
CA HIS H 354 -31.11 -40.61 -32.85
C HIS H 354 -30.53 -39.82 -34.01
N ALA H 355 -30.58 -38.49 -33.94
CA ALA H 355 -30.06 -37.66 -35.02
C ALA H 355 -29.91 -36.21 -34.57
N TYR H 356 -28.84 -35.58 -35.01
CA TYR H 356 -28.58 -34.16 -34.81
C TYR H 356 -28.39 -33.52 -36.18
N ILE H 357 -29.46 -32.96 -36.72
CA ILE H 357 -29.48 -32.45 -38.08
C ILE H 357 -28.65 -31.16 -38.15
N PRO H 358 -27.79 -31.00 -39.15
CA PRO H 358 -27.03 -29.76 -39.28
C PRO H 358 -27.85 -28.65 -39.91
N GLY H 359 -28.64 -27.93 -39.10
CA GLY H 359 -29.50 -26.88 -39.61
C GLY H 359 -28.77 -25.78 -40.34
N TRP H 360 -27.47 -25.60 -40.09
CA TRP H 360 -26.71 -24.57 -40.77
C TRP H 360 -26.51 -24.86 -42.25
N GLU H 361 -26.40 -26.13 -42.65
CA GLU H 361 -26.23 -26.46 -44.05
C GLU H 361 -27.42 -26.02 -44.90
N ILE H 362 -28.60 -25.91 -44.33
CA ILE H 362 -29.76 -25.42 -45.05
C ILE H 362 -29.68 -23.89 -45.11
N PRO H 363 -29.75 -23.29 -46.30
CA PRO H 363 -29.63 -21.83 -46.39
C PRO H 363 -30.87 -21.14 -45.84
N LYS H 364 -30.68 -19.87 -45.46
CA LYS H 364 -31.79 -19.09 -44.94
C LYS H 364 -32.85 -18.89 -46.02
N MET H 365 -34.09 -18.72 -45.58
CA MET H 365 -35.22 -18.86 -46.49
C MET H 365 -35.43 -17.60 -47.33
N ARG H 366 -35.63 -17.79 -48.62
CA ARG H 366 -35.86 -16.73 -49.58
C ARG H 366 -36.98 -17.17 -50.50
N PRO H 367 -37.80 -16.24 -50.99
CA PRO H 367 -38.90 -16.64 -51.90
C PRO H 367 -38.43 -17.40 -53.13
N GLU H 368 -37.16 -17.25 -53.52
CA GLU H 368 -36.65 -18.01 -54.65
C GLU H 368 -36.61 -19.51 -54.36
N PHE H 369 -36.71 -19.89 -53.09
CA PHE H 369 -36.67 -21.30 -52.71
C PHE H 369 -38.05 -21.96 -52.69
N PHE H 370 -39.12 -21.20 -52.90
CA PHE H 370 -40.47 -21.72 -52.80
C PHE H 370 -40.95 -22.20 -54.16
N THR H 371 -41.86 -23.18 -54.16
CA THR H 371 -42.39 -23.73 -55.40
C THR H 371 -43.50 -22.85 -55.96
N ASN H 372 -43.69 -22.98 -57.28
CA ASN H 372 -44.86 -22.48 -57.97
C ASN H 372 -45.52 -23.56 -58.81
N ARG H 373 -45.10 -24.80 -58.67
CA ARG H 373 -45.60 -25.91 -59.46
C ARG H 373 -46.58 -26.75 -58.66
N TYR H 374 -46.98 -27.87 -59.25
CA TYR H 374 -47.97 -28.74 -58.63
C TYR H 374 -47.32 -29.67 -57.62
N GLY H 375 -48.05 -29.99 -56.56
CA GLY H 375 -47.55 -30.85 -55.51
C GLY H 375 -48.68 -31.57 -54.80
N LEU H 376 -48.29 -32.51 -53.95
CA LEU H 376 -49.26 -33.33 -53.24
C LEU H 376 -49.99 -32.52 -52.18
N ILE H 377 -51.19 -32.98 -51.81
CA ILE H 377 -51.92 -32.34 -50.73
C ILE H 377 -51.19 -32.58 -49.41
N VAL H 378 -50.98 -31.50 -48.65
CA VAL H 378 -50.22 -31.61 -47.40
C VAL H 378 -50.91 -32.56 -46.43
N ASP H 379 -52.24 -32.49 -46.33
CA ASP H 379 -52.96 -33.45 -45.51
C ASP H 379 -52.76 -34.87 -46.03
N TYR H 380 -52.79 -35.04 -47.34
CA TYR H 380 -52.51 -36.35 -47.93
C TYR H 380 -51.11 -36.81 -47.58
N LEU H 381 -50.14 -35.90 -47.62
CA LEU H 381 -48.77 -36.24 -47.25
C LEU H 381 -48.69 -36.68 -45.80
N ALA H 382 -49.37 -35.96 -44.90
CA ALA H 382 -49.29 -36.29 -43.48
C ALA H 382 -49.94 -37.63 -43.18
N GLU H 383 -51.10 -37.91 -43.78
CA GLU H 383 -51.74 -39.20 -43.56
C GLU H 383 -50.94 -40.33 -44.21
N PHE H 384 -50.26 -40.04 -45.32
CA PHE H 384 -49.31 -40.98 -45.90
C PHE H 384 -48.19 -41.30 -44.91
N PHE H 385 -47.68 -40.27 -44.24
CA PHE H 385 -46.68 -40.49 -43.20
C PHE H 385 -47.24 -41.35 -42.07
N ARG H 386 -48.48 -41.08 -41.66
CA ARG H 386 -49.08 -41.85 -40.59
C ARG H 386 -49.22 -43.32 -40.98
N GLU H 387 -49.57 -43.59 -42.23
CA GLU H 387 -49.68 -44.97 -42.68
C GLU H 387 -48.31 -45.64 -42.74
N MET H 388 -47.30 -44.91 -43.22
CA MET H 388 -45.95 -45.46 -43.21
C MET H 388 -45.44 -45.74 -41.80
N ARG H 389 -45.98 -45.04 -40.79
CA ARG H 389 -45.59 -45.31 -39.42
C ARG H 389 -45.88 -46.75 -38.99
N LYS H 390 -46.79 -47.43 -39.68
CA LYS H 390 -47.19 -48.77 -39.28
C LYS H 390 -46.20 -49.86 -39.69
N ARG H 391 -45.29 -49.58 -40.62
CA ARG H 391 -44.43 -50.59 -41.19
C ARG H 391 -43.00 -50.44 -40.69
N SER H 392 -42.13 -51.32 -41.18
CA SER H 392 -40.72 -51.29 -40.82
C SER H 392 -39.87 -51.62 -42.04
N PHE H 393 -38.69 -51.01 -42.12
CA PHE H 393 -37.74 -51.24 -43.21
C PHE H 393 -36.31 -51.31 -42.70
N ALA H 394 -36.12 -51.47 -41.39
CA ALA H 394 -34.77 -51.44 -40.81
C ALA H 394 -33.94 -52.65 -41.20
N ASP H 395 -34.56 -53.71 -41.72
CA ASP H 395 -33.84 -54.91 -42.09
C ASP H 395 -33.24 -54.84 -43.49
N SER H 396 -33.50 -53.76 -44.23
CA SER H 396 -33.02 -53.67 -45.61
C SER H 396 -31.51 -53.58 -45.69
N ILE H 397 -30.86 -53.12 -44.62
CA ILE H 397 -29.40 -53.03 -44.63
C ILE H 397 -28.78 -54.43 -44.63
N GLU H 398 -29.40 -55.37 -43.92
CA GLU H 398 -28.85 -56.72 -43.83
C GLU H 398 -28.73 -57.37 -45.20
N LYS H 399 -29.54 -56.93 -46.16
CA LYS H 399 -29.51 -57.51 -47.49
C LYS H 399 -28.25 -57.08 -48.26
N TYR H 400 -27.70 -55.92 -47.95
CA TYR H 400 -26.61 -55.37 -48.74
C TYR H 400 -25.36 -54.98 -47.94
N PHE H 401 -25.50 -54.59 -46.68
CA PHE H 401 -24.35 -54.08 -45.93
C PHE H 401 -24.41 -54.56 -44.48
N LYS H 402 -23.30 -54.42 -43.78
CA LYS H 402 -23.22 -54.75 -42.37
C LYS H 402 -22.60 -53.59 -41.60
N LEU H 403 -23.02 -53.43 -40.34
CA LEU H 403 -22.55 -52.31 -39.55
C LEU H 403 -21.13 -52.55 -39.04
N GLY H 404 -20.41 -51.46 -38.83
CA GLY H 404 -19.05 -51.55 -38.34
C GLY H 404 -18.98 -51.93 -36.87
N ASN H 405 -17.77 -52.18 -36.41
CA ASN H 405 -17.55 -52.64 -35.05
C ASN H 405 -17.65 -51.51 -34.02
N ASN H 406 -17.52 -50.27 -34.45
CA ASN H 406 -17.53 -49.13 -33.53
C ASN H 406 -18.91 -48.74 -33.05
N LEU H 407 -19.96 -49.25 -33.69
CA LEU H 407 -21.34 -48.85 -33.40
C LEU H 407 -21.87 -49.71 -32.25
N ASN H 408 -22.08 -49.08 -31.10
CA ASN H 408 -22.69 -49.79 -29.98
C ASN H 408 -24.17 -50.06 -30.27
N GLN H 409 -24.84 -50.68 -29.31
CA GLN H 409 -26.23 -51.09 -29.51
C GLN H 409 -27.13 -49.90 -29.82
N ARG H 410 -26.99 -48.80 -29.07
CA ARG H 410 -27.82 -47.64 -29.33
C ARG H 410 -27.52 -47.04 -30.70
N ASP H 411 -26.25 -47.05 -31.11
CA ASP H 411 -25.91 -46.59 -32.45
C ASP H 411 -26.56 -47.46 -33.51
N VAL H 412 -26.57 -48.77 -33.28
CA VAL H 412 -27.24 -49.69 -34.20
C VAL H 412 -28.72 -49.34 -34.30
N ILE H 413 -29.37 -49.12 -33.15
CA ILE H 413 -30.79 -48.80 -33.15
C ILE H 413 -31.04 -47.50 -33.91
N ALA H 414 -30.24 -46.48 -33.65
CA ALA H 414 -30.43 -45.19 -34.29
C ALA H 414 -30.27 -45.30 -35.80
N VAL H 415 -29.24 -46.03 -36.25
CA VAL H 415 -28.98 -46.14 -37.68
C VAL H 415 -30.09 -46.93 -38.36
N ARG H 416 -30.56 -48.00 -37.71
CA ARG H 416 -31.66 -48.76 -38.28
C ARG H 416 -32.93 -47.92 -38.38
N LYS H 417 -33.24 -47.14 -37.34
CA LYS H 417 -34.42 -46.30 -37.39
C LYS H 417 -34.30 -45.25 -38.50
N THR H 418 -33.15 -44.61 -38.63
CA THR H 418 -32.99 -43.58 -39.64
C THR H 418 -33.08 -44.15 -41.04
N VAL H 419 -32.42 -45.29 -41.29
CA VAL H 419 -32.47 -45.89 -42.62
C VAL H 419 -33.88 -46.37 -42.91
N SER H 420 -34.60 -46.86 -41.90
CA SER H 420 -35.98 -47.27 -42.10
C SER H 420 -36.84 -46.09 -42.51
N GLY H 421 -36.67 -44.95 -41.84
CA GLY H 421 -37.43 -43.78 -42.20
C GLY H 421 -37.13 -43.31 -43.62
N LEU H 422 -35.86 -43.30 -43.99
CA LEU H 422 -35.49 -42.86 -45.33
C LEU H 422 -36.03 -43.81 -46.39
N MET H 423 -35.97 -45.12 -46.12
CA MET H 423 -36.55 -46.10 -47.02
C MET H 423 -38.06 -45.88 -47.17
N LYS H 424 -38.75 -45.60 -46.06
CA LYS H 424 -40.18 -45.36 -46.13
C LYS H 424 -40.49 -44.12 -46.98
N LEU H 425 -39.74 -43.04 -46.79
CA LEU H 425 -40.00 -41.85 -47.59
C LEU H 425 -39.74 -42.11 -49.08
N LEU H 426 -38.53 -42.53 -49.43
CA LEU H 426 -38.19 -42.63 -50.84
C LEU H 426 -38.79 -43.85 -51.54
N TYR H 427 -38.92 -44.98 -50.85
CA TYR H 427 -39.41 -46.21 -51.47
C TYR H 427 -40.53 -46.83 -50.62
N PRO H 428 -41.70 -46.20 -50.58
CA PRO H 428 -42.83 -46.84 -49.88
C PRO H 428 -43.23 -48.16 -50.50
N HIS H 429 -43.13 -48.28 -51.82
CA HIS H 429 -43.50 -49.52 -52.50
C HIS H 429 -42.54 -50.66 -52.20
N GLY H 430 -41.35 -50.36 -51.68
CA GLY H 430 -40.44 -51.40 -51.24
C GLY H 430 -39.53 -51.97 -52.29
N GLN H 431 -39.59 -51.47 -53.53
CA GLN H 431 -38.69 -51.93 -54.59
C GLN H 431 -37.49 -51.00 -54.61
N PHE H 432 -36.36 -51.48 -54.09
CA PHE H 432 -35.16 -50.67 -54.01
C PHE H 432 -33.95 -51.53 -54.34
N ASN H 433 -32.86 -50.87 -54.72
CA ASN H 433 -31.62 -51.51 -55.11
C ASN H 433 -30.58 -51.36 -54.01
N LYS H 434 -29.36 -51.83 -54.30
CA LYS H 434 -28.27 -51.76 -53.32
C LYS H 434 -27.77 -50.34 -53.15
N GLU H 435 -27.69 -49.58 -54.24
CA GLU H 435 -27.13 -48.23 -54.18
C GLU H 435 -27.99 -47.31 -53.33
N ASP H 436 -29.32 -47.46 -53.41
CA ASP H 436 -30.19 -46.64 -52.59
C ASP H 436 -29.96 -46.90 -51.10
N VAL H 437 -29.83 -48.17 -50.73
CA VAL H 437 -29.54 -48.52 -49.34
C VAL H 437 -28.19 -47.97 -48.94
N ARG H 438 -27.22 -48.00 -49.85
CA ARG H 438 -25.91 -47.42 -49.57
C ARG H 438 -26.03 -45.93 -49.25
N GLN H 439 -26.76 -45.20 -50.09
CA GLN H 439 -26.91 -43.76 -49.88
C GLN H 439 -27.59 -43.46 -48.55
N CYS H 440 -28.70 -44.16 -48.28
CA CYS H 440 -29.42 -43.92 -47.03
C CYS H 440 -28.57 -44.27 -45.83
N LEU H 441 -27.84 -45.39 -45.91
CA LEU H 441 -26.96 -45.81 -44.82
C LEU H 441 -25.88 -44.77 -44.57
N GLU H 442 -25.29 -44.24 -45.64
CA GLU H 442 -24.24 -43.23 -45.47
C GLU H 442 -24.79 -41.98 -44.79
N TYR H 443 -25.97 -41.53 -45.23
CA TYR H 443 -26.56 -40.35 -44.61
C TYR H 443 -26.84 -40.59 -43.14
N ALA H 444 -27.43 -41.75 -42.83
CA ALA H 444 -27.76 -42.07 -41.45
C ALA H 444 -26.50 -42.15 -40.58
N LEU H 445 -25.47 -42.80 -41.09
CA LEU H 445 -24.22 -42.92 -40.35
C LEU H 445 -23.63 -41.56 -40.08
N GLN H 446 -23.66 -40.66 -41.08
CA GLN H 446 -23.10 -39.34 -40.91
C GLN H 446 -23.86 -38.55 -39.84
N VAL H 447 -25.19 -38.58 -39.91
CA VAL H 447 -25.98 -37.76 -38.98
C VAL H 447 -25.86 -38.30 -37.55
N ARG H 448 -25.87 -39.63 -37.38
CA ARG H 448 -25.65 -40.17 -36.04
C ARG H 448 -24.22 -39.94 -35.58
N ARG H 449 -23.27 -39.92 -36.52
CA ARG H 449 -21.88 -39.71 -36.16
C ARG H 449 -21.66 -38.32 -35.62
N ARG H 450 -22.42 -37.34 -36.11
CA ARG H 450 -22.31 -36.01 -35.52
C ARG H 450 -22.67 -36.03 -34.04
N VAL H 451 -23.74 -36.74 -33.69
CA VAL H 451 -24.09 -36.94 -32.29
C VAL H 451 -22.96 -37.60 -31.55
N LYS H 452 -22.38 -38.63 -32.17
CA LYS H 452 -21.33 -39.40 -31.50
C LYS H 452 -20.10 -38.53 -31.24
N GLU H 453 -19.73 -37.68 -32.21
CA GLU H 453 -18.62 -36.75 -32.01
C GLU H 453 -18.91 -35.76 -30.88
N GLN H 454 -20.13 -35.24 -30.82
CA GLN H 454 -20.45 -34.31 -29.75
C GLN H 454 -20.41 -34.98 -28.38
N LEU H 455 -20.94 -36.20 -28.28
CA LEU H 455 -20.83 -36.94 -27.02
C LEU H 455 -19.38 -37.27 -26.69
N LYS H 456 -18.56 -37.51 -27.72
CA LYS H 456 -17.13 -37.70 -27.48
C LYS H 456 -16.51 -36.47 -26.85
N LYS H 457 -16.75 -35.30 -27.46
CA LYS H 457 -16.25 -34.05 -26.89
C LYS H 457 -16.73 -33.82 -25.48
N ILE H 458 -17.98 -34.18 -25.18
CA ILE H 458 -18.54 -33.97 -23.86
C ILE H 458 -17.93 -34.92 -22.82
N GLY H 459 -17.81 -36.20 -23.16
CA GLY H 459 -17.53 -37.21 -22.16
C GLY H 459 -16.19 -37.91 -22.24
N GLY H 460 -15.29 -37.48 -23.11
CA GLY H 460 -13.97 -38.07 -23.12
C GLY H 460 -13.96 -39.47 -23.69
N MET H 461 -13.31 -40.39 -22.97
CA MET H 461 -13.01 -41.71 -23.53
C MET H 461 -14.26 -42.56 -23.73
N GLU H 462 -15.34 -42.26 -23.02
CA GLU H 462 -16.52 -43.12 -23.06
C GLU H 462 -17.15 -43.17 -24.46
N PHE H 463 -16.84 -42.19 -25.31
CA PHE H 463 -17.42 -42.12 -26.65
C PHE H 463 -16.35 -41.95 -27.72
N TYR H 464 -15.21 -42.61 -27.56
CA TYR H 464 -14.16 -42.52 -28.57
C TYR H 464 -14.52 -43.27 -29.86
N ASP H 465 -15.41 -44.26 -29.78
CA ASP H 465 -15.77 -45.06 -30.95
C ASP H 465 -16.67 -44.23 -31.85
N VAL H 466 -16.04 -43.36 -32.64
CA VAL H 466 -16.75 -42.43 -33.51
C VAL H 466 -16.41 -42.66 -34.98
N HIS H 467 -15.92 -43.86 -35.33
CA HIS H 467 -15.53 -44.16 -36.70
C HIS H 467 -16.62 -45.03 -37.32
N PHE H 468 -17.57 -44.36 -37.97
CA PHE H 468 -18.73 -45.04 -38.54
C PHE H 468 -18.32 -45.68 -39.85
N SER H 469 -18.35 -47.00 -39.90
CA SER H 469 -17.98 -47.76 -41.08
C SER H 469 -19.04 -48.80 -41.38
N TYR H 470 -19.19 -49.11 -42.67
CA TYR H 470 -20.06 -50.18 -43.10
C TYR H 470 -19.33 -51.09 -44.07
N ILE H 471 -19.50 -52.39 -43.86
CA ILE H 471 -18.81 -53.44 -44.60
C ILE H 471 -19.74 -53.96 -45.68
N ASP H 472 -19.28 -53.92 -46.92
CA ASP H 472 -20.03 -54.48 -48.03
C ASP H 472 -20.23 -55.98 -47.82
N ASN H 473 -21.43 -56.47 -48.12
CA ASN H 473 -21.70 -57.90 -47.96
C ASN H 473 -21.06 -58.73 -49.06
N ASP H 474 -20.92 -58.20 -50.27
CA ASP H 474 -20.36 -58.95 -51.37
C ASP H 474 -18.85 -58.82 -51.47
N THR H 475 -18.35 -57.60 -51.63
CA THR H 475 -16.92 -57.37 -51.83
C THR H 475 -16.15 -57.23 -50.53
N LEU H 476 -16.83 -57.19 -49.39
CA LEU H 476 -16.23 -57.03 -48.07
C LEU H 476 -15.42 -55.75 -47.94
N GLU H 477 -15.65 -54.77 -48.82
CA GLU H 477 -14.99 -53.48 -48.69
C GLU H 477 -15.62 -52.70 -47.55
N GLU H 478 -14.78 -52.13 -46.68
CA GLU H 478 -15.24 -51.33 -45.56
C GLU H 478 -15.15 -49.86 -45.93
N HIS H 479 -16.30 -49.18 -45.96
CA HIS H 479 -16.36 -47.77 -46.29
C HIS H 479 -16.62 -46.98 -45.02
N PHE H 480 -15.80 -45.96 -44.78
CA PHE H 480 -15.91 -45.10 -43.62
C PHE H 480 -16.56 -43.79 -44.00
N VAL H 481 -17.40 -43.26 -43.12
CA VAL H 481 -18.16 -42.04 -43.37
C VAL H 481 -17.76 -41.01 -42.32
N SER H 482 -17.44 -39.81 -42.77
CA SER H 482 -17.10 -38.69 -41.90
C SER H 482 -18.16 -37.61 -42.02
N VAL H 483 -18.03 -36.59 -41.17
CA VAL H 483 -18.94 -35.45 -41.16
C VAL H 483 -18.23 -34.27 -41.82
N LYS H 484 -19.02 -33.37 -42.42
CA LYS H 484 -18.42 -32.25 -43.14
C LYS H 484 -17.72 -31.28 -42.20
N GLU H 485 -18.23 -31.12 -40.98
CA GLU H 485 -17.62 -30.20 -40.03
C GLU H 485 -16.27 -30.69 -39.53
N GLN H 486 -15.95 -31.95 -39.75
CA GLN H 486 -14.65 -32.53 -39.41
C GLN H 486 -13.95 -32.98 -40.69
N GLY H 487 -12.83 -33.67 -40.53
CA GLY H 487 -12.08 -34.18 -41.67
C GLY H 487 -12.85 -35.20 -42.48
N ILE H 492 -4.06 -27.57 -41.70
CA ILE H 492 -3.05 -27.50 -40.66
C ILE H 492 -2.99 -26.08 -40.10
N PRO H 493 -3.33 -25.93 -38.82
CA PRO H 493 -3.33 -24.60 -38.22
C PRO H 493 -1.92 -24.07 -37.99
N GLU H 494 -1.82 -22.75 -37.98
CA GLU H 494 -0.56 -22.10 -37.64
C GLU H 494 -0.27 -22.26 -36.16
N GLY H 495 1.00 -22.28 -35.82
CA GLY H 495 1.41 -22.44 -34.44
C GLY H 495 1.61 -23.90 -34.08
N PRO H 496 2.40 -24.16 -33.03
CA PRO H 496 2.65 -25.55 -32.62
C PRO H 496 1.40 -26.16 -32.00
N ALA H 497 1.16 -27.42 -32.34
CA ALA H 497 0.08 -28.16 -31.70
C ALA H 497 0.52 -28.68 -30.34
N LYS H 498 -0.37 -29.43 -29.70
CA LYS H 498 -0.01 -30.09 -28.45
C LYS H 498 1.01 -31.18 -28.73
N PRO H 499 1.89 -31.49 -27.78
CA PRO H 499 2.90 -32.52 -28.01
C PRO H 499 2.26 -33.86 -28.37
N GLY H 500 2.90 -34.57 -29.29
CA GLY H 500 2.37 -35.81 -29.81
C GLY H 500 1.41 -35.66 -30.96
N PHE H 501 1.09 -34.44 -31.37
CA PHE H 501 0.16 -34.18 -32.46
C PHE H 501 0.94 -33.76 -33.69
N LEU H 502 0.61 -34.35 -34.84
CA LEU H 502 1.29 -34.02 -36.08
C LEU H 502 0.39 -34.34 -37.27
N TYR H 503 0.86 -33.97 -38.45
CA TYR H 503 0.16 -34.18 -39.70
C TYR H 503 1.04 -34.96 -40.66
N THR H 504 0.42 -35.78 -41.50
CA THR H 504 1.14 -36.60 -42.44
C THR H 504 0.39 -36.65 -43.76
N ILE H 505 1.11 -36.99 -44.82
CA ILE H 505 0.56 -37.10 -46.16
C ILE H 505 1.12 -38.35 -46.81
N GLY H 506 0.25 -39.12 -47.45
CA GLY H 506 0.71 -40.34 -48.09
C GLY H 506 -0.31 -40.88 -49.06
N LEU H 507 0.14 -41.82 -49.89
CA LEU H 507 -0.75 -42.43 -50.88
C LEU H 507 -1.73 -43.36 -50.17
N SER H 508 -3.02 -43.17 -50.42
CA SER H 508 -4.04 -44.03 -49.86
C SER H 508 -4.01 -45.40 -50.55
N ASN H 509 -4.88 -46.30 -50.08
CA ASN H 509 -5.00 -47.61 -50.68
C ASN H 509 -5.47 -47.55 -52.12
N LYS H 510 -6.12 -46.47 -52.53
CA LYS H 510 -6.55 -46.28 -53.91
C LYS H 510 -5.52 -45.55 -54.76
N GLY H 511 -4.36 -45.24 -54.19
CA GLY H 511 -3.32 -44.54 -54.94
C GLY H 511 -3.44 -43.04 -54.98
N MET H 512 -4.43 -42.47 -54.29
CA MET H 512 -4.59 -41.02 -54.28
C MET H 512 -3.97 -40.43 -53.03
N PRO H 513 -3.15 -39.40 -53.15
CA PRO H 513 -2.53 -38.78 -51.97
C PRO H 513 -3.59 -38.25 -51.01
N GLY H 514 -3.33 -38.38 -49.72
CA GLY H 514 -4.26 -37.93 -48.70
C GLY H 514 -3.54 -37.43 -47.48
N LEU H 515 -4.20 -36.52 -46.76
CA LEU H 515 -3.66 -35.93 -45.55
C LEU H 515 -4.38 -36.50 -44.33
N TYR H 516 -3.62 -36.76 -43.28
CA TYR H 516 -4.15 -37.38 -42.06
C TYR H 516 -3.50 -36.72 -40.85
N ARG H 517 -4.19 -36.81 -39.71
CA ARG H 517 -3.73 -36.23 -38.46
C ARG H 517 -3.48 -37.33 -37.46
N LEU H 518 -2.30 -37.33 -36.85
CA LEU H 518 -1.95 -38.30 -35.83
C LEU H 518 -1.86 -37.59 -34.48
N GLU H 519 -2.62 -38.09 -33.50
CA GLU H 519 -2.62 -37.50 -32.16
C GLU H 519 -2.31 -38.59 -31.15
N LEU H 520 -1.36 -38.32 -30.26
CA LEU H 520 -0.90 -39.28 -29.28
C LEU H 520 -1.16 -38.77 -27.87
N GLN H 521 -1.72 -39.64 -27.03
CA GLN H 521 -1.95 -39.36 -25.62
C GLN H 521 -1.03 -40.24 -24.79
N VAL H 522 -0.19 -39.63 -23.97
CA VAL H 522 0.79 -40.35 -23.16
C VAL H 522 0.41 -40.20 -21.70
N THR H 523 0.29 -41.33 -21.00
CA THR H 523 -0.07 -41.33 -19.59
C THR H 523 0.88 -42.23 -18.82
N LYS H 524 0.76 -42.20 -17.50
CA LYS H 524 1.54 -43.09 -16.65
C LYS H 524 1.04 -44.52 -16.82
N GLY H 525 1.93 -45.41 -17.27
CA GLY H 525 1.52 -46.78 -17.55
C GLY H 525 2.62 -47.80 -17.51
N SER H 526 2.48 -48.87 -18.31
CA SER H 526 3.40 -50.00 -18.31
C SER H 526 3.94 -50.31 -19.70
N GLY H 527 4.02 -49.32 -20.59
CA GLY H 527 4.54 -49.55 -21.92
C GLY H 527 3.55 -50.07 -22.92
N LYS H 528 2.25 -50.05 -22.60
CA LYS H 528 1.24 -50.55 -23.53
C LYS H 528 0.86 -49.48 -24.54
N LEU H 529 0.45 -49.92 -25.73
CA LEU H 529 0.06 -49.03 -26.80
C LEU H 529 -1.36 -49.36 -27.26
N ALA H 530 -2.19 -48.34 -27.38
CA ALA H 530 -3.55 -48.47 -27.88
C ALA H 530 -3.66 -47.76 -29.22
N THR H 531 -4.45 -48.31 -30.12
CA THR H 531 -4.60 -47.77 -31.47
C THR H 531 -6.06 -47.47 -31.76
N SER H 532 -6.28 -46.35 -32.44
CA SER H 532 -7.65 -45.97 -32.81
C SER H 532 -7.61 -45.15 -34.10
N GLY H 533 -8.66 -45.31 -34.91
CA GLY H 533 -8.78 -44.56 -36.14
C GLY H 533 -7.93 -45.05 -37.29
N LEU H 534 -7.37 -46.26 -37.19
CA LEU H 534 -6.46 -46.76 -38.22
C LEU H 534 -7.24 -47.42 -39.35
N TRP H 535 -8.51 -47.05 -39.50
CA TRP H 535 -9.42 -47.65 -40.47
C TRP H 535 -9.57 -49.14 -40.23
N ASN H 536 -9.18 -49.59 -39.04
CA ASN H 536 -9.19 -51.01 -38.68
C ASN H 536 -8.48 -51.84 -39.74
N SER H 537 -7.32 -51.37 -40.20
CA SER H 537 -6.57 -52.01 -41.27
C SER H 537 -5.42 -52.79 -40.66
N SER H 538 -5.19 -54.01 -41.17
CA SER H 538 -4.09 -54.83 -40.70
C SER H 538 -2.75 -54.18 -41.01
N SER H 539 -2.62 -53.59 -42.19
CA SER H 539 -1.38 -52.97 -42.62
C SER H 539 -1.01 -51.78 -41.74
N ALA H 540 -1.97 -50.91 -41.45
CA ALA H 540 -1.70 -49.75 -40.62
C ALA H 540 -1.34 -50.17 -39.19
N LYS H 541 -2.05 -51.15 -38.65
CA LYS H 541 -1.73 -51.65 -37.31
C LYS H 541 -0.34 -52.26 -37.28
N GLU H 542 0.02 -53.01 -38.31
CA GLU H 542 1.37 -53.58 -38.39
C GLU H 542 2.43 -52.49 -38.47
N GLN H 543 2.17 -51.43 -39.24
CA GLN H 543 3.11 -50.32 -39.31
C GLN H 543 3.28 -49.65 -37.96
N VAL H 544 2.18 -49.44 -37.23
CA VAL H 544 2.26 -48.81 -35.92
C VAL H 544 3.01 -49.71 -34.93
N LYS H 545 2.77 -51.02 -34.99
CA LYS H 545 3.50 -51.93 -34.13
C LYS H 545 4.99 -51.92 -34.46
N ILE H 546 5.34 -51.88 -35.75
CA ILE H 546 6.74 -51.81 -36.15
C ILE H 546 7.38 -50.54 -35.60
N ALA H 547 6.68 -49.41 -35.74
CA ALA H 547 7.21 -48.15 -35.24
C ALA H 547 7.40 -48.17 -33.74
N PHE H 548 6.42 -48.71 -33.01
CA PHE H 548 6.53 -48.77 -31.56
C PHE H 548 7.69 -49.66 -31.14
N ASP H 549 7.87 -50.80 -31.82
CA ASP H 549 8.99 -51.69 -31.52
C ASP H 549 10.33 -51.00 -31.78
N TYR H 550 10.45 -50.31 -32.91
CA TYR H 550 11.70 -49.59 -33.20
C TYR H 550 11.96 -48.50 -32.19
N PHE H 551 10.91 -47.76 -31.80
CA PHE H 551 11.08 -46.70 -30.82
C PHE H 551 11.52 -47.27 -29.48
N LYS H 552 10.95 -48.41 -29.07
CA LYS H 552 11.41 -49.05 -27.84
C LYS H 552 12.86 -49.50 -27.97
N ALA H 553 13.25 -49.96 -29.16
CA ALA H 553 14.62 -50.40 -29.37
C ALA H 553 15.61 -49.25 -29.24
N ASN H 554 15.26 -48.07 -29.76
CA ASN H 554 16.15 -46.91 -29.74
C ASN H 554 15.76 -45.89 -28.68
N ALA H 555 15.33 -46.35 -27.50
CA ALA H 555 14.90 -45.42 -26.46
C ALA H 555 16.05 -44.54 -25.99
N SER H 556 17.26 -45.12 -25.86
CA SER H 556 18.39 -44.36 -25.37
C SER H 556 18.77 -43.21 -26.29
N ARG H 557 18.77 -43.45 -27.61
CA ARG H 557 19.19 -42.42 -28.55
C ARG H 557 18.25 -41.23 -28.59
N ILE H 558 16.95 -41.45 -28.48
CA ILE H 558 15.96 -40.40 -28.65
C ILE H 558 15.56 -39.79 -27.31
N SER H 559 15.21 -40.62 -26.34
CA SER H 559 14.77 -40.15 -25.03
C SER H 559 15.92 -39.64 -24.18
N GLY H 560 17.10 -40.25 -24.27
CA GLY H 560 18.25 -39.82 -23.49
C GLY H 560 18.09 -40.08 -22.01
N GLY H 561 17.18 -40.98 -21.64
CA GLY H 561 17.01 -41.31 -20.24
C GLY H 561 15.58 -41.57 -19.81
N SER H 562 14.62 -41.20 -20.67
CA SER H 562 13.21 -41.40 -20.35
C SER H 562 12.86 -42.88 -20.49
N LYS H 563 12.22 -43.45 -19.48
CA LYS H 563 11.87 -44.86 -19.48
C LYS H 563 10.51 -45.04 -20.15
N VAL H 564 10.53 -45.62 -21.35
CA VAL H 564 9.28 -45.80 -22.12
C VAL H 564 8.36 -46.78 -21.42
N MET H 565 8.94 -47.80 -20.76
CA MET H 565 8.14 -48.83 -20.12
C MET H 565 7.34 -48.32 -18.94
N GLU H 566 7.61 -47.11 -18.45
CA GLU H 566 6.85 -46.53 -17.36
C GLU H 566 5.67 -45.69 -17.83
N HIS H 567 5.40 -45.65 -19.13
CA HIS H 567 4.32 -44.84 -19.68
C HIS H 567 3.58 -45.62 -20.75
N ASP H 568 2.29 -45.33 -20.89
CA ASP H 568 1.45 -45.93 -21.91
C ASP H 568 1.03 -44.89 -22.93
N PHE H 569 0.87 -45.34 -24.18
CA PHE H 569 0.59 -44.48 -25.32
C PHE H 569 -0.75 -44.88 -25.92
N HIS H 570 -1.51 -43.90 -26.41
CA HIS H 570 -2.73 -44.13 -27.18
C HIS H 570 -2.64 -43.26 -28.43
N LEU H 571 -2.53 -43.90 -29.59
CA LEU H 571 -2.36 -43.18 -30.86
C LEU H 571 -3.68 -43.24 -31.63
N HIS H 572 -4.10 -42.10 -32.13
CA HIS H 572 -5.36 -41.95 -32.83
C HIS H 572 -5.12 -41.29 -34.19
N VAL H 573 -5.84 -41.77 -35.19
CA VAL H 573 -5.70 -41.34 -36.57
C VAL H 573 -7.00 -40.68 -37.01
N VAL H 574 -6.90 -39.51 -37.65
CA VAL H 574 -8.05 -38.79 -38.15
C VAL H 574 -7.84 -38.54 -39.64
N GLU H 575 -8.83 -38.93 -40.45
CA GLU H 575 -8.79 -38.69 -41.89
C GLU H 575 -9.36 -37.31 -42.20
N LEU H 576 -8.61 -36.52 -42.95
CA LEU H 576 -8.95 -35.12 -43.18
C LEU H 576 -9.47 -34.83 -44.58
N GLN H 577 -9.30 -35.76 -45.53
CA GLN H 577 -9.72 -35.50 -46.91
C GLN H 577 -10.56 -36.61 -47.52
N ASN H 578 -10.96 -37.62 -46.73
CA ASN H 578 -11.81 -38.72 -47.22
C ASN H 578 -11.16 -39.46 -48.39
N THR H 579 -9.82 -39.42 -48.46
CA THR H 579 -9.12 -40.06 -49.55
C THR H 579 -9.06 -41.58 -49.40
N GLY H 580 -9.06 -42.08 -48.17
CA GLY H 580 -8.98 -43.50 -47.93
C GLY H 580 -7.98 -43.84 -46.85
N PRO H 581 -7.89 -45.13 -46.51
CA PRO H 581 -6.93 -45.54 -45.47
C PRO H 581 -5.49 -45.36 -45.93
N LEU H 582 -4.63 -45.01 -44.97
CA LEU H 582 -3.21 -44.86 -45.22
C LEU H 582 -2.47 -46.06 -44.66
N SER H 583 -1.59 -46.64 -45.47
CA SER H 583 -0.80 -47.79 -45.04
C SER H 583 0.53 -47.36 -44.43
N HIS H 584 1.27 -46.51 -45.13
CA HIS H 584 2.62 -46.14 -44.72
C HIS H 584 2.54 -45.17 -43.56
N LEU H 585 2.73 -45.68 -42.34
CA LEU H 585 2.56 -44.87 -41.14
C LEU H 585 3.65 -45.06 -40.10
N ALA H 586 4.67 -45.88 -40.36
CA ALA H 586 5.65 -46.20 -39.33
C ALA H 586 6.47 -44.98 -38.93
N LEU H 587 7.04 -44.29 -39.90
CA LEU H 587 7.87 -43.12 -39.59
C LEU H 587 7.09 -41.99 -38.93
N PRO H 588 5.92 -41.59 -39.42
CA PRO H 588 5.11 -40.61 -38.67
C PRO H 588 4.72 -41.11 -37.29
N SER H 589 4.51 -42.42 -37.12
CA SER H 589 4.25 -42.96 -35.79
C SER H 589 5.45 -42.77 -34.87
N LEU H 590 6.66 -42.99 -35.40
CA LEU H 590 7.87 -42.72 -34.63
C LEU H 590 7.94 -41.26 -34.21
N VAL H 591 7.65 -40.36 -35.15
CA VAL H 591 7.63 -38.93 -34.83
C VAL H 591 6.62 -38.65 -33.74
N ALA H 592 5.46 -39.31 -33.81
CA ALA H 592 4.41 -39.12 -32.81
C ALA H 592 4.87 -39.56 -31.43
N PHE H 593 5.50 -40.75 -31.35
CA PHE H 593 5.99 -41.22 -30.06
C PHE H 593 7.05 -40.28 -29.50
N ALA H 594 7.94 -39.81 -30.37
CA ALA H 594 9.00 -38.91 -29.93
C ALA H 594 8.42 -37.61 -29.40
N SER H 595 7.43 -37.06 -30.09
CA SER H 595 6.83 -35.81 -29.63
C SER H 595 6.06 -36.00 -28.33
N GLY H 596 5.29 -37.08 -28.23
CA GLY H 596 4.48 -37.30 -27.04
C GLY H 596 5.30 -37.58 -25.80
N LEU H 597 6.32 -38.44 -25.94
CA LEU H 597 7.09 -38.84 -24.77
C LEU H 597 7.98 -37.70 -24.27
N LEU H 598 8.70 -37.05 -25.17
CA LEU H 598 9.57 -35.95 -24.78
C LEU H 598 8.81 -34.67 -24.45
N GLY H 599 7.51 -34.62 -24.76
CA GLY H 599 6.73 -33.42 -24.49
C GLY H 599 7.07 -32.25 -25.38
N ARG H 600 7.75 -32.49 -26.50
CA ARG H 600 8.09 -31.44 -27.46
C ARG H 600 7.13 -31.51 -28.64
N SER H 601 6.47 -30.38 -28.91
CA SER H 601 5.60 -30.30 -30.07
C SER H 601 6.42 -30.23 -31.36
N VAL H 602 5.89 -30.85 -32.42
CA VAL H 602 6.50 -30.71 -33.72
C VAL H 602 6.40 -29.26 -34.16
N GLN H 603 7.39 -28.82 -34.96
CA GLN H 603 7.45 -27.43 -35.39
C GLN H 603 6.15 -27.01 -36.07
N SER H 604 5.86 -25.71 -36.02
CA SER H 604 4.64 -25.18 -36.61
C SER H 604 4.60 -25.42 -38.11
N GLN H 605 3.43 -25.78 -38.61
CA GLN H 605 3.19 -26.00 -40.03
C GLN H 605 4.17 -27.02 -40.62
N MET H 606 4.41 -28.09 -39.86
CA MET H 606 5.39 -29.09 -40.25
C MET H 606 4.67 -30.35 -40.73
N VAL H 607 5.09 -30.84 -41.89
CA VAL H 607 4.60 -32.10 -42.44
C VAL H 607 5.78 -33.04 -42.62
N VAL H 608 5.64 -34.26 -42.15
CA VAL H 608 6.71 -35.25 -42.19
C VAL H 608 6.29 -36.36 -43.15
N LEU H 609 7.16 -36.71 -44.09
CA LEU H 609 6.86 -37.68 -45.11
C LEU H 609 7.84 -38.86 -45.03
N GLY H 610 7.43 -39.97 -45.64
CA GLY H 610 8.27 -41.15 -45.74
C GLY H 610 7.87 -42.24 -44.77
N ASP H 611 8.34 -43.45 -45.08
CA ASP H 611 8.09 -44.62 -44.26
C ASP H 611 9.42 -45.31 -43.99
N MET H 612 9.43 -46.16 -42.96
CA MET H 612 10.65 -46.81 -42.51
C MET H 612 10.39 -48.27 -42.23
N SER H 613 11.40 -49.09 -42.46
CA SER H 613 11.36 -50.51 -42.14
C SER H 613 11.84 -50.74 -40.71
N LEU H 614 11.47 -51.90 -40.16
CA LEU H 614 11.77 -52.18 -38.76
C LEU H 614 13.26 -52.11 -38.47
N GLY H 615 14.09 -52.35 -39.48
CA GLY H 615 15.52 -52.23 -39.30
C GLY H 615 16.06 -50.81 -39.28
N GLY H 616 15.20 -49.83 -39.54
CA GLY H 616 15.62 -48.44 -39.52
C GLY H 616 15.96 -47.85 -40.86
N SER H 617 15.60 -48.50 -41.96
CA SER H 617 15.85 -47.95 -43.29
C SER H 617 14.63 -47.17 -43.75
N VAL H 618 14.86 -45.92 -44.19
CA VAL H 618 13.81 -45.03 -44.63
C VAL H 618 13.43 -45.37 -46.06
N THR H 619 12.15 -45.29 -46.37
CA THR H 619 11.75 -45.54 -47.75
C THR H 619 11.48 -44.23 -48.46
N PRO H 620 11.74 -44.16 -49.77
CA PRO H 620 11.48 -42.90 -50.49
C PRO H 620 10.00 -42.55 -50.49
N VAL H 621 9.73 -41.25 -50.49
CA VAL H 621 8.35 -40.78 -50.48
C VAL H 621 7.78 -40.92 -51.88
N GLU H 622 6.80 -41.80 -52.04
CA GLU H 622 6.23 -42.08 -53.34
C GLU H 622 5.35 -40.93 -53.82
N SER H 623 5.47 -40.60 -55.10
CA SER H 623 4.72 -39.49 -55.72
C SER H 623 4.92 -38.19 -54.95
N ILE H 624 6.17 -37.72 -54.95
CA ILE H 624 6.52 -36.55 -54.14
C ILE H 624 5.82 -35.30 -54.64
N ALA H 625 5.66 -35.16 -55.96
CA ALA H 625 5.10 -33.92 -56.51
C ALA H 625 3.69 -33.68 -55.99
N GLU H 626 2.83 -34.68 -56.08
CA GLU H 626 1.45 -34.53 -55.61
C GLU H 626 1.40 -34.38 -54.09
N CYS H 627 2.29 -35.07 -53.38
CA CYS H 627 2.30 -34.96 -51.92
C CYS H 627 2.64 -33.54 -51.47
N LEU H 628 3.66 -32.93 -52.06
CA LEU H 628 3.99 -31.55 -51.67
C LEU H 628 2.97 -30.57 -52.24
N GLN H 629 2.31 -30.91 -53.35
CA GLN H 629 1.20 -30.09 -53.80
C GLN H 629 0.10 -30.05 -52.75
N VAL H 630 -0.25 -31.21 -52.20
CA VAL H 630 -1.25 -31.28 -51.13
C VAL H 630 -0.75 -30.52 -49.90
N ALA H 631 0.53 -30.67 -49.57
CA ALA H 631 1.09 -29.99 -48.41
C ALA H 631 0.96 -28.48 -48.54
N PHE H 632 1.25 -27.94 -49.72
CA PHE H 632 1.04 -26.52 -49.96
C PHE H 632 -0.44 -26.16 -49.88
N ASP H 633 -1.30 -27.02 -50.42
CA ASP H 633 -2.73 -26.73 -50.43
C ASP H 633 -3.29 -26.63 -49.01
N ALA H 634 -2.83 -27.51 -48.10
CA ALA H 634 -3.35 -27.52 -46.74
C ALA H 634 -2.76 -26.42 -45.87
N GLY H 635 -1.77 -25.68 -46.36
CA GLY H 635 -1.17 -24.62 -45.59
C GLY H 635 0.13 -24.96 -44.89
N ALA H 636 0.68 -26.15 -45.13
CA ALA H 636 1.96 -26.51 -44.54
C ALA H 636 3.08 -25.74 -45.21
N LYS H 637 4.05 -25.29 -44.41
CA LYS H 637 5.16 -24.49 -44.91
C LYS H 637 6.51 -25.19 -44.87
N LYS H 638 6.71 -26.16 -44.00
CA LYS H 638 7.98 -26.86 -43.88
C LYS H 638 7.80 -28.35 -44.11
N VAL H 639 8.81 -28.97 -44.71
CA VAL H 639 8.74 -30.37 -45.11
C VAL H 639 10.01 -31.07 -44.62
N ALA H 640 9.89 -32.36 -44.31
CA ALA H 640 11.03 -33.20 -43.99
C ALA H 640 11.15 -34.30 -45.04
N LEU H 641 12.35 -34.47 -45.60
CA LEU H 641 12.52 -35.44 -46.65
C LEU H 641 13.67 -36.40 -46.34
N PRO H 642 13.55 -37.65 -46.76
CA PRO H 642 14.70 -38.56 -46.67
C PRO H 642 15.73 -38.24 -47.73
N MET H 643 16.96 -38.70 -47.50
CA MET H 643 18.03 -38.49 -48.47
C MET H 643 17.73 -39.18 -49.79
N SER H 644 17.20 -40.41 -49.74
CA SER H 644 16.90 -41.15 -50.96
C SER H 644 15.88 -40.44 -51.84
N SER H 645 14.91 -39.75 -51.25
CA SER H 645 13.95 -38.98 -52.02
C SER H 645 14.57 -37.77 -52.71
N ALA H 646 15.81 -37.42 -52.36
CA ALA H 646 16.48 -36.32 -53.03
C ALA H 646 16.66 -36.58 -54.51
N ALA H 647 16.77 -37.85 -54.90
CA ALA H 647 16.86 -38.19 -56.32
C ALA H 647 15.62 -37.76 -57.08
N ASP H 648 14.50 -37.58 -56.38
CA ASP H 648 13.26 -37.12 -56.99
C ASP H 648 13.12 -35.60 -56.95
N ILE H 649 14.13 -34.87 -56.47
CA ILE H 649 14.06 -33.41 -56.47
C ILE H 649 13.81 -32.83 -57.86
N PRO H 650 14.47 -33.28 -58.93
CA PRO H 650 14.19 -32.69 -60.24
C PRO H 650 12.76 -32.88 -60.72
N THR H 651 12.04 -33.86 -60.17
CA THR H 651 10.69 -34.17 -60.65
C THR H 651 9.65 -33.13 -60.26
N ILE H 652 9.89 -32.35 -59.21
CA ILE H 652 8.91 -31.38 -58.73
C ILE H 652 8.96 -30.13 -59.60
N PRO H 653 7.84 -29.47 -59.87
CA PRO H 653 7.90 -28.11 -60.41
C PRO H 653 8.60 -27.18 -59.43
N VAL H 654 9.39 -26.25 -59.96
CA VAL H 654 10.21 -25.39 -59.13
C VAL H 654 9.34 -24.48 -58.26
N GLU H 655 8.23 -23.99 -58.84
CA GLU H 655 7.37 -23.06 -58.11
C GLU H 655 6.77 -23.70 -56.86
N LEU H 656 6.64 -25.03 -56.84
CA LEU H 656 6.15 -25.70 -55.65
C LEU H 656 7.27 -25.91 -54.63
N PHE H 657 8.48 -26.19 -55.11
CA PHE H 657 9.60 -26.38 -54.19
C PHE H 657 9.97 -25.08 -53.49
N THR H 658 9.82 -23.95 -54.17
CA THR H 658 10.15 -22.67 -53.58
C THR H 658 9.25 -22.32 -52.39
N LYS H 659 8.14 -23.01 -52.22
CA LYS H 659 7.18 -22.69 -51.17
C LYS H 659 7.51 -23.30 -49.81
N PHE H 660 8.49 -24.21 -49.75
CA PHE H 660 8.74 -24.97 -48.53
C PHE H 660 10.17 -24.77 -48.04
N GLN H 661 10.33 -24.83 -46.71
CA GLN H 661 11.65 -24.89 -46.10
C GLN H 661 11.98 -26.37 -45.88
N THR H 662 12.84 -26.92 -46.73
CA THR H 662 13.04 -28.36 -46.78
C THR H 662 14.21 -28.79 -45.92
N SER H 663 13.97 -29.74 -45.03
CA SER H 663 15.00 -30.35 -44.20
C SER H 663 15.13 -31.81 -44.62
N PHE H 664 16.36 -32.24 -44.89
CA PHE H 664 16.62 -33.60 -45.40
C PHE H 664 17.17 -34.44 -44.26
N TYR H 665 16.36 -35.40 -43.80
CA TYR H 665 16.83 -36.35 -42.81
C TYR H 665 17.42 -37.59 -43.49
N ALA H 666 18.16 -38.38 -42.71
CA ALA H 666 18.81 -39.57 -43.23
C ALA H 666 18.23 -40.86 -42.64
N ASP H 667 18.24 -40.99 -41.31
CA ASP H 667 17.65 -42.15 -40.66
C ASP H 667 16.44 -41.70 -39.86
N PRO H 668 15.58 -42.61 -39.40
CA PRO H 668 14.37 -42.17 -38.68
C PRO H 668 14.65 -41.30 -37.47
N VAL H 669 15.76 -41.52 -36.78
CA VAL H 669 16.08 -40.69 -35.62
C VAL H 669 16.42 -39.27 -36.07
N ASP H 670 17.09 -39.13 -37.22
CA ASP H 670 17.33 -37.79 -37.75
C ASP H 670 16.03 -37.12 -38.16
N ALA H 671 15.07 -37.91 -38.66
CA ALA H 671 13.74 -37.37 -38.90
C ALA H 671 13.09 -36.89 -37.61
N VAL H 672 13.30 -37.64 -36.53
CA VAL H 672 12.84 -37.21 -35.21
C VAL H 672 13.44 -35.84 -34.86
N PHE H 673 14.75 -35.69 -35.06
CA PHE H 673 15.39 -34.42 -34.73
C PHE H 673 14.87 -33.29 -35.61
N LYS H 674 14.68 -33.55 -36.90
CA LYS H 674 14.14 -32.52 -37.79
C LYS H 674 12.74 -32.11 -37.38
N GLY H 675 11.89 -33.08 -37.00
CA GLY H 675 10.55 -32.74 -36.57
C GLY H 675 10.53 -31.98 -35.25
N LEU H 676 11.37 -32.39 -34.31
CA LEU H 676 11.43 -31.75 -33.00
C LEU H 676 12.28 -30.50 -32.98
N GLY H 677 13.10 -30.27 -34.00
CA GLY H 677 13.96 -29.11 -34.05
C GLY H 677 15.01 -29.08 -32.96
N GLU I 2 -62.44 26.12 -46.14
CA GLU I 2 -62.02 25.14 -45.14
C GLU I 2 -63.05 25.04 -44.03
N SER I 3 -63.25 26.12 -43.28
CA SER I 3 -64.31 26.13 -42.28
C SER I 3 -65.67 25.94 -42.93
N ALA I 4 -65.92 26.67 -44.02
CA ALA I 4 -67.13 26.41 -44.81
C ALA I 4 -67.10 25.00 -45.38
N ASN I 5 -65.92 24.55 -45.81
CA ASN I 5 -65.77 23.16 -46.21
C ASN I 5 -66.04 22.22 -45.04
N ASP I 6 -65.66 22.63 -43.83
CA ASP I 6 -65.96 21.82 -42.65
C ASP I 6 -67.47 21.68 -42.45
N LYS I 7 -68.20 22.79 -42.59
CA LYS I 7 -69.65 22.70 -42.48
C LYS I 7 -70.25 21.86 -43.60
N GLU I 8 -69.69 21.97 -44.82
CA GLU I 8 -70.15 21.13 -45.92
C GLU I 8 -69.94 19.66 -45.60
N LEU I 9 -68.80 19.32 -45.01
CA LEU I 9 -68.57 17.96 -44.53
C LEU I 9 -69.58 17.58 -43.47
N ASP I 10 -69.97 18.53 -42.63
CA ASP I 10 -70.98 18.25 -41.62
C ASP I 10 -72.31 17.88 -42.25
N GLN I 11 -72.71 18.63 -43.29
CA GLN I 11 -73.95 18.27 -43.99
C GLN I 11 -73.81 16.92 -44.69
N LEU I 12 -72.64 16.64 -45.27
CA LEU I 12 -72.43 15.34 -45.90
C LEU I 12 -72.55 14.21 -44.88
N LEU I 13 -71.96 14.39 -43.71
CA LEU I 13 -72.06 13.39 -42.65
C LEU I 13 -73.51 13.21 -42.22
N ASN I 14 -74.22 14.32 -41.98
CA ASN I 14 -75.60 14.23 -41.53
C ASN I 14 -76.49 13.60 -42.59
N GLU I 15 -76.16 13.77 -43.87
CA GLU I 15 -76.92 13.15 -44.94
C GLU I 15 -76.64 11.65 -45.02
N HIS I 16 -75.36 11.27 -44.92
CA HIS I 16 -74.98 9.89 -45.12
C HIS I 16 -74.77 9.11 -43.82
N PHE I 17 -74.30 9.76 -42.78
CA PHE I 17 -74.11 9.14 -41.48
C PHE I 17 -75.15 9.66 -40.49
N ALA I 18 -76.39 9.76 -40.96
CA ALA I 18 -77.49 10.32 -40.18
C ALA I 18 -77.65 9.59 -38.85
N GLY I 19 -77.49 10.32 -37.75
CA GLY I 19 -77.61 9.73 -36.45
C GLY I 19 -76.42 8.93 -36.00
N ARG I 20 -75.34 8.92 -36.79
CA ARG I 20 -74.11 8.24 -36.39
C ARG I 20 -72.97 9.20 -36.09
N VAL I 21 -73.22 10.50 -36.07
CA VAL I 21 -72.18 11.49 -35.80
C VAL I 21 -72.66 12.41 -34.69
N VAL I 22 -71.71 13.07 -34.03
CA VAL I 22 -72.00 13.93 -32.90
C VAL I 22 -70.85 14.90 -32.72
N ARG I 23 -71.14 16.04 -32.11
CA ARG I 23 -70.09 16.98 -31.76
C ARG I 23 -69.19 16.38 -30.69
N LYS I 24 -67.89 16.59 -30.83
CA LYS I 24 -66.89 15.99 -29.96
C LYS I 24 -66.52 16.89 -28.79
N ASP I 25 -67.28 17.98 -28.60
CA ASP I 25 -67.08 18.84 -27.45
C ASP I 25 -68.19 18.59 -26.44
N LEU I 26 -69.29 18.00 -26.90
CA LEU I 26 -70.35 17.61 -25.99
C LEU I 26 -69.92 16.47 -25.09
N THR I 27 -69.27 15.45 -25.67
CA THR I 27 -68.92 14.26 -24.90
C THR I 27 -67.94 14.58 -23.77
N LYS I 28 -66.97 15.46 -24.02
CA LYS I 28 -66.07 15.88 -22.96
C LYS I 28 -66.75 16.71 -21.90
N LEU I 29 -67.93 17.27 -22.20
CA LEU I 29 -68.70 18.06 -21.26
C LEU I 29 -69.46 17.21 -20.26
N ILE I 30 -69.66 15.92 -20.55
CA ILE I 30 -70.54 15.08 -19.74
C ILE I 30 -69.76 13.86 -19.23
N LYS I 31 -68.66 13.52 -19.89
CA LYS I 31 -67.90 12.33 -19.52
C LYS I 31 -67.37 12.44 -18.09
N GLU I 32 -67.04 13.65 -17.66
CA GLU I 32 -66.64 13.87 -16.28
C GLU I 32 -67.81 13.57 -15.35
N GLY I 33 -67.62 12.64 -14.42
CA GLY I 33 -68.73 12.18 -13.60
C GLY I 33 -69.75 11.42 -14.41
N ALA I 34 -69.36 10.27 -14.94
CA ALA I 34 -70.26 9.45 -15.73
C ALA I 34 -69.84 7.99 -15.57
N ASN I 35 -70.75 7.15 -15.07
CA ASN I 35 -70.41 5.76 -14.80
C ASN I 35 -70.29 4.97 -16.09
N VAL I 36 -71.24 5.15 -17.00
CA VAL I 36 -71.27 4.39 -18.26
C VAL I 36 -70.10 4.83 -19.14
N PRO I 37 -69.64 4.00 -20.07
CA PRO I 37 -68.50 4.37 -20.91
C PRO I 37 -68.86 5.51 -21.86
N VAL I 38 -67.83 6.00 -22.55
CA VAL I 38 -67.97 7.20 -23.37
C VAL I 38 -68.96 6.96 -24.52
N TYR I 39 -68.81 5.83 -25.20
CA TYR I 39 -69.62 5.59 -26.40
C TYR I 39 -71.10 5.52 -26.06
N VAL I 40 -71.45 5.01 -24.88
CA VAL I 40 -72.84 5.04 -24.43
C VAL I 40 -73.32 6.48 -24.31
N LEU I 41 -72.52 7.33 -23.67
CA LEU I 41 -72.87 8.73 -23.53
C LEU I 41 -73.14 9.37 -24.87
N GLU I 42 -72.21 9.20 -25.81
CA GLU I 42 -72.35 9.93 -27.07
C GLU I 42 -73.43 9.31 -27.96
N TYR I 43 -73.70 8.01 -27.83
CA TYR I 43 -74.84 7.45 -28.53
C TYR I 43 -76.14 8.05 -28.02
N LEU I 44 -76.26 8.18 -26.69
CA LEU I 44 -77.42 8.85 -26.13
C LEU I 44 -77.55 10.28 -26.64
N LEU I 45 -76.42 11.00 -26.69
CA LEU I 45 -76.43 12.36 -27.20
C LEU I 45 -76.89 12.42 -28.64
N GLY I 46 -76.26 11.61 -29.51
CA GLY I 46 -76.61 11.62 -30.91
C GLY I 46 -78.05 11.18 -31.16
N MET I 47 -78.61 10.39 -30.25
CA MET I 47 -80.01 10.03 -30.37
C MET I 47 -80.89 11.21 -29.99
N TYR I 48 -80.76 11.71 -28.76
CA TYR I 48 -81.66 12.75 -28.27
C TYR I 48 -81.43 14.09 -28.99
N CYS I 49 -80.18 14.54 -29.07
CA CYS I 49 -79.90 15.81 -29.72
C CYS I 49 -80.26 15.74 -31.20
N ALA I 50 -81.31 16.47 -31.60
CA ALA I 50 -81.79 16.40 -32.97
C ALA I 50 -81.31 17.59 -33.79
N SER I 51 -81.61 18.81 -33.33
CA SER I 51 -81.28 20.01 -34.09
C SER I 51 -79.91 20.55 -33.70
N ASP I 52 -79.55 21.72 -34.27
CA ASP I 52 -78.31 22.38 -33.91
C ASP I 52 -78.56 23.68 -33.16
N ASP I 53 -79.81 23.97 -32.82
CA ASP I 53 -80.12 25.12 -31.99
C ASP I 53 -79.53 24.91 -30.61
N PRO I 54 -78.83 25.90 -30.03
CA PRO I 54 -78.18 25.70 -28.74
C PRO I 54 -79.15 25.26 -27.66
N GLU I 55 -80.34 25.84 -27.64
CA GLU I 55 -81.34 25.57 -26.60
C GLU I 55 -81.74 24.11 -26.56
N ILE I 56 -82.09 23.54 -27.72
CA ILE I 56 -82.40 22.12 -27.80
C ILE I 56 -81.19 21.28 -27.41
N ILE I 57 -79.99 21.81 -27.66
CA ILE I 57 -78.77 21.07 -27.32
C ILE I 57 -78.64 20.91 -25.81
N GLU I 58 -78.77 22.01 -25.06
CA GLU I 58 -78.65 21.87 -23.62
C GLU I 58 -79.86 21.13 -23.05
N GLN I 59 -81.02 21.24 -23.71
CA GLN I 59 -82.17 20.47 -23.27
C GLN I 59 -81.91 18.97 -23.38
N GLY I 60 -81.35 18.54 -24.52
CA GLY I 60 -81.00 17.14 -24.68
C GLY I 60 -79.92 16.70 -23.71
N LEU I 61 -78.96 17.58 -23.44
CA LEU I 61 -77.94 17.26 -22.44
C LEU I 61 -78.56 17.04 -21.07
N ARG I 62 -79.50 17.91 -20.68
CA ARG I 62 -80.19 17.73 -19.41
C ARG I 62 -80.99 16.44 -19.40
N ASN I 63 -81.64 16.11 -20.51
CA ASN I 63 -82.39 14.86 -20.58
C ASN I 63 -81.47 13.66 -20.39
N VAL I 64 -80.30 13.69 -21.02
CA VAL I 64 -79.34 12.60 -20.89
C VAL I 64 -78.88 12.47 -19.44
N LYS I 65 -78.51 13.59 -18.82
CA LYS I 65 -78.05 13.54 -17.44
C LYS I 65 -79.15 13.06 -16.50
N THR I 66 -80.38 13.49 -16.74
CA THR I 66 -81.51 13.03 -15.94
C THR I 66 -81.70 11.53 -16.06
N VAL I 67 -81.66 11.02 -17.29
CA VAL I 67 -81.83 9.58 -17.51
C VAL I 67 -80.74 8.81 -16.78
N LEU I 68 -79.49 9.26 -16.92
CA LEU I 68 -78.38 8.57 -16.26
C LEU I 68 -78.54 8.58 -14.75
N ALA I 69 -78.75 9.76 -14.16
CA ALA I 69 -78.86 9.87 -12.72
C ALA I 69 -80.13 9.21 -12.18
N GLU I 70 -81.10 8.93 -13.03
CA GLU I 70 -82.34 8.29 -12.59
C GLU I 70 -82.27 6.77 -12.64
N ASN I 71 -81.81 6.21 -13.77
CA ASN I 71 -81.95 4.77 -13.98
C ASN I 71 -80.66 4.01 -13.80
N TYR I 72 -79.61 4.65 -13.27
CA TYR I 72 -78.39 3.92 -12.98
C TYR I 72 -78.53 3.14 -11.67
N VAL I 73 -77.94 1.95 -11.64
CA VAL I 73 -77.99 1.10 -10.45
C VAL I 73 -76.58 0.82 -9.95
N ARG I 74 -76.22 1.45 -8.83
CA ARG I 74 -74.93 1.22 -8.20
C ARG I 74 -74.85 -0.23 -7.79
N PRO I 75 -73.70 -0.90 -7.95
CA PRO I 75 -73.62 -2.33 -7.66
C PRO I 75 -74.06 -2.68 -6.25
N ASP I 76 -73.65 -1.88 -5.27
CA ASP I 76 -73.96 -2.18 -3.88
C ASP I 76 -75.45 -2.18 -3.62
N GLU I 77 -76.17 -1.25 -4.25
CA GLU I 77 -77.61 -1.13 -4.05
C GLU I 77 -78.36 -2.05 -5.00
N ALA I 78 -77.63 -2.85 -5.77
CA ALA I 78 -78.26 -3.72 -6.76
C ALA I 78 -79.36 -4.56 -6.13
N GLU I 79 -79.05 -5.21 -5.00
CA GLU I 79 -80.05 -6.02 -4.29
C GLU I 79 -81.33 -5.24 -4.04
N LYS I 80 -81.21 -4.00 -3.56
CA LYS I 80 -82.40 -3.19 -3.30
C LYS I 80 -83.26 -3.07 -4.54
N VAL I 81 -82.65 -2.83 -5.69
CA VAL I 81 -83.41 -2.70 -6.92
C VAL I 81 -84.26 -3.95 -7.14
N LYS I 82 -83.67 -5.13 -6.92
CA LYS I 82 -84.42 -6.36 -7.08
C LYS I 82 -85.70 -6.33 -6.25
N SER I 83 -85.59 -5.96 -4.97
CA SER I 83 -86.78 -5.88 -4.13
C SER I 83 -87.77 -4.88 -4.69
N LEU I 84 -87.28 -3.74 -5.17
CA LEU I 84 -88.16 -2.73 -5.73
C LEU I 84 -88.91 -3.28 -6.94
N VAL I 85 -88.30 -4.21 -7.67
CA VAL I 85 -88.98 -4.82 -8.80
C VAL I 85 -90.13 -5.68 -8.31
N ARG I 86 -89.93 -6.39 -7.20
CA ARG I 86 -90.98 -7.24 -6.66
C ARG I 86 -92.19 -6.42 -6.23
N GLU I 87 -91.95 -5.35 -5.46
CA GLU I 87 -93.05 -4.62 -4.86
C GLU I 87 -93.83 -3.81 -5.89
N ARG I 88 -93.14 -3.11 -6.79
CA ARG I 88 -93.81 -2.28 -7.79
C ARG I 88 -94.17 -3.04 -9.06
N GLY I 89 -93.65 -4.25 -9.25
CA GLY I 89 -94.00 -5.04 -10.41
C GLY I 89 -93.19 -4.72 -11.66
N SER I 90 -92.67 -3.51 -11.76
CA SER I 90 -91.91 -3.10 -12.93
C SER I 90 -90.94 -1.99 -12.54
N TYR I 91 -89.78 -1.98 -13.19
CA TYR I 91 -88.75 -1.00 -12.87
C TYR I 91 -87.78 -0.85 -14.04
N LYS I 92 -87.40 0.39 -14.34
CA LYS I 92 -86.46 0.66 -15.43
C LYS I 92 -85.04 0.70 -14.88
N VAL I 93 -84.13 0.03 -15.58
CA VAL I 93 -82.73 -0.05 -15.16
C VAL I 93 -81.81 0.14 -16.36
N ILE I 94 -80.62 0.66 -16.09
CA ILE I 94 -79.53 0.74 -17.04
C ILE I 94 -78.52 -0.33 -16.68
N ASP I 95 -78.30 -1.29 -17.57
CA ASP I 95 -77.31 -2.31 -17.29
C ASP I 95 -76.87 -2.98 -18.58
N ARG I 96 -75.76 -3.70 -18.49
CA ARG I 96 -75.22 -4.42 -19.64
C ARG I 96 -75.80 -5.82 -19.64
N VAL I 97 -76.49 -6.17 -20.71
CA VAL I 97 -77.26 -7.41 -20.80
C VAL I 97 -76.53 -8.37 -21.74
N THR I 98 -76.45 -9.63 -21.34
CA THR I 98 -75.93 -10.69 -22.20
C THR I 98 -76.89 -11.88 -22.20
N VAL I 99 -77.26 -12.33 -23.39
CA VAL I 99 -78.29 -13.35 -23.54
C VAL I 99 -77.67 -14.63 -24.06
N LYS I 100 -78.04 -15.75 -23.42
CA LYS I 100 -77.58 -17.07 -23.82
C LYS I 100 -78.76 -18.02 -23.90
N LEU I 101 -78.64 -19.02 -24.77
CA LEU I 101 -79.73 -19.96 -24.98
C LEU I 101 -79.59 -21.15 -24.05
N ASN I 102 -80.56 -21.32 -23.15
CA ASN I 102 -80.65 -22.50 -22.29
C ASN I 102 -81.40 -23.56 -23.08
N GLU I 103 -80.65 -24.54 -23.58
CA GLU I 103 -81.26 -25.66 -24.29
C GLU I 103 -82.03 -26.56 -23.34
N ARG I 104 -81.58 -26.67 -22.09
CA ARG I 104 -82.28 -27.51 -21.13
C ARG I 104 -83.71 -27.04 -20.89
N LYS I 105 -83.91 -25.74 -20.75
CA LYS I 105 -85.25 -25.17 -20.65
C LYS I 105 -85.78 -24.67 -21.98
N ASP I 106 -84.96 -24.69 -23.03
CA ASP I 106 -85.36 -24.21 -24.37
C ASP I 106 -85.87 -22.78 -24.30
N LYS I 107 -85.04 -21.90 -23.75
CA LYS I 107 -85.46 -20.51 -23.58
C LYS I 107 -84.22 -19.63 -23.47
N TYR I 108 -84.41 -18.33 -23.70
CA TYR I 108 -83.32 -17.38 -23.64
C TYR I 108 -83.21 -16.77 -22.25
N GLU I 109 -82.02 -16.85 -21.65
CA GLU I 109 -81.75 -16.27 -20.34
C GLU I 109 -80.83 -15.08 -20.53
N ALA I 110 -81.23 -13.93 -19.99
CA ALA I 110 -80.41 -12.74 -19.99
C ALA I 110 -79.77 -12.58 -18.61
N SER I 111 -78.52 -12.17 -18.59
CA SER I 111 -77.76 -11.92 -17.39
C SER I 111 -77.35 -10.45 -17.38
N PHE I 112 -77.53 -9.80 -16.23
CA PHE I 112 -77.16 -8.42 -16.03
C PHE I 112 -75.84 -8.39 -15.29
N SER I 113 -74.82 -7.76 -15.87
CA SER I 113 -73.51 -7.77 -15.26
C SER I 113 -73.49 -6.98 -13.96
N ASN I 114 -74.20 -5.84 -13.93
CA ASN I 114 -74.14 -4.99 -12.75
C ASN I 114 -75.24 -5.32 -11.76
N LEU I 115 -76.49 -5.43 -12.22
CA LEU I 115 -77.61 -5.58 -11.30
C LEU I 115 -77.63 -6.95 -10.63
N GLY I 116 -76.92 -7.93 -11.19
CA GLY I 116 -76.70 -9.19 -10.50
C GLY I 116 -77.58 -10.35 -10.90
N ILE I 117 -78.70 -10.12 -11.57
CA ILE I 117 -79.51 -11.24 -12.06
C ILE I 117 -78.73 -11.96 -13.15
N LYS I 118 -78.74 -13.29 -13.09
CA LYS I 118 -78.04 -14.12 -14.06
C LYS I 118 -78.95 -14.91 -14.97
N ASP I 119 -80.23 -15.04 -14.64
CA ASP I 119 -81.09 -15.97 -15.37
C ASP I 119 -82.47 -15.39 -15.71
N ALA I 120 -82.57 -14.09 -15.98
CA ALA I 120 -83.88 -13.52 -16.26
C ALA I 120 -84.35 -13.95 -17.64
N GLU I 121 -85.52 -14.60 -17.70
CA GLU I 121 -86.02 -15.08 -18.98
C GLU I 121 -86.35 -13.89 -19.88
N ILE I 122 -86.09 -14.04 -21.18
CA ILE I 122 -86.32 -12.97 -22.14
C ILE I 122 -87.00 -13.55 -23.37
N SER I 123 -87.96 -12.81 -23.92
CA SER I 123 -88.78 -13.31 -25.01
C SER I 123 -87.99 -13.43 -26.30
N ALA I 124 -88.47 -14.29 -27.20
CA ALA I 124 -87.76 -14.56 -28.44
C ALA I 124 -87.74 -13.35 -29.36
N GLY I 125 -88.85 -12.61 -29.44
CA GLY I 125 -88.89 -11.47 -30.34
C GLY I 125 -87.86 -10.41 -29.98
N ILE I 126 -87.70 -10.15 -28.69
CA ILE I 126 -86.75 -9.13 -28.26
C ILE I 126 -85.32 -9.51 -28.63
N VAL I 127 -84.95 -10.76 -28.38
CA VAL I 127 -83.58 -11.18 -28.69
C VAL I 127 -83.38 -11.26 -30.20
N LYS I 128 -84.43 -11.59 -30.95
CA LYS I 128 -84.32 -11.61 -32.40
C LYS I 128 -84.14 -10.21 -32.97
N GLU I 129 -84.73 -9.21 -32.29
CA GLU I 129 -84.62 -7.84 -32.79
C GLU I 129 -83.17 -7.36 -32.80
N TYR I 130 -82.41 -7.66 -31.75
CA TYR I 130 -81.04 -7.16 -31.59
C TYR I 130 -80.10 -8.35 -31.44
N GLU I 131 -79.37 -8.65 -32.51
CA GLU I 131 -78.41 -9.76 -32.49
C GLU I 131 -77.26 -9.50 -31.54
N LYS I 132 -76.86 -8.24 -31.36
CA LYS I 132 -75.67 -7.95 -30.57
C LYS I 132 -75.81 -8.38 -29.11
N LEU I 133 -77.03 -8.66 -28.66
CA LEU I 133 -77.21 -9.20 -27.32
C LEU I 133 -76.47 -10.51 -27.13
N LEU I 134 -76.40 -11.34 -28.18
CA LEU I 134 -75.80 -12.66 -28.02
C LEU I 134 -74.30 -12.66 -28.29
N VAL I 135 -73.71 -11.55 -28.70
CA VAL I 135 -72.30 -11.50 -29.01
C VAL I 135 -71.44 -11.18 -27.79
N GLY I 136 -71.60 -10.03 -27.17
CA GLY I 136 -70.82 -9.69 -25.99
C GLY I 136 -71.63 -8.96 -24.95
N GLY I 137 -72.93 -8.82 -25.19
CA GLY I 137 -73.78 -8.08 -24.28
C GLY I 137 -73.66 -6.59 -24.51
N ILE I 138 -74.79 -5.88 -24.48
CA ILE I 138 -74.79 -4.45 -24.79
C ILE I 138 -75.42 -3.70 -23.63
N TRP I 139 -75.05 -2.43 -23.51
CA TRP I 139 -75.69 -1.56 -22.53
C TRP I 139 -77.13 -1.31 -22.96
N VAL I 140 -78.05 -1.34 -22.00
CA VAL I 140 -79.47 -1.37 -22.28
C VAL I 140 -80.23 -0.62 -21.19
N ILE I 141 -81.28 0.07 -21.62
CA ILE I 141 -82.36 0.48 -20.71
C ILE I 141 -83.45 -0.57 -20.81
N ALA I 142 -83.81 -1.17 -19.68
CA ALA I 142 -84.72 -2.31 -19.64
C ALA I 142 -85.78 -2.11 -18.59
N THR I 143 -87.02 -2.40 -18.97
CA THR I 143 -88.16 -2.39 -18.05
C THR I 143 -88.32 -3.78 -17.48
N LEU I 144 -87.57 -4.07 -16.41
CA LEU I 144 -87.60 -5.38 -15.79
C LEU I 144 -88.89 -5.55 -15.00
N SER I 145 -89.53 -6.71 -15.18
CA SER I 145 -90.77 -7.03 -14.50
C SER I 145 -90.62 -8.32 -13.71
N TYR I 146 -91.38 -8.42 -12.62
CA TYR I 146 -91.29 -9.54 -11.70
C TYR I 146 -92.63 -10.25 -11.66
N TYR I 147 -92.61 -11.58 -11.69
CA TYR I 147 -93.81 -12.39 -11.52
C TYR I 147 -93.38 -13.76 -11.04
N PHE I 148 -94.11 -14.32 -10.08
CA PHE I 148 -93.72 -15.56 -9.43
C PHE I 148 -94.90 -16.51 -9.37
N GLU I 149 -94.63 -17.80 -9.58
CA GLU I 149 -95.58 -18.87 -9.32
C GLU I 149 -94.89 -19.97 -8.54
N GLU I 150 -95.57 -20.50 -7.52
CA GLU I 150 -94.96 -21.49 -6.66
C GLU I 150 -94.67 -22.77 -7.44
N GLY I 151 -93.51 -23.36 -7.17
CA GLY I 151 -93.10 -24.58 -7.83
C GLY I 151 -92.48 -24.39 -9.20
N GLN I 152 -92.38 -23.15 -9.67
CA GLN I 152 -91.81 -22.89 -10.98
C GLN I 152 -90.29 -23.05 -10.95
N THR I 153 -89.71 -23.29 -12.12
CA THR I 153 -88.27 -23.42 -12.25
C THR I 153 -87.61 -22.23 -12.93
N SER I 154 -88.39 -21.38 -13.57
CA SER I 154 -87.85 -20.18 -14.20
C SER I 154 -87.52 -19.13 -13.15
N SER I 155 -86.47 -18.36 -13.40
CA SER I 155 -86.19 -17.22 -12.56
C SER I 155 -87.34 -16.21 -12.71
N PRO I 156 -87.93 -15.76 -11.60
CA PRO I 156 -89.16 -14.95 -11.70
C PRO I 156 -89.00 -13.66 -12.47
N PHE I 157 -87.81 -13.05 -12.47
CA PHE I 157 -87.61 -11.76 -13.13
C PHE I 157 -87.69 -11.95 -14.64
N GLY I 158 -88.42 -11.04 -15.30
CA GLY I 158 -88.56 -11.09 -16.73
C GLY I 158 -88.30 -9.72 -17.34
N VAL I 159 -87.89 -9.75 -18.61
CA VAL I 159 -87.56 -8.54 -19.36
C VAL I 159 -88.75 -8.22 -20.26
N SER I 160 -89.38 -7.08 -20.00
CA SER I 160 -90.55 -6.68 -20.78
C SER I 160 -90.19 -5.78 -21.95
N LEU I 161 -89.43 -4.71 -21.68
CA LEU I 161 -89.02 -3.77 -22.72
C LEU I 161 -87.51 -3.62 -22.70
N LEU I 162 -86.91 -3.63 -23.89
CA LEU I 162 -85.46 -3.56 -24.03
C LEU I 162 -85.12 -2.53 -25.11
N LYS I 163 -84.37 -1.51 -24.74
CA LYS I 163 -83.89 -0.53 -25.71
C LYS I 163 -82.38 -0.39 -25.59
N PRO I 164 -81.63 -0.68 -26.66
CA PRO I 164 -80.17 -0.59 -26.59
C PRO I 164 -79.72 0.85 -26.41
N ILE I 165 -78.54 1.01 -25.80
CA ILE I 165 -77.94 2.31 -25.61
C ILE I 165 -76.64 2.47 -26.38
N GLN I 166 -76.37 1.59 -27.34
CA GLN I 166 -75.36 1.83 -28.36
C GLN I 166 -75.83 1.21 -29.67
N MET I 167 -75.00 1.36 -30.70
CA MET I 167 -75.39 1.00 -32.06
C MET I 167 -75.71 -0.49 -32.13
N PRO I 168 -76.90 -0.87 -32.60
CA PRO I 168 -77.29 -2.29 -32.57
C PRO I 168 -76.82 -3.06 -33.79
N ASN I 169 -76.64 -2.39 -34.93
CA ASN I 169 -76.26 -3.07 -36.16
C ASN I 169 -75.43 -2.13 -37.02
N MET I 170 -74.60 -2.70 -37.88
CA MET I 170 -73.70 -1.91 -38.73
C MET I 170 -74.06 -2.15 -40.19
N ASN I 171 -74.31 -1.06 -40.92
CA ASN I 171 -74.63 -1.12 -42.34
C ASN I 171 -73.46 -0.59 -43.18
N MET I 172 -72.61 -1.51 -43.64
CA MET I 172 -71.44 -1.10 -44.42
C MET I 172 -71.83 -0.48 -45.76
N ASP I 173 -73.02 -0.79 -46.28
CA ASP I 173 -73.42 -0.22 -47.56
C ASP I 173 -73.56 1.30 -47.45
N GLU I 174 -74.25 1.76 -46.41
CA GLU I 174 -74.36 3.20 -46.18
C GLU I 174 -73.00 3.81 -45.89
N LEU I 175 -72.14 3.07 -45.19
CA LEU I 175 -70.79 3.56 -44.90
C LEU I 175 -70.00 3.77 -46.19
N PHE I 176 -70.07 2.82 -47.12
CA PHE I 176 -69.37 2.97 -48.39
C PHE I 176 -69.96 4.12 -49.19
N SER I 177 -71.29 4.28 -49.15
CA SER I 177 -71.90 5.42 -49.82
C SER I 177 -71.36 6.73 -49.29
N GLY I 178 -71.29 6.85 -47.95
CA GLY I 178 -70.75 8.06 -47.36
C GLY I 178 -69.30 8.28 -47.69
N ARG I 179 -68.50 7.20 -47.67
CA ARG I 179 -67.08 7.32 -47.98
C ARG I 179 -66.87 7.78 -49.41
N ALA I 180 -67.61 7.20 -50.35
CA ALA I 180 -67.52 7.64 -51.74
C ALA I 180 -68.02 9.07 -51.89
N ALA I 181 -68.92 9.51 -51.00
CA ALA I 181 -69.37 10.89 -51.03
C ALA I 181 -68.30 11.88 -50.57
N LEU I 182 -67.21 11.40 -49.98
CA LEU I 182 -66.15 12.26 -49.47
C LEU I 182 -64.82 11.92 -50.15
N SER I 183 -63.94 12.91 -50.21
CA SER I 183 -62.61 12.69 -50.76
C SER I 183 -61.73 12.00 -49.73
N THR I 184 -60.58 11.50 -50.21
CA THR I 184 -59.67 10.77 -49.33
C THR I 184 -59.19 11.66 -48.18
N ASP I 185 -58.80 12.90 -48.50
CA ASP I 185 -58.39 13.82 -47.45
C ASP I 185 -59.52 14.04 -46.47
N GLN I 186 -60.73 14.31 -46.99
CA GLN I 186 -61.89 14.56 -46.14
C GLN I 186 -62.15 13.39 -45.22
N TRP I 187 -62.07 12.17 -45.76
CA TRP I 187 -62.19 10.99 -44.93
C TRP I 187 -61.13 10.97 -43.85
N ARG I 188 -59.92 11.44 -44.18
CA ARG I 188 -58.84 11.43 -43.20
C ARG I 188 -59.12 12.37 -42.03
N GLU I 189 -59.57 13.60 -42.30
CA GLU I 189 -59.82 14.46 -41.15
C GLU I 189 -61.09 14.03 -40.41
N SER I 190 -62.03 13.38 -41.11
CA SER I 190 -63.17 12.84 -40.38
C SER I 190 -62.73 11.77 -39.39
N LEU I 191 -61.83 10.88 -39.82
CA LEU I 191 -61.26 9.90 -38.90
C LEU I 191 -60.55 10.58 -37.73
N ILE I 192 -59.69 11.56 -38.03
CA ILE I 192 -58.91 12.18 -36.97
C ILE I 192 -59.81 12.96 -36.02
N ARG I 193 -60.95 13.45 -36.51
CA ARG I 193 -61.90 14.09 -35.64
C ARG I 193 -62.65 13.08 -34.79
N SER I 194 -62.90 11.89 -35.34
CA SER I 194 -63.62 10.86 -34.60
C SER I 194 -62.88 10.43 -33.35
N ILE I 195 -61.55 10.33 -33.42
CA ILE I 195 -60.74 9.99 -32.26
C ILE I 195 -60.69 11.17 -31.31
N GLY I 196 -61.20 12.32 -31.74
CA GLY I 196 -61.30 13.48 -30.88
C GLY I 196 -60.23 14.53 -31.06
N MET I 197 -59.49 14.52 -32.17
CA MET I 197 -58.41 15.47 -32.40
C MET I 197 -58.83 16.49 -33.44
N GLU I 198 -58.21 17.67 -33.37
CA GLU I 198 -58.43 18.72 -34.37
C GLU I 198 -57.36 18.61 -35.45
N PRO I 199 -57.69 18.05 -36.61
CA PRO I 199 -56.66 17.85 -37.65
C PRO I 199 -56.03 19.15 -38.14
N ALA I 200 -56.75 20.26 -38.03
CA ALA I 200 -56.23 21.52 -38.55
C ALA I 200 -54.95 21.97 -37.86
N SER I 201 -54.78 21.60 -36.59
CA SER I 201 -53.61 22.00 -35.82
C SER I 201 -52.47 21.01 -35.90
N LEU I 202 -52.56 20.00 -36.75
CA LEU I 202 -51.56 18.96 -36.86
C LEU I 202 -51.10 18.83 -38.31
N LYS I 203 -49.81 18.57 -38.49
CA LYS I 203 -49.27 18.40 -39.84
C LYS I 203 -49.74 17.07 -40.43
N GLU I 204 -49.57 16.96 -41.76
CA GLU I 204 -50.08 15.78 -42.46
C GLU I 204 -49.35 14.51 -42.02
N ASP I 205 -48.04 14.61 -41.81
CA ASP I 205 -47.30 13.44 -41.31
C ASP I 205 -47.78 13.04 -39.93
N VAL I 206 -48.14 14.02 -39.11
CA VAL I 206 -48.72 13.71 -37.81
C VAL I 206 -50.05 12.98 -37.98
N GLN I 207 -50.87 13.42 -38.93
CA GLN I 207 -52.12 12.71 -39.21
C GLN I 207 -51.84 11.28 -39.65
N TRP I 208 -50.80 11.06 -40.44
CA TRP I 208 -50.48 9.71 -40.87
C TRP I 208 -50.01 8.86 -39.70
N HIS I 209 -49.27 9.46 -38.76
CA HIS I 209 -48.89 8.72 -37.56
C HIS I 209 -50.11 8.35 -36.72
N LEU I 210 -51.08 9.26 -36.63
CA LEU I 210 -52.31 8.94 -35.90
C LEU I 210 -53.10 7.84 -36.60
N LEU I 211 -53.07 7.79 -37.93
CA LEU I 211 -53.70 6.67 -38.63
C LEU I 211 -52.95 5.37 -38.37
N ALA I 212 -51.62 5.45 -38.31
CA ALA I 212 -50.84 4.26 -37.97
C ALA I 212 -51.14 3.80 -36.56
N ARG I 213 -51.55 4.71 -35.68
CA ARG I 213 -52.05 4.30 -34.37
C ARG I 213 -53.34 3.50 -34.47
N MET I 214 -54.21 3.84 -35.42
CA MET I 214 -55.46 3.11 -35.58
C MET I 214 -55.29 1.79 -36.32
N VAL I 215 -54.19 1.62 -37.04
CA VAL I 215 -53.96 0.41 -37.82
C VAL I 215 -54.14 -0.89 -37.01
N PRO I 216 -53.65 -1.01 -35.78
CA PRO I 216 -53.80 -2.29 -35.08
C PRO I 216 -55.23 -2.78 -34.98
N PHE I 217 -56.20 -1.87 -34.99
CA PHE I 217 -57.60 -2.28 -34.88
C PHE I 217 -58.10 -2.98 -36.14
N VAL I 218 -57.60 -2.60 -37.32
CA VAL I 218 -58.22 -3.03 -38.57
C VAL I 218 -57.48 -4.15 -39.29
N GLU I 219 -56.33 -4.59 -38.80
CA GLU I 219 -55.62 -5.70 -39.41
C GLU I 219 -55.35 -6.77 -38.37
N ASN I 220 -55.81 -7.99 -38.65
CA ASN I 220 -55.70 -9.09 -37.70
C ASN I 220 -54.23 -9.39 -37.40
N ASN I 221 -53.93 -9.52 -36.11
CA ASN I 221 -52.61 -9.95 -35.65
C ASN I 221 -51.53 -8.98 -36.13
N TYR I 222 -51.67 -7.71 -35.76
CA TYR I 222 -50.77 -6.66 -36.22
C TYR I 222 -49.98 -6.15 -35.02
N ASN I 223 -48.80 -6.71 -34.82
CA ASN I 223 -47.92 -6.28 -33.73
C ASN I 223 -47.32 -4.92 -34.07
N VAL I 224 -47.28 -4.03 -33.09
CA VAL I 224 -46.72 -2.70 -33.30
C VAL I 224 -46.18 -2.16 -31.98
N CYS I 225 -45.07 -1.44 -32.07
CA CYS I 225 -44.48 -0.82 -30.89
C CYS I 225 -44.29 0.68 -31.12
N GLU I 226 -44.73 1.47 -30.15
CA GLU I 226 -44.68 2.93 -30.23
C GLU I 226 -44.04 3.46 -28.96
N LEU I 227 -42.88 4.10 -29.09
CA LEU I 227 -42.23 4.78 -27.99
C LEU I 227 -42.21 6.27 -28.26
N GLY I 228 -42.48 7.06 -27.23
CA GLY I 228 -42.51 8.49 -27.39
C GLY I 228 -42.49 9.25 -26.07
N PRO I 229 -42.35 10.58 -26.17
CA PRO I 229 -42.35 11.40 -24.96
C PRO I 229 -43.72 11.37 -24.29
N ARG I 230 -43.70 11.62 -22.98
CA ARG I 230 -44.92 11.57 -22.19
C ARG I 230 -45.94 12.59 -22.67
N GLY I 231 -47.21 12.25 -22.54
CA GLY I 231 -48.27 13.19 -22.80
C GLY I 231 -48.69 13.33 -24.24
N THR I 232 -48.18 12.50 -25.14
CA THR I 232 -48.55 12.57 -26.55
C THR I 232 -49.84 11.82 -26.86
N GLY I 233 -50.65 11.51 -25.85
CA GLY I 233 -51.91 10.85 -26.08
C GLY I 233 -51.81 9.44 -26.62
N LYS I 234 -50.78 8.68 -26.23
CA LYS I 234 -50.61 7.33 -26.74
C LYS I 234 -51.72 6.41 -26.25
N SER I 235 -52.07 6.50 -24.98
CA SER I 235 -52.93 5.52 -24.34
C SER I 235 -54.42 5.84 -24.48
N HIS I 236 -54.78 6.97 -25.09
CA HIS I 236 -56.18 7.35 -25.16
C HIS I 236 -57.00 6.37 -25.98
N ILE I 237 -56.53 6.03 -27.18
CA ILE I 237 -57.32 5.22 -28.09
C ILE I 237 -57.54 3.82 -27.54
N TYR I 238 -56.51 3.21 -26.95
CA TYR I 238 -56.63 1.83 -26.47
C TYR I 238 -57.41 1.73 -25.17
N LYS I 239 -57.58 2.83 -24.45
CA LYS I 239 -58.25 2.79 -23.15
C LYS I 239 -59.69 3.29 -23.18
N GLU I 240 -59.97 4.42 -23.85
CA GLU I 240 -61.27 5.04 -23.75
C GLU I 240 -62.11 4.95 -25.02
N CYS I 241 -61.49 4.92 -26.20
CA CYS I 241 -62.22 5.07 -27.45
C CYS I 241 -62.40 3.76 -28.20
N SER I 242 -62.58 2.63 -27.52
CA SER I 242 -62.88 1.38 -28.22
C SER I 242 -63.34 0.33 -27.23
N PRO I 243 -64.48 -0.32 -27.47
CA PRO I 243 -64.89 -1.44 -26.61
C PRO I 243 -64.27 -2.77 -26.97
N ASN I 244 -63.32 -2.80 -27.92
CA ASN I 244 -62.65 -4.03 -28.31
C ASN I 244 -61.15 -3.97 -28.08
N SER I 245 -60.70 -3.15 -27.15
CA SER I 245 -59.29 -3.06 -26.79
C SER I 245 -59.14 -3.08 -25.28
N ILE I 246 -58.02 -3.62 -24.82
CA ILE I 246 -57.71 -3.67 -23.40
C ILE I 246 -56.31 -3.13 -23.19
N LEU I 247 -56.17 -2.24 -22.21
CA LEU I 247 -54.89 -1.60 -21.91
C LEU I 247 -54.33 -2.24 -20.65
N VAL I 248 -53.53 -3.28 -20.82
CA VAL I 248 -52.99 -4.04 -19.70
C VAL I 248 -52.01 -3.14 -18.97
N SER I 249 -52.41 -2.68 -17.79
CA SER I 249 -51.65 -1.70 -17.04
C SER I 249 -50.42 -2.33 -16.41
N GLY I 250 -49.27 -1.69 -16.63
CA GLY I 250 -48.02 -2.15 -16.06
C GLY I 250 -47.28 -3.16 -16.90
N GLY I 251 -47.93 -3.80 -17.87
CA GLY I 251 -47.27 -4.80 -18.69
C GLY I 251 -47.08 -6.12 -17.96
N GLN I 252 -47.23 -6.11 -16.65
CA GLN I 252 -47.07 -7.30 -15.82
C GLN I 252 -48.31 -8.17 -15.98
N THR I 253 -48.25 -9.11 -16.90
CA THR I 253 -49.29 -10.12 -17.09
C THR I 253 -48.67 -11.50 -16.95
N THR I 254 -49.52 -12.49 -16.72
CA THR I 254 -49.06 -13.87 -16.59
C THR I 254 -49.52 -14.67 -17.80
N VAL I 255 -48.71 -15.67 -18.15
CA VAL I 255 -48.92 -16.39 -19.41
C VAL I 255 -50.27 -17.09 -19.43
N ALA I 256 -50.71 -17.60 -18.28
CA ALA I 256 -52.02 -18.23 -18.23
C ALA I 256 -53.13 -17.18 -18.37
N ASN I 257 -52.88 -15.98 -17.86
CA ASN I 257 -53.87 -14.91 -17.98
C ASN I 257 -54.00 -14.45 -19.42
N LEU I 258 -52.87 -14.27 -20.11
CA LEU I 258 -52.90 -13.67 -21.43
C LEU I 258 -53.21 -14.70 -22.51
N PHE I 259 -52.64 -15.90 -22.40
CA PHE I 259 -52.69 -16.87 -23.49
C PHE I 259 -53.69 -17.99 -23.22
N TYR I 260 -53.54 -18.74 -22.13
CA TYR I 260 -54.37 -19.91 -21.90
C TYR I 260 -54.26 -20.31 -20.44
N ASN I 261 -55.40 -20.38 -19.75
CA ASN I 261 -55.45 -20.94 -18.40
C ASN I 261 -55.75 -22.42 -18.53
N MET I 262 -54.72 -23.26 -18.40
CA MET I 262 -54.89 -24.69 -18.60
C MET I 262 -55.88 -25.29 -17.61
N SER I 263 -55.77 -24.92 -16.33
CA SER I 263 -56.63 -25.52 -15.32
C SER I 263 -58.10 -25.20 -15.56
N SER I 264 -58.41 -23.94 -15.86
CA SER I 264 -59.77 -23.54 -16.16
C SER I 264 -60.15 -23.80 -17.62
N ARG I 265 -59.18 -24.18 -18.46
CA ARG I 265 -59.42 -24.44 -19.88
C ARG I 265 -60.07 -23.25 -20.56
N ARG I 266 -59.62 -22.05 -20.19
CA ARG I 266 -60.14 -20.80 -20.74
C ARG I 266 -59.04 -20.07 -21.50
N ILE I 267 -59.37 -19.63 -22.72
CA ILE I 267 -58.43 -18.86 -23.52
C ILE I 267 -58.13 -17.54 -22.81
N GLY I 268 -56.92 -17.05 -23.00
CA GLY I 268 -56.48 -15.84 -22.33
C GLY I 268 -57.08 -14.59 -22.92
N LEU I 269 -56.35 -13.49 -22.77
CA LEU I 269 -56.81 -12.21 -23.31
C LEU I 269 -56.97 -12.27 -24.83
N VAL I 270 -55.98 -12.86 -25.51
CA VAL I 270 -55.90 -12.76 -26.96
C VAL I 270 -57.14 -13.32 -27.65
N GLY I 271 -57.88 -14.19 -26.98
CA GLY I 271 -59.12 -14.67 -27.56
C GLY I 271 -60.32 -13.79 -27.36
N LEU I 272 -60.19 -12.73 -26.56
CA LEU I 272 -61.30 -11.85 -26.26
C LEU I 272 -61.21 -10.47 -26.90
N TRP I 273 -60.02 -9.88 -26.95
CA TRP I 273 -59.85 -8.50 -27.37
C TRP I 273 -59.13 -8.45 -28.71
N ASP I 274 -59.52 -7.48 -29.54
CA ASP I 274 -58.87 -7.33 -30.83
C ASP I 274 -57.61 -6.48 -30.73
N VAL I 275 -57.45 -5.72 -29.65
CA VAL I 275 -56.23 -4.97 -29.40
C VAL I 275 -55.83 -5.16 -27.95
N VAL I 276 -54.58 -5.55 -27.73
CA VAL I 276 -54.03 -5.71 -26.39
C VAL I 276 -52.83 -4.77 -26.29
N ALA I 277 -52.95 -3.72 -25.50
CA ALA I 277 -51.95 -2.67 -25.42
C ALA I 277 -51.22 -2.74 -24.10
N PHE I 278 -49.91 -2.96 -24.15
CA PHE I 278 -49.07 -3.00 -22.96
C PHE I 278 -48.53 -1.60 -22.73
N ASP I 279 -49.07 -0.91 -21.74
CA ASP I 279 -48.63 0.44 -21.42
C ASP I 279 -47.42 0.39 -20.50
N GLN I 280 -46.58 1.43 -20.58
CA GLN I 280 -45.37 1.52 -19.78
C GLN I 280 -44.55 0.23 -19.88
N VAL I 281 -44.16 -0.06 -21.11
CA VAL I 281 -43.48 -1.32 -21.43
C VAL I 281 -42.15 -1.42 -20.69
N ALA I 282 -41.59 -0.28 -20.26
CA ALA I 282 -40.24 -0.28 -19.69
C ALA I 282 -40.14 -1.12 -18.42
N GLY I 283 -41.25 -1.39 -17.75
CA GLY I 283 -41.22 -2.13 -16.51
C GLY I 283 -41.58 -3.60 -16.59
N ILE I 284 -41.74 -4.14 -17.81
CA ILE I 284 -42.25 -5.51 -17.93
C ILE I 284 -41.19 -6.51 -17.52
N SER I 285 -41.54 -7.38 -16.58
CA SER I 285 -40.71 -8.52 -16.19
C SER I 285 -41.62 -9.66 -15.80
N PHE I 286 -41.35 -10.85 -16.33
CA PHE I 286 -42.25 -11.99 -16.21
C PHE I 286 -41.76 -12.96 -15.14
N LYS I 287 -42.68 -13.39 -14.27
CA LYS I 287 -42.42 -14.57 -13.47
C LYS I 287 -42.22 -15.80 -14.34
N ASP I 288 -43.10 -15.99 -15.33
CA ASP I 288 -42.97 -17.08 -16.29
C ASP I 288 -42.06 -16.62 -17.42
N LYS I 289 -40.86 -17.20 -17.50
CA LYS I 289 -39.93 -16.83 -18.55
C LYS I 289 -40.47 -17.24 -19.92
N ASP I 290 -41.45 -18.14 -19.96
CA ASP I 290 -42.11 -18.49 -21.21
C ASP I 290 -42.81 -17.33 -21.88
N GLY I 291 -43.08 -16.24 -21.14
CA GLY I 291 -43.83 -15.14 -21.72
C GLY I 291 -43.20 -14.64 -23.01
N VAL I 292 -41.89 -14.43 -23.00
CA VAL I 292 -41.23 -13.97 -24.20
C VAL I 292 -41.29 -15.04 -25.30
N GLN I 293 -41.08 -16.31 -24.95
CA GLN I 293 -41.13 -17.36 -25.97
C GLN I 293 -42.54 -17.55 -26.50
N ILE I 294 -43.54 -17.54 -25.62
CA ILE I 294 -44.92 -17.72 -26.08
C ILE I 294 -45.31 -16.56 -26.97
N MET I 295 -44.96 -15.33 -26.58
CA MET I 295 -45.26 -14.18 -27.43
C MET I 295 -44.52 -14.26 -28.76
N LYS I 296 -43.28 -14.71 -28.75
CA LYS I 296 -42.55 -14.84 -30.00
C LYS I 296 -43.26 -15.81 -30.94
N ASP I 297 -43.69 -16.95 -30.41
CA ASP I 297 -44.42 -17.91 -31.23
C ASP I 297 -45.73 -17.32 -31.74
N TYR I 298 -46.46 -16.63 -30.87
CA TYR I 298 -47.75 -16.08 -31.26
C TYR I 298 -47.60 -15.03 -32.36
N MET I 299 -46.68 -14.07 -32.17
CA MET I 299 -46.49 -13.05 -33.19
C MET I 299 -45.92 -13.61 -34.48
N ALA I 300 -45.03 -14.60 -34.40
CA ALA I 300 -44.47 -15.16 -35.62
C ALA I 300 -45.51 -15.94 -36.41
N SER I 301 -46.41 -16.64 -35.72
CA SER I 301 -47.32 -17.55 -36.40
C SER I 301 -48.80 -17.18 -36.26
N GLY I 302 -49.20 -16.54 -35.17
CA GLY I 302 -50.61 -16.29 -34.95
C GLY I 302 -51.35 -17.40 -34.25
N SER I 303 -50.71 -18.53 -34.02
CA SER I 303 -51.32 -19.64 -33.29
C SER I 303 -50.30 -20.19 -32.31
N PHE I 304 -50.78 -20.55 -31.12
CA PHE I 304 -49.89 -21.03 -30.08
C PHE I 304 -50.44 -22.34 -29.52
N ALA I 305 -49.54 -23.23 -29.16
CA ALA I 305 -49.91 -24.54 -28.62
C ALA I 305 -49.68 -24.56 -27.12
N ARG I 306 -50.72 -24.92 -26.39
CA ARG I 306 -50.67 -24.92 -24.93
C ARG I 306 -51.51 -26.07 -24.43
N GLY I 307 -51.07 -26.73 -23.37
CA GLY I 307 -51.79 -27.88 -22.88
C GLY I 307 -51.78 -29.00 -23.90
N ARG I 308 -52.93 -29.25 -24.53
CA ARG I 308 -53.04 -30.32 -25.50
C ARG I 308 -53.46 -29.83 -26.89
N GLU I 309 -53.77 -28.56 -27.05
CA GLU I 309 -54.28 -28.04 -28.31
C GLU I 309 -53.42 -26.89 -28.83
N GLN I 310 -53.36 -26.80 -30.14
CA GLN I 310 -52.88 -25.61 -30.85
C GLN I 310 -54.08 -24.72 -31.17
N MET I 311 -54.14 -23.56 -30.54
CA MET I 311 -55.26 -22.64 -30.73
C MET I 311 -54.77 -21.36 -31.39
N GLU I 312 -55.60 -20.83 -32.28
CA GLU I 312 -55.28 -19.61 -33.01
C GLU I 312 -56.11 -18.45 -32.47
N ALA I 313 -55.48 -17.27 -32.41
CA ALA I 313 -56.16 -16.08 -31.94
C ALA I 313 -55.70 -14.89 -32.77
N SER I 314 -56.59 -13.92 -32.92
CA SER I 314 -56.36 -12.79 -33.81
C SER I 314 -56.11 -11.48 -33.09
N ALA I 315 -55.69 -11.51 -31.83
CA ALA I 315 -55.47 -10.26 -31.10
C ALA I 315 -54.22 -9.55 -31.62
N SER I 316 -54.34 -8.26 -31.85
CA SER I 316 -53.22 -7.45 -32.28
C SER I 316 -52.57 -6.80 -31.06
N MET I 317 -51.25 -6.93 -30.95
CA MET I 317 -50.54 -6.52 -29.75
C MET I 317 -49.81 -5.21 -30.00
N VAL I 318 -50.00 -4.26 -29.10
CA VAL I 318 -49.40 -2.93 -29.18
C VAL I 318 -48.55 -2.73 -27.94
N PHE I 319 -47.39 -2.12 -28.09
CA PHE I 319 -46.47 -1.88 -26.98
C PHE I 319 -46.20 -0.39 -26.89
N VAL I 320 -46.75 0.27 -25.87
CA VAL I 320 -46.64 1.72 -25.72
C VAL I 320 -45.59 2.00 -24.66
N GLY I 321 -44.66 2.91 -24.98
CA GLY I 321 -43.59 3.23 -24.06
C GLY I 321 -43.25 4.70 -24.04
N ASN I 322 -42.68 5.13 -22.92
CA ASN I 322 -42.31 6.52 -22.69
C ASN I 322 -40.80 6.69 -22.85
N ILE I 323 -40.40 7.80 -23.45
CA ILE I 323 -38.99 8.09 -23.73
C ILE I 323 -38.58 9.28 -22.86
N ASN I 324 -37.41 9.20 -22.24
CA ASN I 324 -36.90 10.28 -21.40
C ASN I 324 -35.78 11.09 -22.04
N GLN I 325 -35.03 10.52 -22.97
CA GLN I 325 -33.89 11.19 -23.55
C GLN I 325 -34.15 11.53 -25.02
N SER I 326 -33.29 12.38 -25.57
CA SER I 326 -33.44 12.83 -26.95
C SER I 326 -33.27 11.66 -27.92
N VAL I 327 -33.96 11.76 -29.05
CA VAL I 327 -33.92 10.69 -30.04
C VAL I 327 -32.54 10.57 -30.66
N GLU I 328 -31.85 11.70 -30.85
CA GLU I 328 -30.55 11.66 -31.52
C GLU I 328 -29.50 11.02 -30.63
N SER I 329 -29.54 11.30 -29.32
CA SER I 329 -28.63 10.62 -28.40
C SER I 329 -28.90 9.13 -28.38
N LEU I 330 -30.18 8.75 -28.37
CA LEU I 330 -30.54 7.34 -28.39
C LEU I 330 -30.04 6.66 -29.66
N VAL I 331 -30.10 7.37 -30.79
CA VAL I 331 -29.59 6.83 -32.04
C VAL I 331 -28.08 6.67 -32.00
N LYS I 332 -27.36 7.71 -31.58
CA LYS I 332 -25.90 7.68 -31.68
C LYS I 332 -25.27 6.73 -30.67
N THR I 333 -25.71 6.74 -29.42
CA THR I 333 -25.05 5.95 -28.38
C THR I 333 -25.65 4.56 -28.22
N SER I 334 -26.85 4.32 -28.72
CA SER I 334 -27.49 3.02 -28.56
C SER I 334 -28.45 2.74 -29.72
N HIS I 335 -29.36 1.80 -29.53
CA HIS I 335 -30.42 1.52 -30.49
C HIS I 335 -31.74 1.99 -29.90
N LEU I 336 -32.68 2.32 -30.79
CA LEU I 336 -33.95 2.92 -30.40
C LEU I 336 -34.78 2.02 -29.48
N LEU I 337 -34.51 0.72 -29.46
CA LEU I 337 -35.27 -0.21 -28.63
C LEU I 337 -34.66 -0.44 -27.27
N ALA I 338 -33.78 0.46 -26.82
CA ALA I 338 -33.16 0.40 -25.50
C ALA I 338 -34.16 0.44 -24.35
N PRO I 339 -35.18 1.31 -24.38
CA PRO I 339 -36.09 1.38 -23.22
C PRO I 339 -36.87 0.11 -22.94
N PHE I 340 -36.97 -0.81 -23.90
CA PHE I 340 -37.62 -2.08 -23.64
C PHE I 340 -36.82 -2.88 -22.61
N PRO I 341 -37.48 -3.74 -21.84
CA PRO I 341 -36.77 -4.50 -20.80
C PRO I 341 -35.69 -5.39 -21.40
N GLU I 342 -34.64 -5.62 -20.61
CA GLU I 342 -33.49 -6.37 -21.09
C GLU I 342 -33.88 -7.78 -21.50
N ALA I 343 -34.74 -8.43 -20.72
CA ALA I 343 -35.21 -9.76 -21.08
C ALA I 343 -36.05 -9.76 -22.35
N MET I 344 -36.50 -8.58 -22.79
CA MET I 344 -37.26 -8.46 -24.02
C MET I 344 -36.45 -7.95 -25.20
N ILE I 345 -35.17 -7.61 -24.99
CA ILE I 345 -34.34 -7.12 -26.07
C ILE I 345 -33.69 -8.30 -26.78
N ASP I 346 -34.41 -8.87 -27.74
CA ASP I 346 -33.91 -10.00 -28.53
C ASP I 346 -34.20 -9.71 -29.99
N SER I 347 -33.24 -10.03 -30.86
CA SER I 347 -33.44 -9.83 -32.29
C SER I 347 -34.59 -10.68 -32.79
N ALA I 348 -34.65 -11.95 -32.37
CA ALA I 348 -35.74 -12.83 -32.77
C ALA I 348 -37.07 -12.33 -32.25
N PHE I 349 -37.07 -11.55 -31.17
CA PHE I 349 -38.31 -10.98 -30.66
C PHE I 349 -38.73 -9.76 -31.47
N PHE I 350 -37.85 -8.76 -31.57
CA PHE I 350 -38.20 -7.53 -32.25
C PHE I 350 -38.44 -7.75 -33.73
N ASP I 351 -37.92 -8.85 -34.29
CA ASP I 351 -38.14 -9.13 -35.70
C ASP I 351 -39.61 -9.31 -36.05
N ARG I 352 -40.45 -9.67 -35.09
CA ARG I 352 -41.87 -9.87 -35.36
C ARG I 352 -42.64 -8.57 -35.51
N PHE I 353 -42.16 -7.48 -34.89
CA PHE I 353 -42.89 -6.22 -34.85
C PHE I 353 -43.15 -5.73 -36.26
N HIS I 354 -44.43 -5.67 -36.63
CA HIS I 354 -44.78 -5.26 -37.98
C HIS I 354 -44.58 -3.76 -38.18
N ALA I 355 -44.34 -3.01 -37.10
CA ALA I 355 -44.17 -1.56 -37.22
C ALA I 355 -43.64 -0.97 -35.93
N TYR I 356 -42.77 0.03 -36.09
CA TYR I 356 -42.35 0.93 -35.01
C TYR I 356 -42.92 2.29 -35.35
N ILE I 357 -43.50 2.96 -34.35
CA ILE I 357 -44.12 4.26 -34.56
C ILE I 357 -43.21 5.32 -33.97
N PRO I 358 -42.95 6.41 -34.67
CA PRO I 358 -42.10 7.47 -34.10
C PRO I 358 -42.88 8.39 -33.19
N GLY I 359 -43.08 7.98 -31.94
CA GLY I 359 -43.89 8.76 -31.01
C GLY I 359 -43.36 10.14 -30.73
N TRP I 360 -42.10 10.43 -31.05
CA TRP I 360 -41.54 11.76 -30.83
C TRP I 360 -42.00 12.77 -31.87
N GLU I 361 -42.30 12.33 -33.09
CA GLU I 361 -42.73 13.27 -34.12
C GLU I 361 -44.13 13.82 -33.87
N ILE I 362 -44.94 13.14 -33.08
CA ILE I 362 -46.25 13.68 -32.71
C ILE I 362 -46.04 14.73 -31.61
N PRO I 363 -46.55 15.95 -31.80
CA PRO I 363 -46.30 17.01 -30.82
C PRO I 363 -46.97 16.71 -29.49
N LYS I 364 -46.40 17.27 -28.42
CA LYS I 364 -46.99 17.12 -27.10
C LYS I 364 -48.41 17.64 -27.10
N MET I 365 -49.31 16.90 -26.44
CA MET I 365 -50.73 17.19 -26.57
C MET I 365 -51.10 18.44 -25.80
N ARG I 366 -51.97 19.26 -26.39
CA ARG I 366 -52.39 20.53 -25.85
C ARG I 366 -53.88 20.68 -26.08
N PRO I 367 -54.59 21.35 -25.17
CA PRO I 367 -56.05 21.55 -25.37
C PRO I 367 -56.41 22.20 -26.69
N GLU I 368 -55.47 22.91 -27.33
CA GLU I 368 -55.74 23.49 -28.63
C GLU I 368 -55.94 22.40 -29.69
N PHE I 369 -55.44 21.20 -29.45
CA PHE I 369 -55.54 20.12 -30.42
C PHE I 369 -56.87 19.39 -30.39
N PHE I 370 -57.74 19.68 -29.43
CA PHE I 370 -59.01 18.99 -29.29
C PHE I 370 -60.08 19.72 -30.08
N THR I 371 -60.70 19.02 -31.02
CA THR I 371 -61.67 19.64 -31.91
C THR I 371 -62.98 19.91 -31.18
N ASN I 372 -63.82 20.73 -31.82
CA ASN I 372 -65.17 21.03 -31.35
C ASN I 372 -66.22 20.79 -32.42
N ARG I 373 -65.87 20.13 -33.51
CA ARG I 373 -66.75 19.97 -34.65
C ARG I 373 -67.47 18.63 -34.59
N TYR I 374 -68.18 18.30 -35.66
CA TYR I 374 -68.83 17.00 -35.76
C TYR I 374 -67.79 15.91 -36.03
N GLY I 375 -68.05 14.71 -35.50
CA GLY I 375 -67.19 13.58 -35.74
C GLY I 375 -67.98 12.28 -35.61
N LEU I 376 -67.36 11.21 -36.08
CA LEU I 376 -67.98 9.90 -36.03
C LEU I 376 -68.13 9.43 -34.59
N ILE I 377 -69.23 8.72 -34.31
CA ILE I 377 -69.44 8.15 -32.99
C ILE I 377 -68.39 7.07 -32.74
N VAL I 378 -67.77 7.13 -31.56
CA VAL I 378 -66.69 6.21 -31.23
C VAL I 378 -67.15 4.76 -31.34
N ASP I 379 -68.37 4.48 -30.88
CA ASP I 379 -68.92 3.14 -31.04
C ASP I 379 -69.06 2.78 -32.52
N TYR I 380 -69.56 3.72 -33.31
CA TYR I 380 -69.66 3.50 -34.76
C TYR I 380 -68.29 3.21 -35.34
N LEU I 381 -67.28 3.98 -34.94
CA LEU I 381 -65.93 3.79 -35.46
C LEU I 381 -65.37 2.43 -35.07
N ALA I 382 -65.57 2.01 -33.82
CA ALA I 382 -65.03 0.75 -33.37
C ALA I 382 -65.72 -0.43 -34.06
N GLU I 383 -67.04 -0.34 -34.25
CA GLU I 383 -67.73 -1.38 -35.01
C GLU I 383 -67.23 -1.41 -36.44
N PHE I 384 -66.93 -0.23 -37.01
CA PHE I 384 -66.35 -0.16 -38.35
C PHE I 384 -65.01 -0.89 -38.40
N PHE I 385 -64.15 -0.66 -37.41
CA PHE I 385 -62.87 -1.35 -37.35
C PHE I 385 -63.06 -2.85 -37.25
N ARG I 386 -63.94 -3.29 -36.34
CA ARG I 386 -64.12 -4.72 -36.12
C ARG I 386 -64.66 -5.39 -37.38
N GLU I 387 -65.55 -4.73 -38.11
CA GLU I 387 -66.05 -5.30 -39.34
C GLU I 387 -64.97 -5.34 -40.41
N MET I 388 -64.17 -4.28 -40.53
CA MET I 388 -63.12 -4.26 -41.53
C MET I 388 -62.00 -5.25 -41.23
N ARG I 389 -61.90 -5.74 -40.00
CA ARG I 389 -60.90 -6.78 -39.72
C ARG I 389 -61.09 -8.00 -40.61
N LYS I 390 -62.30 -8.24 -41.11
CA LYS I 390 -62.61 -9.46 -41.84
C LYS I 390 -62.10 -9.47 -43.27
N ARG I 391 -61.68 -8.33 -43.81
CA ARG I 391 -61.33 -8.21 -45.21
C ARG I 391 -59.82 -8.29 -45.40
N SER I 392 -59.39 -8.14 -46.65
CA SER I 392 -57.97 -8.19 -46.99
C SER I 392 -57.67 -7.22 -48.12
N PHE I 393 -56.70 -6.35 -47.88
CA PHE I 393 -56.22 -5.39 -48.89
C PHE I 393 -54.72 -5.48 -49.08
N ALA I 394 -54.08 -6.52 -48.56
CA ALA I 394 -52.62 -6.62 -48.61
C ALA I 394 -52.10 -6.84 -50.02
N ASP I 395 -52.93 -7.30 -50.95
CA ASP I 395 -52.47 -7.59 -52.30
C ASP I 395 -52.71 -6.45 -53.28
N SER I 396 -53.12 -5.27 -52.80
CA SER I 396 -53.36 -4.15 -53.70
C SER I 396 -52.06 -3.59 -54.25
N ILE I 397 -50.94 -3.80 -53.57
CA ILE I 397 -49.67 -3.26 -54.03
C ILE I 397 -49.22 -3.93 -55.31
N GLU I 398 -49.52 -5.23 -55.47
CA GLU I 398 -49.02 -5.96 -56.63
C GLU I 398 -49.59 -5.43 -57.94
N LYS I 399 -50.70 -4.70 -57.88
CA LYS I 399 -51.23 -4.08 -59.08
C LYS I 399 -50.29 -3.02 -59.63
N TYR I 400 -49.63 -2.26 -58.77
CA TYR I 400 -48.86 -1.11 -59.20
C TYR I 400 -47.37 -1.18 -58.87
N PHE I 401 -46.98 -1.88 -57.81
CA PHE I 401 -45.60 -1.83 -57.35
C PHE I 401 -45.10 -3.23 -57.02
N LYS I 402 -43.78 -3.34 -56.89
CA LYS I 402 -43.11 -4.56 -56.48
C LYS I 402 -42.12 -4.23 -55.36
N LEU I 403 -41.98 -5.15 -54.42
CA LEU I 403 -41.07 -4.93 -53.30
C LEU I 403 -39.62 -5.08 -53.74
N GLY I 404 -38.72 -4.43 -53.02
CA GLY I 404 -37.32 -4.46 -53.36
C GLY I 404 -36.66 -5.77 -52.98
N ASN I 405 -35.37 -5.87 -53.30
CA ASN I 405 -34.62 -7.09 -53.04
C ASN I 405 -34.07 -7.16 -51.62
N ASN I 406 -34.12 -6.07 -50.87
CA ASN I 406 -33.63 -6.05 -49.50
C ASN I 406 -34.65 -6.56 -48.49
N LEU I 407 -35.87 -6.83 -48.91
CA LEU I 407 -36.94 -7.26 -48.02
C LEU I 407 -36.99 -8.78 -47.99
N ASN I 408 -36.69 -9.37 -46.83
CA ASN I 408 -36.89 -10.80 -46.67
C ASN I 408 -38.36 -11.10 -46.41
N GLN I 409 -38.64 -12.36 -46.08
CA GLN I 409 -40.02 -12.80 -45.95
C GLN I 409 -40.78 -12.05 -44.87
N ARG I 410 -40.16 -11.86 -43.70
CA ARG I 410 -40.86 -11.19 -42.61
C ARG I 410 -41.05 -9.71 -42.90
N ASP I 411 -40.10 -9.09 -43.60
CA ASP I 411 -40.28 -7.71 -44.02
C ASP I 411 -41.44 -7.59 -45.00
N VAL I 412 -41.56 -8.55 -45.92
CA VAL I 412 -42.69 -8.55 -46.84
C VAL I 412 -43.99 -8.68 -46.07
N ILE I 413 -44.03 -9.59 -45.09
CA ILE I 413 -45.24 -9.76 -44.29
C ILE I 413 -45.61 -8.46 -43.58
N ALA I 414 -44.62 -7.82 -42.96
CA ALA I 414 -44.88 -6.60 -42.20
C ALA I 414 -45.39 -5.50 -43.10
N VAL I 415 -44.75 -5.29 -44.25
CA VAL I 415 -45.15 -4.18 -45.11
C VAL I 415 -46.52 -4.46 -45.73
N ARG I 416 -46.79 -5.72 -46.07
CA ARG I 416 -48.11 -6.07 -46.58
C ARG I 416 -49.18 -5.80 -45.54
N LYS I 417 -48.93 -6.20 -44.29
CA LYS I 417 -49.94 -5.99 -43.25
C LYS I 417 -50.17 -4.50 -43.00
N THR I 418 -49.10 -3.71 -42.94
CA THR I 418 -49.27 -2.29 -42.69
C THR I 418 -50.01 -1.62 -43.84
N VAL I 419 -49.67 -1.98 -45.08
CA VAL I 419 -50.36 -1.41 -46.23
C VAL I 419 -51.83 -1.79 -46.20
N SER I 420 -52.13 -3.05 -45.86
CA SER I 420 -53.52 -3.48 -45.79
C SER I 420 -54.28 -2.71 -44.73
N GLY I 421 -53.66 -2.49 -43.57
CA GLY I 421 -54.32 -1.73 -42.53
C GLY I 421 -54.62 -0.31 -42.96
N LEU I 422 -53.62 0.36 -43.54
CA LEU I 422 -53.83 1.74 -43.99
C LEU I 422 -54.87 1.82 -45.10
N MET I 423 -54.85 0.85 -46.02
CA MET I 423 -55.82 0.83 -47.10
C MET I 423 -57.23 0.63 -46.56
N LYS I 424 -57.40 -0.26 -45.59
CA LYS I 424 -58.70 -0.45 -44.98
C LYS I 424 -59.17 0.81 -44.27
N LEU I 425 -58.27 1.49 -43.56
CA LEU I 425 -58.65 2.72 -42.87
C LEU I 425 -59.07 3.82 -43.84
N LEU I 426 -58.33 3.96 -44.94
CA LEU I 426 -58.58 5.09 -45.84
C LEU I 426 -59.53 4.77 -46.98
N TYR I 427 -59.53 3.54 -47.49
CA TYR I 427 -60.35 3.18 -48.64
C TYR I 427 -61.15 1.90 -48.38
N PRO I 428 -62.14 1.97 -47.49
CA PRO I 428 -62.98 0.79 -47.24
C PRO I 428 -63.75 0.33 -48.47
N HIS I 429 -64.12 1.26 -49.36
CA HIS I 429 -64.91 0.92 -50.53
C HIS I 429 -64.13 0.13 -51.57
N GLY I 430 -62.82 0.33 -51.67
CA GLY I 430 -62.01 -0.43 -52.60
C GLY I 430 -61.71 0.26 -53.91
N GLN I 431 -62.14 1.51 -54.10
CA GLN I 431 -61.81 2.27 -55.31
C GLN I 431 -60.69 3.25 -54.95
N PHE I 432 -59.51 3.03 -55.54
CA PHE I 432 -58.33 3.83 -55.22
C PHE I 432 -57.40 3.83 -56.41
N ASN I 433 -56.46 4.77 -56.42
CA ASN I 433 -55.55 4.96 -57.53
C ASN I 433 -54.15 4.47 -57.15
N LYS I 434 -53.22 4.60 -58.11
CA LYS I 434 -51.85 4.15 -57.90
C LYS I 434 -51.12 5.02 -56.88
N GLU I 435 -51.38 6.33 -56.90
CA GLU I 435 -50.67 7.25 -56.02
C GLU I 435 -50.98 6.96 -54.55
N ASP I 436 -52.22 6.62 -54.24
CA ASP I 436 -52.58 6.28 -52.86
C ASP I 436 -51.82 5.05 -52.39
N VAL I 437 -51.75 4.02 -53.23
CA VAL I 437 -50.99 2.83 -52.89
C VAL I 437 -49.52 3.18 -52.69
N ARG I 438 -49.01 4.10 -53.51
CA ARG I 438 -47.62 4.53 -53.35
C ARG I 438 -47.41 5.19 -52.00
N GLN I 439 -48.32 6.08 -51.60
CA GLN I 439 -48.19 6.74 -50.30
C GLN I 439 -48.20 5.73 -49.17
N CYS I 440 -49.18 4.81 -49.18
CA CYS I 440 -49.28 3.82 -48.12
C CYS I 440 -48.04 2.94 -48.07
N LEU I 441 -47.54 2.52 -49.24
CA LEU I 441 -46.37 1.66 -49.28
C LEU I 441 -45.13 2.39 -48.80
N GLU I 442 -45.02 3.68 -49.12
CA GLU I 442 -43.90 4.46 -48.60
C GLU I 442 -43.92 4.50 -47.09
N TYR I 443 -45.09 4.78 -46.51
CA TYR I 443 -45.16 4.83 -45.05
C TYR I 443 -44.84 3.48 -44.43
N ALA I 444 -45.36 2.40 -45.01
CA ALA I 444 -45.13 1.08 -44.46
C ALA I 444 -43.65 0.70 -44.51
N LEU I 445 -43.01 0.90 -45.67
CA LEU I 445 -41.58 0.62 -45.77
C LEU I 445 -40.77 1.48 -44.81
N GLN I 446 -41.17 2.73 -44.61
CA GLN I 446 -40.42 3.59 -43.70
C GLN I 446 -40.50 3.06 -42.26
N VAL I 447 -41.72 2.77 -41.80
CA VAL I 447 -41.86 2.31 -40.41
C VAL I 447 -41.21 0.95 -40.21
N ARG I 448 -41.29 0.06 -41.18
CA ARG I 448 -40.62 -1.23 -41.05
C ARG I 448 -39.10 -1.06 -41.11
N ARG I 449 -38.63 -0.12 -41.94
CA ARG I 449 -37.20 0.13 -42.04
C ARG I 449 -36.63 0.60 -40.72
N ARG I 450 -37.41 1.35 -39.94
CA ARG I 450 -36.92 1.75 -38.63
C ARG I 450 -36.63 0.54 -37.75
N VAL I 451 -37.56 -0.42 -37.72
CA VAL I 451 -37.33 -1.65 -36.97
C VAL I 451 -36.12 -2.38 -37.52
N LYS I 452 -35.94 -2.35 -38.84
CA LYS I 452 -34.82 -3.06 -39.44
C LYS I 452 -33.48 -2.44 -39.03
N GLU I 453 -33.42 -1.11 -38.95
CA GLU I 453 -32.22 -0.46 -38.42
C GLU I 453 -31.95 -0.87 -36.98
N GLN I 454 -32.98 -0.90 -36.15
CA GLN I 454 -32.75 -1.32 -34.77
C GLN I 454 -32.28 -2.76 -34.69
N LEU I 455 -32.86 -3.64 -35.50
CA LEU I 455 -32.41 -5.03 -35.56
C LEU I 455 -30.96 -5.11 -36.00
N LYS I 456 -30.58 -4.30 -36.99
CA LYS I 456 -29.17 -4.26 -37.38
C LYS I 456 -28.28 -3.93 -36.20
N LYS I 457 -28.59 -2.81 -35.52
CA LYS I 457 -27.74 -2.36 -34.42
C LYS I 457 -27.67 -3.40 -33.30
N ILE I 458 -28.73 -4.17 -33.09
CA ILE I 458 -28.76 -5.08 -31.95
C ILE I 458 -28.26 -6.48 -32.32
N GLY I 459 -28.27 -6.84 -33.60
CA GLY I 459 -27.98 -8.20 -33.98
C GLY I 459 -26.81 -8.42 -34.92
N GLY I 460 -26.22 -7.35 -35.44
CA GLY I 460 -24.98 -7.53 -36.18
C GLY I 460 -25.21 -8.02 -37.61
N MET I 461 -24.63 -9.19 -37.90
CA MET I 461 -24.48 -9.61 -39.29
C MET I 461 -25.80 -9.89 -39.98
N GLU I 462 -26.81 -10.32 -39.22
CA GLU I 462 -28.06 -10.77 -39.83
C GLU I 462 -28.80 -9.66 -40.56
N PHE I 463 -28.79 -8.43 -40.04
CA PHE I 463 -29.72 -7.40 -40.49
C PHE I 463 -29.01 -6.23 -41.17
N TYR I 464 -28.03 -6.47 -42.04
CA TYR I 464 -27.48 -5.36 -42.81
C TYR I 464 -28.38 -4.97 -43.98
N ASP I 465 -29.24 -5.88 -44.45
CA ASP I 465 -30.11 -5.57 -45.59
C ASP I 465 -31.21 -4.63 -45.11
N VAL I 466 -30.84 -3.36 -44.95
CA VAL I 466 -31.75 -2.33 -44.47
C VAL I 466 -32.09 -1.31 -45.53
N HIS I 467 -31.55 -1.43 -46.73
CA HIS I 467 -31.76 -0.43 -47.79
C HIS I 467 -33.09 -0.74 -48.49
N PHE I 468 -34.17 -0.41 -47.79
CA PHE I 468 -35.51 -0.72 -48.27
C PHE I 468 -35.85 0.15 -49.47
N SER I 469 -36.42 -0.48 -50.50
CA SER I 469 -36.77 0.23 -51.72
C SER I 469 -37.87 -0.53 -52.44
N TYR I 470 -38.53 0.16 -53.38
CA TYR I 470 -39.61 -0.46 -54.14
C TYR I 470 -39.53 -0.06 -55.60
N ILE I 471 -39.96 -0.97 -56.47
CA ILE I 471 -39.82 -0.82 -57.92
C ILE I 471 -41.20 -0.64 -58.52
N ASP I 472 -41.38 0.42 -59.31
CA ASP I 472 -42.64 0.63 -60.00
C ASP I 472 -42.84 -0.47 -61.04
N ASN I 473 -44.09 -0.87 -61.25
CA ASN I 473 -44.40 -1.90 -62.24
C ASN I 473 -44.49 -1.33 -63.64
N ASP I 474 -44.86 -0.06 -63.79
CA ASP I 474 -45.07 0.52 -65.10
C ASP I 474 -43.76 1.03 -65.71
N THR I 475 -43.11 1.98 -65.07
CA THR I 475 -41.88 2.56 -65.61
C THR I 475 -40.61 1.89 -65.10
N LEU I 476 -40.74 0.90 -64.22
CA LEU I 476 -39.64 0.07 -63.75
C LEU I 476 -38.56 0.84 -63.01
N GLU I 477 -38.79 2.11 -62.69
CA GLU I 477 -37.81 2.89 -61.93
C GLU I 477 -37.97 2.60 -60.44
N GLU I 478 -36.88 2.78 -59.69
CA GLU I 478 -36.79 2.33 -58.32
C GLU I 478 -36.76 3.55 -57.40
N HIS I 479 -37.53 3.48 -56.31
CA HIS I 479 -37.54 4.53 -55.28
C HIS I 479 -37.00 3.96 -53.98
N PHE I 480 -36.25 4.78 -53.25
CA PHE I 480 -35.70 4.41 -51.95
C PHE I 480 -36.39 5.22 -50.87
N VAL I 481 -36.60 4.60 -49.70
CA VAL I 481 -37.22 5.26 -48.57
C VAL I 481 -36.25 5.20 -47.39
N SER I 482 -35.99 6.36 -46.79
CA SER I 482 -35.08 6.49 -45.67
C SER I 482 -35.89 6.66 -44.37
N VAL I 483 -35.18 6.94 -43.29
CA VAL I 483 -35.80 7.25 -42.00
C VAL I 483 -35.52 8.71 -41.73
N LYS I 484 -36.57 9.48 -41.44
CA LYS I 484 -36.45 10.93 -41.33
C LYS I 484 -35.54 11.35 -40.19
N GLU I 485 -35.64 10.67 -39.04
CA GLU I 485 -34.87 11.10 -37.87
C GLU I 485 -33.39 10.82 -38.04
N GLN I 486 -33.01 10.05 -39.05
CA GLN I 486 -31.60 9.73 -39.28
C GLN I 486 -31.30 9.63 -40.78
N LEU I 491 -22.21 14.23 -46.11
CA LEU I 491 -22.05 12.80 -46.35
C LEU I 491 -20.81 12.26 -45.64
N ILE I 492 -19.71 13.01 -45.73
CA ILE I 492 -18.46 12.62 -45.09
C ILE I 492 -18.13 13.64 -44.01
N PRO I 493 -18.39 13.33 -42.74
CA PRO I 493 -18.10 14.30 -41.67
C PRO I 493 -16.59 14.46 -41.47
N GLU I 494 -16.24 15.62 -40.90
CA GLU I 494 -14.83 15.91 -40.63
C GLU I 494 -14.30 14.99 -39.56
N GLY I 495 -12.98 14.86 -39.50
CA GLY I 495 -12.32 14.05 -38.51
C GLY I 495 -12.22 12.60 -38.93
N PRO I 496 -11.35 11.85 -38.28
CA PRO I 496 -11.17 10.44 -38.64
C PRO I 496 -12.36 9.61 -38.15
N ALA I 497 -12.99 8.92 -39.10
CA ALA I 497 -14.04 7.98 -38.74
C ALA I 497 -13.44 6.77 -38.04
N LYS I 498 -14.30 5.83 -37.66
CA LYS I 498 -13.84 4.64 -36.97
C LYS I 498 -12.95 3.82 -37.91
N PRO I 499 -11.90 3.18 -37.37
CA PRO I 499 -10.98 2.42 -38.21
C PRO I 499 -11.70 1.30 -38.95
N GLY I 500 -11.25 1.04 -40.18
CA GLY I 500 -11.92 0.10 -41.05
C GLY I 500 -13.06 0.70 -41.85
N PHE I 501 -13.39 1.96 -41.62
CA PHE I 501 -14.47 2.63 -42.34
C PHE I 501 -13.83 3.60 -43.34
N LEU I 502 -14.15 3.43 -44.62
CA LEU I 502 -13.59 4.31 -45.64
C LEU I 502 -14.66 4.64 -46.66
N TYR I 503 -14.31 5.53 -47.58
CA TYR I 503 -15.15 5.89 -48.71
C TYR I 503 -14.37 5.67 -50.00
N THR I 504 -15.00 4.98 -50.95
CA THR I 504 -14.44 4.77 -52.27
C THR I 504 -15.39 5.32 -53.30
N ILE I 505 -14.86 5.61 -54.49
CA ILE I 505 -15.65 6.15 -55.59
C ILE I 505 -15.42 5.30 -56.82
N GLY I 506 -16.46 5.13 -57.62
CA GLY I 506 -16.32 4.33 -58.82
C GLY I 506 -17.50 4.50 -59.75
N LEU I 507 -17.25 4.23 -61.02
CA LEU I 507 -18.32 4.25 -62.01
C LEU I 507 -19.25 3.07 -61.76
N SER I 508 -20.56 3.33 -61.80
CA SER I 508 -21.53 2.28 -61.55
C SER I 508 -21.69 1.40 -62.79
N ASN I 509 -22.64 0.47 -62.70
CA ASN I 509 -23.04 -0.31 -63.86
C ASN I 509 -23.58 0.57 -64.98
N LYS I 510 -24.14 1.74 -64.64
CA LYS I 510 -24.61 2.71 -65.62
C LYS I 510 -23.53 3.68 -66.05
N GLY I 511 -22.31 3.52 -65.53
CA GLY I 511 -21.19 4.37 -65.89
C GLY I 511 -21.10 5.68 -65.15
N MET I 512 -22.09 5.99 -64.31
CA MET I 512 -22.04 7.24 -63.57
C MET I 512 -21.18 7.08 -62.33
N PRO I 513 -20.44 8.09 -61.92
CA PRO I 513 -19.67 8.00 -60.68
C PRO I 513 -20.59 7.90 -59.47
N GLY I 514 -20.19 7.08 -58.51
CA GLY I 514 -20.92 6.95 -57.27
C GLY I 514 -19.96 6.76 -56.12
N LEU I 515 -20.38 7.26 -54.96
CA LEU I 515 -19.57 7.15 -53.74
C LEU I 515 -20.19 6.10 -52.83
N TYR I 516 -19.36 5.15 -52.39
CA TYR I 516 -19.78 4.08 -51.50
C TYR I 516 -18.93 4.14 -50.26
N ARG I 517 -19.50 3.77 -49.12
CA ARG I 517 -18.74 3.68 -47.88
C ARG I 517 -18.65 2.23 -47.45
N LEU I 518 -17.42 1.81 -47.16
CA LEU I 518 -17.12 0.44 -46.79
C LEU I 518 -16.80 0.39 -45.31
N GLU I 519 -17.48 -0.51 -44.59
CA GLU I 519 -17.29 -0.65 -43.15
C GLU I 519 -16.81 -2.06 -42.84
N LEU I 520 -15.72 -2.16 -42.08
CA LEU I 520 -15.16 -3.44 -41.69
C LEU I 520 -15.26 -3.61 -40.18
N GLN I 521 -15.79 -4.74 -39.76
CA GLN I 521 -15.83 -5.13 -38.35
C GLN I 521 -14.90 -6.31 -38.15
N VAL I 522 -13.98 -6.19 -37.19
CA VAL I 522 -12.93 -7.17 -36.96
C VAL I 522 -13.15 -7.78 -35.58
N THR I 523 -13.30 -9.10 -35.54
CA THR I 523 -13.43 -9.82 -34.28
C THR I 523 -12.38 -10.93 -34.25
N LYS I 524 -12.19 -11.51 -33.08
CA LYS I 524 -11.26 -12.64 -32.97
C LYS I 524 -11.88 -13.87 -33.61
N GLY I 525 -11.20 -14.40 -34.64
CA GLY I 525 -11.75 -15.51 -35.38
C GLY I 525 -10.73 -16.35 -36.11
N SER I 526 -11.14 -16.95 -37.23
CA SER I 526 -10.30 -17.89 -37.97
C SER I 526 -10.02 -17.41 -39.40
N GLY I 527 -9.93 -16.10 -39.60
CA GLY I 527 -9.65 -15.57 -40.92
C GLY I 527 -10.82 -15.58 -41.88
N LYS I 528 -12.04 -15.73 -41.37
CA LYS I 528 -13.21 -15.80 -42.24
C LYS I 528 -13.54 -14.41 -42.80
N LEU I 529 -14.03 -14.40 -44.03
CA LEU I 529 -14.44 -13.18 -44.71
C LEU I 529 -15.96 -13.21 -44.93
N ALA I 530 -16.64 -12.18 -44.43
CA ALA I 530 -18.07 -12.03 -44.61
C ALA I 530 -18.34 -10.74 -45.37
N THR I 531 -19.34 -10.78 -46.25
CA THR I 531 -19.64 -9.66 -47.13
C THR I 531 -21.12 -9.32 -47.08
N SER I 532 -21.43 -8.03 -47.19
CA SER I 532 -22.81 -7.58 -47.20
C SER I 532 -22.91 -6.22 -47.88
N GLY I 533 -24.08 -5.96 -48.46
CA GLY I 533 -24.34 -4.68 -49.11
C GLY I 533 -23.73 -4.55 -50.49
N LEU I 534 -23.22 -5.66 -51.03
CA LEU I 534 -22.56 -5.68 -52.33
C LEU I 534 -23.52 -5.66 -53.50
N TRP I 535 -24.81 -5.36 -53.26
CA TRP I 535 -25.83 -5.39 -54.30
C TRP I 535 -25.91 -6.78 -54.94
N ASN I 536 -25.61 -7.81 -54.15
CA ASN I 536 -25.46 -9.21 -54.56
C ASN I 536 -24.75 -9.34 -55.90
N SER I 537 -23.78 -8.46 -56.15
CA SER I 537 -23.03 -8.45 -57.40
C SER I 537 -21.84 -9.39 -57.28
N SER I 538 -21.74 -10.35 -58.19
CA SER I 538 -20.66 -11.34 -58.12
C SER I 538 -19.30 -10.70 -58.38
N SER I 539 -19.26 -9.67 -59.25
CA SER I 539 -17.99 -9.04 -59.59
C SER I 539 -17.35 -8.41 -58.36
N ALA I 540 -18.12 -7.65 -57.58
CA ALA I 540 -17.59 -7.04 -56.37
C ALA I 540 -17.20 -8.10 -55.35
N LYS I 541 -18.00 -9.17 -55.24
CA LYS I 541 -17.68 -10.26 -54.34
C LYS I 541 -16.32 -10.85 -54.67
N GLU I 542 -16.07 -11.12 -55.96
CA GLU I 542 -14.79 -11.71 -56.34
C GLU I 542 -13.65 -10.70 -56.20
N GLN I 543 -13.92 -9.43 -56.46
CA GLN I 543 -12.90 -8.40 -56.23
C GLN I 543 -12.44 -8.42 -54.77
N VAL I 544 -13.40 -8.45 -53.85
CA VAL I 544 -13.06 -8.49 -52.43
C VAL I 544 -12.35 -9.80 -52.10
N LYS I 545 -12.73 -10.89 -52.75
CA LYS I 545 -12.04 -12.16 -52.50
C LYS I 545 -10.57 -12.09 -52.91
N ILE I 546 -10.28 -11.55 -54.09
CA ILE I 546 -8.89 -11.38 -54.52
C ILE I 546 -8.15 -10.45 -53.56
N ALA I 547 -8.82 -9.39 -53.12
CA ALA I 547 -8.19 -8.45 -52.19
C ALA I 547 -7.81 -9.14 -50.90
N PHE I 548 -8.70 -9.96 -50.35
CA PHE I 548 -8.38 -10.66 -49.10
C PHE I 548 -7.32 -11.72 -49.31
N ASP I 549 -7.31 -12.35 -50.49
CA ASP I 549 -6.23 -13.29 -50.82
C ASP I 549 -4.88 -12.58 -50.80
N TYR I 550 -4.80 -11.41 -51.44
CA TYR I 550 -3.56 -10.64 -51.41
C TYR I 550 -3.21 -10.23 -49.97
N PHE I 551 -4.23 -9.83 -49.20
CA PHE I 551 -3.99 -9.40 -47.83
C PHE I 551 -3.40 -10.53 -46.99
N LYS I 552 -3.92 -11.74 -47.15
CA LYS I 552 -3.33 -12.90 -46.48
C LYS I 552 -1.91 -13.14 -46.98
N ALA I 553 -1.70 -13.02 -48.29
CA ALA I 553 -0.39 -13.30 -48.87
C ALA I 553 0.64 -12.25 -48.48
N ASN I 554 0.21 -10.99 -48.28
CA ASN I 554 1.12 -9.89 -48.00
C ASN I 554 0.85 -9.26 -46.64
N ALA I 555 0.49 -10.05 -45.64
CA ALA I 555 0.10 -9.49 -44.34
C ALA I 555 1.29 -8.92 -43.59
N SER I 556 2.43 -9.61 -43.62
CA SER I 556 3.56 -9.20 -42.81
C SER I 556 4.14 -7.87 -43.27
N ARG I 557 4.09 -7.58 -44.56
CA ARG I 557 4.63 -6.33 -45.08
C ARG I 557 3.89 -5.11 -44.56
N ILE I 558 2.57 -5.21 -44.39
CA ILE I 558 1.74 -4.08 -44.01
C ILE I 558 1.49 -4.03 -42.51
N SER I 559 1.03 -5.15 -41.93
CA SER I 559 0.62 -5.19 -40.54
C SER I 559 1.78 -5.20 -39.56
N GLY I 560 2.98 -5.56 -40.01
CA GLY I 560 4.15 -5.56 -39.14
C GLY I 560 4.15 -6.68 -38.12
N GLY I 561 3.26 -7.66 -38.29
CA GLY I 561 3.24 -8.80 -37.39
C GLY I 561 1.87 -9.33 -37.04
N SER I 562 0.83 -8.55 -37.32
CA SER I 562 -0.53 -8.98 -37.00
C SER I 562 -0.92 -10.15 -37.90
N LYS I 563 -1.61 -11.13 -37.32
CA LYS I 563 -2.02 -12.31 -38.07
C LYS I 563 -3.46 -12.15 -38.54
N VAL I 564 -3.65 -12.19 -39.86
CA VAL I 564 -4.99 -12.05 -40.43
C VAL I 564 -5.83 -13.26 -40.08
N MET I 565 -5.22 -14.45 -40.08
CA MET I 565 -5.94 -15.69 -39.82
C MET I 565 -6.49 -15.78 -38.41
N GLU I 566 -6.07 -14.93 -37.50
CA GLU I 566 -6.56 -14.93 -36.13
C GLU I 566 -7.75 -14.01 -35.92
N HIS I 567 -8.19 -13.31 -36.96
CA HIS I 567 -9.36 -12.44 -36.88
C HIS I 567 -10.30 -12.70 -38.04
N ASP I 568 -11.60 -12.59 -37.76
CA ASP I 568 -12.64 -12.66 -38.77
C ASP I 568 -13.13 -11.24 -39.09
N PHE I 569 -13.38 -11.01 -40.37
CA PHE I 569 -13.69 -9.68 -40.89
C PHE I 569 -15.05 -9.71 -41.57
N HIS I 570 -15.89 -8.73 -41.26
CA HIS I 570 -17.19 -8.54 -41.92
C HIS I 570 -17.18 -7.18 -42.60
N LEU I 571 -17.35 -7.17 -43.92
CA LEU I 571 -17.28 -5.94 -44.70
C LEU I 571 -18.64 -5.66 -45.33
N HIS I 572 -19.12 -4.42 -45.15
CA HIS I 572 -20.43 -4.01 -45.62
C HIS I 572 -20.32 -2.76 -46.48
N VAL I 573 -21.20 -2.65 -47.46
CA VAL I 573 -21.20 -1.57 -48.44
C VAL I 573 -22.48 -0.75 -48.27
N VAL I 574 -22.33 0.56 -48.18
CA VAL I 574 -23.48 1.46 -48.09
C VAL I 574 -23.31 2.54 -49.15
N GLU I 575 -24.28 2.66 -50.06
CA GLU I 575 -24.21 3.67 -51.10
C GLU I 575 -24.69 5.01 -50.56
N LEU I 576 -23.99 6.07 -50.93
CA LEU I 576 -24.29 7.42 -50.44
C LEU I 576 -25.08 8.26 -51.44
N GLN I 577 -25.09 7.89 -52.71
CA GLN I 577 -25.68 8.71 -53.76
C GLN I 577 -26.61 7.96 -54.70
N ASN I 578 -27.20 6.85 -54.26
CA ASN I 578 -28.22 6.05 -55.00
C ASN I 578 -27.90 5.94 -56.49
N THR I 579 -26.60 5.90 -56.81
CA THR I 579 -26.18 5.86 -58.21
C THR I 579 -26.30 4.47 -58.82
N GLY I 580 -25.96 3.42 -58.07
CA GLY I 580 -26.03 2.07 -58.57
C GLY I 580 -24.95 1.19 -58.00
N PRO I 581 -24.89 -0.07 -58.47
CA PRO I 581 -23.93 -1.02 -57.93
C PRO I 581 -22.51 -0.73 -58.41
N LEU I 582 -21.53 -1.06 -57.56
CA LEU I 582 -20.13 -0.95 -57.91
C LEU I 582 -19.56 -2.35 -58.14
N SER I 583 -18.66 -2.46 -59.12
CA SER I 583 -18.03 -3.74 -59.42
C SER I 583 -16.58 -3.79 -58.91
N HIS I 584 -15.81 -2.75 -59.18
CA HIS I 584 -14.38 -2.73 -58.85
C HIS I 584 -14.22 -2.37 -57.39
N LEU I 585 -13.79 -3.33 -56.57
CA LEU I 585 -13.68 -3.10 -55.14
C LEU I 585 -12.45 -3.73 -54.47
N ALA I 586 -11.53 -4.34 -55.21
CA ALA I 586 -10.42 -5.03 -54.58
C ALA I 586 -9.56 -4.07 -53.76
N LEU I 587 -9.11 -2.99 -54.40
CA LEU I 587 -8.18 -2.08 -53.72
C LEU I 587 -8.78 -1.40 -52.50
N PRO I 588 -9.98 -0.80 -52.56
CA PRO I 588 -10.54 -0.22 -51.32
C PRO I 588 -10.82 -1.26 -50.26
N SER I 589 -11.20 -2.48 -50.65
CA SER I 589 -11.41 -3.54 -49.67
C SER I 589 -10.12 -3.90 -48.96
N LEU I 590 -9.00 -3.97 -49.70
CA LEU I 590 -7.71 -4.20 -49.07
C LEU I 590 -7.35 -3.07 -48.11
N VAL I 591 -7.62 -1.83 -48.54
CA VAL I 591 -7.36 -0.69 -47.67
C VAL I 591 -8.16 -0.81 -46.37
N ALA I 592 -9.44 -1.15 -46.47
CA ALA I 592 -10.27 -1.31 -45.28
C ALA I 592 -9.77 -2.46 -44.41
N PHE I 593 -9.36 -3.56 -45.04
CA PHE I 593 -8.82 -4.69 -44.30
C PHE I 593 -7.65 -4.27 -43.44
N ALA I 594 -6.67 -3.59 -44.05
CA ALA I 594 -5.48 -3.19 -43.32
C ALA I 594 -5.82 -2.15 -42.26
N SER I 595 -6.73 -1.22 -42.57
CA SER I 595 -7.11 -0.20 -41.60
C SER I 595 -7.75 -0.83 -40.37
N GLY I 596 -8.64 -1.79 -40.58
CA GLY I 596 -9.28 -2.45 -39.46
C GLY I 596 -8.32 -3.30 -38.66
N LEU I 597 -7.46 -4.05 -39.36
CA LEU I 597 -6.56 -4.97 -38.66
C LEU I 597 -5.56 -4.23 -37.79
N LEU I 598 -4.95 -3.17 -38.32
CA LEU I 598 -3.97 -2.40 -37.57
C LEU I 598 -4.62 -1.52 -36.51
N GLY I 599 -5.90 -1.21 -36.64
CA GLY I 599 -6.61 -0.51 -35.59
C GLY I 599 -6.39 0.99 -35.55
N ARG I 600 -5.92 1.58 -36.64
CA ARG I 600 -5.78 3.02 -36.73
C ARG I 600 -6.66 3.54 -37.85
N SER I 601 -7.34 4.66 -37.60
CA SER I 601 -8.40 5.13 -38.47
C SER I 601 -7.87 5.58 -39.83
N VAL I 602 -8.72 5.44 -40.85
CA VAL I 602 -8.46 6.10 -42.11
C VAL I 602 -8.54 7.60 -41.90
N GLN I 603 -7.63 8.34 -42.54
CA GLN I 603 -7.55 9.78 -42.33
C GLN I 603 -8.82 10.46 -42.82
N SER I 604 -9.10 11.63 -42.25
CA SER I 604 -10.35 12.33 -42.50
C SER I 604 -10.49 12.70 -43.97
N GLN I 605 -11.67 12.43 -44.52
CA GLN I 605 -12.08 12.93 -45.84
C GLN I 605 -11.16 12.46 -46.95
N MET I 606 -10.61 11.25 -46.84
CA MET I 606 -9.97 10.62 -47.98
C MET I 606 -10.91 9.65 -48.67
N VAL I 607 -11.01 9.79 -49.99
CA VAL I 607 -11.64 8.81 -50.86
C VAL I 607 -10.52 8.09 -51.60
N VAL I 608 -10.52 6.76 -51.51
CA VAL I 608 -9.46 5.94 -52.09
C VAL I 608 -9.90 5.50 -53.47
N LEU I 609 -9.03 5.70 -54.45
CA LEU I 609 -9.36 5.42 -55.85
C LEU I 609 -8.49 4.30 -56.39
N GLY I 610 -8.70 3.98 -57.65
CA GLY I 610 -7.92 2.97 -58.34
C GLY I 610 -8.34 1.57 -57.95
N ASP I 611 -7.86 0.61 -58.75
CA ASP I 611 -8.12 -0.80 -58.51
C ASP I 611 -6.81 -1.57 -58.62
N MET I 612 -6.82 -2.78 -58.08
CA MET I 612 -5.61 -3.62 -58.03
C MET I 612 -5.92 -4.99 -58.60
N SER I 613 -4.86 -5.67 -59.02
CA SER I 613 -4.95 -7.06 -59.44
C SER I 613 -4.33 -7.97 -58.38
N LEU I 614 -4.36 -9.27 -58.67
CA LEU I 614 -3.76 -10.25 -57.76
C LEU I 614 -2.25 -10.07 -57.66
N GLY I 615 -1.59 -9.68 -58.75
CA GLY I 615 -0.14 -9.61 -58.77
C GLY I 615 0.46 -8.36 -58.19
N GLY I 616 -0.36 -7.42 -57.72
CA GLY I 616 0.16 -6.18 -57.19
C GLY I 616 0.21 -5.03 -58.17
N SER I 617 -0.53 -5.11 -59.27
CA SER I 617 -0.54 -4.05 -60.25
C SER I 617 -1.76 -3.15 -60.06
N VAL I 618 -1.57 -1.86 -60.31
CA VAL I 618 -2.62 -0.85 -60.15
C VAL I 618 -3.22 -0.53 -61.51
N THR I 619 -4.42 0.01 -61.51
CA THR I 619 -5.21 0.35 -62.69
C THR I 619 -5.60 1.82 -62.67
N PRO I 620 -5.51 2.52 -63.80
CA PRO I 620 -5.93 3.92 -63.83
C PRO I 620 -7.42 4.07 -63.62
N VAL I 621 -7.80 5.22 -63.07
CA VAL I 621 -9.21 5.50 -62.77
C VAL I 621 -9.87 6.12 -63.99
N GLU I 622 -11.00 5.55 -64.40
CA GLU I 622 -11.76 6.12 -65.52
C GLU I 622 -12.58 7.31 -65.04
N SER I 623 -12.66 8.33 -65.89
CA SER I 623 -13.41 9.55 -65.59
C SER I 623 -12.95 10.18 -64.28
N ILE I 624 -11.66 10.51 -64.22
CA ILE I 624 -11.10 11.04 -62.99
C ILE I 624 -11.66 12.42 -62.68
N ALA I 625 -12.01 13.18 -63.73
CA ALA I 625 -12.58 14.51 -63.52
C ALA I 625 -13.92 14.43 -62.80
N GLU I 626 -14.80 13.53 -63.25
CA GLU I 626 -16.08 13.37 -62.57
C GLU I 626 -15.90 12.76 -61.19
N CYS I 627 -14.91 11.89 -61.02
CA CYS I 627 -14.62 11.35 -59.70
C CYS I 627 -14.25 12.46 -58.72
N LEU I 628 -13.38 13.37 -59.15
CA LEU I 628 -13.02 14.50 -58.28
C LEU I 628 -14.19 15.43 -58.07
N GLN I 629 -15.01 15.64 -59.10
CA GLN I 629 -16.21 16.46 -58.96
C GLN I 629 -17.13 15.90 -57.88
N VAL I 630 -17.36 14.60 -57.91
CA VAL I 630 -18.23 13.97 -56.92
C VAL I 630 -17.59 14.00 -55.53
N ALA I 631 -16.28 13.75 -55.46
CA ALA I 631 -15.59 13.77 -54.17
C ALA I 631 -15.67 15.15 -53.53
N PHE I 632 -15.50 16.21 -54.32
CA PHE I 632 -15.68 17.55 -53.81
C PHE I 632 -17.14 17.80 -53.42
N ASP I 633 -18.06 17.29 -54.23
CA ASP I 633 -19.48 17.40 -53.88
C ASP I 633 -19.80 16.62 -52.62
N ALA I 634 -19.23 15.44 -52.47
CA ALA I 634 -19.47 14.60 -51.30
C ALA I 634 -18.76 15.11 -50.05
N GLY I 635 -17.86 16.08 -50.19
CA GLY I 635 -17.15 16.63 -49.05
C GLY I 635 -15.74 16.12 -48.86
N ALA I 636 -15.25 15.28 -49.77
CA ALA I 636 -13.89 14.78 -49.65
C ALA I 636 -12.88 15.87 -49.97
N LYS I 637 -11.85 15.96 -49.14
CA LYS I 637 -10.79 16.93 -49.34
C LYS I 637 -9.50 16.33 -49.88
N LYS I 638 -9.18 15.09 -49.52
CA LYS I 638 -7.92 14.46 -49.89
C LYS I 638 -8.20 13.20 -50.69
N VAL I 639 -7.40 12.98 -51.74
CA VAL I 639 -7.57 11.83 -52.62
C VAL I 639 -6.25 11.10 -52.74
N ALA I 640 -6.32 9.77 -52.78
CA ALA I 640 -5.17 8.93 -53.07
C ALA I 640 -5.35 8.33 -54.46
N LEU I 641 -4.35 8.49 -55.32
CA LEU I 641 -4.45 8.06 -56.69
C LEU I 641 -3.33 7.09 -57.04
N PRO I 642 -3.55 6.15 -57.94
CA PRO I 642 -2.44 5.33 -58.43
C PRO I 642 -1.50 6.16 -59.30
N MET I 643 -0.24 5.75 -59.32
CA MET I 643 0.76 6.48 -60.10
C MET I 643 0.41 6.49 -61.59
N SER I 644 -0.05 5.35 -62.11
CA SER I 644 -0.38 5.27 -63.54
C SER I 644 -1.49 6.23 -63.93
N SER I 645 -2.31 6.68 -62.98
CA SER I 645 -3.35 7.66 -63.25
C SER I 645 -2.82 9.06 -63.49
N ALA I 646 -1.58 9.35 -63.05
CA ALA I 646 -1.06 10.72 -63.14
C ALA I 646 -1.01 11.21 -64.59
N ALA I 647 -0.96 10.29 -65.55
CA ALA I 647 -0.95 10.69 -66.96
C ALA I 647 -2.17 11.51 -67.33
N ASP I 648 -3.28 11.34 -66.62
CA ASP I 648 -4.49 12.08 -66.90
C ASP I 648 -4.69 13.29 -65.99
N ILE I 649 -3.64 13.70 -65.25
CA ILE I 649 -3.73 14.94 -64.47
C ILE I 649 -4.08 16.14 -65.33
N PRO I 650 -3.50 16.34 -66.52
CA PRO I 650 -3.88 17.52 -67.33
C PRO I 650 -5.35 17.56 -67.69
N THR I 651 -6.04 16.42 -67.76
CA THR I 651 -7.46 16.40 -68.09
C THR I 651 -8.33 17.00 -67.00
N ILE I 652 -7.79 17.18 -65.79
CA ILE I 652 -8.55 17.73 -64.67
C ILE I 652 -8.51 19.26 -64.75
N PRO I 653 -9.65 19.93 -64.72
CA PRO I 653 -9.65 21.40 -64.73
C PRO I 653 -9.01 21.96 -63.47
N VAL I 654 -8.50 23.19 -63.56
CA VAL I 654 -7.68 23.76 -62.51
C VAL I 654 -8.45 23.88 -61.20
N GLU I 655 -9.63 24.51 -61.25
CA GLU I 655 -10.34 24.83 -60.01
C GLU I 655 -10.77 23.58 -59.27
N LEU I 656 -11.01 22.48 -59.99
CA LEU I 656 -11.36 21.23 -59.34
C LEU I 656 -10.13 20.56 -58.72
N PHE I 657 -8.99 20.63 -59.41
CA PHE I 657 -7.80 19.94 -58.91
C PHE I 657 -7.15 20.69 -57.76
N THR I 658 -7.44 22.00 -57.63
CA THR I 658 -6.84 22.76 -56.54
C THR I 658 -7.22 22.26 -55.15
N LYS I 659 -8.40 21.67 -55.00
CA LYS I 659 -8.92 21.41 -53.67
C LYS I 659 -8.41 20.12 -53.03
N PHE I 660 -7.65 19.31 -53.77
CA PHE I 660 -7.28 17.98 -53.30
C PHE I 660 -5.79 17.89 -53.02
N GLN I 661 -5.46 17.39 -51.82
CA GLN I 661 -4.08 17.05 -51.47
C GLN I 661 -3.80 15.67 -52.04
N THR I 662 -3.43 15.63 -53.32
CA THR I 662 -3.37 14.38 -54.07
C THR I 662 -2.20 13.53 -53.60
N SER I 663 -2.42 12.21 -53.51
CA SER I 663 -1.42 11.26 -53.06
C SER I 663 -1.28 10.17 -54.13
N PHE I 664 -0.05 9.90 -54.55
CA PHE I 664 0.20 8.92 -55.60
C PHE I 664 0.99 7.74 -55.07
N TYR I 665 0.53 6.54 -55.39
CA TYR I 665 1.14 5.30 -54.93
C TYR I 665 1.51 4.43 -56.13
N ALA I 666 2.45 3.51 -55.91
CA ALA I 666 2.93 2.63 -56.97
C ALA I 666 2.39 1.21 -56.87
N ASP I 667 2.30 0.65 -55.66
CA ASP I 667 1.81 -0.71 -55.48
C ASP I 667 0.74 -0.68 -54.39
N PRO I 668 -0.10 -1.72 -54.32
CA PRO I 668 -1.19 -1.69 -53.34
C PRO I 668 -0.73 -1.49 -51.90
N VAL I 669 0.45 -1.99 -51.54
CA VAL I 669 0.98 -1.75 -50.20
C VAL I 669 1.20 -0.26 -49.98
N ASP I 670 1.79 0.43 -50.96
CA ASP I 670 1.97 1.87 -50.82
C ASP I 670 0.63 2.59 -50.78
N ALA I 671 -0.34 2.10 -51.55
CA ALA I 671 -1.69 2.67 -51.48
C ALA I 671 -2.25 2.57 -50.07
N VAL I 672 -2.10 1.40 -49.44
CA VAL I 672 -2.58 1.21 -48.07
C VAL I 672 -1.87 2.16 -47.13
N PHE I 673 -0.55 2.23 -47.20
CA PHE I 673 0.19 3.06 -46.26
C PHE I 673 -0.13 4.54 -46.45
N LYS I 674 -0.33 4.97 -47.69
CA LYS I 674 -0.61 6.38 -47.95
C LYS I 674 -2.03 6.74 -47.52
N GLY I 675 -3.01 5.89 -47.82
CA GLY I 675 -4.36 6.14 -47.37
C GLY I 675 -4.49 6.12 -45.86
N LEU I 676 -3.83 5.16 -45.21
CA LEU I 676 -3.82 5.05 -43.77
C LEU I 676 -3.03 6.16 -43.09
N GLY I 677 -1.93 6.60 -43.69
CA GLY I 677 -1.13 7.66 -43.11
C GLY I 677 0.23 7.19 -42.62
N ALA J 4 -75.16 34.09 21.52
CA ALA J 4 -76.45 34.38 20.90
C ALA J 4 -76.55 33.72 19.52
N ASN J 5 -75.52 33.95 18.69
CA ASN J 5 -75.51 33.36 17.35
C ASN J 5 -75.47 31.84 17.42
N ASP J 6 -74.70 31.29 18.36
CA ASP J 6 -74.66 29.84 18.55
C ASP J 6 -76.03 29.32 18.93
N LYS J 7 -76.72 30.02 19.83
CA LYS J 7 -78.07 29.63 20.19
C LYS J 7 -79.00 29.68 18.98
N GLU J 8 -78.85 30.71 18.15
CA GLU J 8 -79.62 30.81 16.91
C GLU J 8 -79.39 29.58 16.04
N LEU J 9 -78.13 29.18 15.89
CA LEU J 9 -77.81 27.94 15.20
C LEU J 9 -78.52 26.76 15.85
N ASP J 10 -78.62 26.76 17.17
CA ASP J 10 -79.28 25.66 17.87
C ASP J 10 -80.75 25.55 17.46
N GLN J 11 -81.50 26.66 17.51
CA GLN J 11 -82.92 26.51 17.16
C GLN J 11 -83.08 26.26 15.67
N LEU J 12 -82.17 26.80 14.85
CA LEU J 12 -82.22 26.50 13.42
C LEU J 12 -82.05 25.02 13.16
N LEU J 13 -81.04 24.41 13.78
CA LEU J 13 -80.81 22.97 13.62
C LEU J 13 -81.99 22.17 14.13
N ASN J 14 -82.52 22.52 15.30
CA ASN J 14 -83.63 21.76 15.85
C ASN J 14 -84.90 21.93 15.04
N GLU J 15 -85.07 23.08 14.40
CA GLU J 15 -86.23 23.32 13.56
C GLU J 15 -86.15 22.54 12.25
N HIS J 16 -84.98 22.54 11.62
CA HIS J 16 -84.86 21.99 10.28
C HIS J 16 -84.24 20.60 10.25
N PHE J 17 -83.44 20.25 11.24
CA PHE J 17 -82.82 18.92 11.33
C PHE J 17 -83.23 18.23 12.62
N ALA J 18 -84.53 18.26 12.93
CA ALA J 18 -85.06 17.61 14.12
C ALA J 18 -84.72 16.13 14.12
N GLY J 19 -84.18 15.63 15.23
CA GLY J 19 -83.75 14.25 15.29
C GLY J 19 -82.45 13.98 14.55
N ARG J 20 -81.66 15.01 14.28
CA ARG J 20 -80.37 14.84 13.62
C ARG J 20 -79.26 15.68 14.27
N VAL J 21 -79.44 16.09 15.52
CA VAL J 21 -78.44 16.89 16.22
C VAL J 21 -78.17 16.25 17.57
N VAL J 22 -77.00 16.57 18.14
CA VAL J 22 -76.58 15.93 19.37
C VAL J 22 -75.43 16.71 20.02
N ARG J 23 -75.40 16.70 21.36
CA ARG J 23 -74.23 17.16 22.08
C ARG J 23 -73.04 16.26 21.75
N LYS J 24 -71.84 16.84 21.72
CA LYS J 24 -70.68 16.07 21.30
C LYS J 24 -69.98 15.38 22.46
N ASP J 25 -70.00 15.95 23.66
CA ASP J 25 -69.35 15.31 24.80
C ASP J 25 -70.01 13.98 25.15
N LEU J 26 -71.34 13.89 25.00
CA LEU J 26 -72.06 12.67 25.34
C LEU J 26 -71.56 11.49 24.50
N THR J 27 -71.22 11.75 23.24
CA THR J 27 -70.71 10.68 22.38
C THR J 27 -69.46 10.06 22.98
N LYS J 28 -68.51 10.90 23.43
CA LYS J 28 -67.31 10.38 24.08
C LYS J 28 -67.65 9.69 25.38
N LEU J 29 -68.55 10.29 26.17
CA LEU J 29 -68.94 9.70 27.45
C LEU J 29 -69.54 8.32 27.28
N ILE J 30 -70.11 8.02 26.12
CA ILE J 30 -70.62 6.68 25.85
C ILE J 30 -69.56 5.79 25.22
N LYS J 31 -68.84 6.27 24.22
CA LYS J 31 -67.83 5.44 23.57
C LYS J 31 -66.61 5.20 24.47
N GLU J 32 -66.66 5.69 25.72
CA GLU J 32 -65.73 5.23 26.75
C GLU J 32 -65.50 3.74 26.61
N GLY J 33 -66.58 2.98 26.45
CA GLY J 33 -66.54 1.60 26.03
C GLY J 33 -67.87 1.26 25.41
N ALA J 34 -67.86 0.73 24.18
CA ALA J 34 -69.09 0.56 23.42
C ALA J 34 -68.89 -0.53 22.39
N ASN J 35 -69.68 -1.59 22.49
CA ASN J 35 -69.61 -2.69 21.53
C ASN J 35 -70.11 -2.24 20.15
N VAL J 36 -71.23 -1.52 20.12
CA VAL J 36 -71.79 -1.01 18.87
C VAL J 36 -70.96 0.17 18.40
N PRO J 37 -70.98 0.52 17.11
CA PRO J 37 -70.14 1.64 16.64
C PRO J 37 -70.67 3.00 17.08
N VAL J 38 -69.95 4.06 16.71
CA VAL J 38 -70.19 5.38 17.28
C VAL J 38 -71.51 5.95 16.78
N TYR J 39 -71.82 5.78 15.49
CA TYR J 39 -73.01 6.40 14.93
C TYR J 39 -74.28 5.82 15.52
N VAL J 40 -74.24 4.55 15.96
CA VAL J 40 -75.36 3.98 16.70
C VAL J 40 -75.63 4.77 17.97
N LEU J 41 -74.58 5.01 18.75
CA LEU J 41 -74.73 5.77 19.99
C LEU J 41 -75.21 7.19 19.69
N GLU J 42 -74.67 7.79 18.63
CA GLU J 42 -75.03 9.16 18.30
C GLU J 42 -76.49 9.28 17.88
N TYR J 43 -76.99 8.34 17.08
CA TYR J 43 -78.41 8.36 16.72
C TYR J 43 -79.27 8.12 17.95
N LEU J 44 -78.84 7.21 18.83
CA LEU J 44 -79.60 6.97 20.06
C LEU J 44 -79.71 8.24 20.90
N LEU J 45 -78.59 8.96 21.06
CA LEU J 45 -78.62 10.22 21.79
C LEU J 45 -79.51 11.24 21.10
N GLY J 46 -79.43 11.31 19.77
CA GLY J 46 -80.26 12.25 19.04
C GLY J 46 -81.75 11.99 19.23
N MET J 47 -82.14 10.72 19.32
CA MET J 47 -83.53 10.39 19.53
C MET J 47 -83.94 10.32 21.00
N TYR J 48 -82.99 10.41 21.93
CA TYR J 48 -83.30 10.55 23.36
C TYR J 48 -83.10 11.96 23.91
N CYS J 49 -82.65 12.90 23.09
CA CYS J 49 -82.40 14.26 23.56
C CYS J 49 -83.50 15.19 23.06
N ALA J 50 -84.11 15.92 23.99
CA ALA J 50 -85.17 16.86 23.66
C ALA J 50 -84.86 18.29 24.07
N SER J 51 -84.31 18.50 25.26
CA SER J 51 -83.99 19.84 25.75
C SER J 51 -82.89 19.74 26.78
N ASP J 52 -82.19 20.85 26.99
CA ASP J 52 -81.10 20.89 27.97
C ASP J 52 -81.64 20.69 29.38
N ASP J 53 -81.36 19.55 29.97
CA ASP J 53 -81.75 19.28 31.35
C ASP J 53 -80.83 18.21 31.94
N PRO J 54 -80.12 18.51 33.03
CA PRO J 54 -79.19 17.53 33.60
C PRO J 54 -79.89 16.27 34.07
N GLU J 55 -81.20 16.36 34.33
CA GLU J 55 -82.01 15.21 34.70
C GLU J 55 -82.49 14.44 33.48
N ILE J 56 -82.90 15.14 32.43
CA ILE J 56 -83.28 14.47 31.19
C ILE J 56 -82.05 13.85 30.52
N ILE J 57 -80.94 14.58 30.50
CA ILE J 57 -79.72 14.07 29.86
C ILE J 57 -79.24 12.81 30.57
N GLU J 58 -79.14 12.85 31.89
CA GLU J 58 -78.64 11.69 32.62
C GLU J 58 -79.61 10.52 32.52
N GLN J 59 -80.92 10.82 32.49
CA GLN J 59 -81.91 9.77 32.28
C GLN J 59 -81.72 9.10 30.93
N GLY J 60 -81.48 9.90 29.88
CA GLY J 60 -81.23 9.32 28.57
C GLY J 60 -79.96 8.51 28.52
N LEU J 61 -78.92 8.98 29.21
CA LEU J 61 -77.68 8.21 29.30
C LEU J 61 -77.89 6.87 29.99
N ARG J 62 -78.65 6.87 31.09
CA ARG J 62 -78.97 5.62 31.76
C ARG J 62 -79.76 4.70 30.85
N ASN J 63 -80.71 5.26 30.09
CA ASN J 63 -81.50 4.46 29.17
C ASN J 63 -80.62 3.85 28.09
N VAL J 64 -79.67 4.62 27.57
CA VAL J 64 -78.78 4.11 26.53
C VAL J 64 -77.91 2.98 27.07
N LYS J 65 -77.35 3.18 28.26
CA LYS J 65 -76.53 2.14 28.86
C LYS J 65 -77.35 0.89 29.14
N THR J 66 -78.61 1.07 29.57
CA THR J 66 -79.48 -0.07 29.79
C THR J 66 -79.75 -0.82 28.49
N VAL J 67 -80.02 -0.08 27.42
CA VAL J 67 -80.30 -0.72 26.13
C VAL J 67 -79.09 -1.51 25.65
N LEU J 68 -77.90 -0.92 25.73
CA LEU J 68 -76.71 -1.64 25.31
C LEU J 68 -76.35 -2.75 26.30
N ALA J 69 -76.93 -2.72 27.49
CA ALA J 69 -76.58 -3.69 28.52
C ALA J 69 -77.35 -5.00 28.38
N GLU J 70 -78.67 -4.93 28.44
CA GLU J 70 -79.48 -6.14 28.55
C GLU J 70 -80.02 -6.58 27.19
N ASN J 71 -79.44 -6.08 26.12
CA ASN J 71 -79.92 -6.49 24.79
C ASN J 71 -78.76 -6.90 23.88
N TYR J 72 -77.54 -6.50 24.21
CA TYR J 72 -76.42 -6.84 23.34
C TYR J 72 -76.11 -8.33 23.39
N VAL J 73 -75.83 -8.90 22.22
CA VAL J 73 -75.52 -10.32 22.10
C VAL J 73 -74.03 -10.52 21.87
N ARG J 74 -73.41 -11.29 22.74
CA ARG J 74 -72.02 -11.67 22.52
C ARG J 74 -72.01 -12.72 21.42
N PRO J 75 -71.19 -12.57 20.39
CA PRO J 75 -71.17 -13.55 19.29
C PRO J 75 -70.94 -14.97 19.80
N ASP J 76 -70.04 -15.10 20.77
CA ASP J 76 -69.83 -16.38 21.43
C ASP J 76 -71.11 -16.90 22.06
N GLU J 77 -71.92 -16.01 22.64
CA GLU J 77 -73.19 -16.39 23.26
C GLU J 77 -74.30 -16.55 22.24
N ALA J 78 -73.99 -16.39 20.95
CA ALA J 78 -75.03 -16.31 19.93
C ALA J 78 -75.99 -17.49 20.01
N GLU J 79 -75.46 -18.71 20.01
CA GLU J 79 -76.30 -19.90 20.05
C GLU J 79 -77.25 -19.87 21.25
N LYS J 80 -76.74 -19.45 22.41
CA LYS J 80 -77.58 -19.39 23.60
C LYS J 80 -78.84 -18.57 23.34
N VAL J 81 -78.70 -17.45 22.62
CA VAL J 81 -79.86 -16.60 22.37
C VAL J 81 -80.95 -17.38 21.65
N LYS J 82 -80.57 -18.21 20.67
CA LYS J 82 -81.56 -18.99 19.96
C LYS J 82 -82.39 -19.82 20.92
N SER J 83 -81.73 -20.44 21.91
CA SER J 83 -82.47 -21.24 22.87
C SER J 83 -83.47 -20.38 23.62
N LEU J 84 -83.07 -19.17 24.02
CA LEU J 84 -84.01 -18.28 24.69
C LEU J 84 -85.19 -17.96 23.78
N VAL J 85 -84.93 -17.85 22.48
CA VAL J 85 -86.03 -17.64 21.54
C VAL J 85 -86.94 -18.86 21.52
N ARG J 86 -86.35 -20.05 21.57
CA ARG J 86 -87.15 -21.27 21.47
C ARG J 86 -88.02 -21.45 22.71
N GLU J 87 -87.46 -21.18 23.89
CA GLU J 87 -88.21 -21.44 25.12
C GLU J 87 -89.19 -20.33 25.44
N ARG J 88 -88.76 -19.07 25.31
CA ARG J 88 -89.61 -17.94 25.69
C ARG J 88 -90.58 -17.52 24.59
N GLY J 89 -90.48 -18.11 23.40
CA GLY J 89 -91.38 -17.75 22.32
C GLY J 89 -90.92 -16.54 21.54
N SER J 90 -90.34 -15.56 22.23
CA SER J 90 -89.83 -14.36 21.59
C SER J 90 -88.77 -13.73 22.48
N TYR J 91 -87.85 -13.00 21.85
CA TYR J 91 -86.73 -12.43 22.57
C TYR J 91 -86.22 -11.19 21.85
N LYS J 92 -85.85 -10.17 22.61
CA LYS J 92 -85.34 -8.93 22.05
C LYS J 92 -83.82 -8.99 21.95
N VAL J 93 -83.27 -8.40 20.90
CA VAL J 93 -81.82 -8.37 20.70
C VAL J 93 -81.46 -7.16 19.85
N ILE J 94 -80.24 -6.67 20.02
CA ILE J 94 -79.69 -5.60 19.20
C ILE J 94 -78.63 -6.20 18.30
N ASP J 95 -78.78 -6.01 16.99
CA ASP J 95 -77.86 -6.65 16.05
C ASP J 95 -77.96 -5.99 14.69
N ARG J 96 -76.96 -6.26 13.86
CA ARG J 96 -76.90 -5.74 12.50
C ARG J 96 -77.63 -6.71 11.57
N VAL J 97 -78.71 -6.23 10.95
CA VAL J 97 -79.57 -7.05 10.11
C VAL J 97 -79.38 -6.63 8.66
N THR J 98 -79.26 -7.62 7.78
CA THR J 98 -79.25 -7.39 6.34
C THR J 98 -80.29 -8.28 5.66
N VAL J 99 -81.11 -7.67 4.80
CA VAL J 99 -82.23 -8.37 4.20
C VAL J 99 -81.96 -8.62 2.73
N LYS J 100 -82.25 -9.83 2.29
CA LYS J 100 -82.17 -10.21 0.88
C LYS J 100 -83.52 -10.80 0.45
N LEU J 101 -83.74 -10.84 -0.86
CA LEU J 101 -84.95 -11.43 -1.41
C LEU J 101 -84.66 -12.81 -1.95
N ASN J 102 -85.25 -13.84 -1.35
CA ASN J 102 -85.18 -15.19 -1.88
C ASN J 102 -86.39 -15.38 -2.79
N GLU J 103 -86.14 -15.33 -4.09
CA GLU J 103 -87.21 -15.47 -5.07
C GLU J 103 -87.72 -16.90 -5.15
N ARG J 104 -86.84 -17.88 -4.90
CA ARG J 104 -87.25 -19.27 -4.99
C ARG J 104 -88.38 -19.60 -4.03
N LYS J 105 -88.44 -18.91 -2.89
CA LYS J 105 -89.57 -18.98 -1.98
C LYS J 105 -90.41 -17.70 -2.01
N ASP J 106 -89.97 -16.69 -2.75
CA ASP J 106 -90.68 -15.41 -2.84
C ASP J 106 -90.91 -14.81 -1.46
N LYS J 107 -89.83 -14.65 -0.72
CA LYS J 107 -89.93 -14.07 0.61
C LYS J 107 -88.62 -13.40 0.98
N TYR J 108 -88.66 -12.54 1.98
CA TYR J 108 -87.48 -11.80 2.40
C TYR J 108 -86.80 -12.51 3.57
N GLU J 109 -85.52 -12.81 3.37
CA GLU J 109 -84.70 -13.49 4.35
C GLU J 109 -83.76 -12.48 5.00
N ALA J 110 -83.82 -12.39 6.32
CA ALA J 110 -82.95 -11.49 7.08
C ALA J 110 -81.82 -12.29 7.69
N SER J 111 -80.63 -11.69 7.69
CA SER J 111 -79.42 -12.29 8.23
C SER J 111 -78.89 -11.41 9.35
N PHE J 112 -78.60 -12.03 10.48
CA PHE J 112 -78.05 -11.36 11.65
C PHE J 112 -76.55 -11.62 11.68
N SER J 113 -75.76 -10.56 11.76
CA SER J 113 -74.31 -10.70 11.65
C SER J 113 -73.74 -11.51 12.81
N ASN J 114 -74.19 -11.23 14.04
CA ASN J 114 -73.58 -11.89 15.19
C ASN J 114 -74.25 -13.22 15.51
N LEU J 115 -75.59 -13.26 15.53
CA LEU J 115 -76.27 -14.51 15.85
C LEU J 115 -76.01 -15.60 14.83
N GLY J 116 -75.63 -15.24 13.61
CA GLY J 116 -75.38 -16.24 12.60
C GLY J 116 -76.63 -16.77 11.92
N ILE J 117 -77.81 -16.30 12.32
CA ILE J 117 -79.02 -16.64 11.59
C ILE J 117 -78.97 -15.99 10.23
N LYS J 118 -79.15 -16.80 9.17
CA LYS J 118 -78.98 -16.31 7.82
C LYS J 118 -80.29 -16.18 7.05
N ASP J 119 -81.35 -16.84 7.50
CA ASP J 119 -82.57 -16.86 6.70
C ASP J 119 -83.85 -16.66 7.52
N ALA J 120 -83.87 -15.72 8.46
CA ALA J 120 -85.09 -15.50 9.22
C ALA J 120 -86.13 -14.77 8.37
N GLU J 121 -87.32 -15.33 8.26
CA GLU J 121 -88.35 -14.70 7.44
C GLU J 121 -88.73 -13.34 8.01
N ILE J 122 -88.85 -12.34 7.15
CA ILE J 122 -89.24 -11.00 7.57
C ILE J 122 -90.31 -10.48 6.64
N SER J 123 -91.31 -9.81 7.21
CA SER J 123 -92.43 -9.30 6.44
C SER J 123 -91.98 -8.22 5.46
N ALA J 124 -92.70 -8.10 4.35
CA ALA J 124 -92.37 -7.11 3.34
C ALA J 124 -92.60 -5.70 3.84
N GLY J 125 -93.57 -5.50 4.74
CA GLY J 125 -93.87 -4.17 5.20
C GLY J 125 -92.71 -3.53 5.95
N ILE J 126 -92.04 -4.31 6.80
CA ILE J 126 -90.89 -3.80 7.53
C ILE J 126 -89.79 -3.39 6.56
N VAL J 127 -89.54 -4.23 5.55
CA VAL J 127 -88.53 -3.92 4.55
C VAL J 127 -88.88 -2.63 3.82
N LYS J 128 -90.14 -2.47 3.44
CA LYS J 128 -90.57 -1.25 2.78
C LYS J 128 -90.37 -0.03 3.68
N GLU J 129 -90.62 -0.19 4.97
CA GLU J 129 -90.51 0.93 5.90
C GLU J 129 -89.06 1.41 6.03
N TYR J 130 -88.10 0.49 6.02
CA TYR J 130 -86.68 0.81 6.17
C TYR J 130 -85.91 0.17 5.02
N GLU J 131 -85.70 0.95 3.95
CA GLU J 131 -85.07 0.40 2.76
C GLU J 131 -83.57 0.14 2.97
N LYS J 132 -82.96 0.81 3.95
CA LYS J 132 -81.53 0.62 4.16
C LYS J 132 -81.19 -0.80 4.57
N LEU J 133 -82.19 -1.59 4.97
CA LEU J 133 -81.96 -3.00 5.23
C LEU J 133 -81.41 -3.71 4.00
N LEU J 134 -81.90 -3.34 2.82
CA LEU J 134 -81.52 -4.04 1.60
C LEU J 134 -80.15 -3.64 1.07
N VAL J 135 -79.62 -2.49 1.49
CA VAL J 135 -78.40 -1.96 0.91
C VAL J 135 -77.15 -2.41 1.66
N GLY J 136 -77.06 -2.15 2.96
CA GLY J 136 -75.88 -2.54 3.69
C GLY J 136 -76.17 -3.17 5.04
N GLY J 137 -77.44 -3.22 5.42
CA GLY J 137 -77.82 -3.74 6.71
C GLY J 137 -77.57 -2.73 7.80
N ILE J 138 -78.48 -2.64 8.77
CA ILE J 138 -78.42 -1.61 9.79
C ILE J 138 -78.52 -2.25 11.17
N TRP J 139 -78.05 -1.53 12.18
CA TRP J 139 -78.19 -1.99 13.55
C TRP J 139 -79.61 -1.73 14.04
N VAL J 140 -80.25 -2.76 14.58
CA VAL J 140 -81.66 -2.69 14.92
C VAL J 140 -81.93 -3.42 16.24
N ILE J 141 -83.01 -3.01 16.88
CA ILE J 141 -83.64 -3.78 17.96
C ILE J 141 -84.68 -4.68 17.31
N ALA J 142 -84.51 -5.99 17.46
CA ALA J 142 -85.36 -6.98 16.84
C ALA J 142 -86.02 -7.85 17.90
N THR J 143 -87.31 -8.11 17.71
CA THR J 143 -88.05 -9.03 18.56
C THR J 143 -88.20 -10.34 17.82
N LEU J 144 -87.22 -11.22 17.94
CA LEU J 144 -87.23 -12.50 17.25
C LEU J 144 -88.31 -13.39 17.82
N SER J 145 -89.03 -14.06 16.93
CA SER J 145 -90.10 -14.99 17.30
C SER J 145 -89.81 -16.36 16.71
N TYR J 146 -90.19 -17.40 17.44
CA TYR J 146 -89.92 -18.78 17.06
C TYR J 146 -91.24 -19.50 16.82
N TYR J 147 -91.30 -20.26 15.73
CA TYR J 147 -92.49 -21.03 15.38
C TYR J 147 -92.08 -22.17 14.46
N PHE J 148 -92.30 -23.40 14.90
CA PHE J 148 -91.84 -24.58 14.18
C PHE J 148 -93.03 -25.46 13.84
N GLU J 149 -93.18 -25.80 12.56
CA GLU J 149 -94.13 -26.79 12.11
C GLU J 149 -93.38 -27.93 11.43
N GLU J 150 -93.70 -29.16 11.80
CA GLU J 150 -92.96 -30.31 11.28
C GLU J 150 -93.06 -30.36 9.75
N GLY J 151 -91.91 -30.60 9.12
CA GLY J 151 -91.84 -30.67 7.68
C GLY J 151 -91.68 -29.33 6.97
N GLN J 152 -91.70 -28.22 7.70
CA GLN J 152 -91.56 -26.91 7.08
C GLN J 152 -90.16 -26.74 6.51
N THR J 153 -90.07 -25.99 5.42
CA THR J 153 -88.79 -25.70 4.79
C THR J 153 -88.25 -24.31 5.14
N SER J 154 -89.11 -23.39 5.55
CA SER J 154 -88.67 -22.09 6.01
C SER J 154 -88.12 -22.19 7.42
N SER J 155 -87.12 -21.37 7.71
CA SER J 155 -86.50 -21.39 9.03
C SER J 155 -87.51 -20.94 10.09
N PRO J 156 -87.53 -21.59 11.25
CA PRO J 156 -88.53 -21.24 12.26
C PRO J 156 -88.39 -19.83 12.81
N PHE J 157 -87.23 -19.21 12.72
CA PHE J 157 -87.00 -17.89 13.30
C PHE J 157 -87.63 -16.82 12.44
N GLY J 158 -88.49 -16.01 13.05
CA GLY J 158 -89.09 -14.88 12.38
C GLY J 158 -88.83 -13.61 13.15
N VAL J 159 -88.94 -12.49 12.44
CA VAL J 159 -88.74 -11.17 13.03
C VAL J 159 -90.09 -10.49 13.11
N SER J 160 -90.53 -10.21 14.33
CA SER J 160 -91.84 -9.62 14.54
C SER J 160 -91.82 -8.10 14.56
N LEU J 161 -91.00 -7.50 15.43
CA LEU J 161 -90.90 -6.06 15.53
C LEU J 161 -89.46 -5.64 15.30
N LEU J 162 -89.28 -4.58 14.52
CA LEU J 162 -87.95 -4.09 14.17
C LEU J 162 -87.89 -2.59 14.38
N LYS J 163 -86.87 -2.14 15.10
CA LYS J 163 -86.65 -0.72 15.37
C LYS J 163 -85.24 -0.34 14.91
N PRO J 164 -85.13 0.47 13.85
CA PRO J 164 -83.81 0.89 13.39
C PRO J 164 -83.08 1.73 14.42
N ILE J 165 -81.75 1.66 14.44
CA ILE J 165 -80.96 2.41 15.40
C ILE J 165 -80.00 3.30 14.62
N GLN J 166 -80.07 3.23 13.30
CA GLN J 166 -79.56 4.27 12.43
C GLN J 166 -80.77 4.97 11.81
N MET J 167 -80.51 6.04 11.06
CA MET J 167 -81.59 6.66 10.32
C MET J 167 -81.89 5.81 9.09
N PRO J 168 -83.11 5.29 8.93
CA PRO J 168 -83.36 4.36 7.83
C PRO J 168 -83.49 5.04 6.48
N ASN J 169 -83.81 6.33 6.45
CA ASN J 169 -84.14 7.00 5.20
C ASN J 169 -83.47 8.35 5.15
N MET J 170 -83.14 8.80 3.94
CA MET J 170 -82.51 10.09 3.72
C MET J 170 -83.40 10.93 2.81
N ASN J 171 -84.08 11.92 3.39
CA ASN J 171 -84.93 12.85 2.62
C ASN J 171 -84.10 14.09 2.33
N MET J 172 -83.44 14.11 1.17
CA MET J 172 -82.56 15.23 0.85
C MET J 172 -83.30 16.51 0.54
N ASP J 173 -84.60 16.44 0.23
CA ASP J 173 -85.36 17.67 0.08
C ASP J 173 -85.39 18.45 1.40
N GLU J 174 -85.58 17.73 2.51
CA GLU J 174 -85.54 18.36 3.82
C GLU J 174 -84.16 18.94 4.11
N LEU J 175 -83.11 18.23 3.71
CA LEU J 175 -81.75 18.75 3.89
C LEU J 175 -81.55 20.03 3.09
N PHE J 176 -82.04 20.05 1.86
CA PHE J 176 -81.92 21.25 1.03
C PHE J 176 -82.65 22.42 1.68
N SER J 177 -83.87 22.16 2.18
CA SER J 177 -84.63 23.22 2.83
C SER J 177 -83.89 23.75 4.07
N GLY J 178 -83.36 22.84 4.87
CA GLY J 178 -82.63 23.25 6.06
C GLY J 178 -81.38 24.06 5.74
N ARG J 179 -80.63 23.63 4.73
CA ARG J 179 -79.44 24.37 4.33
C ARG J 179 -79.82 25.75 3.81
N ALA J 180 -80.87 25.83 2.99
CA ALA J 180 -81.33 27.12 2.49
C ALA J 180 -81.80 28.02 3.63
N ALA J 181 -82.28 27.43 4.73
CA ALA J 181 -82.72 28.20 5.87
C ALA J 181 -81.57 28.82 6.66
N LEU J 182 -80.32 28.45 6.36
CA LEU J 182 -79.15 28.98 7.05
C LEU J 182 -78.24 29.71 6.09
N SER J 183 -77.47 30.66 6.62
CA SER J 183 -76.47 31.33 5.82
C SER J 183 -75.30 30.40 5.55
N THR J 184 -74.55 30.70 4.49
CA THR J 184 -73.46 29.83 4.06
C THR J 184 -72.43 29.65 5.15
N ASP J 185 -72.04 30.75 5.81
CA ASP J 185 -71.07 30.64 6.91
C ASP J 185 -71.62 29.77 8.03
N GLN J 186 -72.92 29.93 8.34
CA GLN J 186 -73.54 29.13 9.39
C GLN J 186 -73.49 27.65 9.05
N TRP J 187 -73.75 27.30 7.79
CA TRP J 187 -73.61 25.92 7.34
C TRP J 187 -72.18 25.44 7.49
N ARG J 188 -71.21 26.30 7.18
CA ARG J 188 -69.81 25.94 7.36
C ARG J 188 -69.50 25.60 8.81
N GLU J 189 -69.96 26.45 9.74
CA GLU J 189 -69.71 26.14 11.14
C GLU J 189 -70.45 24.88 11.57
N SER J 190 -71.62 24.62 10.99
CA SER J 190 -72.35 23.40 11.32
C SER J 190 -71.56 22.17 10.93
N LEU J 191 -71.03 22.14 9.70
CA LEU J 191 -70.20 21.01 9.28
C LEU J 191 -68.94 20.90 10.12
N ILE J 192 -68.32 22.03 10.46
CA ILE J 192 -67.13 21.97 11.30
C ILE J 192 -67.49 21.38 12.67
N ARG J 193 -68.66 21.72 13.18
CA ARG J 193 -69.12 21.14 14.44
C ARG J 193 -69.36 19.64 14.32
N SER J 194 -69.90 19.20 13.19
CA SER J 194 -70.32 17.81 13.06
C SER J 194 -69.16 16.83 13.22
N ILE J 195 -67.94 17.26 12.91
CA ILE J 195 -66.76 16.41 13.11
C ILE J 195 -66.43 16.39 14.59
N GLY J 196 -66.92 17.38 15.32
CA GLY J 196 -66.52 17.59 16.70
C GLY J 196 -65.57 18.75 16.90
N MET J 197 -65.43 19.62 15.91
CA MET J 197 -64.50 20.74 15.97
C MET J 197 -65.25 22.00 16.37
N GLU J 198 -64.54 22.89 17.07
CA GLU J 198 -65.15 24.16 17.44
C GLU J 198 -64.81 25.22 16.40
N PRO J 199 -65.78 25.66 15.60
CA PRO J 199 -65.46 26.64 14.55
C PRO J 199 -65.00 27.99 15.07
N ALA J 200 -65.53 28.43 16.22
CA ALA J 200 -65.15 29.73 16.75
C ALA J 200 -63.69 29.77 17.18
N SER J 201 -63.11 28.63 17.54
CA SER J 201 -61.72 28.56 17.97
C SER J 201 -60.76 28.31 16.82
N LEU J 202 -61.24 28.28 15.57
CA LEU J 202 -60.41 28.03 14.41
C LEU J 202 -60.53 29.19 13.44
N LYS J 203 -59.43 29.49 12.75
CA LYS J 203 -59.42 30.56 11.75
C LYS J 203 -60.21 30.13 10.52
N GLU J 204 -60.60 31.13 9.72
CA GLU J 204 -61.35 30.84 8.51
C GLU J 204 -60.53 29.99 7.53
N ASP J 205 -59.25 30.31 7.40
CA ASP J 205 -58.39 29.52 6.52
C ASP J 205 -58.29 28.08 7.00
N VAL J 206 -58.18 27.88 8.31
CA VAL J 206 -58.13 26.52 8.84
C VAL J 206 -59.46 25.81 8.64
N GLN J 207 -60.57 26.55 8.73
CA GLN J 207 -61.87 25.95 8.43
C GLN J 207 -61.95 25.50 6.98
N TRP J 208 -61.42 26.31 6.06
CA TRP J 208 -61.45 25.92 4.66
C TRP J 208 -60.54 24.71 4.41
N HIS J 209 -59.42 24.63 5.12
CA HIS J 209 -58.59 23.43 5.05
C HIS J 209 -59.34 22.22 5.57
N LEU J 210 -60.12 22.40 6.64
CA LEU J 210 -60.92 21.29 7.14
C LEU J 210 -61.96 20.86 6.10
N LEU J 211 -62.57 21.81 5.41
CA LEU J 211 -63.49 21.45 4.33
C LEU J 211 -62.77 20.68 3.23
N ALA J 212 -61.57 21.11 2.87
CA ALA J 212 -60.77 20.37 1.91
C ALA J 212 -60.48 18.96 2.41
N ARG J 213 -60.45 18.77 3.73
CA ARG J 213 -60.35 17.42 4.26
C ARG J 213 -61.57 16.58 3.88
N MET J 214 -62.78 17.15 3.95
CA MET J 214 -63.97 16.39 3.59
C MET J 214 -64.13 16.21 2.10
N VAL J 215 -63.49 17.05 1.29
CA VAL J 215 -63.67 17.03 -0.16
C VAL J 215 -63.50 15.63 -0.76
N PRO J 216 -62.52 14.81 -0.37
CA PRO J 216 -62.44 13.46 -0.94
C PRO J 216 -63.71 12.65 -0.78
N PHE J 217 -64.45 12.87 0.29
CA PHE J 217 -65.68 12.13 0.52
C PHE J 217 -66.78 12.49 -0.48
N VAL J 218 -66.68 13.65 -1.14
CA VAL J 218 -67.81 14.15 -1.93
C VAL J 218 -67.57 14.12 -3.44
N GLU J 219 -66.33 13.92 -3.88
CA GLU J 219 -66.02 13.83 -5.30
C GLU J 219 -65.56 12.43 -5.67
N ASN J 220 -66.15 11.87 -6.71
CA ASN J 220 -65.76 10.55 -7.19
C ASN J 220 -64.35 10.59 -7.72
N ASN J 221 -63.53 9.63 -7.30
CA ASN J 221 -62.15 9.50 -7.76
C ASN J 221 -61.40 10.81 -7.54
N TYR J 222 -61.29 11.22 -6.28
CA TYR J 222 -60.62 12.46 -5.91
C TYR J 222 -59.32 12.09 -5.20
N ASN J 223 -58.20 12.44 -5.82
CA ASN J 223 -56.89 12.18 -5.22
C ASN J 223 -56.46 13.40 -4.43
N VAL J 224 -55.82 13.19 -3.28
CA VAL J 224 -55.32 14.29 -2.48
C VAL J 224 -54.20 13.82 -1.58
N CYS J 225 -53.24 14.70 -1.32
CA CYS J 225 -52.16 14.40 -0.41
C CYS J 225 -52.00 15.52 0.60
N GLU J 226 -51.84 15.14 1.87
CA GLU J 226 -51.69 16.09 2.97
C GLU J 226 -50.53 15.64 3.84
N LEU J 227 -49.61 16.56 4.13
CA LEU J 227 -48.52 16.31 5.05
C LEU J 227 -48.55 17.36 6.14
N GLY J 228 -48.35 16.93 7.38
CA GLY J 228 -48.37 17.84 8.51
C GLY J 228 -47.65 17.30 9.71
N PRO J 229 -47.40 18.16 10.70
CA PRO J 229 -46.74 17.69 11.93
C PRO J 229 -47.62 16.71 12.68
N ARG J 230 -46.95 15.82 13.42
CA ARG J 230 -47.67 14.82 14.21
C ARG J 230 -48.59 15.49 15.22
N GLY J 231 -49.79 14.94 15.35
CA GLY J 231 -50.74 15.44 16.32
C GLY J 231 -51.64 16.55 15.84
N THR J 232 -51.78 16.73 14.54
CA THR J 232 -52.66 17.75 13.98
C THR J 232 -54.03 17.20 13.61
N GLY J 233 -54.36 15.98 14.02
CA GLY J 233 -55.66 15.42 13.76
C GLY J 233 -55.97 15.13 12.32
N LYS J 234 -54.97 14.74 11.53
CA LYS J 234 -55.20 14.45 10.12
C LYS J 234 -56.02 13.17 9.95
N SER J 235 -55.62 12.10 10.65
CA SER J 235 -56.18 10.78 10.42
C SER J 235 -57.46 10.52 11.21
N HIS J 236 -57.92 11.48 12.01
CA HIS J 236 -59.11 11.25 12.83
C HIS J 236 -60.35 11.04 11.95
N ILE J 237 -60.53 11.89 10.94
CA ILE J 237 -61.78 11.89 10.20
C ILE J 237 -61.90 10.63 9.34
N TYR J 238 -60.81 10.21 8.71
CA TYR J 238 -60.86 9.05 7.83
C TYR J 238 -61.08 7.74 8.56
N LYS J 239 -60.84 7.70 9.86
CA LYS J 239 -61.03 6.47 10.63
C LYS J 239 -62.29 6.48 11.45
N GLU J 240 -62.59 7.57 12.16
CA GLU J 240 -63.69 7.57 13.13
C GLU J 240 -64.95 8.27 12.64
N CYS J 241 -64.83 9.23 11.72
CA CYS J 241 -65.94 10.12 11.39
C CYS J 241 -66.74 9.68 10.18
N SER J 242 -66.54 8.46 9.68
CA SER J 242 -67.35 8.02 8.56
C SER J 242 -67.29 6.50 8.44
N PRO J 243 -68.42 5.83 8.21
CA PRO J 243 -68.39 4.40 7.92
C PRO J 243 -68.13 4.10 6.45
N ASN J 244 -67.84 5.10 5.63
CA ASN J 244 -67.61 4.92 4.21
C ASN J 244 -66.16 5.17 3.82
N SER J 245 -65.25 5.14 4.78
CA SER J 245 -63.84 5.36 4.54
C SER J 245 -63.01 4.32 5.27
N ILE J 246 -61.83 4.06 4.74
CA ILE J 246 -60.91 3.11 5.35
C ILE J 246 -59.54 3.75 5.45
N LEU J 247 -58.82 3.45 6.52
CA LEU J 247 -57.47 3.93 6.75
C LEU J 247 -56.52 2.75 6.65
N VAL J 248 -55.93 2.57 5.48
CA VAL J 248 -55.02 1.44 5.25
C VAL J 248 -53.72 1.76 5.97
N SER J 249 -53.55 1.19 7.15
CA SER J 249 -52.42 1.49 8.00
C SER J 249 -51.17 0.81 7.48
N GLY J 250 -50.03 1.48 7.69
CA GLY J 250 -48.77 1.02 7.17
C GLY J 250 -48.51 1.35 5.72
N GLY J 251 -49.48 1.13 4.84
CA GLY J 251 -49.25 1.33 3.42
C GLY J 251 -48.71 0.10 2.69
N GLN J 252 -48.00 -0.79 3.38
CA GLN J 252 -47.57 -2.03 2.74
C GLN J 252 -48.79 -2.92 2.62
N THR J 253 -49.66 -2.59 1.67
CA THR J 253 -50.79 -3.42 1.27
C THR J 253 -50.57 -3.87 -0.17
N THR J 254 -50.90 -5.12 -0.43
CA THR J 254 -50.53 -5.74 -1.69
C THR J 254 -51.49 -5.33 -2.80
N VAL J 255 -51.02 -5.48 -4.03
CA VAL J 255 -51.81 -5.07 -5.19
C VAL J 255 -53.08 -5.90 -5.30
N ALA J 256 -52.98 -7.22 -5.06
CA ALA J 256 -54.16 -8.07 -5.13
C ALA J 256 -55.18 -7.67 -4.09
N ASN J 257 -54.73 -7.32 -2.88
CA ASN J 257 -55.66 -6.85 -1.86
C ASN J 257 -56.30 -5.53 -2.26
N LEU J 258 -55.53 -4.64 -2.88
CA LEU J 258 -56.02 -3.28 -3.08
C LEU J 258 -56.81 -3.16 -4.38
N PHE J 259 -56.29 -3.69 -5.48
CA PHE J 259 -56.91 -3.46 -6.79
C PHE J 259 -57.73 -4.65 -7.25
N TYR J 260 -57.13 -5.83 -7.39
CA TYR J 260 -57.84 -6.98 -7.96
C TYR J 260 -57.04 -8.24 -7.70
N ASN J 261 -57.72 -9.28 -7.24
CA ASN J 261 -57.12 -10.59 -7.01
C ASN J 261 -57.69 -11.57 -8.02
N MET J 262 -56.88 -11.94 -9.03
CA MET J 262 -57.37 -12.84 -10.06
C MET J 262 -57.66 -14.23 -9.50
N SER J 263 -56.99 -14.63 -8.43
CA SER J 263 -57.23 -15.95 -7.87
C SER J 263 -58.67 -16.11 -7.41
N SER J 264 -59.23 -15.09 -6.76
CA SER J 264 -60.63 -15.11 -6.36
C SER J 264 -61.53 -14.35 -7.32
N ARG J 265 -60.95 -13.59 -8.26
CA ARG J 265 -61.72 -12.80 -9.22
C ARG J 265 -62.67 -11.84 -8.52
N ARG J 266 -62.24 -11.31 -7.38
CA ARG J 266 -63.03 -10.35 -6.63
C ARG J 266 -62.23 -9.06 -6.47
N ILE J 267 -62.91 -7.92 -6.63
CA ILE J 267 -62.26 -6.62 -6.66
C ILE J 267 -61.65 -6.30 -5.30
N GLY J 268 -60.59 -5.50 -5.31
CA GLY J 268 -59.90 -5.13 -4.09
C GLY J 268 -60.63 -4.05 -3.32
N LEU J 269 -59.84 -3.28 -2.57
CA LEU J 269 -60.41 -2.23 -1.72
C LEU J 269 -61.13 -1.17 -2.53
N VAL J 270 -60.52 -0.71 -3.62
CA VAL J 270 -61.02 0.48 -4.31
C VAL J 270 -62.40 0.30 -4.88
N GLY J 271 -62.88 -0.94 -4.99
CA GLY J 271 -64.25 -1.15 -5.41
C GLY J 271 -65.27 -1.11 -4.30
N LEU J 272 -64.82 -0.97 -3.05
CA LEU J 272 -65.71 -1.11 -1.90
C LEU J 272 -65.86 0.16 -1.08
N TRP J 273 -64.78 0.89 -0.83
CA TRP J 273 -64.79 2.06 0.03
C TRP J 273 -64.74 3.32 -0.81
N ASP J 274 -65.39 4.38 -0.32
CA ASP J 274 -65.41 5.63 -1.07
C ASP J 274 -64.18 6.48 -0.80
N VAL J 275 -63.51 6.28 0.34
CA VAL J 275 -62.27 6.97 0.64
C VAL J 275 -61.26 5.94 1.15
N VAL J 276 -60.10 5.89 0.52
CA VAL J 276 -59.01 5.04 0.97
C VAL J 276 -57.87 5.96 1.36
N ALA J 277 -57.49 5.96 2.63
CA ALA J 277 -56.47 6.86 3.13
C ALA J 277 -55.25 6.07 3.57
N PHE J 278 -54.10 6.38 2.98
CA PHE J 278 -52.84 5.73 3.30
C PHE J 278 -52.17 6.54 4.41
N ASP J 279 -52.09 5.95 5.60
CA ASP J 279 -51.39 6.57 6.71
C ASP J 279 -49.90 6.28 6.61
N GLN J 280 -49.09 7.20 7.13
CA GLN J 280 -47.63 7.07 7.17
C GLN J 280 -47.11 6.79 5.76
N VAL J 281 -47.26 7.81 4.92
CA VAL J 281 -46.89 7.71 3.51
C VAL J 281 -45.40 7.54 3.33
N ALA J 282 -44.61 7.79 4.38
CA ALA J 282 -43.17 7.71 4.27
C ALA J 282 -42.70 6.30 3.93
N GLY J 283 -43.29 5.29 4.57
CA GLY J 283 -42.83 3.93 4.41
C GLY J 283 -43.63 3.07 3.45
N ILE J 284 -44.60 3.64 2.75
CA ILE J 284 -45.48 2.84 1.90
C ILE J 284 -44.66 2.26 0.75
N SER J 285 -44.79 0.96 0.55
CA SER J 285 -43.98 0.24 -0.44
C SER J 285 -44.75 -0.97 -0.93
N PHE J 286 -44.56 -1.31 -2.20
CA PHE J 286 -45.23 -2.45 -2.82
C PHE J 286 -44.19 -3.51 -3.18
N LYS J 287 -44.46 -4.75 -2.78
CA LYS J 287 -43.58 -5.85 -3.17
C LYS J 287 -43.54 -6.02 -4.67
N ASP J 288 -44.69 -5.96 -5.33
CA ASP J 288 -44.79 -6.04 -6.77
C ASP J 288 -44.42 -4.69 -7.39
N LYS J 289 -43.56 -4.72 -8.40
CA LYS J 289 -43.10 -3.47 -9.00
C LYS J 289 -44.21 -2.76 -9.76
N ASP J 290 -45.15 -3.51 -10.33
CA ASP J 290 -46.23 -2.88 -11.07
C ASP J 290 -47.22 -2.17 -10.18
N GLY J 291 -47.13 -2.33 -8.86
CA GLY J 291 -48.09 -1.69 -7.97
C GLY J 291 -48.11 -0.18 -8.15
N VAL J 292 -46.93 0.43 -8.20
CA VAL J 292 -46.88 1.87 -8.43
C VAL J 292 -47.43 2.22 -9.81
N GLN J 293 -47.11 1.42 -10.82
CA GLN J 293 -47.58 1.73 -12.17
C GLN J 293 -49.08 1.54 -12.30
N ILE J 294 -49.62 0.44 -11.76
CA ILE J 294 -51.06 0.23 -11.84
C ILE J 294 -51.78 1.30 -11.03
N MET J 295 -51.21 1.71 -9.90
CA MET J 295 -51.82 2.79 -9.14
C MET J 295 -51.79 4.08 -9.92
N LYS J 296 -50.69 4.35 -10.64
CA LYS J 296 -50.63 5.54 -11.47
C LYS J 296 -51.71 5.52 -12.53
N ASP J 297 -51.93 4.36 -13.15
CA ASP J 297 -52.99 4.25 -14.15
C ASP J 297 -54.35 4.53 -13.52
N TYR J 298 -54.61 3.95 -12.35
CA TYR J 298 -55.91 4.15 -11.73
C TYR J 298 -56.12 5.63 -11.37
N MET J 299 -55.13 6.25 -10.73
CA MET J 299 -55.24 7.66 -10.40
C MET J 299 -55.45 8.51 -11.64
N ALA J 300 -54.80 8.17 -12.74
CA ALA J 300 -54.93 8.98 -13.95
C ALA J 300 -56.33 8.84 -14.57
N SER J 301 -56.85 7.61 -14.67
CA SER J 301 -58.08 7.40 -15.43
C SER J 301 -59.24 6.88 -14.60
N GLY J 302 -59.01 6.29 -13.43
CA GLY J 302 -60.10 5.74 -12.67
C GLY J 302 -60.54 4.36 -13.08
N SER J 303 -59.92 3.78 -14.10
CA SER J 303 -60.21 2.42 -14.52
C SER J 303 -58.90 1.70 -14.82
N PHE J 304 -58.77 0.51 -14.25
CA PHE J 304 -57.55 -0.27 -14.39
C PHE J 304 -57.89 -1.61 -15.03
N ALA J 305 -57.08 -2.02 -15.99
CA ALA J 305 -57.29 -3.28 -16.68
C ALA J 305 -56.38 -4.33 -16.06
N ARG J 306 -56.98 -5.37 -15.49
CA ARG J 306 -56.24 -6.35 -14.70
C ARG J 306 -56.92 -7.69 -14.88
N GLY J 307 -56.11 -8.75 -14.96
CA GLY J 307 -56.69 -10.06 -15.12
C GLY J 307 -57.18 -10.29 -16.53
N ARG J 308 -58.50 -10.30 -16.71
CA ARG J 308 -59.10 -10.51 -18.01
C ARG J 308 -60.07 -9.39 -18.41
N GLU J 309 -60.28 -8.40 -17.55
CA GLU J 309 -61.20 -7.31 -17.82
C GLU J 309 -60.64 -5.99 -17.31
N GLN J 310 -61.28 -4.90 -17.73
CA GLN J 310 -60.97 -3.56 -17.24
C GLN J 310 -62.05 -3.16 -16.23
N MET J 311 -61.63 -2.94 -14.99
CA MET J 311 -62.53 -2.64 -13.88
C MET J 311 -62.49 -1.15 -13.57
N GLU J 312 -63.66 -0.57 -13.36
CA GLU J 312 -63.79 0.82 -12.95
C GLU J 312 -64.09 0.87 -11.44
N ALA J 313 -63.46 1.82 -10.76
CA ALA J 313 -63.68 1.99 -9.33
C ALA J 313 -63.69 3.48 -9.02
N SER J 314 -64.60 3.88 -8.13
CA SER J 314 -64.78 5.28 -7.78
C SER J 314 -64.11 5.66 -6.47
N ALA J 315 -63.25 4.82 -5.91
CA ALA J 315 -62.61 5.14 -4.64
C ALA J 315 -61.68 6.34 -4.79
N SER J 316 -61.75 7.24 -3.82
CA SER J 316 -60.90 8.41 -3.81
C SER J 316 -59.75 8.18 -2.83
N MET J 317 -58.53 8.50 -3.26
CA MET J 317 -57.35 8.21 -2.45
C MET J 317 -56.84 9.46 -1.74
N VAL J 318 -56.51 9.29 -0.47
CA VAL J 318 -55.90 10.33 0.36
C VAL J 318 -54.57 9.78 0.85
N PHE J 319 -53.55 10.63 0.88
CA PHE J 319 -52.23 10.25 1.38
C PHE J 319 -51.88 11.14 2.56
N VAL J 320 -51.93 10.59 3.77
CA VAL J 320 -51.71 11.36 4.99
C VAL J 320 -50.30 11.07 5.50
N GLY J 321 -49.53 12.14 5.72
CA GLY J 321 -48.15 11.96 6.13
C GLY J 321 -47.73 12.94 7.21
N ASN J 322 -46.67 12.58 7.91
CA ASN J 322 -46.18 13.34 9.05
C ASN J 322 -44.88 14.04 8.69
N ILE J 323 -44.79 15.32 9.02
CA ILE J 323 -43.61 16.14 8.72
C ILE J 323 -42.82 16.32 10.01
N ASN J 324 -41.52 16.03 9.95
CA ASN J 324 -40.63 16.18 11.09
C ASN J 324 -39.80 17.46 11.05
N GLN J 325 -39.56 18.00 9.87
CA GLN J 325 -38.65 19.12 9.68
C GLN J 325 -39.42 20.38 9.32
N SER J 326 -38.82 21.54 9.64
CA SER J 326 -39.48 22.81 9.38
C SER J 326 -39.73 23.01 7.89
N VAL J 327 -40.92 23.52 7.58
CA VAL J 327 -41.38 23.58 6.19
C VAL J 327 -40.47 24.47 5.35
N GLU J 328 -40.02 25.59 5.90
CA GLU J 328 -39.16 26.49 5.14
C GLU J 328 -37.85 25.82 4.77
N SER J 329 -37.33 24.96 5.65
CA SER J 329 -36.11 24.22 5.34
C SER J 329 -36.32 23.30 4.16
N LEU J 330 -37.46 22.59 4.12
CA LEU J 330 -37.75 21.77 2.95
C LEU J 330 -37.88 22.61 1.70
N VAL J 331 -38.54 23.77 1.81
CA VAL J 331 -38.72 24.63 0.65
C VAL J 331 -37.38 25.08 0.09
N LYS J 332 -36.47 25.51 0.95
CA LYS J 332 -35.19 26.02 0.47
C LYS J 332 -34.26 24.90 0.01
N THR J 333 -34.37 23.71 0.60
CA THR J 333 -33.46 22.62 0.29
C THR J 333 -34.03 21.59 -0.68
N SER J 334 -35.34 21.37 -0.66
CA SER J 334 -35.93 20.27 -1.42
C SER J 334 -37.35 20.59 -1.87
N HIS J 335 -38.11 19.55 -2.22
CA HIS J 335 -39.53 19.67 -2.50
C HIS J 335 -40.31 19.21 -1.29
N LEU J 336 -41.55 19.70 -1.17
CA LEU J 336 -42.39 19.31 -0.05
C LEU J 336 -42.77 17.83 -0.09
N LEU J 337 -42.65 17.17 -1.24
CA LEU J 337 -43.03 15.78 -1.38
C LEU J 337 -41.92 14.82 -0.97
N ALA J 338 -40.88 15.32 -0.30
CA ALA J 338 -39.76 14.53 0.17
C ALA J 338 -40.17 13.34 1.05
N PRO J 339 -41.14 13.47 1.97
CA PRO J 339 -41.53 12.32 2.79
C PRO J 339 -42.00 11.11 1.99
N PHE J 340 -42.58 11.32 0.80
CA PHE J 340 -42.99 10.19 -0.02
C PHE J 340 -41.78 9.33 -0.39
N PRO J 341 -41.95 8.03 -0.50
CA PRO J 341 -40.80 7.14 -0.72
C PRO J 341 -40.26 7.27 -2.13
N GLU J 342 -38.96 6.94 -2.27
CA GLU J 342 -38.28 7.09 -3.55
C GLU J 342 -38.97 6.28 -4.65
N ALA J 343 -39.54 5.12 -4.30
CA ALA J 343 -40.22 4.30 -5.27
C ALA J 343 -41.41 5.01 -5.90
N MET J 344 -41.94 6.05 -5.27
CA MET J 344 -43.06 6.81 -5.82
C MET J 344 -42.74 8.28 -6.05
N ILE J 345 -41.49 8.69 -5.88
CA ILE J 345 -41.11 10.06 -6.22
C ILE J 345 -40.92 10.13 -7.73
N ASP J 346 -42.00 10.48 -8.43
CA ASP J 346 -41.99 10.56 -9.88
C ASP J 346 -42.89 11.72 -10.30
N SER J 347 -42.49 12.42 -11.36
CA SER J 347 -43.30 13.55 -11.84
C SER J 347 -44.69 13.09 -12.26
N ALA J 348 -44.76 11.98 -13.02
CA ALA J 348 -46.05 11.50 -13.50
C ALA J 348 -46.95 11.08 -12.34
N PHE J 349 -46.38 10.50 -11.29
CA PHE J 349 -47.19 10.05 -10.17
C PHE J 349 -47.80 11.22 -9.42
N PHE J 350 -47.00 12.24 -9.13
CA PHE J 350 -47.52 13.38 -8.38
C PHE J 350 -48.38 14.28 -9.25
N ASP J 351 -48.25 14.20 -10.57
CA ASP J 351 -49.10 14.95 -11.45
C ASP J 351 -50.57 14.58 -11.30
N ARG J 352 -50.86 13.38 -10.82
CA ARG J 352 -52.24 12.92 -10.68
C ARG J 352 -52.98 13.58 -9.54
N PHE J 353 -52.26 14.08 -8.52
CA PHE J 353 -52.89 14.57 -7.31
C PHE J 353 -53.72 15.81 -7.61
N HIS J 354 -54.96 15.83 -7.14
CA HIS J 354 -55.83 16.97 -7.37
C HIS J 354 -55.63 18.06 -6.33
N ALA J 355 -54.89 17.79 -5.26
CA ALA J 355 -54.74 18.77 -4.20
C ALA J 355 -53.64 18.38 -3.23
N TYR J 356 -52.92 19.40 -2.77
CA TYR J 356 -51.97 19.30 -1.67
C TYR J 356 -52.55 20.12 -0.53
N ILE J 357 -52.82 19.47 0.61
CA ILE J 357 -53.38 20.16 1.75
C ILE J 357 -52.26 20.59 2.69
N PRO J 358 -52.20 21.86 3.08
CA PRO J 358 -51.15 22.31 4.00
C PRO J 358 -51.42 21.90 5.43
N GLY J 359 -51.05 20.67 5.79
CA GLY J 359 -51.28 20.18 7.14
C GLY J 359 -50.55 20.96 8.22
N TRP J 360 -49.51 21.70 7.88
CA TRP J 360 -48.79 22.50 8.85
C TRP J 360 -49.60 23.68 9.37
N GLU J 361 -50.44 24.29 8.53
CA GLU J 361 -51.25 25.41 8.97
C GLU J 361 -52.27 25.03 10.03
N ILE J 362 -52.57 23.74 10.18
CA ILE J 362 -53.53 23.26 11.16
C ILE J 362 -52.90 23.32 12.54
N PRO J 363 -53.52 24.00 13.50
CA PRO J 363 -52.98 23.99 14.87
C PRO J 363 -53.06 22.59 15.47
N LYS J 364 -52.08 22.28 16.33
CA LYS J 364 -52.05 20.98 16.98
C LYS J 364 -53.29 20.81 17.85
N MET J 365 -53.81 19.58 17.89
CA MET J 365 -55.10 19.32 18.51
C MET J 365 -55.04 19.56 20.02
N ARG J 366 -55.96 20.39 20.48
CA ARG J 366 -56.12 20.79 21.87
C ARG J 366 -57.59 20.69 22.24
N PRO J 367 -57.90 20.50 23.53
CA PRO J 367 -59.31 20.34 23.94
C PRO J 367 -60.20 21.51 23.55
N GLU J 368 -59.66 22.74 23.55
CA GLU J 368 -60.49 23.90 23.24
C GLU J 368 -61.04 23.84 21.82
N PHE J 369 -60.35 23.17 20.91
CA PHE J 369 -60.80 23.09 19.53
C PHE J 369 -61.99 22.15 19.35
N PHE J 370 -62.29 21.31 20.33
CA PHE J 370 -63.35 20.32 20.22
C PHE J 370 -64.66 20.91 20.74
N THR J 371 -65.62 21.08 19.84
CA THR J 371 -66.87 21.74 20.19
C THR J 371 -67.69 20.90 21.16
N ASN J 372 -68.55 21.57 21.92
CA ASN J 372 -69.48 20.92 22.82
C ASN J 372 -70.92 21.31 22.51
N ARG J 373 -71.16 21.95 21.36
CA ARG J 373 -72.50 22.35 20.95
C ARG J 373 -73.13 21.25 20.11
N TYR J 374 -74.26 21.59 19.49
CA TYR J 374 -74.97 20.60 18.68
C TYR J 374 -74.35 20.49 17.29
N GLY J 375 -74.36 19.27 16.75
CA GLY J 375 -73.87 19.02 15.41
C GLY J 375 -74.64 17.88 14.78
N LEU J 376 -74.49 17.76 13.46
CA LEU J 376 -75.21 16.73 12.73
C LEU J 376 -74.74 15.34 13.14
N ILE J 377 -75.65 14.36 13.03
CA ILE J 377 -75.29 12.97 13.28
C ILE J 377 -74.21 12.55 12.29
N VAL J 378 -73.19 11.87 12.79
CA VAL J 378 -72.03 11.55 11.97
C VAL J 378 -72.42 10.70 10.76
N ASP J 379 -73.28 9.70 10.97
CA ASP J 379 -73.66 8.85 9.85
C ASP J 379 -74.65 9.57 8.95
N TYR J 380 -75.43 10.50 9.50
CA TYR J 380 -76.24 11.37 8.66
C TYR J 380 -75.36 12.17 7.72
N LEU J 381 -74.25 12.69 8.23
CA LEU J 381 -73.31 13.42 7.39
C LEU J 381 -72.67 12.49 6.36
N ALA J 382 -72.37 11.26 6.76
CA ALA J 382 -71.78 10.30 5.81
C ALA J 382 -72.75 9.98 4.69
N GLU J 383 -74.04 9.79 5.00
CA GLU J 383 -75.03 9.56 3.95
C GLU J 383 -75.20 10.80 3.09
N PHE J 384 -75.07 11.98 3.70
CA PHE J 384 -75.06 13.22 2.93
C PHE J 384 -73.95 13.19 1.88
N PHE J 385 -72.76 12.77 2.29
CA PHE J 385 -71.65 12.63 1.35
C PHE J 385 -71.96 11.59 0.27
N ARG J 386 -72.51 10.45 0.68
CA ARG J 386 -72.89 9.42 -0.28
C ARG J 386 -73.80 9.97 -1.37
N GLU J 387 -74.87 10.65 -0.97
CA GLU J 387 -75.81 11.14 -1.97
C GLU J 387 -75.21 12.26 -2.81
N MET J 388 -74.37 13.11 -2.19
CA MET J 388 -73.77 14.20 -2.94
C MET J 388 -72.74 13.73 -3.95
N ARG J 389 -72.13 12.56 -3.74
CA ARG J 389 -71.15 12.07 -4.70
C ARG J 389 -71.73 11.90 -6.09
N LYS J 390 -73.05 11.72 -6.22
CA LYS J 390 -73.65 11.45 -7.52
C LYS J 390 -73.81 12.70 -8.39
N ARG J 391 -73.87 13.88 -7.79
CA ARG J 391 -74.14 15.10 -8.53
C ARG J 391 -72.85 15.71 -9.07
N SER J 392 -72.99 16.85 -9.73
CA SER J 392 -71.86 17.54 -10.34
C SER J 392 -72.00 19.04 -10.17
N PHE J 393 -70.89 19.68 -9.82
CA PHE J 393 -70.80 21.15 -9.75
C PHE J 393 -69.52 21.66 -10.37
N ALA J 394 -68.85 20.84 -11.18
CA ALA J 394 -67.62 21.27 -11.84
C ALA J 394 -67.88 22.28 -12.94
N ASP J 395 -69.13 22.44 -13.37
CA ASP J 395 -69.48 23.40 -14.40
C ASP J 395 -69.86 24.76 -13.83
N SER J 396 -69.75 24.95 -12.52
CA SER J 396 -70.14 26.23 -11.92
C SER J 396 -69.17 27.34 -12.27
N ILE J 397 -67.91 27.00 -12.55
CA ILE J 397 -66.90 28.02 -12.75
C ILE J 397 -67.13 28.80 -14.04
N GLU J 398 -67.58 28.11 -15.09
CA GLU J 398 -67.69 28.77 -16.40
C GLU J 398 -68.76 29.85 -16.39
N LYS J 399 -69.71 29.79 -15.45
CA LYS J 399 -70.76 30.79 -15.40
C LYS J 399 -70.22 32.13 -14.90
N TYR J 400 -69.07 32.14 -14.23
CA TYR J 400 -68.53 33.37 -13.66
C TYR J 400 -67.08 33.64 -14.00
N PHE J 401 -66.26 32.62 -14.24
CA PHE J 401 -64.83 32.82 -14.44
C PHE J 401 -64.30 31.86 -15.49
N LYS J 402 -63.07 32.10 -15.92
CA LYS J 402 -62.34 31.21 -16.81
C LYS J 402 -60.93 31.02 -16.27
N LEU J 403 -60.31 29.91 -16.62
CA LEU J 403 -58.97 29.63 -16.11
C LEU J 403 -57.90 30.31 -16.96
N GLY J 404 -56.75 30.57 -16.36
CA GLY J 404 -55.64 31.17 -17.06
C GLY J 404 -55.00 30.21 -18.04
N ASN J 405 -54.05 30.75 -18.82
CA ASN J 405 -53.45 29.97 -19.88
C ASN J 405 -52.30 29.11 -19.41
N ASN J 406 -51.91 29.20 -18.13
CA ASN J 406 -50.88 28.36 -17.57
C ASN J 406 -51.40 27.00 -17.13
N LEU J 407 -52.72 26.80 -17.13
CA LEU J 407 -53.33 25.58 -16.62
C LEU J 407 -53.49 24.58 -17.75
N ASN J 408 -52.74 23.48 -17.69
CA ASN J 408 -52.91 22.40 -18.64
C ASN J 408 -54.11 21.53 -18.26
N GLN J 409 -54.38 20.53 -19.08
CA GLN J 409 -55.59 19.73 -18.91
C GLN J 409 -55.64 19.04 -17.55
N ARG J 410 -54.51 18.54 -17.07
CA ARG J 410 -54.48 17.96 -15.74
C ARG J 410 -54.85 18.99 -14.68
N ASP J 411 -54.32 20.20 -14.82
CA ASP J 411 -54.65 21.27 -13.88
C ASP J 411 -56.12 21.64 -13.98
N VAL J 412 -56.66 21.67 -15.20
CA VAL J 412 -58.08 21.98 -15.37
C VAL J 412 -58.93 20.94 -14.65
N ILE J 413 -58.60 19.67 -14.83
CA ILE J 413 -59.38 18.61 -14.19
C ILE J 413 -59.29 18.71 -12.68
N ALA J 414 -58.08 18.92 -12.15
CA ALA J 414 -57.90 19.00 -10.71
C ALA J 414 -58.69 20.17 -10.13
N VAL J 415 -58.61 21.34 -10.78
CA VAL J 415 -59.30 22.51 -10.28
C VAL J 415 -60.81 22.30 -10.34
N ARG J 416 -61.29 21.72 -11.43
CA ARG J 416 -62.73 21.45 -11.54
C ARG J 416 -63.20 20.52 -10.43
N LYS J 417 -62.44 19.46 -10.16
CA LYS J 417 -62.85 18.53 -9.11
C LYS J 417 -62.86 19.21 -7.75
N THR J 418 -61.82 19.99 -7.45
CA THR J 418 -61.76 20.62 -6.14
C THR J 418 -62.88 21.65 -5.96
N VAL J 419 -63.15 22.46 -6.99
CA VAL J 419 -64.20 23.47 -6.86
C VAL J 419 -65.57 22.79 -6.77
N SER J 420 -65.76 21.70 -7.50
CA SER J 420 -67.02 20.96 -7.40
C SER J 420 -67.21 20.40 -5.99
N GLY J 421 -66.14 19.85 -5.42
CA GLY J 421 -66.22 19.35 -4.06
C GLY J 421 -66.58 20.43 -3.07
N LEU J 422 -65.92 21.58 -3.18
CA LEU J 422 -66.23 22.67 -2.26
C LEU J 422 -67.66 23.15 -2.43
N MET J 423 -68.13 23.27 -3.67
CA MET J 423 -69.49 23.73 -3.90
C MET J 423 -70.51 22.75 -3.35
N LYS J 424 -70.27 21.45 -3.53
CA LYS J 424 -71.16 20.46 -2.93
C LYS J 424 -71.16 20.54 -1.42
N LEU J 425 -69.98 20.71 -0.82
CA LEU J 425 -69.88 20.76 0.63
C LEU J 425 -70.62 21.96 1.21
N LEU J 426 -70.51 23.11 0.56
CA LEU J 426 -71.10 24.32 1.12
C LEU J 426 -72.47 24.65 0.55
N TYR J 427 -72.75 24.27 -0.70
CA TYR J 427 -74.01 24.63 -1.36
C TYR J 427 -74.68 23.41 -1.97
N PRO J 428 -75.16 22.48 -1.14
CA PRO J 428 -75.85 21.31 -1.70
C PRO J 428 -77.12 21.67 -2.47
N HIS J 429 -77.82 22.72 -2.07
CA HIS J 429 -79.09 23.08 -2.70
C HIS J 429 -78.91 23.74 -4.05
N GLY J 430 -77.68 24.10 -4.43
CA GLY J 430 -77.43 24.62 -5.76
C GLY J 430 -77.68 26.09 -5.95
N GLN J 431 -77.93 26.85 -4.88
CA GLN J 431 -78.08 28.30 -4.98
C GLN J 431 -76.78 28.95 -4.51
N PHE J 432 -76.12 29.66 -5.42
CA PHE J 432 -74.83 30.25 -5.12
C PHE J 432 -74.63 31.50 -5.97
N ASN J 433 -73.72 32.36 -5.52
CA ASN J 433 -73.44 33.62 -6.18
C ASN J 433 -72.06 33.56 -6.84
N LYS J 434 -71.69 34.65 -7.53
CA LYS J 434 -70.40 34.72 -8.19
C LYS J 434 -69.26 34.75 -7.19
N GLU J 435 -69.43 35.47 -6.08
CA GLU J 435 -68.35 35.60 -5.09
C GLU J 435 -68.02 34.27 -4.46
N ASP J 436 -69.02 33.43 -4.22
CA ASP J 436 -68.78 32.11 -3.66
C ASP J 436 -67.90 31.28 -4.58
N VAL J 437 -68.22 31.29 -5.88
CA VAL J 437 -67.41 30.59 -6.85
C VAL J 437 -66.01 31.18 -6.90
N ARG J 438 -65.90 32.50 -6.72
CA ARG J 438 -64.58 33.14 -6.68
C ARG J 438 -63.75 32.58 -5.54
N GLN J 439 -64.34 32.50 -4.35
CA GLN J 439 -63.61 31.97 -3.19
C GLN J 439 -63.19 30.53 -3.43
N CYS J 440 -64.11 29.70 -3.92
CA CYS J 440 -63.81 28.30 -4.15
C CYS J 440 -62.70 28.15 -5.20
N LEU J 441 -62.78 28.92 -6.27
CA LEU J 441 -61.78 28.84 -7.33
C LEU J 441 -60.42 29.30 -6.83
N GLU J 442 -60.40 30.34 -6.00
CA GLU J 442 -59.12 30.79 -5.43
C GLU J 442 -58.48 29.70 -4.57
N TYR J 443 -59.28 29.07 -3.72
CA TYR J 443 -58.72 28.02 -2.86
C TYR J 443 -58.25 26.84 -3.69
N ALA J 444 -59.03 26.45 -4.70
CA ALA J 444 -58.65 25.33 -5.54
C ALA J 444 -57.37 25.63 -6.30
N LEU J 445 -57.25 26.84 -6.84
CA LEU J 445 -56.03 27.21 -7.56
C LEU J 445 -54.83 27.19 -6.63
N GLN J 446 -55.00 27.67 -5.40
CA GLN J 446 -53.90 27.64 -4.44
C GLN J 446 -53.44 26.21 -4.18
N VAL J 447 -54.39 25.32 -3.84
CA VAL J 447 -53.99 23.97 -3.47
C VAL J 447 -53.39 23.23 -4.66
N ARG J 448 -53.96 23.37 -5.85
CA ARG J 448 -53.38 22.72 -7.02
C ARG J 448 -52.02 23.31 -7.37
N ARG J 449 -51.85 24.62 -7.20
CA ARG J 449 -50.59 25.26 -7.52
C ARG J 449 -49.48 24.80 -6.57
N ARG J 450 -49.84 24.43 -5.35
CA ARG J 450 -48.81 23.88 -4.46
C ARG J 450 -48.21 22.62 -5.05
N VAL J 451 -49.06 21.71 -5.53
CA VAL J 451 -48.58 20.53 -6.24
C VAL J 451 -47.79 20.94 -7.47
N LYS J 452 -48.26 21.96 -8.18
CA LYS J 452 -47.57 22.39 -9.39
C LYS J 452 -46.15 22.86 -9.10
N GLU J 453 -45.98 23.62 -8.00
CA GLU J 453 -44.64 24.03 -7.58
C GLU J 453 -43.78 22.83 -7.23
N GLN J 454 -44.33 21.86 -6.51
CA GLN J 454 -43.51 20.69 -6.18
C GLN J 454 -43.07 19.94 -7.44
N LEU J 455 -43.98 19.80 -8.41
CA LEU J 455 -43.61 19.19 -9.68
C LEU J 455 -42.56 20.01 -10.41
N LYS J 456 -42.67 21.34 -10.37
CA LYS J 456 -41.62 22.18 -10.93
C LYS J 456 -40.27 21.84 -10.32
N LYS J 457 -40.20 21.84 -8.99
CA LYS J 457 -38.93 21.63 -8.30
C LYS J 457 -38.37 20.23 -8.53
N ILE J 458 -39.23 19.24 -8.74
CA ILE J 458 -38.75 17.87 -8.89
C ILE J 458 -38.45 17.53 -10.36
N GLY J 459 -39.13 18.16 -11.30
CA GLY J 459 -39.02 17.75 -12.69
C GLY J 459 -38.44 18.76 -13.64
N GLY J 460 -38.03 19.93 -13.15
CA GLY J 460 -37.33 20.85 -14.01
C GLY J 460 -38.24 21.48 -15.05
N MET J 461 -37.77 21.48 -16.30
CA MET J 461 -38.35 22.33 -17.33
C MET J 461 -39.79 21.95 -17.66
N GLU J 462 -40.19 20.70 -17.40
CA GLU J 462 -41.51 20.25 -17.83
C GLU J 462 -42.65 21.01 -17.15
N PHE J 463 -42.42 21.55 -15.96
CA PHE J 463 -43.49 22.16 -15.17
C PHE J 463 -43.16 23.57 -14.72
N TYR J 464 -42.65 24.40 -15.62
CA TYR J 464 -42.43 25.81 -15.27
C TYR J 464 -43.72 26.62 -15.25
N ASP J 465 -44.72 26.22 -16.04
CA ASP J 465 -45.94 27.00 -16.15
C ASP J 465 -46.74 26.86 -14.86
N VAL J 466 -46.29 27.59 -13.84
CA VAL J 466 -46.88 27.54 -12.51
C VAL J 466 -47.64 28.80 -12.15
N HIS J 467 -47.71 29.78 -13.04
CA HIS J 467 -48.33 31.07 -12.74
C HIS J 467 -49.84 30.95 -12.93
N PHE J 468 -50.49 30.37 -11.92
CA PHE J 468 -51.92 30.13 -11.97
C PHE J 468 -52.68 31.45 -11.92
N SER J 469 -53.72 31.56 -12.73
CA SER J 469 -54.54 32.76 -12.75
C SER J 469 -55.95 32.41 -13.24
N TYR J 470 -56.90 33.24 -12.87
CA TYR J 470 -58.26 33.11 -13.36
C TYR J 470 -58.77 34.49 -13.77
N ILE J 471 -59.52 34.51 -14.88
CA ILE J 471 -59.99 35.74 -15.49
C ILE J 471 -61.49 35.84 -15.29
N ASP J 472 -61.95 36.99 -14.82
CA ASP J 472 -63.38 37.23 -14.67
C ASP J 472 -64.06 37.24 -16.02
N ASN J 473 -65.26 36.66 -16.09
CA ASN J 473 -65.99 36.62 -17.35
C ASN J 473 -66.49 37.99 -17.77
N ASP J 474 -66.82 38.87 -16.83
CA ASP J 474 -67.42 40.15 -17.17
C ASP J 474 -66.40 41.27 -17.34
N THR J 475 -65.62 41.56 -16.30
CA THR J 475 -64.67 42.66 -16.36
C THR J 475 -63.31 42.25 -16.92
N LEU J 476 -63.09 40.97 -17.17
CA LEU J 476 -61.95 40.43 -17.90
C LEU J 476 -60.61 40.68 -17.21
N GLU J 477 -60.61 41.26 -16.01
CA GLU J 477 -59.34 41.43 -15.30
C GLU J 477 -58.92 40.12 -14.66
N GLU J 478 -57.61 39.87 -14.67
CA GLU J 478 -57.05 38.57 -14.33
C GLU J 478 -56.46 38.61 -12.93
N HIS J 479 -56.89 37.68 -12.08
CA HIS J 479 -56.32 37.52 -10.75
C HIS J 479 -55.32 36.37 -10.76
N PHE J 480 -54.13 36.61 -10.24
CA PHE J 480 -53.11 35.59 -10.08
C PHE J 480 -53.06 35.17 -8.62
N VAL J 481 -53.19 33.88 -8.37
CA VAL J 481 -53.29 33.34 -7.02
C VAL J 481 -51.96 32.67 -6.68
N SER J 482 -51.38 33.08 -5.56
CA SER J 482 -50.12 32.54 -5.08
C SER J 482 -50.37 31.52 -3.98
N VAL J 483 -49.27 31.06 -3.38
CA VAL J 483 -49.32 30.05 -2.32
C VAL J 483 -48.97 30.79 -1.03
N LYS J 484 -49.42 30.24 0.10
CA LYS J 484 -49.15 30.83 1.40
C LYS J 484 -47.66 30.89 1.69
N GLU J 485 -46.95 29.81 1.36
CA GLU J 485 -45.50 29.76 1.59
C GLU J 485 -44.78 30.82 0.79
N GLN J 486 -45.18 31.02 -0.46
CA GLN J 486 -44.55 32.01 -1.32
C GLN J 486 -45.59 32.93 -1.95
N LEU J 491 -38.19 43.01 -6.28
CA LEU J 491 -38.21 41.58 -6.00
C LEU J 491 -36.89 40.93 -6.36
N ILE J 492 -35.80 41.54 -5.90
CA ILE J 492 -34.46 41.03 -6.17
C ILE J 492 -33.78 40.69 -4.84
N PRO J 493 -33.63 39.42 -4.50
CA PRO J 493 -33.05 39.07 -3.20
C PRO J 493 -31.55 39.34 -3.14
N GLU J 494 -31.04 39.45 -1.92
CA GLU J 494 -29.63 39.72 -1.71
C GLU J 494 -28.77 38.52 -2.07
N GLY J 495 -27.50 38.78 -2.37
CA GLY J 495 -26.55 37.73 -2.68
C GLY J 495 -26.48 37.43 -4.15
N PRO J 496 -25.40 36.77 -4.56
CA PRO J 496 -25.26 36.41 -5.98
C PRO J 496 -26.20 35.28 -6.36
N ALA J 497 -26.81 35.40 -7.53
CA ALA J 497 -27.66 34.34 -8.04
C ALA J 497 -26.81 33.23 -8.62
N LYS J 498 -27.47 32.14 -9.03
CA LYS J 498 -26.79 31.08 -9.74
C LYS J 498 -26.41 31.58 -11.13
N PRO J 499 -25.42 30.95 -11.78
CA PRO J 499 -25.05 31.38 -13.12
C PRO J 499 -26.23 31.29 -14.09
N GLY J 500 -26.32 32.28 -14.97
CA GLY J 500 -27.35 32.31 -15.98
C GLY J 500 -28.67 32.90 -15.53
N PHE J 501 -28.77 33.41 -14.31
CA PHE J 501 -30.01 34.01 -13.82
C PHE J 501 -29.88 35.53 -13.96
N LEU J 502 -30.97 36.20 -14.29
CA LEU J 502 -30.89 37.66 -14.28
C LEU J 502 -32.25 38.28 -14.06
N TYR J 503 -32.24 39.60 -13.86
CA TYR J 503 -33.43 40.41 -13.68
C TYR J 503 -33.39 41.56 -14.67
N THR J 504 -34.56 41.99 -15.14
CA THR J 504 -34.65 43.10 -16.07
C THR J 504 -35.97 43.85 -15.87
N ILE J 505 -36.03 45.06 -16.43
CA ILE J 505 -37.22 45.89 -16.39
C ILE J 505 -37.54 46.34 -17.81
N GLY J 506 -38.80 46.21 -18.21
CA GLY J 506 -39.19 46.60 -19.55
C GLY J 506 -40.62 47.07 -19.59
N LEU J 507 -40.91 47.92 -20.57
CA LEU J 507 -42.26 48.47 -20.72
C LEU J 507 -43.20 47.39 -21.24
N SER J 508 -44.27 47.13 -20.50
CA SER J 508 -45.22 46.10 -20.90
C SER J 508 -46.00 46.53 -22.14
N ASN J 509 -46.88 45.65 -22.60
CA ASN J 509 -47.73 45.97 -23.74
C ASN J 509 -48.67 47.13 -23.45
N LYS J 510 -48.96 47.41 -22.19
CA LYS J 510 -49.72 48.59 -21.79
C LYS J 510 -48.85 49.83 -21.68
N GLY J 511 -47.55 49.71 -21.91
CA GLY J 511 -46.65 50.83 -21.77
C GLY J 511 -46.16 51.09 -20.36
N MET J 512 -46.65 50.31 -19.38
CA MET J 512 -46.23 50.45 -17.99
C MET J 512 -45.02 49.58 -17.71
N PRO J 513 -43.94 50.14 -17.16
CA PRO J 513 -42.74 49.33 -16.90
C PRO J 513 -43.04 48.21 -15.91
N GLY J 514 -42.38 47.07 -16.11
CA GLY J 514 -42.58 45.92 -15.26
C GLY J 514 -41.30 45.14 -15.10
N LEU J 515 -41.24 44.37 -14.01
CA LEU J 515 -40.08 43.57 -13.67
C LEU J 515 -40.23 42.16 -14.21
N TYR J 516 -39.16 41.62 -14.75
CA TYR J 516 -39.13 40.25 -15.26
C TYR J 516 -37.84 39.59 -14.81
N ARG J 517 -37.89 38.27 -14.66
CA ARG J 517 -36.72 37.48 -14.29
C ARG J 517 -36.45 36.44 -15.36
N LEU J 518 -35.20 36.38 -15.82
CA LEU J 518 -34.79 35.42 -16.83
C LEU J 518 -34.10 34.24 -16.16
N GLU J 519 -34.62 33.05 -16.45
CA GLU J 519 -34.28 31.81 -15.76
C GLU J 519 -33.69 30.88 -16.82
N LEU J 520 -32.39 30.62 -16.77
CA LEU J 520 -31.74 29.88 -17.84
C LEU J 520 -31.20 28.55 -17.33
N GLN J 521 -31.54 27.47 -18.02
CA GLN J 521 -31.02 26.14 -17.77
C GLN J 521 -30.14 25.73 -18.94
N VAL J 522 -28.90 25.35 -18.66
CA VAL J 522 -27.94 24.94 -19.67
C VAL J 522 -27.68 23.45 -19.50
N THR J 523 -27.90 22.67 -20.56
CA THR J 523 -27.68 21.24 -20.54
C THR J 523 -26.82 20.86 -21.74
N LYS J 524 -26.33 19.62 -21.73
CA LYS J 524 -25.54 19.14 -22.86
C LYS J 524 -26.46 18.77 -24.02
N GLY J 525 -26.18 19.32 -25.19
CA GLY J 525 -27.00 19.06 -26.36
C GLY J 525 -26.34 19.46 -27.67
N SER J 526 -27.15 19.81 -28.66
CA SER J 526 -26.65 20.16 -29.99
C SER J 526 -26.98 21.59 -30.37
N GLY J 527 -27.15 22.48 -29.40
CA GLY J 527 -27.44 23.88 -29.67
C GLY J 527 -28.89 24.25 -29.73
N LYS J 528 -29.80 23.37 -29.31
CA LYS J 528 -31.23 23.65 -29.34
C LYS J 528 -31.59 24.71 -28.29
N LEU J 529 -32.61 25.50 -28.61
CA LEU J 529 -33.11 26.54 -27.72
C LEU J 529 -34.59 26.31 -27.44
N ALA J 530 -34.96 26.33 -26.16
CA ALA J 530 -36.34 26.23 -25.72
C ALA J 530 -36.72 27.47 -24.95
N THR J 531 -37.97 27.90 -25.08
CA THR J 531 -38.45 29.11 -24.43
C THR J 531 -39.77 28.83 -23.72
N SER J 532 -39.97 29.52 -22.60
CA SER J 532 -41.20 29.37 -21.83
C SER J 532 -41.45 30.64 -21.03
N GLY J 533 -42.73 30.92 -20.79
CA GLY J 533 -43.11 32.09 -20.01
C GLY J 533 -43.08 33.38 -20.81
N LEU J 534 -42.90 33.27 -22.12
CA LEU J 534 -42.83 34.44 -22.99
C LEU J 534 -44.19 34.93 -23.45
N TRP J 535 -45.26 34.56 -22.75
CA TRP J 535 -46.64 34.92 -23.10
C TRP J 535 -47.04 34.45 -24.48
N ASN J 536 -46.30 33.50 -25.06
CA ASN J 536 -46.58 32.96 -26.39
C ASN J 536 -46.50 34.04 -27.46
N SER J 537 -46.01 35.22 -27.09
CA SER J 537 -45.89 36.34 -28.02
C SER J 537 -44.82 36.07 -29.07
N SER J 538 -45.11 36.40 -30.33
CA SER J 538 -44.14 36.21 -31.40
C SER J 538 -43.00 37.22 -31.29
N SER J 539 -43.30 38.42 -30.79
CA SER J 539 -42.27 39.46 -30.69
C SER J 539 -41.15 39.06 -29.73
N ALA J 540 -41.52 38.63 -28.52
CA ALA J 540 -40.51 38.25 -27.55
C ALA J 540 -39.73 37.02 -28.00
N LYS J 541 -40.42 36.06 -28.60
CA LYS J 541 -39.74 34.86 -29.10
C LYS J 541 -38.77 35.21 -30.22
N GLU J 542 -39.15 36.13 -31.10
CA GLU J 542 -38.24 36.60 -32.13
C GLU J 542 -37.04 37.33 -31.52
N GLN J 543 -37.28 38.13 -30.47
CA GLN J 543 -36.18 38.79 -29.79
C GLN J 543 -35.20 37.79 -29.22
N VAL J 544 -35.71 36.73 -28.58
CA VAL J 544 -34.86 35.70 -28.02
C VAL J 544 -34.09 34.97 -29.12
N LYS J 545 -34.77 34.67 -30.23
CA LYS J 545 -34.10 34.02 -31.35
C LYS J 545 -32.98 34.89 -31.91
N ILE J 546 -33.22 36.20 -32.04
CA ILE J 546 -32.21 37.11 -32.54
C ILE J 546 -31.02 37.17 -31.58
N ALA J 547 -31.30 37.23 -30.29
CA ALA J 547 -30.23 37.25 -29.30
C ALA J 547 -29.42 35.97 -29.35
N PHE J 548 -30.08 34.82 -29.51
CA PHE J 548 -29.36 33.54 -29.59
C PHE J 548 -28.51 33.49 -30.85
N ASP J 549 -29.03 33.98 -31.98
CA ASP J 549 -28.24 34.02 -33.20
C ASP J 549 -27.03 34.92 -33.05
N TYR J 550 -27.19 36.08 -32.41
CA TYR J 550 -26.07 36.97 -32.17
C TYR J 550 -25.04 36.32 -31.25
N PHE J 551 -25.51 35.58 -30.24
CA PHE J 551 -24.62 34.86 -29.33
C PHE J 551 -23.82 33.80 -30.09
N LYS J 552 -24.49 33.06 -30.98
CA LYS J 552 -23.81 32.04 -31.76
C LYS J 552 -22.77 32.67 -32.70
N ALA J 553 -23.13 33.80 -33.30
CA ALA J 553 -22.19 34.48 -34.20
C ALA J 553 -20.97 35.00 -33.46
N ASN J 554 -21.16 35.54 -32.25
CA ASN J 554 -20.08 36.09 -31.45
C ASN J 554 -19.61 35.13 -30.37
N ALA J 555 -19.59 33.83 -30.66
CA ALA J 555 -19.24 32.85 -29.64
C ALA J 555 -17.82 33.04 -29.13
N SER J 556 -16.87 33.25 -30.04
CA SER J 556 -15.48 33.40 -29.61
C SER J 556 -15.25 34.71 -28.86
N ARG J 557 -15.92 35.79 -29.28
CA ARG J 557 -15.69 37.09 -28.66
C ARG J 557 -16.26 37.16 -27.25
N ILE J 558 -17.21 36.28 -26.91
CA ILE J 558 -17.85 36.31 -25.61
C ILE J 558 -17.37 35.18 -24.71
N SER J 559 -17.44 33.93 -25.19
CA SER J 559 -17.04 32.77 -24.41
C SER J 559 -15.54 32.56 -24.39
N GLY J 560 -14.82 33.02 -25.41
CA GLY J 560 -13.37 32.87 -25.44
C GLY J 560 -12.91 31.45 -25.70
N GLY J 561 -13.77 30.63 -26.28
CA GLY J 561 -13.39 29.27 -26.62
C GLY J 561 -14.47 28.24 -26.41
N SER J 562 -15.44 28.54 -25.56
CA SER J 562 -16.53 27.61 -25.30
C SER J 562 -17.46 27.55 -26.50
N LYS J 563 -17.93 26.34 -26.84
CA LYS J 563 -18.73 26.13 -28.03
C LYS J 563 -20.21 26.20 -27.67
N VAL J 564 -20.94 27.05 -28.40
CA VAL J 564 -22.39 27.16 -28.19
C VAL J 564 -23.11 25.92 -28.68
N MET J 565 -22.66 25.37 -29.82
CA MET J 565 -23.36 24.27 -30.46
C MET J 565 -23.28 22.97 -29.69
N GLU J 566 -22.44 22.88 -28.66
CA GLU J 566 -22.35 21.68 -27.85
C GLU J 566 -23.30 21.68 -26.67
N HIS J 567 -24.13 22.71 -26.52
CA HIS J 567 -25.00 22.84 -25.37
C HIS J 567 -26.39 23.31 -25.80
N ASP J 568 -27.41 22.76 -25.16
CA ASP J 568 -28.78 23.22 -25.32
C ASP J 568 -29.15 24.13 -24.17
N PHE J 569 -30.08 25.05 -24.43
CA PHE J 569 -30.46 26.08 -23.47
C PHE J 569 -31.98 26.16 -23.39
N HIS J 570 -32.49 26.41 -22.20
CA HIS J 570 -33.91 26.68 -21.97
C HIS J 570 -34.03 27.98 -21.20
N LEU J 571 -34.78 28.93 -21.74
CA LEU J 571 -34.98 30.21 -21.09
C LEU J 571 -36.44 30.37 -20.69
N HIS J 572 -36.68 30.70 -19.43
CA HIS J 572 -38.01 30.95 -18.90
C HIS J 572 -38.09 32.39 -18.43
N VAL J 573 -39.26 33.00 -18.60
CA VAL J 573 -39.49 34.37 -18.20
C VAL J 573 -40.52 34.37 -17.07
N VAL J 574 -40.15 34.97 -15.94
CA VAL J 574 -40.98 34.98 -14.74
C VAL J 574 -41.45 36.41 -14.51
N GLU J 575 -42.76 36.59 -14.41
CA GLU J 575 -43.33 37.90 -14.15
C GLU J 575 -43.65 38.04 -12.66
N LEU J 576 -42.98 39.00 -12.00
CA LEU J 576 -43.12 39.16 -10.56
C LEU J 576 -43.97 40.38 -10.18
N GLN J 577 -44.33 41.24 -11.12
CA GLN J 577 -45.16 42.39 -10.82
C GLN J 577 -46.51 42.35 -11.51
N ASN J 578 -46.80 41.31 -12.30
CA ASN J 578 -48.09 41.16 -12.97
C ASN J 578 -48.40 42.32 -13.89
N THR J 579 -47.35 42.94 -14.44
CA THR J 579 -47.52 44.14 -15.24
C THR J 579 -48.02 43.84 -16.64
N GLY J 580 -47.56 42.76 -17.27
CA GLY J 580 -47.94 42.44 -18.63
C GLY J 580 -46.76 41.97 -19.46
N PRO J 581 -47.05 41.48 -20.66
CA PRO J 581 -45.99 40.92 -21.51
C PRO J 581 -45.00 41.99 -21.98
N LEU J 582 -43.75 41.58 -22.11
CA LEU J 582 -42.69 42.46 -22.62
C LEU J 582 -42.21 41.96 -23.97
N SER J 583 -41.90 42.91 -24.86
CA SER J 583 -41.33 42.58 -26.17
C SER J 583 -39.81 42.75 -26.19
N HIS J 584 -39.32 43.82 -25.57
CA HIS J 584 -37.88 44.13 -25.59
C HIS J 584 -37.15 43.14 -24.71
N LEU J 585 -36.54 42.13 -25.33
CA LEU J 585 -35.83 41.10 -24.58
C LEU J 585 -34.52 40.65 -25.17
N ALA J 586 -34.01 41.31 -26.22
CA ALA J 586 -32.79 40.83 -26.88
C ALA J 586 -31.58 40.91 -25.95
N LEU J 587 -31.35 42.09 -25.36
CA LEU J 587 -30.17 42.28 -24.52
C LEU J 587 -30.19 41.40 -23.27
N PRO J 588 -31.26 41.36 -22.47
CA PRO J 588 -31.24 40.42 -21.34
C PRO J 588 -31.11 38.98 -21.76
N SER J 589 -31.64 38.61 -22.92
CA SER J 589 -31.45 37.25 -23.43
C SER J 589 -29.98 36.97 -23.69
N LEU J 590 -29.28 37.88 -24.37
CA LEU J 590 -27.86 37.68 -24.61
C LEU J 590 -27.09 37.58 -23.30
N VAL J 591 -27.44 38.43 -22.34
CA VAL J 591 -26.79 38.36 -21.03
C VAL J 591 -27.05 37.01 -20.40
N ALA J 592 -28.26 36.48 -20.55
CA ALA J 592 -28.62 35.21 -19.94
C ALA J 592 -27.78 34.07 -20.51
N PHE J 593 -27.74 33.93 -21.84
CA PHE J 593 -26.90 32.88 -22.43
C PHE J 593 -25.43 33.10 -22.13
N ALA J 594 -24.97 34.34 -22.14
CA ALA J 594 -23.55 34.61 -21.87
C ALA J 594 -23.19 34.17 -20.46
N SER J 595 -24.04 34.49 -19.48
CA SER J 595 -23.73 34.13 -18.09
C SER J 595 -23.86 32.63 -17.89
N GLY J 596 -24.92 32.02 -18.42
CA GLY J 596 -25.13 30.59 -18.20
C GLY J 596 -24.08 29.73 -18.86
N LEU J 597 -23.74 30.04 -20.12
CA LEU J 597 -22.74 29.25 -20.83
C LEU J 597 -21.36 29.38 -20.17
N LEU J 598 -21.02 30.58 -19.72
CA LEU J 598 -19.75 30.78 -19.02
C LEU J 598 -19.78 30.27 -17.59
N GLY J 599 -20.96 29.98 -17.04
CA GLY J 599 -21.05 29.49 -15.68
C GLY J 599 -20.66 30.51 -14.63
N ARG J 600 -20.76 31.80 -14.95
CA ARG J 600 -20.37 32.86 -14.05
C ARG J 600 -21.61 33.63 -13.60
N SER J 601 -21.76 33.77 -12.28
CA SER J 601 -22.92 34.44 -11.74
C SER J 601 -22.92 35.93 -12.08
N VAL J 602 -24.09 36.45 -12.46
CA VAL J 602 -24.23 37.89 -12.63
C VAL J 602 -24.04 38.57 -11.28
N GLN J 603 -23.50 39.78 -11.31
CA GLN J 603 -23.28 40.53 -10.08
C GLN J 603 -24.59 40.72 -9.34
N SER J 604 -24.54 40.61 -8.01
CA SER J 604 -25.74 40.67 -7.19
C SER J 604 -26.43 42.02 -7.36
N GLN J 605 -27.76 41.96 -7.46
CA GLN J 605 -28.59 43.16 -7.61
C GLN J 605 -28.18 44.00 -8.81
N MET J 606 -27.83 43.34 -9.91
CA MET J 606 -27.56 44.02 -11.17
C MET J 606 -28.72 43.83 -12.13
N VAL J 607 -29.19 44.94 -12.68
CA VAL J 607 -30.35 44.95 -13.58
C VAL J 607 -29.85 45.27 -14.98
N VAL J 608 -30.21 44.42 -15.94
CA VAL J 608 -29.84 44.61 -17.33
C VAL J 608 -30.98 45.33 -18.03
N LEU J 609 -30.71 46.55 -18.51
CA LEU J 609 -31.72 47.38 -19.16
C LEU J 609 -31.29 47.72 -20.58
N GLY J 610 -32.29 47.98 -21.42
CA GLY J 610 -32.08 48.27 -22.81
C GLY J 610 -32.39 47.09 -23.71
N ASP J 611 -32.22 47.32 -25.01
CA ASP J 611 -32.51 46.32 -26.02
C ASP J 611 -31.31 46.19 -26.96
N MET J 612 -31.41 45.26 -27.91
CA MET J 612 -30.34 44.98 -28.83
C MET J 612 -30.93 44.58 -30.18
N SER J 613 -30.22 44.94 -31.25
CA SER J 613 -30.56 44.49 -32.59
C SER J 613 -29.66 43.32 -33.00
N LEU J 614 -29.95 42.75 -34.17
CA LEU J 614 -29.13 41.64 -34.66
C LEU J 614 -27.70 42.06 -34.90
N GLY J 615 -27.48 43.25 -35.44
CA GLY J 615 -26.14 43.72 -35.75
C GLY J 615 -25.36 44.24 -34.55
N GLY J 616 -25.96 44.26 -33.38
CA GLY J 616 -25.31 44.77 -32.19
C GLY J 616 -25.61 46.20 -31.83
N SER J 617 -26.61 46.81 -32.46
CA SER J 617 -27.00 48.17 -32.11
C SER J 617 -27.77 48.18 -30.79
N VAL J 618 -27.39 49.09 -29.92
CA VAL J 618 -28.01 49.23 -28.61
C VAL J 618 -29.01 50.38 -28.66
N THR J 619 -30.21 50.13 -28.16
CA THR J 619 -31.22 51.18 -28.21
C THR J 619 -31.45 51.74 -26.81
N PRO J 620 -31.77 53.04 -26.70
CA PRO J 620 -31.93 53.65 -25.38
C PRO J 620 -33.15 53.11 -24.65
N VAL J 621 -33.09 53.19 -23.32
CA VAL J 621 -34.20 52.71 -22.48
C VAL J 621 -35.28 53.77 -22.45
N GLU J 622 -36.49 53.37 -22.88
CA GLU J 622 -37.62 54.29 -22.85
C GLU J 622 -38.15 54.40 -21.42
N SER J 623 -38.57 55.61 -21.05
CA SER J 623 -39.07 55.89 -19.70
C SER J 623 -38.04 55.48 -18.65
N ILE J 624 -36.83 56.00 -18.80
CA ILE J 624 -35.70 55.58 -17.98
C ILE J 624 -35.94 55.93 -16.51
N ALA J 625 -36.56 57.09 -16.26
CA ALA J 625 -36.82 57.51 -14.88
C ALA J 625 -37.72 56.51 -14.18
N GLU J 626 -38.81 56.08 -14.84
CA GLU J 626 -39.68 55.09 -14.24
C GLU J 626 -38.99 53.74 -14.12
N CYS J 627 -38.09 53.42 -15.05
CA CYS J 627 -37.34 52.18 -14.95
C CYS J 627 -36.47 52.17 -13.70
N LEU J 628 -35.78 53.28 -13.43
CA LEU J 628 -34.96 53.36 -12.23
C LEU J 628 -35.83 53.39 -10.97
N GLN J 629 -37.00 54.02 -11.04
CA GLN J 629 -37.91 54.01 -9.91
C GLN J 629 -38.35 52.59 -9.57
N VAL J 630 -38.69 51.81 -10.60
CA VAL J 630 -39.07 50.41 -10.39
C VAL J 630 -37.89 49.61 -9.83
N ALA J 631 -36.69 49.86 -10.37
CA ALA J 631 -35.51 49.14 -9.90
C ALA J 631 -35.24 49.43 -8.42
N PHE J 632 -35.39 50.70 -8.02
CA PHE J 632 -35.25 51.04 -6.61
C PHE J 632 -36.34 50.37 -5.77
N ASP J 633 -37.57 50.34 -6.30
CA ASP J 633 -38.63 49.61 -5.64
C ASP J 633 -38.32 48.12 -5.60
N ALA J 634 -37.51 47.63 -6.54
CA ALA J 634 -37.07 46.24 -6.53
C ALA J 634 -35.96 45.97 -5.53
N GLY J 635 -35.42 47.00 -4.90
CA GLY J 635 -34.36 46.83 -3.93
C GLY J 635 -32.97 46.66 -4.51
N ALA J 636 -32.82 46.76 -5.83
CA ALA J 636 -31.52 46.58 -6.46
C ALA J 636 -30.60 47.74 -6.11
N LYS J 637 -29.29 47.47 -6.17
CA LYS J 637 -28.28 48.50 -5.96
C LYS J 637 -27.40 48.76 -7.16
N LYS J 638 -27.44 47.91 -8.19
CA LYS J 638 -26.60 48.05 -9.37
C LYS J 638 -27.46 48.01 -10.62
N VAL J 639 -27.12 48.85 -11.60
CA VAL J 639 -27.80 48.88 -12.89
C VAL J 639 -26.76 49.07 -13.99
N ALA J 640 -26.96 48.41 -15.12
CA ALA J 640 -26.15 48.60 -16.31
C ALA J 640 -27.02 49.23 -17.39
N LEU J 641 -26.54 50.32 -17.97
CA LEU J 641 -27.35 51.10 -18.91
C LEU J 641 -26.60 51.28 -20.22
N PRO J 642 -27.30 51.31 -21.36
CA PRO J 642 -26.63 51.64 -22.62
C PRO J 642 -26.13 53.07 -22.61
N MET J 643 -25.03 53.29 -23.34
CA MET J 643 -24.45 54.63 -23.42
C MET J 643 -25.41 55.62 -24.06
N SER J 644 -26.24 55.16 -24.99
CA SER J 644 -27.19 56.06 -25.65
C SER J 644 -28.19 56.67 -24.67
N SER J 645 -28.53 55.95 -23.60
CA SER J 645 -29.42 56.48 -22.59
C SER J 645 -28.71 57.44 -21.63
N ALA J 646 -27.40 57.62 -21.77
CA ALA J 646 -26.69 58.58 -20.92
C ALA J 646 -27.22 59.99 -21.11
N ALA J 647 -27.71 60.31 -22.32
CA ALA J 647 -28.29 61.63 -22.57
C ALA J 647 -29.53 61.86 -21.71
N ASP J 648 -30.15 60.78 -21.23
CA ASP J 648 -31.30 60.89 -20.34
C ASP J 648 -30.92 60.89 -18.86
N ILE J 649 -29.63 60.80 -18.55
CA ILE J 649 -29.22 60.79 -17.14
C ILE J 649 -29.61 62.07 -16.41
N PRO J 650 -29.37 63.28 -16.93
CA PRO J 650 -29.75 64.48 -16.18
C PRO J 650 -31.24 64.57 -15.87
N THR J 651 -32.10 64.03 -16.73
CA THR J 651 -33.53 64.03 -16.47
C THR J 651 -33.92 63.18 -15.27
N ILE J 652 -33.07 62.23 -14.88
CA ILE J 652 -33.32 61.39 -13.72
C ILE J 652 -33.09 62.21 -12.46
N PRO J 653 -34.02 62.20 -11.50
CA PRO J 653 -33.82 62.92 -10.25
C PRO J 653 -32.57 62.45 -9.52
N VAL J 654 -31.91 63.39 -8.85
CA VAL J 654 -30.61 63.10 -8.23
C VAL J 654 -30.76 62.03 -7.14
N GLU J 655 -31.78 62.16 -6.29
CA GLU J 655 -31.93 61.25 -5.17
C GLU J 655 -32.12 59.81 -5.63
N LEU J 656 -32.97 59.60 -6.64
CA LEU J 656 -33.13 58.26 -7.19
C LEU J 656 -31.88 57.77 -7.89
N PHE J 657 -31.20 58.66 -8.62
CA PHE J 657 -30.05 58.25 -9.42
C PHE J 657 -28.88 57.81 -8.55
N THR J 658 -28.64 58.50 -7.43
CA THR J 658 -27.48 58.22 -6.61
C THR J 658 -27.55 56.87 -5.90
N LYS J 659 -28.71 56.22 -5.88
CA LYS J 659 -28.84 54.95 -5.17
C LYS J 659 -28.32 53.76 -5.96
N PHE J 660 -27.71 53.98 -7.13
CA PHE J 660 -27.30 52.89 -8.00
C PHE J 660 -25.83 53.00 -8.38
N GLN J 661 -25.10 51.90 -8.22
CA GLN J 661 -23.74 51.77 -8.73
C GLN J 661 -23.84 51.57 -10.22
N THR J 662 -23.75 52.66 -10.97
CA THR J 662 -24.22 52.70 -12.36
C THR J 662 -23.08 52.35 -13.32
N SER J 663 -23.40 51.55 -14.33
CA SER J 663 -22.45 51.14 -15.36
C SER J 663 -23.07 51.45 -16.73
N PHE J 664 -22.24 51.95 -17.65
CA PHE J 664 -22.70 52.33 -18.99
C PHE J 664 -21.93 51.52 -20.03
N TYR J 665 -22.60 50.56 -20.66
CA TYR J 665 -21.95 49.79 -21.70
C TYR J 665 -22.10 50.48 -23.06
N ALA J 666 -21.37 49.97 -24.05
CA ALA J 666 -21.42 50.49 -25.40
C ALA J 666 -21.99 49.50 -26.40
N ASP J 667 -21.43 48.30 -26.48
CA ASP J 667 -21.95 47.29 -27.41
C ASP J 667 -22.42 46.08 -26.60
N PRO J 668 -23.10 45.11 -27.21
CA PRO J 668 -23.55 43.94 -26.43
C PRO J 668 -22.43 43.19 -25.74
N VAL J 669 -21.24 43.14 -26.34
CA VAL J 669 -20.12 42.46 -25.69
C VAL J 669 -19.72 43.19 -24.41
N ASP J 670 -19.64 44.52 -24.47
CA ASP J 670 -19.36 45.29 -23.26
C ASP J 670 -20.47 45.15 -22.23
N ALA J 671 -21.72 45.05 -22.70
CA ALA J 671 -22.83 44.79 -21.78
C ALA J 671 -22.65 43.45 -21.08
N VAL J 672 -22.25 42.43 -21.83
CA VAL J 672 -22.01 41.12 -21.23
C VAL J 672 -20.90 41.20 -20.18
N PHE J 673 -19.80 41.88 -20.52
CA PHE J 673 -18.69 41.95 -19.59
C PHE J 673 -19.06 42.74 -18.33
N LYS J 674 -19.83 43.82 -18.49
CA LYS J 674 -20.23 44.62 -17.34
C LYS J 674 -21.22 43.85 -16.46
N GLY J 675 -22.16 43.14 -17.07
CA GLY J 675 -23.09 42.34 -16.28
C GLY J 675 -22.40 41.21 -15.54
N LEU J 676 -21.43 40.57 -16.19
CA LEU J 676 -20.66 39.51 -15.57
C LEU J 676 -19.68 40.03 -14.52
N GLY J 677 -19.23 41.27 -14.64
CA GLY J 677 -18.29 41.85 -13.69
C GLY J 677 -16.85 41.77 -14.16
N ALA K 4 -58.38 -14.96 63.07
CA ALA K 4 -59.81 -14.89 63.35
C ALA K 4 -60.55 -14.20 62.22
N ASN K 5 -59.96 -13.13 61.68
CA ASN K 5 -60.58 -12.42 60.56
C ASN K 5 -60.68 -13.31 59.33
N ASP K 6 -59.64 -14.11 59.07
CA ASP K 6 -59.68 -15.02 57.93
C ASP K 6 -60.77 -16.07 58.12
N LYS K 7 -60.97 -16.53 59.35
CA LYS K 7 -62.06 -17.45 59.64
C LYS K 7 -63.41 -16.81 59.32
N GLU K 8 -63.59 -15.56 59.75
CA GLU K 8 -64.83 -14.85 59.42
C GLU K 8 -64.98 -14.69 57.91
N LEU K 9 -63.87 -14.51 57.21
CA LEU K 9 -63.91 -14.51 55.74
C LEU K 9 -64.41 -15.84 55.22
N ASP K 10 -63.96 -16.93 55.81
CA ASP K 10 -64.41 -18.27 55.40
C ASP K 10 -65.92 -18.41 55.59
N GLN K 11 -66.43 -17.98 56.75
CA GLN K 11 -67.87 -18.07 56.98
C GLN K 11 -68.65 -17.15 56.05
N LEU K 12 -68.10 -15.97 55.76
CA LEU K 12 -68.77 -15.07 54.81
C LEU K 12 -68.85 -15.69 53.42
N LEU K 13 -67.75 -16.32 52.97
CA LEU K 13 -67.76 -17.01 51.68
C LEU K 13 -68.76 -18.15 51.68
N ASN K 14 -68.81 -18.92 52.77
CA ASN K 14 -69.75 -20.03 52.83
C ASN K 14 -71.20 -19.55 52.87
N GLU K 15 -71.44 -18.38 53.47
CA GLU K 15 -72.79 -17.84 53.55
C GLU K 15 -73.25 -17.29 52.20
N HIS K 16 -72.37 -16.59 51.51
CA HIS K 16 -72.78 -15.87 50.30
C HIS K 16 -72.25 -16.48 49.02
N PHE K 17 -71.34 -17.46 49.10
CA PHE K 17 -70.78 -18.13 47.94
C PHE K 17 -70.80 -19.63 48.16
N ALA K 18 -71.93 -20.17 48.61
CA ALA K 18 -72.05 -21.57 48.99
C ALA K 18 -71.73 -22.50 47.82
N GLY K 19 -70.79 -23.42 48.03
CA GLY K 19 -70.37 -24.31 46.98
C GLY K 19 -69.72 -23.62 45.80
N ARG K 20 -69.21 -22.41 46.01
CA ARG K 20 -68.76 -21.57 44.92
C ARG K 20 -67.33 -21.11 45.13
N VAL K 21 -66.73 -21.47 46.27
CA VAL K 21 -65.35 -21.14 46.61
C VAL K 21 -64.68 -22.42 47.12
N VAL K 22 -63.35 -22.40 47.16
CA VAL K 22 -62.59 -23.57 47.60
C VAL K 22 -61.17 -23.17 47.96
N ARG K 23 -60.51 -23.96 48.81
CA ARG K 23 -59.12 -23.71 49.18
C ARG K 23 -58.21 -24.06 48.00
N LYS K 24 -56.89 -23.96 48.22
CA LYS K 24 -55.93 -24.04 47.14
C LYS K 24 -54.88 -25.13 47.27
N ASP K 25 -54.58 -25.61 48.48
CA ASP K 25 -53.57 -26.66 48.62
C ASP K 25 -54.02 -27.95 47.96
N LEU K 26 -55.31 -28.29 48.07
CA LEU K 26 -55.81 -29.50 47.41
C LEU K 26 -55.66 -29.41 45.90
N THR K 27 -55.74 -28.20 45.33
CA THR K 27 -55.58 -28.04 43.90
C THR K 27 -54.20 -28.50 43.44
N LYS K 28 -53.14 -28.06 44.13
CA LYS K 28 -51.80 -28.50 43.76
C LYS K 28 -51.56 -29.95 44.18
N LEU K 29 -52.28 -30.42 45.19
CA LEU K 29 -52.19 -31.83 45.56
C LEU K 29 -52.70 -32.73 44.44
N ILE K 30 -53.80 -32.35 43.80
CA ILE K 30 -54.36 -33.12 42.69
C ILE K 30 -53.77 -32.69 41.34
N LYS K 31 -52.95 -31.64 41.32
CA LYS K 31 -52.44 -31.07 40.07
C LYS K 31 -51.90 -32.11 39.11
N GLU K 32 -50.83 -32.80 39.53
CA GLU K 32 -50.10 -33.78 38.71
C GLU K 32 -50.09 -33.41 37.23
N GLY K 33 -50.46 -34.32 36.35
CA GLY K 33 -50.56 -34.01 34.95
C GLY K 33 -51.62 -34.76 34.18
N ALA K 34 -52.52 -35.45 34.88
CA ALA K 34 -53.38 -36.43 34.25
C ALA K 34 -54.34 -35.87 33.21
N ASN K 35 -55.31 -35.07 33.63
CA ASN K 35 -56.39 -34.63 32.75
C ASN K 35 -57.24 -33.56 33.41
N VAL K 36 -58.40 -33.27 32.81
CA VAL K 36 -59.47 -32.45 33.39
C VAL K 36 -58.91 -31.16 34.01
N PRO K 37 -58.62 -30.14 33.20
CA PRO K 37 -57.88 -28.96 33.67
C PRO K 37 -58.36 -28.34 34.97
N VAL K 38 -57.49 -27.51 35.55
CA VAL K 38 -57.49 -27.21 36.98
C VAL K 38 -58.88 -26.78 37.48
N TYR K 39 -59.58 -25.93 36.72
CA TYR K 39 -60.86 -25.43 37.22
C TYR K 39 -61.87 -26.55 37.39
N VAL K 40 -61.82 -27.56 36.51
CA VAL K 40 -62.62 -28.76 36.72
C VAL K 40 -62.30 -29.41 38.06
N LEU K 41 -61.00 -29.56 38.34
CA LEU K 41 -60.57 -30.19 39.58
C LEU K 41 -61.10 -29.43 40.79
N GLU K 42 -60.96 -28.11 40.77
CA GLU K 42 -61.30 -27.34 41.97
C GLU K 42 -62.81 -27.18 42.12
N TYR K 43 -63.57 -27.12 41.03
CA TYR K 43 -65.02 -27.16 41.18
C TYR K 43 -65.45 -28.50 41.76
N LEU K 44 -64.82 -29.59 41.30
CA LEU K 44 -65.15 -30.90 41.84
C LEU K 44 -64.82 -30.99 43.32
N LEU K 45 -63.72 -30.35 43.73
CA LEU K 45 -63.39 -30.28 45.15
C LEU K 45 -64.42 -29.46 45.92
N GLY K 46 -64.84 -28.32 45.35
CA GLY K 46 -65.79 -27.47 46.03
C GLY K 46 -67.15 -28.11 46.21
N MET K 47 -67.59 -28.92 45.24
CA MET K 47 -68.90 -29.55 45.33
C MET K 47 -68.92 -30.71 46.33
N TYR K 48 -67.90 -31.57 46.30
CA TYR K 48 -67.86 -32.70 47.22
C TYR K 48 -67.39 -32.29 48.61
N CYS K 49 -66.19 -31.72 48.71
CA CYS K 49 -65.66 -31.32 50.00
C CYS K 49 -66.34 -30.04 50.47
N ALA K 50 -67.29 -30.18 51.40
CA ALA K 50 -68.06 -29.05 51.88
C ALA K 50 -67.37 -28.39 53.07
N SER K 51 -67.18 -29.14 54.15
CA SER K 51 -66.50 -28.63 55.33
C SER K 51 -65.00 -28.91 55.26
N ASP K 52 -64.28 -28.67 56.35
CA ASP K 52 -62.85 -28.94 56.37
C ASP K 52 -62.44 -29.90 57.48
N ASP K 53 -63.31 -30.82 57.88
CA ASP K 53 -62.87 -31.89 58.76
C ASP K 53 -61.80 -32.72 58.05
N PRO K 54 -60.73 -33.12 58.74
CA PRO K 54 -59.65 -33.86 58.06
C PRO K 54 -60.16 -35.10 57.34
N GLU K 55 -61.09 -35.81 57.97
CA GLU K 55 -61.73 -36.95 57.30
C GLU K 55 -62.53 -36.48 56.09
N ILE K 56 -63.27 -35.38 56.23
CA ILE K 56 -64.07 -34.85 55.13
C ILE K 56 -63.15 -34.49 53.97
N ILE K 57 -62.06 -33.79 54.27
CA ILE K 57 -61.12 -33.35 53.25
C ILE K 57 -60.52 -34.54 52.53
N GLU K 58 -60.01 -35.51 53.30
CA GLU K 58 -59.33 -36.65 52.71
C GLU K 58 -60.28 -37.50 51.89
N GLN K 59 -61.49 -37.73 52.42
CA GLN K 59 -62.48 -38.53 51.70
C GLN K 59 -62.92 -37.83 50.42
N GLY K 60 -63.11 -36.51 50.46
CA GLY K 60 -63.43 -35.78 49.26
C GLY K 60 -62.34 -35.88 48.21
N LEU K 61 -61.08 -35.76 48.65
CA LEU K 61 -59.96 -35.91 47.72
C LEU K 61 -59.97 -37.28 47.07
N ARG K 62 -60.13 -38.33 47.87
CA ARG K 62 -60.12 -39.69 47.34
C ARG K 62 -61.29 -39.91 46.39
N ASN K 63 -62.48 -39.40 46.74
CA ASN K 63 -63.63 -39.54 45.87
C ASN K 63 -63.41 -38.84 44.55
N VAL K 64 -62.86 -37.62 44.58
CA VAL K 64 -62.58 -36.89 43.35
C VAL K 64 -61.62 -37.68 42.48
N LYS K 65 -60.52 -38.16 43.06
CA LYS K 65 -59.54 -38.90 42.28
C LYS K 65 -60.13 -40.16 41.68
N THR K 66 -60.88 -40.93 42.48
CA THR K 66 -61.40 -42.20 41.97
C THR K 66 -62.45 -41.97 40.89
N VAL K 67 -63.28 -40.93 41.04
CA VAL K 67 -64.28 -40.63 40.02
C VAL K 67 -63.59 -40.24 38.72
N LEU K 68 -62.61 -39.34 38.80
CA LEU K 68 -61.93 -38.89 37.59
C LEU K 68 -61.15 -40.02 36.93
N ALA K 69 -60.65 -40.96 37.72
CA ALA K 69 -59.90 -42.10 37.19
C ALA K 69 -60.81 -43.20 36.64
N GLU K 70 -62.07 -43.24 37.08
CA GLU K 70 -62.98 -44.30 36.64
C GLU K 70 -63.84 -43.91 35.45
N ASN K 71 -64.37 -42.68 35.42
CA ASN K 71 -65.30 -42.31 34.36
C ASN K 71 -64.69 -41.44 33.27
N TYR K 72 -63.38 -41.28 33.23
CA TYR K 72 -62.76 -40.57 32.12
C TYR K 72 -62.59 -41.49 30.93
N VAL K 73 -62.71 -40.94 29.73
CA VAL K 73 -62.52 -41.66 28.49
C VAL K 73 -61.45 -40.94 27.67
N ARG K 74 -60.43 -41.67 27.25
CA ARG K 74 -59.43 -41.12 26.35
C ARG K 74 -59.94 -41.22 24.92
N PRO K 75 -59.54 -40.30 24.04
CA PRO K 75 -60.15 -40.22 22.69
C PRO K 75 -60.03 -41.48 21.85
N ASP K 76 -58.84 -42.09 21.83
CA ASP K 76 -58.58 -43.16 20.87
C ASP K 76 -59.42 -44.41 21.14
N GLU K 77 -59.86 -44.59 22.38
CA GLU K 77 -60.70 -45.72 22.74
C GLU K 77 -62.18 -45.36 22.71
N ALA K 78 -62.52 -44.17 22.23
CA ALA K 78 -63.89 -43.66 22.34
C ALA K 78 -64.89 -44.61 21.70
N GLU K 79 -64.57 -45.13 20.52
CA GLU K 79 -65.49 -46.05 19.85
C GLU K 79 -65.84 -47.23 20.75
N LYS K 80 -64.86 -47.76 21.49
CA LYS K 80 -65.12 -48.83 22.42
C LYS K 80 -66.26 -48.48 23.36
N VAL K 81 -66.25 -47.26 23.91
CA VAL K 81 -67.31 -46.85 24.83
C VAL K 81 -68.67 -47.00 24.17
N LYS K 82 -68.77 -46.59 22.91
CA LYS K 82 -70.05 -46.70 22.20
C LYS K 82 -70.60 -48.10 22.31
N SER K 83 -69.75 -49.12 22.09
CA SER K 83 -70.22 -50.49 22.16
C SER K 83 -70.79 -50.81 23.53
N LEU K 84 -70.08 -50.40 24.59
CA LEU K 84 -70.58 -50.62 25.94
C LEU K 84 -71.93 -49.93 26.15
N VAL K 85 -72.12 -48.78 25.50
CA VAL K 85 -73.41 -48.11 25.59
C VAL K 85 -74.48 -48.94 24.89
N ARG K 86 -74.14 -49.52 23.75
CA ARG K 86 -75.13 -50.29 22.98
C ARG K 86 -75.55 -51.56 23.73
N GLU K 87 -74.57 -52.33 24.19
CA GLU K 87 -74.90 -53.62 24.80
C GLU K 87 -75.50 -53.47 26.19
N ARG K 88 -75.06 -52.48 26.96
CA ARG K 88 -75.54 -52.29 28.32
C ARG K 88 -76.77 -51.39 28.39
N GLY K 89 -76.93 -50.46 27.46
CA GLY K 89 -78.08 -49.59 27.47
C GLY K 89 -77.86 -48.25 28.16
N SER K 90 -76.85 -48.19 29.02
CA SER K 90 -76.53 -46.96 29.73
C SER K 90 -75.09 -47.03 30.23
N TYR K 91 -74.41 -45.88 30.20
CA TYR K 91 -73.01 -45.84 30.61
C TYR K 91 -72.64 -44.42 31.02
N LYS K 92 -71.91 -44.29 32.13
CA LYS K 92 -71.46 -42.99 32.62
C LYS K 92 -70.12 -42.63 32.00
N VAL K 93 -70.01 -41.39 31.53
CA VAL K 93 -68.78 -40.89 30.92
C VAL K 93 -68.54 -39.45 31.31
N ILE K 94 -67.27 -39.11 31.51
CA ILE K 94 -66.80 -37.73 31.68
C ILE K 94 -66.45 -37.23 30.29
N ASP K 95 -67.05 -36.11 29.88
CA ASP K 95 -66.68 -35.54 28.59
C ASP K 95 -67.11 -34.08 28.53
N ARG K 96 -66.49 -33.35 27.61
CA ARG K 96 -66.84 -31.96 27.34
C ARG K 96 -68.01 -31.94 26.37
N VAL K 97 -69.15 -31.44 26.82
CA VAL K 97 -70.38 -31.44 26.05
C VAL K 97 -70.64 -30.02 25.57
N THR K 98 -71.01 -29.89 24.30
CA THR K 98 -71.49 -28.64 23.74
C THR K 98 -72.83 -28.85 23.06
N VAL K 99 -73.78 -27.97 23.34
CA VAL K 99 -75.16 -28.17 22.90
C VAL K 99 -75.53 -27.13 21.86
N LYS K 100 -76.17 -27.58 20.78
CA LYS K 100 -76.63 -26.72 19.72
C LYS K 100 -78.07 -27.05 19.37
N LEU K 101 -78.82 -26.04 18.95
CA LEU K 101 -80.23 -26.25 18.61
C LEU K 101 -80.36 -26.57 17.13
N ASN K 102 -80.80 -27.79 16.82
CA ASN K 102 -81.09 -28.19 15.44
C ASN K 102 -82.49 -27.68 15.13
N GLU K 103 -82.55 -26.56 14.42
CA GLU K 103 -83.84 -25.98 14.03
C GLU K 103 -84.52 -26.82 12.96
N ARG K 104 -83.75 -27.46 12.10
CA ARG K 104 -84.34 -28.32 11.08
C ARG K 104 -85.11 -29.47 11.70
N LYS K 105 -84.59 -30.06 12.78
CA LYS K 105 -85.30 -31.08 13.54
C LYS K 105 -85.97 -30.50 14.78
N ASP K 106 -85.66 -29.26 15.15
CA ASP K 106 -86.23 -28.61 16.33
C ASP K 106 -85.95 -29.43 17.59
N LYS K 107 -84.69 -29.77 17.79
CA LYS K 107 -84.31 -30.54 18.97
C LYS K 107 -82.93 -30.10 19.44
N TYR K 108 -82.64 -30.40 20.70
CA TYR K 108 -81.34 -30.06 21.27
C TYR K 108 -80.34 -31.18 21.04
N GLU K 109 -79.23 -30.83 20.40
CA GLU K 109 -78.24 -31.77 19.91
C GLU K 109 -76.92 -31.50 20.64
N ALA K 110 -76.51 -32.43 21.48
CA ALA K 110 -75.27 -32.32 22.22
C ALA K 110 -74.18 -33.11 21.51
N SER K 111 -72.97 -32.55 21.53
CA SER K 111 -71.80 -33.16 20.92
C SER K 111 -70.73 -33.31 21.98
N PHE K 112 -70.03 -34.45 21.93
CA PHE K 112 -69.00 -34.78 22.90
C PHE K 112 -67.64 -34.65 22.22
N SER K 113 -66.77 -33.82 22.80
CA SER K 113 -65.49 -33.51 22.16
C SER K 113 -64.60 -34.75 22.09
N ASN K 114 -64.51 -35.51 23.19
CA ASN K 114 -63.61 -36.67 23.19
C ASN K 114 -64.26 -37.90 22.59
N LEU K 115 -65.51 -38.18 22.96
CA LEU K 115 -66.17 -39.39 22.48
C LEU K 115 -66.39 -39.38 20.98
N GLY K 116 -66.47 -38.21 20.36
CA GLY K 116 -66.70 -38.13 18.94
C GLY K 116 -68.14 -38.10 18.50
N ILE K 117 -69.09 -38.30 19.43
CA ILE K 117 -70.50 -38.18 19.11
C ILE K 117 -70.81 -36.72 18.77
N LYS K 118 -71.41 -36.50 17.61
CA LYS K 118 -71.76 -35.15 17.18
C LYS K 118 -73.24 -34.91 17.07
N ASP K 119 -74.08 -35.91 17.39
CA ASP K 119 -75.52 -35.74 17.22
C ASP K 119 -76.33 -36.34 18.35
N ALA K 120 -75.81 -36.37 19.58
CA ALA K 120 -76.56 -36.94 20.69
C ALA K 120 -77.79 -36.09 20.97
N GLU K 121 -78.89 -36.74 21.36
CA GLU K 121 -80.08 -36.01 21.72
C GLU K 121 -80.05 -35.65 23.20
N ILE K 122 -80.40 -34.42 23.53
CA ILE K 122 -80.41 -33.97 24.92
C ILE K 122 -81.73 -33.26 25.21
N SER K 123 -82.32 -33.56 26.35
CA SER K 123 -83.64 -33.05 26.68
C SER K 123 -83.61 -31.54 26.91
N ALA K 124 -84.77 -30.91 26.76
CA ALA K 124 -84.87 -29.47 26.96
C ALA K 124 -84.64 -29.08 28.42
N GLY K 125 -85.08 -29.92 29.35
CA GLY K 125 -84.92 -29.59 30.76
C GLY K 125 -83.46 -29.48 31.16
N ILE K 126 -82.64 -30.43 30.73
CA ILE K 126 -81.23 -30.43 31.10
C ILE K 126 -80.54 -29.20 30.53
N VAL K 127 -80.79 -28.88 29.26
CA VAL K 127 -80.11 -27.75 28.64
C VAL K 127 -80.58 -26.44 29.23
N LYS K 128 -81.87 -26.33 29.57
CA LYS K 128 -82.35 -25.09 30.17
C LYS K 128 -81.90 -24.98 31.62
N GLU K 129 -81.52 -26.10 32.25
CA GLU K 129 -81.01 -26.04 33.61
C GLU K 129 -79.61 -25.44 33.65
N TYR K 130 -78.74 -25.85 32.72
CA TYR K 130 -77.36 -25.38 32.65
C TYR K 130 -77.17 -24.62 31.33
N GLU K 131 -77.24 -23.29 31.39
CA GLU K 131 -77.11 -22.49 30.18
C GLU K 131 -75.67 -22.49 29.66
N LYS K 132 -74.71 -22.85 30.50
CA LYS K 132 -73.33 -22.89 30.05
C LYS K 132 -73.10 -23.93 28.95
N LEU K 133 -74.00 -24.90 28.82
CA LEU K 133 -73.90 -25.84 27.70
C LEU K 133 -74.02 -25.13 26.37
N LEU K 134 -74.69 -23.98 26.35
CA LEU K 134 -74.94 -23.25 25.11
C LEU K 134 -73.91 -22.16 24.84
N VAL K 135 -72.90 -22.02 25.70
CA VAL K 135 -71.91 -20.97 25.54
C VAL K 135 -70.58 -21.50 25.00
N GLY K 136 -69.91 -22.39 25.73
CA GLY K 136 -68.63 -22.89 25.27
C GLY K 136 -68.39 -24.36 25.58
N GLY K 137 -69.41 -25.04 26.09
CA GLY K 137 -69.28 -26.45 26.41
C GLY K 137 -68.55 -26.68 27.71
N ILE K 138 -68.97 -27.69 28.48
CA ILE K 138 -68.42 -27.93 29.80
C ILE K 138 -68.18 -29.43 29.99
N TRP K 139 -67.17 -29.75 30.79
CA TRP K 139 -66.97 -31.13 31.21
C TRP K 139 -68.08 -31.54 32.18
N VAL K 140 -68.77 -32.62 31.85
CA VAL K 140 -69.84 -33.15 32.68
C VAL K 140 -69.73 -34.67 32.74
N ILE K 141 -70.37 -35.24 33.76
CA ILE K 141 -70.63 -36.67 33.82
C ILE K 141 -72.02 -36.92 33.27
N ALA K 142 -72.11 -37.78 32.26
CA ALA K 142 -73.35 -38.05 31.55
C ALA K 142 -73.61 -39.54 31.49
N THR K 143 -74.86 -39.91 31.70
CA THR K 143 -75.31 -41.29 31.59
C THR K 143 -75.90 -41.49 30.20
N LEU K 144 -75.04 -41.74 29.22
CA LEU K 144 -75.47 -41.94 27.85
C LEU K 144 -76.28 -43.22 27.73
N SER K 145 -77.41 -43.14 27.04
CA SER K 145 -78.29 -44.26 26.80
C SER K 145 -78.44 -44.51 25.31
N TYR K 146 -78.63 -45.77 24.94
CA TYR K 146 -78.76 -46.17 23.54
C TYR K 146 -80.15 -46.75 23.32
N TYR K 147 -80.83 -46.28 22.28
CA TYR K 147 -82.12 -46.82 21.86
C TYR K 147 -82.26 -46.59 20.37
N PHE K 148 -82.33 -47.67 19.61
CA PHE K 148 -82.35 -47.60 18.14
C PHE K 148 -83.68 -48.12 17.65
N GLU K 149 -84.22 -47.47 16.62
CA GLU K 149 -85.41 -47.94 15.93
C GLU K 149 -85.12 -48.03 14.44
N GLU K 150 -85.67 -49.06 13.79
CA GLU K 150 -85.46 -49.24 12.36
C GLU K 150 -86.10 -48.10 11.59
N GLY K 151 -85.34 -47.51 10.68
CA GLY K 151 -85.82 -46.42 9.85
C GLY K 151 -85.80 -45.06 10.51
N GLN K 152 -85.36 -44.97 11.76
CA GLN K 152 -85.33 -43.68 12.44
C GLN K 152 -84.30 -42.76 11.83
N THR K 153 -84.48 -41.46 12.03
CA THR K 153 -83.55 -40.45 11.53
C THR K 153 -82.70 -39.84 12.63
N SER K 154 -83.23 -39.70 13.84
CA SER K 154 -82.48 -39.15 14.95
C SER K 154 -81.43 -40.14 15.43
N SER K 155 -80.33 -39.61 15.95
CA SER K 155 -79.27 -40.46 16.46
C SER K 155 -79.78 -41.27 17.65
N PRO K 156 -79.44 -42.56 17.74
CA PRO K 156 -79.90 -43.37 18.87
C PRO K 156 -79.33 -42.96 20.21
N PHE K 157 -78.24 -42.21 20.24
CA PHE K 157 -77.59 -41.85 21.50
C PHE K 157 -78.30 -40.67 22.15
N GLY K 158 -78.74 -40.86 23.40
CA GLY K 158 -79.38 -39.80 24.14
C GLY K 158 -78.83 -39.73 25.55
N VAL K 159 -78.90 -38.53 26.11
CA VAL K 159 -78.38 -38.25 27.44
C VAL K 159 -79.54 -38.30 28.42
N SER K 160 -79.42 -39.17 29.43
CA SER K 160 -80.45 -39.32 30.44
C SER K 160 -80.19 -38.47 31.67
N LEU K 161 -78.99 -38.56 32.25
CA LEU K 161 -78.61 -37.77 33.40
C LEU K 161 -77.31 -37.04 33.10
N LEU K 162 -77.23 -35.80 33.55
CA LEU K 162 -76.06 -34.97 33.28
C LEU K 162 -75.77 -34.12 34.50
N LYS K 163 -74.56 -34.28 35.05
CA LYS K 163 -74.12 -33.49 36.20
C LYS K 163 -72.88 -32.69 35.82
N PRO K 164 -72.90 -31.37 35.98
CA PRO K 164 -71.76 -30.55 35.56
C PRO K 164 -70.57 -30.75 36.49
N ILE K 165 -69.39 -30.94 35.89
CA ILE K 165 -68.17 -30.96 36.70
C ILE K 165 -67.58 -29.57 36.77
N GLN K 166 -68.10 -28.64 35.98
CA GLN K 166 -67.74 -27.23 36.06
C GLN K 166 -68.90 -26.42 36.62
N MET K 167 -68.70 -25.11 36.62
CA MET K 167 -69.73 -24.19 37.05
C MET K 167 -70.88 -24.17 36.05
N PRO K 168 -72.12 -24.17 36.51
CA PRO K 168 -73.25 -24.08 35.57
C PRO K 168 -73.62 -22.64 35.21
N ASN K 169 -73.45 -21.70 36.15
CA ASN K 169 -73.96 -20.35 35.98
C ASN K 169 -73.28 -19.41 36.97
N MET K 170 -73.41 -18.11 36.72
CA MET K 170 -73.16 -17.09 37.74
C MET K 170 -74.34 -16.13 37.78
N ASN K 171 -74.83 -15.86 39.00
CA ASN K 171 -75.99 -14.98 39.21
C ASN K 171 -75.46 -13.61 39.61
N MET K 172 -76.01 -12.56 38.99
CA MET K 172 -75.55 -11.21 39.27
C MET K 172 -75.90 -10.78 40.68
N ASP K 173 -77.12 -11.09 41.12
CA ASP K 173 -77.65 -10.50 42.35
C ASP K 173 -76.93 -11.06 43.58
N GLU K 174 -76.77 -12.38 43.64
CA GLU K 174 -76.07 -12.97 44.79
C GLU K 174 -74.61 -12.56 44.79
N LEU K 175 -74.01 -12.42 43.61
CA LEU K 175 -72.65 -11.90 43.51
C LEU K 175 -72.52 -10.52 44.14
N PHE K 176 -73.38 -9.59 43.73
CA PHE K 176 -73.29 -8.23 44.25
C PHE K 176 -73.63 -8.18 45.74
N SER K 177 -74.59 -8.99 46.17
CA SER K 177 -74.94 -9.06 47.59
C SER K 177 -73.76 -9.57 48.42
N GLY K 178 -73.09 -10.61 47.93
CA GLY K 178 -71.93 -11.13 48.64
C GLY K 178 -70.79 -10.13 48.69
N ARG K 179 -70.58 -9.40 47.59
CA ARG K 179 -69.58 -8.33 47.61
C ARG K 179 -69.93 -7.28 48.65
N ALA K 180 -71.19 -6.84 48.66
CA ALA K 180 -71.62 -5.84 49.65
C ALA K 180 -71.52 -6.38 51.07
N ALA K 181 -71.55 -7.69 51.23
CA ALA K 181 -71.45 -8.31 52.55
C ALA K 181 -70.05 -8.24 53.15
N LEU K 182 -69.06 -7.82 52.39
CA LEU K 182 -67.68 -7.77 52.86
C LEU K 182 -67.11 -6.36 52.73
N SER K 183 -66.13 -6.06 53.57
CA SER K 183 -65.45 -4.79 53.50
C SER K 183 -64.48 -4.76 52.32
N THR K 184 -64.04 -3.55 51.97
CA THR K 184 -63.14 -3.40 50.83
C THR K 184 -61.83 -4.15 51.04
N ASP K 185 -61.27 -4.04 52.24
CA ASP K 185 -60.04 -4.79 52.55
C ASP K 185 -60.29 -6.29 52.46
N GLN K 186 -61.43 -6.74 52.98
CA GLN K 186 -61.77 -8.15 52.94
C GLN K 186 -61.92 -8.64 51.51
N TRP K 187 -62.61 -7.87 50.67
CA TRP K 187 -62.78 -8.25 49.27
C TRP K 187 -61.45 -8.28 48.53
N ARG K 188 -60.60 -7.28 48.76
CA ARG K 188 -59.29 -7.24 48.13
C ARG K 188 -58.46 -8.45 48.52
N GLU K 189 -58.45 -8.78 49.82
CA GLU K 189 -57.69 -9.95 50.26
C GLU K 189 -58.31 -11.23 49.73
N SER K 190 -59.63 -11.24 49.52
CA SER K 190 -60.29 -12.41 48.93
C SER K 190 -59.79 -12.64 47.51
N LEU K 191 -59.76 -11.59 46.69
CA LEU K 191 -59.24 -11.74 45.33
C LEU K 191 -57.77 -12.12 45.35
N ILE K 192 -56.99 -11.55 46.27
CA ILE K 192 -55.57 -11.90 46.34
C ILE K 192 -55.39 -13.38 46.69
N ARG K 193 -56.19 -13.88 47.61
CA ARG K 193 -56.14 -15.30 47.95
C ARG K 193 -56.66 -16.15 46.80
N SER K 194 -57.51 -15.57 45.95
CA SER K 194 -58.12 -16.33 44.86
C SER K 194 -57.08 -16.79 43.84
N ILE K 195 -56.03 -15.99 43.64
CA ILE K 195 -54.98 -16.32 42.69
C ILE K 195 -54.02 -17.31 43.34
N GLY K 196 -54.12 -17.44 44.66
CA GLY K 196 -53.18 -18.26 45.42
C GLY K 196 -52.12 -17.48 46.15
N MET K 197 -52.28 -16.16 46.25
CA MET K 197 -51.35 -15.31 46.97
C MET K 197 -51.88 -15.03 48.38
N GLU K 198 -50.97 -14.91 49.33
CA GLU K 198 -51.39 -14.60 50.70
C GLU K 198 -51.26 -13.10 50.93
N PRO K 199 -52.37 -12.38 51.03
CA PRO K 199 -52.29 -10.92 51.22
C PRO K 199 -51.61 -10.51 52.51
N ALA K 200 -51.73 -11.33 53.56
CA ALA K 200 -51.08 -10.99 54.83
C ALA K 200 -49.57 -10.99 54.72
N SER K 201 -49.02 -11.67 53.72
CA SER K 201 -47.58 -11.70 53.49
C SER K 201 -47.10 -10.63 52.52
N LEU K 202 -48.01 -9.82 51.97
CA LEU K 202 -47.66 -8.82 50.98
C LEU K 202 -48.11 -7.45 51.47
N LYS K 203 -47.34 -6.42 51.16
CA LYS K 203 -47.71 -5.07 51.56
C LYS K 203 -48.90 -4.59 50.74
N GLU K 204 -49.63 -3.62 51.31
CA GLU K 204 -50.84 -3.09 50.67
C GLU K 204 -50.54 -2.56 49.27
N ASP K 205 -49.39 -1.90 49.09
CA ASP K 205 -49.02 -1.42 47.76
C ASP K 205 -48.78 -2.56 46.79
N VAL K 206 -48.18 -3.65 47.27
CA VAL K 206 -48.07 -4.84 46.44
C VAL K 206 -49.46 -5.39 46.11
N GLN K 207 -50.40 -5.27 47.05
CA GLN K 207 -51.76 -5.69 46.76
C GLN K 207 -52.39 -4.84 45.66
N TRP K 208 -52.14 -3.53 45.68
CA TRP K 208 -52.63 -2.67 44.61
C TRP K 208 -51.97 -3.02 43.28
N HIS K 209 -50.69 -3.38 43.29
CA HIS K 209 -50.04 -3.80 42.07
C HIS K 209 -50.63 -5.11 41.54
N LEU K 210 -50.95 -6.03 42.44
CA LEU K 210 -51.62 -7.26 42.02
C LEU K 210 -52.98 -6.95 41.41
N LEU K 211 -53.75 -6.05 42.02
CA LEU K 211 -55.03 -5.64 41.44
C LEU K 211 -54.83 -5.00 40.07
N ALA K 212 -53.77 -4.21 39.91
CA ALA K 212 -53.41 -3.71 38.60
C ALA K 212 -53.15 -4.84 37.62
N ARG K 213 -52.63 -5.97 38.11
CA ARG K 213 -52.44 -7.13 37.24
C ARG K 213 -53.76 -7.70 36.75
N MET K 214 -54.81 -7.69 37.58
CA MET K 214 -56.11 -8.15 37.11
C MET K 214 -56.87 -7.10 36.31
N VAL K 215 -56.46 -5.84 36.38
CA VAL K 215 -57.13 -4.77 35.62
C VAL K 215 -57.31 -5.11 34.14
N PRO K 216 -56.29 -5.64 33.43
CA PRO K 216 -56.51 -5.94 32.01
C PRO K 216 -57.67 -6.89 31.74
N PHE K 217 -57.92 -7.85 32.62
CA PHE K 217 -58.98 -8.82 32.39
C PHE K 217 -60.36 -8.20 32.41
N VAL K 218 -60.53 -7.04 33.03
CA VAL K 218 -61.86 -6.49 33.25
C VAL K 218 -62.17 -5.29 32.35
N GLU K 219 -61.15 -4.67 31.75
CA GLU K 219 -61.35 -3.47 30.94
C GLU K 219 -61.11 -3.81 29.47
N ASN K 220 -62.05 -3.42 28.62
CA ASN K 220 -61.95 -3.69 27.20
C ASN K 220 -60.91 -2.81 26.54
N ASN K 221 -60.04 -3.43 25.74
CA ASN K 221 -59.02 -2.71 24.99
C ASN K 221 -58.13 -1.90 25.91
N TYR K 222 -57.44 -2.60 26.81
CA TYR K 222 -56.59 -1.98 27.82
C TYR K 222 -55.15 -2.37 27.54
N ASN K 223 -54.27 -1.37 27.42
CA ASN K 223 -52.86 -1.61 27.20
C ASN K 223 -52.09 -1.37 28.49
N VAL K 224 -51.21 -2.29 28.85
CA VAL K 224 -50.41 -2.14 30.06
C VAL K 224 -49.09 -2.88 29.90
N CYS K 225 -48.03 -2.31 30.48
CA CYS K 225 -46.72 -2.94 30.45
C CYS K 225 -46.16 -3.04 31.86
N GLU K 226 -45.58 -4.20 32.16
CA GLU K 226 -44.99 -4.47 33.46
C GLU K 226 -43.64 -5.14 33.25
N LEU K 227 -42.58 -4.54 33.81
CA LEU K 227 -41.25 -5.09 33.75
C LEU K 227 -40.75 -5.31 35.17
N GLY K 228 -40.15 -6.48 35.42
CA GLY K 228 -39.68 -6.82 36.74
C GLY K 228 -38.65 -7.91 36.74
N PRO K 229 -38.05 -8.17 37.91
CA PRO K 229 -37.01 -9.20 38.00
C PRO K 229 -37.58 -10.59 37.77
N ARG K 230 -36.67 -11.53 37.50
CA ARG K 230 -37.06 -12.92 37.31
C ARG K 230 -37.75 -13.45 38.56
N GLY K 231 -38.74 -14.32 38.35
CA GLY K 231 -39.41 -14.97 39.45
C GLY K 231 -40.29 -14.08 40.31
N THR K 232 -40.81 -12.99 39.76
CA THR K 232 -41.74 -12.14 40.48
C THR K 232 -43.19 -12.54 40.25
N GLY K 233 -43.44 -13.62 39.51
CA GLY K 233 -44.80 -14.10 39.31
C GLY K 233 -45.61 -13.32 38.31
N LYS K 234 -44.96 -12.69 37.33
CA LYS K 234 -45.70 -11.90 36.34
C LYS K 234 -46.58 -12.78 35.46
N SER K 235 -46.04 -13.92 35.00
CA SER K 235 -46.68 -14.69 33.96
C SER K 235 -47.70 -15.70 34.46
N HIS K 236 -47.75 -15.98 35.77
CA HIS K 236 -48.62 -17.04 36.26
C HIS K 236 -50.09 -16.67 36.06
N ILE K 237 -50.43 -15.39 36.29
CA ILE K 237 -51.81 -14.94 36.10
C ILE K 237 -52.25 -15.12 34.66
N TYR K 238 -51.36 -14.84 33.72
CA TYR K 238 -51.70 -14.86 32.29
C TYR K 238 -51.58 -16.25 31.68
N LYS K 239 -51.16 -17.25 32.44
CA LYS K 239 -51.03 -18.60 31.92
C LYS K 239 -51.95 -19.60 32.62
N GLU K 240 -51.92 -19.66 33.95
CA GLU K 240 -52.69 -20.66 34.68
C GLU K 240 -53.94 -20.11 35.34
N CYS K 241 -54.09 -18.80 35.46
CA CYS K 241 -55.17 -18.20 36.22
C CYS K 241 -56.33 -17.74 35.35
N SER K 242 -56.39 -18.14 34.08
CA SER K 242 -57.51 -17.73 33.25
C SER K 242 -57.62 -18.65 32.04
N PRO K 243 -58.80 -19.21 31.78
CA PRO K 243 -59.03 -19.90 30.51
C PRO K 243 -59.29 -18.96 29.34
N ASN K 244 -59.37 -17.66 29.59
CA ASN K 244 -59.65 -16.67 28.54
C ASN K 244 -58.51 -15.68 28.37
N SER K 245 -57.28 -16.09 28.63
CA SER K 245 -56.10 -15.28 28.37
C SER K 245 -55.03 -16.14 27.72
N ILE K 246 -54.16 -15.51 26.94
CA ILE K 246 -53.13 -16.20 26.20
C ILE K 246 -51.80 -15.49 26.38
N LEU K 247 -50.72 -16.26 26.37
CA LEU K 247 -49.37 -15.75 26.57
C LEU K 247 -48.54 -16.13 25.34
N VAL K 248 -48.25 -15.14 24.50
CA VAL K 248 -47.54 -15.37 23.26
C VAL K 248 -46.07 -15.61 23.59
N SER K 249 -45.66 -16.87 23.59
CA SER K 249 -44.31 -17.26 23.95
C SER K 249 -43.40 -17.20 22.72
N GLY K 250 -42.09 -17.17 23.00
CA GLY K 250 -41.09 -17.22 21.96
C GLY K 250 -40.70 -15.88 21.36
N GLY K 251 -41.53 -14.85 21.53
CA GLY K 251 -41.22 -13.54 21.00
C GLY K 251 -41.47 -13.42 19.50
N GLN K 252 -41.41 -14.54 18.79
CA GLN K 252 -41.67 -14.56 17.35
C GLN K 252 -43.16 -14.70 17.14
N THR K 253 -43.85 -13.58 17.07
CA THR K 253 -45.26 -13.52 16.72
C THR K 253 -45.42 -12.78 15.41
N THR K 254 -46.24 -13.33 14.53
CA THR K 254 -46.42 -12.78 13.19
C THR K 254 -47.78 -12.09 13.09
N VAL K 255 -47.79 -10.94 12.44
CA VAL K 255 -49.02 -10.17 12.27
C VAL K 255 -50.07 -11.01 11.57
N ALA K 256 -49.65 -11.93 10.70
CA ALA K 256 -50.60 -12.89 10.15
C ALA K 256 -51.19 -13.76 11.25
N ASN K 257 -50.35 -14.20 12.19
CA ASN K 257 -50.86 -14.98 13.31
C ASN K 257 -51.50 -14.08 14.36
N LEU K 258 -51.02 -12.84 14.48
CA LEU K 258 -51.47 -12.00 15.59
C LEU K 258 -52.67 -11.14 15.21
N PHE K 259 -52.64 -10.50 14.04
CA PHE K 259 -53.70 -9.58 13.66
C PHE K 259 -54.63 -10.20 12.63
N TYR K 260 -54.14 -10.63 11.48
CA TYR K 260 -55.00 -11.13 10.41
C TYR K 260 -54.17 -11.90 9.40
N ASN K 261 -54.44 -13.20 9.27
CA ASN K 261 -53.81 -14.01 8.25
C ASN K 261 -54.67 -13.92 6.99
N MET K 262 -54.29 -13.03 6.07
CA MET K 262 -55.10 -12.83 4.87
C MET K 262 -55.09 -14.05 3.95
N SER K 263 -54.15 -14.98 4.17
CA SER K 263 -54.20 -16.24 3.44
C SER K 263 -55.43 -17.06 3.82
N SER K 264 -55.70 -17.19 5.12
CA SER K 264 -56.83 -17.96 5.59
C SER K 264 -58.06 -17.11 5.86
N ARG K 265 -57.99 -15.80 5.64
CA ARG K 265 -59.13 -14.89 5.86
C ARG K 265 -59.59 -14.91 7.31
N ARG K 266 -58.66 -15.22 8.23
CA ARG K 266 -58.99 -15.37 9.63
C ARG K 266 -58.30 -14.29 10.46
N ILE K 267 -59.07 -13.69 11.38
CA ILE K 267 -58.52 -12.68 12.27
C ILE K 267 -57.51 -13.33 13.21
N GLY K 268 -56.52 -12.56 13.64
CA GLY K 268 -55.46 -13.07 14.48
C GLY K 268 -55.90 -13.31 15.91
N LEU K 269 -54.92 -13.34 16.81
CA LEU K 269 -55.17 -13.67 18.21
C LEU K 269 -56.07 -12.65 18.88
N VAL K 270 -55.97 -11.38 18.46
CA VAL K 270 -56.69 -10.31 19.17
C VAL K 270 -58.19 -10.51 19.14
N GLY K 271 -58.70 -11.46 18.36
CA GLY K 271 -60.13 -11.67 18.28
C GLY K 271 -60.68 -12.80 19.12
N LEU K 272 -59.83 -13.62 19.74
CA LEU K 272 -60.31 -14.79 20.46
C LEU K 272 -60.11 -14.71 21.97
N TRP K 273 -59.18 -13.90 22.46
CA TRP K 273 -58.87 -13.86 23.88
C TRP K 273 -59.15 -12.48 24.45
N ASP K 274 -59.54 -12.46 25.73
CA ASP K 274 -59.78 -11.21 26.43
C ASP K 274 -58.47 -10.51 26.81
N VAL K 275 -57.42 -11.27 27.10
CA VAL K 275 -56.12 -10.73 27.44
C VAL K 275 -55.05 -11.48 26.67
N VAL K 276 -54.23 -10.75 25.94
CA VAL K 276 -53.06 -11.31 25.25
C VAL K 276 -51.84 -10.66 25.85
N ALA K 277 -50.88 -11.47 26.27
CA ALA K 277 -49.69 -10.98 26.95
C ALA K 277 -48.44 -11.47 26.24
N PHE K 278 -47.48 -10.57 26.04
CA PHE K 278 -46.18 -10.90 25.47
C PHE K 278 -45.16 -11.00 26.60
N ASP K 279 -44.76 -12.23 26.93
CA ASP K 279 -43.63 -12.41 27.83
C ASP K 279 -42.33 -12.25 27.06
N GLN K 280 -41.25 -12.00 27.79
CA GLN K 280 -39.92 -11.89 27.21
C GLN K 280 -39.93 -10.90 26.04
N VAL K 281 -40.30 -9.66 26.39
CA VAL K 281 -40.55 -8.63 25.38
C VAL K 281 -39.30 -8.37 24.54
N ALA K 282 -38.12 -8.57 25.12
CA ALA K 282 -36.89 -8.35 24.36
C ALA K 282 -36.80 -9.26 23.15
N GLY K 283 -37.44 -10.43 23.21
CA GLY K 283 -37.41 -11.37 22.10
C GLY K 283 -38.42 -11.10 21.02
N ILE K 284 -39.20 -10.03 21.13
CA ILE K 284 -40.21 -9.73 20.12
C ILE K 284 -39.52 -9.19 18.88
N SER K 285 -39.68 -9.89 17.76
CA SER K 285 -39.13 -9.46 16.49
C SER K 285 -40.14 -9.79 15.40
N PHE K 286 -40.47 -8.80 14.59
CA PHE K 286 -41.52 -8.94 13.58
C PHE K 286 -40.90 -9.15 12.20
N LYS K 287 -41.26 -10.27 11.57
CA LYS K 287 -40.83 -10.53 10.21
C LYS K 287 -41.43 -9.53 9.23
N ASP K 288 -42.68 -9.14 9.45
CA ASP K 288 -43.35 -8.13 8.64
C ASP K 288 -43.09 -6.75 9.24
N LYS K 289 -42.78 -5.78 8.37
CA LYS K 289 -42.49 -4.43 8.84
C LYS K 289 -43.72 -3.76 9.44
N ASP K 290 -44.92 -4.17 9.02
CA ASP K 290 -46.15 -3.55 9.50
C ASP K 290 -46.39 -3.75 10.99
N GLY K 291 -45.68 -4.69 11.62
CA GLY K 291 -46.04 -5.11 12.96
C GLY K 291 -46.13 -3.97 13.96
N VAL K 292 -45.09 -3.13 14.00
CA VAL K 292 -45.09 -2.03 14.94
C VAL K 292 -46.23 -1.05 14.63
N GLN K 293 -46.44 -0.74 13.35
CA GLN K 293 -47.47 0.24 13.01
C GLN K 293 -48.87 -0.33 13.17
N ILE K 294 -49.06 -1.61 12.85
CA ILE K 294 -50.37 -2.22 13.07
C ILE K 294 -50.68 -2.27 14.56
N MET K 295 -49.68 -2.57 15.39
CA MET K 295 -49.92 -2.52 16.84
C MET K 295 -50.26 -1.10 17.28
N LYS K 296 -49.56 -0.10 16.74
CA LYS K 296 -49.88 1.28 17.06
C LYS K 296 -51.34 1.58 16.74
N ASP K 297 -51.78 1.24 15.53
CA ASP K 297 -53.15 1.55 15.14
C ASP K 297 -54.16 0.80 15.99
N TYR K 298 -53.91 -0.48 16.26
CA TYR K 298 -54.85 -1.25 17.07
C TYR K 298 -54.97 -0.67 18.47
N MET K 299 -53.85 -0.32 19.09
CA MET K 299 -53.91 0.33 20.39
C MET K 299 -54.59 1.69 20.30
N ALA K 300 -54.46 2.38 19.17
CA ALA K 300 -55.12 3.66 18.99
C ALA K 300 -56.63 3.54 18.99
N SER K 301 -57.17 2.56 18.27
CA SER K 301 -58.62 2.48 18.10
C SER K 301 -59.24 1.16 18.55
N GLY K 302 -58.46 0.09 18.65
CA GLY K 302 -59.07 -1.21 18.83
C GLY K 302 -59.58 -1.81 17.54
N SER K 303 -59.49 -1.07 16.44
CA SER K 303 -59.89 -1.54 15.13
C SER K 303 -58.74 -1.32 14.17
N PHE K 304 -58.43 -2.37 13.42
CA PHE K 304 -57.32 -2.33 12.47
C PHE K 304 -57.81 -2.74 11.10
N ALA K 305 -57.24 -2.13 10.08
CA ALA K 305 -57.62 -2.39 8.70
C ALA K 305 -56.61 -3.35 8.07
N ARG K 306 -57.11 -4.45 7.51
CA ARG K 306 -56.25 -5.45 6.90
C ARG K 306 -56.94 -5.98 5.66
N GLY K 307 -56.17 -6.13 4.58
CA GLY K 307 -56.73 -6.68 3.36
C GLY K 307 -57.88 -5.85 2.84
N ARG K 308 -59.10 -6.35 3.01
CA ARG K 308 -60.29 -5.69 2.52
C ARG K 308 -61.33 -5.43 3.59
N GLU K 309 -60.94 -5.42 4.86
CA GLU K 309 -61.89 -5.22 5.95
C GLU K 309 -61.24 -4.50 7.13
N GLN K 310 -62.06 -3.71 7.83
CA GLN K 310 -61.71 -3.15 9.13
C GLN K 310 -62.28 -4.04 10.22
N MET K 311 -61.42 -4.52 11.11
CA MET K 311 -61.80 -5.48 12.14
C MET K 311 -61.63 -4.85 13.51
N GLU K 312 -62.66 -5.00 14.35
CA GLU K 312 -62.63 -4.51 15.72
C GLU K 312 -62.32 -5.65 16.68
N ALA K 313 -61.47 -5.37 17.65
CA ALA K 313 -61.09 -6.37 18.63
C ALA K 313 -60.96 -5.71 20.00
N SER K 314 -61.45 -6.39 21.03
CA SER K 314 -61.42 -5.87 22.39
C SER K 314 -60.34 -6.50 23.25
N ALA K 315 -59.41 -7.25 22.66
CA ALA K 315 -58.36 -7.90 23.43
C ALA K 315 -57.48 -6.87 24.13
N SER K 316 -57.21 -7.12 25.41
CA SER K 316 -56.36 -6.23 26.20
C SER K 316 -54.91 -6.70 26.10
N MET K 317 -54.00 -5.77 25.86
CA MET K 317 -52.63 -6.09 25.51
C MET K 317 -51.73 -5.85 26.72
N VAL K 318 -50.92 -6.84 27.06
CA VAL K 318 -50.02 -6.78 28.21
C VAL K 318 -48.61 -7.07 27.75
N PHE K 319 -47.65 -6.30 28.24
CA PHE K 319 -46.24 -6.47 27.89
C PHE K 319 -45.46 -6.83 29.15
N VAL K 320 -45.16 -8.11 29.34
CA VAL K 320 -44.44 -8.60 30.50
C VAL K 320 -42.97 -8.73 30.14
N GLY K 321 -42.11 -8.06 30.91
CA GLY K 321 -40.69 -8.05 30.61
C GLY K 321 -39.84 -8.26 31.83
N ASN K 322 -38.60 -8.69 31.58
CA ASN K 322 -37.64 -8.99 32.63
C ASN K 322 -36.56 -7.93 32.66
N ILE K 323 -36.24 -7.44 33.86
CA ILE K 323 -35.15 -6.49 34.08
C ILE K 323 -34.03 -7.22 34.80
N ASN K 324 -32.79 -6.97 34.38
CA ASN K 324 -31.62 -7.60 34.98
C ASN K 324 -30.82 -6.66 35.87
N GLN K 325 -30.93 -5.35 35.66
CA GLN K 325 -30.17 -4.36 36.40
C GLN K 325 -31.02 -3.74 37.51
N SER K 326 -30.36 -2.98 38.38
CA SER K 326 -31.05 -2.30 39.46
C SER K 326 -31.94 -1.19 38.92
N VAL K 327 -32.95 -0.83 39.72
CA VAL K 327 -33.90 0.20 39.31
C VAL K 327 -33.19 1.52 39.08
N GLU K 328 -32.36 1.94 40.04
CA GLU K 328 -31.74 3.26 39.97
C GLU K 328 -30.78 3.37 38.80
N SER K 329 -30.10 2.25 38.46
CA SER K 329 -29.20 2.28 37.32
C SER K 329 -29.95 2.63 36.04
N LEU K 330 -31.09 1.98 35.81
CA LEU K 330 -31.89 2.31 34.64
C LEU K 330 -32.50 3.70 34.75
N VAL K 331 -32.83 4.13 35.97
CA VAL K 331 -33.41 5.45 36.15
C VAL K 331 -32.43 6.55 35.74
N LYS K 332 -31.20 6.51 36.26
CA LYS K 332 -30.25 7.56 35.94
C LYS K 332 -29.64 7.41 34.55
N THR K 333 -29.32 6.18 34.14
CA THR K 333 -28.59 5.96 32.89
C THR K 333 -29.49 5.82 31.66
N SER K 334 -30.76 5.49 31.85
CA SER K 334 -31.63 5.24 30.71
C SER K 334 -33.09 5.55 31.05
N HIS K 335 -34.00 5.00 30.25
CA HIS K 335 -35.42 5.01 30.56
C HIS K 335 -35.83 3.60 30.97
N LEU K 336 -36.80 3.53 31.88
CA LEU K 336 -37.24 2.24 32.40
C LEU K 336 -37.95 1.37 31.37
N LEU K 337 -38.32 1.91 30.21
CA LEU K 337 -38.85 1.09 29.12
C LEU K 337 -37.75 0.53 28.23
N ALA K 338 -36.52 0.44 28.73
CA ALA K 338 -35.35 -0.06 28.01
C ALA K 338 -35.49 -1.49 27.49
N PRO K 339 -36.03 -2.45 28.26
CA PRO K 339 -36.03 -3.85 27.80
C PRO K 339 -36.74 -4.09 26.48
N PHE K 340 -37.64 -3.21 26.06
CA PHE K 340 -38.32 -3.38 24.79
C PHE K 340 -37.32 -3.31 23.64
N PRO K 341 -37.55 -4.09 22.58
CA PRO K 341 -36.61 -4.10 21.45
C PRO K 341 -36.55 -2.73 20.77
N GLU K 342 -35.39 -2.45 20.17
CA GLU K 342 -35.15 -1.15 19.55
C GLU K 342 -36.18 -0.85 18.47
N ALA K 343 -36.64 -1.88 17.76
CA ALA K 343 -37.61 -1.69 16.69
C ALA K 343 -38.87 -0.99 17.15
N MET K 344 -39.33 -1.24 18.38
CA MET K 344 -40.52 -0.59 18.90
C MET K 344 -40.23 0.57 19.84
N ILE K 345 -38.98 0.99 19.98
CA ILE K 345 -38.67 2.12 20.84
C ILE K 345 -39.03 3.40 20.10
N ASP K 346 -40.26 3.87 20.29
CA ASP K 346 -40.77 5.03 19.59
C ASP K 346 -41.70 5.79 20.53
N SER K 347 -41.78 7.11 20.35
CA SER K 347 -42.62 7.91 21.23
C SER K 347 -44.08 7.51 21.16
N ALA K 348 -44.62 7.40 19.93
CA ALA K 348 -46.04 7.11 19.79
C ALA K 348 -46.39 5.71 20.27
N PHE K 349 -45.50 4.74 20.08
CA PHE K 349 -45.80 3.37 20.47
C PHE K 349 -45.97 3.23 21.97
N PHE K 350 -45.08 3.84 22.75
CA PHE K 350 -45.26 3.81 24.21
C PHE K 350 -46.27 4.84 24.66
N ASP K 351 -46.59 5.81 23.82
CA ASP K 351 -47.73 6.69 24.10
C ASP K 351 -49.03 5.91 24.19
N ARG K 352 -49.07 4.71 23.62
CA ARG K 352 -50.32 3.98 23.57
C ARG K 352 -50.68 3.44 24.95
N PHE K 353 -49.67 3.17 25.79
CA PHE K 353 -49.80 2.43 27.03
C PHE K 353 -50.59 3.21 28.07
N HIS K 354 -51.45 2.52 28.81
CA HIS K 354 -52.23 3.20 29.85
C HIS K 354 -51.59 3.05 31.23
N ALA K 355 -50.65 2.12 31.40
CA ALA K 355 -50.07 1.93 32.71
C ALA K 355 -48.75 1.17 32.64
N TYR K 356 -47.84 1.53 33.55
CA TYR K 356 -46.61 0.79 33.81
C TYR K 356 -46.70 0.23 35.22
N ILE K 357 -46.67 -1.09 35.34
CA ILE K 357 -46.67 -1.76 36.64
C ILE K 357 -45.23 -2.00 37.08
N PRO K 358 -44.86 -1.56 38.30
CA PRO K 358 -43.47 -1.68 38.73
C PRO K 358 -43.12 -3.08 39.25
N GLY K 359 -42.74 -3.98 38.35
CA GLY K 359 -42.44 -5.35 38.73
C GLY K 359 -41.32 -5.49 39.74
N TRP K 360 -40.45 -4.48 39.87
CA TRP K 360 -39.40 -4.54 40.89
C TRP K 360 -39.97 -4.43 42.29
N GLU K 361 -41.08 -3.71 42.45
CA GLU K 361 -41.72 -3.61 43.75
C GLU K 361 -42.36 -4.93 44.17
N ILE K 362 -42.41 -5.91 43.28
CA ILE K 362 -42.98 -7.22 43.57
C ILE K 362 -41.88 -8.10 44.14
N PRO K 363 -41.99 -8.55 45.39
CA PRO K 363 -41.00 -9.49 45.93
C PRO K 363 -41.13 -10.86 45.29
N LYS K 364 -40.03 -11.61 45.32
CA LYS K 364 -40.02 -12.94 44.73
C LYS K 364 -40.96 -13.86 45.51
N MET K 365 -41.64 -14.76 44.78
CA MET K 365 -42.65 -15.61 45.38
C MET K 365 -42.00 -16.63 46.32
N ARG K 366 -42.66 -16.88 47.45
CA ARG K 366 -42.12 -17.76 48.47
C ARG K 366 -43.31 -18.22 49.30
N PRO K 367 -43.50 -19.55 49.45
CA PRO K 367 -44.80 -20.08 49.90
C PRO K 367 -45.48 -19.37 51.08
N GLU K 368 -44.78 -18.60 51.91
CA GLU K 368 -45.52 -17.76 52.86
C GLU K 368 -46.34 -16.72 52.11
N PHE K 369 -45.89 -16.34 50.91
CA PHE K 369 -46.68 -15.49 50.04
C PHE K 369 -47.84 -16.24 49.38
N PHE K 370 -47.74 -17.57 49.30
CA PHE K 370 -48.80 -18.40 48.74
C PHE K 370 -49.80 -18.77 49.84
N THR K 371 -51.05 -18.35 49.66
CA THR K 371 -52.08 -18.67 50.63
C THR K 371 -52.49 -20.14 50.51
N ASN K 372 -52.95 -20.70 51.63
CA ASN K 372 -53.56 -22.02 51.67
C ASN K 372 -54.98 -21.98 52.22
N ARG K 373 -55.59 -20.81 52.27
CA ARG K 373 -56.92 -20.62 52.81
C ARG K 373 -57.94 -20.72 51.69
N TYR K 374 -59.19 -20.33 51.98
CA TYR K 374 -60.26 -20.33 51.00
C TYR K 374 -59.99 -19.30 49.92
N GLY K 375 -60.28 -19.65 48.66
CA GLY K 375 -60.15 -18.74 47.56
C GLY K 375 -61.28 -18.93 46.55
N LEU K 376 -61.43 -17.93 45.68
CA LEU K 376 -62.42 -18.01 44.62
C LEU K 376 -61.94 -18.97 43.54
N ILE K 377 -62.90 -19.65 42.90
CA ILE K 377 -62.58 -20.58 41.84
C ILE K 377 -62.02 -19.82 40.64
N VAL K 378 -60.95 -20.36 40.03
CA VAL K 378 -60.31 -19.65 38.93
C VAL K 378 -61.28 -19.48 37.77
N ASP K 379 -62.11 -20.50 37.52
CA ASP K 379 -63.16 -20.35 36.53
C ASP K 379 -64.17 -19.29 36.96
N TYR K 380 -64.54 -19.31 38.24
CA TYR K 380 -65.46 -18.31 38.77
C TYR K 380 -64.91 -16.90 38.58
N LEU K 381 -63.66 -16.68 38.97
CA LEU K 381 -63.08 -15.34 38.87
C LEU K 381 -62.91 -14.92 37.41
N ALA K 382 -62.54 -15.87 36.55
CA ALA K 382 -62.36 -15.55 35.14
C ALA K 382 -63.68 -15.15 34.48
N GLU K 383 -64.74 -15.92 34.69
CA GLU K 383 -66.02 -15.54 34.11
C GLU K 383 -66.61 -14.33 34.82
N PHE K 384 -66.20 -14.07 36.07
CA PHE K 384 -66.47 -12.80 36.71
C PHE K 384 -65.89 -11.64 35.90
N PHE K 385 -64.60 -11.76 35.54
CA PHE K 385 -63.97 -10.73 34.72
C PHE K 385 -64.68 -10.60 33.38
N ARG K 386 -65.01 -11.72 32.76
CA ARG K 386 -65.65 -11.69 31.44
C ARG K 386 -67.00 -10.97 31.51
N GLU K 387 -67.81 -11.27 32.52
CA GLU K 387 -69.08 -10.56 32.66
C GLU K 387 -68.87 -9.09 32.98
N MET K 388 -67.91 -8.79 33.86
CA MET K 388 -67.67 -7.42 34.27
C MET K 388 -67.20 -6.55 33.13
N ARG K 389 -66.56 -7.14 32.11
CA ARG K 389 -66.11 -6.36 30.97
C ARG K 389 -67.25 -5.60 30.29
N LYS K 390 -68.49 -6.10 30.37
CA LYS K 390 -69.61 -5.44 29.70
C LYS K 390 -69.98 -4.10 30.33
N ARG K 391 -69.60 -3.86 31.58
CA ARG K 391 -70.05 -2.68 32.31
C ARG K 391 -69.04 -1.55 32.17
N SER K 392 -69.35 -0.42 32.80
CA SER K 392 -68.50 0.75 32.76
C SER K 392 -68.74 1.61 33.99
N PHE K 393 -67.66 1.96 34.69
CA PHE K 393 -67.68 2.94 35.77
C PHE K 393 -66.78 4.12 35.46
N ALA K 394 -66.47 4.34 34.18
CA ALA K 394 -65.53 5.37 33.79
C ALA K 394 -66.03 6.78 34.10
N ASP K 395 -67.34 6.99 34.17
CA ASP K 395 -67.89 8.30 34.47
C ASP K 395 -68.01 8.57 35.96
N SER K 396 -67.63 7.61 36.81
CA SER K 396 -67.72 7.83 38.25
C SER K 396 -66.70 8.85 38.74
N ILE K 397 -65.68 9.13 37.92
CA ILE K 397 -64.63 10.04 38.35
C ILE K 397 -65.12 11.48 38.41
N GLU K 398 -66.06 11.85 37.54
CA GLU K 398 -66.47 13.24 37.44
C GLU K 398 -67.25 13.70 38.66
N LYS K 399 -67.82 12.76 39.40
CA LYS K 399 -68.67 13.15 40.53
C LYS K 399 -67.86 13.74 41.68
N TYR K 400 -66.62 13.30 41.85
CA TYR K 400 -65.81 13.72 42.99
C TYR K 400 -64.59 14.57 42.61
N PHE K 401 -63.90 14.26 41.52
CA PHE K 401 -62.68 14.96 41.15
C PHE K 401 -62.73 15.39 39.70
N LYS K 402 -61.96 16.43 39.38
CA LYS K 402 -61.69 16.84 38.02
C LYS K 402 -60.20 16.68 37.73
N LEU K 403 -59.86 16.39 36.48
CA LEU K 403 -58.48 16.13 36.14
C LEU K 403 -57.71 17.43 35.97
N GLY K 404 -56.42 17.39 36.29
CA GLY K 404 -55.57 18.55 36.11
C GLY K 404 -55.31 18.84 34.65
N ASN K 405 -54.81 20.06 34.40
CA ASN K 405 -54.62 20.51 33.03
C ASN K 405 -53.37 19.95 32.38
N ASN K 406 -52.51 19.29 33.15
CA ASN K 406 -51.27 18.72 32.60
C ASN K 406 -51.51 17.42 31.86
N LEU K 407 -52.71 16.85 31.95
CA LEU K 407 -53.05 15.61 31.27
C LEU K 407 -53.88 15.94 30.03
N ASN K 408 -53.36 15.59 28.86
CA ASN K 408 -54.07 15.82 27.62
C ASN K 408 -55.12 14.73 27.41
N GLN K 409 -55.73 14.74 26.22
CA GLN K 409 -56.84 13.83 25.94
C GLN K 409 -56.45 12.38 26.16
N ARG K 410 -55.29 11.96 25.67
CA ARG K 410 -54.90 10.57 25.81
C ARG K 410 -54.62 10.19 27.25
N ASP K 411 -53.97 11.08 28.00
CA ASP K 411 -53.76 10.80 29.42
C ASP K 411 -55.08 10.69 30.16
N VAL K 412 -56.04 11.54 29.79
CA VAL K 412 -57.40 11.43 30.35
C VAL K 412 -57.99 10.07 30.03
N ILE K 413 -57.85 9.62 28.78
CA ILE K 413 -58.41 8.33 28.38
C ILE K 413 -57.76 7.20 29.19
N ALA K 414 -56.44 7.24 29.33
CA ALA K 414 -55.73 6.18 30.03
C ALA K 414 -56.14 6.13 31.50
N VAL K 415 -56.16 7.29 32.17
CA VAL K 415 -56.51 7.31 33.59
C VAL K 415 -57.96 6.92 33.78
N ARG K 416 -58.84 7.31 32.85
CA ARG K 416 -60.23 6.92 32.95
C ARG K 416 -60.41 5.43 32.80
N LYS K 417 -59.71 4.81 31.85
CA LYS K 417 -59.80 3.37 31.71
C LYS K 417 -59.28 2.66 32.96
N THR K 418 -58.16 3.13 33.50
CA THR K 418 -57.60 2.47 34.68
C THR K 418 -58.51 2.63 35.89
N VAL K 419 -59.08 3.82 36.10
CA VAL K 419 -59.96 4.02 37.23
C VAL K 419 -61.22 3.18 37.08
N SER K 420 -61.72 3.06 35.86
CA SER K 420 -62.88 2.20 35.62
C SER K 420 -62.56 0.75 35.94
N GLY K 421 -61.36 0.30 35.56
CA GLY K 421 -60.96 -1.06 35.86
C GLY K 421 -60.88 -1.33 37.35
N LEU K 422 -60.23 -0.42 38.08
CA LEU K 422 -60.15 -0.59 39.53
C LEU K 422 -61.52 -0.53 40.18
N MET K 423 -62.40 0.35 39.68
CA MET K 423 -63.75 0.44 40.21
C MET K 423 -64.51 -0.86 39.99
N LYS K 424 -64.36 -1.45 38.81
CA LYS K 424 -65.00 -2.74 38.53
C LYS K 424 -64.45 -3.84 39.43
N LEU K 425 -63.15 -3.88 39.63
CA LEU K 425 -62.58 -4.94 40.47
C LEU K 425 -63.02 -4.79 41.92
N LEU K 426 -62.88 -3.61 42.50
CA LEU K 426 -63.11 -3.46 43.93
C LEU K 426 -64.57 -3.22 44.30
N TYR K 427 -65.35 -2.57 43.42
CA TYR K 427 -66.74 -2.25 43.72
C TYR K 427 -67.66 -2.62 42.55
N PRO K 428 -67.84 -3.90 42.27
CA PRO K 428 -68.82 -4.29 41.24
C PRO K 428 -70.24 -3.90 41.59
N HIS K 429 -70.57 -3.81 42.88
CA HIS K 429 -71.93 -3.51 43.30
C HIS K 429 -72.38 -2.11 42.90
N GLY K 430 -71.46 -1.20 42.63
CA GLY K 430 -71.82 0.14 42.22
C GLY K 430 -71.95 1.15 43.33
N GLN K 431 -71.81 0.75 44.57
CA GLN K 431 -71.85 1.68 45.70
C GLN K 431 -70.44 1.84 46.25
N PHE K 432 -69.98 3.09 46.32
CA PHE K 432 -68.62 3.38 46.73
C PHE K 432 -68.56 4.81 47.23
N ASN K 433 -67.52 5.12 48.01
CA ASN K 433 -67.38 6.41 48.64
C ASN K 433 -66.35 7.25 47.91
N LYS K 434 -66.16 8.48 48.40
CA LYS K 434 -65.28 9.44 47.74
C LYS K 434 -63.81 9.08 47.98
N GLU K 435 -63.51 8.50 49.14
CA GLU K 435 -62.15 8.09 49.46
C GLU K 435 -61.66 6.97 48.55
N ASP K 436 -62.52 5.99 48.27
CA ASP K 436 -62.13 4.90 47.38
C ASP K 436 -61.84 5.43 45.98
N VAL K 437 -62.66 6.36 45.51
CA VAL K 437 -62.39 7.04 44.25
C VAL K 437 -61.06 7.74 44.31
N ARG K 438 -60.76 8.39 45.44
CA ARG K 438 -59.45 9.02 45.61
C ARG K 438 -58.33 8.01 45.41
N GLN K 439 -58.44 6.86 46.07
CA GLN K 439 -57.36 5.87 46.05
C GLN K 439 -57.14 5.31 44.65
N CYS K 440 -58.22 4.87 44.00
CA CYS K 440 -58.08 4.32 42.66
C CYS K 440 -57.58 5.38 41.68
N LEU K 441 -58.09 6.60 41.79
CA LEU K 441 -57.64 7.68 40.92
C LEU K 441 -56.16 7.96 41.11
N GLU K 442 -55.68 7.98 42.35
CA GLU K 442 -54.28 8.30 42.57
C GLU K 442 -53.37 7.19 42.07
N TYR K 443 -53.80 5.93 42.21
CA TYR K 443 -53.00 4.84 41.65
C TYR K 443 -52.93 4.95 40.13
N ALA K 444 -54.08 5.22 39.49
CA ALA K 444 -54.08 5.38 38.04
C ALA K 444 -53.21 6.55 37.61
N LEU K 445 -53.27 7.65 38.35
CA LEU K 445 -52.44 8.80 38.03
C LEU K 445 -50.96 8.48 38.20
N GLN K 446 -50.61 7.69 39.22
CA GLN K 446 -49.23 7.27 39.40
C GLN K 446 -48.72 6.52 38.17
N VAL K 447 -49.47 5.49 37.74
CA VAL K 447 -48.97 4.68 36.63
C VAL K 447 -48.93 5.49 35.34
N ARG K 448 -49.97 6.29 35.09
CA ARG K 448 -50.00 7.12 33.89
C ARG K 448 -48.86 8.12 33.88
N ARG K 449 -48.57 8.73 35.03
CA ARG K 449 -47.46 9.67 35.13
C ARG K 449 -46.13 8.97 34.89
N ARG K 450 -46.00 7.74 35.36
CA ARG K 450 -44.78 6.97 35.14
C ARG K 450 -44.54 6.79 33.66
N VAL K 451 -45.60 6.40 32.95
CA VAL K 451 -45.51 6.22 31.50
C VAL K 451 -45.19 7.56 30.85
N LYS K 452 -45.75 8.64 31.37
CA LYS K 452 -45.52 9.96 30.79
C LYS K 452 -44.07 10.40 30.99
N GLU K 453 -43.48 10.08 32.14
CA GLU K 453 -42.06 10.34 32.36
C GLU K 453 -41.20 9.57 31.38
N GLN K 454 -41.55 8.30 31.14
CA GLN K 454 -40.80 7.54 30.15
C GLN K 454 -40.91 8.19 28.76
N LEU K 455 -42.11 8.60 28.38
CA LEU K 455 -42.30 9.29 27.10
C LEU K 455 -41.48 10.58 27.04
N LYS K 456 -41.44 11.31 28.16
CA LYS K 456 -40.61 12.50 28.23
C LYS K 456 -39.15 12.17 27.96
N LYS K 457 -38.60 11.21 28.71
CA LYS K 457 -37.20 10.84 28.56
C LYS K 457 -36.89 10.38 27.14
N ILE K 458 -37.85 9.75 26.46
CA ILE K 458 -37.61 9.26 25.12
C ILE K 458 -37.72 10.36 24.07
N GLY K 459 -38.77 11.17 24.14
CA GLY K 459 -39.09 12.07 23.04
C GLY K 459 -38.82 13.54 23.23
N GLY K 460 -38.43 13.99 24.42
CA GLY K 460 -38.08 15.39 24.56
C GLY K 460 -39.29 16.27 24.83
N MET K 461 -39.46 17.29 23.99
CA MET K 461 -40.37 18.40 24.30
C MET K 461 -41.82 17.97 24.48
N GLU K 462 -42.36 17.17 23.59
CA GLU K 462 -43.81 17.04 23.53
C GLU K 462 -44.40 16.31 24.73
N PHE K 463 -43.58 15.70 25.58
CA PHE K 463 -44.06 15.06 26.80
C PHE K 463 -43.48 15.68 28.06
N TYR K 464 -43.29 17.00 28.09
CA TYR K 464 -42.75 17.61 29.30
C TYR K 464 -43.80 17.84 30.37
N ASP K 465 -45.06 18.00 29.97
CA ASP K 465 -46.14 18.31 30.92
C ASP K 465 -46.49 17.04 31.68
N VAL K 466 -45.62 16.68 32.62
CA VAL K 466 -45.76 15.44 33.39
C VAL K 466 -46.29 15.66 34.79
N HIS K 467 -46.72 16.88 35.13
CA HIS K 467 -47.16 17.17 36.50
C HIS K 467 -48.63 16.76 36.63
N PHE K 468 -48.83 15.47 36.83
CA PHE K 468 -50.18 14.93 36.95
C PHE K 468 -50.78 15.32 38.29
N SER K 469 -52.01 15.84 38.26
CA SER K 469 -52.67 16.30 39.46
C SER K 469 -54.18 16.21 39.27
N TYR K 470 -54.90 16.17 40.38
CA TYR K 470 -56.35 16.13 40.34
C TYR K 470 -56.92 17.11 41.35
N ILE K 471 -57.98 17.81 40.96
CA ILE K 471 -58.58 18.86 41.77
C ILE K 471 -59.89 18.34 42.37
N ASP K 472 -60.10 18.61 43.66
CA ASP K 472 -61.35 18.25 44.30
C ASP K 472 -62.47 19.15 43.79
N ASN K 473 -63.65 18.57 43.60
CA ASN K 473 -64.80 19.37 43.20
C ASN K 473 -65.32 20.23 44.35
N ASP K 474 -65.27 19.73 45.58
CA ASP K 474 -65.80 20.47 46.71
C ASP K 474 -64.83 21.53 47.25
N THR K 475 -63.65 21.10 47.70
CA THR K 475 -62.70 22.02 48.30
C THR K 475 -61.85 22.77 47.29
N LEU K 476 -61.95 22.41 46.01
CA LEU K 476 -61.13 22.96 44.94
C LEU K 476 -59.63 22.81 45.18
N GLU K 477 -59.24 21.91 46.08
CA GLU K 477 -57.84 21.68 46.37
C GLU K 477 -57.25 20.71 45.35
N GLU K 478 -56.05 21.03 44.87
CA GLU K 478 -55.37 20.21 43.88
C GLU K 478 -54.33 19.35 44.58
N HIS K 479 -54.40 18.04 44.33
CA HIS K 479 -53.43 17.08 44.85
C HIS K 479 -52.51 16.67 43.71
N PHE K 480 -51.20 16.76 43.94
CA PHE K 480 -50.19 16.34 42.98
C PHE K 480 -49.62 14.99 43.41
N VAL K 481 -49.58 14.05 42.48
CA VAL K 481 -49.13 12.70 42.75
C VAL K 481 -47.90 12.43 41.88
N SER K 482 -46.90 11.80 42.47
CA SER K 482 -45.63 11.54 41.82
C SER K 482 -45.28 10.07 41.88
N VAL K 483 -44.06 9.76 41.47
CA VAL K 483 -43.55 8.39 41.42
C VAL K 483 -42.50 8.23 42.52
N LYS K 484 -42.37 7.02 43.05
CA LYS K 484 -41.37 6.76 44.07
C LYS K 484 -39.95 6.98 43.54
N GLU K 485 -39.68 6.52 42.32
CA GLU K 485 -38.36 6.68 41.74
C GLU K 485 -38.19 8.09 41.17
N PRO K 496 -22.54 21.68 37.15
CA PRO K 496 -22.40 21.60 35.70
C PRO K 496 -23.75 21.39 35.00
N ALA K 497 -24.74 22.20 35.35
CA ALA K 497 -26.05 22.13 34.73
C ALA K 497 -25.97 22.44 33.25
N LYS K 498 -26.73 21.70 32.45
CA LYS K 498 -26.73 21.85 31.00
C LYS K 498 -27.16 23.26 30.61
N PRO K 499 -26.66 23.80 29.50
CA PRO K 499 -26.99 25.18 29.13
C PRO K 499 -28.50 25.39 29.00
N GLY K 500 -28.96 26.55 29.47
CA GLY K 500 -30.37 26.85 29.52
C GLY K 500 -31.11 26.32 30.71
N PHE K 501 -30.43 25.59 31.60
CA PHE K 501 -31.05 25.00 32.78
C PHE K 501 -30.60 25.77 34.02
N LEU K 502 -31.56 26.25 34.80
CA LEU K 502 -31.24 27.04 35.98
C LEU K 502 -32.35 26.89 37.01
N TYR K 503 -32.14 27.52 38.16
CA TYR K 503 -33.07 27.49 39.28
C TYR K 503 -33.39 28.92 39.71
N THR K 504 -34.62 29.14 40.17
CA THR K 504 -35.02 30.45 40.66
C THR K 504 -35.94 30.28 41.87
N ILE K 505 -35.84 31.22 42.81
CA ILE K 505 -36.65 31.21 44.02
C ILE K 505 -37.49 32.47 44.06
N GLY K 506 -38.80 32.30 44.27
CA GLY K 506 -39.68 33.44 44.32
C GLY K 506 -40.98 33.11 45.02
N LEU K 507 -41.71 34.16 45.38
CA LEU K 507 -43.01 33.98 45.99
C LEU K 507 -44.02 33.56 44.91
N SER K 508 -44.91 32.65 45.26
CA SER K 508 -45.97 32.28 44.33
C SER K 508 -47.02 33.40 44.27
N ASN K 509 -48.09 33.14 43.54
CA ASN K 509 -49.24 34.03 43.59
C ASN K 509 -49.82 34.13 44.99
N LYS K 510 -49.59 33.12 45.83
CA LYS K 510 -50.02 33.11 47.21
C LYS K 510 -49.03 33.80 48.14
N GLY K 511 -47.84 34.13 47.65
CA GLY K 511 -46.85 34.82 48.45
C GLY K 511 -45.91 33.94 49.24
N MET K 512 -45.83 32.64 48.92
CA MET K 512 -44.93 31.79 49.68
C MET K 512 -43.70 31.42 48.85
N PRO K 513 -42.53 31.29 49.46
CA PRO K 513 -41.31 31.07 48.67
C PRO K 513 -41.27 29.68 48.07
N GLY K 514 -40.81 29.59 46.83
CA GLY K 514 -40.70 28.32 46.15
C GLY K 514 -39.57 28.35 45.13
N LEU K 515 -39.03 27.17 44.87
CA LEU K 515 -37.95 26.99 43.91
C LEU K 515 -38.47 26.33 42.65
N TYR K 516 -38.06 26.84 41.49
CA TYR K 516 -38.53 26.38 40.20
C TYR K 516 -37.35 26.22 39.26
N ARG K 517 -37.42 25.19 38.42
CA ARG K 517 -36.37 24.86 37.45
C ARG K 517 -36.79 25.36 36.08
N LEU K 518 -35.93 26.17 35.47
CA LEU K 518 -36.18 26.68 34.13
C LEU K 518 -35.28 25.95 33.14
N GLU K 519 -35.89 25.44 32.07
CA GLU K 519 -35.19 24.67 31.05
C GLU K 519 -35.41 25.33 29.69
N LEU K 520 -34.33 25.72 29.03
CA LEU K 520 -34.43 26.34 27.71
C LEU K 520 -33.89 25.38 26.65
N GLN K 521 -34.70 25.13 25.64
CA GLN K 521 -34.29 24.37 24.46
C GLN K 521 -34.14 25.33 23.29
N VAL K 522 -32.95 25.35 22.70
CA VAL K 522 -32.61 26.22 21.59
C VAL K 522 -32.32 25.36 20.37
N THR K 523 -33.02 25.63 19.28
CA THR K 523 -32.77 24.96 18.01
C THR K 523 -32.60 26.03 16.93
N LYS K 524 -32.26 25.59 15.72
CA LYS K 524 -32.20 26.53 14.61
C LYS K 524 -33.60 26.93 14.18
N GLY K 525 -33.80 28.23 13.99
CA GLY K 525 -35.12 28.72 13.62
C GLY K 525 -35.17 30.16 13.18
N SER K 526 -36.27 30.85 13.49
CA SER K 526 -36.51 32.22 13.02
C SER K 526 -36.71 33.20 14.17
N GLY K 527 -36.18 32.90 15.35
CA GLY K 527 -36.24 33.84 16.46
C GLY K 527 -37.48 33.78 17.31
N LYS K 528 -38.35 32.80 17.10
CA LYS K 528 -39.57 32.70 17.89
C LYS K 528 -39.25 32.24 19.31
N LEU K 529 -40.08 32.63 20.26
CA LEU K 529 -39.99 32.19 21.63
C LEU K 529 -41.31 31.58 22.07
N ALA K 530 -41.24 30.43 22.72
CA ALA K 530 -42.44 29.76 23.24
C ALA K 530 -42.22 29.33 24.69
N THR K 531 -43.31 29.23 25.44
CA THR K 531 -43.28 29.02 26.88
C THR K 531 -44.13 27.81 27.25
N SER K 532 -43.75 27.16 28.35
CA SER K 532 -44.57 26.09 28.90
C SER K 532 -44.31 25.95 30.40
N GLY K 533 -45.33 25.47 31.10
CA GLY K 533 -45.24 25.29 32.54
C GLY K 533 -45.34 26.56 33.36
N LEU K 534 -45.88 27.63 32.79
CA LEU K 534 -46.02 28.90 33.48
C LEU K 534 -47.38 29.06 34.16
N TRP K 535 -48.16 27.98 34.21
CA TRP K 535 -49.47 27.99 34.85
C TRP K 535 -50.39 29.04 34.23
N ASN K 536 -50.21 29.26 32.94
CA ASN K 536 -51.04 30.18 32.16
C ASN K 536 -51.07 31.57 32.76
N SER K 537 -50.00 31.97 33.46
CA SER K 537 -49.95 33.28 34.07
C SER K 537 -49.60 34.33 33.01
N SER K 538 -50.52 35.27 32.79
CA SER K 538 -50.29 36.32 31.80
C SER K 538 -49.11 37.20 32.21
N SER K 539 -49.00 37.51 33.50
CA SER K 539 -47.87 38.30 33.98
C SER K 539 -46.55 37.56 33.79
N ALA K 540 -46.53 36.26 34.04
CA ALA K 540 -45.33 35.47 33.82
C ALA K 540 -44.94 35.43 32.35
N LYS K 541 -45.92 35.22 31.47
CA LYS K 541 -45.64 35.22 30.04
C LYS K 541 -45.12 36.57 29.59
N GLU K 542 -45.68 37.66 30.11
CA GLU K 542 -45.22 38.99 29.72
C GLU K 542 -43.82 39.26 30.27
N GLN K 543 -43.50 38.76 31.46
CA GLN K 543 -42.14 38.86 31.97
C GLN K 543 -41.17 38.13 31.05
N VAL K 544 -41.55 36.94 30.60
CA VAL K 544 -40.70 36.19 29.68
C VAL K 544 -40.52 36.95 28.37
N LYS K 545 -41.61 37.53 27.84
CA LYS K 545 -41.51 38.30 26.60
C LYS K 545 -40.61 39.51 26.78
N ILE K 546 -40.70 40.19 27.92
CA ILE K 546 -39.83 41.33 28.20
C ILE K 546 -38.37 40.89 28.24
N ALA K 547 -38.12 39.75 28.89
CA ALA K 547 -36.76 39.22 28.96
C ALA K 547 -36.23 38.91 27.57
N PHE K 548 -37.05 38.30 26.71
CA PHE K 548 -36.59 37.98 25.36
C PHE K 548 -36.39 39.23 24.53
N ASP K 549 -37.21 40.26 24.74
CA ASP K 549 -37.00 41.52 24.06
C ASP K 549 -35.68 42.15 24.46
N TYR K 550 -35.37 42.12 25.76
CA TYR K 550 -34.07 42.61 26.22
C TYR K 550 -32.93 41.79 25.63
N PHE K 551 -33.10 40.47 25.56
CA PHE K 551 -32.08 39.61 24.98
C PHE K 551 -31.83 39.94 23.52
N LYS K 552 -32.90 40.16 22.75
CA LYS K 552 -32.75 40.54 21.35
C LYS K 552 -32.09 41.90 21.23
N ALA K 553 -32.46 42.85 22.10
CA ALA K 553 -31.86 44.17 22.07
C ALA K 553 -30.42 44.16 22.53
N ASN K 554 -30.08 43.30 23.49
CA ASN K 554 -28.73 43.23 24.06
C ASN K 554 -27.96 42.01 23.55
N ALA K 555 -28.26 41.52 22.35
CA ALA K 555 -27.55 40.36 21.82
C ALA K 555 -26.07 40.67 21.63
N SER K 556 -25.75 41.85 21.11
CA SER K 556 -24.35 42.21 20.87
C SER K 556 -23.57 42.29 22.17
N ARG K 557 -24.16 42.82 23.23
CA ARG K 557 -23.47 42.97 24.50
C ARG K 557 -23.18 41.63 25.16
N ILE K 558 -24.12 40.68 25.09
CA ILE K 558 -24.02 39.44 25.85
C ILE K 558 -23.36 38.33 25.04
N SER K 559 -23.79 38.13 23.80
CA SER K 559 -23.32 37.02 22.97
C SER K 559 -22.08 37.37 22.16
N GLY K 560 -21.87 38.65 21.85
CA GLY K 560 -20.68 39.05 21.11
C GLY K 560 -20.68 38.59 19.66
N GLY K 561 -21.85 38.23 19.14
CA GLY K 561 -21.93 37.82 17.75
C GLY K 561 -22.93 36.71 17.45
N SER K 562 -23.36 36.00 18.48
CA SER K 562 -24.37 34.95 18.30
C SER K 562 -25.70 35.60 17.91
N LYS K 563 -26.35 35.05 16.89
CA LYS K 563 -27.55 35.65 16.33
C LYS K 563 -28.79 35.05 17.01
N VAL K 564 -29.53 35.89 17.73
CA VAL K 564 -30.78 35.46 18.35
C VAL K 564 -31.83 35.17 17.28
N MET K 565 -31.82 35.96 16.20
CA MET K 565 -32.80 35.86 15.14
C MET K 565 -32.78 34.52 14.41
N GLU K 566 -31.62 33.86 14.35
CA GLU K 566 -31.48 32.64 13.57
C GLU K 566 -31.79 31.38 14.35
N HIS K 567 -32.30 31.49 15.58
CA HIS K 567 -32.59 30.34 16.40
C HIS K 567 -33.94 30.50 17.09
N ASP K 568 -34.62 29.38 17.29
CA ASP K 568 -35.89 29.32 17.99
C ASP K 568 -35.68 28.78 19.41
N PHE K 569 -36.47 29.29 20.35
CA PHE K 569 -36.26 29.03 21.76
C PHE K 569 -37.58 28.64 22.40
N HIS K 570 -37.54 27.65 23.29
CA HIS K 570 -38.69 27.34 24.15
C HIS K 570 -38.19 27.16 25.58
N LEU K 571 -38.86 27.83 26.52
CA LEU K 571 -38.52 27.69 27.93
C LEU K 571 -39.67 27.08 28.71
N HIS K 572 -39.34 26.16 29.61
CA HIS K 572 -40.31 25.43 30.41
C HIS K 572 -39.98 25.60 31.88
N VAL K 573 -41.03 25.65 32.71
CA VAL K 573 -40.89 25.84 34.15
C VAL K 573 -41.39 24.59 34.86
N VAL K 574 -40.57 24.06 35.75
CA VAL K 574 -40.89 22.88 36.55
C VAL K 574 -40.93 23.30 38.01
N GLU K 575 -42.04 23.02 38.69
CA GLU K 575 -42.20 23.42 40.07
C GLU K 575 -41.76 22.29 41.00
N LEU K 576 -40.89 22.62 41.95
CA LEU K 576 -40.30 21.62 42.83
C LEU K 576 -40.96 21.54 44.21
N GLN K 577 -41.54 22.63 44.70
CA GLN K 577 -42.11 22.66 46.04
C GLN K 577 -43.62 22.81 46.06
N ASN K 578 -44.28 22.83 44.90
CA ASN K 578 -45.74 22.95 44.84
C ASN K 578 -46.24 24.19 45.56
N THR K 579 -45.50 25.30 45.41
CA THR K 579 -45.89 26.55 46.07
C THR K 579 -46.93 27.33 45.29
N GLY K 580 -46.99 27.16 43.98
CA GLY K 580 -47.92 27.88 43.15
C GLY K 580 -47.26 28.51 41.95
N PRO K 581 -48.05 29.19 41.11
CA PRO K 581 -47.48 29.85 39.94
C PRO K 581 -46.54 30.98 40.32
N LEU K 582 -45.52 31.18 39.49
CA LEU K 582 -44.53 32.23 39.71
C LEU K 582 -44.74 33.36 38.72
N SER K 583 -44.68 34.60 39.20
CA SER K 583 -44.96 35.76 38.36
C SER K 583 -43.70 36.37 37.77
N HIS K 584 -42.72 36.70 38.61
CA HIS K 584 -41.49 37.33 38.13
C HIS K 584 -40.60 36.30 37.45
N LEU K 585 -40.34 36.50 36.16
CA LEU K 585 -39.51 35.56 35.41
C LEU K 585 -38.53 36.20 34.44
N ALA K 586 -38.40 37.52 34.40
CA ALA K 586 -37.57 38.15 33.36
C ALA K 586 -36.11 37.81 33.53
N LEU K 587 -35.57 37.98 34.74
CA LEU K 587 -34.15 37.68 34.97
C LEU K 587 -33.82 36.20 34.75
N PRO K 588 -34.54 35.24 35.34
CA PRO K 588 -34.22 33.83 35.03
C PRO K 588 -34.37 33.49 33.57
N SER K 589 -35.37 34.06 32.88
CA SER K 589 -35.52 33.81 31.45
C SER K 589 -34.31 34.32 30.67
N LEU K 590 -33.86 35.53 30.98
CA LEU K 590 -32.72 36.09 30.28
C LEU K 590 -31.45 35.28 30.55
N VAL K 591 -31.28 34.83 31.79
CA VAL K 591 -30.13 33.98 32.11
C VAL K 591 -30.21 32.68 31.31
N ALA K 592 -31.42 32.12 31.18
CA ALA K 592 -31.59 30.91 30.38
C ALA K 592 -31.23 31.16 28.92
N PHE K 593 -31.66 32.30 28.37
CA PHE K 593 -31.30 32.64 27.00
C PHE K 593 -29.79 32.69 26.84
N ALA K 594 -29.12 33.41 27.74
CA ALA K 594 -27.68 33.57 27.63
C ALA K 594 -26.95 32.23 27.75
N SER K 595 -27.39 31.38 28.69
CA SER K 595 -26.74 30.10 28.87
C SER K 595 -26.95 29.19 27.67
N GLY K 596 -28.19 29.13 27.16
CA GLY K 596 -28.47 28.27 26.03
C GLY K 596 -27.76 28.70 24.76
N LEU K 597 -27.80 30.00 24.46
CA LEU K 597 -27.20 30.49 23.22
C LEU K 597 -25.68 30.32 23.23
N LEU K 598 -25.02 30.70 24.32
CA LEU K 598 -23.58 30.58 24.40
C LEU K 598 -23.11 29.15 24.63
N GLY K 599 -23.99 28.26 25.08
CA GLY K 599 -23.60 26.88 25.31
C GLY K 599 -22.68 26.67 26.49
N ARG K 600 -22.61 27.63 27.40
CA ARG K 600 -21.81 27.51 28.61
C ARG K 600 -22.72 27.08 29.76
N SER K 601 -22.28 26.05 30.49
CA SER K 601 -23.02 25.59 31.66
C SER K 601 -23.06 26.68 32.71
N VAL K 602 -24.27 26.91 33.26
CA VAL K 602 -24.36 27.78 34.43
C VAL K 602 -23.64 27.10 35.58
N GLN K 603 -22.93 27.90 36.37
CA GLN K 603 -22.16 27.36 37.47
C GLN K 603 -23.05 26.58 38.42
N SER K 604 -22.53 25.45 38.91
CA SER K 604 -23.34 24.54 39.71
C SER K 604 -23.83 25.21 40.98
N GLN K 605 -25.06 24.89 41.37
CA GLN K 605 -25.64 25.30 42.64
C GLN K 605 -25.83 26.82 42.71
N MET K 606 -26.18 27.45 41.59
CA MET K 606 -26.61 28.84 41.60
C MET K 606 -28.12 28.94 41.46
N VAL K 607 -28.69 29.92 42.15
CA VAL K 607 -30.10 30.27 42.03
C VAL K 607 -30.18 31.71 41.53
N VAL K 608 -30.93 31.91 40.44
CA VAL K 608 -31.09 33.23 39.84
C VAL K 608 -32.33 33.87 40.47
N LEU K 609 -32.14 35.04 41.04
CA LEU K 609 -33.21 35.73 41.76
C LEU K 609 -33.47 37.11 41.17
N GLY K 610 -34.51 37.75 41.68
CA GLY K 610 -34.85 39.10 41.28
C GLY K 610 -35.64 39.14 39.98
N ASP K 611 -36.10 40.34 39.65
CA ASP K 611 -36.82 40.60 38.42
C ASP K 611 -36.26 41.86 37.77
N MET K 612 -36.41 41.95 36.46
CA MET K 612 -35.85 43.06 35.69
C MET K 612 -36.92 43.61 34.77
N SER K 613 -36.94 44.94 34.66
CA SER K 613 -37.87 45.64 33.79
C SER K 613 -37.29 45.76 32.40
N LEU K 614 -38.15 46.16 31.45
CA LEU K 614 -37.74 46.18 30.04
C LEU K 614 -36.55 47.10 29.81
N GLY K 615 -36.39 48.14 30.63
CA GLY K 615 -35.26 49.04 30.48
C GLY K 615 -33.95 48.54 31.02
N GLY K 616 -33.94 47.36 31.65
CA GLY K 616 -32.73 46.82 32.23
C GLY K 616 -32.52 47.11 33.69
N SER K 617 -33.53 47.59 34.40
CA SER K 617 -33.41 47.86 35.82
C SER K 617 -33.80 46.63 36.63
N VAL K 618 -32.91 46.24 37.56
CA VAL K 618 -33.10 45.05 38.39
C VAL K 618 -33.90 45.44 39.63
N THR K 619 -34.69 44.50 40.12
CA THR K 619 -35.48 44.77 41.32
C THR K 619 -34.97 43.95 42.49
N PRO K 620 -35.08 44.47 43.72
CA PRO K 620 -34.63 43.70 44.87
C PRO K 620 -35.47 42.45 45.09
N VAL K 621 -34.85 41.42 45.65
CA VAL K 621 -35.56 40.18 45.93
C VAL K 621 -36.43 40.40 47.18
N GLU K 622 -37.74 40.40 46.99
CA GLU K 622 -38.66 40.52 48.10
C GLU K 622 -38.54 39.30 49.02
N SER K 623 -38.57 39.56 50.33
CA SER K 623 -38.40 38.52 51.35
C SER K 623 -37.17 37.68 51.06
N ILE K 624 -36.01 38.34 51.02
CA ILE K 624 -34.77 37.66 50.66
C ILE K 624 -34.43 36.59 51.70
N ALA K 625 -34.87 36.78 52.94
CA ALA K 625 -34.55 35.82 53.99
C ALA K 625 -35.12 34.44 53.68
N GLU K 626 -36.43 34.37 53.38
CA GLU K 626 -37.04 33.09 53.07
C GLU K 626 -36.50 32.51 51.76
N CYS K 627 -36.20 33.38 50.79
CA CYS K 627 -35.64 32.90 49.53
C CYS K 627 -34.29 32.22 49.75
N LEU K 628 -33.41 32.84 50.54
CA LEU K 628 -32.11 32.24 50.77
C LEU K 628 -32.21 31.03 51.68
N GLN K 629 -33.20 31.02 52.59
CA GLN K 629 -33.44 29.81 53.37
C GLN K 629 -33.87 28.65 52.48
N VAL K 630 -34.71 28.92 51.49
CA VAL K 630 -35.08 27.90 50.51
C VAL K 630 -33.86 27.46 49.71
N ALA K 631 -33.00 28.41 49.36
CA ALA K 631 -31.77 28.07 48.65
C ALA K 631 -30.91 27.11 49.47
N PHE K 632 -30.79 27.36 50.77
CA PHE K 632 -30.09 26.43 51.64
C PHE K 632 -30.78 25.08 51.66
N ASP K 633 -32.11 25.08 51.82
CA ASP K 633 -32.84 23.82 51.90
C ASP K 633 -32.80 23.07 50.58
N ALA K 634 -32.56 23.77 49.48
CA ALA K 634 -32.48 23.14 48.17
C ALA K 634 -31.14 22.45 47.93
N GLY K 635 -30.14 22.69 48.77
CA GLY K 635 -28.82 22.13 48.55
C GLY K 635 -27.89 22.99 47.75
N ALA K 636 -28.21 24.26 47.56
CA ALA K 636 -27.37 25.15 46.77
C ALA K 636 -26.19 25.64 47.58
N LYS K 637 -25.18 26.18 46.88
CA LYS K 637 -24.03 26.79 47.49
C LYS K 637 -23.73 28.19 46.97
N LYS K 638 -24.49 28.69 46.01
CA LYS K 638 -24.23 29.96 45.37
C LYS K 638 -25.52 30.77 45.29
N VAL K 639 -25.39 32.09 45.32
CA VAL K 639 -26.53 32.99 45.17
C VAL K 639 -26.14 34.15 44.28
N ALA K 640 -27.04 34.52 43.36
CA ALA K 640 -26.88 35.72 42.55
C ALA K 640 -27.91 36.75 43.03
N LEU K 641 -27.44 37.92 43.42
CA LEU K 641 -28.32 38.89 44.07
C LEU K 641 -28.10 40.30 43.53
N PRO K 642 -29.12 41.15 43.52
CA PRO K 642 -28.93 42.54 43.12
C PRO K 642 -28.33 43.35 44.25
N MET K 643 -27.79 44.53 43.90
CA MET K 643 -27.24 45.42 44.93
C MET K 643 -28.34 45.98 45.81
N SER K 644 -29.57 46.08 45.29
CA SER K 644 -30.68 46.56 46.08
C SER K 644 -31.02 45.63 47.23
N SER K 645 -30.72 44.34 47.09
CA SER K 645 -30.85 43.40 48.21
C SER K 645 -29.67 43.47 49.16
N ALA K 646 -28.63 44.22 48.82
CA ALA K 646 -27.51 44.42 49.74
C ALA K 646 -27.96 45.11 51.02
N ALA K 647 -28.83 46.11 50.92
CA ALA K 647 -29.40 46.72 52.12
C ALA K 647 -30.23 45.72 52.92
N ASP K 648 -30.67 44.63 52.28
CA ASP K 648 -31.38 43.57 52.96
C ASP K 648 -30.45 42.52 53.57
N ILE K 649 -29.14 42.68 53.38
CA ILE K 649 -28.19 41.72 53.95
C ILE K 649 -28.26 41.64 55.47
N PRO K 650 -28.25 42.74 56.22
CA PRO K 650 -28.21 42.62 57.69
C PRO K 650 -29.43 41.92 58.29
N THR K 651 -30.55 41.88 57.58
CA THR K 651 -31.78 41.31 58.11
C THR K 651 -31.73 39.80 58.25
N ILE K 652 -30.70 39.14 57.71
CA ILE K 652 -30.55 37.69 57.82
C ILE K 652 -29.37 37.39 58.73
N PRO K 653 -29.43 36.37 59.56
CA PRO K 653 -28.25 35.96 60.34
C PRO K 653 -27.08 35.61 59.43
N VAL K 654 -25.88 35.96 59.89
CA VAL K 654 -24.68 35.76 59.08
C VAL K 654 -24.43 34.28 58.85
N GLU K 655 -24.76 33.44 59.85
CA GLU K 655 -24.55 32.00 59.71
C GLU K 655 -25.28 31.43 58.51
N LEU K 656 -26.43 32.00 58.15
CA LEU K 656 -27.15 31.53 56.97
C LEU K 656 -26.41 31.93 55.69
N PHE K 657 -25.73 33.08 55.72
CA PHE K 657 -24.91 33.49 54.58
C PHE K 657 -23.66 32.65 54.46
N THR K 658 -23.14 32.14 55.59
CA THR K 658 -21.86 31.44 55.60
C THR K 658 -21.84 30.21 54.69
N LYS K 659 -23.01 29.64 54.37
CA LYS K 659 -23.05 28.46 53.52
C LYS K 659 -23.14 28.77 52.04
N PHE K 660 -23.02 30.04 51.64
CA PHE K 660 -23.10 30.44 50.24
C PHE K 660 -21.93 31.33 49.85
N GLN K 661 -21.45 31.14 48.63
CA GLN K 661 -20.46 32.03 48.02
C GLN K 661 -21.21 33.05 47.17
N THR K 662 -21.53 34.19 47.76
CA THR K 662 -22.45 35.16 47.16
C THR K 662 -21.78 35.91 46.01
N SER K 663 -22.55 36.12 44.93
CA SER K 663 -22.11 36.87 43.78
C SER K 663 -23.19 37.88 43.42
N PHE K 664 -22.90 39.17 43.59
CA PHE K 664 -23.83 40.22 43.22
C PHE K 664 -23.60 40.64 41.78
N TYR K 665 -24.60 41.32 41.20
CA TYR K 665 -24.54 41.75 39.82
C TYR K 665 -25.00 43.20 39.71
N ALA K 666 -24.61 43.86 38.63
CA ALA K 666 -24.98 45.25 38.39
C ALA K 666 -26.19 45.40 37.50
N ASP K 667 -26.23 44.71 36.36
CA ASP K 667 -27.38 44.75 35.48
C ASP K 667 -27.68 43.32 35.06
N PRO K 668 -28.79 43.10 34.33
CA PRO K 668 -29.06 41.74 33.85
C PRO K 668 -27.92 41.12 33.05
N VAL K 669 -27.19 41.94 32.27
CA VAL K 669 -26.01 41.42 31.59
C VAL K 669 -24.94 41.03 32.60
N ASP K 670 -24.77 41.83 33.66
CA ASP K 670 -23.84 41.47 34.71
C ASP K 670 -24.32 40.23 35.47
N ALA K 671 -25.64 40.07 35.60
CA ALA K 671 -26.18 38.84 36.17
C ALA K 671 -25.81 37.64 35.31
N VAL K 672 -25.90 37.80 33.98
CA VAL K 672 -25.44 36.75 33.07
C VAL K 672 -23.98 36.42 33.32
N PHE K 673 -23.14 37.47 33.43
CA PHE K 673 -21.72 37.24 33.61
C PHE K 673 -21.42 36.53 34.93
N LYS K 674 -22.12 36.91 35.98
CA LYS K 674 -21.95 36.23 37.27
C LYS K 674 -22.40 34.78 37.20
N GLY K 675 -23.54 34.52 36.54
CA GLY K 675 -24.03 33.15 36.47
C GLY K 675 -23.14 32.25 35.65
N LEU K 676 -22.67 32.72 34.49
CA LEU K 676 -21.83 31.92 33.62
C LEU K 676 -20.37 31.88 34.05
N GLY K 677 -19.92 32.84 34.84
CA GLY K 677 -18.53 32.88 35.30
C GLY K 677 -17.52 32.97 34.18
N ASP L 6 -33.73 -70.02 38.67
CA ASP L 6 -34.38 -69.67 37.41
C ASP L 6 -35.56 -70.60 37.15
N LYS L 7 -35.41 -71.87 37.54
CA LYS L 7 -36.48 -72.84 37.36
C LYS L 7 -37.69 -72.49 38.22
N GLU L 8 -37.46 -72.14 39.49
CA GLU L 8 -38.56 -71.75 40.37
C GLU L 8 -39.30 -70.54 39.81
N LEU L 9 -38.58 -69.66 39.12
CA LEU L 9 -39.23 -68.55 38.43
C LEU L 9 -40.16 -69.05 37.34
N ASP L 10 -39.74 -70.07 36.59
CA ASP L 10 -40.59 -70.66 35.56
C ASP L 10 -41.83 -71.30 36.18
N GLN L 11 -41.66 -71.97 37.31
CA GLN L 11 -42.81 -72.55 38.01
C GLN L 11 -43.78 -71.46 38.46
N LEU L 12 -43.25 -70.36 39.00
CA LEU L 12 -44.11 -69.26 39.42
C LEU L 12 -44.87 -68.68 38.24
N LEU L 13 -44.17 -68.45 37.13
CA LEU L 13 -44.82 -67.91 35.94
C LEU L 13 -45.90 -68.84 35.42
N ASN L 14 -45.63 -70.15 35.41
CA ASN L 14 -46.61 -71.09 34.89
C ASN L 14 -47.81 -71.23 35.81
N GLU L 15 -47.60 -71.17 37.13
CA GLU L 15 -48.71 -71.33 38.07
C GLU L 15 -49.56 -70.07 38.14
N HIS L 16 -48.93 -68.89 38.12
CA HIS L 16 -49.66 -67.65 38.31
C HIS L 16 -50.01 -66.94 37.01
N PHE L 17 -49.20 -67.10 35.97
CA PHE L 17 -49.40 -66.46 34.67
C PHE L 17 -49.44 -67.49 33.55
N ALA L 18 -50.23 -68.55 33.73
CA ALA L 18 -50.39 -69.55 32.70
C ALA L 18 -50.94 -68.92 31.43
N GLY L 19 -50.30 -69.19 30.29
CA GLY L 19 -50.70 -68.56 29.05
C GLY L 19 -50.32 -67.10 28.93
N ARG L 20 -49.37 -66.64 29.76
CA ARG L 20 -48.94 -65.25 29.73
C ARG L 20 -47.45 -65.08 29.52
N VAL L 21 -46.66 -66.16 29.58
CA VAL L 21 -45.22 -66.08 29.50
C VAL L 21 -44.74 -66.85 28.27
N VAL L 22 -43.62 -66.40 27.71
CA VAL L 22 -43.07 -66.97 26.48
C VAL L 22 -41.57 -67.12 26.63
N ARG L 23 -41.02 -68.20 26.08
CA ARG L 23 -39.58 -68.41 26.04
C ARG L 23 -38.96 -67.44 25.03
N LYS L 24 -38.13 -66.53 25.51
CA LYS L 24 -37.65 -65.41 24.71
C LYS L 24 -36.81 -65.82 23.51
N ASP L 25 -35.89 -66.76 23.69
CA ASP L 25 -34.98 -67.14 22.62
C ASP L 25 -35.71 -67.80 21.44
N LEU L 26 -36.84 -68.44 21.72
CA LEU L 26 -37.62 -69.00 20.63
C LEU L 26 -38.20 -67.91 19.74
N THR L 27 -38.58 -66.77 20.33
CA THR L 27 -39.00 -65.63 19.51
C THR L 27 -37.86 -65.16 18.62
N LYS L 28 -36.63 -65.16 19.15
CA LYS L 28 -35.47 -64.86 18.32
C LYS L 28 -35.35 -65.85 17.17
N LEU L 29 -35.57 -67.13 17.46
CA LEU L 29 -35.56 -68.15 16.43
C LEU L 29 -36.60 -67.90 15.34
N ILE L 30 -37.78 -67.40 15.71
CA ILE L 30 -38.86 -67.16 14.73
C ILE L 30 -38.66 -65.84 13.99
N LYS L 31 -37.86 -64.92 14.55
CA LYS L 31 -37.67 -63.58 13.99
C LYS L 31 -37.49 -63.58 12.48
N GLU L 32 -36.67 -64.51 11.97
CA GLU L 32 -36.34 -64.55 10.55
C GLU L 32 -37.56 -64.83 9.70
N GLY L 33 -37.74 -64.07 8.63
CA GLY L 33 -38.82 -64.30 7.68
C GLY L 33 -40.21 -64.10 8.24
N ALA L 34 -40.56 -62.86 8.58
CA ALA L 34 -41.87 -62.59 9.16
C ALA L 34 -42.37 -61.20 8.78
N ASN L 35 -43.50 -61.14 8.07
CA ASN L 35 -44.14 -59.86 7.80
C ASN L 35 -44.83 -59.32 9.04
N VAL L 36 -45.50 -60.19 9.79
CA VAL L 36 -46.17 -59.81 11.02
C VAL L 36 -45.13 -59.33 12.02
N PRO L 37 -45.43 -58.33 12.84
CA PRO L 37 -44.44 -57.81 13.79
C PRO L 37 -44.01 -58.82 14.83
N VAL L 38 -43.00 -58.45 15.62
CA VAL L 38 -42.35 -59.33 16.59
C VAL L 38 -43.36 -59.84 17.61
N TYR L 39 -44.21 -58.95 18.11
CA TYR L 39 -45.18 -59.36 19.13
C TYR L 39 -46.15 -60.40 18.57
N VAL L 40 -46.56 -60.24 17.31
CA VAL L 40 -47.41 -61.25 16.68
C VAL L 40 -46.71 -62.61 16.71
N LEU L 41 -45.40 -62.60 16.45
CA LEU L 41 -44.62 -63.83 16.51
C LEU L 41 -44.65 -64.40 17.92
N GLU L 42 -44.52 -63.53 18.92
CA GLU L 42 -44.54 -64.00 20.31
C GLU L 42 -45.88 -64.67 20.63
N TYR L 43 -46.98 -64.04 20.23
CA TYR L 43 -48.29 -64.66 20.45
C TYR L 43 -48.41 -66.01 19.75
N LEU L 44 -48.12 -66.05 18.44
CA LEU L 44 -48.30 -67.31 17.72
C LEU L 44 -47.44 -68.41 18.33
N LEU L 45 -46.25 -68.05 18.81
CA LEU L 45 -45.45 -68.96 19.62
C LEU L 45 -46.24 -69.43 20.83
N GLY L 46 -46.82 -68.48 21.57
CA GLY L 46 -47.57 -68.79 22.78
C GLY L 46 -48.60 -69.88 22.61
N MET L 47 -49.45 -69.77 21.59
CA MET L 47 -50.42 -70.82 21.33
C MET L 47 -49.75 -72.08 20.81
N TYR L 48 -48.78 -71.93 19.90
CA TYR L 48 -48.17 -73.12 19.30
C TYR L 48 -47.13 -73.75 20.22
N CYS L 49 -46.79 -73.10 21.33
CA CYS L 49 -45.95 -73.69 22.36
C CYS L 49 -46.73 -74.15 23.57
N ALA L 50 -47.91 -74.74 23.36
CA ALA L 50 -48.75 -75.23 24.45
C ALA L 50 -47.96 -76.16 25.37
N SER L 51 -47.20 -77.07 24.78
CA SER L 51 -46.27 -77.92 25.52
C SER L 51 -44.85 -77.53 25.16
N ASP L 52 -44.04 -77.23 26.17
CA ASP L 52 -42.67 -76.75 25.97
C ASP L 52 -41.75 -77.95 25.71
N ASP L 53 -41.98 -78.59 24.56
CA ASP L 53 -41.18 -79.72 24.12
C ASP L 53 -40.44 -79.34 22.85
N PRO L 54 -39.12 -79.61 22.74
CA PRO L 54 -38.37 -79.17 21.55
C PRO L 54 -38.98 -79.64 20.24
N GLU L 55 -39.45 -80.88 20.21
CA GLU L 55 -40.09 -81.42 19.03
C GLU L 55 -41.39 -80.66 18.73
N ILE L 56 -42.19 -80.41 19.77
CA ILE L 56 -43.45 -79.72 19.63
C ILE L 56 -43.19 -78.26 19.25
N ILE L 57 -42.15 -77.67 19.85
CA ILE L 57 -41.81 -76.28 19.53
C ILE L 57 -41.41 -76.16 18.07
N GLU L 58 -40.59 -77.08 17.57
CA GLU L 58 -40.14 -77.02 16.18
C GLU L 58 -41.28 -77.31 15.21
N GLN L 59 -42.14 -78.27 15.56
CA GLN L 59 -43.32 -78.53 14.73
C GLN L 59 -44.19 -77.28 14.65
N GLY L 60 -44.41 -76.61 15.77
CA GLY L 60 -45.14 -75.36 15.76
C GLY L 60 -44.42 -74.29 14.97
N LEU L 61 -43.09 -74.34 14.95
CA LEU L 61 -42.33 -73.38 14.17
C LEU L 61 -42.63 -73.51 12.68
N ARG L 62 -42.55 -74.72 12.14
CA ARG L 62 -43.00 -74.93 10.76
C ARG L 62 -44.48 -74.58 10.58
N ASN L 63 -45.31 -74.94 11.56
CA ASN L 63 -46.74 -74.66 11.44
C ASN L 63 -46.99 -73.15 11.27
N VAL L 64 -46.36 -72.34 12.12
CA VAL L 64 -46.59 -70.89 12.04
C VAL L 64 -45.93 -70.31 10.81
N LYS L 65 -44.77 -70.82 10.41
CA LYS L 65 -44.14 -70.31 9.20
C LYS L 65 -44.98 -70.62 7.97
N THR L 66 -45.72 -71.72 8.00
CA THR L 66 -46.66 -72.02 6.93
C THR L 66 -47.89 -71.12 7.01
N VAL L 67 -48.43 -70.94 8.22
CA VAL L 67 -49.67 -70.19 8.40
C VAL L 67 -49.48 -68.74 7.99
N LEU L 68 -48.38 -68.11 8.41
CA LEU L 68 -48.12 -66.73 8.02
C LEU L 68 -47.87 -66.62 6.52
N ALA L 69 -47.53 -67.74 5.87
CA ALA L 69 -47.30 -67.77 4.44
C ALA L 69 -48.48 -68.33 3.66
N GLU L 70 -49.55 -68.72 4.34
CA GLU L 70 -50.69 -69.31 3.65
C GLU L 70 -51.94 -68.47 3.82
N ASN L 71 -52.21 -68.02 5.04
CA ASN L 71 -53.41 -67.23 5.29
C ASN L 71 -53.16 -65.76 5.03
N TYR L 72 -51.97 -65.26 5.37
CA TYR L 72 -51.63 -63.86 5.12
C TYR L 72 -51.45 -63.63 3.64
N VAL L 73 -52.05 -62.56 3.12
CA VAL L 73 -51.98 -62.24 1.71
C VAL L 73 -51.45 -60.82 1.54
N ARG L 74 -50.75 -60.56 0.44
CA ARG L 74 -50.18 -59.25 0.16
C ARG L 74 -51.29 -58.32 -0.32
N PRO L 75 -51.29 -57.04 0.10
CA PRO L 75 -52.37 -56.14 -0.30
C PRO L 75 -52.45 -55.91 -1.79
N ASP L 76 -51.37 -56.22 -2.52
CA ASP L 76 -51.37 -56.01 -3.96
C ASP L 76 -52.44 -56.85 -4.65
N GLU L 77 -52.58 -58.11 -4.24
CA GLU L 77 -53.56 -59.01 -4.85
C GLU L 77 -54.77 -59.27 -3.97
N ALA L 78 -55.04 -58.38 -3.00
CA ALA L 78 -56.13 -58.60 -2.05
C ALA L 78 -57.45 -58.81 -2.78
N GLU L 79 -57.62 -58.17 -3.95
CA GLU L 79 -58.84 -58.34 -4.73
C GLU L 79 -59.13 -59.81 -5.01
N LYS L 80 -58.11 -60.56 -5.41
CA LYS L 80 -58.28 -62.00 -5.64
C LYS L 80 -58.92 -62.67 -4.43
N VAL L 81 -58.44 -62.32 -3.24
CA VAL L 81 -58.96 -62.95 -2.01
C VAL L 81 -60.46 -62.77 -1.93
N LYS L 82 -60.97 -61.60 -2.31
CA LYS L 82 -62.41 -61.37 -2.26
C LYS L 82 -63.15 -62.40 -3.09
N SER L 83 -62.68 -62.64 -4.32
CA SER L 83 -63.31 -63.68 -5.13
C SER L 83 -63.14 -65.04 -4.49
N LEU L 84 -61.99 -65.27 -3.84
CA LEU L 84 -61.81 -66.51 -3.10
C LEU L 84 -62.88 -66.67 -2.03
N VAL L 85 -63.31 -65.56 -1.43
CA VAL L 85 -64.44 -65.61 -0.51
C VAL L 85 -65.72 -65.95 -1.26
N ARG L 86 -65.92 -65.31 -2.40
CA ARG L 86 -67.15 -65.53 -3.17
C ARG L 86 -67.18 -66.92 -3.78
N GLU L 87 -66.07 -67.34 -4.41
CA GLU L 87 -66.06 -68.61 -5.12
C GLU L 87 -66.23 -69.79 -4.17
N ARG L 88 -65.57 -69.75 -3.02
CA ARG L 88 -65.62 -70.86 -2.07
C ARG L 88 -66.70 -70.70 -1.02
N GLY L 89 -67.19 -69.49 -0.78
CA GLY L 89 -68.20 -69.28 0.24
C GLY L 89 -67.61 -68.97 1.60
N SER L 90 -66.39 -69.44 1.84
CA SER L 90 -65.68 -69.19 3.09
C SER L 90 -64.19 -69.32 2.84
N TYR L 91 -63.42 -68.53 3.58
CA TYR L 91 -61.97 -68.54 3.41
C TYR L 91 -61.29 -67.92 4.63
N LYS L 92 -60.21 -68.54 5.09
CA LYS L 92 -59.49 -68.08 6.27
C LYS L 92 -58.39 -67.10 5.85
N VAL L 93 -58.31 -65.97 6.54
CA VAL L 93 -57.33 -64.94 6.22
C VAL L 93 -56.76 -64.35 7.51
N ILE L 94 -55.44 -64.15 7.52
CA ILE L 94 -54.76 -63.39 8.56
C ILE L 94 -54.82 -61.92 8.17
N ASP L 95 -55.37 -61.08 9.03
CA ASP L 95 -55.31 -59.64 8.78
C ASP L 95 -55.57 -58.88 10.06
N ARG L 96 -55.27 -57.58 10.02
CA ARG L 96 -55.48 -56.68 11.14
C ARG L 96 -56.90 -56.11 11.04
N VAL L 97 -57.78 -56.59 11.90
CA VAL L 97 -59.20 -56.25 11.87
C VAL L 97 -59.47 -55.16 12.89
N THR L 98 -60.20 -54.13 12.47
CA THR L 98 -60.69 -53.09 13.36
C THR L 98 -62.21 -53.00 13.24
N VAL L 99 -62.89 -53.00 14.39
CA VAL L 99 -64.35 -53.05 14.39
C VAL L 99 -64.90 -51.70 14.82
N LYS L 100 -65.85 -51.20 14.04
CA LYS L 100 -66.51 -49.93 14.32
C LYS L 100 -68.01 -50.14 14.34
N LEU L 101 -68.70 -49.34 15.15
CA LEU L 101 -70.15 -49.44 15.28
C LEU L 101 -70.82 -48.46 14.34
N ASN L 102 -71.70 -48.98 13.46
CA ASN L 102 -72.52 -48.14 12.60
C ASN L 102 -73.87 -47.98 13.28
N GLU L 103 -74.11 -46.79 13.84
CA GLU L 103 -75.35 -46.52 14.55
C GLU L 103 -76.51 -46.34 13.59
N ARG L 104 -76.24 -45.86 12.38
CA ARG L 104 -77.30 -45.70 11.39
C ARG L 104 -77.97 -47.03 11.06
N LYS L 105 -77.18 -48.08 10.88
CA LYS L 105 -77.71 -49.42 10.68
C LYS L 105 -77.69 -50.25 11.96
N ASP L 106 -77.09 -49.73 13.03
CA ASP L 106 -76.99 -50.42 14.31
C ASP L 106 -76.33 -51.78 14.15
N LYS L 107 -75.23 -51.80 13.40
CA LYS L 107 -74.49 -53.04 13.20
C LYS L 107 -73.02 -52.82 13.52
N TYR L 108 -72.27 -53.92 13.53
CA TYR L 108 -70.84 -53.86 13.76
C TYR L 108 -70.11 -54.22 12.47
N GLU L 109 -69.17 -53.37 12.05
CA GLU L 109 -68.46 -53.55 10.79
C GLU L 109 -66.98 -53.76 11.09
N ALA L 110 -66.34 -54.61 10.29
CA ALA L 110 -64.91 -54.86 10.40
C ALA L 110 -64.20 -54.30 9.17
N SER L 111 -63.10 -53.61 9.41
CA SER L 111 -62.24 -53.07 8.37
C SER L 111 -60.91 -53.81 8.42
N PHE L 112 -60.44 -54.24 7.25
CA PHE L 112 -59.21 -55.00 7.13
C PHE L 112 -58.12 -54.09 6.58
N SER L 113 -57.02 -54.00 7.31
CA SER L 113 -55.94 -53.09 6.93
C SER L 113 -55.34 -53.48 5.58
N ASN L 114 -55.11 -54.78 5.38
CA ASN L 114 -54.41 -55.22 4.18
C ASN L 114 -55.36 -55.67 3.09
N LEU L 115 -56.48 -56.29 3.47
CA LEU L 115 -57.38 -56.88 2.48
C LEU L 115 -58.20 -55.83 1.74
N GLY L 116 -58.35 -54.63 2.30
CA GLY L 116 -59.11 -53.60 1.63
C GLY L 116 -60.60 -53.62 1.90
N ILE L 117 -61.11 -54.65 2.57
CA ILE L 117 -62.51 -54.66 2.96
C ILE L 117 -62.71 -53.75 4.17
N LYS L 118 -63.71 -52.88 4.11
CA LYS L 118 -63.93 -51.89 5.16
C LYS L 118 -65.15 -52.17 6.01
N ASP L 119 -66.15 -52.90 5.51
CA ASP L 119 -67.40 -53.03 6.24
C ASP L 119 -67.92 -54.47 6.30
N ALA L 120 -67.08 -55.44 6.61
CA ALA L 120 -67.57 -56.81 6.75
C ALA L 120 -68.43 -56.94 8.00
N GLU L 121 -69.65 -57.41 7.84
CA GLU L 121 -70.58 -57.49 8.96
C GLU L 121 -70.08 -58.50 9.99
N ILE L 122 -70.15 -58.13 11.26
CA ILE L 122 -69.72 -58.98 12.36
C ILE L 122 -70.78 -58.97 13.46
N SER L 123 -71.02 -60.13 14.05
CA SER L 123 -72.04 -60.26 15.08
C SER L 123 -71.58 -59.60 16.38
N ALA L 124 -72.55 -59.30 17.25
CA ALA L 124 -72.24 -58.65 18.51
C ALA L 124 -71.53 -59.60 19.48
N GLY L 125 -71.76 -60.89 19.34
CA GLY L 125 -71.15 -61.84 20.26
C GLY L 125 -69.64 -61.85 20.16
N ILE L 126 -69.11 -61.87 18.94
CA ILE L 126 -67.67 -61.91 18.75
C ILE L 126 -67.02 -60.65 19.30
N VAL L 127 -67.59 -59.49 19.00
CA VAL L 127 -66.97 -58.23 19.42
C VAL L 127 -67.08 -58.06 20.94
N LYS L 128 -68.21 -58.45 21.54
CA LYS L 128 -68.31 -58.34 22.98
C LYS L 128 -67.39 -59.35 23.66
N GLU L 129 -67.10 -60.47 22.98
CA GLU L 129 -66.15 -61.44 23.53
C GLU L 129 -64.73 -60.88 23.54
N TYR L 130 -64.33 -60.18 22.49
CA TYR L 130 -62.96 -59.72 22.30
C TYR L 130 -62.99 -58.20 22.14
N GLU L 131 -62.59 -57.49 23.20
CA GLU L 131 -62.76 -56.04 23.24
C GLU L 131 -61.71 -55.30 22.42
N LYS L 132 -60.50 -55.86 22.28
CA LYS L 132 -59.43 -55.13 21.63
C LYS L 132 -59.68 -54.88 20.14
N LEU L 133 -60.68 -55.55 19.56
CA LEU L 133 -61.07 -55.22 18.19
C LEU L 133 -61.57 -53.79 18.09
N LEU L 134 -62.16 -53.26 19.16
CA LEU L 134 -62.85 -51.99 19.12
C LEU L 134 -61.94 -50.79 19.38
N VAL L 135 -60.69 -51.00 19.78
CA VAL L 135 -59.81 -49.92 20.16
C VAL L 135 -58.80 -49.58 19.07
N GLY L 136 -58.02 -50.56 18.61
CA GLY L 136 -56.99 -50.27 17.64
C GLY L 136 -56.84 -51.29 16.53
N GLY L 137 -57.63 -52.37 16.59
CA GLY L 137 -57.53 -53.38 15.56
C GLY L 137 -56.43 -54.37 15.87
N ILE L 138 -56.71 -55.65 15.79
CA ILE L 138 -55.76 -56.68 16.18
C ILE L 138 -55.59 -57.67 15.04
N TRP L 139 -54.46 -58.37 15.05
CA TRP L 139 -54.19 -59.39 14.05
C TRP L 139 -55.01 -60.63 14.37
N VAL L 140 -55.80 -61.09 13.40
CA VAL L 140 -56.76 -62.16 13.61
C VAL L 140 -56.78 -63.07 12.40
N ILE L 141 -57.03 -64.36 12.63
CA ILE L 141 -57.44 -65.27 11.58
C ILE L 141 -58.96 -65.25 11.54
N ALA L 142 -59.51 -64.85 10.39
CA ALA L 142 -60.94 -64.66 10.24
C ALA L 142 -61.45 -65.53 9.09
N THR L 143 -62.60 -66.16 9.32
CA THR L 143 -63.26 -66.97 8.31
C THR L 143 -64.26 -66.09 7.57
N LEU L 144 -63.79 -65.43 6.51
CA LEU L 144 -64.65 -64.57 5.72
C LEU L 144 -65.65 -65.41 4.93
N SER L 145 -66.92 -65.00 5.00
CA SER L 145 -68.00 -65.65 4.29
C SER L 145 -68.70 -64.64 3.39
N TYR L 146 -69.29 -65.15 2.31
CA TYR L 146 -69.91 -64.31 1.29
C TYR L 146 -71.39 -64.68 1.18
N TYR L 147 -72.25 -63.68 1.17
CA TYR L 147 -73.67 -63.88 0.96
C TYR L 147 -74.30 -62.57 0.51
N PHE L 148 -74.81 -62.56 -0.71
CA PHE L 148 -75.46 -61.38 -1.27
C PHE L 148 -76.86 -61.76 -1.73
N GLU L 149 -77.84 -60.97 -1.33
CA GLU L 149 -79.21 -61.09 -1.83
C GLU L 149 -79.55 -59.82 -2.60
N GLU L 150 -80.27 -60.00 -3.71
CA GLU L 150 -80.57 -58.86 -4.57
C GLU L 150 -81.41 -57.84 -3.79
N GLY L 151 -80.99 -56.58 -3.87
CA GLY L 151 -81.67 -55.51 -3.17
C GLY L 151 -81.18 -55.26 -1.75
N GLN L 152 -80.31 -56.10 -1.21
CA GLN L 152 -79.81 -55.88 0.14
C GLN L 152 -78.84 -54.69 0.15
N THR L 153 -78.74 -54.05 1.31
CA THR L 153 -77.90 -52.87 1.47
C THR L 153 -76.60 -53.14 2.22
N SER L 154 -76.58 -54.17 3.07
CA SER L 154 -75.38 -54.50 3.82
C SER L 154 -74.36 -55.19 2.92
N SER L 155 -73.09 -55.06 3.29
CA SER L 155 -72.03 -55.67 2.50
C SER L 155 -72.17 -57.20 2.53
N PRO L 156 -71.89 -57.89 1.44
CA PRO L 156 -72.03 -59.35 1.43
C PRO L 156 -70.92 -60.08 2.16
N PHE L 157 -69.75 -59.47 2.34
CA PHE L 157 -68.66 -60.09 3.07
C PHE L 157 -68.97 -60.09 4.57
N GLY L 158 -68.81 -61.26 5.20
CA GLY L 158 -69.01 -61.36 6.63
C GLY L 158 -68.01 -62.33 7.22
N VAL L 159 -67.77 -62.17 8.52
CA VAL L 159 -66.85 -63.01 9.26
C VAL L 159 -67.68 -63.92 10.16
N SER L 160 -67.51 -65.23 10.00
CA SER L 160 -68.23 -66.21 10.78
C SER L 160 -67.43 -66.68 12.00
N LEU L 161 -66.16 -67.00 11.80
CA LEU L 161 -65.28 -67.40 12.88
C LEU L 161 -64.14 -66.40 12.99
N LEU L 162 -63.72 -66.11 14.20
CA LEU L 162 -62.71 -65.09 14.45
C LEU L 162 -61.83 -65.52 15.60
N LYS L 163 -60.56 -65.82 15.30
CA LYS L 163 -59.60 -66.21 16.33
C LYS L 163 -58.49 -65.18 16.40
N PRO L 164 -58.37 -64.44 17.50
CA PRO L 164 -57.33 -63.41 17.60
C PRO L 164 -55.95 -64.03 17.71
N ILE L 165 -55.03 -63.58 16.84
CA ILE L 165 -53.64 -63.97 16.98
C ILE L 165 -53.02 -63.41 18.25
N GLN L 166 -53.42 -62.22 18.67
CA GLN L 166 -52.83 -61.55 19.82
C GLN L 166 -53.85 -61.50 20.95
N MET L 167 -53.48 -60.80 22.02
CA MET L 167 -54.31 -60.78 23.22
C MET L 167 -55.71 -60.26 22.89
N PRO L 168 -56.76 -60.96 23.32
CA PRO L 168 -58.11 -60.46 23.11
C PRO L 168 -58.60 -59.54 24.22
N ASN L 169 -58.00 -59.64 25.40
CA ASN L 169 -58.49 -58.87 26.55
C ASN L 169 -57.40 -58.70 27.61
N MET L 170 -57.55 -57.66 28.43
CA MET L 170 -56.63 -57.40 29.54
C MET L 170 -57.34 -57.68 30.86
N ASN L 171 -56.70 -58.48 31.71
CA ASN L 171 -57.18 -58.70 33.08
C ASN L 171 -56.10 -58.18 34.03
N MET L 172 -56.15 -56.88 34.33
CA MET L 172 -55.13 -56.29 35.19
C MET L 172 -55.26 -56.74 36.64
N ASP L 173 -56.46 -57.18 37.04
CA ASP L 173 -56.62 -57.69 38.40
C ASP L 173 -55.91 -59.02 38.59
N GLU L 174 -56.00 -59.90 37.59
CA GLU L 174 -55.21 -61.14 37.61
C GLU L 174 -53.72 -60.81 37.62
N LEU L 175 -53.33 -59.76 36.89
CA LEU L 175 -51.94 -59.31 36.92
C LEU L 175 -51.53 -58.86 38.31
N PHE L 176 -52.40 -58.12 39.00
CA PHE L 176 -52.10 -57.70 40.36
C PHE L 176 -51.96 -58.91 41.29
N SER L 177 -52.86 -59.88 41.13
CA SER L 177 -52.80 -61.08 41.96
C SER L 177 -51.50 -61.85 41.71
N GLY L 178 -51.10 -61.96 40.45
CA GLY L 178 -49.83 -62.62 40.14
C GLY L 178 -48.64 -61.88 40.68
N ARG L 179 -48.67 -60.55 40.63
CA ARG L 179 -47.60 -59.76 41.24
C ARG L 179 -47.53 -60.03 42.74
N ALA L 180 -48.69 -60.06 43.41
CA ALA L 180 -48.71 -60.41 44.83
C ALA L 180 -48.21 -61.83 45.07
N ALA L 181 -48.36 -62.71 44.07
CA ALA L 181 -47.91 -64.08 44.19
C ALA L 181 -46.38 -64.22 44.15
N LEU L 182 -45.67 -63.24 43.62
CA LEU L 182 -44.22 -63.28 43.55
C LEU L 182 -43.60 -62.17 44.40
N SER L 183 -42.36 -62.39 44.82
CA SER L 183 -41.65 -61.40 45.59
C SER L 183 -41.22 -60.24 44.70
N THR L 184 -40.78 -59.15 45.34
CA THR L 184 -40.27 -58.01 44.58
C THR L 184 -39.02 -58.39 43.81
N ASP L 185 -38.14 -59.19 44.41
CA ASP L 185 -36.92 -59.61 43.73
C ASP L 185 -37.27 -60.39 42.47
N GLN L 186 -38.11 -61.42 42.64
CA GLN L 186 -38.53 -62.24 41.52
C GLN L 186 -39.31 -61.42 40.50
N TRP L 187 -40.06 -60.43 40.99
CA TRP L 187 -40.84 -59.58 40.08
C TRP L 187 -39.93 -58.77 39.18
N ARG L 188 -38.91 -58.11 39.74
CA ARG L 188 -38.04 -57.33 38.87
C ARG L 188 -37.25 -58.25 37.96
N GLU L 189 -36.90 -59.45 38.46
CA GLU L 189 -36.20 -60.40 37.60
C GLU L 189 -37.04 -60.76 36.38
N SER L 190 -38.33 -61.03 36.59
CA SER L 190 -39.23 -61.32 35.47
C SER L 190 -39.33 -60.12 34.54
N LEU L 191 -39.42 -58.91 35.10
CA LEU L 191 -39.51 -57.70 34.27
C LEU L 191 -38.28 -57.54 33.40
N ILE L 192 -37.09 -57.76 33.98
CA ILE L 192 -35.85 -57.63 33.22
C ILE L 192 -35.77 -58.70 32.14
N ARG L 193 -36.29 -59.89 32.42
CA ARG L 193 -36.35 -60.92 31.39
C ARG L 193 -37.32 -60.55 30.29
N SER L 194 -38.36 -59.78 30.62
CA SER L 194 -39.38 -59.44 29.64
C SER L 194 -38.80 -58.61 28.50
N ILE L 195 -37.91 -57.66 28.81
CA ILE L 195 -37.27 -56.83 27.80
C ILE L 195 -36.23 -57.66 27.07
N GLY L 196 -35.88 -58.80 27.64
CA GLY L 196 -34.86 -59.65 27.06
C GLY L 196 -33.50 -59.59 27.74
N MET L 197 -33.39 -58.93 28.89
CA MET L 197 -32.13 -58.85 29.62
C MET L 197 -32.12 -59.88 30.75
N GLU L 198 -30.91 -60.28 31.14
CA GLU L 198 -30.74 -61.31 32.15
C GLU L 198 -30.53 -60.68 33.53
N PRO L 199 -31.50 -60.81 34.43
CA PRO L 199 -31.34 -60.21 35.77
C PRO L 199 -30.15 -60.76 36.54
N ALA L 200 -29.86 -62.05 36.39
CA ALA L 200 -28.72 -62.64 37.10
C ALA L 200 -27.38 -62.19 36.53
N SER L 201 -27.34 -61.84 35.25
CA SER L 201 -26.11 -61.40 34.60
C SER L 201 -25.89 -59.89 34.70
N LEU L 202 -26.78 -59.17 35.37
CA LEU L 202 -26.66 -57.72 35.54
C LEU L 202 -26.70 -57.39 37.02
N LYS L 203 -25.93 -56.37 37.41
CA LYS L 203 -25.96 -55.90 38.79
C LYS L 203 -27.29 -55.19 39.07
N GLU L 204 -27.63 -55.08 40.36
CA GLU L 204 -28.92 -54.52 40.74
C GLU L 204 -29.05 -53.06 40.33
N ASP L 205 -27.94 -52.31 40.37
CA ASP L 205 -27.98 -50.92 39.95
C ASP L 205 -28.27 -50.81 38.45
N VAL L 206 -27.67 -51.69 37.65
CA VAL L 206 -27.96 -51.69 36.21
C VAL L 206 -29.42 -52.08 35.96
N GLN L 207 -29.95 -53.00 36.77
CA GLN L 207 -31.36 -53.34 36.67
C GLN L 207 -32.24 -52.14 37.01
N TRP L 208 -31.84 -51.37 38.02
CA TRP L 208 -32.57 -50.15 38.35
C TRP L 208 -32.53 -49.15 37.19
N HIS L 209 -31.38 -49.04 36.54
CA HIS L 209 -31.28 -48.16 35.38
C HIS L 209 -32.18 -48.62 34.25
N LEU L 210 -32.22 -49.93 33.99
CA LEU L 210 -33.09 -50.44 32.95
C LEU L 210 -34.55 -50.23 33.30
N LEU L 211 -34.90 -50.36 34.58
CA LEU L 211 -36.26 -50.04 35.02
C LEU L 211 -36.58 -48.58 34.79
N ALA L 212 -35.63 -47.70 35.09
CA ALA L 212 -35.81 -46.28 34.81
C ALA L 212 -36.02 -46.04 33.32
N ARG L 213 -35.43 -46.90 32.47
CA ARG L 213 -35.69 -46.81 31.05
C ARG L 213 -37.16 -47.05 30.72
N MET L 214 -37.82 -48.00 31.39
CA MET L 214 -39.22 -48.25 31.12
C MET L 214 -40.19 -47.40 31.93
N VAL L 215 -39.69 -46.63 32.90
CA VAL L 215 -40.56 -45.75 33.68
C VAL L 215 -41.39 -44.82 32.79
N PRO L 216 -40.84 -44.21 31.73
CA PRO L 216 -41.66 -43.29 30.92
C PRO L 216 -42.92 -43.93 30.35
N PHE L 217 -42.93 -45.24 30.16
CA PHE L 217 -44.09 -45.89 29.57
C PHE L 217 -45.31 -45.88 30.48
N VAL L 218 -45.13 -45.60 31.77
CA VAL L 218 -46.26 -45.57 32.69
C VAL L 218 -46.56 -44.17 33.21
N GLU L 219 -45.70 -43.19 32.97
CA GLU L 219 -45.88 -41.84 33.46
C GLU L 219 -46.25 -40.90 32.32
N ASN L 220 -47.23 -40.04 32.55
CA ASN L 220 -47.66 -39.09 31.54
C ASN L 220 -46.77 -37.86 31.56
N ASN L 221 -46.32 -37.45 30.37
CA ASN L 221 -45.42 -36.31 30.19
C ASN L 221 -44.17 -36.47 31.06
N TYR L 222 -43.55 -37.65 30.95
CA TYR L 222 -42.28 -37.92 31.60
C TYR L 222 -41.16 -37.57 30.62
N ASN L 223 -40.45 -36.50 30.92
CA ASN L 223 -39.29 -36.13 30.12
C ASN L 223 -38.03 -36.68 30.78
N VAL L 224 -37.30 -37.54 30.07
CA VAL L 224 -36.10 -38.15 30.62
C VAL L 224 -35.03 -38.19 29.54
N CYS L 225 -33.78 -37.94 29.95
CA CYS L 225 -32.66 -37.95 29.04
C CYS L 225 -31.64 -38.99 29.48
N GLU L 226 -31.25 -39.86 28.54
CA GLU L 226 -30.24 -40.87 28.79
C GLU L 226 -29.12 -40.69 27.77
N LEU L 227 -27.89 -40.66 28.25
CA LEU L 227 -26.70 -40.55 27.41
C LEU L 227 -25.79 -41.72 27.76
N GLY L 228 -25.44 -42.52 26.75
CA GLY L 228 -24.67 -43.72 26.99
C GLY L 228 -23.82 -44.15 25.81
N PRO L 229 -22.87 -45.04 26.05
CA PRO L 229 -22.00 -45.51 24.97
C PRO L 229 -22.76 -46.34 23.95
N ARG L 230 -22.16 -46.46 22.77
CA ARG L 230 -22.76 -47.22 21.68
C ARG L 230 -22.84 -48.69 22.04
N GLY L 231 -23.84 -49.37 21.48
CA GLY L 231 -24.00 -50.79 21.71
C GLY L 231 -24.57 -51.17 23.06
N THR L 232 -25.00 -50.19 23.86
CA THR L 232 -25.56 -50.46 25.16
C THR L 232 -27.07 -50.69 25.13
N GLY L 233 -27.64 -50.94 23.95
CA GLY L 233 -29.04 -51.31 23.83
C GLY L 233 -30.01 -50.27 24.32
N LYS L 234 -29.72 -49.00 24.14
CA LYS L 234 -30.61 -47.94 24.63
C LYS L 234 -31.93 -47.93 23.88
N SER L 235 -31.87 -48.06 22.55
CA SER L 235 -33.04 -47.86 21.72
C SER L 235 -33.86 -49.11 21.47
N HIS L 236 -33.37 -50.29 21.88
CA HIS L 236 -34.10 -51.53 21.61
C HIS L 236 -35.47 -51.52 22.30
N ILE L 237 -35.50 -51.07 23.56
CA ILE L 237 -36.75 -50.97 24.29
C ILE L 237 -37.73 -50.03 23.58
N TYR L 238 -37.20 -49.01 22.91
CA TYR L 238 -38.02 -47.97 22.30
C TYR L 238 -38.41 -48.26 20.85
N LYS L 239 -37.95 -49.36 20.27
CA LYS L 239 -38.33 -49.71 18.91
C LYS L 239 -38.88 -51.12 18.77
N GLU L 240 -38.57 -52.02 19.70
CA GLU L 240 -38.99 -53.41 19.58
C GLU L 240 -39.95 -53.86 20.67
N CYS L 241 -39.90 -53.26 21.86
CA CYS L 241 -40.62 -53.78 23.01
C CYS L 241 -41.94 -53.09 23.28
N SER L 242 -42.36 -52.16 22.42
CA SER L 242 -43.63 -51.49 22.67
C SER L 242 -44.20 -50.92 21.39
N PRO L 243 -45.50 -51.12 21.12
CA PRO L 243 -46.13 -50.48 19.96
C PRO L 243 -46.65 -49.09 20.26
N ASN L 244 -46.66 -48.66 21.52
CA ASN L 244 -47.12 -47.34 21.91
C ASN L 244 -45.97 -46.35 22.01
N SER L 245 -44.78 -46.75 21.60
CA SER L 245 -43.61 -45.89 21.60
C SER L 245 -43.13 -45.70 20.17
N ILE L 246 -42.69 -44.48 19.87
CA ILE L 246 -42.20 -44.13 18.54
C ILE L 246 -40.80 -43.59 18.68
N LEU L 247 -39.93 -43.94 17.74
CA LEU L 247 -38.54 -43.49 17.71
C LEU L 247 -38.34 -42.58 16.51
N VAL L 248 -37.83 -41.38 16.76
CA VAL L 248 -37.61 -40.40 15.70
C VAL L 248 -36.13 -40.35 15.41
N SER L 249 -35.75 -40.80 14.21
CA SER L 249 -34.36 -40.80 13.77
C SER L 249 -34.14 -39.74 12.71
N GLY L 250 -32.87 -39.50 12.38
CA GLY L 250 -32.50 -38.47 11.44
C GLY L 250 -32.28 -37.12 12.07
N GLY L 251 -32.78 -36.88 13.27
CA GLY L 251 -32.53 -35.66 14.00
C GLY L 251 -33.29 -34.45 13.51
N GLN L 252 -33.72 -34.46 12.25
CA GLN L 252 -34.44 -33.33 11.67
C GLN L 252 -35.92 -33.69 11.56
N THR L 253 -36.75 -32.97 12.31
CA THR L 253 -38.18 -33.14 12.28
C THR L 253 -38.85 -31.79 12.50
N THR L 254 -40.01 -31.59 11.88
CA THR L 254 -40.69 -30.31 11.89
C THR L 254 -41.60 -30.20 13.10
N VAL L 255 -41.84 -28.95 13.51
CA VAL L 255 -42.66 -28.68 14.68
C VAL L 255 -44.10 -29.15 14.47
N ALA L 256 -44.66 -28.90 13.29
CA ALA L 256 -46.04 -29.29 13.04
C ALA L 256 -46.20 -30.79 13.08
N ASN L 257 -45.21 -31.52 12.57
CA ASN L 257 -45.29 -32.97 12.52
C ASN L 257 -45.42 -33.58 13.91
N LEU L 258 -44.63 -33.08 14.87
CA LEU L 258 -44.67 -33.64 16.21
C LEU L 258 -45.92 -33.23 16.98
N PHE L 259 -46.37 -31.99 16.81
CA PHE L 259 -47.34 -31.41 17.74
C PHE L 259 -48.70 -31.15 17.10
N TYR L 260 -48.77 -30.36 16.03
CA TYR L 260 -50.05 -30.03 15.42
C TYR L 260 -49.79 -29.35 14.09
N ASN L 261 -50.56 -29.71 13.07
CA ASN L 261 -50.37 -29.20 11.72
C ASN L 261 -51.39 -28.09 11.46
N MET L 262 -50.90 -26.93 11.03
CA MET L 262 -51.80 -25.86 10.61
C MET L 262 -52.58 -26.25 9.36
N SER L 263 -51.92 -26.92 8.40
CA SER L 263 -52.56 -27.24 7.14
C SER L 263 -53.67 -28.28 7.30
N SER L 264 -53.40 -29.38 7.98
CA SER L 264 -54.34 -30.49 8.05
C SER L 264 -55.12 -30.56 9.35
N ARG L 265 -54.86 -29.65 10.30
CA ARG L 265 -55.67 -29.50 11.51
C ARG L 265 -55.78 -30.82 12.29
N ARG L 266 -54.71 -31.60 12.30
CA ARG L 266 -54.67 -32.86 13.02
C ARG L 266 -53.55 -32.84 14.05
N ILE L 267 -53.78 -33.51 15.17
CA ILE L 267 -52.81 -33.51 16.27
C ILE L 267 -51.57 -34.30 15.86
N GLY L 268 -50.44 -33.94 16.46
CA GLY L 268 -49.16 -34.51 16.08
C GLY L 268 -48.86 -35.83 16.76
N LEU L 269 -47.57 -36.20 16.71
CA LEU L 269 -47.13 -37.47 17.28
C LEU L 269 -47.43 -37.55 18.77
N VAL L 270 -47.34 -36.42 19.47
CA VAL L 270 -47.60 -36.40 20.91
C VAL L 270 -49.03 -36.83 21.21
N GLY L 271 -49.95 -36.66 20.28
CA GLY L 271 -51.30 -37.15 20.44
C GLY L 271 -51.54 -38.57 19.99
N LEU L 272 -50.50 -39.25 19.47
CA LEU L 272 -50.67 -40.59 18.92
C LEU L 272 -49.89 -41.67 19.65
N TRP L 273 -48.82 -41.33 20.36
CA TRP L 273 -48.00 -42.33 21.04
C TRP L 273 -47.84 -41.95 22.50
N ASP L 274 -47.69 -42.98 23.34
CA ASP L 274 -47.44 -42.75 24.76
C ASP L 274 -46.03 -42.28 25.03
N VAL L 275 -45.05 -42.78 24.26
CA VAL L 275 -43.65 -42.43 24.44
C VAL L 275 -43.10 -42.00 23.09
N VAL L 276 -42.48 -40.81 23.06
CA VAL L 276 -41.77 -40.33 21.89
C VAL L 276 -40.29 -40.22 22.26
N ALA L 277 -39.44 -40.88 21.47
CA ALA L 277 -38.03 -41.02 21.80
C ALA L 277 -37.17 -40.47 20.68
N PHE L 278 -36.36 -39.47 21.00
CA PHE L 278 -35.48 -38.84 20.04
C PHE L 278 -34.11 -39.50 20.15
N ASP L 279 -33.79 -40.35 19.16
CA ASP L 279 -32.51 -41.03 19.12
C ASP L 279 -31.49 -40.18 18.40
N GLN L 280 -30.22 -40.38 18.73
CA GLN L 280 -29.11 -39.58 18.18
C GLN L 280 -29.37 -38.09 18.42
N VAL L 281 -29.37 -37.74 19.70
CA VAL L 281 -29.71 -36.38 20.13
C VAL L 281 -28.80 -35.36 19.48
N ALA L 282 -27.58 -35.76 19.10
CA ALA L 282 -26.68 -34.83 18.43
C ALA L 282 -27.26 -34.32 17.12
N GLY L 283 -28.16 -35.09 16.51
CA GLY L 283 -28.78 -34.68 15.25
C GLY L 283 -29.99 -33.78 15.38
N ILE L 284 -30.47 -33.51 16.60
CA ILE L 284 -31.70 -32.75 16.77
C ILE L 284 -31.53 -31.35 16.20
N SER L 285 -32.40 -31.00 15.26
CA SER L 285 -32.40 -29.69 14.63
C SER L 285 -33.83 -29.34 14.23
N PHE L 286 -34.21 -28.09 14.43
CA PHE L 286 -35.56 -27.63 14.10
C PHE L 286 -35.48 -26.48 13.11
N LYS L 287 -36.37 -26.51 12.11
CA LYS L 287 -36.39 -25.46 11.10
C LYS L 287 -36.88 -24.14 11.66
N ASP L 288 -37.86 -24.17 12.56
CA ASP L 288 -38.36 -22.96 13.19
C ASP L 288 -37.57 -22.68 14.46
N LYS L 289 -37.38 -21.40 14.77
CA LYS L 289 -36.69 -21.04 16.01
C LYS L 289 -37.60 -21.23 17.22
N ASP L 290 -38.91 -21.07 17.03
CA ASP L 290 -39.88 -21.28 18.11
C ASP L 290 -40.06 -22.75 18.45
N GLY L 291 -39.50 -23.67 17.65
CA GLY L 291 -39.63 -25.08 17.97
C GLY L 291 -39.11 -25.41 19.35
N VAL L 292 -37.97 -24.82 19.73
CA VAL L 292 -37.46 -25.01 21.06
C VAL L 292 -38.43 -24.46 22.10
N GLN L 293 -38.99 -23.27 21.84
CA GLN L 293 -39.93 -22.67 22.80
C GLN L 293 -41.19 -23.50 22.94
N ILE L 294 -41.75 -23.97 21.83
CA ILE L 294 -42.97 -24.77 21.92
C ILE L 294 -42.69 -26.12 22.58
N MET L 295 -41.51 -26.69 22.32
CA MET L 295 -41.11 -27.90 23.03
C MET L 295 -41.04 -27.64 24.53
N LYS L 296 -40.44 -26.52 24.92
CA LYS L 296 -40.32 -26.19 26.34
C LYS L 296 -41.70 -26.07 26.98
N ASP L 297 -42.60 -25.34 26.31
CA ASP L 297 -43.95 -25.19 26.85
C ASP L 297 -44.66 -26.53 26.96
N TYR L 298 -44.51 -27.38 25.93
CA TYR L 298 -45.15 -28.69 25.97
C TYR L 298 -44.63 -29.55 27.11
N MET L 299 -43.31 -29.68 27.22
CA MET L 299 -42.75 -30.57 28.23
C MET L 299 -42.83 -29.95 29.61
N ALA L 300 -43.16 -28.66 29.70
CA ALA L 300 -43.42 -28.04 30.99
C ALA L 300 -44.85 -28.27 31.44
N SER L 301 -45.83 -28.09 30.54
CA SER L 301 -47.22 -28.09 30.92
C SER L 301 -48.02 -29.29 30.45
N GLY L 302 -47.51 -30.08 29.51
CA GLY L 302 -48.29 -31.16 28.96
C GLY L 302 -49.29 -30.72 27.91
N SER L 303 -49.36 -29.42 27.63
CA SER L 303 -50.22 -28.87 26.59
C SER L 303 -49.48 -27.73 25.91
N PHE L 304 -49.85 -27.48 24.66
CA PHE L 304 -49.21 -26.43 23.90
C PHE L 304 -50.28 -25.61 23.18
N ALA L 305 -50.09 -24.30 23.19
CA ALA L 305 -50.95 -23.37 22.46
C ALA L 305 -50.28 -23.01 21.15
N ARG L 306 -50.86 -23.46 20.05
CA ARG L 306 -50.30 -23.24 18.72
C ARG L 306 -51.40 -22.68 17.84
N GLY L 307 -51.08 -21.63 17.09
CA GLY L 307 -52.09 -20.93 16.32
C GLY L 307 -53.04 -20.18 17.24
N ARG L 308 -54.28 -20.67 17.36
CA ARG L 308 -55.27 -20.08 18.24
C ARG L 308 -55.78 -21.06 19.30
N GLU L 309 -55.28 -22.29 19.31
CA GLU L 309 -55.84 -23.36 20.10
C GLU L 309 -54.77 -24.03 20.96
N GLN L 310 -55.17 -24.42 22.17
CA GLN L 310 -54.29 -25.12 23.10
C GLN L 310 -54.72 -26.58 23.20
N MET L 311 -53.80 -27.50 22.92
CA MET L 311 -54.07 -28.92 22.92
C MET L 311 -53.26 -29.62 24.00
N GLU L 312 -53.91 -30.55 24.70
CA GLU L 312 -53.27 -31.38 25.72
C GLU L 312 -52.60 -32.58 25.06
N ALA L 313 -51.61 -33.15 25.76
CA ALA L 313 -50.99 -34.39 25.33
C ALA L 313 -50.29 -35.01 26.53
N SER L 314 -50.51 -36.32 26.71
CA SER L 314 -49.91 -37.05 27.81
C SER L 314 -48.66 -37.82 27.41
N ALA L 315 -48.17 -37.64 26.19
CA ALA L 315 -47.00 -38.37 25.73
C ALA L 315 -45.77 -38.00 26.55
N SER L 316 -44.95 -39.01 26.84
CA SER L 316 -43.70 -38.79 27.57
C SER L 316 -42.54 -38.73 26.60
N MET L 317 -41.64 -37.78 26.82
CA MET L 317 -40.57 -37.48 25.87
C MET L 317 -39.23 -37.95 26.43
N VAL L 318 -38.46 -38.66 25.59
CA VAL L 318 -37.18 -39.22 25.98
C VAL L 318 -36.13 -38.75 24.97
N PHE L 319 -34.93 -38.47 25.46
CA PHE L 319 -33.79 -38.07 24.64
C PHE L 319 -32.67 -39.08 24.83
N VAL L 320 -32.41 -39.89 23.82
CA VAL L 320 -31.41 -40.94 23.90
C VAL L 320 -30.20 -40.54 23.05
N GLY L 321 -29.02 -40.52 23.67
CA GLY L 321 -27.84 -40.06 22.97
C GLY L 321 -26.62 -40.93 23.26
N ASN L 322 -25.60 -40.75 22.44
CA ASN L 322 -24.37 -41.53 22.50
C ASN L 322 -23.30 -40.80 23.27
N ILE L 323 -22.54 -41.55 24.07
CA ILE L 323 -21.40 -41.02 24.81
C ILE L 323 -20.15 -41.21 23.98
N ASN L 324 -19.36 -40.14 23.82
CA ASN L 324 -18.13 -40.17 23.05
C ASN L 324 -16.88 -40.07 23.90
N GLN L 325 -16.99 -39.55 25.12
CA GLN L 325 -15.84 -39.28 25.97
C GLN L 325 -16.08 -39.84 27.37
N SER L 326 -15.00 -40.15 28.07
CA SER L 326 -15.09 -40.75 29.39
C SER L 326 -15.84 -39.85 30.36
N VAL L 327 -16.54 -40.48 31.30
CA VAL L 327 -17.41 -39.75 32.22
C VAL L 327 -16.61 -38.77 33.07
N GLU L 328 -15.43 -39.19 33.55
CA GLU L 328 -14.61 -38.31 34.37
C GLU L 328 -14.16 -37.08 33.58
N SER L 329 -13.70 -37.29 32.36
CA SER L 329 -13.26 -36.16 31.53
C SER L 329 -14.43 -35.24 31.21
N LEU L 330 -15.60 -35.82 30.94
CA LEU L 330 -16.78 -34.99 30.67
C LEU L 330 -17.15 -34.16 31.88
N VAL L 331 -17.12 -34.75 33.07
CA VAL L 331 -17.40 -33.99 34.29
C VAL L 331 -16.38 -32.88 34.49
N LYS L 332 -15.10 -33.18 34.26
CA LYS L 332 -14.05 -32.19 34.51
C LYS L 332 -14.12 -31.03 33.52
N THR L 333 -14.39 -31.31 32.24
CA THR L 333 -14.26 -30.31 31.19
C THR L 333 -15.57 -29.65 30.80
N SER L 334 -16.70 -30.34 30.96
CA SER L 334 -17.97 -29.77 30.52
C SER L 334 -19.14 -30.31 31.33
N HIS L 335 -20.35 -30.07 30.85
CA HIS L 335 -21.55 -30.61 31.48
C HIS L 335 -21.95 -31.88 30.74
N LEU L 336 -22.59 -32.79 31.48
CA LEU L 336 -22.97 -34.08 30.91
C LEU L 336 -23.97 -33.95 29.77
N LEU L 337 -24.62 -32.81 29.62
CA LEU L 337 -25.59 -32.61 28.55
C LEU L 337 -24.98 -31.96 27.32
N ALA L 338 -23.65 -31.94 27.23
CA ALA L 338 -22.90 -31.36 26.12
C ALA L 338 -23.26 -31.96 24.76
N PRO L 339 -23.46 -33.27 24.62
CA PRO L 339 -23.79 -33.83 23.29
C PRO L 339 -25.07 -33.28 22.69
N PHE L 340 -25.96 -32.65 23.46
CA PHE L 340 -27.05 -31.93 22.84
C PHE L 340 -26.50 -30.77 22.01
N PRO L 341 -27.08 -30.52 20.84
CA PRO L 341 -26.64 -29.37 20.03
C PRO L 341 -26.90 -28.05 20.74
N GLU L 342 -26.10 -27.04 20.39
CA GLU L 342 -26.10 -25.78 21.11
C GLU L 342 -27.46 -25.11 21.10
N ALA L 343 -28.29 -25.42 20.11
CA ALA L 343 -29.60 -24.78 20.00
C ALA L 343 -30.49 -25.04 21.20
N MET L 344 -30.39 -26.21 21.84
CA MET L 344 -31.19 -26.53 23.01
C MET L 344 -30.38 -26.66 24.29
N ILE L 345 -29.15 -26.17 24.34
CA ILE L 345 -28.40 -26.16 25.58
C ILE L 345 -28.85 -24.95 26.40
N ASP L 346 -29.85 -25.16 27.24
CA ASP L 346 -30.43 -24.09 28.05
C ASP L 346 -30.83 -24.66 29.40
N SER L 347 -30.62 -23.86 30.46
CA SER L 347 -31.03 -24.29 31.79
C SER L 347 -32.54 -24.50 31.86
N ALA L 348 -33.30 -23.60 31.25
CA ALA L 348 -34.76 -23.75 31.25
C ALA L 348 -35.19 -24.98 30.47
N PHE L 349 -34.53 -25.27 29.34
CA PHE L 349 -34.86 -26.47 28.57
C PHE L 349 -34.54 -27.73 29.37
N PHE L 350 -33.39 -27.77 30.04
CA PHE L 350 -32.99 -28.98 30.74
C PHE L 350 -33.77 -29.17 32.04
N ASP L 351 -34.21 -28.08 32.67
CA ASP L 351 -34.82 -28.18 33.99
C ASP L 351 -36.14 -28.92 33.98
N ARG L 352 -36.85 -28.95 32.86
CA ARG L 352 -38.05 -29.77 32.75
C ARG L 352 -37.74 -31.26 32.75
N PHE L 353 -36.51 -31.65 32.47
CA PHE L 353 -36.12 -33.06 32.53
C PHE L 353 -36.23 -33.56 33.96
N HIS L 354 -36.74 -34.77 34.12
CA HIS L 354 -36.94 -35.31 35.45
C HIS L 354 -35.86 -36.33 35.82
N ALA L 355 -35.08 -36.79 34.84
CA ALA L 355 -34.04 -37.77 35.13
C ALA L 355 -32.99 -37.77 34.03
N TYR L 356 -31.74 -37.94 34.46
CA TYR L 356 -30.60 -38.16 33.57
C TYR L 356 -30.06 -39.55 33.84
N ILE L 357 -30.41 -40.50 32.99
CA ILE L 357 -30.06 -41.90 33.20
C ILE L 357 -28.58 -42.11 32.92
N PRO L 358 -27.86 -42.79 33.81
CA PRO L 358 -26.43 -43.06 33.56
C PRO L 358 -26.22 -44.17 32.53
N GLY L 359 -26.26 -43.81 31.25
CA GLY L 359 -26.08 -44.78 30.19
C GLY L 359 -24.72 -45.45 30.16
N TRP L 360 -23.73 -44.87 30.85
CA TRP L 360 -22.41 -45.50 30.92
C TRP L 360 -22.41 -46.69 31.88
N GLU L 361 -23.22 -46.62 32.93
CA GLU L 361 -23.23 -47.69 33.93
C GLU L 361 -23.74 -49.01 33.38
N ILE L 362 -24.68 -48.99 32.43
CA ILE L 362 -25.17 -50.21 31.82
C ILE L 362 -24.09 -50.74 30.87
N PRO L 363 -23.71 -52.01 30.98
CA PRO L 363 -22.65 -52.53 30.12
C PRO L 363 -23.13 -52.68 28.68
N LYS L 364 -22.16 -52.71 27.76
CA LYS L 364 -22.47 -52.90 26.35
C LYS L 364 -23.13 -54.25 26.14
N MET L 365 -24.16 -54.27 25.30
CA MET L 365 -24.95 -55.48 25.10
C MET L 365 -24.10 -56.62 24.57
N ARG L 366 -24.19 -57.76 25.23
CA ARG L 366 -23.50 -58.99 24.86
C ARG L 366 -24.50 -60.13 25.00
N PRO L 367 -24.24 -61.28 24.36
CA PRO L 367 -25.22 -62.37 24.40
C PRO L 367 -25.58 -62.84 25.80
N GLU L 368 -24.61 -62.88 26.73
CA GLU L 368 -24.93 -63.29 28.09
C GLU L 368 -25.87 -62.32 28.77
N PHE L 369 -25.91 -61.06 28.31
CA PHE L 369 -26.89 -60.11 28.80
C PHE L 369 -28.28 -60.35 28.22
N PHE L 370 -28.37 -60.91 27.01
CA PHE L 370 -29.65 -61.24 26.39
C PHE L 370 -30.18 -62.52 27.03
N THR L 371 -31.23 -62.38 27.83
CA THR L 371 -31.78 -63.54 28.54
C THR L 371 -32.47 -64.48 27.56
N ASN L 372 -32.52 -65.75 27.94
CA ASN L 372 -33.25 -66.76 27.20
C ASN L 372 -34.25 -67.50 28.08
N ARG L 373 -34.76 -66.87 29.13
CA ARG L 373 -35.71 -67.48 30.04
C ARG L 373 -37.12 -67.06 29.66
N TYR L 374 -38.11 -67.52 30.42
CA TYR L 374 -39.50 -67.12 30.21
C TYR L 374 -39.67 -65.65 30.59
N GLY L 375 -40.28 -64.88 29.70
CA GLY L 375 -40.57 -63.49 29.96
C GLY L 375 -42.01 -63.15 29.59
N LEU L 376 -42.46 -62.02 30.12
CA LEU L 376 -43.81 -61.57 29.83
C LEU L 376 -43.96 -61.23 28.35
N ILE L 377 -45.18 -61.38 27.83
CA ILE L 377 -45.44 -61.04 26.44
C ILE L 377 -45.20 -59.55 26.25
N VAL L 378 -44.61 -59.19 25.09
CA VAL L 378 -44.15 -57.82 24.87
C VAL L 378 -45.30 -56.83 24.99
N ASP L 379 -46.39 -57.07 24.25
CA ASP L 379 -47.48 -56.11 24.30
C ASP L 379 -48.40 -56.37 25.49
N TYR L 380 -48.29 -57.54 26.11
CA TYR L 380 -48.86 -57.70 27.45
C TYR L 380 -48.29 -56.65 28.39
N LEU L 381 -46.98 -56.55 28.43
CA LEU L 381 -46.32 -55.55 29.28
C LEU L 381 -46.62 -54.15 28.79
N ALA L 382 -46.69 -53.94 27.47
CA ALA L 382 -46.99 -52.63 26.94
C ALA L 382 -48.39 -52.15 27.34
N GLU L 383 -49.39 -53.04 27.24
CA GLU L 383 -50.74 -52.66 27.63
C GLU L 383 -50.85 -52.50 29.13
N PHE L 384 -50.10 -53.31 29.89
CA PHE L 384 -49.97 -53.08 31.33
C PHE L 384 -49.52 -51.64 31.59
N PHE L 385 -48.47 -51.23 30.88
CA PHE L 385 -47.96 -49.86 31.04
C PHE L 385 -49.01 -48.84 30.66
N ARG L 386 -49.72 -49.06 29.56
CA ARG L 386 -50.73 -48.11 29.11
C ARG L 386 -51.85 -47.97 30.13
N GLU L 387 -52.29 -49.08 30.71
CA GLU L 387 -53.43 -49.04 31.62
C GLU L 387 -53.04 -48.55 33.01
N MET L 388 -51.76 -48.67 33.38
CA MET L 388 -51.25 -47.93 34.53
C MET L 388 -50.95 -46.47 34.25
N ARG L 389 -50.85 -46.07 32.97
CA ARG L 389 -50.76 -44.63 32.69
C ARG L 389 -52.00 -43.89 33.16
N LYS L 390 -53.13 -44.59 33.30
CA LYS L 390 -54.37 -43.98 33.78
C LYS L 390 -54.37 -43.79 35.29
N ARG L 391 -53.49 -44.46 36.03
CA ARG L 391 -53.47 -44.39 37.48
C ARG L 391 -52.45 -43.37 37.95
N SER L 392 -52.64 -42.92 39.19
CA SER L 392 -51.74 -41.96 39.82
C SER L 392 -51.29 -42.50 41.17
N PHE L 393 -49.99 -42.45 41.41
CA PHE L 393 -49.41 -42.95 42.65
C PHE L 393 -48.32 -42.05 43.20
N ALA L 394 -48.38 -40.74 42.91
CA ALA L 394 -47.40 -39.82 43.47
C ALA L 394 -47.58 -39.65 44.98
N ASP L 395 -48.68 -40.14 45.54
CA ASP L 395 -49.00 -39.94 46.94
C ASP L 395 -48.29 -40.92 47.88
N SER L 396 -47.53 -41.87 47.33
CA SER L 396 -46.85 -42.84 48.19
C SER L 396 -45.66 -42.22 48.91
N ILE L 397 -45.26 -41.00 48.53
CA ILE L 397 -44.06 -40.41 49.10
C ILE L 397 -44.33 -39.84 50.48
N GLU L 398 -45.45 -39.13 50.68
CA GLU L 398 -45.64 -38.41 51.93
C GLU L 398 -45.80 -39.36 53.11
N LYS L 399 -46.43 -40.51 52.89
CA LYS L 399 -46.81 -41.38 54.00
C LYS L 399 -45.60 -42.04 54.64
N TYR L 400 -44.42 -41.93 54.02
CA TYR L 400 -43.20 -42.44 54.63
C TYR L 400 -42.08 -41.42 54.76
N PHE L 401 -41.96 -40.46 53.84
CA PHE L 401 -40.87 -39.50 53.88
C PHE L 401 -41.34 -38.13 53.40
N LYS L 402 -40.56 -37.11 53.73
CA LYS L 402 -40.81 -35.74 53.31
C LYS L 402 -39.60 -35.22 52.54
N LEU L 403 -39.87 -34.33 51.59
CA LEU L 403 -38.81 -33.80 50.75
C LEU L 403 -38.01 -32.73 51.48
N GLY L 404 -36.73 -32.65 51.16
CA GLY L 404 -35.86 -31.68 51.79
C GLY L 404 -36.04 -30.29 51.23
N ASN L 405 -35.31 -29.34 51.84
CA ASN L 405 -35.37 -27.94 51.44
C ASN L 405 -34.64 -27.70 50.12
N ASN L 406 -33.66 -28.53 49.77
CA ASN L 406 -32.85 -28.34 48.59
C ASN L 406 -33.58 -28.64 47.28
N LEU L 407 -34.86 -29.02 47.36
CA LEU L 407 -35.64 -29.31 46.17
C LEU L 407 -36.71 -28.23 45.99
N ASN L 408 -36.68 -27.57 44.83
CA ASN L 408 -37.77 -26.67 44.48
C ASN L 408 -38.98 -27.49 44.05
N GLN L 409 -40.11 -26.79 43.88
CA GLN L 409 -41.34 -27.47 43.49
C GLN L 409 -41.18 -28.19 42.15
N ARG L 410 -40.29 -27.69 41.28
CA ARG L 410 -40.00 -28.40 40.04
C ARG L 410 -39.33 -29.74 40.31
N ASP L 411 -38.32 -29.75 41.18
CA ASP L 411 -37.72 -31.00 41.62
C ASP L 411 -38.75 -31.88 42.31
N VAL L 412 -39.68 -31.26 43.06
CA VAL L 412 -40.74 -32.00 43.72
C VAL L 412 -41.56 -32.77 42.68
N ILE L 413 -41.99 -32.07 41.63
CA ILE L 413 -42.78 -32.70 40.58
C ILE L 413 -41.99 -33.81 39.91
N ALA L 414 -40.71 -33.55 39.62
CA ALA L 414 -39.88 -34.54 38.95
C ALA L 414 -39.76 -35.81 39.78
N VAL L 415 -39.42 -35.67 41.06
CA VAL L 415 -39.21 -36.84 41.90
C VAL L 415 -40.53 -37.59 42.13
N ARG L 416 -41.62 -36.84 42.28
CA ARG L 416 -42.92 -37.50 42.43
C ARG L 416 -43.26 -38.32 41.19
N LYS L 417 -43.07 -37.75 40.00
CA LYS L 417 -43.34 -38.48 38.77
C LYS L 417 -42.48 -39.74 38.68
N THR L 418 -41.17 -39.60 38.93
CA THR L 418 -40.27 -40.74 38.83
C THR L 418 -40.65 -41.84 39.81
N VAL L 419 -40.85 -41.48 41.08
CA VAL L 419 -41.19 -42.47 42.10
C VAL L 419 -42.49 -43.17 41.72
N SER L 420 -43.52 -42.40 41.39
CA SER L 420 -44.82 -42.98 41.07
C SER L 420 -44.72 -43.96 39.92
N GLY L 421 -44.07 -43.55 38.84
CA GLY L 421 -43.96 -44.42 37.68
C GLY L 421 -43.21 -45.70 37.99
N LEU L 422 -42.06 -45.59 38.68
CA LEU L 422 -41.26 -46.78 38.88
C LEU L 422 -41.90 -47.73 39.90
N MET L 423 -42.66 -47.19 40.87
CA MET L 423 -43.31 -48.11 41.79
C MET L 423 -44.53 -48.76 41.13
N LYS L 424 -45.21 -48.03 40.24
CA LYS L 424 -46.18 -48.69 39.38
C LYS L 424 -45.55 -49.83 38.62
N LEU L 425 -44.31 -49.66 38.15
CA LEU L 425 -43.59 -50.74 37.53
C LEU L 425 -43.37 -51.90 38.50
N LEU L 426 -43.00 -51.59 39.74
CA LEU L 426 -42.69 -52.64 40.72
C LEU L 426 -43.88 -53.04 41.59
N TYR L 427 -44.76 -52.10 41.94
CA TYR L 427 -45.89 -52.40 42.82
C TYR L 427 -47.20 -51.88 42.24
N PRO L 428 -47.65 -52.46 41.13
CA PRO L 428 -48.98 -52.10 40.62
C PRO L 428 -50.10 -52.53 41.54
N HIS L 429 -49.86 -53.55 42.37
CA HIS L 429 -50.87 -54.09 43.26
C HIS L 429 -51.28 -53.13 44.37
N GLY L 430 -50.48 -52.10 44.64
CA GLY L 430 -50.87 -51.08 45.60
C GLY L 430 -50.54 -51.37 47.05
N GLN L 431 -49.98 -52.54 47.35
CA GLN L 431 -49.52 -52.86 48.70
C GLN L 431 -48.00 -52.85 48.71
N PHE L 432 -47.42 -52.16 49.70
CA PHE L 432 -46.00 -51.92 49.77
C PHE L 432 -45.62 -51.61 51.22
N ASN L 433 -44.31 -51.54 51.47
CA ASN L 433 -43.77 -51.26 52.78
C ASN L 433 -42.96 -49.96 52.75
N LYS L 434 -42.34 -49.63 53.89
CA LYS L 434 -41.53 -48.42 53.97
C LYS L 434 -40.18 -48.61 53.28
N GLU L 435 -39.61 -49.81 53.36
CA GLU L 435 -38.31 -50.06 52.75
C GLU L 435 -38.36 -49.92 51.24
N ASP L 436 -39.42 -50.42 50.61
CA ASP L 436 -39.56 -50.29 49.16
C ASP L 436 -39.63 -48.81 48.76
N VAL L 437 -40.46 -48.04 49.45
CA VAL L 437 -40.56 -46.61 49.16
C VAL L 437 -39.22 -45.92 49.40
N ARG L 438 -38.50 -46.34 50.43
CA ARG L 438 -37.19 -45.75 50.71
C ARG L 438 -36.22 -46.00 49.57
N GLN L 439 -36.15 -47.24 49.09
CA GLN L 439 -35.27 -47.56 47.96
C GLN L 439 -35.65 -46.76 46.72
N CYS L 440 -36.96 -46.73 46.41
CA CYS L 440 -37.42 -46.03 45.22
C CYS L 440 -37.12 -44.53 45.32
N LEU L 441 -37.36 -43.95 46.49
CA LEU L 441 -37.11 -42.54 46.71
C LEU L 441 -35.62 -42.22 46.59
N GLU L 442 -34.77 -43.09 47.14
CA GLU L 442 -33.33 -42.90 47.01
C GLU L 442 -32.91 -42.87 45.55
N TYR L 443 -33.37 -43.86 44.78
CA TYR L 443 -32.98 -43.92 43.37
C TYR L 443 -33.48 -42.70 42.60
N ALA L 444 -34.75 -42.33 42.82
CA ALA L 444 -35.32 -41.19 42.12
C ALA L 444 -34.61 -39.89 42.48
N LEU L 445 -34.32 -39.70 43.78
CA LEU L 445 -33.61 -38.51 44.19
C LEU L 445 -32.21 -38.46 43.59
N GLN L 446 -31.55 -39.61 43.48
CA GLN L 446 -30.23 -39.64 42.83
C GLN L 446 -30.34 -39.22 41.37
N VAL L 447 -31.28 -39.81 40.63
CA VAL L 447 -31.34 -39.52 39.20
C VAL L 447 -31.79 -38.08 38.95
N ARG L 448 -32.59 -37.50 39.86
CA ARG L 448 -32.97 -36.10 39.70
C ARG L 448 -31.83 -35.18 40.12
N ARG L 449 -31.06 -35.57 41.13
CA ARG L 449 -29.96 -34.74 41.59
C ARG L 449 -28.85 -34.69 40.55
N ARG L 450 -28.73 -35.73 39.73
CA ARG L 450 -27.79 -35.66 38.62
C ARG L 450 -28.17 -34.52 37.66
N VAL L 451 -29.45 -34.43 37.31
CA VAL L 451 -29.93 -33.32 36.48
C VAL L 451 -29.69 -32.00 37.19
N LYS L 452 -29.93 -31.97 38.51
CA LYS L 452 -29.75 -30.74 39.26
C LYS L 452 -28.29 -30.28 39.25
N GLU L 453 -27.35 -31.22 39.35
CA GLU L 453 -25.94 -30.88 39.28
C GLU L 453 -25.56 -30.34 37.91
N GLN L 454 -26.08 -30.98 36.84
CA GLN L 454 -25.83 -30.44 35.51
C GLN L 454 -26.37 -29.03 35.37
N LEU L 455 -27.59 -28.80 35.87
CA LEU L 455 -28.19 -27.46 35.84
C LEU L 455 -27.35 -26.47 36.63
N LYS L 456 -26.84 -26.89 37.79
CA LYS L 456 -25.95 -26.03 38.56
C LYS L 456 -24.75 -25.61 37.73
N LYS L 457 -24.05 -26.59 37.13
CA LYS L 457 -22.81 -26.23 36.48
C LYS L 457 -23.07 -25.41 35.21
N ILE L 458 -24.23 -25.60 34.59
CA ILE L 458 -24.57 -24.83 33.39
C ILE L 458 -25.00 -23.41 33.73
N GLY L 459 -25.87 -23.25 34.73
CA GLY L 459 -26.49 -21.96 35.00
C GLY L 459 -25.91 -21.17 36.16
N GLY L 460 -24.86 -21.66 36.79
CA GLY L 460 -24.19 -20.85 37.80
C GLY L 460 -24.93 -20.84 39.12
N MET L 461 -25.40 -19.66 39.52
CA MET L 461 -25.93 -19.46 40.86
C MET L 461 -27.33 -20.04 41.04
N GLU L 462 -28.12 -20.08 39.96
CA GLU L 462 -29.56 -20.33 40.10
C GLU L 462 -29.88 -21.72 40.62
N PHE L 463 -28.92 -22.64 40.60
CA PHE L 463 -29.18 -24.02 41.01
C PHE L 463 -28.20 -24.49 42.08
N TYR L 464 -28.02 -23.72 43.15
CA TYR L 464 -27.06 -24.12 44.17
C TYR L 464 -27.67 -25.11 45.16
N ASP L 465 -29.00 -25.26 45.16
CA ASP L 465 -29.65 -26.25 46.02
C ASP L 465 -29.60 -27.61 45.33
N VAL L 466 -28.42 -28.23 45.38
CA VAL L 466 -28.21 -29.55 44.79
C VAL L 466 -28.10 -30.65 45.81
N HIS L 467 -28.10 -30.33 47.11
CA HIS L 467 -27.87 -31.32 48.16
C HIS L 467 -29.20 -31.99 48.49
N PHE L 468 -29.59 -32.93 47.63
CA PHE L 468 -30.89 -33.57 47.75
C PHE L 468 -30.91 -34.52 48.94
N SER L 469 -31.91 -34.35 49.81
CA SER L 469 -32.06 -35.16 51.00
C SER L 469 -33.54 -35.37 51.29
N TYR L 470 -33.82 -36.44 52.03
CA TYR L 470 -35.19 -36.75 52.43
C TYR L 470 -35.24 -36.99 53.94
N ILE L 471 -36.33 -36.54 54.56
CA ILE L 471 -36.50 -36.63 56.00
C ILE L 471 -37.51 -37.71 56.31
N ASP L 472 -37.12 -38.66 57.16
CA ASP L 472 -38.02 -39.75 57.53
C ASP L 472 -39.19 -39.20 58.32
N ASN L 473 -40.38 -39.78 58.12
CA ASN L 473 -41.55 -39.37 58.88
C ASN L 473 -41.54 -39.89 60.30
N ASP L 474 -40.91 -41.05 60.55
CA ASP L 474 -40.90 -41.64 61.88
C ASP L 474 -39.67 -41.22 62.69
N THR L 475 -38.47 -41.50 62.17
CA THR L 475 -37.24 -41.21 62.91
C THR L 475 -36.81 -39.76 62.76
N LEU L 476 -37.41 -39.01 61.83
CA LEU L 476 -37.07 -37.61 61.54
C LEU L 476 -35.63 -37.44 61.09
N GLU L 477 -34.92 -38.53 60.80
CA GLU L 477 -33.54 -38.45 60.36
C GLU L 477 -33.48 -38.09 58.88
N GLU L 478 -32.63 -37.13 58.53
CA GLU L 478 -32.48 -36.67 57.16
C GLU L 478 -31.32 -37.43 56.51
N HIS L 479 -31.61 -38.06 55.37
CA HIS L 479 -30.62 -38.82 54.61
C HIS L 479 -30.32 -38.08 53.31
N PHE L 480 -29.05 -37.84 53.04
CA PHE L 480 -28.60 -37.18 51.82
C PHE L 480 -28.11 -38.22 50.84
N VAL L 481 -28.51 -38.08 49.58
CA VAL L 481 -28.09 -38.98 48.51
C VAL L 481 -27.18 -38.21 47.57
N SER L 482 -26.10 -38.85 47.14
CA SER L 482 -25.13 -38.22 46.25
C SER L 482 -25.47 -38.52 44.80
N VAL L 483 -24.52 -38.23 43.91
CA VAL L 483 -24.69 -38.48 42.48
C VAL L 483 -23.83 -39.66 42.09
N LYS L 484 -23.61 -40.57 43.04
CA LYS L 484 -22.89 -41.82 42.83
C LYS L 484 -21.43 -41.58 42.45
N GLU L 485 -21.17 -41.35 41.16
CA GLU L 485 -19.80 -41.16 40.70
C GLU L 485 -19.11 -39.98 41.39
N GLN L 486 -19.87 -38.98 41.82
CA GLN L 486 -19.30 -37.89 42.62
C GLN L 486 -20.17 -37.61 43.84
N LYS L 498 -10.37 -20.54 40.50
CA LYS L 498 -11.10 -19.28 40.59
C LYS L 498 -11.07 -18.83 42.05
N PRO L 499 -10.97 -17.52 42.30
CA PRO L 499 -10.89 -17.03 43.67
C PRO L 499 -12.07 -17.49 44.52
N GLY L 500 -11.78 -17.84 45.77
CA GLY L 500 -12.78 -18.40 46.66
C GLY L 500 -12.87 -19.91 46.64
N PHE L 501 -12.21 -20.57 45.70
CA PHE L 501 -12.20 -22.03 45.62
C PHE L 501 -11.03 -22.57 46.44
N LEU L 502 -11.30 -23.55 47.29
CA LEU L 502 -10.28 -24.11 48.16
C LEU L 502 -10.66 -25.54 48.52
N TYR L 503 -9.65 -26.32 48.89
CA TYR L 503 -9.83 -27.71 49.28
C TYR L 503 -9.34 -27.90 50.71
N THR L 504 -10.15 -28.61 51.50
CA THR L 504 -9.86 -28.77 52.92
C THR L 504 -10.16 -30.20 53.34
N ILE L 505 -9.36 -30.72 54.27
CA ILE L 505 -9.64 -32.02 54.88
C ILE L 505 -10.38 -31.80 56.19
N GLY L 506 -11.70 -31.78 56.11
CA GLY L 506 -12.51 -31.57 57.29
C GLY L 506 -12.90 -32.86 57.98
N LEU L 507 -13.18 -32.75 59.27
CA LEU L 507 -13.50 -33.89 60.12
C LEU L 507 -15.01 -34.08 60.16
N SER L 508 -15.48 -35.25 59.71
CA SER L 508 -16.90 -35.54 59.72
C SER L 508 -17.39 -35.71 61.15
N ASN L 509 -18.71 -35.62 61.32
CA ASN L 509 -19.31 -35.85 62.63
C ASN L 509 -19.05 -37.28 63.09
N LYS L 510 -18.97 -38.22 62.15
CA LYS L 510 -18.66 -39.61 62.45
C LYS L 510 -17.18 -39.77 62.76
N GLY L 511 -16.40 -38.71 62.53
CA GLY L 511 -14.97 -38.74 62.79
C GLY L 511 -14.19 -39.41 61.69
N MET L 512 -14.35 -38.94 60.45
CA MET L 512 -13.60 -39.48 59.33
C MET L 512 -13.22 -38.34 58.39
N PRO L 513 -11.94 -38.01 58.28
CA PRO L 513 -11.53 -36.86 57.46
C PRO L 513 -11.90 -37.03 56.00
N GLY L 514 -12.22 -35.92 55.34
CA GLY L 514 -12.56 -35.95 53.94
C GLY L 514 -12.36 -34.61 53.29
N LEU L 515 -12.33 -34.62 51.96
CA LEU L 515 -12.12 -33.40 51.19
C LEU L 515 -13.43 -32.63 51.07
N TYR L 516 -13.60 -31.59 51.90
CA TYR L 516 -14.77 -30.74 51.85
C TYR L 516 -14.49 -29.45 51.10
N ARG L 517 -14.73 -29.43 49.79
CA ARG L 517 -14.47 -28.25 48.98
C ARG L 517 -15.39 -27.10 49.37
N LEU L 518 -14.83 -25.89 49.48
CA LEU L 518 -15.61 -24.69 49.69
C LEU L 518 -15.58 -23.85 48.42
N GLU L 519 -16.71 -23.25 48.08
CA GLU L 519 -16.86 -22.45 46.87
C GLU L 519 -17.57 -21.15 47.25
N LEU L 520 -16.87 -20.03 47.11
CA LEU L 520 -17.44 -18.74 47.48
C LEU L 520 -17.69 -17.91 46.21
N GLN L 521 -18.87 -17.33 46.13
CA GLN L 521 -19.21 -16.38 45.08
C GLN L 521 -19.49 -15.03 45.70
N VAL L 522 -18.95 -13.97 45.09
CA VAL L 522 -19.03 -12.61 45.62
C VAL L 522 -19.76 -11.75 44.61
N THR L 523 -20.75 -11.01 45.08
CA THR L 523 -21.53 -10.11 44.23
C THR L 523 -21.54 -8.73 44.86
N LYS L 524 -21.99 -7.74 44.09
CA LYS L 524 -22.16 -6.40 44.63
C LYS L 524 -23.45 -6.34 45.44
N GLY L 525 -23.33 -5.95 46.71
CA GLY L 525 -24.48 -5.92 47.60
C GLY L 525 -24.28 -5.08 48.85
N SER L 526 -24.81 -5.57 49.97
CA SER L 526 -24.76 -4.85 51.24
C SER L 526 -24.07 -5.65 52.34
N GLY L 527 -23.20 -6.57 51.98
CA GLY L 527 -22.53 -7.39 52.97
C GLY L 527 -23.30 -8.61 53.42
N LYS L 528 -24.28 -9.07 52.63
CA LYS L 528 -25.09 -10.22 53.01
C LYS L 528 -24.27 -11.50 52.94
N LEU L 529 -24.51 -12.40 53.88
CA LEU L 529 -23.86 -13.70 53.92
C LEU L 529 -24.90 -14.79 53.72
N ALA L 530 -24.70 -15.62 52.71
CA ALA L 530 -25.56 -16.76 52.42
C ALA L 530 -24.73 -18.03 52.47
N THR L 531 -25.31 -19.11 53.00
CA THR L 531 -24.59 -20.36 53.18
C THR L 531 -25.43 -21.52 52.66
N SER L 532 -24.75 -22.51 52.10
CA SER L 532 -25.40 -23.75 51.73
C SER L 532 -24.38 -24.87 51.68
N GLY L 533 -24.86 -26.10 51.84
CA GLY L 533 -23.98 -27.24 51.87
C GLY L 533 -23.46 -27.63 53.24
N LEU L 534 -24.06 -27.09 54.31
CA LEU L 534 -23.66 -27.42 55.67
C LEU L 534 -24.48 -28.56 56.25
N TRP L 535 -25.37 -29.15 55.44
CA TRP L 535 -26.26 -30.22 55.87
C TRP L 535 -27.17 -29.73 57.00
N ASN L 536 -27.46 -28.43 56.98
CA ASN L 536 -28.33 -27.78 57.95
C ASN L 536 -27.79 -27.96 59.37
N SER L 537 -26.47 -28.07 59.51
CA SER L 537 -25.87 -28.25 60.81
C SER L 537 -25.72 -26.90 61.50
N SER L 538 -26.21 -26.81 62.75
CA SER L 538 -26.14 -25.56 63.49
C SER L 538 -24.70 -25.16 63.77
N SER L 539 -23.86 -26.13 64.13
CA SER L 539 -22.47 -25.83 64.43
C SER L 539 -21.74 -25.26 63.22
N ALA L 540 -21.97 -25.83 62.04
CA ALA L 540 -21.33 -25.33 60.83
C ALA L 540 -21.79 -23.91 60.50
N LYS L 541 -23.09 -23.65 60.63
CA LYS L 541 -23.61 -22.31 60.36
C LYS L 541 -23.02 -21.30 61.34
N GLU L 542 -22.93 -21.67 62.62
CA GLU L 542 -22.34 -20.77 63.61
C GLU L 542 -20.87 -20.53 63.32
N GLN L 543 -20.13 -21.57 62.89
CA GLN L 543 -18.73 -21.38 62.57
C GLN L 543 -18.55 -20.47 61.36
N VAL L 544 -19.42 -20.60 60.35
CA VAL L 544 -19.35 -19.71 59.21
C VAL L 544 -19.65 -18.28 59.63
N LYS L 545 -20.61 -18.09 60.53
CA LYS L 545 -20.88 -16.74 61.04
C LYS L 545 -19.70 -16.21 61.83
N ILE L 546 -19.00 -17.06 62.58
CA ILE L 546 -17.78 -16.66 63.27
C ILE L 546 -16.74 -16.18 62.27
N ALA L 547 -16.56 -16.95 61.19
CA ALA L 547 -15.58 -16.57 60.18
C ALA L 547 -15.94 -15.25 59.53
N PHE L 548 -17.22 -15.04 59.23
CA PHE L 548 -17.65 -13.77 58.61
C PHE L 548 -17.48 -12.61 59.57
N ASP L 549 -17.79 -12.81 60.86
CA ASP L 549 -17.60 -11.76 61.84
C ASP L 549 -16.12 -11.39 61.97
N TYR L 550 -15.24 -12.40 62.01
CA TYR L 550 -13.81 -12.11 62.09
C TYR L 550 -13.32 -11.42 60.82
N PHE L 551 -13.88 -11.79 59.66
CA PHE L 551 -13.51 -11.12 58.41
C PHE L 551 -13.92 -9.65 58.44
N LYS L 552 -15.13 -9.37 58.95
CA LYS L 552 -15.58 -7.99 59.07
C LYS L 552 -14.70 -7.21 60.04
N ALA L 553 -14.37 -7.82 61.18
CA ALA L 553 -13.56 -7.14 62.18
C ALA L 553 -12.11 -6.98 61.73
N ASN L 554 -11.57 -7.96 61.00
CA ASN L 554 -10.20 -7.92 60.54
C ASN L 554 -10.09 -7.70 59.03
N ALA L 555 -10.99 -6.92 58.45
CA ALA L 555 -10.94 -6.66 57.02
C ALA L 555 -9.71 -5.82 56.66
N SER L 556 -9.34 -4.87 57.52
CA SER L 556 -8.22 -3.99 57.22
C SER L 556 -6.90 -4.75 57.15
N ARG L 557 -6.70 -5.71 58.07
CA ARG L 557 -5.41 -6.39 58.16
C ARG L 557 -5.15 -7.33 57.00
N ILE L 558 -6.18 -7.75 56.28
CA ILE L 558 -6.04 -8.75 55.23
C ILE L 558 -6.33 -8.16 53.85
N SER L 559 -7.40 -7.39 53.72
CA SER L 559 -7.81 -6.84 52.44
C SER L 559 -7.00 -5.64 52.00
N GLY L 560 -6.52 -4.82 52.94
CA GLY L 560 -5.74 -3.66 52.59
C GLY L 560 -6.56 -2.54 51.97
N GLY L 561 -7.87 -2.55 52.20
CA GLY L 561 -8.72 -1.48 51.72
C GLY L 561 -10.08 -1.92 51.23
N SER L 562 -10.23 -3.19 50.89
CA SER L 562 -11.50 -3.71 50.38
C SER L 562 -12.54 -3.69 51.50
N LYS L 563 -13.80 -3.42 51.13
CA LYS L 563 -14.87 -3.31 52.11
C LYS L 563 -15.73 -4.57 52.08
N VAL L 564 -16.01 -5.13 53.27
CA VAL L 564 -16.88 -6.29 53.36
C VAL L 564 -18.33 -5.89 53.09
N MET L 565 -18.76 -4.74 53.62
CA MET L 565 -20.15 -4.33 53.47
C MET L 565 -20.53 -3.96 52.05
N GLU L 566 -19.57 -3.77 51.15
CA GLU L 566 -19.85 -3.47 49.76
C GLU L 566 -20.08 -4.72 48.93
N HIS L 567 -19.82 -5.90 49.46
CA HIS L 567 -19.91 -7.14 48.71
C HIS L 567 -20.68 -8.20 49.50
N ASP L 568 -21.57 -8.90 48.80
CA ASP L 568 -22.33 -10.01 49.37
C ASP L 568 -21.61 -11.32 49.06
N PHE L 569 -21.54 -12.18 50.07
CA PHE L 569 -20.81 -13.44 50.01
C PHE L 569 -21.81 -14.58 50.05
N HIS L 570 -21.61 -15.59 49.20
CA HIS L 570 -22.40 -16.82 49.27
C HIS L 570 -21.45 -18.00 49.20
N LEU L 571 -21.54 -18.88 50.19
CA LEU L 571 -20.63 -20.01 50.33
C LEU L 571 -21.37 -21.32 50.08
N HIS L 572 -20.68 -22.26 49.44
CA HIS L 572 -21.23 -23.55 49.07
C HIS L 572 -20.24 -24.63 49.48
N VAL L 573 -20.67 -25.54 50.35
CA VAL L 573 -19.81 -26.62 50.83
C VAL L 573 -20.25 -27.92 50.17
N VAL L 574 -19.36 -28.50 49.38
CA VAL L 574 -19.65 -29.70 48.59
C VAL L 574 -18.76 -30.82 49.07
N GLU L 575 -19.36 -31.96 49.41
CA GLU L 575 -18.61 -33.12 49.85
C GLU L 575 -18.55 -34.16 48.74
N LEU L 576 -17.35 -34.47 48.27
CA LEU L 576 -17.13 -35.42 47.19
C LEU L 576 -17.10 -36.86 47.68
N GLN L 577 -17.12 -37.09 49.00
CA GLN L 577 -16.75 -38.36 49.58
C GLN L 577 -17.78 -38.95 50.54
N ASN L 578 -18.83 -38.19 50.88
CA ASN L 578 -19.95 -38.70 51.69
C ASN L 578 -19.49 -39.26 53.03
N THR L 579 -18.57 -38.57 53.71
CA THR L 579 -18.19 -38.97 55.07
C THR L 579 -19.14 -38.41 56.12
N GLY L 580 -19.84 -37.32 55.82
CA GLY L 580 -20.74 -36.71 56.77
C GLY L 580 -20.58 -35.21 56.84
N PRO L 581 -21.47 -34.54 57.56
CA PRO L 581 -21.37 -33.07 57.66
C PRO L 581 -20.15 -32.63 58.44
N LEU L 582 -19.68 -31.42 58.14
CA LEU L 582 -18.48 -30.88 58.76
C LEU L 582 -18.86 -29.71 59.68
N SER L 583 -18.19 -29.64 60.83
CA SER L 583 -18.39 -28.55 61.78
C SER L 583 -17.23 -27.56 61.77
N HIS L 584 -16.00 -28.06 61.73
CA HIS L 584 -14.83 -27.19 61.72
C HIS L 584 -14.70 -26.52 60.36
N LEU L 585 -15.14 -25.27 60.27
CA LEU L 585 -15.14 -24.58 58.99
C LEU L 585 -14.73 -23.11 59.08
N ALA L 586 -14.26 -22.62 60.22
CA ALA L 586 -14.00 -21.19 60.35
C ALA L 586 -12.81 -20.75 59.51
N LEU L 587 -11.69 -21.46 59.61
CA LEU L 587 -10.52 -21.10 58.80
C LEU L 587 -10.74 -21.26 57.30
N PRO L 588 -11.28 -22.38 56.79
CA PRO L 588 -11.57 -22.43 55.35
C PRO L 588 -12.54 -21.36 54.89
N SER L 589 -13.55 -21.03 55.70
CA SER L 589 -14.47 -19.96 55.34
C SER L 589 -13.76 -18.61 55.28
N LEU L 590 -12.87 -18.34 56.23
CA LEU L 590 -12.12 -17.09 56.22
C LEU L 590 -11.22 -17.01 55.00
N VAL L 591 -10.56 -18.12 54.66
CA VAL L 591 -9.73 -18.15 53.45
C VAL L 591 -10.59 -17.90 52.22
N ALA L 592 -11.79 -18.49 52.18
CA ALA L 592 -12.68 -18.29 51.05
C ALA L 592 -13.07 -16.82 50.91
N PHE L 593 -13.43 -16.18 52.03
CA PHE L 593 -13.79 -14.76 52.00
C PHE L 593 -12.61 -13.92 51.52
N ALA L 594 -11.41 -14.21 52.05
CA ALA L 594 -10.23 -13.45 51.67
C ALA L 594 -9.94 -13.59 50.18
N SER L 595 -10.06 -14.81 49.65
CA SER L 595 -9.79 -15.04 48.24
C SER L 595 -10.83 -14.37 47.36
N GLY L 596 -12.11 -14.48 47.74
CA GLY L 596 -13.17 -13.90 46.93
C GLY L 596 -13.14 -12.38 46.92
N LEU L 597 -12.96 -11.77 48.08
CA LEU L 597 -12.99 -10.30 48.15
C LEU L 597 -11.78 -9.69 47.46
N LEU L 598 -10.58 -10.18 47.76
CA LEU L 598 -9.37 -9.64 47.15
C LEU L 598 -9.17 -10.12 45.71
N GLY L 599 -9.81 -11.22 45.33
CA GLY L 599 -9.74 -11.66 43.94
C GLY L 599 -8.47 -12.36 43.54
N ARG L 600 -7.66 -12.79 44.51
CA ARG L 600 -6.43 -13.52 44.22
C ARG L 600 -6.60 -14.97 44.63
N SER L 601 -6.23 -15.88 43.72
CA SER L 601 -6.60 -17.28 43.86
C SER L 601 -5.81 -17.96 44.97
N VAL L 602 -6.44 -18.96 45.58
CA VAL L 602 -5.74 -19.82 46.54
C VAL L 602 -4.65 -20.59 45.81
N GLN L 603 -3.57 -20.90 46.54
CA GLN L 603 -2.48 -21.69 45.98
C GLN L 603 -2.99 -23.03 45.50
N SER L 604 -2.54 -23.44 44.31
CA SER L 604 -3.03 -24.66 43.70
C SER L 604 -2.63 -25.88 44.52
N GLN L 605 -3.60 -26.79 44.71
CA GLN L 605 -3.38 -28.04 45.42
C GLN L 605 -2.85 -27.82 46.84
N MET L 606 -3.40 -26.82 47.52
CA MET L 606 -3.04 -26.53 48.91
C MET L 606 -4.21 -26.89 49.81
N VAL L 607 -3.90 -27.35 51.02
CA VAL L 607 -4.90 -27.81 51.98
C VAL L 607 -4.90 -26.91 53.20
N VAL L 608 -6.08 -26.45 53.60
CA VAL L 608 -6.25 -25.64 54.80
C VAL L 608 -6.86 -26.54 55.88
N LEU L 609 -6.29 -26.51 57.07
CA LEU L 609 -6.71 -27.37 58.17
C LEU L 609 -6.89 -26.57 59.46
N GLY L 610 -7.57 -27.19 60.41
CA GLY L 610 -7.75 -26.61 61.74
C GLY L 610 -9.04 -25.81 61.86
N ASP L 611 -9.21 -25.26 63.06
CA ASP L 611 -10.35 -24.40 63.36
C ASP L 611 -9.89 -23.29 64.30
N MET L 612 -10.68 -22.22 64.37
CA MET L 612 -10.35 -21.07 65.21
C MET L 612 -11.54 -20.70 66.07
N SER L 613 -11.27 -19.89 67.08
CA SER L 613 -12.31 -19.22 67.85
C SER L 613 -12.58 -17.84 67.27
N LEU L 614 -13.63 -17.19 67.79
CA LEU L 614 -13.99 -15.87 67.30
C LEU L 614 -12.90 -14.84 67.59
N GLY L 615 -12.13 -15.04 68.65
CA GLY L 615 -11.09 -14.10 69.01
C GLY L 615 -9.81 -14.21 68.22
N GLY L 616 -9.72 -15.19 67.32
CA GLY L 616 -8.52 -15.38 66.53
C GLY L 616 -7.59 -16.48 67.01
N SER L 617 -8.00 -17.26 68.01
CA SER L 617 -7.17 -18.35 68.51
C SER L 617 -7.50 -19.63 67.76
N VAL L 618 -6.48 -20.23 67.14
CA VAL L 618 -6.65 -21.41 66.30
C VAL L 618 -6.48 -22.67 67.15
N THR L 619 -7.18 -23.72 66.77
CA THR L 619 -7.18 -25.03 67.41
C THR L 619 -6.39 -26.04 66.58
N PRO L 620 -5.73 -27.01 67.21
CA PRO L 620 -4.94 -27.98 66.45
C PRO L 620 -5.84 -28.89 65.62
N VAL L 621 -5.23 -29.48 64.58
CA VAL L 621 -5.95 -30.37 63.69
C VAL L 621 -6.03 -31.76 64.32
N GLU L 622 -7.24 -32.23 64.58
CA GLU L 622 -7.43 -33.57 65.13
C GLU L 622 -7.23 -34.61 64.04
N SER L 623 -6.66 -35.75 64.43
CA SER L 623 -6.35 -36.83 63.50
C SER L 623 -5.50 -36.33 62.34
N ILE L 624 -4.30 -35.84 62.68
CA ILE L 624 -3.43 -35.20 61.69
C ILE L 624 -2.97 -36.21 60.64
N ALA L 625 -2.59 -37.42 61.09
CA ALA L 625 -2.12 -38.43 60.15
C ALA L 625 -3.23 -38.86 59.19
N GLU L 626 -4.44 -39.05 59.71
CA GLU L 626 -5.56 -39.43 58.85
C GLU L 626 -5.90 -38.32 57.86
N CYS L 627 -5.90 -37.07 58.32
CA CYS L 627 -6.18 -35.96 57.43
C CYS L 627 -5.13 -35.86 56.32
N LEU L 628 -3.85 -36.03 56.69
CA LEU L 628 -2.80 -35.99 55.68
C LEU L 628 -2.94 -37.13 54.69
N GLN L 629 -3.28 -38.33 55.16
CA GLN L 629 -3.48 -39.46 54.26
C GLN L 629 -4.64 -39.20 53.31
N VAL L 630 -5.73 -38.63 53.82
CA VAL L 630 -6.88 -38.32 52.97
C VAL L 630 -6.50 -37.29 51.92
N ALA L 631 -5.75 -36.26 52.31
CA ALA L 631 -5.31 -35.26 51.35
C ALA L 631 -4.39 -35.87 50.30
N PHE L 632 -3.50 -36.78 50.73
CA PHE L 632 -2.64 -37.48 49.79
C PHE L 632 -3.46 -38.33 48.83
N ASP L 633 -4.60 -38.84 49.29
CA ASP L 633 -5.48 -39.60 48.42
C ASP L 633 -6.12 -38.72 47.35
N ALA L 634 -6.42 -37.47 47.70
CA ALA L 634 -7.10 -36.57 46.78
C ALA L 634 -6.17 -35.93 45.76
N GLY L 635 -4.86 -36.17 45.86
CA GLY L 635 -3.92 -35.60 44.91
C GLY L 635 -3.36 -34.25 45.30
N ALA L 636 -3.61 -33.79 46.52
CA ALA L 636 -3.10 -32.49 46.94
C ALA L 636 -1.59 -32.58 47.17
N LYS L 637 -0.91 -31.43 47.09
CA LYS L 637 0.53 -31.36 47.25
C LYS L 637 0.98 -30.39 48.33
N LYS L 638 0.12 -29.50 48.81
CA LYS L 638 0.48 -28.49 49.78
C LYS L 638 -0.54 -28.47 50.91
N VAL L 639 -0.09 -28.13 52.12
CA VAL L 639 -0.94 -28.09 53.30
C VAL L 639 -0.63 -26.83 54.08
N ALA L 640 -1.58 -26.39 54.90
CA ALA L 640 -1.39 -25.28 55.82
C ALA L 640 -1.67 -25.76 57.24
N LEU L 641 -0.72 -25.54 58.15
CA LEU L 641 -0.87 -26.05 59.51
C LEU L 641 -0.67 -24.95 60.54
N PRO L 642 -1.35 -25.02 61.68
CA PRO L 642 -1.14 -24.04 62.74
C PRO L 642 0.12 -24.33 63.54
N MET L 643 0.45 -23.39 64.44
CA MET L 643 1.60 -23.57 65.32
C MET L 643 1.43 -24.77 66.24
N SER L 644 0.31 -24.85 66.96
CA SER L 644 0.13 -25.87 67.98
C SER L 644 0.06 -27.26 67.39
N SER L 645 -0.26 -27.40 66.11
CA SER L 645 -0.27 -28.70 65.47
C SER L 645 1.13 -29.26 65.26
N ALA L 646 2.16 -28.45 65.44
CA ALA L 646 3.53 -28.93 65.29
C ALA L 646 3.81 -30.08 66.27
N ALA L 647 3.20 -30.04 67.46
CA ALA L 647 3.39 -31.11 68.43
C ALA L 647 2.90 -32.45 67.89
N ASP L 648 1.95 -32.44 66.95
CA ASP L 648 1.47 -33.67 66.35
C ASP L 648 2.28 -34.11 65.14
N ILE L 649 3.26 -33.30 64.71
CA ILE L 649 4.12 -33.72 63.60
C ILE L 649 4.86 -35.01 63.88
N PRO L 650 5.48 -35.21 65.05
CA PRO L 650 6.20 -36.49 65.28
C PRO L 650 5.33 -37.72 65.15
N THR L 651 4.04 -37.63 65.45
CA THR L 651 3.14 -38.76 65.31
C THR L 651 2.94 -39.20 63.86
N ILE L 652 3.26 -38.33 62.90
CA ILE L 652 3.10 -38.63 61.48
C ILE L 652 4.28 -39.45 60.98
N PRO L 653 4.05 -40.60 60.37
CA PRO L 653 5.15 -41.33 59.73
C PRO L 653 5.81 -40.50 58.65
N VAL L 654 7.12 -40.68 58.49
CA VAL L 654 7.90 -39.86 57.56
C VAL L 654 7.44 -40.09 56.12
N GLU L 655 7.17 -41.34 55.74
CA GLU L 655 6.76 -41.63 54.38
C GLU L 655 5.44 -40.95 54.03
N LEU L 656 4.49 -40.95 54.96
CA LEU L 656 3.22 -40.25 54.73
C LEU L 656 3.47 -38.75 54.53
N PHE L 657 4.33 -38.17 55.37
CA PHE L 657 4.64 -36.74 55.29
C PHE L 657 5.75 -36.54 54.27
N THR L 658 6.32 -35.32 54.23
CA THR L 658 7.45 -34.94 53.38
C THR L 658 7.02 -34.80 51.92
N LYS L 659 5.77 -35.13 51.63
CA LYS L 659 5.18 -34.87 50.32
C LYS L 659 4.07 -33.83 50.39
N PHE L 660 4.07 -32.99 51.43
CA PHE L 660 3.08 -31.94 51.58
C PHE L 660 3.82 -30.64 51.89
N GLN L 661 3.81 -29.71 50.93
CA GLN L 661 4.32 -28.37 51.17
C GLN L 661 3.52 -27.74 52.31
N THR L 662 4.14 -27.52 53.45
CA THR L 662 3.44 -27.09 54.65
C THR L 662 3.66 -25.60 54.85
N SER L 663 2.58 -24.84 54.95
CA SER L 663 2.61 -23.41 55.20
C SER L 663 2.11 -23.15 56.61
N PHE L 664 3.03 -23.00 57.55
CA PHE L 664 2.70 -22.83 58.95
C PHE L 664 2.26 -21.40 59.26
N TYR L 665 1.18 -21.28 60.01
CA TYR L 665 0.59 -20.00 60.38
C TYR L 665 0.24 -19.99 61.85
N ALA L 666 0.24 -18.79 62.45
CA ALA L 666 -0.09 -18.65 63.86
C ALA L 666 -1.50 -18.14 64.10
N ASP L 667 -1.94 -17.15 63.33
CA ASP L 667 -3.26 -16.56 63.50
C ASP L 667 -3.97 -16.61 62.16
N PRO L 668 -5.30 -16.48 62.16
CA PRO L 668 -6.04 -16.57 60.89
C PRO L 668 -5.58 -15.59 59.83
N VAL L 669 -5.06 -14.43 60.22
CA VAL L 669 -4.50 -13.50 59.24
C VAL L 669 -3.30 -14.14 58.54
N ASP L 670 -2.38 -14.73 59.32
CA ASP L 670 -1.27 -15.46 58.71
C ASP L 670 -1.76 -16.70 57.98
N ALA L 671 -2.87 -17.28 58.43
CA ALA L 671 -3.46 -18.39 57.71
C ALA L 671 -3.85 -17.97 56.30
N VAL L 672 -4.51 -16.82 56.18
CA VAL L 672 -4.88 -16.30 54.86
C VAL L 672 -3.64 -15.98 54.04
N PHE L 673 -2.65 -15.35 54.67
CA PHE L 673 -1.44 -14.97 53.93
C PHE L 673 -0.71 -16.19 53.38
N LYS L 674 -0.60 -17.25 54.19
CA LYS L 674 -0.03 -18.49 53.68
C LYS L 674 -0.92 -19.11 52.61
N GLY L 675 -2.25 -19.06 52.79
CA GLY L 675 -3.15 -19.76 51.90
C GLY L 675 -3.17 -19.17 50.50
N LEU L 676 -3.23 -17.84 50.39
CA LEU L 676 -3.37 -17.20 49.10
C LEU L 676 -2.05 -16.99 48.38
N GLY L 677 -0.92 -17.31 49.01
CA GLY L 677 0.38 -17.16 48.37
C GLY L 677 1.46 -16.67 49.31
#